data_5T5H
#
_entry.id   5T5H
#
_cell.length_a   1.00
_cell.length_b   1.00
_cell.length_c   1.00
_cell.angle_alpha   90.00
_cell.angle_beta   90.00
_cell.angle_gamma   90.00
#
_symmetry.space_group_name_H-M   'P 1'
#
loop_
_entity.id
_entity.type
_entity.pdbx_description
1 polymer 'RNA LARGE SUBUNIT ALPHA'
2 polymer 'RNA LARGE SUBUNIT BETA'
3 polymer '5.8S rRNA'
4 polymer '5S rRNA'
5 polymer srRNA1
6 polymer srRNA3
7 polymer srRNA2
8 polymer srRNA4
9 polymer '60S ribosomal protein L18'
10 polymer '60S ribosomal protein L11'
11 polymer '60S ribosomal protein L13'
12 polymer '60S ribosomal protein L13a'
13 polymer '40S ribosomal protein L14'
14 polymer 'Ribosomal protein L15'
15 polymer '60S ribosomal protein L17'
16 polymer '60S ribosomal protein L18a'
17 polymer 'Ribosomal protein L19-like protein'
18 polymer 'Ribosomal protein L21E (60S)'
19 polymer '60S ribosomal protein L22'
20 polymer '60S ribosomal protein L23'
21 polymer '60S ribosomal protein L23a'
22 polymer 'Ribosomal protein L24'
23 polymer '60S ribosomal protein L26'
24 polymer 'Ribosomal protein L27'
25 polymer '60S ribosomal protein L27A/L29'
26 polymer '60S ribosomal protein L28'
27 polymer 'Ribosomal protein L29'
28 polymer '60S ribosomal protein L2'
29 polymer 'Ribosomal protein L13'
30 polymer '60S ribosomal protein L30'
31 polymer '60S ribosomal subunit protein L31'
32 polymer '60S ribosomal protein L32'
33 polymer '60S ribosomal protein L34'
34 polymer '60S ribosomal protein L35'
35 polymer 'Ribosomal protein L35A'
36 polymer 'Ribosomal protein L36'
37 polymer 'Ribosomal protein L37'
38 polymer '60S ribosomal protein L37a'
39 polymer 'Ribosomal protein L38'
40 polymer 'Ribosomal protein L39'
41 polymer '60S ribosomal protein L4'
42 polymer '60S ribosomal protein L44'
43 polymer '60S ribosomal protein L5'
44 polymer '60S ribosomal protein L6'
45 polymer '60S ribosomal protein L7'
46 polymer 'Ribosomal protein L7a-like protein'
47 non-polymer 'MAGNESIUM ION'
48 non-polymer 'ZINC ION'
49 water water
#
loop_
_entity_poly.entity_id
_entity_poly.type
_entity_poly.pdbx_seq_one_letter_code
_entity_poly.pdbx_strand_id
1 'polyribonucleotide'
;CAGACCUGAGUGUGGCAGGACUACCCGCCGAACUUAAGCAUAUUACUAAGCGGAGGAAAAGAAAACAACCGUGAUUCUCU
CAGUCAGCGGCGAGCGAAGAGGGAUCCAACUCGUUGCCGAAUCGGUUCUUAUAGGAACUUGAGUUGUGGCAAUGGUGCAG
GAAUGGUGAAAUUCAAAGCAAACCCGUUGCUACAUCAUGUGAGUAUUGAGCCAAAGAAGGUGUUAGCCCAUUGAGCCAUG
AACCUAAGAGAGUAGCACUGCUUGGGAGUGCAGUGUCAAGCUGG(OMC)AGGUAUGUGUCUGCCAAAGUUAAAUACAGAG
UAGGAAGACCGAUAGCGAACAAGUAGCGUGAGCGAAAGUUUGAAAAGC(A2M)CUUUGGAAAGAGAGUGACAUAGACCUG
AAGUCGUGACAAUAAUGGAAGUACCUCCAUUUCGCCAAAACCAGCCUCUACUGAGCAAGAACGAGGUCAUGGUUUUGGCG
GAAAUGGGGUGCCCCCACCCGUCUUGA(A2M)A(OMC)(A2M)CGGACCAAGGAGU(OMC)A(A2M)ACAGACGCGCAAG
GGAGAAGAUAUCAGUACUUCUCUCGUACUGAAAGGGAGAUUGUGGUGUGCACACUUGC(OMC)CAACACC(OMG)ACC
(7MG)GCCCCGGGUUGAGUUGGAGUGU(OMG)CCUG(OMU)UUGGACCC(OMG)A(A2M)AGGUGGUGAACUAUGCCUGA
ACAAGGUGAAGCCCGGGGAAACUCGGGUGGAGGCCUGUAGCGAUGCUG(A2M)C(7MG)UGCAAAU(OMC)GCUCGCAUG
AUUUGGGU(A2M)U(5MC)G(OMG)AGCGAAAGACUCAUCGAACCACCUAGUAGCUGGUUCACAUCGAAGUUUCCC
(OMU)CAGGAUAGCUGGUGCUUGAAAAAGUAUUGUGCGGUAAAGCUUUAAA(OMU)GUGCAACUUGCCAAAGCAAGGUAU
UAAGGCACCAAGUGGGCCUUCUUCGGUAAGC(OMG)GAGCAGGCGAUGCGGAAUGAACCGCUUAGGGAUAUGUGGCGUCA
AAACUUAUGGGCUCACGAACAAUGGA(OMU)GACGCUCAAGCCCAAUUAGUGCC(5MC)AUUAUUCCUUUGGUAAGGGCG
AGAAAGUGUAGCCCUUCCGAUGUAGAUGUGGCGUGGAGGUAAGGACGAAGCUGAUGGCGUGAGCCUCAGAUGGACCAGCC
UCUAGUGCA(OMG)AU(OMC)UUGGUUGGCGU(A2M)(OMG)CAAAGAUCUAACGGAAC(OMG)UUGGAUACUGGAGC
(7MG)GGGAAGGAUUUCGUGCCAACGGCACUCGUACACGAGUUGUUCGGAUACUGAGCACAACGUUACACCGUUUUUAGG
A(A2M)AAGGGGCAACAGAGAACCUGGGAUUAUAUUCCAAAAAGAAAUUGCAUG
;
A
2 'polyribonucleotide'
;ACUGCAGACCGUACU(OMC)AUCACCGCAUCAGGUCCCCAAGCAUACA(A2M)UGCUCUGGUACAUAGAGAAA(OMG)G
(OMU)ACA(OMC)UCAGGGAAGUCGGCAAAAUAGAUGCGUAAGUUCGCAAGAAGCAUUGGCUCUGAGGGCAACAACUCAG
AACUGCUUACGGCGGGGAAUCCAACUGU(A2M)UAAUUAAAACAUAGGUUUGUGAUGCAUCCAAGUGGUGUAUGUCGCAA
ACUGAUUUCUGCC(OMC)AGUGCUCUGU(OMG)AAGAGGUUCACCGGCGCGGGUAAACGGCAAGGUAGC(5MC)AA
(A2M)UGCCUC(OMG)UCUUCCAAUUAGAGACGCGCAU(7MG)AAUGGAUUAAUGAGAUUCCCUCUGU(OMC)CCGAGUU
(A2M)CUAUCUAGCGAAACGACAGUCAAGGGAACGGACUUG(A2M)AGGGCUAAGCGGGGAAAGAAGACCCU(OMG)UUG
AGUUUGAC(OMU)CCAGUCUGGCUCUGUGAGGCGAGCUUCACUUAUCGAAUGAAGAGACCAAUGGGUUUCGCGUAGUCUG
CGGGCUAUGCACCGUCUCU(7MG)AACCAACGGA(7MG)UCUUGUUUCGAGACAUCUGCCAGAUGGGGA(OMG)UUUGGC
UGGGGCGGCAUAUCUGUUACACGACAACGCAGGU(OMG)UCCUAAGGCGAGCUCAGUGGGAUCUCACGUAGAACACAAGC
GUAAAAGCUUGCUUGAUUAACGAUUUCCAGUACGAAUCGAGACUGCGAAAGCAAGGCCAGCGAUCCUUUGCGUA(OMU)G
AACAAAUCAUACCA(OMG)A(OMG)GUGUCAGAAUAAUUAC(OMC)ACAG(OMG)GAUAACUGGCUUAUCCUUCGAUGUC
GG(OMC)UCUUCCUAACCUAGCGGCUAAGGGUUGGAU(OMU)(OMG)UUCACCCACUGACAGGGAACGUG(A2M)GCUGG
GUUUAGA(OMC)CGUCGUGAGACAGGUUGGUUUUACCCUACUUAGCUGGAAAUUGCGAGAAAAAAAAAAUUUUUUAAAAU
UUUUUUUUUUUUUACUUGGUACGAAAAAAA
;
B
3 'polyribonucleotide'
;AACGUG(OMU)CGCGAUGGAUGACUUGGCUUCCUAUUUCGUUGAA(7MG)(A2M)ACGCAGCAAAGUGCGAUAAGUGGUA
UCAAUU(OMG)CAGAAUCAUUCAAUUACCGAAUCUUUGAA(OMC)GCAAACGGCGCA(OMU)GGGAGAAGCUCCCCGGAG
UCAUCCCCGUGCAUGCCAUAUUUCUC(A2M)GU(OMG)UCG
;
C
4 'polyribonucleotide'
;GGGUACGACCAUACUUGGCCGAGUGCACCACAUCCCGUCCGAUUUGUGAAGUUAAGCGGCCACAGGCCUCGUUAGUACGG
CGAUCAGUGAUGGCGCUGGAACCCGGGGUGCUGCAAUC
;
D
5 'polyribonucleotide'
;GUGGAAAUGCGGCCAGGUGACCAAUCAAUCCUCCCACGGUGAGCUUUCUUUUCACCAUAAUCCACUUGGGCCUUUCGAGU
UGUUCGGAACGGGGGCUCAAGAUUGAAAAAUGCAGUUGUGAGUUCUAUUAAAGCAAAAACCUGGGG
;
E
6 'polyribonucleotide' CGAAUCGCCACUUCUCUCGGCGCCAAGUACCUUCAUAUUCACAAGA F
7 'polyribonucleotide'
;GGUAUCGUGAGGGUAGUACGAGGUGUACUCCCAUGCCGU(OMG)CCUCUGGUUUCUGGAGUUUGUCGAACGGCAAGUGCU
CCGACGCUAUCGCACGGUGGUUAGCCAGUCCCAAGACCAGAUGCCCA
;
G
8 'polyribonucleotide'
;CACGUCCCUCUCCAAACGAGAGAACAUGCAUGGGCUGGCAUGAGCGCGUGGGGCCCCGAGGCGCUGAACCUUGAGGCCUC
AUGCUGGGACU
;
H
9 'polypeptide(L)'
;GVDLTGVQKKKRVVRHHTYSTNPYIKLLIKLYKFLAQRTNSAFNKLVHQRLLKSRSNRAPISLSRIAVCMKRKSVWLEKG
KKAPIAVIVGDVLDDVRMARIPALRVCALRFSKSARERITGAGGECLTFDQLAMVAPTGKNTFLLRGRKSGRESVKHFGA
AGVPGSHAKPFTSNRGKERQRSSARRRAFRHK
;
I
10 'polypeptide(L)' EIVVKKLCLNIVHCTVRTGSFGGMDFYVVLGRRGERVAHRRRKTSRVGCPHRVRKEEAMHWFERT L
11 'polypeptide(L)'
;PKGKNAIPHVHQRKHWNPCSSQKGNVKVFLNQPAQKLRRRRLRLLKAKKTFPRPLKALRPQVNCPTVRHNMKKRLGRGFT
VEELKAAGINPRFAPTIGIRVDRRRKNKSEEGMSINIQRLKTYMSKLVLFPMSYKNVQKGEATEEEVKSATQDRTRFGTA
AVGGFVTPAPEAPRKVTEEERTKNVYKFLKKNHSAVRFFGIRRAR
;
N
12 'polypeptide(L)'
;HRPEIIVVDLKDHVLGRAAAIVAKQLLLGKKITAVRCEQLTIAGTEIRNKIKYLQFLRKRKLSNPKLGPFHHRSPSDIFL
RTVRSMLPRYTKRGQKALRQLVAYEGIPTNVVRTGGRVVIPKAQRHYCYRSERPYTVLGNMCKHVGWKYSDVVKKLETAR
VEKAARHHKKTEKLRAAWKSARKEALSKVSKNNLEVLKKFGYA
;
O
13 'polypeptide(L)'
;NYIRAGRLVRIIRGPRQDRVGVVVDIIDGNRVLVENPADKKMWRHVQNLKNVEPLKFSVELSRNCSTKTLKNVLAEKKIL
EKYAATKSARRIAAKRAFARSTDFERYQLRVAKRSRAFWTRKVFDENDKKKPVSWHKVALKKLQKNAKK
;
P
14 'polypeptide(L)'
;GAFMYLNELWKKKSSDVMRFIQRVRAWEFRHQHTVVRLRRPTRPEKARMLGYKTKQGFSVFRVRVRRGGRKRPVHKGITY
GKPKTSGVLGVKLNKNSRAIAEQRLGKKYGNLRVLNSYWVNADSTFVWYEVVAVDPMCRTIRRDPRINWIVNAVHKHREQ
RGLTSAGRKHRGLRHKGHKASKLRPSVRAAWRRNNRMVFLRKR
;
Q
15 'polypeptide(L)'
;HYSRKPQVSSKSAKAKVSDLRCHFKNTFETANVINGMPLRKAQQLYRQVLAKTRCIPFKRYNGKIGRTAQAKEWGQTKGR
WPRKSVVAMLSLLKNAEANAIEKGLDPNKMVIKHVQVDQAARMRRRTYRAHGRITPYMCSPCHVQLFMTQPQ
;
R
16 'polypeptide(L)'
;VKPHLRHYCVVGRETPSEKNPAPTVYKFEVFAPNFVVAKSRFWRMMREKNKVKSTHGDVLSCKVVKDRKLAARNYSVDIA
YYSQRCGYTHMVKEFRDVSKAGAVSQAYHDLASRHRARYHNIEVLGVKSIPNHQVKRLSISEYHASNLSFPLLHRRVKAP
RKDRVVFVKKNTKRAVV
;
S
17 'polypeptide(L)'
;SLKLQARLAADILRCGRHRVWLDPNEASEISNANSRKSVRKLIKDGLIIRKPVKVHSRSRWRHMKEAKSMGRHEGAGRRE
GTREARMPSKELWMRRLRILRRLLRKYREEKKIDRHIYRELYVKAKGNVFRNKRNLMEHIHKVKNEKKKE
;
T
18 'polypeptide(L)'
;HSHGYKCGTRHLFAKKFRKHGVPSVSTILTNFKVGDYVDVVADSAVRAGMPHKYYHGRTGIVWNVTPRGVGVIVNKPVRN
RTVRKRICVRFEHVRKSRCQEAFKQKQKDFLAFQAAKKAGKPLPPLKRSSRNGGIVRAKRVEVLAR
;
U
19 'polypeptide(L)'
;KVFKIDCTIPANDGIFSEEILGNFEQYFQENVKLNGRKGKLTEKVRVGLRNNVLTITTTMAYRKKYFKYLTKKFLKKKDL
RDWIRILARGKDTYQLKYF
;
V
20 'polypeptide(L)'
;FRVSLALPVGAVVNCADNTGAKNLYIISVKGYHGRLNRLPAAALGDIVMASVKKGKPELRRKVLNAVIIRQRKSWRRKDG
TVIYFEDNAGVIVNPKGEMKGSGIAGPVAKEAADLWPKISSHAPAIV
;
W
21 'polypeptide(L)'
;AYTRPQFRRPHTYRRPSIPKPSNNMSAISNKWDAFRVIRYPLTTDKAMKKIEENNTLTFIVDSNANKTEIKKAMRKLYQV
KAVKVNTLIRPDGLKKAYIRLSASYDALETANKMGL
;
X
22 'polypeptide(L)' TIDCEFSHFAVHPGHGRRYVPFAFLSTKPVLTFARPKCFAMYMRKKNPRFVPWTRTYRRIN Y
23 'polypeptide(L)'
;GSRRKARRAHFQAPSHVRRILMSAPLSKELRAKYNVRAMPVRKDDEVRVKRGAYKGREGKVTACYRLRWVIHIDKVNREK
ANGTTVPVGVHPSNVEITKLKLNHNRKAILERK
;
Z
24 'polypeptide(L)'
;KFLKPGKVVIVTSGRYAGKKAVIVQNTDSKSKERPYGHSLIAGMKKYPKKVVRGMSKRTIQRRSRVGVFLRVVNHKHFLP
TRYNMDLSRELRGRINVSDASKKAKSKQLVRKLFQARYNAGSNRWFFQRLRF
;
a
25 'polypeptide(L)'
;PTRFKKTRHQRGSTFCGYGRVGKHRKHPSGRGNAGGQHHHRINFDKYHPGYFGKCGMNHYHLKKNPLWKPTINLNNLAKL
IAKDEALKAKKGETLPVVDLLANGYSKLLGNGHLQTPCIVKARWVSKLADKKIRKAGGAVVLQA
;
b
26 'polypeptide(L)'
;STDLQWLLVRQNSKFLQKRNGIRLSSDPFNNNANWTKRHAGFLNTKAAVVKTKGDRILVTTKDGKAGNKPKSMYKKAVMD
AGVEASVVSKAVAAVRPDLASIASRRARKMASTLEHMKKVRAARK
;
c
27 'polypeptide(L)' NHTNHNQSRKNHRNGIKRALPMYLHNSKRGSWLPALINARRVRKNNQKAAVKARRERLAAHKA d
28 'polypeptide(L)'
;GKTVLTCRKGNGSIYQVHGHKRLGPAKLRILDYAERHGFMRGVVKTIEHEPGRGAPLARVEFRHPYKYRRVKELMVAPEG
MFTGQSVLCGVKAPLAIGNVLPLGQITEGCIVCNVEAKVGDRGTIARASGDYCIIISHNHETGRTRLKLPSGQKKTVPSN
CRAMIGIIAGGGRIEKPVLKAGNSFYRFRGKRNCWPKVRGVARNPVEHPHGGGNHQHIGHPSTVSRHAPPGQKVGLIAAR
RTGRI
;
e
29 'polypeptide(L)'
;EHPRHGHLGFLPRKRSRQIRGRVRSFPKDDPSQKPHLTSFMVFKAGMTHIVRDVDRPGSKVNKKEVVEPVTILEAPPMVV
VGIVGYRQTPVGHKTIGTVWAHHTSVEFRRRFYKNWKQSAQLAFTKRKQFARTTEGRLAEARTLKAFAKKADIIRVVAHT
QLRKLRNNRVGVKKAHVSEIQINGGTIAEKIELAKSLLEKEVRIDSIFQQSETCDVCAVTKGHGFTGVVKRWGVACLPRK
THRGLRKVACIGAWHPARVMYTVARAGQHGYHHRTHLNKKIYQLGRAVSMEPNQATTTYDLTAKSITPMGGFVGYGTVRN
DYIMLKGSVAGPRRRVITLRRPMAPQTSRKLTEQITLKFIDTSSKIGHGRFQTKKEKSQWFGPLKKDRIRREERLRK
;
f
30 'polypeptide(L)' TKIQLVMKSGKYVLGTKQTLKTLRQGRSKLVVISSNCPPIRKAEIEYYCTLSKTPMHHYVLSITDV g
31 'polypeptide(L)'
;ALLDARKKAIASRKARDDRRWKRVLAKMDSEKRKKYHGVGNTAEHSRVRGITRAALRKRTGRKPDNITMEATIHLSKLLK
RKTFHKRAPIAIKRIKAFVARLMKTKDNRIDASLNTYVWHKGVKGVPGRVRVHVERKSETLEGGKRKHFYTVISNVPVAS
FKNLTTKVT
;
h
32 'polypeptide(L)'
;VKKRTKRFTRHKCELFPQLSSSWRKPRGEDSPVRRRYKGQKAMPNKGYGSDRKTKYITPSGFKNFPIHNVQDLYMLLMQN
RKYAGVISHTVGAKSRKAIVRKAHELDVRLING
;
i
33 'polypeptide(L)'
;PRVQYRRRMHYATRGNRMKLVRTPGNRLVMQKRVKRSQGPHTPWVLGHKRLAGTKALRHTEARLASRHEKSTSRPYGGVL
SHEQVRDRIVRAFLIEEQRIVKRA
;
j
34 'polypeptide(L)'
;IRDLRDKSKDELLKQLMEFKKELSQLRVAQQLNSAGTRLGRIRLIRKSIARILTVLNRNQRESLRKVYAGRRLRLAMPKA
LRPKLTRRRRLALKDNEKNRKTRRQLRMARKFPRRVYAVK
;
k
35 'polypeptide(L)'
;NRSKKIQQLTKKTSTVKRNRKSPRLYMKAVLAGYTRGLHGQNKNTAIVRIENVNTKEDAAWYVGKRVCYVYHGYKMKRCV
RWSKAPARRSNTRAIWGRVTRPHGGSGAVRAKFNGSAVPASAIGKRVRVYLYPSRI
;
l
36 'polypeptide(L)'
;PAPRTGIIAGFNKGHKTTRRARAPSSNDRYALPHKKLRAVKAIITDLVGLSPMERRVQELLRVGKDKRALKFCKKRLGNF
KAAKKRRAKMEEALR
;
m
37 'polypeptide(L)'
;TKGTTSMGQRHGRTHILCRRCGRNAYHVQWERCAACAYPRASRRRYNWSVKAIKRRRTGTGRMRYLKEVNRRIKNHFKTS
L
;
n
38 'polypeptide(L)'
;KRTVKMGVMGRYGARYGANPRKRAKKLEVSQHARHFCSFCGKFAFRRKAVGIWRCDGCSKTMAGGAYTLSTPNNSTVRST
VRRLR
;
o
39 'polypeptide(L)' PREIKNLKEFLAICSRKDARCVKVKHNPAQTKFKVRCSRYLYTLVVADKKKADKIERS p
40 'polypeptide(L)' GRFKPLAIKKKYAKKLKQNRPVPYWIRLRTGNRIKWNEKRRHWRRTKLHY q
41 'polypeptide(L)'
;SVSVYSASEDKVVGTCPLPAVFTAPIRHDIVQFVHTNMAKNSRQAYAVNRLSGMNHSAESWGTGRAVARIPRIGGGGTST
SGAGAFGNMCRGGRMFAPTKIFRRWHRKINLHQKRFAVVSALAASSVPALVMSRGHKIENVAEVPLVVEDAVQGYEKTKE
AMAFLKAIGAVDDVNRVNDSREIRAGRGKMRNRRYVARRGPMLVMPDNKGTRAFRNIFGLDLANVNALNLLHLAPGGHVG
RFVVWTKGAFEKLDSIFGTFTKASAVKKGFMLPAPMLTNTDVTRIMQSEEVRRVLKPKKLQPKKASRLTQPTNGFRNRRL
RLRLNPFQKKESAMVKG
;
r
42 'polypeptide(L)'
;VNYPKKKTMYCPDARCKAHKSFKVVQYKAGKARLYARGKRRYDRKQSGYGGQTKPIFHKKAKTTKKIVLKLQCSNCKSII
QNVLKRTKHFELN
;
t
43 'polypeptide(L)'
;VVKNKAYFKRFQVKYRRRREGKTDYQARRQMVLQDKTKFGTPKYRLVVRITNRDIIAQVVQAKVVGDEVVMAAYSHELPQ
FGIQHGLTNYAAAYATGLLVARRMLTKLGLANKFEGTKEADGSYSAVRTKADDQGDDEKRFPFKAILDVGLARTTTGARV
FGVMKGAVDGGLAVPHRPNRFPGYDKEKDSLNAKAHRDRILGLHVAEYLKQVREEASSNPEESTCQFSKYIKDKVVPNEL
EGMYKKAHAAIRAD
;
u
44 'polypeptide(L)'
;EYTTLRKSCKPGTIAIILAGRFRGRRVVILKQLPRNGPLVISGPMKYNGVPIRRIDSRYIIATSTKVDIKNVDVSGITPD
IFKRPKQEKRVKSEGEFMGDKAKKAAEQKAKKTAKAAPKGIVSDARAQLQKKVDAALIEAIRKDPLGKEKAGYLHSVFTI
KPGDAPHRMRW
;
v
45 'polypeptide(L)'
;KAIAANKAARVALKKAAYARGLRYSREYRSAEKKLVHLRRQAKSCGNYYLEAKPKVAVVTRIRGIAKVAPKQRKILQLLR
LRQIFNTVFVRLNKPMENMLRAVEPYIAYGYPSLRTVRMMVYKRGHLKINGQRVKIVNNQMIESKYNNENIVCAEDIVNQ
IYTGGKHFREVTNGLWPFKLSPPAGGMRQKRRHFVEGGDYGNRDALINRFLARMI
;
w
46 'polypeptide(L)'
;RPKNFGIGHDVPYARDLSRFMRWPTFVTMQRKKRVLQRRLKVPPALHQFTKVLDRSSRNELLKLVKKYPSETRRARRQRL
FDVATEKKKNPEAASKKAPLSVVTGLQEVTRTIEKKTARLVMIANNVDPIELVLWMPTLCRANKVPYAIVKDKARLGDAV
GRKTATCVAITDVNAEDEAALKNLIRSVNARFLARSDVIRRQWGGLQLSLRSRAELRKKRARN
;
x
#
# COMPACT_ATOMS: atom_id res chain seq x y z
N GLY I 1 29.47 0.07 -36.74
CA GLY I 1 29.29 0.39 -38.14
C GLY I 1 29.55 -0.81 -39.00
N VAL I 2 29.23 -2.00 -38.51
CA VAL I 2 29.56 -3.21 -39.22
C VAL I 2 28.39 -4.19 -39.23
N ASP I 3 28.11 -4.81 -40.37
CA ASP I 3 27.24 -5.96 -40.33
C ASP I 3 27.91 -7.02 -39.49
N LEU I 4 27.14 -7.58 -38.59
CA LEU I 4 27.64 -8.55 -37.64
C LEU I 4 26.66 -9.68 -37.68
N THR I 5 25.68 -9.51 -38.56
CA THR I 5 24.60 -10.45 -38.67
C THR I 5 25.12 -11.83 -39.00
N GLY I 6 24.89 -12.75 -38.09
CA GLY I 6 25.35 -14.12 -38.23
C GLY I 6 26.75 -14.40 -37.71
N VAL I 7 27.44 -13.37 -37.21
CA VAL I 7 28.76 -13.57 -36.61
C VAL I 7 28.71 -14.17 -35.22
N GLN I 8 27.82 -13.66 -34.39
CA GLN I 8 27.72 -14.16 -33.02
C GLN I 8 27.23 -15.59 -32.96
N LYS I 9 26.37 -15.95 -33.91
CA LYS I 9 25.81 -17.30 -33.97
C LYS I 9 26.87 -18.32 -34.30
N LYS I 10 27.95 -17.87 -34.91
CA LYS I 10 29.07 -18.73 -35.24
C LYS I 10 30.09 -18.86 -34.11
N LYS I 11 29.90 -18.12 -33.04
CA LYS I 11 30.76 -18.26 -31.89
C LYS I 11 30.58 -19.64 -31.29
N ARG I 12 31.69 -20.30 -31.01
CA ARG I 12 31.65 -21.62 -30.42
C ARG I 12 31.89 -21.54 -28.92
N VAL I 13 31.24 -22.43 -28.19
CA VAL I 13 31.46 -22.56 -26.76
C VAL I 13 32.37 -23.75 -26.47
N VAL I 14 33.60 -23.49 -26.05
CA VAL I 14 34.51 -24.57 -25.70
C VAL I 14 35.11 -24.35 -24.33
N ARG I 15 35.38 -25.44 -23.62
CA ARG I 15 36.15 -25.36 -22.40
C ARG I 15 37.59 -25.01 -22.73
N HIS I 16 38.18 -24.10 -21.98
CA HIS I 16 39.57 -23.74 -22.22
C HIS I 16 40.36 -24.03 -20.97
N HIS I 17 39.65 -24.37 -19.91
CA HIS I 17 40.28 -24.77 -18.66
C HIS I 17 39.43 -25.83 -18.00
N THR I 18 40.05 -26.75 -17.28
CA THR I 18 39.29 -27.76 -16.59
C THR I 18 38.53 -27.18 -15.42
N TYR I 19 37.32 -27.65 -15.20
CA TYR I 19 36.60 -27.32 -13.98
C TYR I 19 36.96 -28.25 -12.86
N SER I 20 37.72 -29.29 -13.16
CA SER I 20 38.08 -30.27 -12.17
C SER I 20 38.90 -29.66 -11.06
N THR I 21 38.55 -29.97 -9.83
CA THR I 21 39.33 -29.49 -8.71
C THR I 21 40.52 -30.37 -8.45
N ASN I 22 40.52 -31.54 -9.07
CA ASN I 22 41.53 -32.56 -8.84
C ASN I 22 42.90 -32.06 -9.24
N PRO I 23 43.87 -32.07 -8.30
CA PRO I 23 45.22 -31.59 -8.59
C PRO I 23 45.90 -32.32 -9.73
N TYR I 24 45.64 -33.61 -9.83
CA TYR I 24 46.34 -34.46 -10.75
C TYR I 24 45.90 -34.27 -12.17
N ILE I 25 44.66 -33.87 -12.37
CA ILE I 25 44.19 -33.53 -13.68
C ILE I 25 44.96 -32.31 -14.15
N LYS I 26 45.27 -31.44 -13.20
CA LYS I 26 45.91 -30.18 -13.50
C LYS I 26 47.40 -30.34 -13.77
N LEU I 27 47.99 -31.38 -13.20
CA LEU I 27 49.35 -31.76 -13.55
C LEU I 27 49.34 -32.55 -14.80
N LEU I 28 48.15 -32.98 -15.18
CA LEU I 28 48.04 -33.87 -16.29
C LEU I 28 47.69 -33.05 -17.51
N ILE I 29 46.93 -31.98 -17.26
CA ILE I 29 46.72 -30.92 -18.23
C ILE I 29 47.95 -30.07 -18.42
N LYS I 30 48.70 -29.92 -17.35
CA LYS I 30 49.96 -29.19 -17.43
C LYS I 30 50.89 -29.90 -18.38
N LEU I 31 50.83 -31.22 -18.41
CA LEU I 31 51.69 -31.99 -19.28
C LEU I 31 51.23 -31.87 -20.72
N TYR I 32 50.04 -32.38 -20.98
CA TYR I 32 49.53 -32.39 -22.34
C TYR I 32 49.17 -31.05 -22.92
N LYS I 33 48.93 -30.04 -22.10
CA LYS I 33 48.88 -28.70 -22.67
C LYS I 33 50.20 -28.36 -23.29
N PHE I 34 51.25 -28.64 -22.55
CA PHE I 34 52.60 -28.46 -23.05
C PHE I 34 52.86 -29.34 -24.23
N LEU I 35 52.60 -30.62 -24.04
CA LEU I 35 52.98 -31.62 -24.99
C LEU I 35 52.18 -31.45 -26.29
N ALA I 36 50.94 -30.99 -26.16
CA ALA I 36 50.10 -30.69 -27.30
C ALA I 36 50.58 -29.50 -28.09
N GLN I 37 51.20 -28.54 -27.39
CA GLN I 37 51.69 -27.35 -28.05
C GLN I 37 53.07 -27.55 -28.62
N ARG I 38 53.91 -28.23 -27.85
CA ARG I 38 55.28 -28.41 -28.27
C ARG I 38 55.51 -29.58 -29.22
N THR I 39 54.52 -30.44 -29.40
CA THR I 39 54.62 -31.48 -30.40
C THR I 39 53.65 -31.24 -31.54
N ASN I 40 53.95 -31.82 -32.69
CA ASN I 40 53.09 -31.67 -33.84
C ASN I 40 51.98 -32.70 -33.81
N SER I 41 52.09 -33.63 -32.88
CA SER I 41 51.18 -34.77 -32.77
C SER I 41 49.75 -34.36 -32.54
N ALA I 42 48.83 -35.01 -33.24
CA ALA I 42 47.41 -34.79 -33.02
C ALA I 42 46.87 -35.59 -31.86
N PHE I 43 47.64 -36.57 -31.40
CA PHE I 43 47.23 -37.35 -30.26
C PHE I 43 47.25 -36.53 -28.97
N ASN I 44 48.28 -35.71 -28.82
CA ASN I 44 48.41 -34.87 -27.64
C ASN I 44 47.34 -33.80 -27.61
N LYS I 45 46.90 -33.39 -28.79
CA LYS I 45 45.84 -32.41 -28.90
C LYS I 45 44.47 -32.99 -28.56
N LEU I 46 44.32 -34.30 -28.71
CA LEU I 46 43.08 -34.94 -28.32
C LEU I 46 43.09 -35.29 -26.84
N VAL I 47 44.19 -35.85 -26.36
CA VAL I 47 44.29 -36.15 -24.95
C VAL I 47 44.23 -34.89 -24.14
N HIS I 48 44.77 -33.81 -24.67
CA HIS I 48 44.69 -32.56 -23.97
C HIS I 48 43.30 -31.95 -23.94
N GLN I 49 42.53 -32.02 -25.02
CA GLN I 49 41.21 -31.44 -24.94
C GLN I 49 40.24 -32.32 -24.18
N ARG I 50 40.34 -33.65 -24.35
CA ARG I 50 39.43 -34.54 -23.66
C ARG I 50 39.66 -34.45 -22.18
N LEU I 51 40.88 -34.08 -21.83
CA LEU I 51 41.29 -34.05 -20.45
C LEU I 51 40.64 -32.84 -19.79
N LEU I 52 40.20 -31.91 -20.62
CA LEU I 52 39.53 -30.69 -20.20
C LEU I 52 38.03 -30.83 -20.10
N LYS I 53 37.52 -32.01 -20.41
CA LYS I 53 36.10 -32.19 -20.50
C LYS I 53 35.46 -32.43 -19.16
N SER I 54 34.14 -32.42 -19.16
CA SER I 54 33.34 -32.75 -18.01
C SER I 54 33.51 -34.21 -17.72
N ARG I 55 33.31 -34.64 -16.48
CA ARG I 55 33.27 -36.06 -16.27
C ARG I 55 32.04 -36.65 -16.95
N SER I 56 31.07 -35.81 -17.27
CA SER I 56 29.97 -36.27 -18.09
C SER I 56 30.47 -36.64 -19.47
N ASN I 57 31.29 -35.76 -20.04
CA ASN I 57 31.74 -35.93 -21.41
C ASN I 57 33.02 -36.74 -21.49
N ARG I 58 33.52 -37.15 -20.33
CA ARG I 58 34.51 -38.20 -20.23
C ARG I 58 33.85 -39.46 -19.74
N ALA I 59 33.13 -40.14 -20.61
CA ALA I 59 32.45 -41.37 -20.27
C ALA I 59 33.45 -42.50 -20.07
N PRO I 60 33.21 -43.34 -19.07
CA PRO I 60 34.01 -44.53 -18.75
C PRO I 60 33.93 -45.59 -19.83
N ILE I 61 34.97 -46.40 -19.99
CA ILE I 61 34.92 -47.48 -20.96
C ILE I 61 35.02 -48.86 -20.29
N SER I 62 34.26 -49.83 -20.79
CA SER I 62 34.36 -51.19 -20.28
C SER I 62 35.67 -51.80 -20.69
N LEU I 63 36.31 -52.58 -19.83
CA LEU I 63 37.52 -53.24 -20.27
C LEU I 63 37.13 -54.28 -21.30
N SER I 64 35.87 -54.65 -21.25
CA SER I 64 35.27 -55.49 -22.24
C SER I 64 35.28 -54.85 -23.60
N ARG I 65 35.09 -53.54 -23.61
CA ARG I 65 34.94 -52.83 -24.86
C ARG I 65 36.30 -52.41 -25.40
N ILE I 66 37.32 -52.55 -24.58
CA ILE I 66 38.68 -52.30 -25.03
C ILE I 66 39.22 -53.56 -25.64
N ALA I 67 38.92 -54.68 -25.02
CA ALA I 67 39.39 -55.96 -25.50
C ALA I 67 38.77 -56.26 -26.84
N VAL I 68 37.54 -55.80 -27.04
CA VAL I 68 36.87 -55.97 -28.32
C VAL I 68 37.49 -55.06 -29.34
N CYS I 69 37.48 -53.76 -29.06
CA CYS I 69 37.98 -52.78 -30.01
C CYS I 69 39.47 -52.93 -30.26
N MET I 70 40.17 -53.52 -29.31
CA MET I 70 41.61 -53.70 -29.45
C MET I 70 41.97 -54.88 -30.33
N LYS I 71 41.38 -56.03 -30.07
CA LYS I 71 41.75 -57.19 -30.88
C LYS I 71 41.24 -57.00 -32.27
N ARG I 72 40.16 -56.25 -32.38
CA ARG I 72 39.57 -55.99 -33.66
C ARG I 72 40.50 -55.09 -34.46
N LYS I 73 41.30 -54.31 -33.74
CA LYS I 73 42.32 -53.42 -34.30
C LYS I 73 43.63 -54.14 -34.55
N SER I 74 43.99 -54.97 -33.59
CA SER I 74 45.31 -55.59 -33.58
C SER I 74 45.36 -56.85 -34.42
N VAL I 75 44.20 -57.43 -34.69
CA VAL I 75 44.17 -58.69 -35.40
C VAL I 75 44.69 -58.52 -36.82
N TRP I 76 44.51 -57.32 -37.35
CA TRP I 76 44.98 -57.01 -38.69
C TRP I 76 46.44 -56.62 -38.73
N LEU I 77 47.03 -56.34 -37.59
CA LEU I 77 48.39 -55.85 -37.57
C LEU I 77 49.36 -56.88 -38.09
N GLU I 78 50.27 -56.42 -38.94
CA GLU I 78 51.21 -57.28 -39.60
C GLU I 78 52.17 -57.84 -38.57
N LYS I 79 52.56 -59.11 -38.74
CA LYS I 79 53.24 -59.85 -37.69
C LYS I 79 54.49 -59.14 -37.26
N GLY I 80 54.75 -59.12 -35.96
CA GLY I 80 55.89 -58.38 -35.43
C GLY I 80 55.58 -56.92 -35.15
N LYS I 81 54.30 -56.55 -35.25
CA LYS I 81 53.85 -55.25 -34.78
C LYS I 81 53.11 -55.43 -33.47
N LYS I 82 53.69 -54.97 -32.37
CA LYS I 82 53.01 -55.02 -31.08
C LYS I 82 51.82 -54.09 -31.07
N ALA I 83 50.78 -54.48 -30.35
CA ALA I 83 49.51 -53.79 -30.38
C ALA I 83 49.61 -52.41 -29.78
N PRO I 84 48.75 -51.51 -30.25
CA PRO I 84 48.69 -50.12 -29.79
C PRO I 84 48.34 -50.03 -28.32
N ILE I 85 48.85 -49.02 -27.65
CA ILE I 85 48.41 -48.74 -26.29
C ILE I 85 46.96 -48.30 -26.36
N ALA I 86 46.16 -48.69 -25.38
CA ALA I 86 44.74 -48.36 -25.40
C ALA I 86 44.42 -47.19 -24.50
N VAL I 87 44.78 -45.99 -24.91
CA VAL I 87 44.52 -44.79 -24.14
C VAL I 87 43.05 -44.44 -24.06
N ILE I 88 42.59 -44.06 -22.87
CA ILE I 88 41.29 -43.43 -22.77
C ILE I 88 41.38 -42.28 -21.79
N VAL I 89 40.71 -41.18 -22.11
CA VAL I 89 40.66 -40.07 -21.18
C VAL I 89 39.41 -40.21 -20.34
N GLY I 90 39.44 -41.17 -19.41
CA GLY I 90 38.28 -41.48 -18.63
C GLY I 90 38.58 -42.70 -17.79
N ASP I 91 37.60 -43.15 -17.02
CA ASP I 91 37.80 -44.34 -16.21
C ASP I 91 37.67 -45.58 -17.07
N VAL I 92 38.30 -46.66 -16.66
CA VAL I 92 38.16 -47.95 -17.33
C VAL I 92 37.51 -48.91 -16.36
N LEU I 93 36.40 -49.50 -16.76
CA LEU I 93 35.63 -50.29 -15.82
C LEU I 93 35.67 -51.75 -16.17
N ASP I 94 35.71 -52.58 -15.15
CA ASP I 94 35.71 -54.02 -15.32
C ASP I 94 34.43 -54.53 -15.92
N ASP I 95 34.49 -55.59 -16.72
CA ASP I 95 33.27 -56.17 -17.23
C ASP I 95 33.17 -57.63 -16.89
N VAL I 96 32.15 -57.94 -16.11
CA VAL I 96 31.87 -59.30 -15.68
C VAL I 96 31.57 -60.21 -16.87
N ARG I 97 31.09 -59.60 -17.94
CA ARG I 97 30.61 -60.32 -19.10
C ARG I 97 31.77 -60.79 -19.96
N MET I 98 32.98 -60.36 -19.63
CA MET I 98 34.15 -60.85 -20.34
C MET I 98 35.19 -61.27 -19.34
N ALA I 99 35.14 -62.52 -18.92
CA ALA I 99 36.00 -62.97 -17.84
C ALA I 99 37.46 -62.98 -18.23
N ARG I 100 37.73 -63.41 -19.46
CA ARG I 100 39.11 -63.50 -19.87
C ARG I 100 39.39 -62.52 -20.99
N ILE I 101 40.40 -61.69 -20.77
CA ILE I 101 40.78 -60.67 -21.73
C ILE I 101 42.27 -60.80 -22.03
N PRO I 102 42.67 -60.32 -23.20
CA PRO I 102 44.01 -60.33 -23.78
C PRO I 102 44.96 -59.49 -22.95
N ALA I 103 46.24 -59.78 -22.99
CA ALA I 103 47.18 -58.91 -22.31
C ALA I 103 47.17 -57.53 -22.94
N LEU I 104 46.18 -56.74 -22.54
CA LEU I 104 46.01 -55.37 -23.01
C LEU I 104 47.03 -54.44 -22.38
N ARG I 105 47.40 -53.38 -23.08
CA ARG I 105 48.14 -52.30 -22.43
C ARG I 105 47.33 -51.01 -22.43
N VAL I 106 46.36 -50.96 -21.53
CA VAL I 106 45.49 -49.81 -21.37
C VAL I 106 46.14 -48.64 -20.64
N CYS I 107 45.76 -47.43 -21.00
CA CYS I 107 46.23 -46.21 -20.38
C CYS I 107 45.08 -45.25 -20.13
N ALA I 108 44.76 -44.99 -18.88
CA ALA I 108 43.59 -44.18 -18.58
C ALA I 108 43.74 -43.41 -17.30
N LEU I 109 42.89 -42.41 -17.12
CA LEU I 109 42.95 -41.58 -15.93
C LEU I 109 42.78 -42.37 -14.68
N ARG I 110 41.95 -43.38 -14.78
CA ARG I 110 41.53 -44.09 -13.60
C ARG I 110 41.03 -45.46 -13.97
N PHE I 111 41.23 -46.39 -13.06
CA PHE I 111 40.85 -47.76 -13.27
C PHE I 111 40.07 -48.21 -12.09
N SER I 112 39.09 -49.06 -12.31
CA SER I 112 38.40 -49.68 -11.23
C SER I 112 39.35 -50.67 -10.63
N LYS I 113 39.18 -51.00 -9.37
CA LYS I 113 40.01 -52.00 -8.76
C LYS I 113 39.83 -53.34 -9.46
N SER I 114 38.69 -53.52 -10.09
CA SER I 114 38.41 -54.73 -10.83
C SER I 114 39.09 -54.71 -12.18
N ALA I 115 39.07 -53.56 -12.83
CA ALA I 115 39.70 -53.45 -14.14
C ALA I 115 41.20 -53.59 -14.02
N ARG I 116 41.75 -53.00 -12.98
CA ARG I 116 43.17 -53.02 -12.79
C ARG I 116 43.67 -54.43 -12.49
N GLU I 117 42.84 -55.25 -11.86
CA GLU I 117 43.31 -56.57 -11.49
C GLU I 117 43.13 -57.54 -12.63
N ARG I 118 42.03 -57.41 -13.36
CA ARG I 118 41.84 -58.22 -14.55
C ARG I 118 42.85 -57.84 -15.62
N ILE I 119 43.22 -56.57 -15.64
CA ILE I 119 44.16 -56.07 -16.64
C ILE I 119 45.54 -56.64 -16.41
N THR I 120 45.85 -56.93 -15.15
CA THR I 120 47.17 -57.42 -14.79
C THR I 120 47.13 -58.93 -14.64
N GLY I 121 45.92 -59.47 -14.52
CA GLY I 121 45.76 -60.91 -14.49
C GLY I 121 46.03 -61.45 -15.88
N ALA I 122 45.81 -60.60 -16.87
CA ALA I 122 46.12 -60.97 -18.23
C ALA I 122 47.56 -60.65 -18.54
N GLY I 123 48.23 -60.02 -17.58
CA GLY I 123 49.62 -59.64 -17.73
C GLY I 123 49.78 -58.29 -18.39
N GLY I 124 48.67 -57.66 -18.76
CA GLY I 124 48.74 -56.36 -19.37
C GLY I 124 49.10 -55.26 -18.39
N GLU I 125 49.78 -54.23 -18.87
CA GLU I 125 50.10 -53.09 -18.02
C GLU I 125 48.90 -52.17 -17.87
N CYS I 126 48.86 -51.47 -16.76
CA CYS I 126 47.74 -50.61 -16.43
C CYS I 126 48.28 -49.20 -16.22
N LEU I 127 49.01 -48.72 -17.21
CA LEU I 127 49.77 -47.49 -17.09
C LEU I 127 48.97 -46.20 -17.20
N THR I 128 49.48 -45.15 -16.57
CA THR I 128 48.84 -43.84 -16.54
C THR I 128 49.29 -42.92 -17.67
N PHE I 129 48.65 -41.78 -17.79
CA PHE I 129 49.08 -40.77 -18.75
C PHE I 129 50.48 -40.24 -18.49
N ASP I 130 50.98 -40.33 -17.26
CA ASP I 130 52.37 -39.96 -17.02
C ASP I 130 53.36 -40.73 -17.83
N GLN I 131 53.31 -42.06 -17.77
CA GLN I 131 54.26 -42.80 -18.55
C GLN I 131 53.72 -43.04 -19.95
N LEU I 132 52.47 -42.64 -20.20
CA LEU I 132 52.04 -42.63 -21.57
C LEU I 132 52.85 -41.57 -22.30
N ALA I 133 53.01 -40.42 -21.65
CA ALA I 133 53.81 -39.34 -22.21
C ALA I 133 55.26 -39.74 -22.34
N MET I 134 55.70 -40.61 -21.43
CA MET I 134 57.09 -41.06 -21.39
C MET I 134 57.36 -42.24 -22.30
N VAL I 135 56.32 -42.82 -22.85
CA VAL I 135 56.49 -43.97 -23.73
C VAL I 135 55.94 -43.63 -25.09
N ALA I 136 54.89 -42.84 -25.09
CA ALA I 136 54.33 -42.35 -26.32
C ALA I 136 54.10 -40.86 -26.20
N PRO I 137 55.18 -40.07 -26.23
CA PRO I 137 55.11 -38.62 -26.09
C PRO I 137 54.25 -38.06 -27.20
N THR I 138 54.38 -38.72 -28.34
CA THR I 138 53.48 -38.56 -29.46
C THR I 138 52.51 -39.72 -29.38
N GLY I 139 51.38 -39.62 -30.05
CA GLY I 139 50.43 -40.70 -29.95
C GLY I 139 50.84 -41.95 -30.69
N LYS I 140 52.14 -42.21 -30.75
CA LYS I 140 52.65 -43.31 -31.56
C LYS I 140 51.97 -44.59 -31.10
N ASN I 141 51.52 -45.37 -32.07
CA ASN I 141 50.52 -46.43 -31.90
C ASN I 141 49.83 -46.49 -30.55
N THR I 142 49.28 -45.36 -30.13
CA THR I 142 48.26 -45.37 -29.12
C THR I 142 46.96 -45.64 -29.80
N PHE I 143 46.02 -46.19 -29.07
CA PHE I 143 44.70 -46.37 -29.63
C PHE I 143 43.68 -45.70 -28.73
N LEU I 144 43.51 -44.41 -28.98
CA LEU I 144 42.62 -43.58 -28.19
C LEU I 144 41.17 -43.99 -28.35
N LEU I 145 40.47 -44.12 -27.24
CA LEU I 145 39.14 -44.67 -27.21
C LEU I 145 38.24 -43.80 -26.39
N ARG I 146 36.94 -43.99 -26.51
CA ARG I 146 36.01 -43.29 -25.67
C ARG I 146 35.04 -44.30 -25.10
N GLY I 147 34.55 -44.05 -23.91
CA GLY I 147 33.47 -44.85 -23.36
C GLY I 147 32.17 -44.39 -23.93
N ARG I 148 31.15 -45.24 -23.87
CA ARG I 148 29.86 -44.96 -24.47
C ARG I 148 29.05 -43.98 -23.65
N LYS I 149 28.11 -43.28 -24.29
CA LYS I 149 27.31 -42.30 -23.58
C LYS I 149 25.91 -42.19 -24.15
N SER I 150 25.63 -43.00 -25.15
CA SER I 150 24.31 -43.04 -25.73
C SER I 150 23.39 -43.92 -24.91
N GLY I 151 23.97 -44.91 -24.26
CA GLY I 151 23.18 -45.82 -23.46
C GLY I 151 22.97 -45.26 -22.09
N ARG I 152 23.54 -44.08 -21.87
CA ARG I 152 23.41 -43.37 -20.61
C ARG I 152 21.95 -43.04 -20.41
N GLU I 153 21.47 -43.17 -19.19
CA GLU I 153 20.05 -43.19 -18.95
C GLU I 153 19.51 -41.77 -18.96
N SER I 154 20.39 -40.81 -18.87
CA SER I 154 19.98 -39.42 -19.01
C SER I 154 19.45 -39.11 -20.39
N VAL I 155 20.02 -39.74 -21.41
CA VAL I 155 19.69 -39.37 -22.77
C VAL I 155 18.48 -40.14 -23.25
N LYS I 156 18.04 -41.10 -22.45
CA LYS I 156 16.85 -41.85 -22.75
C LYS I 156 15.66 -40.94 -22.56
N HIS I 157 15.89 -39.88 -21.81
CA HIS I 157 14.90 -38.89 -21.51
C HIS I 157 14.81 -37.77 -22.51
N PHE I 158 15.75 -37.69 -23.45
CA PHE I 158 15.78 -36.59 -24.39
C PHE I 158 14.55 -36.57 -25.28
N GLY I 159 14.06 -35.37 -25.55
CA GLY I 159 12.85 -35.21 -26.32
C GLY I 159 11.61 -35.32 -25.49
N ALA I 160 10.47 -35.31 -26.16
CA ALA I 160 9.19 -35.56 -25.53
C ALA I 160 8.76 -36.98 -25.80
N ALA I 161 7.94 -37.54 -24.92
CA ALA I 161 7.22 -38.75 -25.21
C ALA I 161 5.76 -38.39 -25.27
N GLY I 162 5.18 -38.37 -26.45
CA GLY I 162 3.85 -37.84 -26.63
C GLY I 162 3.91 -37.27 -28.02
N VAL I 163 5.08 -36.74 -28.34
CA VAL I 163 5.48 -36.46 -29.70
C VAL I 163 5.59 -37.78 -30.46
N PRO I 164 4.94 -37.86 -31.62
CA PRO I 164 4.84 -39.10 -32.39
C PRO I 164 6.12 -39.75 -32.83
N GLY I 165 7.18 -39.06 -33.17
CA GLY I 165 8.30 -39.82 -33.67
C GLY I 165 9.00 -40.53 -32.54
N SER I 166 8.83 -39.93 -31.37
CA SER I 166 9.74 -40.09 -30.25
C SER I 166 9.62 -41.37 -29.47
N HIS I 167 10.74 -41.78 -28.90
CA HIS I 167 10.76 -42.83 -27.90
C HIS I 167 11.53 -42.34 -26.70
N ALA I 168 11.30 -41.09 -26.37
CA ALA I 168 11.88 -40.51 -25.19
C ALA I 168 11.29 -41.21 -24.01
N LYS I 169 12.03 -41.25 -22.92
CA LYS I 169 11.52 -41.80 -21.69
C LYS I 169 10.90 -40.68 -20.86
N PRO I 170 9.61 -40.77 -20.55
CA PRO I 170 9.02 -39.78 -19.66
C PRO I 170 9.61 -39.82 -18.25
N PHE I 171 9.69 -38.68 -17.57
CA PHE I 171 10.17 -38.68 -16.20
C PHE I 171 9.06 -39.12 -15.25
N THR I 172 9.34 -40.14 -14.46
CA THR I 172 8.33 -40.73 -13.61
C THR I 172 8.90 -41.56 -12.48
N SER I 173 8.58 -41.17 -11.25
CA SER I 173 8.86 -42.02 -10.13
C SER I 173 8.02 -43.27 -10.22
N ASN I 174 6.86 -43.12 -10.84
CA ASN I 174 5.86 -44.18 -10.89
C ASN I 174 5.80 -44.76 -12.29
N ARG I 175 6.30 -45.98 -12.46
CA ARG I 175 6.34 -46.59 -13.77
C ARG I 175 4.96 -46.90 -14.30
N GLY I 176 4.04 -47.21 -13.39
CA GLY I 176 2.71 -47.59 -13.80
C GLY I 176 1.75 -46.45 -13.94
N LYS I 177 2.20 -45.26 -13.59
CA LYS I 177 1.33 -44.10 -13.54
C LYS I 177 0.99 -43.58 -14.91
N GLU I 178 1.97 -43.55 -15.79
CA GLU I 178 1.77 -42.98 -17.11
C GLU I 178 1.64 -44.05 -18.15
N ARG I 179 1.31 -45.24 -17.69
CA ARG I 179 1.12 -46.37 -18.54
C ARG I 179 -0.17 -46.06 -19.30
N GLN I 180 -0.36 -46.64 -20.48
CA GLN I 180 -1.45 -46.17 -21.32
C GLN I 180 -1.97 -47.27 -22.23
N ARG I 181 -3.24 -47.19 -22.61
CA ARG I 181 -3.81 -48.16 -23.54
C ARG I 181 -3.20 -48.01 -24.92
N SER I 182 -3.06 -49.12 -25.61
CA SER I 182 -2.37 -49.17 -26.89
C SER I 182 -3.03 -48.24 -27.87
N SER I 183 -4.33 -48.05 -27.70
CA SER I 183 -5.13 -47.20 -28.57
C SER I 183 -4.77 -45.73 -28.48
N ALA I 184 -4.49 -45.28 -27.27
CA ALA I 184 -4.42 -43.86 -26.99
C ALA I 184 -3.07 -43.27 -27.28
N ARG I 185 -2.11 -44.13 -27.58
CA ARG I 185 -0.71 -43.77 -27.63
C ARG I 185 -0.30 -42.96 -28.84
N ARG I 186 0.81 -42.24 -28.71
CA ARG I 186 1.46 -41.62 -29.85
C ARG I 186 1.84 -42.71 -30.82
N ARG I 187 1.88 -42.37 -32.10
CA ARG I 187 2.37 -43.30 -33.08
C ARG I 187 3.83 -43.52 -32.73
N ALA I 188 4.31 -44.75 -32.84
CA ALA I 188 5.68 -45.02 -32.47
C ALA I 188 6.59 -44.38 -33.48
N PHE I 189 6.60 -44.95 -34.67
CA PHE I 189 7.46 -44.48 -35.72
C PHE I 189 6.98 -43.22 -36.38
N ARG I 190 7.91 -42.42 -36.88
CA ARG I 190 7.56 -41.35 -37.78
C ARG I 190 8.77 -40.85 -38.57
N HIS I 191 8.61 -40.74 -39.88
CA HIS I 191 9.69 -40.26 -40.73
C HIS I 191 10.06 -38.84 -40.38
N LYS I 192 11.35 -38.54 -40.46
CA LYS I 192 11.80 -37.17 -40.32
C LYS I 192 11.69 -36.47 -41.66
N GLU J 1 -28.65 -41.13 -104.07
CA GLU J 1 -29.25 -42.45 -104.19
C GLU J 1 -30.41 -42.64 -103.21
N ILE J 2 -31.25 -41.63 -103.07
CA ILE J 2 -32.20 -41.57 -101.95
C ILE J 2 -33.23 -42.70 -101.88
N VAL J 3 -33.52 -43.09 -100.65
CA VAL J 3 -34.39 -44.22 -100.32
C VAL J 3 -34.97 -44.06 -98.92
N VAL J 4 -36.16 -44.60 -98.68
CA VAL J 4 -36.75 -44.55 -97.34
C VAL J 4 -35.98 -45.41 -96.34
N LYS J 5 -35.84 -44.94 -95.11
CA LYS J 5 -34.95 -45.59 -94.17
C LYS J 5 -35.51 -45.80 -92.77
N LYS J 6 -36.63 -45.17 -92.46
CA LYS J 6 -37.21 -45.32 -91.13
C LYS J 6 -38.67 -44.88 -91.10
N LEU J 7 -39.41 -45.39 -90.13
CA LEU J 7 -40.85 -45.15 -90.09
C LEU J 7 -41.41 -45.20 -88.67
N CYS J 8 -41.48 -44.04 -88.04
CA CYS J 8 -42.10 -43.90 -86.73
C CYS J 8 -43.62 -43.95 -86.84
N LEU J 9 -44.29 -44.30 -85.75
CA LEU J 9 -45.74 -44.36 -85.73
C LEU J 9 -46.30 -43.94 -84.38
N ASN J 10 -46.04 -42.70 -83.98
CA ASN J 10 -46.54 -42.22 -82.70
C ASN J 10 -48.06 -42.19 -82.65
N ILE J 11 -48.62 -42.47 -81.48
CA ILE J 11 -50.08 -42.45 -81.31
C ILE J 11 -50.47 -41.76 -80.02
N VAL J 12 -47.10 -44.08 -77.78
CA VAL J 12 -46.88 -45.49 -78.06
C VAL J 12 -46.05 -45.64 -79.34
N HIS J 13 -44.75 -45.42 -79.19
CA HIS J 13 -43.80 -45.38 -80.31
C HIS J 13 -43.67 -46.73 -81.02
N CYS J 14 -43.50 -46.71 -82.34
CA CYS J 14 -43.33 -47.93 -83.10
C CYS J 14 -42.48 -47.74 -84.34
N THR J 15 -41.17 -47.64 -84.18
CA THR J 15 -40.27 -47.49 -85.32
C THR J 15 -40.32 -48.71 -86.22
N VAL J 16 -40.10 -48.50 -87.52
CA VAL J 16 -40.25 -49.55 -88.50
C VAL J 16 -39.21 -49.39 -89.60
N ARG J 17 -39.06 -50.41 -90.44
CA ARG J 17 -38.30 -50.29 -91.68
C ARG J 17 -38.23 -51.63 -92.40
N THR J 18 -35.78 -31.35 -93.82
CA THR J 18 -34.50 -32.05 -93.75
C THR J 18 -34.52 -33.41 -94.41
N GLY J 19 -35.33 -33.56 -95.46
CA GLY J 19 -35.40 -34.81 -96.17
C GLY J 19 -36.34 -35.78 -95.51
N SER J 20 -36.93 -35.34 -94.42
CA SER J 20 -37.87 -36.15 -93.66
C SER J 20 -39.13 -35.35 -93.35
N PHE J 21 -40.27 -36.03 -93.32
CA PHE J 21 -41.54 -35.35 -93.18
C PHE J 21 -42.53 -36.10 -92.30
N GLY J 22 -43.53 -35.38 -91.82
CA GLY J 22 -44.61 -35.98 -91.06
C GLY J 22 -45.72 -36.48 -91.95
N GLY J 23 -55.34 -42.20 -83.50
CA GLY J 23 -54.58 -41.04 -83.93
C GLY J 23 -53.15 -41.38 -84.28
N MET J 24 -52.97 -42.49 -84.98
CA MET J 24 -51.64 -42.97 -85.33
C MET J 24 -50.90 -41.95 -86.19
N ASP J 25 -49.63 -41.70 -85.86
CA ASP J 25 -48.88 -40.60 -86.46
C ASP J 25 -47.58 -41.03 -87.10
N PHE J 26 -47.51 -40.87 -88.42
CA PHE J 26 -46.32 -41.15 -89.19
C PHE J 26 -45.29 -40.01 -89.12
N TYR J 27 -44.02 -40.36 -89.25
CA TYR J 27 -42.98 -39.35 -89.48
C TYR J 27 -41.86 -39.98 -90.31
N VAL J 28 -42.01 -39.95 -91.62
CA VAL J 28 -41.09 -40.63 -92.51
C VAL J 28 -39.71 -39.99 -92.54
N VAL J 29 -38.68 -40.84 -92.64
CA VAL J 29 -37.32 -40.38 -92.86
C VAL J 29 -36.75 -40.98 -94.13
N LEU J 30 -36.23 -40.14 -95.03
CA LEU J 30 -35.54 -40.66 -96.20
C LEU J 30 -34.13 -40.10 -96.29
N GLY J 31 -33.17 -41.00 -96.21
CA GLY J 31 -31.80 -40.64 -96.44
C GLY J 31 -31.25 -41.56 -97.51
N ARG J 32 -30.20 -41.11 -98.16
CA ARG J 32 -29.47 -41.96 -99.08
C ARG J 32 -28.82 -43.05 -98.26
N ARG J 33 -28.72 -44.26 -98.80
CA ARG J 33 -28.04 -45.33 -98.10
C ARG J 33 -26.59 -44.95 -97.91
N GLY J 34 -26.01 -45.39 -96.80
CA GLY J 34 -24.73 -44.85 -96.36
C GLY J 34 -24.89 -43.83 -95.26
N GLU J 35 -26.09 -43.70 -94.71
CA GLU J 35 -26.29 -42.91 -93.51
C GLU J 35 -25.84 -43.68 -92.28
N ARG J 36 -25.42 -44.91 -92.49
CA ARG J 36 -24.88 -45.72 -91.42
C ARG J 36 -23.70 -45.02 -90.81
N VAL J 37 -22.99 -44.27 -91.65
CA VAL J 37 -21.72 -43.69 -91.23
C VAL J 37 -21.96 -42.69 -90.12
N ALA J 38 -23.12 -42.08 -90.10
CA ALA J 38 -23.46 -41.11 -89.08
C ALA J 38 -23.99 -41.78 -87.83
N HIS J 39 -24.24 -43.08 -87.92
CA HIS J 39 -24.83 -43.83 -86.82
C HIS J 39 -23.98 -44.99 -86.32
N ARG J 40 -23.02 -45.44 -87.12
CA ARG J 40 -22.17 -46.54 -86.67
C ARG J 40 -21.33 -46.13 -85.47
N ARG J 41 -21.14 -47.05 -84.54
CA ARG J 41 -20.35 -46.78 -83.35
C ARG J 41 -18.89 -46.48 -83.65
N ARG J 42 -18.18 -47.46 -84.19
CA ARG J 42 -16.80 -47.23 -84.56
C ARG J 42 -16.67 -46.28 -85.74
N LYS J 43 -15.73 -45.36 -85.67
CA LYS J 43 -15.44 -44.42 -86.76
C LYS J 43 -16.65 -43.64 -87.25
N THR J 44 -17.43 -43.12 -86.31
CA THR J 44 -18.61 -42.34 -86.64
C THR J 44 -18.28 -41.05 -87.40
N SER J 45 -19.15 -40.66 -88.32
CA SER J 45 -18.89 -39.50 -89.16
C SER J 45 -20.19 -38.83 -89.59
N ARG J 46 -20.14 -37.51 -89.78
CA ARG J 46 -21.23 -36.80 -90.44
C ARG J 46 -21.27 -37.11 -91.94
N VAL J 47 -22.47 -37.28 -92.48
CA VAL J 47 -22.62 -37.48 -93.91
C VAL J 47 -22.27 -36.19 -94.66
N GLY J 48 -21.71 -36.30 -95.85
CA GLY J 48 -21.31 -35.12 -96.57
C GLY J 48 -22.53 -34.35 -97.01
N CYS J 49 -22.34 -33.07 -97.33
CA CYS J 49 -23.43 -32.26 -97.83
C CYS J 49 -24.07 -32.85 -99.07
N PRO J 50 -23.25 -33.23 -100.05
CA PRO J 50 -23.86 -33.67 -101.30
C PRO J 50 -24.37 -35.10 -101.20
N HIS J 51 -25.17 -35.37 -100.17
CA HIS J 51 -25.65 -36.72 -99.94
C HIS J 51 -26.74 -36.71 -98.88
N ARG J 52 -26.81 -35.62 -98.13
CA ARG J 52 -27.84 -35.47 -97.14
C ARG J 52 -29.14 -35.19 -97.89
N VAL J 53 -30.26 -35.58 -97.31
CA VAL J 53 -31.53 -35.43 -97.98
C VAL J 53 -32.21 -34.10 -97.64
N ARG J 54 -32.16 -33.19 -98.60
CA ARG J 54 -32.76 -31.86 -98.50
C ARG J 54 -34.27 -31.91 -98.74
N LYS J 55 -35.00 -30.94 -98.20
CA LYS J 55 -36.45 -30.90 -98.37
C LYS J 55 -36.90 -30.77 -99.81
N GLU J 56 -36.15 -30.03 -100.63
CA GLU J 56 -36.52 -29.94 -102.04
C GLU J 56 -36.33 -31.30 -102.70
N GLU J 57 -35.34 -32.04 -102.21
CA GLU J 57 -35.09 -33.42 -102.63
C GLU J 57 -36.19 -34.35 -102.15
N ALA J 58 -36.72 -34.05 -100.96
CA ALA J 58 -37.78 -34.85 -100.38
C ALA J 58 -39.08 -34.74 -101.16
N MET J 59 -39.33 -33.59 -101.75
CA MET J 59 -40.56 -33.42 -102.52
C MET J 59 -40.57 -34.22 -103.82
N HIS J 60 -39.41 -34.48 -104.41
CA HIS J 60 -39.39 -35.12 -105.71
C HIS J 60 -39.70 -36.62 -105.69
N TRP J 61 -39.04 -37.36 -104.80
CA TRP J 61 -39.28 -38.80 -104.72
C TRP J 61 -40.72 -39.03 -104.26
N PHE J 62 -41.23 -38.10 -103.45
CA PHE J 62 -42.59 -38.16 -102.94
C PHE J 62 -43.57 -38.01 -104.10
N GLU J 63 -43.13 -37.27 -105.10
CA GLU J 63 -43.84 -37.14 -106.37
C GLU J 63 -43.84 -38.48 -107.08
N ARG J 64 -42.78 -39.24 -106.83
CA ARG J 64 -42.59 -40.54 -107.46
C ARG J 64 -43.25 -41.70 -106.71
N THR J 65 -43.84 -41.40 -105.54
CA THR J 65 -44.39 -42.45 -104.69
C THR J 65 -45.91 -42.49 -104.78
N PRO K 1 4.55 -26.70 -13.70
CA PRO K 1 4.63 -27.69 -14.78
C PRO K 1 4.81 -27.07 -16.13
N LYS K 2 5.93 -26.41 -16.36
CA LYS K 2 6.35 -26.06 -17.69
C LYS K 2 7.68 -26.71 -17.98
N GLY K 3 7.75 -27.58 -18.98
CA GLY K 3 8.98 -28.29 -19.26
C GLY K 3 8.89 -29.79 -19.07
N LYS K 4 10.00 -30.47 -19.25
CA LYS K 4 10.03 -31.93 -19.18
C LYS K 4 9.94 -32.45 -17.78
N ASN K 5 9.90 -31.57 -16.80
CA ASN K 5 10.02 -31.97 -15.42
C ASN K 5 9.01 -33.03 -15.09
N ALA K 6 9.40 -34.00 -14.28
CA ALA K 6 8.49 -35.04 -13.87
C ALA K 6 7.35 -34.41 -13.12
N ILE K 7 6.16 -35.00 -13.23
CA ILE K 7 5.03 -34.49 -12.48
C ILE K 7 5.34 -34.64 -11.02
N PRO K 8 5.26 -33.53 -10.29
CA PRO K 8 5.70 -33.58 -8.91
C PRO K 8 4.56 -34.00 -8.00
N HIS K 9 4.87 -34.85 -7.04
CA HIS K 9 3.85 -35.28 -6.11
C HIS K 9 4.37 -35.13 -4.70
N VAL K 10 4.65 -33.89 -4.35
CA VAL K 10 5.20 -33.55 -3.04
C VAL K 10 4.07 -33.35 -2.02
N HIS K 11 3.75 -34.40 -1.30
CA HIS K 11 2.66 -34.36 -0.35
C HIS K 11 2.94 -33.48 0.82
N GLN K 12 2.71 -32.20 0.64
CA GLN K 12 2.99 -31.27 1.70
C GLN K 12 1.92 -30.23 1.67
N ARG K 13 0.73 -30.68 1.31
CA ARG K 13 -0.39 -29.79 1.21
C ARG K 13 -1.16 -29.70 2.52
N LYS K 14 -0.70 -30.45 3.52
CA LYS K 14 -1.16 -30.32 4.89
C LYS K 14 -0.27 -29.37 5.69
N HIS K 15 -0.80 -28.87 6.80
CA HIS K 15 -0.08 -27.89 7.58
C HIS K 15 0.96 -28.49 8.49
N TRP K 16 1.89 -29.24 7.91
CA TRP K 16 2.95 -29.87 8.68
C TRP K 16 3.92 -28.88 9.24
N ASN K 17 4.01 -27.73 8.60
CA ASN K 17 5.02 -26.74 8.94
C ASN K 17 4.69 -25.93 10.17
N PRO K 18 5.68 -25.54 10.98
CA PRO K 18 5.31 -24.72 12.13
C PRO K 18 5.48 -23.23 11.89
N CYS K 19 4.40 -22.49 11.91
CA CYS K 19 4.43 -21.07 11.70
C CYS K 19 3.68 -20.40 12.83
N SER K 20 3.27 -19.15 12.63
CA SER K 20 2.53 -18.47 13.65
C SER K 20 1.26 -19.24 13.88
N SER K 21 0.62 -19.60 12.79
CA SER K 21 -0.64 -20.31 12.76
C SER K 21 -0.73 -21.75 13.19
N GLN K 22 0.30 -22.53 12.91
CA GLN K 22 0.24 -23.93 13.19
C GLN K 22 1.34 -24.47 14.03
N LYS K 23 1.02 -25.50 14.80
CA LYS K 23 1.99 -26.20 15.58
C LYS K 23 2.16 -27.28 14.54
N GLY K 24 3.32 -27.34 13.92
CA GLY K 24 3.53 -28.29 12.86
C GLY K 24 3.71 -29.72 13.23
N ASN K 25 3.60 -30.58 12.24
CA ASN K 25 3.82 -31.98 12.44
C ASN K 25 5.23 -32.21 11.96
N VAL K 26 6.22 -32.17 12.84
CA VAL K 26 7.60 -32.34 12.43
C VAL K 26 8.32 -33.17 13.44
N LYS K 27 9.15 -34.04 12.91
CA LYS K 27 9.96 -34.91 13.70
C LYS K 27 11.37 -34.73 13.20
N VAL K 28 12.12 -33.86 13.85
CA VAL K 28 13.53 -33.74 13.56
C VAL K 28 14.24 -34.73 14.44
N PHE K 29 15.46 -35.06 14.08
CA PHE K 29 16.27 -36.00 14.83
C PHE K 29 17.44 -35.36 15.52
N LEU K 30 17.30 -34.10 15.91
CA LEU K 30 18.43 -33.36 16.45
C LEU K 30 18.94 -34.01 17.70
N ASN K 31 18.08 -34.76 18.38
CA ASN K 31 18.52 -35.47 19.56
C ASN K 31 18.96 -36.87 19.26
N GLN K 32 19.19 -37.17 18.00
CA GLN K 32 19.58 -38.52 17.67
C GLN K 32 20.83 -38.98 18.38
N PRO K 33 21.92 -38.20 18.28
CA PRO K 33 23.14 -38.53 19.00
C PRO K 33 23.00 -38.63 20.50
N ALA K 34 22.16 -37.81 21.11
CA ALA K 34 22.03 -37.78 22.56
C ALA K 34 21.35 -39.02 23.01
N GLN K 35 20.44 -39.49 22.18
CA GLN K 35 19.68 -40.66 22.48
C GLN K 35 20.53 -41.90 22.35
N LYS K 36 21.43 -41.85 21.39
CA LYS K 36 22.29 -42.95 21.11
C LYS K 36 23.16 -43.20 22.32
N LEU K 37 23.52 -42.12 23.01
CA LEU K 37 24.26 -42.22 24.25
C LEU K 37 23.38 -42.66 25.39
N ARG K 38 22.17 -42.13 25.41
CA ARG K 38 21.24 -42.44 26.47
C ARG K 38 21.01 -43.93 26.55
N ARG K 39 20.72 -44.54 25.41
CA ARG K 39 20.53 -45.99 25.33
C ARG K 39 21.80 -46.70 25.68
N ARG K 40 22.89 -46.18 25.16
CA ARG K 40 24.21 -46.72 25.34
C ARG K 40 24.61 -46.63 26.79
N ARG K 41 24.31 -45.51 27.43
CA ARG K 41 24.52 -45.39 28.86
C ARG K 41 23.65 -46.33 29.63
N LEU K 42 22.47 -46.58 29.10
CA LEU K 42 21.45 -47.23 29.87
C LEU K 42 21.57 -48.73 29.77
N ARG K 43 22.06 -49.20 28.62
CA ARG K 43 22.39 -50.61 28.49
C ARG K 43 23.60 -50.94 29.32
N LEU K 44 24.59 -50.06 29.30
CA LEU K 44 25.75 -50.21 30.15
C LEU K 44 25.40 -50.00 31.61
N LEU K 45 24.42 -49.16 31.85
CA LEU K 45 23.98 -48.91 33.21
C LEU K 45 23.27 -50.13 33.75
N LYS K 46 22.74 -50.92 32.83
CA LYS K 46 21.96 -52.09 33.16
C LYS K 46 22.82 -53.33 33.32
N ALA K 47 23.79 -53.51 32.43
CA ALA K 47 24.65 -54.67 32.52
C ALA K 47 25.52 -54.61 33.76
N LYS K 48 25.90 -53.41 34.16
CA LYS K 48 26.62 -53.23 35.41
C LYS K 48 25.74 -53.63 36.57
N LYS K 49 24.45 -53.36 36.42
CA LYS K 49 23.46 -53.58 37.46
C LYS K 49 23.13 -55.04 37.67
N THR K 50 23.40 -55.85 36.66
CA THR K 50 23.12 -57.26 36.72
C THR K 50 24.30 -58.02 36.19
N PHE K 51 25.42 -57.98 36.90
CA PHE K 51 26.66 -58.35 36.26
C PHE K 51 26.74 -59.73 35.64
N PRO K 52 26.41 -60.77 36.40
CA PRO K 52 26.56 -62.10 35.83
C PRO K 52 25.72 -62.27 34.58
N ARG K 53 24.56 -61.64 34.58
CA ARG K 53 23.51 -61.99 33.64
C ARG K 53 23.78 -61.43 32.28
N PRO K 54 23.56 -62.26 31.25
CA PRO K 54 23.85 -61.86 29.87
C PRO K 54 23.03 -60.67 29.46
N LEU K 55 23.61 -59.81 28.63
CA LEU K 55 22.99 -58.56 28.27
C LEU K 55 21.67 -58.80 27.56
N LYS K 56 21.57 -59.91 26.84
CA LYS K 56 20.36 -60.26 26.13
C LYS K 56 20.06 -61.74 26.25
N ALA K 57 18.80 -62.06 26.49
CA ALA K 57 18.36 -63.43 26.77
C ALA K 57 18.39 -64.29 25.54
N LEU K 58 18.47 -65.59 25.75
CA LEU K 58 18.57 -66.56 24.68
C LEU K 58 17.36 -66.50 23.76
N ARG K 59 17.59 -66.49 22.45
CA ARG K 59 16.51 -66.40 21.49
C ARG K 59 16.69 -67.53 20.49
N PRO K 60 15.60 -68.03 19.94
CA PRO K 60 15.51 -69.04 18.89
C PRO K 60 16.04 -68.56 17.55
N GLN K 61 16.58 -69.47 16.75
CA GLN K 61 16.83 -69.21 15.35
C GLN K 61 15.59 -69.50 14.56
N VAL K 62 14.92 -68.49 14.06
CA VAL K 62 13.71 -68.74 13.27
C VAL K 62 13.93 -68.48 11.81
N ASN K 63 13.14 -69.13 10.98
CA ASN K 63 13.09 -68.84 9.56
C ASN K 63 12.39 -67.53 9.33
N CYS K 64 12.82 -66.76 8.34
CA CYS K 64 12.03 -65.61 7.93
C CYS K 64 10.87 -66.05 7.06
N PRO K 65 9.79 -65.26 7.07
CA PRO K 65 8.55 -65.58 6.38
C PRO K 65 8.67 -65.78 4.86
N THR K 66 8.38 -64.75 4.06
CA THR K 66 8.04 -64.91 2.64
C THR K 66 9.11 -65.54 1.78
N VAL K 67 8.87 -65.66 0.48
CA VAL K 67 9.90 -66.18 -0.41
C VAL K 67 11.07 -65.23 -0.53
N ARG K 68 10.82 -63.96 -0.28
CA ARG K 68 11.87 -62.97 -0.37
C ARG K 68 12.90 -63.18 0.71
N HIS K 69 12.49 -63.80 1.80
CA HIS K 69 13.30 -63.85 3.01
C HIS K 69 13.45 -65.21 3.65
N ASN K 70 12.73 -66.21 3.15
CA ASN K 70 12.73 -67.51 3.79
C ASN K 70 14.13 -68.11 3.81
N MET K 71 14.97 -67.62 2.92
CA MET K 71 16.40 -67.89 2.97
C MET K 71 17.09 -67.28 4.18
N LYS K 72 16.53 -66.21 4.72
CA LYS K 72 17.13 -65.54 5.86
C LYS K 72 16.78 -66.22 7.17
N LYS K 73 17.66 -66.10 8.15
CA LYS K 73 17.56 -66.81 9.40
C LYS K 73 17.69 -65.86 10.56
N ARG K 74 16.65 -65.11 10.84
CA ARG K 74 16.73 -64.11 11.89
C ARG K 74 16.58 -64.69 13.27
N LEU K 75 16.93 -63.88 14.25
CA LEU K 75 16.73 -64.24 15.63
C LEU K 75 15.25 -64.17 15.92
N GLY K 76 14.75 -65.10 16.71
CA GLY K 76 13.32 -65.26 16.87
C GLY K 76 12.84 -64.58 18.11
N ARG K 77 11.72 -65.04 18.64
CA ARG K 77 11.20 -64.43 19.85
C ARG K 77 10.83 -65.44 20.88
N GLY K 78 11.81 -66.18 21.38
CA GLY K 78 11.49 -67.15 22.39
C GLY K 78 11.13 -68.49 21.82
N PHE K 79 11.56 -69.51 22.54
CA PHE K 79 11.42 -70.90 22.17
C PHE K 79 10.03 -71.47 22.33
N THR K 80 9.76 -72.49 21.54
CA THR K 80 8.52 -73.23 21.58
C THR K 80 8.48 -74.08 22.82
N VAL K 81 7.28 -74.39 23.29
CA VAL K 81 7.15 -75.26 24.45
C VAL K 81 7.72 -76.63 24.11
N GLU K 82 7.55 -77.04 22.86
CA GLU K 82 8.09 -78.31 22.38
C GLU K 82 9.60 -78.30 22.30
N GLU K 83 10.18 -77.15 22.04
CA GLU K 83 11.63 -77.01 22.02
C GLU K 83 12.18 -77.05 23.43
N LEU K 84 11.54 -76.33 24.33
CA LEU K 84 11.99 -76.31 25.71
C LEU K 84 11.84 -77.68 26.32
N LYS K 85 10.82 -78.42 25.91
CA LYS K 85 10.62 -79.76 26.44
C LYS K 85 11.74 -80.68 25.99
N ALA K 86 12.01 -80.64 24.70
CA ALA K 86 12.99 -81.53 24.10
C ALA K 86 14.39 -81.22 24.60
N ALA K 87 14.63 -79.97 24.96
CA ALA K 87 15.92 -79.61 25.51
C ALA K 87 15.94 -79.98 26.98
N GLY K 88 14.78 -80.36 27.50
CA GLY K 88 14.66 -80.77 28.86
C GLY K 88 14.46 -79.64 29.84
N ILE K 89 14.41 -78.42 29.33
CA ILE K 89 14.12 -77.26 30.16
C ILE K 89 12.63 -77.20 30.47
N ASN K 90 12.29 -76.60 31.60
CA ASN K 90 10.90 -76.34 31.97
C ASN K 90 10.48 -74.97 31.48
N PRO K 91 9.41 -74.88 30.68
CA PRO K 91 9.02 -73.66 29.99
C PRO K 91 8.77 -72.45 30.88
N ARG K 92 8.24 -72.63 32.09
CA ARG K 92 8.12 -71.49 33.00
C ARG K 92 9.34 -71.33 33.85
N PHE K 93 10.25 -72.27 33.75
CA PHE K 93 11.52 -72.12 34.42
C PHE K 93 12.46 -71.40 33.49
N ALA K 94 12.26 -71.60 32.20
CA ALA K 94 13.16 -71.08 31.19
C ALA K 94 13.34 -69.57 31.27
N PRO K 95 12.25 -68.81 31.33
CA PRO K 95 12.50 -67.38 31.43
C PRO K 95 13.33 -66.96 32.64
N THR K 96 13.23 -67.67 33.75
CA THR K 96 13.97 -67.31 34.94
C THR K 96 15.45 -67.61 34.85
N ILE K 97 15.83 -68.38 33.85
CA ILE K 97 17.24 -68.63 33.61
C ILE K 97 17.68 -67.95 32.34
N GLY K 98 16.86 -67.03 31.84
CA GLY K 98 17.22 -66.22 30.70
C GLY K 98 16.91 -66.75 29.32
N ILE K 99 16.10 -67.79 29.26
CA ILE K 99 15.66 -68.35 27.99
C ILE K 99 14.30 -67.80 27.60
N ARG K 100 14.20 -67.09 26.49
CA ARG K 100 12.91 -66.59 26.07
C ARG K 100 11.97 -67.69 25.66
N VAL K 101 10.70 -67.55 26.02
CA VAL K 101 9.69 -68.51 25.62
C VAL K 101 8.67 -67.82 24.74
N ASP K 102 7.97 -68.61 23.92
CA ASP K 102 6.97 -68.08 23.01
C ASP K 102 5.91 -69.15 22.81
N ARG K 103 4.77 -68.96 23.45
CA ARG K 103 3.71 -69.95 23.41
C ARG K 103 3.12 -70.07 22.01
N ARG K 104 3.13 -68.96 21.28
CA ARG K 104 2.55 -68.92 19.95
C ARG K 104 3.29 -69.65 18.85
N ARG K 105 4.61 -69.73 18.90
CA ARG K 105 5.28 -70.41 17.80
C ARG K 105 4.91 -71.86 17.71
N LYS K 106 4.81 -72.32 16.48
CA LYS K 106 4.60 -73.71 16.19
C LYS K 106 5.88 -74.21 15.57
N ASN K 107 6.28 -75.43 15.90
CA ASN K 107 7.35 -76.07 15.18
C ASN K 107 6.79 -76.80 13.98
N LYS K 108 6.51 -76.07 12.92
CA LYS K 108 5.91 -76.67 11.75
C LYS K 108 6.84 -77.65 11.05
N SER K 109 8.14 -77.48 11.22
CA SER K 109 9.08 -78.38 10.57
C SER K 109 10.13 -78.85 11.54
N GLU K 110 10.57 -80.08 11.39
CA GLU K 110 11.49 -80.70 12.33
C GLU K 110 12.85 -80.01 12.31
N GLU K 111 13.09 -79.26 11.24
CA GLU K 111 14.35 -78.54 11.02
C GLU K 111 14.57 -77.38 11.97
N GLY K 112 13.61 -76.47 12.05
CA GLY K 112 13.76 -75.33 12.92
C GLY K 112 13.67 -75.81 14.34
N MET K 113 12.79 -76.78 14.55
CA MET K 113 12.72 -77.51 15.79
C MET K 113 14.11 -77.89 16.26
N SER K 114 14.74 -78.83 15.55
CA SER K 114 16.01 -79.40 15.98
C SER K 114 17.17 -78.42 16.01
N ILE K 115 17.10 -77.36 15.23
CA ILE K 115 18.13 -76.34 15.30
C ILE K 115 18.07 -75.65 16.64
N ASN K 116 16.87 -75.53 17.19
CA ASN K 116 16.69 -74.86 18.47
C ASN K 116 16.92 -75.74 19.71
N ILE K 117 16.50 -77.00 19.66
CA ILE K 117 16.69 -77.86 20.81
C ILE K 117 18.18 -78.00 21.05
N GLN K 118 18.95 -77.98 19.97
CA GLN K 118 20.40 -77.91 20.06
C GLN K 118 20.86 -76.59 20.59
N ARG K 119 20.05 -75.58 20.40
CA ARG K 119 20.44 -74.23 20.78
C ARG K 119 20.25 -74.03 22.28
N LEU K 120 19.10 -74.45 22.78
CA LEU K 120 18.85 -74.49 24.20
C LEU K 120 19.77 -75.49 24.88
N LYS K 121 19.96 -76.63 24.24
CA LYS K 121 20.79 -77.67 24.80
C LYS K 121 22.24 -77.23 24.85
N THR K 122 22.65 -76.42 23.87
CA THR K 122 23.93 -75.74 23.88
C THR K 122 24.02 -74.63 24.92
N TYR K 123 22.91 -73.92 25.13
CA TYR K 123 22.87 -72.83 26.10
C TYR K 123 22.94 -73.34 27.52
N MET K 124 22.42 -74.53 27.74
CA MET K 124 22.34 -75.05 29.10
C MET K 124 23.67 -75.62 29.53
N SER K 125 24.56 -75.82 28.58
CA SER K 125 25.92 -76.19 28.93
C SER K 125 26.66 -74.95 29.39
N LYS K 126 26.56 -73.89 28.60
CA LYS K 126 27.20 -72.64 28.92
C LYS K 126 26.64 -72.00 30.18
N LEU K 127 25.41 -72.33 30.53
CA LEU K 127 24.75 -71.67 31.64
C LEU K 127 25.40 -72.00 32.95
N VAL K 128 25.57 -70.98 33.78
CA VAL K 128 25.96 -71.18 35.16
C VAL K 128 24.89 -70.57 36.03
N LEU K 129 24.22 -71.43 36.77
CA LEU K 129 23.08 -71.02 37.56
C LEU K 129 23.47 -70.91 39.02
N PHE K 130 23.41 -69.71 39.58
CA PHE K 130 23.81 -69.56 40.97
C PHE K 130 22.76 -70.21 41.82
N PRO K 131 23.17 -71.15 42.68
CA PRO K 131 22.22 -71.84 43.55
C PRO K 131 21.56 -70.85 44.47
N MET K 132 20.29 -71.04 44.81
CA MET K 132 19.63 -70.13 45.72
C MET K 132 20.28 -70.21 47.09
N SER K 133 20.84 -71.36 47.40
CA SER K 133 21.66 -71.51 48.61
C SER K 133 23.15 -71.49 48.25
N THR K 167 23.85 -68.52 13.81
CA THR K 167 22.73 -69.23 13.23
C THR K 167 23.22 -70.19 12.15
N PRO K 168 23.11 -71.51 12.40
CA PRO K 168 23.44 -72.53 11.41
C PRO K 168 22.59 -72.52 10.15
N ALA K 169 23.24 -72.86 9.05
CA ALA K 169 22.61 -72.92 7.74
C ALA K 169 23.48 -73.76 6.80
N PRO K 170 22.89 -74.21 5.69
CA PRO K 170 23.56 -74.96 4.63
C PRO K 170 24.65 -74.19 3.89
N GLU K 171 25.62 -74.92 3.36
CA GLU K 171 26.60 -74.42 2.41
C GLU K 171 26.96 -75.53 1.44
N ALA K 172 27.46 -75.19 0.25
CA ALA K 172 27.91 -76.20 -0.70
C ALA K 172 29.32 -75.89 -1.19
N PRO K 173 30.09 -76.93 -1.55
CA PRO K 173 31.44 -76.76 -2.09
C PRO K 173 31.45 -76.60 -3.59
N ARG K 174 31.70 -77.69 -4.30
CA ARG K 174 31.68 -77.70 -5.76
C ARG K 174 31.83 -79.10 -6.31
N LYS K 175 31.25 -79.35 -7.47
CA LYS K 175 31.08 -80.72 -7.94
C LYS K 175 31.08 -80.83 -9.45
N VAL K 176 31.43 -82.01 -9.94
CA VAL K 176 31.24 -82.35 -11.33
C VAL K 176 29.76 -82.41 -11.65
N THR K 177 29.37 -81.89 -12.82
CA THR K 177 28.01 -82.07 -13.29
C THR K 177 27.80 -83.52 -13.70
N GLU K 178 26.63 -84.06 -13.41
CA GLU K 178 26.40 -85.48 -13.54
C GLU K 178 25.30 -85.84 -14.55
N GLU K 179 24.12 -86.16 -14.03
CA GLU K 179 22.94 -86.38 -14.86
C GLU K 179 22.31 -85.04 -15.23
N GLU K 180 22.82 -83.98 -14.60
CA GLU K 180 22.25 -82.66 -14.77
C GLU K 180 22.36 -82.19 -16.21
N ARG K 181 23.37 -82.70 -16.91
CA ARG K 181 23.66 -82.24 -18.25
C ARG K 181 22.59 -82.63 -19.25
N THR K 182 21.84 -83.68 -18.95
CA THR K 182 20.84 -84.14 -19.90
C THR K 182 19.56 -83.34 -19.75
N LYS K 183 18.96 -83.43 -18.58
CA LYS K 183 17.64 -82.87 -18.34
C LYS K 183 17.60 -81.36 -18.47
N ASN K 184 16.58 -80.85 -19.15
CA ASN K 184 16.31 -79.43 -19.10
C ASN K 184 15.47 -79.15 -17.89
N VAL K 185 15.98 -78.29 -17.01
CA VAL K 185 15.31 -78.07 -15.76
C VAL K 185 14.17 -77.14 -15.98
N TYR K 186 14.10 -76.52 -17.16
CA TYR K 186 13.03 -75.59 -17.42
C TYR K 186 11.73 -76.30 -17.69
N LYS K 187 11.76 -77.27 -18.59
CA LYS K 187 10.55 -78.02 -18.83
C LYS K 187 10.22 -78.82 -17.60
N PHE K 188 11.20 -79.05 -16.75
CA PHE K 188 10.86 -79.59 -15.45
C PHE K 188 10.24 -78.51 -14.60
N LEU K 189 10.83 -77.32 -14.61
CA LEU K 189 10.30 -76.22 -13.83
C LEU K 189 8.95 -75.79 -14.34
N LYS K 190 8.75 -75.86 -15.65
CA LYS K 190 7.56 -75.30 -16.25
C LYS K 190 6.41 -76.29 -16.22
N LYS K 191 6.69 -77.59 -16.16
CA LYS K 191 5.62 -78.57 -15.98
C LYS K 191 5.04 -78.37 -14.62
N ASN K 192 5.93 -78.32 -13.63
CA ASN K 192 5.54 -78.21 -12.25
C ASN K 192 4.86 -76.89 -11.92
N HIS K 193 5.20 -75.85 -12.66
CA HIS K 193 4.51 -74.59 -12.52
C HIS K 193 3.17 -74.63 -13.21
N SER K 194 3.16 -75.14 -14.44
CA SER K 194 1.92 -75.29 -15.19
C SER K 194 1.01 -76.28 -14.55
N ALA K 195 1.57 -77.26 -13.86
CA ALA K 195 0.77 -78.29 -13.23
C ALA K 195 -0.11 -77.68 -12.18
N VAL K 196 0.41 -76.68 -11.49
CA VAL K 196 -0.35 -76.00 -10.46
C VAL K 196 -1.20 -74.93 -11.06
N ARG K 197 -0.62 -74.22 -12.03
CA ARG K 197 -1.25 -73.09 -12.65
C ARG K 197 -2.50 -73.43 -13.44
N PHE K 198 -2.56 -74.61 -14.02
CA PHE K 198 -3.74 -74.98 -14.80
C PHE K 198 -4.40 -76.21 -14.21
N PHE K 199 -4.07 -76.49 -12.96
CA PHE K 199 -4.63 -77.59 -12.20
C PHE K 199 -6.13 -77.54 -12.03
N GLY K 200 -6.68 -76.34 -11.90
CA GLY K 200 -8.11 -76.21 -11.75
C GLY K 200 -8.80 -76.26 -13.09
N ILE K 201 -8.07 -75.86 -14.12
CA ILE K 201 -8.64 -75.76 -15.46
C ILE K 201 -8.48 -77.09 -16.20
N ARG K 202 -7.73 -78.01 -15.63
CA ARG K 202 -7.56 -79.31 -16.23
C ARG K 202 -8.45 -80.33 -15.56
N ARG K 203 -9.17 -79.89 -14.54
CA ARG K 203 -10.13 -80.74 -13.90
C ARG K 203 -11.43 -80.69 -14.67
N ALA K 204 -11.83 -79.47 -15.03
CA ALA K 204 -13.07 -79.25 -15.76
C ALA K 204 -13.04 -79.86 -17.16
N ARG K 205 -11.86 -79.92 -17.76
CA ARG K 205 -11.72 -80.60 -19.04
C ARG K 205 -11.77 -82.11 -18.83
N HIS L 1 41.19 59.65 -21.93
CA HIS L 1 41.26 58.28 -22.41
C HIS L 1 40.00 57.89 -23.14
N ARG L 2 40.14 57.33 -24.34
CA ARG L 2 39.01 56.70 -24.98
C ARG L 2 39.45 55.33 -25.41
N PRO L 3 38.53 54.36 -25.34
CA PRO L 3 38.73 52.99 -25.82
C PRO L 3 38.71 52.91 -27.34
N GLU L 4 39.21 51.81 -27.86
CA GLU L 4 39.29 51.61 -29.29
C GLU L 4 37.90 51.43 -29.91
N ILE L 5 37.08 52.47 -29.86
CA ILE L 5 35.77 52.46 -30.51
C ILE L 5 35.88 52.71 -32.00
N ILE L 6 34.95 52.16 -32.77
CA ILE L 6 34.87 52.50 -34.17
C ILE L 6 33.44 52.91 -34.48
N VAL L 7 33.26 54.15 -34.89
CA VAL L 7 31.91 54.69 -34.99
C VAL L 7 31.35 54.49 -36.38
N VAL L 8 30.65 53.38 -36.56
CA VAL L 8 30.07 53.10 -37.86
C VAL L 8 29.05 54.15 -38.24
N ASP L 9 29.14 54.64 -39.46
CA ASP L 9 28.13 55.56 -39.94
C ASP L 9 27.08 54.78 -40.69
N LEU L 10 25.88 54.67 -40.11
CA LEU L 10 24.91 53.77 -40.67
C LEU L 10 24.01 54.34 -41.72
N LYS L 11 24.24 55.55 -42.19
CA LYS L 11 23.41 56.09 -43.24
C LYS L 11 23.41 55.27 -44.51
N ASP L 12 22.21 55.07 -45.04
CA ASP L 12 21.98 54.33 -46.27
C ASP L 12 22.63 52.98 -46.24
N HIS L 13 22.55 52.31 -45.10
CA HIS L 13 22.84 50.90 -45.04
C HIS L 13 21.59 50.12 -44.86
N VAL L 14 21.58 48.91 -45.42
CA VAL L 14 20.50 47.99 -45.20
C VAL L 14 20.43 47.70 -43.72
N LEU L 15 19.23 47.75 -43.14
CA LEU L 15 19.07 47.55 -41.71
C LEU L 15 19.64 46.24 -41.22
N GLY L 16 19.25 45.15 -41.84
CA GLY L 16 19.54 43.85 -41.29
C GLY L 16 20.85 43.30 -41.72
N ARG L 17 21.46 43.90 -42.72
CA ARG L 17 22.77 43.46 -43.10
C ARG L 17 23.77 44.17 -42.27
N ALA L 18 23.55 45.45 -42.08
CA ALA L 18 24.40 46.21 -41.20
C ALA L 18 24.24 45.72 -39.79
N ALA L 19 23.03 45.33 -39.44
CA ALA L 19 22.76 44.79 -38.11
C ALA L 19 23.37 43.44 -37.91
N ALA L 20 23.60 42.73 -39.00
CA ALA L 20 24.17 41.39 -38.96
C ALA L 20 25.67 41.44 -38.93
N ILE L 21 26.24 42.38 -39.67
CA ILE L 21 27.68 42.53 -39.67
C ILE L 21 28.15 43.17 -38.39
N VAL L 22 27.42 44.17 -37.93
CA VAL L 22 27.74 44.80 -36.66
C VAL L 22 27.59 43.84 -35.51
N ALA L 23 26.59 42.99 -35.59
CA ALA L 23 26.29 42.08 -34.50
C ALA L 23 27.36 41.04 -34.37
N LYS L 24 28.11 40.83 -35.44
CA LYS L 24 29.18 39.87 -35.44
C LYS L 24 30.46 40.43 -34.87
N GLN L 25 30.75 41.66 -35.24
CA GLN L 25 31.92 42.36 -34.78
C GLN L 25 31.87 42.63 -33.28
N LEU L 26 30.67 42.82 -32.75
CA LEU L 26 30.50 43.00 -31.32
C LEU L 26 30.92 41.76 -30.57
N LEU L 27 30.67 40.62 -31.19
CA LEU L 27 31.12 39.34 -30.66
C LEU L 27 32.62 39.15 -30.76
N LEU L 28 33.22 39.78 -31.76
CA LEU L 28 34.64 39.67 -31.97
C LEU L 28 35.32 40.77 -31.21
N GLY L 29 34.53 41.43 -30.37
CA GLY L 29 35.04 42.39 -29.43
C GLY L 29 35.11 43.82 -29.86
N LYS L 30 34.73 44.13 -31.09
CA LYS L 30 34.75 45.50 -31.54
C LYS L 30 33.79 46.32 -30.70
N LYS L 31 34.17 47.54 -30.35
CA LYS L 31 33.27 48.41 -29.62
C LYS L 31 32.79 49.48 -30.56
N ILE L 32 31.74 49.12 -31.29
CA ILE L 32 31.14 49.93 -32.33
C ILE L 32 30.25 51.01 -31.76
N THR L 33 30.06 52.10 -32.50
CA THR L 33 29.13 53.13 -32.09
C THR L 33 28.32 53.58 -33.29
N ALA L 34 27.20 52.93 -33.53
CA ALA L 34 26.37 53.22 -34.68
C ALA L 34 25.86 54.64 -34.60
N VAL L 35 25.81 55.32 -35.73
CA VAL L 35 25.22 56.64 -35.74
C VAL L 35 24.38 56.79 -36.99
N ARG L 36 23.47 57.74 -36.94
CA ARG L 36 22.61 58.03 -38.06
C ARG L 36 21.73 56.84 -38.38
N CYS L 37 21.29 56.17 -37.32
CA CYS L 37 20.38 55.05 -37.41
C CYS L 37 19.04 55.48 -37.97
N GLU L 38 18.79 56.78 -37.92
CA GLU L 38 17.66 57.39 -38.59
C GLU L 38 17.76 57.11 -40.08
N GLN L 39 18.99 56.97 -40.56
CA GLN L 39 19.25 56.87 -41.99
C GLN L 39 19.36 55.45 -42.50
N LEU L 40 19.18 54.47 -41.63
CA LEU L 40 19.17 53.09 -42.09
C LEU L 40 18.02 52.87 -43.04
N THR L 41 18.26 52.10 -44.10
CA THR L 41 17.20 51.82 -45.06
C THR L 41 16.63 50.44 -44.85
N ILE L 42 15.45 50.19 -45.40
CA ILE L 42 14.90 48.85 -45.39
C ILE L 42 14.31 48.61 -46.77
N ALA L 43 14.30 47.38 -47.24
CA ALA L 43 13.71 47.10 -48.55
C ALA L 43 12.21 47.33 -48.52
N GLY L 44 11.67 47.81 -49.62
CA GLY L 44 10.23 47.96 -49.73
C GLY L 44 9.73 49.36 -49.45
N THR L 45 8.49 49.61 -49.82
CA THR L 45 7.85 50.88 -49.52
C THR L 45 7.68 51.02 -48.04
N GLU L 46 7.60 52.26 -47.56
CA GLU L 46 7.45 52.51 -46.15
C GLU L 46 6.20 51.84 -45.63
N ILE L 47 5.18 51.75 -46.46
CA ILE L 47 3.94 51.11 -46.08
C ILE L 47 4.15 49.62 -45.84
N ARG L 48 5.08 49.01 -46.56
CA ARG L 48 5.38 47.60 -46.32
C ARG L 48 5.96 47.45 -44.94
N ASN L 49 6.70 48.45 -44.52
CA ASN L 49 7.51 48.33 -43.34
C ASN L 49 6.82 48.91 -42.12
N LYS L 50 5.91 49.85 -42.34
CA LYS L 50 5.06 50.30 -41.26
C LYS L 50 4.16 49.17 -40.83
N ILE L 51 3.61 48.46 -41.80
CA ILE L 51 2.75 47.34 -41.51
C ILE L 51 3.51 46.19 -40.87
N LYS L 52 4.78 46.03 -41.21
CA LYS L 52 5.61 45.07 -40.51
C LYS L 52 5.83 45.50 -39.08
N TYR L 53 5.89 46.79 -38.83
CA TYR L 53 6.23 47.23 -37.50
C TYR L 53 4.98 47.26 -36.67
N LEU L 54 3.88 47.69 -37.28
CA LEU L 54 2.60 47.72 -36.60
C LEU L 54 2.06 46.33 -36.33
N GLN L 55 2.60 45.34 -37.01
CA GLN L 55 2.31 43.97 -36.63
C GLN L 55 3.20 43.56 -35.48
N PHE L 56 4.31 44.27 -35.34
CA PHE L 56 5.17 44.07 -34.21
C PHE L 56 4.58 44.70 -32.98
N LEU L 57 4.07 45.90 -33.17
CA LEU L 57 3.56 46.70 -32.07
C LEU L 57 2.29 46.06 -31.56
N ARG L 58 1.72 45.21 -32.38
CA ARG L 58 0.45 44.58 -32.10
C ARG L 58 0.63 43.46 -31.08
N LYS L 59 1.88 43.14 -30.79
CA LYS L 59 2.21 42.02 -29.94
C LYS L 59 2.56 42.46 -28.52
N ARG L 60 1.71 42.13 -27.57
CA ARG L 60 1.91 42.52 -26.19
C ARG L 60 1.29 41.50 -25.29
N LYS L 61 1.78 41.34 -24.08
CA LYS L 61 1.17 40.40 -23.19
C LYS L 61 -0.18 40.95 -22.74
N LEU L 62 -1.26 40.21 -23.00
CA LEU L 62 -2.57 40.62 -22.51
C LEU L 62 -2.66 40.64 -21.01
N SER L 63 -1.94 39.74 -20.37
CA SER L 63 -1.99 39.63 -18.95
C SER L 63 -1.44 40.87 -18.31
N ASN L 64 -0.50 41.50 -18.99
CA ASN L 64 0.21 42.61 -18.41
C ASN L 64 1.20 43.16 -19.41
N PRO L 65 0.77 44.09 -20.26
CA PRO L 65 1.59 44.63 -21.34
C PRO L 65 2.84 45.26 -20.79
N LYS L 66 2.71 45.78 -19.57
CA LYS L 66 3.77 46.40 -18.81
C LYS L 66 5.06 45.60 -18.84
N LEU L 67 4.95 44.28 -18.80
CA LEU L 67 6.12 43.42 -18.86
C LEU L 67 6.25 42.71 -20.20
N GLY L 68 5.53 43.18 -21.19
CA GLY L 68 5.42 42.48 -22.47
C GLY L 68 6.59 42.81 -23.34
N PRO L 69 6.54 42.41 -24.62
CA PRO L 69 7.61 42.85 -25.51
C PRO L 69 7.54 44.33 -25.60
N PHE L 70 8.67 44.99 -25.71
CA PHE L 70 8.68 46.44 -25.69
C PHE L 70 8.96 46.94 -27.05
N HIS L 71 8.17 47.91 -27.50
CA HIS L 71 8.24 48.31 -28.87
C HIS L 71 8.87 49.67 -28.93
N HIS L 72 10.19 49.71 -28.86
CA HIS L 72 10.96 50.93 -28.98
C HIS L 72 10.78 51.49 -30.36
N ARG L 73 10.71 52.80 -30.46
CA ARG L 73 10.35 53.45 -31.70
C ARG L 73 11.47 54.31 -32.23
N SER L 74 12.50 54.50 -31.44
CA SER L 74 13.69 55.20 -31.89
C SER L 74 14.34 54.36 -32.94
N PRO L 75 14.79 54.95 -34.04
CA PRO L 75 15.46 54.13 -35.03
C PRO L 75 16.67 53.44 -34.44
N SER L 76 17.31 54.09 -33.49
CA SER L 76 18.49 53.57 -32.82
C SER L 76 18.13 52.45 -31.86
N ASP L 77 17.07 52.63 -31.09
CA ASP L 77 16.57 51.57 -30.26
C ASP L 77 16.06 50.43 -31.11
N ILE L 78 15.55 50.75 -32.30
CA ILE L 78 15.16 49.72 -33.26
C ILE L 78 16.36 49.00 -33.83
N PHE L 79 17.49 49.68 -33.90
CA PHE L 79 18.67 49.05 -34.44
C PHE L 79 19.36 48.22 -33.37
N LEU L 80 19.32 48.68 -32.13
CA LEU L 80 19.78 47.87 -31.03
C LEU L 80 18.97 46.61 -30.85
N ARG L 81 17.66 46.69 -31.02
CA ARG L 81 16.87 45.48 -30.89
C ARG L 81 17.15 44.56 -32.04
N THR L 82 17.38 45.13 -33.21
CA THR L 82 17.70 44.34 -34.38
C THR L 82 19.04 43.69 -34.22
N VAL L 83 19.94 44.35 -33.52
CA VAL L 83 21.28 43.82 -33.35
C VAL L 83 21.38 42.93 -32.13
N ARG L 84 20.46 43.03 -31.17
CA ARG L 84 20.44 42.07 -30.07
C ARG L 84 19.71 40.82 -30.47
N SER L 85 19.00 40.85 -31.57
CA SER L 85 18.29 39.67 -31.98
C SER L 85 19.25 38.80 -32.75
N MET L 86 20.38 39.38 -33.09
CA MET L 86 21.41 38.71 -33.85
C MET L 86 22.61 38.32 -33.02
N LEU L 87 22.50 38.42 -31.71
CA LEU L 87 23.57 37.96 -30.86
C LEU L 87 23.05 37.24 -29.63
N PRO L 88 23.88 36.37 -29.03
CA PRO L 88 23.44 35.53 -27.91
C PRO L 88 22.98 36.39 -26.76
N ARG L 89 21.72 36.82 -26.77
CA ARG L 89 21.32 37.91 -25.91
C ARG L 89 21.05 37.44 -24.48
N TYR L 90 21.15 36.15 -24.24
CA TYR L 90 20.88 35.65 -22.90
C TYR L 90 22.14 35.17 -22.18
N THR L 91 23.08 34.62 -22.92
CA THR L 91 24.41 34.41 -22.39
C THR L 91 25.06 35.76 -22.14
N LYS L 92 25.99 35.83 -21.19
CA LYS L 92 26.65 37.08 -20.91
C LYS L 92 27.57 37.51 -22.04
N ARG L 93 28.01 36.57 -22.88
CA ARG L 93 28.90 36.89 -23.99
C ARG L 93 28.21 37.87 -24.91
N GLY L 94 26.90 37.74 -25.02
CA GLY L 94 26.14 38.52 -25.97
C GLY L 94 25.46 39.70 -25.35
N GLN L 95 25.05 39.54 -24.10
CA GLN L 95 24.53 40.62 -23.30
C GLN L 95 25.60 41.69 -23.14
N LYS L 96 26.84 41.23 -23.07
CA LYS L 96 28.01 42.09 -23.07
C LYS L 96 28.26 42.77 -24.38
N ALA L 97 28.19 42.01 -25.45
CA ALA L 97 28.46 42.55 -26.77
C ALA L 97 27.42 43.58 -27.13
N LEU L 98 26.19 43.39 -26.68
CA LEU L 98 25.15 44.36 -26.98
C LEU L 98 25.36 45.69 -26.30
N ARG L 99 26.03 45.68 -25.15
CA ARG L 99 26.30 46.92 -24.45
C ARG L 99 27.54 47.56 -24.99
N GLN L 100 28.24 46.89 -25.88
CA GLN L 100 29.40 47.48 -26.52
C GLN L 100 28.99 48.25 -27.74
N LEU L 101 27.72 48.17 -28.08
CA LEU L 101 27.15 48.94 -29.18
C LEU L 101 26.44 50.15 -28.65
N VAL L 102 26.71 51.32 -29.21
CA VAL L 102 25.98 52.52 -28.85
C VAL L 102 25.35 53.14 -30.08
N ALA L 103 24.07 52.87 -30.30
CA ALA L 103 23.35 53.53 -31.36
C ALA L 103 23.05 54.98 -31.04
N TYR L 104 23.09 55.84 -32.06
CA TYR L 104 22.54 57.18 -31.94
C TYR L 104 21.75 57.54 -33.19
N GLU L 105 20.68 58.28 -32.99
CA GLU L 105 20.03 59.02 -34.07
C GLU L 105 20.96 60.16 -34.43
N GLY L 106 21.10 60.43 -35.71
CA GLY L 106 22.05 61.45 -36.09
C GLY L 106 23.43 61.06 -35.65
N ILE L 107 24.33 62.02 -35.65
CA ILE L 107 25.65 61.86 -35.08
C ILE L 107 25.92 62.91 -34.01
N PRO L 108 25.81 62.51 -32.73
CA PRO L 108 25.92 63.30 -31.51
C PRO L 108 27.28 63.95 -31.31
N THR L 109 27.27 65.12 -30.70
CA THR L 109 28.43 65.97 -30.65
C THR L 109 29.62 65.33 -29.93
N ASN L 110 29.36 64.41 -29.02
CA ASN L 110 30.44 63.66 -28.42
C ASN L 110 31.11 62.74 -29.43
N VAL L 111 30.35 62.26 -30.40
CA VAL L 111 30.83 61.26 -31.35
C VAL L 111 31.33 61.90 -32.63
N VAL L 112 30.88 63.11 -32.90
CA VAL L 112 31.43 63.86 -34.01
C VAL L 112 32.77 64.41 -33.57
N ARG L 113 33.62 64.71 -34.54
CA ARG L 113 34.91 65.32 -34.25
C ARG L 113 35.66 64.44 -33.28
N THR L 114 35.52 63.13 -33.44
CA THR L 114 36.20 62.16 -32.60
C THR L 114 37.14 61.31 -33.45
N GLY L 115 36.83 61.19 -34.73
CA GLY L 115 37.64 60.39 -35.63
C GLY L 115 36.84 60.10 -36.88
N GLY L 116 37.46 59.41 -37.83
CA GLY L 116 36.80 59.16 -39.09
C GLY L 116 35.68 58.19 -38.83
N ARG L 117 34.68 58.17 -39.70
CA ARG L 117 33.56 57.28 -39.48
C ARG L 117 33.61 56.15 -40.46
N VAL L 118 33.44 54.95 -39.96
CA VAL L 118 33.51 53.81 -40.82
C VAL L 118 32.19 53.58 -41.50
N VAL L 119 32.19 52.60 -42.39
CA VAL L 119 31.10 52.32 -43.28
C VAL L 119 31.12 50.83 -43.50
N ILE L 120 29.99 50.25 -43.87
CA ILE L 120 29.98 48.83 -44.11
C ILE L 120 29.54 48.60 -45.54
N PRO L 121 30.51 48.43 -46.44
CA PRO L 121 30.26 48.24 -47.86
C PRO L 121 29.36 47.05 -48.17
N LYS L 122 29.42 45.99 -47.38
CA LYS L 122 28.50 44.88 -47.57
C LYS L 122 27.08 45.26 -47.18
N ALA L 123 26.92 46.34 -46.44
CA ALA L 123 25.59 46.76 -46.00
C ALA L 123 25.15 48.05 -46.65
N GLN L 124 25.93 48.55 -47.59
CA GLN L 124 25.53 49.70 -48.39
C GLN L 124 24.23 49.45 -49.12
N ARG L 125 23.40 50.46 -49.20
CA ARG L 125 22.12 50.35 -49.90
C ARG L 125 22.31 50.10 -51.38
N HIS L 126 23.27 50.78 -51.99
CA HIS L 126 23.51 50.56 -53.41
C HIS L 126 24.08 49.19 -53.70
N TYR L 127 24.77 48.65 -52.71
CA TYR L 127 25.34 47.33 -52.83
C TYR L 127 24.26 46.26 -52.75
N CYS L 128 23.11 46.62 -52.18
CA CYS L 128 22.13 45.63 -51.79
C CYS L 128 20.84 45.73 -52.58
N TYR L 129 20.25 46.92 -52.61
CA TYR L 129 18.99 47.12 -53.31
C TYR L 129 19.19 47.28 -54.79
N ARG L 130 18.15 46.99 -55.54
CA ARG L 130 18.30 46.92 -56.99
C ARG L 130 18.12 48.32 -57.58
N SER L 131 18.26 49.32 -56.73
CA SER L 131 18.33 50.72 -57.16
C SER L 131 16.99 51.28 -57.61
N GLU L 132 16.26 50.55 -58.43
CA GLU L 132 14.98 51.07 -58.88
C GLU L 132 13.82 50.53 -58.02
N ARG L 133 14.08 49.48 -57.23
CA ARG L 133 13.13 49.02 -56.23
C ARG L 133 12.94 50.09 -55.16
N PRO L 134 11.72 50.25 -54.64
CA PRO L 134 11.45 51.18 -53.53
C PRO L 134 12.17 50.81 -52.26
N TYR L 135 12.57 51.78 -51.44
CA TYR L 135 13.17 51.45 -50.15
C TYR L 135 12.70 52.37 -49.03
N THR L 136 12.66 51.81 -47.83
CA THR L 136 12.23 52.52 -46.63
C THR L 136 13.42 53.06 -45.87
N VAL L 137 13.65 54.37 -45.87
CA VAL L 137 14.59 54.92 -44.90
C VAL L 137 13.98 54.77 -43.51
N LEU L 138 14.78 54.32 -42.55
CA LEU L 138 14.22 53.84 -41.28
C LEU L 138 13.62 54.91 -40.39
N GLY L 139 14.29 56.04 -40.26
CA GLY L 139 13.79 57.05 -39.35
C GLY L 139 12.55 57.67 -39.91
N ASN L 140 12.33 57.47 -41.20
CA ASN L 140 11.15 57.95 -41.86
C ASN L 140 9.92 57.11 -41.57
N MET L 141 10.05 55.79 -41.58
CA MET L 141 8.91 54.96 -41.19
C MET L 141 8.57 55.12 -39.73
N CYS L 142 9.58 55.33 -38.90
CA CYS L 142 9.35 55.23 -37.47
C CYS L 142 8.82 56.53 -36.93
N LYS L 143 8.89 57.57 -37.75
CA LYS L 143 8.24 58.83 -37.46
C LYS L 143 6.74 58.64 -37.48
N HIS L 144 6.31 57.73 -38.34
CA HIS L 144 4.89 57.46 -38.51
C HIS L 144 4.42 56.43 -37.52
N VAL L 145 5.37 55.86 -36.79
CA VAL L 145 5.11 54.78 -35.86
C VAL L 145 5.23 55.22 -34.40
N GLY L 146 5.64 56.45 -34.19
CA GLY L 146 5.62 57.00 -32.85
C GLY L 146 6.86 57.73 -32.39
N TRP L 147 7.97 57.59 -33.10
CA TRP L 147 9.17 58.32 -32.73
C TRP L 147 8.87 59.80 -32.84
N LYS L 148 9.23 60.55 -31.81
CA LYS L 148 8.74 61.91 -31.66
C LYS L 148 9.82 62.90 -31.98
N TYR L 149 11.02 62.39 -32.22
CA TYR L 149 12.21 63.20 -32.25
C TYR L 149 12.78 63.21 -33.63
N SER L 150 12.00 62.75 -34.59
CA SER L 150 12.43 62.72 -35.96
C SER L 150 12.77 64.09 -36.46
N ASP L 151 12.10 65.11 -35.95
CA ASP L 151 12.44 66.47 -36.37
C ASP L 151 13.44 67.13 -35.44
N VAL L 152 13.54 66.64 -34.21
CA VAL L 152 14.60 67.10 -33.34
C VAL L 152 15.95 66.70 -33.88
N VAL L 153 16.02 65.53 -34.49
CA VAL L 153 17.28 65.03 -35.00
C VAL L 153 17.66 65.74 -36.27
N LYS L 154 16.68 66.00 -37.12
CA LYS L 154 16.93 66.73 -38.35
C LYS L 154 17.40 68.14 -38.09
N LYS L 155 16.89 68.76 -37.04
CA LYS L 155 17.37 70.07 -36.66
C LYS L 155 18.80 69.99 -36.17
N LEU L 156 19.15 68.87 -35.54
CA LEU L 156 20.49 68.64 -35.04
C LEU L 156 21.44 68.28 -36.14
N GLU L 157 20.98 67.42 -37.04
CA GLU L 157 21.74 67.02 -38.21
C GLU L 157 22.01 68.19 -39.11
N THR L 158 21.08 69.12 -39.16
CA THR L 158 21.29 70.33 -39.92
C THR L 158 22.38 71.18 -39.31
N ALA L 159 22.47 71.14 -37.99
CA ALA L 159 23.41 71.98 -37.28
C ALA L 159 24.82 71.45 -37.35
N ARG L 160 24.99 70.15 -37.19
CA ARG L 160 26.33 69.59 -37.29
C ARG L 160 26.88 69.70 -38.69
N VAL L 161 26.00 69.61 -39.68
CA VAL L 161 26.40 69.75 -41.07
C VAL L 161 26.78 71.16 -41.44
N GLU L 162 25.97 72.13 -41.04
CA GLU L 162 26.26 73.51 -41.34
C GLU L 162 27.49 73.93 -40.58
N LYS L 163 27.69 73.30 -39.43
CA LYS L 163 28.83 73.56 -38.57
C LYS L 163 30.10 72.88 -39.07
N ALA L 164 29.96 71.63 -39.48
CA ALA L 164 31.08 70.89 -40.03
C ALA L 164 31.51 71.50 -41.34
N ALA L 165 30.56 72.07 -42.06
CA ALA L 165 30.88 72.68 -43.34
C ALA L 165 31.57 74.02 -43.17
N ARG L 166 31.21 74.72 -42.11
CA ARG L 166 31.89 75.98 -41.80
C ARG L 166 33.31 75.74 -41.41
N HIS L 167 33.57 74.62 -40.77
CA HIS L 167 34.90 74.28 -40.33
C HIS L 167 35.70 73.66 -41.47
N HIS L 168 35.00 73.26 -42.52
CA HIS L 168 35.67 72.68 -43.66
C HIS L 168 36.27 73.74 -44.55
N LYS L 169 35.84 74.97 -44.39
CA LYS L 169 36.41 76.05 -45.16
C LYS L 169 37.07 77.06 -44.24
N LYS L 170 36.97 76.80 -42.95
CA LYS L 170 37.81 77.44 -41.96
C LYS L 170 39.22 76.89 -42.10
N THR L 171 39.30 75.67 -42.63
CA THR L 171 40.56 74.95 -42.70
C THR L 171 41.02 74.76 -44.11
N GLU L 172 40.33 75.40 -45.04
CA GLU L 172 40.68 75.26 -46.44
C GLU L 172 42.04 75.88 -46.72
N LYS L 173 42.36 76.97 -46.02
CA LYS L 173 43.66 77.59 -46.16
C LYS L 173 44.73 76.68 -45.61
N LEU L 174 44.34 75.89 -44.60
CA LEU L 174 45.27 75.00 -43.94
C LEU L 174 45.55 73.76 -44.76
N ARG L 175 44.50 73.11 -45.23
CA ARG L 175 44.67 71.92 -46.06
C ARG L 175 45.38 72.29 -47.32
N ALA L 176 45.13 73.50 -47.80
CA ALA L 176 45.75 73.97 -49.03
C ALA L 176 47.23 74.17 -48.85
N ALA L 177 47.63 74.42 -47.62
CA ALA L 177 49.04 74.62 -47.32
C ALA L 177 49.79 73.31 -47.43
N TRP L 178 49.28 72.29 -46.77
CA TRP L 178 49.95 71.00 -46.80
C TRP L 178 49.93 70.41 -48.20
N LYS L 179 48.89 70.69 -48.99
CA LYS L 179 48.89 70.27 -50.37
C LYS L 179 50.00 70.94 -51.14
N SER L 180 50.21 72.21 -50.85
CA SER L 180 51.23 72.96 -51.55
C SER L 180 52.58 72.62 -50.95
N ALA L 181 52.61 72.48 -49.63
CA ALA L 181 53.84 72.18 -48.94
C ALA L 181 54.35 70.80 -49.29
N ARG L 182 53.43 69.90 -49.58
CA ARG L 182 53.81 68.52 -49.80
C ARG L 182 54.23 68.31 -51.25
N LYS L 183 53.60 69.04 -52.16
CA LYS L 183 53.98 68.97 -53.56
C LYS L 183 55.38 69.52 -53.80
N GLU L 184 55.75 70.52 -53.01
CA GLU L 184 57.06 71.13 -53.19
C GLU L 184 58.09 70.36 -52.37
N ALA L 185 57.61 69.46 -51.52
CA ALA L 185 58.48 68.53 -50.81
C ALA L 185 59.12 67.52 -51.74
N LEU L 186 58.44 67.17 -52.83
CA LEU L 186 59.02 66.27 -53.81
C LEU L 186 60.19 66.92 -54.51
N SER L 187 60.12 68.25 -54.63
CA SER L 187 61.13 68.99 -55.35
C SER L 187 62.32 69.21 -54.46
N LYS L 188 62.16 68.86 -53.19
CA LYS L 188 63.20 69.10 -52.22
C LYS L 188 64.37 68.15 -52.40
N VAL L 189 65.09 67.88 -51.33
CA VAL L 189 66.35 67.17 -51.44
C VAL L 189 66.12 65.69 -51.65
N SER L 190 64.88 65.26 -51.52
CA SER L 190 64.56 63.86 -51.74
C SER L 190 64.78 63.48 -53.21
N LYS L 191 66.04 63.24 -53.59
CA LYS L 191 66.36 62.92 -54.99
C LYS L 191 66.19 61.46 -55.36
N ASN L 192 67.04 60.60 -54.83
CA ASN L 192 66.91 59.18 -55.04
C ASN L 192 65.59 58.69 -54.50
N ASN L 193 65.13 59.36 -53.46
CA ASN L 193 63.84 59.05 -52.91
C ASN L 193 62.74 59.41 -53.89
N LEU L 194 63.01 60.37 -54.75
CA LEU L 194 62.00 60.81 -55.71
C LEU L 194 61.75 59.71 -56.74
N GLU L 195 62.72 58.83 -56.91
CA GLU L 195 62.55 57.72 -57.84
C GLU L 195 61.92 56.53 -57.13
N VAL L 196 62.16 56.41 -55.84
CA VAL L 196 61.52 55.36 -55.08
C VAL L 196 60.10 55.74 -54.76
N LEU L 197 59.78 57.02 -54.93
CA LEU L 197 58.42 57.50 -54.79
C LEU L 197 57.65 57.40 -56.10
N LYS L 198 58.34 57.57 -57.22
CA LYS L 198 57.72 57.39 -58.53
C LYS L 198 57.27 55.95 -58.71
N LYS L 199 58.18 55.01 -58.47
CA LYS L 199 57.76 53.63 -58.32
C LYS L 199 56.91 53.64 -57.07
N PHE L 200 55.83 52.87 -57.08
CA PHE L 200 54.87 52.85 -55.97
C PHE L 200 53.84 53.99 -56.07
N GLY L 201 54.04 54.92 -57.00
CA GLY L 201 53.01 55.88 -57.35
C GLY L 201 52.91 57.15 -56.53
N TYR L 202 53.78 57.30 -55.54
CA TYR L 202 53.81 58.50 -54.72
C TYR L 202 54.43 59.69 -55.45
N ALA L 203 54.13 60.89 -54.96
N ASN M 1 31.32 55.19 -69.02
CA ASN M 1 31.51 55.20 -70.45
C ASN M 1 31.12 53.87 -71.09
N TYR M 2 30.46 53.95 -72.23
CA TYR M 2 29.77 52.81 -72.83
C TYR M 2 30.66 51.65 -73.22
N ILE M 3 30.18 50.44 -72.94
CA ILE M 3 30.90 49.25 -73.37
C ILE M 3 30.39 48.84 -74.74
N ARG M 4 31.32 48.52 -75.62
CA ARG M 4 31.06 48.22 -77.01
C ARG M 4 32.29 47.56 -77.56
N ALA M 5 32.23 47.06 -78.79
CA ALA M 5 33.44 46.51 -79.38
C ALA M 5 34.49 47.60 -79.51
N GLY M 6 35.71 47.27 -79.14
CA GLY M 6 36.80 48.23 -79.14
C GLY M 6 36.98 49.00 -77.85
N ARG M 7 36.05 48.84 -76.91
CA ARG M 7 36.24 49.44 -75.59
C ARG M 7 37.36 48.71 -74.90
N LEU M 8 38.13 49.44 -74.10
CA LEU M 8 39.30 48.84 -73.49
C LEU M 8 39.09 48.59 -72.01
N VAL M 9 38.43 47.49 -71.70
CA VAL M 9 38.08 47.13 -70.34
C VAL M 9 39.30 46.80 -69.51
N ARG M 10 39.20 47.00 -68.22
CA ARG M 10 40.18 46.54 -67.26
C ARG M 10 39.60 45.35 -66.54
N ILE M 11 40.24 44.19 -66.63
CA ILE M 11 39.77 43.05 -65.86
C ILE M 11 39.89 43.41 -64.40
N ILE M 12 38.96 42.98 -63.57
CA ILE M 12 39.07 43.34 -62.17
C ILE M 12 39.64 42.22 -61.30
N ARG M 13 38.80 41.25 -60.97
CA ARG M 13 39.05 40.39 -59.83
C ARG M 13 39.53 39.00 -60.17
N GLY M 14 39.59 38.66 -61.45
CA GLY M 14 39.90 37.30 -61.83
C GLY M 14 41.37 36.95 -61.74
N PRO M 15 41.74 35.76 -62.25
CA PRO M 15 43.15 35.33 -62.30
C PRO M 15 44.01 36.32 -63.04
N ARG M 16 43.44 36.93 -64.07
CA ARG M 16 44.11 38.02 -64.76
C ARG M 16 43.62 39.34 -64.22
N GLN M 17 44.07 39.65 -63.01
CA GLN M 17 43.64 40.79 -62.21
C GLN M 17 43.68 42.11 -62.96
N ASP M 18 44.81 42.79 -62.82
CA ASP M 18 44.98 44.14 -63.32
C ASP M 18 44.84 44.30 -64.81
N ARG M 19 45.08 43.22 -65.55
CA ARG M 19 45.25 43.31 -67.00
C ARG M 19 44.05 43.90 -67.70
N VAL M 20 44.32 44.65 -68.76
CA VAL M 20 43.27 45.25 -69.57
C VAL M 20 43.06 44.40 -70.81
N GLY M 21 42.44 44.99 -71.82
CA GLY M 21 42.14 44.24 -73.02
C GLY M 21 40.89 44.76 -73.70
N VAL M 22 40.95 44.84 -75.02
CA VAL M 22 39.86 45.39 -75.78
C VAL M 22 38.67 44.45 -75.83
N VAL M 23 37.46 45.00 -75.80
CA VAL M 23 36.26 44.22 -75.95
C VAL M 23 36.09 43.88 -77.41
N VAL M 24 36.53 42.69 -77.79
CA VAL M 24 36.46 42.28 -79.19
C VAL M 24 35.04 42.18 -79.69
N ASP M 25 34.22 41.43 -78.98
CA ASP M 25 32.84 41.29 -79.38
C ASP M 25 31.94 41.04 -78.20
N ILE M 26 30.81 41.72 -78.21
CA ILE M 26 29.80 41.49 -77.21
C ILE M 26 29.25 40.10 -77.44
N ILE M 27 28.90 39.39 -76.38
CA ILE M 27 28.17 38.16 -76.53
C ILE M 27 26.73 38.53 -76.33
N ASP M 28 26.25 38.32 -75.12
CA ASP M 28 25.01 38.96 -74.72
C ASP M 28 25.30 40.04 -73.67
N GLY M 29 24.30 40.42 -72.91
CA GLY M 29 24.39 41.62 -72.11
C GLY M 29 25.23 41.46 -70.87
N ASN M 30 25.55 40.23 -70.54
CA ASN M 30 26.33 39.95 -69.37
C ASN M 30 27.68 39.32 -69.65
N ARG M 31 28.13 39.39 -70.90
CA ARG M 31 29.43 38.85 -71.27
C ARG M 31 30.01 39.51 -72.51
N VAL M 32 31.31 39.33 -72.69
CA VAL M 32 32.04 39.89 -73.81
C VAL M 32 33.25 39.03 -74.10
N LEU M 33 33.85 39.17 -75.28
CA LEU M 33 35.09 38.49 -75.59
C LEU M 33 36.26 39.43 -75.50
N VAL M 34 36.97 39.40 -74.38
CA VAL M 34 38.10 40.29 -74.19
C VAL M 34 39.31 39.81 -74.95
N GLU M 35 40.13 40.75 -75.39
CA GLU M 35 41.33 40.42 -76.12
C GLU M 35 42.40 41.48 -75.95
N ASN M 36 43.66 41.06 -76.06
CA ASN M 36 44.77 41.98 -75.93
C ASN M 36 46.11 41.35 -76.24
N PRO M 37 46.61 41.61 -77.45
CA PRO M 37 47.88 41.10 -77.96
C PRO M 37 49.07 41.48 -77.08
N ALA M 38 49.01 42.65 -76.45
CA ALA M 38 50.13 43.16 -75.68
C ALA M 38 50.50 42.31 -74.43
N ASP M 39 49.51 41.71 -73.78
CA ASP M 39 49.81 40.76 -72.70
C ASP M 39 49.73 39.31 -73.15
N LYS M 40 50.56 38.46 -72.55
CA LYS M 40 50.61 37.06 -72.92
C LYS M 40 49.32 36.35 -72.61
N LYS M 41 48.69 36.76 -71.51
CA LYS M 41 47.58 36.01 -70.93
C LYS M 41 46.22 36.61 -71.23
N MET M 42 46.19 37.57 -72.13
CA MET M 42 44.94 38.16 -72.52
C MET M 42 44.51 37.67 -73.88
N TRP M 43 44.74 36.39 -74.13
CA TRP M 43 44.24 35.76 -75.33
C TRP M 43 42.75 35.79 -75.21
N ARG M 44 42.06 35.79 -76.34
CA ARG M 44 40.63 36.03 -76.30
C ARG M 44 39.93 35.04 -75.40
N HIS M 45 39.02 35.56 -74.60
CA HIS M 45 38.34 34.79 -73.58
C HIS M 45 37.05 35.48 -73.21
N VAL M 46 36.16 34.74 -72.56
CA VAL M 46 34.88 35.28 -72.18
C VAL M 46 34.87 35.90 -70.77
N GLN M 47 35.23 37.16 -70.66
CA GLN M 47 34.97 37.87 -69.41
C GLN M 47 33.50 38.18 -69.21
N ASN M 48 33.02 38.06 -67.98
CA ASN M 48 31.72 38.57 -67.60
C ASN M 48 31.79 40.09 -67.48
N LEU M 49 30.72 40.80 -67.78
CA LEU M 49 30.73 42.24 -67.63
C LEU M 49 30.83 42.67 -66.18
N LYS M 50 30.37 41.83 -65.26
CA LYS M 50 30.50 42.16 -63.87
C LYS M 50 31.97 42.27 -63.54
N ASN M 51 32.78 41.47 -64.23
CA ASN M 51 34.20 41.36 -63.93
C ASN M 51 35.07 42.45 -64.53
N VAL M 52 34.56 43.16 -65.52
CA VAL M 52 35.37 44.15 -66.21
C VAL M 52 34.95 45.56 -65.86
N GLU M 53 35.91 46.46 -65.91
CA GLU M 53 35.66 47.88 -65.66
C GLU M 53 36.01 48.66 -66.91
N PRO M 54 35.01 49.20 -67.61
CA PRO M 54 35.35 49.87 -68.87
C PRO M 54 36.29 51.03 -68.65
N LEU M 55 37.25 51.21 -69.55
CA LEU M 55 38.16 52.32 -69.45
C LEU M 55 37.72 53.43 -70.38
N LYS M 56 38.23 54.62 -70.14
CA LYS M 56 37.89 55.77 -70.97
C LYS M 56 38.42 55.62 -72.38
N PHE M 57 39.42 54.78 -72.54
CA PHE M 57 39.95 54.43 -73.86
C PHE M 57 39.04 53.49 -74.63
N SER M 58 39.11 53.56 -75.95
CA SER M 58 38.37 52.65 -76.82
C SER M 58 38.73 52.86 -78.29
N VAL M 59 39.50 51.94 -78.83
CA VAL M 59 39.81 51.96 -80.25
C VAL M 59 38.54 51.75 -81.07
N GLU M 60 38.41 52.44 -82.19
CA GLU M 60 37.33 52.14 -83.11
C GLU M 60 37.54 50.76 -83.71
N LEU M 61 36.49 49.95 -83.76
CA LEU M 61 36.63 48.58 -84.25
C LEU M 61 35.31 47.88 -84.53
N SER M 62 35.41 46.76 -85.26
CA SER M 62 34.26 46.00 -85.74
C SER M 62 34.09 44.65 -85.06
N ARG M 63 32.86 44.25 -84.78
CA ARG M 63 32.62 43.07 -83.97
C ARG M 63 33.15 41.78 -84.61
N ASN M 64 33.61 40.86 -83.77
CA ASN M 64 34.19 39.62 -84.22
C ASN M 64 35.45 39.85 -85.04
N CYS M 65 36.10 40.97 -84.78
CA CYS M 65 37.31 41.32 -85.52
C CYS M 65 38.43 40.33 -85.18
N SER M 66 39.22 39.95 -86.18
CA SER M 66 40.32 39.01 -85.97
C SER M 66 41.41 39.63 -85.12
N THR M 67 42.16 38.78 -84.42
CA THR M 67 43.16 39.27 -83.47
C THR M 67 44.33 40.01 -84.12
N LYS M 68 44.80 39.53 -85.26
CA LYS M 68 45.94 40.16 -85.93
C LYS M 68 45.56 41.55 -86.42
N THR M 69 44.27 41.75 -86.66
CA THR M 69 43.74 43.07 -86.97
C THR M 69 43.91 43.99 -85.77
N LEU M 70 43.87 43.41 -84.58
CA LEU M 70 43.91 44.20 -83.35
C LEU M 70 45.33 44.50 -82.93
N LYS M 71 46.23 43.55 -83.11
CA LYS M 71 47.63 43.79 -82.81
C LYS M 71 48.12 44.83 -83.77
N ASN M 72 47.36 44.98 -84.86
CA ASN M 72 47.49 46.13 -85.72
C ASN M 72 46.95 47.36 -85.01
N VAL M 73 45.63 47.49 -85.02
CA VAL M 73 45.01 48.80 -84.84
C VAL M 73 45.36 49.49 -83.53
N LEU M 74 45.45 48.74 -82.45
CA LEU M 74 45.82 49.36 -81.19
C LEU M 74 47.25 49.84 -81.25
N ALA M 75 48.06 49.20 -82.09
CA ALA M 75 49.45 49.64 -82.28
C ALA M 75 49.52 51.00 -82.95
N GLU M 76 48.51 51.30 -83.76
CA GLU M 76 48.49 52.54 -84.51
C GLU M 76 48.00 53.69 -83.64
N LYS M 77 47.55 53.36 -82.43
CA LYS M 77 47.17 54.36 -81.47
C LYS M 77 48.04 54.28 -80.23
N LYS M 78 48.48 53.09 -79.90
CA LYS M 78 49.11 52.83 -78.62
C LYS M 78 48.12 53.19 -77.52
N ILE M 79 46.90 52.67 -77.64
CA ILE M 79 45.91 52.85 -76.59
C ILE M 79 46.41 52.27 -75.30
N LEU M 80 47.23 51.23 -75.39
CA LEU M 80 47.80 50.62 -74.21
C LEU M 80 48.92 51.46 -73.62
N GLU M 81 49.85 51.88 -74.48
CA GLU M 81 50.99 52.64 -74.00
C GLU M 81 50.48 53.99 -73.45
N LYS M 82 49.40 54.48 -74.06
CA LYS M 82 48.72 55.67 -73.58
C LYS M 82 47.98 55.45 -72.26
N TYR M 83 47.53 54.22 -72.05
CA TYR M 83 46.74 53.91 -70.86
C TYR M 83 47.59 53.87 -69.60
N ALA M 84 48.77 53.30 -69.73
CA ALA M 84 49.66 53.16 -68.60
C ALA M 84 50.11 54.54 -68.11
N ALA M 85 50.00 55.53 -68.99
CA ALA M 85 50.39 56.89 -68.65
C ALA M 85 49.52 57.50 -67.57
N THR M 86 48.28 57.04 -67.47
CA THR M 86 47.29 57.63 -66.57
C THR M 86 47.53 57.26 -65.12
N LYS M 87 47.12 58.14 -64.21
CA LYS M 87 47.30 57.86 -62.79
C LYS M 87 46.44 56.68 -62.40
N SER M 88 45.34 56.48 -63.12
CA SER M 88 44.47 55.37 -62.84
C SER M 88 45.18 54.06 -63.12
N ALA M 89 46.09 54.09 -64.10
CA ALA M 89 46.87 52.93 -64.45
C ALA M 89 48.06 52.78 -63.53
N ARG M 90 48.73 53.90 -63.27
CA ARG M 90 49.92 53.88 -62.43
C ARG M 90 49.56 53.43 -61.02
N ARG M 91 48.38 53.81 -60.56
CA ARG M 91 47.94 53.44 -59.23
C ARG M 91 47.81 51.93 -59.13
N ILE M 92 47.43 51.33 -60.24
CA ILE M 92 47.26 49.89 -60.29
C ILE M 92 48.60 49.18 -60.34
N ALA M 93 49.56 49.77 -61.04
CA ALA M 93 50.90 49.20 -61.09
C ALA M 93 51.69 49.60 -59.87
N ALA M 94 51.22 50.62 -59.18
CA ALA M 94 51.90 51.09 -57.99
C ALA M 94 51.61 50.16 -56.85
N LYS M 95 50.33 49.85 -56.63
CA LYS M 95 49.94 48.90 -55.62
C LYS M 95 50.46 47.53 -56.00
N ARG M 96 50.67 47.34 -57.28
CA ARG M 96 51.17 46.07 -57.78
C ARG M 96 52.68 46.00 -57.66
N ALA M 97 53.30 47.10 -57.27
CA ALA M 97 54.73 47.09 -56.98
C ALA M 97 55.00 46.96 -55.49
N PHE M 98 54.08 47.48 -54.69
CA PHE M 98 54.24 47.42 -53.25
C PHE M 98 53.95 46.02 -52.76
N ALA M 99 52.91 45.42 -53.30
CA ALA M 99 52.58 44.03 -52.98
C ALA M 99 53.65 43.09 -53.50
N ARG M 100 54.25 43.45 -54.62
CA ARG M 100 55.27 42.64 -55.26
C ARG M 100 56.65 42.88 -54.63
N SER M 101 56.74 43.87 -53.75
CA SER M 101 58.01 44.35 -53.22
C SER M 101 58.65 43.52 -52.12
N THR M 102 59.98 43.57 -52.06
CA THR M 102 60.72 42.93 -50.98
C THR M 102 60.88 43.89 -49.83
N ASP M 103 61.28 43.36 -48.68
CA ASP M 103 61.32 44.12 -47.45
C ASP M 103 62.23 45.33 -47.50
N PHE M 104 63.34 45.23 -48.20
CA PHE M 104 64.28 46.33 -48.28
C PHE M 104 63.79 47.44 -49.17
N GLU M 105 62.96 47.11 -50.15
CA GLU M 105 62.35 48.15 -50.95
C GLU M 105 61.37 48.94 -50.09
N ARG M 106 60.73 48.27 -49.14
CA ARG M 106 59.84 48.94 -48.21
C ARG M 106 60.58 49.77 -47.19
N TYR M 107 61.82 49.44 -46.89
CA TYR M 107 62.66 50.39 -46.18
C TYR M 107 62.92 51.55 -47.09
N GLN M 108 63.19 51.23 -48.33
CA GLN M 108 63.76 52.14 -49.27
C GLN M 108 62.67 53.12 -49.67
N LEU M 109 61.44 52.74 -49.36
CA LEU M 109 60.29 53.62 -49.50
C LEU M 109 60.05 54.47 -48.26
N ARG M 110 60.12 53.85 -47.09
CA ARG M 110 59.81 54.56 -45.85
C ARG M 110 60.79 55.68 -45.66
N VAL M 111 62.00 55.48 -46.13
CA VAL M 111 63.03 56.50 -46.06
C VAL M 111 62.64 57.68 -46.92
N ALA M 112 61.89 57.42 -47.99
CA ALA M 112 61.43 58.48 -48.87
C ALA M 112 60.15 59.10 -48.36
N LYS M 113 59.22 58.26 -47.90
CA LYS M 113 57.98 58.76 -47.32
C LYS M 113 58.23 59.48 -46.01
N ARG M 114 59.39 59.29 -45.40
CA ARG M 114 59.81 60.22 -44.37
C ARG M 114 60.67 61.33 -44.90
N SER M 115 61.47 61.04 -45.92
CA SER M 115 62.32 62.08 -46.45
C SER M 115 61.44 63.20 -46.96
N ARG M 116 60.27 62.83 -47.46
CA ARG M 116 59.32 63.80 -47.98
C ARG M 116 58.40 64.36 -46.92
N ALA M 117 57.94 63.50 -46.04
CA ALA M 117 57.10 63.94 -44.95
C ALA M 117 57.86 64.86 -44.03
N PHE M 118 59.18 64.66 -43.95
CA PHE M 118 60.01 65.59 -43.21
C PHE M 118 60.09 66.93 -43.90
N TRP M 119 60.26 66.92 -45.21
CA TRP M 119 60.35 68.17 -45.93
C TRP M 119 59.00 68.78 -46.18
N THR M 120 57.95 68.00 -46.01
CA THR M 120 56.62 68.58 -46.05
C THR M 120 56.49 69.52 -44.86
N ARG M 121 57.15 69.18 -43.76
CA ARG M 121 57.04 70.01 -42.57
C ARG M 121 58.04 71.15 -42.66
N LYS M 122 59.21 70.84 -43.21
CA LYS M 122 60.26 71.83 -43.38
C LYS M 122 59.79 72.94 -44.31
N VAL M 123 59.01 72.57 -45.31
CA VAL M 123 58.48 73.54 -46.24
C VAL M 123 57.44 74.37 -45.52
N PHE M 124 56.60 73.65 -44.79
CA PHE M 124 55.49 74.19 -44.02
C PHE M 124 55.96 75.06 -42.88
N ASP M 125 56.99 74.63 -42.17
CA ASP M 125 57.47 75.42 -41.05
C ASP M 125 57.98 76.75 -41.58
N GLU M 126 58.66 76.69 -42.73
CA GLU M 126 59.18 77.89 -43.37
C GLU M 126 58.00 78.74 -43.74
N ASN M 127 56.97 78.08 -44.25
CA ASN M 127 55.76 78.74 -44.68
C ASN M 127 54.84 78.98 -43.50
N ASP M 128 55.27 78.50 -42.33
CA ASP M 128 54.56 78.69 -41.08
C ASP M 128 54.55 80.17 -40.77
N LYS M 129 55.53 80.88 -41.31
CA LYS M 129 55.65 82.31 -41.11
C LYS M 129 54.36 82.95 -41.62
N LYS M 130 53.88 82.46 -42.75
CA LYS M 130 52.63 82.94 -43.31
C LYS M 130 51.60 82.02 -42.69
N LYS M 131 50.55 82.60 -42.11
CA LYS M 131 49.50 81.82 -41.46
C LYS M 131 48.70 81.03 -42.49
N PRO M 132 47.86 79.98 -42.09
CA PRO M 132 47.73 79.74 -40.65
C PRO M 132 48.09 78.34 -40.17
N VAL M 133 48.38 78.26 -38.88
CA VAL M 133 48.69 77.03 -38.16
C VAL M 133 48.28 77.29 -36.72
N SER M 134 47.90 76.26 -35.98
CA SER M 134 47.51 76.47 -34.59
C SER M 134 48.71 77.02 -33.84
N TRP M 135 49.88 76.47 -34.11
CA TRP M 135 51.10 76.93 -33.46
C TRP M 135 51.53 78.35 -33.81
N HIS M 136 51.43 78.75 -35.07
CA HIS M 136 51.86 80.09 -35.48
C HIS M 136 50.74 81.11 -35.63
N LYS M 137 49.70 80.75 -36.38
CA LYS M 137 48.58 81.66 -36.58
C LYS M 137 47.83 81.95 -35.29
N VAL M 138 47.64 80.92 -34.47
CA VAL M 138 46.93 81.13 -33.22
C VAL M 138 47.74 82.10 -32.38
N ALA M 139 49.06 81.89 -32.36
CA ALA M 139 49.97 82.74 -31.61
C ALA M 139 50.10 84.20 -32.07
N LEU M 140 50.14 84.46 -33.37
CA LEU M 140 50.30 85.84 -33.83
C LEU M 140 49.12 86.70 -33.39
N LYS M 141 47.93 86.17 -33.58
CA LYS M 141 46.68 86.78 -33.16
C LYS M 141 46.60 86.73 -31.64
N LYS M 142 47.09 85.61 -31.08
CA LYS M 142 47.06 85.36 -29.64
C LYS M 142 47.78 86.46 -28.93
N LEU M 143 48.88 86.93 -29.51
CA LEU M 143 49.61 88.05 -28.93
C LEU M 143 48.70 89.29 -28.98
N GLN M 144 47.95 89.50 -30.08
CA GLN M 144 47.04 90.65 -30.11
C GLN M 144 46.44 90.97 -28.73
N LYS M 145 46.01 89.92 -28.01
CA LYS M 145 45.51 90.07 -26.64
C LYS M 145 46.61 90.53 -25.67
N ASN M 146 47.83 90.01 -25.87
CA ASN M 146 48.99 90.35 -25.03
C ASN M 146 49.43 91.80 -25.19
N ALA M 147 49.44 92.29 -26.43
CA ALA M 147 49.79 93.68 -26.73
C ALA M 147 48.82 94.68 -26.09
N LYS M 148 47.54 94.33 -26.07
CA LYS M 148 46.50 95.16 -25.44
C LYS M 148 46.69 95.30 -23.92
N LYS M 149 47.21 94.26 -23.27
CA LYS M 149 47.51 94.29 -21.83
C LYS M 149 48.65 95.26 -21.51
N GLY N 1 -23.34 -75.42 37.10
CA GLY N 1 -23.10 -74.47 36.04
C GLY N 1 -24.22 -73.47 35.86
N ALA N 2 -24.61 -72.81 36.94
CA ALA N 2 -25.77 -71.93 36.92
C ALA N 2 -25.61 -70.79 35.96
N PHE N 3 -24.37 -70.35 35.74
CA PHE N 3 -24.12 -69.29 34.79
C PHE N 3 -24.51 -69.72 33.40
N MET N 4 -24.32 -70.99 33.10
CA MET N 4 -24.51 -71.47 31.75
C MET N 4 -25.98 -71.44 31.41
N TYR N 5 -26.81 -71.56 32.44
CA TYR N 5 -28.25 -71.49 32.24
C TYR N 5 -28.73 -70.08 32.16
N LEU N 6 -28.15 -69.24 33.00
CA LEU N 6 -28.54 -67.88 33.08
C LEU N 6 -27.95 -67.08 31.96
N ASN N 7 -26.93 -67.62 31.31
CA ASN N 7 -26.32 -66.94 30.20
C ASN N 7 -27.07 -67.22 28.91
N GLU N 8 -27.43 -68.48 28.70
CA GLU N 8 -28.29 -68.82 27.56
C GLU N 8 -29.75 -68.46 27.75
N LEU N 9 -30.23 -68.27 28.97
CA LEU N 9 -31.57 -67.73 29.10
C LEU N 9 -31.64 -66.32 28.57
N TRP N 10 -30.56 -65.57 28.72
CA TRP N 10 -30.43 -64.22 28.18
C TRP N 10 -30.02 -64.15 26.74
N LYS N 11 -29.69 -65.28 26.14
CA LYS N 11 -29.40 -65.31 24.72
C LYS N 11 -30.68 -65.44 23.94
N LYS N 12 -31.77 -65.66 24.64
CA LYS N 12 -33.08 -65.77 24.04
C LYS N 12 -33.88 -64.53 24.33
N LYS N 13 -33.34 -63.35 24.03
CA LYS N 13 -34.00 -62.12 24.41
C LYS N 13 -35.34 -61.98 23.74
N SER N 14 -35.50 -62.65 22.62
CA SER N 14 -36.71 -62.58 21.84
C SER N 14 -37.77 -63.59 22.23
N SER N 15 -37.44 -64.49 23.13
CA SER N 15 -38.39 -65.48 23.60
C SER N 15 -39.46 -64.78 24.38
N ASP N 16 -40.69 -65.26 24.29
CA ASP N 16 -41.81 -64.53 24.85
C ASP N 16 -41.76 -64.43 26.36
N VAL N 17 -41.03 -65.32 27.02
CA VAL N 17 -40.91 -65.17 28.45
C VAL N 17 -39.90 -64.10 28.75
N MET N 18 -38.76 -64.15 28.08
CA MET N 18 -37.74 -63.15 28.26
C MET N 18 -38.21 -61.84 27.67
N ARG N 19 -39.05 -61.90 26.66
CA ARG N 19 -39.63 -60.71 26.07
C ARG N 19 -40.64 -60.05 27.00
N PHE N 20 -41.23 -60.84 27.89
CA PHE N 20 -42.17 -60.35 28.88
C PHE N 20 -41.48 -59.74 30.07
N ILE N 21 -40.41 -60.38 30.53
CA ILE N 21 -39.66 -59.88 31.66
C ILE N 21 -39.05 -58.56 31.33
N GLN N 22 -38.54 -58.48 30.12
CA GLN N 22 -37.91 -57.29 29.62
C GLN N 22 -38.88 -56.17 29.40
N ARG N 23 -40.08 -56.56 29.07
CA ARG N 23 -41.17 -55.60 28.95
CA ARG N 23 -41.19 -55.61 28.95
C ARG N 23 -41.75 -54.73 30.12
N VAL N 24 -41.72 -55.61 31.19
CA VAL N 24 -42.12 -55.08 32.47
C VAL N 24 -41.03 -54.19 33.02
N ARG N 25 -39.78 -54.54 32.76
CA ARG N 25 -38.66 -53.75 33.23
C ARG N 25 -38.57 -52.42 32.53
N ALA N 26 -38.65 -52.46 31.21
CA ALA N 26 -38.54 -51.24 30.44
C ALA N 26 -39.65 -50.33 30.81
N TRP N 27 -40.80 -50.90 31.15
CA TRP N 27 -41.85 -50.13 31.75
C TRP N 27 -41.38 -49.61 33.07
N GLU N 28 -40.83 -50.51 33.87
CA GLU N 28 -40.47 -50.18 35.22
C GLU N 28 -39.32 -49.18 35.22
N PHE N 29 -38.42 -49.29 34.24
CA PHE N 29 -37.26 -48.41 34.15
C PHE N 29 -37.60 -47.04 33.60
N ARG N 30 -38.66 -46.91 32.83
CA ARG N 30 -39.05 -45.61 32.32
C ARG N 30 -39.49 -44.69 33.41
N HIS N 31 -39.94 -45.27 34.50
CA HIS N 31 -40.46 -44.48 35.58
C HIS N 31 -39.42 -44.37 36.66
N GLN N 32 -38.19 -44.19 36.21
CA GLN N 32 -37.04 -44.06 37.08
C GLN N 32 -36.08 -43.07 36.47
N HIS N 33 -35.13 -42.63 37.28
CA HIS N 33 -34.20 -41.61 36.88
C HIS N 33 -33.24 -42.14 35.87
N THR N 34 -32.62 -41.23 35.13
CA THR N 34 -31.68 -41.62 34.11
C THR N 34 -30.54 -42.42 34.67
N VAL N 35 -30.12 -42.11 35.90
CA VAL N 35 -29.23 -43.01 36.59
C VAL N 35 -29.95 -43.55 37.81
N VAL N 36 -29.75 -44.82 38.09
CA VAL N 36 -30.38 -45.51 39.20
C VAL N 36 -29.42 -46.53 39.78
N ARG N 37 -28.99 -46.38 41.02
CA ARG N 37 -28.16 -47.43 41.58
C ARG N 37 -28.96 -48.64 41.98
N LEU N 38 -28.33 -49.81 41.88
CA LEU N 38 -28.92 -51.09 42.15
C LEU N 38 -28.14 -51.73 43.29
N ARG N 39 -28.76 -52.42 44.23
CA ARG N 39 -27.89 -53.14 45.15
C ARG N 39 -27.31 -54.35 44.44
N ARG N 40 -28.04 -54.82 43.44
CA ARG N 40 -27.56 -55.93 42.63
C ARG N 40 -27.77 -55.64 41.16
N PRO N 41 -26.93 -56.22 40.30
CA PRO N 41 -27.10 -56.16 38.85
C PRO N 41 -28.39 -56.84 38.41
N THR N 42 -29.02 -56.35 37.35
CA THR N 42 -30.13 -57.08 36.75
C THR N 42 -29.62 -58.38 36.15
N ARG N 43 -28.35 -58.37 35.76
CA ARG N 43 -27.75 -59.51 35.11
C ARG N 43 -26.48 -59.90 35.84
N PRO N 44 -26.64 -60.63 36.93
CA PRO N 44 -25.51 -60.97 37.79
C PRO N 44 -24.42 -61.70 37.05
N GLU N 45 -24.80 -62.51 36.07
CA GLU N 45 -23.84 -63.33 35.37
C GLU N 45 -23.09 -62.50 34.34
N LYS N 46 -23.76 -61.47 33.85
CA LYS N 46 -23.19 -60.60 32.84
C LYS N 46 -22.32 -59.52 33.46
N ALA N 47 -22.77 -59.01 34.60
CA ALA N 47 -21.97 -58.06 35.33
C ALA N 47 -20.69 -58.70 35.80
N ARG N 48 -20.74 -59.98 36.12
CA ARG N 48 -19.57 -60.64 36.67
C ARG N 48 -18.54 -60.96 35.61
N MET N 49 -19.00 -61.14 34.38
CA MET N 49 -18.12 -61.27 33.23
C MET N 49 -17.29 -60.05 33.04
N LEU N 50 -17.88 -58.92 33.39
CA LEU N 50 -17.31 -57.63 33.11
C LEU N 50 -16.54 -57.13 34.32
N GLY N 51 -16.39 -58.01 35.29
CA GLY N 51 -15.53 -57.72 36.41
C GLY N 51 -16.21 -57.36 37.70
N TYR N 52 -17.53 -57.18 37.65
CA TYR N 52 -18.30 -56.98 38.86
C TYR N 52 -18.11 -58.17 39.78
N LYS N 53 -17.97 -57.91 41.08
CA LYS N 53 -17.96 -58.98 42.07
C LYS N 53 -18.80 -58.52 43.22
N THR N 54 -19.60 -59.39 43.82
CA THR N 54 -20.43 -58.93 44.90
C THR N 54 -19.54 -58.68 46.08
N LYS N 55 -18.90 -57.53 46.11
CA LYS N 55 -17.99 -57.15 47.16
C LYS N 55 -18.25 -55.72 47.56
N GLN N 56 -17.74 -55.33 48.71
CA GLN N 56 -17.78 -53.94 49.12
C GLN N 56 -17.04 -53.13 48.07
N GLY N 57 -17.54 -51.96 47.73
CA GLY N 57 -16.85 -51.10 46.79
C GLY N 57 -17.11 -51.37 45.32
N PHE N 58 -17.88 -52.41 45.03
CA PHE N 58 -18.48 -52.59 43.71
C PHE N 58 -19.93 -52.16 43.77
N SER N 59 -20.32 -51.27 42.88
CA SER N 59 -21.70 -50.83 42.85
C SER N 59 -22.20 -50.77 41.44
N VAL N 60 -23.49 -50.98 41.26
CA VAL N 60 -24.05 -51.06 39.92
C VAL N 60 -25.04 -49.94 39.69
N PHE N 61 -25.11 -49.48 38.45
CA PHE N 61 -25.91 -48.33 38.11
C PHE N 61 -26.59 -48.56 36.79
N ARG N 62 -27.87 -48.25 36.72
CA ARG N 62 -28.57 -48.39 35.46
C ARG N 62 -28.82 -47.04 34.84
N VAL N 63 -28.07 -46.79 33.78
CA VAL N 63 -28.02 -45.49 33.16
C VAL N 63 -28.81 -45.49 31.87
N ARG N 64 -29.84 -44.66 31.81
CA ARG N 64 -30.66 -44.58 30.61
C ARG N 64 -30.07 -43.72 29.53
N VAL N 65 -30.43 -44.01 28.29
CA VAL N 65 -29.91 -43.27 27.16
C VAL N 65 -30.97 -43.25 26.08
N ARG N 66 -31.34 -42.07 25.59
CA ARG N 66 -32.28 -41.99 24.49
C ARG N 66 -31.71 -42.59 23.24
N ARG N 67 -32.54 -43.36 22.54
CA ARG N 67 -32.12 -44.03 21.33
C ARG N 67 -32.26 -43.11 20.14
N GLY N 68 -31.83 -43.59 18.99
CA GLY N 68 -31.95 -42.86 17.75
C GLY N 68 -30.77 -41.99 17.48
N GLY N 69 -30.70 -41.44 16.27
CA GLY N 69 -29.52 -40.71 15.85
C GLY N 69 -29.40 -39.35 16.45
N ARG N 70 -28.18 -38.83 16.43
CA ARG N 70 -27.91 -37.48 16.87
C ARG N 70 -28.51 -36.47 15.93
N LYS N 71 -29.13 -35.45 16.48
CA LYS N 71 -29.39 -34.25 15.72
C LYS N 71 -28.30 -33.24 16.00
N ARG N 72 -27.58 -32.84 14.97
CA ARG N 72 -26.50 -31.92 15.15
C ARG N 72 -27.02 -30.53 15.48
N PRO N 73 -26.55 -29.97 16.58
CA PRO N 73 -27.07 -28.81 17.30
C PRO N 73 -26.76 -27.46 16.67
N VAL N 74 -26.80 -27.38 15.35
CA VAL N 74 -26.70 -26.10 14.66
C VAL N 74 -28.00 -25.31 14.83
N HIS N 75 -27.90 -23.99 14.92
CA HIS N 75 -29.06 -23.11 15.09
C HIS N 75 -30.04 -23.17 13.94
N LYS N 76 -31.32 -23.25 14.29
CA LYS N 76 -32.44 -23.32 13.36
C LYS N 76 -32.28 -24.42 12.32
N GLY N 77 -31.28 -25.26 12.51
CA GLY N 77 -31.07 -26.38 11.63
C GLY N 77 -30.27 -26.03 10.40
N ILE N 78 -29.87 -24.77 10.32
CA ILE N 78 -29.06 -24.32 9.22
C ILE N 78 -27.61 -24.74 9.40
N THR N 79 -26.92 -24.94 8.28
CA THR N 79 -25.53 -25.32 8.27
C THR N 79 -24.81 -24.49 7.26
N TYR N 80 -23.58 -24.13 7.59
CA TYR N 80 -22.86 -23.16 6.80
C TYR N 80 -21.67 -23.83 6.14
N GLY N 81 -21.09 -23.18 5.15
CA GLY N 81 -20.01 -23.79 4.45
C GLY N 81 -20.50 -24.87 3.52
N LYS N 82 -19.64 -25.84 3.22
CA LYS N 82 -19.89 -26.74 2.11
C LYS N 82 -21.05 -27.69 2.35
N PRO N 83 -21.74 -28.04 1.28
CA PRO N 83 -22.95 -28.88 1.20
C PRO N 83 -22.75 -30.25 1.82
N LYS N 84 -21.54 -30.78 1.73
CA LYS N 84 -21.20 -31.99 2.46
C LYS N 84 -21.45 -31.88 3.95
N THR N 85 -21.10 -30.73 4.51
CA THR N 85 -21.09 -30.58 5.95
C THR N 85 -22.47 -30.16 6.41
N SER N 86 -23.36 -30.01 5.44
CA SER N 86 -24.76 -29.81 5.69
C SER N 86 -25.31 -31.15 6.13
N GLY N 87 -26.58 -31.17 6.50
CA GLY N 87 -27.12 -32.40 7.02
C GLY N 87 -27.16 -32.31 8.51
N VAL N 88 -28.37 -32.36 9.03
CA VAL N 88 -28.61 -32.19 10.44
C VAL N 88 -29.06 -33.49 11.08
N LEU N 89 -30.03 -34.11 10.44
CA LEU N 89 -30.72 -35.22 11.04
C LEU N 89 -29.97 -36.52 10.85
N GLY N 90 -29.38 -36.71 9.67
CA GLY N 90 -28.85 -38.00 9.29
C GLY N 90 -27.45 -38.38 9.72
N VAL N 91 -26.63 -37.39 10.05
CA VAL N 91 -25.30 -37.70 10.56
C VAL N 91 -25.41 -38.29 11.94
N LYS N 92 -24.61 -39.31 12.22
CA LYS N 92 -24.74 -40.06 13.45
C LYS N 92 -23.60 -39.77 14.38
N LEU N 93 -23.84 -39.88 15.68
CA LEU N 93 -22.79 -39.71 16.65
C LEU N 93 -21.76 -40.81 16.44
N ASN N 94 -20.48 -40.46 16.44
CA ASN N 94 -19.45 -41.45 16.26
C ASN N 94 -19.02 -41.99 17.59
N LYS N 95 -20.00 -42.24 18.43
CA LYS N 95 -19.78 -42.76 19.75
C LYS N 95 -20.89 -43.71 20.13
N ASN N 96 -20.48 -44.74 20.82
CA ASN N 96 -21.25 -45.91 21.17
C ASN N 96 -22.36 -45.50 22.13
N SER N 97 -23.44 -46.25 22.27
CA SER N 97 -24.38 -45.91 23.35
C SER N 97 -24.05 -46.55 24.71
N ARG N 98 -23.30 -47.64 24.76
CA ARG N 98 -22.66 -48.05 26.00
C ARG N 98 -21.64 -47.06 26.44
N ALA N 99 -21.04 -46.40 25.48
CA ALA N 99 -20.05 -45.41 25.82
C ALA N 99 -20.71 -44.22 26.46
N ILE N 100 -21.79 -43.74 25.86
CA ILE N 100 -22.47 -42.56 26.34
C ILE N 100 -23.07 -42.78 27.70
N ALA N 101 -23.48 -44.01 27.98
CA ALA N 101 -24.03 -44.36 29.28
C ALA N 101 -22.95 -44.54 30.32
N GLU N 102 -21.81 -45.09 29.94
CA GLU N 102 -20.66 -45.14 30.81
C GLU N 102 -20.12 -43.75 31.09
N GLN N 103 -20.31 -42.83 30.16
CA GLN N 103 -19.82 -41.48 30.35
C GLN N 103 -20.78 -40.61 31.10
N ARG N 104 -22.07 -40.83 30.94
CA ARG N 104 -23.01 -40.06 31.74
C ARG N 104 -22.76 -40.36 33.17
N LEU N 105 -22.67 -41.66 33.47
CA LEU N 105 -22.54 -42.11 34.84
C LEU N 105 -21.26 -41.66 35.49
N GLY N 106 -20.16 -41.75 34.76
CA GLY N 106 -18.87 -41.55 35.34
C GLY N 106 -18.62 -40.09 35.54
N LYS N 107 -19.43 -39.28 34.89
CA LYS N 107 -19.31 -37.84 35.02
C LYS N 107 -20.20 -37.33 36.14
N LYS N 108 -21.36 -37.95 36.31
CA LYS N 108 -22.21 -37.62 37.44
C LYS N 108 -21.54 -37.98 38.76
N TYR N 109 -20.79 -39.06 38.75
CA TYR N 109 -20.27 -39.63 39.97
C TYR N 109 -18.78 -39.82 39.85
N GLY N 110 -18.02 -38.76 40.05
CA GLY N 110 -16.59 -38.80 39.83
C GLY N 110 -15.95 -39.45 41.03
N ASN N 111 -16.80 -39.71 42.00
CA ASN N 111 -16.45 -40.48 43.19
C ASN N 111 -15.95 -41.84 42.82
N LEU N 112 -16.43 -42.34 41.69
CA LEU N 112 -16.30 -43.74 41.33
C LEU N 112 -15.44 -43.93 40.11
N ARG N 113 -15.31 -45.17 39.66
CA ARG N 113 -14.60 -45.46 38.44
C ARG N 113 -15.27 -46.61 37.73
N VAL N 114 -15.85 -46.32 36.57
CA VAL N 114 -16.67 -47.29 35.90
C VAL N 114 -15.78 -48.37 35.38
N LEU N 115 -16.24 -49.61 35.43
CA LEU N 115 -15.40 -50.69 35.04
C LEU N 115 -15.84 -51.13 33.65
N ASN N 116 -17.12 -51.47 33.57
CA ASN N 116 -17.78 -51.80 32.32
C ASN N 116 -19.23 -51.52 32.43
N SER N 117 -19.90 -51.60 31.29
CA SER N 117 -21.33 -51.54 31.26
C SER N 117 -21.82 -52.62 30.36
N TYR N 118 -23.07 -52.99 30.53
CA TYR N 118 -23.66 -53.98 29.68
C TYR N 118 -25.06 -53.55 29.40
N TRP N 119 -25.57 -54.03 28.29
CA TRP N 119 -26.92 -53.71 27.89
C TRP N 119 -27.88 -54.38 28.84
N VAL N 120 -28.91 -53.66 29.23
CA VAL N 120 -29.87 -54.21 30.16
C VAL N 120 -31.23 -54.34 29.51
N ASN N 121 -31.64 -53.33 28.78
CA ASN N 121 -32.94 -53.34 28.18
C ASN N 121 -33.03 -52.20 27.19
N ALA N 122 -34.07 -52.15 26.40
CA ALA N 122 -34.21 -51.06 25.44
C ALA N 122 -35.62 -50.98 24.89
N ASP N 123 -36.39 -50.02 25.37
CA ASP N 123 -37.71 -49.86 24.81
C ASP N 123 -37.57 -49.08 23.53
N SER N 124 -38.65 -48.50 23.06
CA SER N 124 -38.58 -47.71 21.86
C SER N 124 -37.73 -46.45 22.04
N THR N 125 -37.80 -45.83 23.20
CA THR N 125 -37.19 -44.53 23.36
C THR N 125 -35.83 -44.63 24.01
N PHE N 126 -35.60 -45.63 24.84
CA PHE N 126 -34.42 -45.65 25.67
C PHE N 126 -33.67 -46.96 25.59
N VAL N 127 -32.38 -46.91 25.88
CA VAL N 127 -31.63 -48.12 26.15
C VAL N 127 -31.14 -48.02 27.57
N TRP N 128 -31.05 -49.13 28.26
CA TRP N 128 -30.51 -49.11 29.61
C TRP N 128 -29.29 -49.98 29.65
N TYR N 129 -28.19 -49.39 30.08
CA TYR N 129 -26.98 -50.11 30.33
C TYR N 129 -26.72 -50.03 31.81
N GLU N 130 -26.55 -51.17 32.47
CA GLU N 130 -26.15 -51.11 33.86
C GLU N 130 -24.64 -51.10 33.94
N VAL N 131 -24.10 -49.98 34.42
CA VAL N 131 -22.67 -49.83 34.65
C VAL N 131 -22.23 -50.49 35.92
N VAL N 132 -21.00 -50.98 35.95
CA VAL N 132 -20.40 -51.51 37.16
C VAL N 132 -19.31 -50.60 37.66
N ALA N 133 -19.66 -49.53 38.36
CA ALA N 133 -18.63 -48.66 38.91
C ALA N 133 -17.94 -49.32 40.09
N VAL N 134 -16.64 -49.12 40.19
CA VAL N 134 -15.89 -49.46 41.38
C VAL N 134 -15.68 -48.20 42.18
N ASP N 135 -15.67 -48.31 43.49
CA ASP N 135 -15.30 -47.17 44.29
C ASP N 135 -13.84 -47.33 44.64
N PRO N 136 -13.01 -46.43 44.12
CA PRO N 136 -11.56 -46.54 44.24
C PRO N 136 -11.11 -46.58 45.68
N MET N 137 -11.83 -45.91 46.56
CA MET N 137 -11.33 -45.78 47.91
C MET N 137 -11.99 -46.65 48.92
N CYS N 138 -12.79 -47.60 48.47
CA CYS N 138 -13.21 -48.65 49.37
C CYS N 138 -11.99 -49.50 49.66
N ARG N 139 -11.78 -49.87 50.91
CA ARG N 139 -10.62 -50.65 51.28
C ARG N 139 -10.58 -52.02 50.62
N THR N 140 -11.76 -52.59 50.37
CA THR N 140 -11.82 -53.88 49.75
C THR N 140 -11.23 -53.85 48.36
N ILE N 141 -11.46 -52.74 47.68
CA ILE N 141 -10.95 -52.56 46.34
C ILE N 141 -9.45 -52.32 46.36
N ARG N 142 -9.01 -51.49 47.30
CA ARG N 142 -7.64 -51.04 47.36
C ARG N 142 -6.72 -52.22 47.57
N ARG N 143 -7.26 -53.25 48.19
CA ARG N 143 -6.44 -54.32 48.73
C ARG N 143 -6.58 -55.62 47.95
N ASP N 144 -7.43 -55.62 46.94
CA ASP N 144 -7.63 -56.77 46.08
C ASP N 144 -6.79 -56.68 44.83
N PRO N 145 -5.89 -57.65 44.64
CA PRO N 145 -4.97 -57.62 43.50
C PRO N 145 -5.66 -57.62 42.15
N ARG N 146 -6.84 -58.22 42.06
CA ARG N 146 -7.55 -58.32 40.81
C ARG N 146 -8.18 -57.03 40.36
N ILE N 147 -8.39 -56.10 41.27
CA ILE N 147 -9.15 -54.90 40.94
C ILE N 147 -8.46 -53.58 41.25
N ASN N 148 -7.39 -53.59 42.02
CA ASN N 148 -6.89 -52.34 42.56
C ASN N 148 -6.17 -51.52 41.52
N TRP N 149 -6.08 -52.03 40.30
CA TRP N 149 -5.55 -51.22 39.21
C TRP N 149 -6.44 -50.02 39.00
N ILE N 150 -7.73 -50.18 39.27
CA ILE N 150 -8.70 -49.17 38.96
C ILE N 150 -8.43 -47.95 39.86
N VAL N 151 -7.83 -48.22 41.01
CA VAL N 151 -7.48 -47.17 41.96
C VAL N 151 -6.42 -46.23 41.46
N ASN N 152 -5.55 -46.75 40.59
CA ASN N 152 -4.43 -45.98 40.09
C ASN N 152 -4.93 -44.82 39.26
N ALA N 153 -4.28 -43.68 39.39
CA ALA N 153 -4.84 -42.42 38.92
C ALA N 153 -5.00 -42.40 37.42
N VAL N 154 -4.34 -43.31 36.73
CA VAL N 154 -4.36 -43.33 35.29
C VAL N 154 -5.74 -43.62 34.74
N HIS N 155 -6.60 -44.20 35.57
CA HIS N 155 -7.92 -44.55 35.14
C HIS N 155 -9.01 -43.65 35.70
N LYS N 156 -8.67 -42.44 36.14
CA LYS N 156 -9.63 -41.60 36.84
C LYS N 156 -10.96 -41.54 36.11
N HIS N 157 -10.96 -41.09 34.87
CA HIS N 157 -12.16 -41.21 34.07
C HIS N 157 -11.86 -41.97 32.82
N ARG N 158 -11.70 -43.27 32.95
CA ARG N 158 -11.45 -44.13 31.82
C ARG N 158 -12.49 -43.95 30.75
N GLU N 159 -13.74 -43.87 31.14
CA GLU N 159 -14.83 -43.82 30.18
C GLU N 159 -14.83 -42.58 29.34
N GLN N 160 -14.43 -41.46 29.92
CA GLN N 160 -14.43 -40.18 29.22
C GLN N 160 -13.35 -40.19 28.19
N ARG N 161 -12.35 -41.02 28.45
CA ARG N 161 -11.26 -41.20 27.54
C ARG N 161 -11.47 -42.36 26.62
N GLY N 162 -12.63 -42.99 26.69
CA GLY N 162 -12.96 -44.05 25.78
C GLY N 162 -12.13 -45.28 25.97
N LEU N 163 -11.83 -45.59 27.22
CA LEU N 163 -10.97 -46.72 27.53
C LEU N 163 -11.74 -47.97 27.87
N THR N 164 -12.97 -47.79 28.32
CA THR N 164 -13.82 -48.91 28.66
C THR N 164 -14.13 -49.70 27.43
N SER N 165 -14.69 -50.88 27.59
CA SER N 165 -14.89 -51.77 26.46
C SER N 165 -15.81 -51.18 25.40
N ALA N 166 -16.73 -50.32 25.81
CA ALA N 166 -17.62 -49.69 24.88
C ALA N 166 -16.85 -48.68 24.08
N GLY N 167 -16.02 -47.95 24.79
CA GLY N 167 -15.25 -46.88 24.20
C GLY N 167 -14.10 -47.39 23.39
N ARG N 168 -13.76 -48.66 23.55
CA ARG N 168 -12.84 -49.32 22.63
C ARG N 168 -13.56 -49.85 21.40
N LYS N 169 -14.85 -50.10 21.53
CA LYS N 169 -15.61 -50.57 20.41
C LYS N 169 -15.74 -49.51 19.35
N HIS N 170 -16.14 -48.30 19.72
CA HIS N 170 -16.36 -47.29 18.70
C HIS N 170 -15.04 -46.70 18.32
N ARG N 171 -14.04 -47.01 19.10
CA ARG N 171 -12.72 -46.48 18.86
C ARG N 171 -11.97 -47.41 17.93
N GLY N 172 -12.64 -48.49 17.54
CA GLY N 172 -12.15 -49.38 16.50
C GLY N 172 -11.21 -50.43 17.00
N LEU N 173 -10.95 -50.46 18.30
CA LEU N 173 -9.89 -51.28 18.83
C LEU N 173 -10.34 -52.71 19.04
N ARG N 174 -11.46 -53.07 18.47
CA ARG N 174 -11.85 -54.47 18.52
C ARG N 174 -11.26 -55.20 17.36
N HIS N 175 -10.37 -54.55 16.63
CA HIS N 175 -9.72 -55.16 15.50
C HIS N 175 -8.23 -54.95 15.47
N LYS N 176 -7.51 -56.05 15.47
CA LYS N 176 -6.10 -56.06 15.23
C LYS N 176 -5.86 -56.15 13.73
N GLY N 177 -4.61 -55.99 13.32
CA GLY N 177 -4.23 -56.27 11.95
C GLY N 177 -4.71 -55.27 10.94
N HIS N 178 -4.96 -55.73 9.74
CA HIS N 178 -5.12 -54.83 8.61
C HIS N 178 -6.43 -54.08 8.64
N LYS N 179 -7.36 -54.50 9.49
CA LYS N 179 -8.62 -53.79 9.60
C LYS N 179 -8.56 -52.61 10.55
N ALA N 180 -7.46 -52.48 11.28
CA ALA N 180 -7.31 -51.34 12.18
C ALA N 180 -5.88 -50.86 12.26
N SER N 181 -5.29 -50.54 11.13
CA SER N 181 -3.93 -50.03 11.11
C SER N 181 -3.96 -48.51 11.14
N LYS N 182 -4.99 -47.92 10.53
CA LYS N 182 -5.11 -46.48 10.47
C LYS N 182 -5.64 -46.02 11.80
N LEU N 183 -5.99 -46.99 12.65
CA LEU N 183 -6.72 -46.76 13.89
C LEU N 183 -5.94 -47.10 15.12
N ARG N 184 -4.71 -47.55 14.99
CA ARG N 184 -4.31 -48.60 15.91
C ARG N 184 -3.71 -48.22 17.25
N PRO N 185 -2.74 -47.30 17.30
CA PRO N 185 -2.56 -46.91 18.69
C PRO N 185 -3.77 -46.10 19.00
N SER N 186 -4.05 -45.19 18.09
CA SER N 186 -5.21 -44.35 18.14
C SER N 186 -5.31 -43.81 16.75
N VAL N 187 -6.46 -43.27 16.40
CA VAL N 187 -6.60 -42.60 15.14
C VAL N 187 -5.69 -41.41 15.09
N ARG N 188 -5.53 -40.75 16.23
CA ARG N 188 -4.65 -39.60 16.33
C ARG N 188 -3.21 -39.99 16.23
N ALA N 189 -2.85 -41.07 16.90
CA ALA N 189 -1.49 -41.54 16.85
C ALA N 189 -1.17 -42.02 15.46
N ALA N 190 -2.14 -42.62 14.80
CA ALA N 190 -1.91 -43.08 13.46
C ALA N 190 -1.65 -41.90 12.56
N TRP N 191 -2.30 -40.80 12.87
CA TRP N 191 -2.22 -39.61 12.07
C TRP N 191 -0.87 -38.97 12.23
N ARG N 192 -0.40 -38.83 13.46
CA ARG N 192 0.90 -38.21 13.68
C ARG N 192 1.90 -39.02 12.89
N ARG N 193 1.80 -40.33 13.08
CA ARG N 193 2.82 -41.24 12.63
C ARG N 193 2.99 -41.22 11.12
N ASN N 194 1.94 -40.81 10.43
CA ASN N 194 1.91 -40.81 8.99
C ASN N 194 2.07 -39.44 8.39
N ASN N 195 1.56 -38.47 9.12
CA ASN N 195 1.62 -37.09 8.70
C ASN N 195 2.80 -36.32 9.24
N ARG N 196 3.59 -36.91 10.11
CA ARG N 196 4.82 -36.23 10.49
C ARG N 196 5.72 -36.01 9.30
N MET N 197 6.38 -34.87 9.31
CA MET N 197 7.43 -34.59 8.37
C MET N 197 8.73 -34.95 9.05
N VAL N 198 9.14 -36.19 8.96
CA VAL N 198 10.37 -36.62 9.58
C VAL N 198 11.54 -35.98 8.88
N PHE N 199 12.49 -35.45 9.65
CA PHE N 199 13.72 -34.97 9.07
C PHE N 199 14.85 -35.72 9.68
N LEU N 200 15.35 -36.72 8.97
CA LEU N 200 16.49 -37.44 9.45
C LEU N 200 17.63 -36.47 9.47
N ARG N 201 18.46 -36.59 10.48
CA ARG N 201 19.43 -35.57 10.76
C ARG N 201 20.43 -35.40 9.61
N LYS N 202 20.71 -36.47 8.89
CA LYS N 202 21.59 -36.35 7.74
C LYS N 202 20.86 -36.59 6.42
N ARG N 203 19.58 -36.94 6.50
CA ARG N 203 18.70 -36.99 5.35
C ARG N 203 19.09 -38.11 4.40
N HIS O 1 31.15 23.78 24.84
CA HIS O 1 30.83 25.14 25.25
C HIS O 1 30.72 26.11 24.10
N TYR O 2 31.34 27.27 24.28
CA TYR O 2 31.19 28.39 23.36
C TYR O 2 31.72 28.11 21.97
N SER O 3 30.94 28.50 20.98
CA SER O 3 31.29 28.24 19.59
C SER O 3 32.58 28.93 19.27
N ARG O 4 32.79 30.09 19.86
CA ARG O 4 33.99 30.81 19.58
C ARG O 4 34.63 31.18 20.88
N LYS O 5 35.88 30.81 21.03
CA LYS O 5 36.65 31.18 22.19
C LYS O 5 36.94 32.67 22.12
N PRO O 6 36.83 33.38 23.24
CA PRO O 6 37.21 34.78 23.27
C PRO O 6 38.70 34.95 22.99
N GLN O 7 39.10 36.04 22.34
CA GLN O 7 40.48 36.21 21.90
C GLN O 7 41.44 36.27 23.08
N VAL O 8 40.93 36.78 24.19
CA VAL O 8 41.76 37.09 25.34
C VAL O 8 41.00 36.83 26.61
N SER O 9 41.16 35.64 27.16
CA SER O 9 40.32 35.17 28.25
C SER O 9 40.16 36.19 29.37
N SER O 10 41.26 36.81 29.77
CA SER O 10 41.25 37.72 30.90
C SER O 10 40.44 38.97 30.61
N LYS O 11 40.39 39.34 29.33
CA LYS O 11 39.73 40.57 28.95
C LYS O 11 38.26 40.41 28.59
N SER O 12 37.75 39.19 28.65
CA SER O 12 36.36 38.97 28.26
C SER O 12 35.53 38.31 29.33
N ALA O 13 34.23 38.58 29.28
CA ALA O 13 33.30 37.91 30.15
C ALA O 13 32.36 37.04 29.34
N LYS O 14 32.10 35.83 29.81
CA LYS O 14 31.19 34.94 29.13
C LYS O 14 29.90 34.81 29.90
N ALA O 15 28.80 34.60 29.21
CA ALA O 15 27.53 34.39 29.88
C ALA O 15 26.68 33.46 29.05
N LYS O 16 25.75 32.76 29.67
CA LYS O 16 24.99 31.79 28.93
C LYS O 16 23.72 31.42 29.67
N VAL O 17 22.71 30.98 28.94
CA VAL O 17 21.48 30.51 29.54
C VAL O 17 20.93 29.36 28.73
N SER O 18 21.23 28.15 29.15
CA SER O 18 20.74 26.96 28.48
C SER O 18 19.28 26.69 28.76
N ASP O 19 18.60 26.10 27.78
CA ASP O 19 17.18 25.82 27.87
C ASP O 19 16.40 27.03 28.27
N LEU O 20 16.76 28.17 27.70
CA LEU O 20 16.00 29.39 27.94
C LEU O 20 14.62 29.18 27.41
N ARG O 21 13.61 29.54 28.17
CA ARG O 21 12.27 29.17 27.77
C ARG O 21 11.56 30.37 27.16
N CYS O 22 12.21 30.91 26.13
CA CYS O 22 11.65 31.93 25.25
C CYS O 22 11.68 31.36 23.86
N HIS O 23 10.84 31.87 22.96
CA HIS O 23 10.88 31.37 21.59
C HIS O 23 12.25 31.51 20.98
N PHE O 24 12.69 30.47 20.29
CA PHE O 24 13.96 30.51 19.62
C PHE O 24 14.00 31.57 18.56
N LYS O 25 12.93 31.65 17.79
CA LYS O 25 12.90 32.56 16.66
C LYS O 25 12.90 34.00 17.07
N ASN O 26 12.30 34.30 18.22
CA ASN O 26 12.31 35.66 18.68
C ASN O 26 13.60 35.98 19.34
N THR O 27 14.11 35.02 20.11
CA THR O 27 15.38 35.23 20.76
C THR O 27 16.49 35.20 19.75
N PHE O 28 16.30 34.47 18.67
CA PHE O 28 17.30 34.46 17.62
C PHE O 28 17.49 35.83 17.08
N GLU O 29 16.40 36.55 16.97
CA GLU O 29 16.38 37.89 16.42
C GLU O 29 17.00 38.88 17.37
N THR O 30 16.56 38.77 18.62
CA THR O 30 16.90 39.68 19.71
C THR O 30 18.35 39.69 20.11
N ALA O 31 19.02 38.56 19.96
CA ALA O 31 20.39 38.45 20.39
C ALA O 31 21.34 38.83 19.29
N ASN O 32 20.92 38.62 18.06
CA ASN O 32 21.75 38.93 16.92
C ASN O 32 21.91 40.42 16.70
N VAL O 33 20.98 41.21 17.22
CA VAL O 33 21.07 42.64 17.08
C VAL O 33 22.34 43.08 17.78
N ILE O 34 22.55 42.44 18.92
CA ILE O 34 23.58 42.78 19.87
C ILE O 34 24.98 42.36 19.51
N ASN O 35 25.10 41.47 18.52
CA ASN O 35 26.32 40.72 18.36
C ASN O 35 27.58 41.55 18.19
N GLY O 36 27.49 42.73 17.60
CA GLY O 36 28.66 43.58 17.53
C GLY O 36 28.68 44.72 18.52
N MET O 37 27.56 44.91 19.21
CA MET O 37 27.34 46.13 19.98
C MET O 37 28.11 46.16 21.27
N PRO O 38 28.50 47.37 21.68
CA PRO O 38 29.03 47.65 23.02
C PRO O 38 27.95 47.34 24.02
N LEU O 39 28.30 46.84 25.19
CA LEU O 39 27.30 46.32 26.10
C LEU O 39 26.31 47.37 26.57
N ARG O 40 26.76 48.60 26.75
CA ARG O 40 25.86 49.64 27.21
C ARG O 40 24.88 50.06 26.15
N LYS O 41 25.27 50.01 24.89
CA LYS O 41 24.36 50.35 23.82
C LYS O 41 23.49 49.16 23.53
N ALA O 42 23.83 48.03 24.11
CA ALA O 42 23.02 46.84 23.97
C ALA O 42 22.08 46.70 25.14
N GLN O 43 22.49 47.19 26.31
CA GLN O 43 21.60 47.31 27.45
C GLN O 43 20.54 48.27 27.01
N GLN O 44 20.98 49.31 26.33
CA GLN O 44 20.11 50.38 25.90
C GLN O 44 19.10 50.00 24.85
N LEU O 45 19.53 49.23 23.86
CA LEU O 45 18.66 48.87 22.78
C LEU O 45 17.52 48.07 23.31
N TYR O 46 17.81 47.27 24.32
CA TYR O 46 16.79 46.47 24.94
C TYR O 46 15.87 47.27 25.83
N ARG O 47 16.42 48.22 26.58
CA ARG O 47 15.57 49.06 27.39
C ARG O 47 14.66 49.87 26.52
N GLN O 48 15.17 50.27 25.37
CA GLN O 48 14.37 51.02 24.41
C GLN O 48 13.43 50.14 23.64
N VAL O 49 13.87 48.95 23.27
CA VAL O 49 12.98 48.05 22.55
C VAL O 49 11.95 47.49 23.49
N LEU O 50 12.19 47.61 24.78
CA LEU O 50 11.25 47.09 25.75
C LEU O 50 10.16 48.12 25.99
N ALA O 51 10.39 49.32 25.47
CA ALA O 51 9.47 50.42 25.61
C ALA O 51 8.71 50.68 24.33
N LYS O 52 8.97 49.87 23.30
CA LYS O 52 8.39 50.10 21.98
C LYS O 52 8.87 51.41 21.40
N THR O 53 10.12 51.74 21.70
CA THR O 53 10.75 52.94 21.19
C THR O 53 11.61 52.64 19.99
N ARG O 54 12.04 51.38 19.91
CA ARG O 54 12.85 50.87 18.83
C ARG O 54 12.43 49.45 18.67
N CYS O 55 12.80 48.81 17.59
CA CYS O 55 12.35 47.45 17.39
C CYS O 55 13.53 46.55 17.23
N ILE O 56 13.34 45.27 17.50
CA ILE O 56 14.33 44.31 17.07
C ILE O 56 14.07 43.98 15.63
N PRO O 57 15.08 44.17 14.80
CA PRO O 57 14.94 43.90 13.38
C PRO O 57 14.86 42.42 13.15
N PHE O 58 13.67 41.87 12.96
CA PHE O 58 13.65 40.48 12.61
C PHE O 58 14.20 40.36 11.21
N LYS O 59 15.03 39.36 10.98
CA LYS O 59 15.77 39.27 9.73
C LYS O 59 15.57 37.95 9.03
N ARG O 60 16.00 36.89 9.66
CA ARG O 60 15.80 35.57 9.12
C ARG O 60 14.42 35.04 9.39
N TYR O 61 13.95 35.21 10.61
CA TYR O 61 12.68 34.63 10.98
C TYR O 61 11.62 35.69 10.94
N ASN O 62 11.57 36.31 9.78
CA ASN O 62 10.51 37.22 9.39
C ASN O 62 9.22 36.47 9.33
N GLY O 63 8.98 35.80 8.23
CA GLY O 63 7.70 35.17 8.03
C GLY O 63 6.80 36.31 7.67
N LYS O 64 5.50 36.13 7.80
CA LYS O 64 4.56 37.16 7.40
C LYS O 64 4.40 38.18 8.51
N ILE O 65 5.51 38.51 9.15
CA ILE O 65 5.57 39.48 10.23
C ILE O 65 5.33 40.88 9.73
N GLY O 66 4.73 41.70 10.58
CA GLY O 66 4.31 43.03 10.20
C GLY O 66 5.40 44.05 10.04
N ARG O 67 5.17 44.97 9.11
CA ARG O 67 6.04 46.10 8.86
C ARG O 67 5.96 47.14 9.94
N THR O 68 7.09 47.75 10.25
CA THR O 68 7.14 48.78 11.27
C THR O 68 8.06 49.86 10.74
N ALA O 69 7.92 51.06 11.26
CA ALA O 69 8.80 52.15 10.87
C ALA O 69 10.02 52.20 11.75
N GLN O 70 10.07 51.39 12.79
CA GLN O 70 11.21 51.40 13.68
C GLN O 70 12.27 50.47 13.17
N ALA O 71 11.96 49.78 12.09
CA ALA O 71 12.90 48.87 11.48
C ALA O 71 13.82 49.55 10.47
N LYS O 72 13.55 50.80 10.14
CA LYS O 72 14.36 51.55 9.17
C LYS O 72 15.77 51.67 9.67
N GLU O 73 15.89 51.66 10.98
CA GLU O 73 17.17 51.71 11.66
C GLU O 73 18.05 50.56 11.26
N TRP O 74 17.42 49.44 10.91
CA TRP O 74 18.15 48.21 10.72
C TRP O 74 18.28 47.82 9.27
N GLY O 75 17.78 48.66 8.39
CA GLY O 75 17.87 48.40 6.97
C GLY O 75 16.74 47.59 6.37
N GLN O 76 15.71 47.26 7.14
CA GLN O 76 14.59 46.57 6.54
C GLN O 76 13.27 46.94 7.13
N THR O 77 12.20 46.55 6.44
CA THR O 77 10.86 46.95 6.81
C THR O 77 10.32 46.19 8.00
N LYS O 78 10.53 44.88 8.03
CA LYS O 78 10.07 44.08 9.16
C LYS O 78 10.87 44.27 10.40
N GLY O 79 10.20 44.32 11.53
CA GLY O 79 10.82 44.45 12.82
C GLY O 79 9.77 44.08 13.82
N ARG O 80 10.14 43.98 15.10
CA ARG O 80 9.26 43.34 16.04
C ARG O 80 9.77 43.65 17.45
N TRP O 81 8.95 43.48 18.48
CA TRP O 81 9.35 43.87 19.83
C TRP O 81 9.13 42.75 20.81
N PRO O 82 9.95 41.71 20.75
CA PRO O 82 9.78 40.67 21.77
C PRO O 82 9.99 41.27 23.13
N ARG O 83 9.23 40.84 24.12
CA ARG O 83 9.44 41.36 25.45
C ARG O 83 10.04 40.27 26.28
N LYS O 84 9.53 39.05 26.09
CA LYS O 84 10.00 37.91 26.84
C LYS O 84 11.41 37.60 26.46
N SER O 85 11.76 37.95 25.24
CA SER O 85 13.09 37.66 24.70
C SER O 85 14.05 38.78 24.96
N VAL O 86 13.55 40.01 24.92
CA VAL O 86 14.34 41.17 25.31
C VAL O 86 14.65 41.17 26.79
N VAL O 87 13.80 40.60 27.62
CA VAL O 87 14.06 40.63 29.05
C VAL O 87 15.08 39.58 29.40
N ALA O 88 14.98 38.44 28.74
CA ALA O 88 15.94 37.36 28.91
C ALA O 88 17.31 37.78 28.44
N MET O 89 17.37 38.66 27.44
CA MET O 89 18.65 39.14 26.94
C MET O 89 19.29 40.13 27.87
N LEU O 90 18.49 41.02 28.44
CA LEU O 90 19.00 41.90 29.46
C LEU O 90 19.44 41.08 30.64
N SER O 91 18.72 40.01 30.89
CA SER O 91 18.94 39.22 32.08
C SER O 91 20.14 38.34 31.89
N LEU O 92 20.59 38.21 30.65
CA LEU O 92 21.78 37.42 30.36
C LEU O 92 22.96 38.36 30.24
N LEU O 93 22.69 39.58 29.79
CA LEU O 93 23.68 40.64 29.82
C LEU O 93 24.00 41.14 31.21
N LYS O 94 23.06 41.05 32.14
CA LYS O 94 23.39 41.31 33.54
C LYS O 94 24.34 40.27 34.05
N ASN O 95 24.15 39.06 33.56
CA ASN O 95 24.92 37.92 33.96
C ASN O 95 26.36 38.08 33.57
N ALA O 96 26.60 38.70 32.42
CA ALA O 96 27.95 38.88 31.95
C ALA O 96 28.62 40.12 32.52
N GLU O 97 27.88 41.19 32.72
CA GLU O 97 28.52 42.35 33.33
C GLU O 97 28.88 42.00 34.75
N ALA O 98 28.15 41.04 35.31
CA ALA O 98 28.53 40.49 36.60
C ALA O 98 29.79 39.65 36.45
N ASN O 99 29.82 38.83 35.41
CA ASN O 99 30.99 38.01 35.12
C ASN O 99 32.15 38.87 34.70
N ALA O 100 31.85 39.99 34.06
CA ALA O 100 32.90 40.88 33.60
C ALA O 100 33.50 41.66 34.76
N ILE O 101 32.66 42.00 35.73
CA ILE O 101 33.12 42.74 36.90
C ILE O 101 34.07 41.97 37.79
N GLU O 102 33.78 40.70 37.98
CA GLU O 102 34.59 39.84 38.84
C GLU O 102 35.96 39.59 38.26
N LYS O 103 36.08 39.74 36.94
CA LYS O 103 37.35 39.51 36.29
C LYS O 103 38.19 40.77 36.40
N GLY O 104 37.63 41.80 37.03
CA GLY O 104 38.32 43.06 37.24
C GLY O 104 38.10 43.95 36.04
N LEU O 105 37.41 43.39 35.06
CA LEU O 105 37.10 44.09 33.82
C LEU O 105 36.07 45.18 34.04
N ASP O 106 36.08 46.18 33.18
CA ASP O 106 35.12 47.28 33.24
C ASP O 106 33.99 47.05 32.27
N PRO O 107 32.78 46.83 32.80
CA PRO O 107 31.59 46.46 32.04
C PRO O 107 31.21 47.46 30.98
N ASN O 108 31.48 48.74 31.23
CA ASN O 108 31.05 49.78 30.31
C ASN O 108 32.08 50.10 29.22
N LYS O 109 33.22 49.41 29.23
CA LYS O 109 34.09 49.40 28.05
C LYS O 109 33.88 48.14 27.24
N MET O 110 33.12 47.22 27.82
CA MET O 110 33.07 45.85 27.39
C MET O 110 32.27 45.82 26.08
N VAL O 111 32.60 44.92 25.16
CA VAL O 111 31.87 44.85 23.90
C VAL O 111 31.36 43.46 23.62
N ILE O 112 30.12 43.32 23.16
CA ILE O 112 29.61 42.00 22.82
C ILE O 112 30.45 41.51 21.67
N LYS O 113 30.89 40.26 21.72
CA LYS O 113 31.78 39.76 20.68
C LYS O 113 31.24 38.54 20.01
N HIS O 114 30.34 37.86 20.69
CA HIS O 114 29.82 36.60 20.21
C HIS O 114 28.49 36.36 20.83
N VAL O 115 27.44 36.42 20.03
CA VAL O 115 26.15 35.98 20.50
C VAL O 115 25.75 34.80 19.64
N GLN O 116 25.16 33.79 20.26
CA GLN O 116 24.77 32.60 19.55
C GLN O 116 23.62 31.88 20.21
N VAL O 117 22.41 32.14 19.75
CA VAL O 117 21.23 31.44 20.23
C VAL O 117 21.00 30.16 19.43
N ASP O 118 21.48 29.06 19.96
CA ASP O 118 21.21 27.73 19.41
C ASP O 118 19.81 27.34 19.84
N GLN O 119 19.13 26.56 19.03
CA GLN O 119 17.82 26.06 19.44
C GLN O 119 17.93 24.82 20.27
N ALA O 120 17.22 24.83 21.39
CA ALA O 120 17.33 23.84 22.42
C ALA O 120 16.36 22.72 22.18
N ALA O 121 16.53 21.64 22.94
CA ALA O 121 15.63 20.51 22.87
C ALA O 121 14.25 20.98 23.24
N ARG O 122 13.24 20.48 22.54
CA ARG O 122 11.92 21.07 22.61
C ARG O 122 10.95 20.35 23.52
N MET O 123 10.01 21.13 24.05
CA MET O 123 9.02 20.63 24.99
C MET O 123 7.71 20.32 24.28
N ARG O 124 7.20 19.11 24.45
CA ARG O 124 5.94 18.71 23.82
C ARG O 124 4.74 19.13 24.66
N ARG O 125 3.64 19.41 23.98
CA ARG O 125 2.35 19.75 24.55
C ARG O 125 1.40 19.35 23.46
N ARG O 126 0.10 19.44 23.70
CA ARG O 126 -0.84 18.87 22.75
C ARG O 126 -1.88 19.85 22.29
N THR O 127 -2.16 19.79 20.99
CA THR O 127 -3.32 20.46 20.43
C THR O 127 -4.49 19.55 20.66
N TYR O 128 -5.68 20.05 20.38
CA TYR O 128 -6.79 19.17 20.13
C TYR O 128 -7.55 19.75 18.96
N ARG O 129 -7.26 19.25 17.77
CA ARG O 129 -7.75 19.90 16.57
C ARG O 129 -9.13 19.40 16.21
N ALA O 130 -9.57 19.66 14.99
CA ALA O 130 -10.96 19.48 14.60
C ALA O 130 -11.47 18.08 14.82
N HIS O 131 -11.42 17.24 13.80
CA HIS O 131 -12.09 15.96 13.85
C HIS O 131 -11.34 14.92 14.66
N GLY O 132 -11.17 15.16 15.94
CA GLY O 132 -10.60 14.17 16.82
C GLY O 132 -9.10 14.02 16.77
N ARG O 133 -8.42 14.98 16.15
CA ARG O 133 -6.98 14.92 16.02
C ARG O 133 -6.29 15.53 17.23
N ILE O 134 -5.02 15.17 17.42
CA ILE O 134 -4.20 15.79 18.42
C ILE O 134 -2.81 16.07 17.87
N THR O 135 -2.66 17.21 17.22
CA THR O 135 -1.38 17.71 16.74
C THR O 135 -0.59 18.30 17.91
N PRO O 136 0.74 18.38 17.77
CA PRO O 136 1.69 18.94 18.74
C PRO O 136 1.57 20.44 19.01
N TYR O 137 1.83 20.87 20.23
CA TYR O 137 2.31 22.22 20.49
C TYR O 137 3.69 22.04 21.03
N MET O 138 4.61 22.89 20.64
CA MET O 138 5.95 22.72 21.13
C MET O 138 6.57 24.07 21.34
N CYS O 139 7.08 24.32 22.53
CA CYS O 139 7.85 25.51 22.73
C CYS O 139 9.19 25.25 22.09
N SER O 140 9.86 26.31 21.70
CA SER O 140 11.14 26.16 21.08
C SER O 140 12.13 27.00 21.86
N PRO O 141 12.49 26.52 23.06
CA PRO O 141 13.42 27.21 23.93
C PRO O 141 14.79 27.30 23.28
N CYS O 142 15.48 28.40 23.54
CA CYS O 142 16.76 28.64 22.90
C CYS O 142 17.91 28.47 23.87
N HIS O 143 19.07 28.07 23.35
CA HIS O 143 20.31 28.20 24.10
C HIS O 143 20.98 29.46 23.63
N VAL O 144 21.08 30.44 24.51
CA VAL O 144 21.82 31.64 24.18
C VAL O 144 23.12 31.61 24.93
N GLN O 145 24.20 31.95 24.25
CA GLN O 145 25.50 32.03 24.87
C GLN O 145 26.19 33.22 24.28
N LEU O 146 27.06 33.85 25.03
CA LEU O 146 27.77 34.98 24.50
C LEU O 146 29.01 35.30 25.30
N PHE O 147 29.91 36.08 24.72
CA PHE O 147 30.95 36.65 25.52
C PHE O 147 31.21 38.07 25.07
N MET O 148 31.89 38.83 25.92
CA MET O 148 32.11 40.23 25.63
C MET O 148 33.46 40.69 26.13
N THR O 149 34.42 40.76 25.21
CA THR O 149 35.71 41.33 25.49
C THR O 149 35.60 42.82 25.67
N GLN O 150 36.53 43.40 26.41
CA GLN O 150 36.74 44.82 26.32
C GLN O 150 38.04 45.03 25.59
N PRO O 151 38.10 46.08 24.77
CA PRO O 151 39.27 46.36 23.94
C PRO O 151 40.51 46.66 24.80
N GLN O 152 41.67 46.27 24.29
CA GLN O 152 42.94 46.49 24.98
C GLN O 152 43.68 47.67 24.38
N VAL P 1 30.85 31.29 -65.93
CA VAL P 1 31.64 30.09 -65.78
C VAL P 1 31.65 29.27 -67.05
N LYS P 2 32.61 28.36 -67.17
CA LYS P 2 32.66 27.48 -68.33
C LYS P 2 31.43 26.64 -68.33
N PRO P 3 31.03 26.17 -69.50
CA PRO P 3 29.70 25.59 -69.62
C PRO P 3 29.51 24.43 -68.69
N HIS P 4 28.30 24.41 -68.20
CA HIS P 4 27.75 23.44 -67.32
C HIS P 4 27.82 22.07 -67.93
N LEU P 5 27.66 22.02 -69.24
CA LEU P 5 27.46 20.77 -69.95
C LEU P 5 28.47 20.58 -71.04
N ARG P 6 29.19 19.48 -70.95
CA ARG P 6 30.13 19.14 -71.99
C ARG P 6 29.35 18.63 -73.18
N HIS P 7 29.93 18.74 -74.36
CA HIS P 7 29.30 18.24 -75.57
C HIS P 7 29.80 16.86 -75.94
N TYR P 8 29.04 15.83 -75.63
CA TYR P 8 29.43 14.49 -75.99
C TYR P 8 28.72 14.04 -77.24
N CYS P 9 29.38 13.18 -78.00
CA CYS P 9 28.75 12.41 -79.04
C CYS P 9 28.97 10.96 -78.70
N VAL P 10 27.92 10.31 -78.23
CA VAL P 10 28.03 8.92 -77.87
C VAL P 10 27.61 8.09 -79.05
N VAL P 11 28.45 7.16 -79.46
CA VAL P 11 28.11 6.26 -80.54
C VAL P 11 27.99 4.85 -80.00
N GLY P 12 27.00 4.11 -80.46
CA GLY P 12 26.82 2.76 -79.97
C GLY P 12 25.79 2.00 -80.76
N ARG P 13 25.61 0.74 -80.41
CA ARG P 13 24.84 -0.17 -81.22
C ARG P 13 24.24 -1.23 -80.32
N GLU P 14 23.21 -1.92 -80.75
CA GLU P 14 22.85 -3.14 -80.06
C GLU P 14 23.95 -4.13 -80.39
N THR P 15 24.35 -4.94 -79.41
CA THR P 15 25.46 -5.85 -79.59
C THR P 15 25.06 -6.91 -80.60
N PRO P 16 26.03 -7.38 -81.41
CA PRO P 16 25.74 -8.26 -82.54
C PRO P 16 25.13 -9.57 -82.10
N SER P 17 24.26 -10.11 -82.95
CA SER P 17 23.65 -11.40 -82.67
C SER P 17 23.22 -12.09 -83.95
N GLU P 18 22.90 -13.38 -83.87
CA GLU P 18 22.32 -14.06 -85.01
C GLU P 18 20.93 -13.50 -85.28
N LYS P 19 20.35 -12.86 -84.27
CA LYS P 19 19.11 -12.12 -84.49
C LYS P 19 19.34 -10.89 -85.35
N ASN P 20 20.38 -10.13 -85.04
CA ASN P 20 20.76 -8.95 -85.82
C ASN P 20 22.27 -8.89 -86.09
N PRO P 21 22.71 -9.64 -87.10
CA PRO P 21 24.13 -9.90 -87.37
C PRO P 21 24.98 -8.66 -87.58
N ALA P 22 24.42 -7.62 -88.19
CA ALA P 22 25.16 -6.40 -88.47
C ALA P 22 24.34 -5.17 -88.10
N PRO P 23 24.19 -4.92 -86.80
CA PRO P 23 23.33 -3.89 -86.20
C PRO P 23 23.72 -2.48 -86.60
N THR P 24 22.73 -1.61 -86.71
CA THR P 24 22.99 -0.21 -86.99
C THR P 24 23.80 0.43 -85.88
N VAL P 25 24.81 1.19 -86.24
CA VAL P 25 25.46 2.04 -85.27
C VAL P 25 24.67 3.33 -85.14
N TYR P 26 24.61 3.88 -83.94
CA TYR P 26 23.87 5.10 -83.72
C TYR P 26 24.73 6.19 -83.12
N LYS P 27 24.90 7.27 -83.86
CA LYS P 27 25.50 8.45 -83.31
C LYS P 27 24.43 9.16 -82.49
N PHE P 28 24.84 9.90 -81.46
CA PHE P 28 23.89 10.62 -80.64
C PHE P 28 24.50 11.75 -79.84
N GLU P 29 24.32 12.98 -80.31
CA GLU P 29 24.82 14.16 -79.61
C GLU P 29 24.08 14.34 -78.31
N VAL P 30 24.83 14.62 -77.25
CA VAL P 30 24.28 14.79 -75.92
C VAL P 30 24.96 15.97 -75.30
N PHE P 31 24.29 16.60 -74.35
CA PHE P 31 24.93 17.62 -73.58
C PHE P 31 24.83 17.22 -72.15
N ALA P 32 25.95 16.72 -71.64
CA ALA P 32 25.99 16.08 -70.34
C ALA P 32 27.09 16.67 -69.51
N PRO P 33 26.95 16.60 -68.19
CA PRO P 33 27.97 17.05 -67.25
C PRO P 33 29.28 16.32 -67.48
N ASN P 34 29.15 15.06 -67.85
CA ASN P 34 30.27 14.14 -67.95
C ASN P 34 29.83 12.92 -68.72
N PHE P 35 30.77 12.10 -69.16
CA PHE P 35 30.45 11.07 -70.13
C PHE P 35 29.55 9.99 -69.57
N VAL P 36 29.67 9.74 -68.27
CA VAL P 36 28.89 8.69 -67.64
C VAL P 36 27.42 9.04 -67.67
N VAL P 37 27.09 10.32 -67.70
CA VAL P 37 25.72 10.73 -67.87
C VAL P 37 25.36 10.81 -69.34
N ALA P 38 26.32 11.17 -70.17
CA ALA P 38 26.09 11.20 -71.60
C ALA P 38 25.89 9.82 -72.15
N LYS P 39 26.60 8.87 -71.56
CA LYS P 39 26.46 7.48 -71.92
C LYS P 39 25.12 6.99 -71.47
N SER P 40 24.63 7.57 -70.39
CA SER P 40 23.36 7.18 -69.81
C SER P 40 22.20 7.70 -70.62
N ARG P 41 22.29 8.96 -71.01
CA ARG P 41 21.24 9.59 -71.77
C ARG P 41 21.19 8.97 -73.14
N PHE P 42 22.35 8.50 -73.58
CA PHE P 42 22.42 7.80 -74.84
C PHE P 42 21.67 6.47 -74.80
N TRP P 43 21.75 5.76 -73.69
CA TRP P 43 21.01 4.52 -73.57
C TRP P 43 19.57 4.76 -73.22
N ARG P 44 19.26 5.98 -72.84
CA ARG P 44 17.89 6.33 -72.62
C ARG P 44 17.20 6.39 -73.95
N MET P 45 17.81 7.05 -74.92
CA MET P 45 17.22 7.14 -76.23
C MET P 45 17.28 5.81 -76.97
N MET P 46 18.25 4.97 -76.66
CA MET P 46 18.31 3.70 -77.33
C MET P 46 17.14 2.82 -76.98
N ARG P 47 16.60 2.93 -75.77
CA ARG P 47 15.48 2.08 -75.45
C ARG P 47 14.19 2.82 -75.74
N GLU P 48 14.24 4.13 -75.71
CA GLU P 48 13.03 4.91 -75.89
C GLU P 48 12.73 5.09 -77.35
N LYS P 49 13.66 4.63 -78.18
CA LYS P 49 13.55 4.83 -79.59
C LYS P 49 13.84 3.53 -80.33
N ASN P 50 15.00 2.95 -80.08
CA ASN P 50 15.40 1.73 -80.76
C ASN P 50 15.01 0.43 -80.09
N LYS P 51 14.40 0.53 -78.91
CA LYS P 51 14.05 -0.62 -78.09
C LYS P 51 15.27 -1.44 -77.65
N VAL P 52 16.46 -1.05 -78.10
CA VAL P 52 17.68 -1.63 -77.54
C VAL P 52 17.97 -1.06 -76.16
N LYS P 53 18.54 -1.86 -75.28
CA LYS P 53 18.80 -1.43 -73.89
C LYS P 53 20.25 -1.58 -73.50
N SER P 54 20.62 -0.95 -72.40
CA SER P 54 22.01 -0.82 -72.01
C SER P 54 22.73 -2.14 -71.82
N THR P 55 22.00 -3.16 -71.36
CA THR P 55 22.55 -4.48 -71.18
C THR P 55 22.92 -5.12 -72.51
N HIS P 56 22.18 -4.74 -73.54
CA HIS P 56 22.24 -5.42 -74.83
C HIS P 56 22.99 -4.64 -75.89
N GLY P 57 23.51 -3.48 -75.52
CA GLY P 57 24.24 -2.67 -76.48
C GLY P 57 25.67 -2.47 -76.05
N ASP P 58 26.31 -1.46 -76.64
CA ASP P 58 27.70 -1.18 -76.32
C ASP P 58 28.17 0.10 -76.97
N VAL P 59 28.38 1.11 -76.14
CA VAL P 59 28.83 2.40 -76.61
C VAL P 59 30.19 2.25 -77.28
N LEU P 60 30.34 2.87 -78.44
CA LEU P 60 31.52 2.65 -79.25
C LEU P 60 32.43 3.84 -79.15
N SER P 61 31.93 4.88 -78.51
CA SER P 61 32.63 6.14 -78.47
C SER P 61 31.91 7.10 -77.55
N CYS P 62 32.56 7.50 -76.47
CA CYS P 62 31.96 8.44 -75.54
C CYS P 62 32.45 9.86 -75.75
N LYS P 63 33.27 10.08 -76.76
CA LYS P 63 34.17 11.22 -76.81
C LYS P 63 33.47 12.59 -76.83
N VAL P 64 34.07 13.56 -76.19
CA VAL P 64 33.56 14.93 -76.23
C VAL P 64 33.85 15.59 -77.57
N VAL P 65 33.03 16.56 -77.96
CA VAL P 65 33.23 17.22 -79.24
C VAL P 65 33.85 18.61 -79.11
N LYS P 66 34.80 18.90 -79.99
CA LYS P 66 35.57 20.11 -79.91
C LYS P 66 34.74 21.34 -80.27
N ASP P 67 34.97 22.45 -79.56
CA ASP P 67 34.22 23.69 -79.77
C ASP P 67 34.49 24.27 -81.15
N ARG P 68 33.49 24.93 -81.73
CA ARG P 68 33.67 25.42 -83.10
C ARG P 68 34.74 26.49 -83.19
N LYS P 69 34.86 27.28 -82.13
CA LYS P 69 35.90 28.30 -82.03
C LYS P 69 35.79 29.00 -80.70
N LEU P 70 35.37 30.26 -80.74
CA LEU P 70 35.25 31.05 -79.52
C LEU P 70 34.59 32.39 -79.81
N ALA P 71 34.41 32.69 -81.08
CA ALA P 71 33.72 33.93 -81.44
C ALA P 71 32.31 33.90 -80.90
N ALA P 72 31.83 35.06 -80.47
CA ALA P 72 30.46 35.14 -80.01
C ALA P 72 29.56 34.89 -81.19
N ARG P 73 28.55 34.08 -80.97
CA ARG P 73 27.61 33.79 -82.03
C ARG P 73 26.23 33.60 -81.49
N ASN P 74 25.51 32.67 -82.07
CA ASN P 74 24.07 32.73 -82.00
C ASN P 74 23.44 31.38 -82.21
N TYR P 75 22.78 30.86 -81.20
CA TYR P 75 22.36 29.47 -81.26
C TYR P 75 20.87 29.27 -81.13
N SER P 76 20.33 28.53 -82.07
CA SER P 76 18.96 28.06 -82.01
C SER P 76 18.95 26.68 -81.40
N VAL P 77 18.65 26.62 -80.12
CA VAL P 77 18.56 25.35 -79.43
C VAL P 77 17.11 24.87 -79.48
N ASP P 78 16.92 23.61 -79.82
CA ASP P 78 15.59 23.03 -79.92
C ASP P 78 15.39 22.05 -78.76
N ILE P 79 14.51 22.39 -77.83
CA ILE P 79 14.51 21.72 -76.55
C ILE P 79 13.16 21.17 -76.17
N ALA P 80 12.94 19.89 -76.34
CA ALA P 80 11.76 19.29 -75.73
C ALA P 80 11.98 19.12 -74.24
N TYR P 81 10.93 19.24 -73.45
CA TYR P 81 11.03 19.01 -72.02
C TYR P 81 9.70 18.53 -71.48
N TYR P 82 9.67 18.12 -70.23
CA TYR P 82 8.47 17.54 -69.63
C TYR P 82 8.08 18.16 -68.31
N SER P 83 6.79 18.14 -68.01
CA SER P 83 6.34 18.38 -66.65
C SER P 83 4.96 17.77 -66.45
N GLN P 84 4.52 17.68 -65.19
CA GLN P 84 3.15 17.34 -64.92
C GLN P 84 2.31 18.50 -65.43
N ARG P 85 2.84 19.70 -65.28
CA ARG P 85 2.22 20.92 -65.76
C ARG P 85 2.26 21.05 -67.29
N CYS P 86 3.25 20.42 -67.91
CA CYS P 86 3.32 20.29 -69.37
C CYS P 86 4.08 19.04 -69.77
N GLY P 87 3.40 18.12 -70.46
CA GLY P 87 3.94 16.80 -70.72
C GLY P 87 4.92 16.63 -71.86
N TYR P 88 5.06 17.63 -72.72
CA TYR P 88 6.08 17.57 -73.75
C TYR P 88 6.07 18.83 -74.57
N THR P 89 6.71 19.89 -74.09
CA THR P 89 6.76 21.12 -74.84
C THR P 89 7.97 21.20 -75.75
N HIS P 90 7.75 20.95 -77.03
CA HIS P 90 8.69 21.31 -78.07
C HIS P 90 8.85 22.82 -77.99
N MET P 91 10.07 23.30 -78.20
CA MET P 91 10.34 24.70 -77.93
C MET P 91 11.71 25.15 -78.38
N VAL P 92 11.78 25.76 -79.56
CA VAL P 92 13.04 26.29 -80.03
C VAL P 92 13.29 27.70 -79.54
N LYS P 93 13.82 27.83 -78.33
CA LYS P 93 14.36 29.09 -77.87
C LYS P 93 15.71 29.33 -78.52
N GLU P 94 16.07 30.59 -78.70
CA GLU P 94 17.40 30.90 -79.17
C GLU P 94 18.22 31.52 -78.05
N PHE P 95 19.52 31.26 -78.05
CA PHE P 95 20.42 31.79 -77.05
C PHE P 95 21.65 32.33 -77.70
N ARG P 96 22.25 33.35 -77.12
CA ARG P 96 23.46 33.90 -77.67
C ARG P 96 24.64 33.47 -76.82
N ASP P 97 25.57 32.74 -77.42
CA ASP P 97 26.66 32.18 -76.64
C ASP P 97 27.84 31.85 -77.55
N VAL P 98 28.95 31.48 -76.96
CA VAL P 98 30.17 31.17 -77.69
C VAL P 98 30.25 29.74 -78.19
N SER P 99 29.36 28.87 -77.74
CA SER P 99 29.50 27.46 -78.06
C SER P 99 28.17 26.71 -77.96
N LYS P 100 28.07 25.57 -78.65
CA LYS P 100 26.86 24.77 -78.57
C LYS P 100 26.66 24.35 -77.15
N ALA P 101 27.76 24.03 -76.50
CA ALA P 101 27.67 23.54 -75.14
C ALA P 101 27.19 24.66 -74.25
N GLY P 102 27.66 25.86 -74.51
CA GLY P 102 27.27 27.00 -73.71
C GLY P 102 25.85 27.43 -73.96
N ALA P 103 25.40 27.35 -75.19
CA ALA P 103 24.03 27.71 -75.51
C ALA P 103 23.08 26.72 -74.90
N VAL P 104 23.52 25.47 -74.83
CA VAL P 104 22.67 24.42 -74.35
C VAL P 104 22.55 24.44 -72.84
N SER P 105 23.67 24.58 -72.16
CA SER P 105 23.62 24.64 -70.72
C SER P 105 22.86 25.87 -70.30
N GLN P 106 23.01 26.91 -71.10
CA GLN P 106 22.30 28.16 -70.92
C GLN P 106 20.82 27.94 -71.11
N ALA P 107 20.49 26.96 -71.93
CA ALA P 107 19.10 26.60 -72.19
C ALA P 107 18.54 25.72 -71.11
N TYR P 108 19.40 25.07 -70.34
CA TYR P 108 18.92 24.32 -69.21
C TYR P 108 18.62 25.21 -68.03
N HIS P 109 19.48 26.18 -67.74
CA HIS P 109 19.22 27.09 -66.64
C HIS P 109 18.01 27.91 -66.95
N ASP P 110 17.88 28.28 -68.22
CA ASP P 110 16.73 29.06 -68.64
C ASP P 110 15.50 28.20 -68.50
N LEU P 111 15.68 26.91 -68.72
CA LEU P 111 14.52 26.08 -68.82
C LEU P 111 14.14 25.62 -67.44
N ALA P 112 15.13 25.46 -66.57
CA ALA P 112 14.93 25.08 -65.17
C ALA P 112 14.27 26.16 -64.32
N SER P 113 14.37 27.41 -64.76
CA SER P 113 13.78 28.50 -64.00
C SER P 113 12.38 28.86 -64.46
N ARG P 114 12.22 29.08 -65.75
CA ARG P 114 10.90 29.36 -66.28
C ARG P 114 10.04 28.12 -66.21
N HIS P 115 10.69 26.97 -66.12
CA HIS P 115 9.97 25.72 -65.90
C HIS P 115 10.71 24.90 -64.89
N ARG P 116 10.05 24.48 -63.84
CA ARG P 116 10.78 23.76 -62.82
C ARG P 116 11.15 22.41 -63.39
N ALA P 117 12.03 22.46 -64.40
CA ALA P 117 12.42 21.32 -65.21
C ALA P 117 13.83 20.86 -64.96
N ARG P 118 13.97 19.66 -64.40
CA ARG P 118 15.25 19.03 -64.15
C ARG P 118 15.88 18.56 -65.45
N TYR P 119 17.20 18.38 -65.40
CA TYR P 119 18.00 17.94 -66.54
C TYR P 119 17.40 16.76 -67.28
N HIS P 120 16.91 15.77 -66.54
CA HIS P 120 16.47 14.54 -67.15
C HIS P 120 15.06 14.61 -67.72
N ASN P 121 14.37 15.70 -67.47
CA ASN P 121 13.09 15.96 -68.10
C ASN P 121 13.32 16.54 -69.47
N ILE P 122 14.33 17.39 -69.56
CA ILE P 122 14.72 18.02 -70.81
C ILE P 122 15.42 17.06 -71.75
N GLU P 123 15.24 17.26 -73.05
CA GLU P 123 16.12 16.64 -74.05
C GLU P 123 16.34 17.60 -75.20
N VAL P 124 17.60 17.95 -75.44
CA VAL P 124 17.94 18.78 -76.56
C VAL P 124 17.57 18.06 -77.83
N LEU P 125 17.14 18.82 -78.84
CA LEU P 125 16.75 18.23 -80.12
C LEU P 125 17.61 18.77 -81.23
N GLY P 126 18.61 19.54 -80.88
CA GLY P 126 19.50 20.13 -81.87
C GLY P 126 19.93 21.52 -81.46
N VAL P 127 21.12 21.91 -81.89
CA VAL P 127 21.65 23.21 -81.54
C VAL P 127 22.39 23.81 -82.71
N LYS P 128 21.67 24.34 -83.68
CA LYS P 128 22.31 25.01 -84.79
C LYS P 128 22.90 26.33 -84.34
N SER P 129 24.07 26.69 -84.86
CA SER P 129 24.46 28.09 -84.86
C SER P 129 23.55 28.80 -85.85
N ILE P 130 23.08 29.98 -85.50
CA ILE P 130 22.27 30.71 -86.45
C ILE P 130 22.98 31.96 -86.89
N PRO P 131 22.78 32.33 -88.16
CA PRO P 131 23.14 33.63 -88.68
C PRO P 131 22.29 34.70 -88.01
N ASN P 132 22.87 35.88 -87.82
CA ASN P 132 22.15 37.06 -87.38
C ASN P 132 20.65 37.02 -87.68
N HIS P 133 20.30 37.09 -88.96
CA HIS P 133 18.91 37.35 -89.32
C HIS P 133 17.89 36.27 -88.98
N GLN P 134 18.28 35.00 -88.99
CA GLN P 134 17.29 33.95 -88.85
C GLN P 134 16.61 33.95 -87.49
N VAL P 135 17.24 34.57 -86.51
CA VAL P 135 16.69 34.58 -85.15
C VAL P 135 15.44 35.44 -85.07
N LYS P 136 14.29 34.77 -85.11
CA LYS P 136 13.01 35.46 -85.01
C LYS P 136 12.86 36.14 -83.66
N ARG P 137 13.51 35.59 -82.65
CA ARG P 137 13.36 36.07 -81.29
C ARG P 137 13.94 37.47 -81.16
N LEU P 138 13.21 38.34 -80.46
CA LEU P 138 13.52 39.76 -80.44
C LEU P 138 14.58 40.11 -79.41
N SER P 139 14.76 39.24 -78.42
CA SER P 139 15.65 39.55 -77.32
C SER P 139 17.12 39.61 -77.74
N ILE P 140 17.57 38.60 -78.47
CA ILE P 140 18.97 38.53 -78.84
C ILE P 140 19.20 39.35 -80.10
N SER P 141 18.11 39.77 -80.72
CA SER P 141 18.19 40.59 -81.91
C SER P 141 18.76 41.96 -81.57
N GLU P 142 18.58 42.37 -80.32
CA GLU P 142 19.11 43.64 -79.86
C GLU P 142 20.63 43.66 -79.91
N TYR P 143 21.24 42.49 -79.79
CA TYR P 143 22.69 42.38 -79.75
C TYR P 143 23.33 42.20 -81.11
N HIS P 144 22.55 42.12 -82.18
CA HIS P 144 23.14 41.94 -83.50
C HIS P 144 23.90 43.14 -84.05
N ALA P 145 23.42 44.34 -83.74
CA ALA P 145 23.95 45.52 -84.40
C ALA P 145 25.45 45.62 -84.17
N SER P 146 26.21 45.83 -85.24
CA SER P 146 27.66 45.88 -85.13
C SER P 146 28.01 47.07 -84.28
N ASN P 147 27.18 48.09 -84.42
CA ASN P 147 27.19 49.24 -83.53
C ASN P 147 26.19 49.07 -82.42
N LEU P 148 26.54 48.30 -81.39
CA LEU P 148 25.77 48.34 -80.16
C LEU P 148 26.69 48.75 -79.04
N SER P 149 26.29 49.79 -78.34
CA SER P 149 27.00 50.25 -77.18
C SER P 149 26.00 50.31 -76.06
N PHE P 150 26.37 49.81 -74.89
CA PHE P 150 25.56 50.06 -73.72
C PHE P 150 26.42 50.34 -72.51
N PRO P 151 25.90 51.14 -71.59
CA PRO P 151 26.49 51.39 -70.28
C PRO P 151 26.51 50.14 -69.39
N LEU P 152 27.52 50.00 -68.54
CA LEU P 152 27.44 49.08 -67.40
C LEU P 152 26.90 49.83 -66.21
N LEU P 153 25.59 50.00 -66.17
CA LEU P 153 24.96 50.92 -65.25
C LEU P 153 24.85 50.32 -63.86
N HIS P 154 24.92 51.19 -62.85
CA HIS P 154 24.70 50.85 -61.44
C HIS P 154 25.43 49.60 -60.98
N ARG P 155 26.71 49.52 -61.32
CA ARG P 155 27.56 48.39 -60.95
C ARG P 155 27.64 48.19 -59.45
N ARG P 156 27.72 46.94 -59.01
CA ARG P 156 28.30 46.63 -57.72
C ARG P 156 29.70 46.11 -57.94
N VAL P 157 30.69 46.94 -57.68
CA VAL P 157 32.07 46.50 -57.81
C VAL P 157 32.61 46.01 -56.49
N LYS P 158 32.52 44.70 -56.27
CA LYS P 158 33.17 44.10 -55.14
C LYS P 158 34.67 44.11 -55.37
N ALA P 159 35.42 44.26 -54.29
CA ALA P 159 36.86 44.31 -54.35
C ALA P 159 37.43 42.93 -54.66
N PRO P 160 38.67 42.89 -55.17
CA PRO P 160 39.30 41.59 -55.29
C PRO P 160 39.36 41.03 -53.90
N ARG P 161 39.17 39.73 -53.74
CA ARG P 161 38.89 39.14 -52.44
C ARG P 161 39.96 39.46 -51.44
N LYS P 162 41.16 39.59 -51.94
CA LYS P 162 42.33 39.84 -51.13
C LYS P 162 42.21 41.20 -50.47
N ASP P 163 41.43 42.08 -51.11
CA ASP P 163 41.29 43.46 -50.68
C ASP P 163 39.98 43.80 -49.99
N ARG P 164 39.10 42.83 -49.81
CA ARG P 164 37.78 43.12 -49.27
C ARG P 164 37.87 43.49 -47.81
N VAL P 165 36.89 44.25 -47.33
CA VAL P 165 36.96 44.90 -46.04
C VAL P 165 35.59 44.98 -45.38
N VAL P 166 35.54 44.85 -44.07
CA VAL P 166 34.27 44.92 -43.34
C VAL P 166 33.85 46.34 -42.98
N PHE P 167 34.81 47.14 -42.53
CA PHE P 167 34.59 48.53 -42.16
C PHE P 167 35.59 49.37 -42.91
N VAL P 168 35.16 50.50 -43.44
CA VAL P 168 36.08 51.42 -44.08
C VAL P 168 35.72 52.83 -43.70
N LYS P 169 36.73 53.69 -43.60
CA LYS P 169 36.50 55.09 -43.29
C LYS P 169 35.69 55.71 -44.45
N LYS P 170 34.78 56.61 -44.15
CA LYS P 170 33.62 56.87 -45.02
C LYS P 170 33.88 57.51 -46.38
N ASN P 171 34.87 58.37 -46.48
CA ASN P 171 35.20 58.99 -47.76
C ASN P 171 36.65 58.79 -48.05
N THR P 172 37.01 57.53 -48.07
CA THR P 172 38.37 57.06 -48.00
C THR P 172 38.25 55.63 -48.43
N LYS P 173 39.36 54.91 -48.46
CA LYS P 173 39.29 53.48 -48.54
C LYS P 173 40.38 52.91 -47.67
N ARG P 174 40.60 53.62 -46.57
CA ARG P 174 41.37 53.09 -45.45
C ARG P 174 40.57 51.97 -44.85
N ALA P 175 41.19 50.84 -44.55
CA ALA P 175 40.48 49.76 -43.92
C ALA P 175 40.31 50.02 -42.44
N VAL P 176 39.29 49.42 -41.84
CA VAL P 176 39.15 49.50 -40.41
C VAL P 176 38.75 48.16 -39.80
N VAL P 177 38.10 47.33 -40.62
CA VAL P 177 37.58 46.01 -40.25
C VAL P 177 37.59 45.70 -38.76
N SER Q 1 -2.46 37.85 51.56
CA SER Q 1 -3.41 37.02 50.84
C SER Q 1 -4.45 36.37 51.73
N LEU Q 2 -5.26 37.19 52.39
CA LEU Q 2 -6.23 36.68 53.32
C LEU Q 2 -7.53 36.24 52.65
N LYS Q 3 -7.41 35.18 51.87
CA LYS Q 3 -8.55 34.55 51.24
C LYS Q 3 -9.16 33.49 52.13
N LEU Q 4 -8.39 33.00 53.11
CA LEU Q 4 -8.92 32.02 54.05
C LEU Q 4 -9.86 32.64 55.05
N GLN Q 5 -9.48 33.78 55.60
CA GLN Q 5 -10.28 34.42 56.62
C GLN Q 5 -11.59 34.86 56.03
N ALA Q 6 -11.55 35.28 54.78
CA ALA Q 6 -12.74 35.74 54.09
C ALA Q 6 -13.69 34.58 53.88
N ARG Q 7 -13.12 33.39 53.73
CA ARG Q 7 -13.90 32.17 53.69
C ARG Q 7 -14.52 31.95 55.04
N LEU Q 8 -13.75 32.29 56.06
CA LEU Q 8 -14.12 32.05 57.44
C LEU Q 8 -15.07 33.09 57.96
N ALA Q 9 -14.82 34.34 57.61
CA ALA Q 9 -15.68 35.42 58.04
C ALA Q 9 -17.04 35.26 57.43
N ALA Q 10 -17.09 34.80 56.19
CA ALA Q 10 -18.35 34.66 55.49
C ALA Q 10 -19.17 33.58 56.15
N ASP Q 11 -18.49 32.57 56.68
CA ASP Q 11 -19.18 31.46 57.30
C ASP Q 11 -19.71 31.83 58.67
N ILE Q 12 -18.90 32.50 59.47
CA ILE Q 12 -19.32 32.84 60.81
C ILE Q 12 -20.06 34.18 60.90
N LEU Q 13 -20.07 34.94 59.82
CA LEU Q 13 -20.98 36.08 59.75
C LEU Q 13 -22.31 35.60 59.24
N ARG Q 14 -22.33 34.33 58.85
CA ARG Q 14 -23.53 33.71 58.36
C ARG Q 14 -24.02 34.47 57.14
N CYS Q 15 -23.11 34.77 56.23
CA CYS Q 15 -23.45 35.48 54.99
C CYS Q 15 -22.56 35.06 53.84
N GLY Q 16 -22.66 35.76 52.72
CA GLY Q 16 -21.77 35.49 51.59
C GLY Q 16 -20.51 36.30 51.69
N ARG Q 17 -19.52 35.96 50.88
CA ARG Q 17 -18.26 36.68 50.83
C ARG Q 17 -18.51 38.09 50.42
N HIS Q 18 -19.58 38.28 49.68
CA HIS Q 18 -19.90 39.54 49.07
C HIS Q 18 -20.17 40.61 50.13
N ARG Q 19 -20.68 40.18 51.27
CA ARG Q 19 -21.09 41.08 52.33
C ARG Q 19 -20.01 41.29 53.37
N VAL Q 20 -19.20 40.28 53.61
CA VAL Q 20 -18.15 40.38 54.62
C VAL Q 20 -17.14 41.43 54.21
N TRP Q 21 -16.63 42.16 55.18
CA TRP Q 21 -15.74 43.26 54.91
C TRP Q 21 -14.48 43.12 55.71
N LEU Q 22 -13.40 42.70 55.05
CA LEU Q 22 -12.13 42.61 55.75
C LEU Q 22 -11.44 43.95 55.66
N ASP Q 23 -11.05 44.52 56.79
CA ASP Q 23 -10.52 45.88 56.76
C ASP Q 23 -9.22 45.92 55.98
N PRO Q 24 -9.17 46.72 54.92
CA PRO Q 24 -8.05 46.84 53.99
C PRO Q 24 -6.81 47.29 54.71
N ASN Q 25 -7.02 48.08 55.74
CA ASN Q 25 -5.97 48.76 56.46
C ASN Q 25 -5.25 47.87 57.46
N GLU Q 26 -5.81 46.70 57.75
CA GLU Q 26 -5.18 45.78 58.69
C GLU Q 26 -5.13 44.35 58.20
N ALA Q 27 -4.59 44.16 56.99
CA ALA Q 27 -4.52 42.83 56.40
C ALA Q 27 -3.67 41.88 57.19
N SER Q 28 -2.66 42.41 57.87
CA SER Q 28 -1.72 41.56 58.57
C SER Q 28 -2.32 40.93 59.82
N GLU Q 29 -3.00 41.73 60.64
CA GLU Q 29 -3.63 41.16 61.82
C GLU Q 29 -4.71 40.19 61.45
N ILE Q 30 -5.40 40.49 60.35
CA ILE Q 30 -6.35 39.54 59.80
C ILE Q 30 -5.59 38.35 59.29
N SER Q 31 -4.40 38.60 58.75
CA SER Q 31 -3.64 37.59 58.03
C SER Q 31 -3.25 36.43 58.92
N ASN Q 32 -2.96 36.72 60.18
CA ASN Q 32 -2.72 35.65 61.13
C ASN Q 32 -3.96 35.43 61.97
N ALA Q 33 -4.96 34.86 61.33
CA ALA Q 33 -6.19 34.47 62.00
C ALA Q 33 -6.62 33.13 61.43
N ASN Q 34 -5.84 32.12 61.73
CA ASN Q 34 -5.96 30.82 61.10
C ASN Q 34 -7.24 30.08 61.46
N SER Q 35 -7.72 30.29 62.68
CA SER Q 35 -8.85 29.54 63.18
C SER Q 35 -10.12 30.36 63.10
N ARG Q 36 -11.26 29.69 63.15
CA ARG Q 36 -12.54 30.35 63.12
C ARG Q 36 -12.64 31.16 64.40
N LYS Q 37 -12.02 30.64 65.44
CA LYS Q 37 -11.96 31.31 66.73
C LYS Q 37 -11.07 32.55 66.66
N SER Q 38 -10.08 32.54 65.78
CA SER Q 38 -9.26 33.71 65.60
C SER Q 38 -10.07 34.77 64.90
N VAL Q 39 -10.78 34.35 63.86
CA VAL Q 39 -11.57 35.25 63.06
C VAL Q 39 -12.74 35.82 63.84
N ARG Q 40 -13.29 35.04 64.76
CA ARG Q 40 -14.38 35.55 65.58
C ARG Q 40 -13.88 36.64 66.47
N LYS Q 41 -12.62 36.55 66.86
CA LYS Q 41 -11.99 37.63 67.60
C LYS Q 41 -11.87 38.85 66.71
N LEU Q 42 -11.56 38.63 65.45
CA LEU Q 42 -11.47 39.73 64.50
C LEU Q 42 -12.81 40.33 64.15
N ILE Q 43 -13.87 39.54 64.26
CA ILE Q 43 -15.20 40.06 63.98
C ILE Q 43 -15.70 40.98 65.08
N LYS Q 44 -15.53 40.60 66.34
CA LYS Q 44 -15.87 41.49 67.44
C LYS Q 44 -14.93 42.67 67.46
N ASP Q 45 -13.72 42.44 66.99
CA ASP Q 45 -12.66 43.41 67.12
C ASP Q 45 -12.73 44.43 65.98
N GLY Q 46 -13.65 44.20 65.06
CA GLY Q 46 -13.99 45.16 64.03
C GLY Q 46 -13.17 45.17 62.75
N LEU Q 47 -12.14 44.33 62.68
CA LEU Q 47 -11.33 44.22 61.47
C LEU Q 47 -12.17 43.61 60.39
N ILE Q 48 -13.09 42.77 60.80
CA ILE Q 48 -14.00 42.08 59.90
C ILE Q 48 -15.40 42.50 60.23
N ILE Q 49 -16.15 42.88 59.21
CA ILE Q 49 -17.49 43.41 59.39
C ILE Q 49 -18.36 42.85 58.31
N ARG Q 50 -19.62 42.59 58.63
CA ARG Q 50 -20.55 42.25 57.58
C ARG Q 50 -21.25 43.51 57.09
N LYS Q 51 -21.20 43.74 55.78
CA LYS Q 51 -21.91 44.84 55.20
C LYS Q 51 -23.39 44.51 55.08
N PRO Q 52 -24.25 45.53 55.20
CA PRO Q 52 -25.68 45.34 55.00
C PRO Q 52 -25.97 44.88 53.57
N VAL Q 53 -27.00 44.06 53.38
CA VAL Q 53 -27.35 43.64 52.04
C VAL Q 53 -27.68 44.86 51.22
N LYS Q 54 -27.30 44.84 49.96
CA LYS Q 54 -27.48 45.95 49.05
C LYS Q 54 -28.97 46.23 48.97
N VAL Q 55 -29.37 47.51 48.95
CA VAL Q 55 -30.79 47.80 49.08
C VAL Q 55 -31.55 47.46 47.82
N HIS Q 56 -32.80 47.06 48.03
CA HIS Q 56 -33.74 46.86 46.95
C HIS Q 56 -35.06 47.45 47.40
N SER Q 57 -35.23 48.73 47.11
CA SER Q 57 -36.34 49.50 47.62
C SER Q 57 -37.65 49.19 46.94
N ARG Q 58 -38.75 49.36 47.69
CA ARG Q 58 -40.08 49.18 47.13
C ARG Q 58 -40.82 50.49 47.08
N SER Q 59 -40.12 51.57 47.36
CA SER Q 59 -40.76 52.86 47.41
C SER Q 59 -41.33 53.26 46.05
N ARG Q 60 -40.66 52.90 44.97
CA ARG Q 60 -41.23 53.15 43.65
C ARG Q 60 -42.49 52.37 43.47
N TRP Q 61 -42.53 51.20 44.08
CA TRP Q 61 -43.66 50.30 43.93
C TRP Q 61 -44.83 50.67 44.79
N ARG Q 62 -44.56 51.07 46.02
CA ARG Q 62 -45.61 51.46 46.93
C ARG Q 62 -46.28 52.71 46.44
N HIS Q 63 -45.51 53.60 45.83
CA HIS Q 63 -46.07 54.78 45.22
C HIS Q 63 -46.90 54.39 44.02
N MET Q 64 -46.45 53.38 43.28
CA MET Q 64 -47.25 52.80 42.21
C MET Q 64 -48.47 52.09 42.76
N LYS Q 65 -48.32 51.40 43.88
CA LYS Q 65 -49.41 50.66 44.48
C LYS Q 65 -50.48 51.60 45.02
N GLU Q 66 -50.13 52.86 45.23
CA GLU Q 66 -51.12 53.89 45.48
C GLU Q 66 -51.89 54.23 44.23
N ALA Q 67 -51.15 54.52 43.17
CA ALA Q 67 -51.75 54.97 41.93
C ALA Q 67 -52.64 53.91 41.29
N LYS Q 68 -52.26 52.66 41.42
CA LYS Q 68 -53.06 51.56 40.91
C LYS Q 68 -54.37 51.46 41.66
N SER Q 69 -54.35 51.80 42.94
CA SER Q 69 -55.57 51.77 43.74
C SER Q 69 -56.54 52.82 43.26
N MET Q 70 -55.99 53.94 42.80
CA MET Q 70 -56.78 55.07 42.37
C MET Q 70 -57.15 54.89 40.92
N GLY Q 71 -56.82 53.72 40.40
CA GLY Q 71 -57.15 53.38 39.02
C GLY Q 71 -56.14 53.78 37.97
N ARG Q 72 -55.00 54.32 38.38
CA ARG Q 72 -53.97 54.69 37.42
C ARG Q 72 -53.39 53.43 36.81
N HIS Q 73 -52.88 53.54 35.58
CA HIS Q 73 -52.17 52.47 34.92
C HIS Q 73 -53.03 51.24 34.68
N GLU Q 74 -54.23 51.48 34.17
CA GLU Q 74 -55.27 50.44 34.13
C GLU Q 74 -55.76 50.03 32.76
N GLY Q 75 -55.63 50.92 31.78
CA GLY Q 75 -56.44 50.84 30.58
C GLY Q 75 -55.97 49.89 29.51
N ALA Q 76 -56.48 50.09 28.30
CA ALA Q 76 -56.27 49.15 27.22
C ALA Q 76 -54.81 48.96 26.85
N GLY Q 77 -54.00 50.01 26.92
CA GLY Q 77 -52.62 49.89 26.49
C GLY Q 77 -51.77 49.25 27.54
N ARG Q 78 -52.30 49.17 28.75
CA ARG Q 78 -51.55 48.73 29.91
C ARG Q 78 -51.91 47.29 30.26
N ARG Q 79 -52.62 46.63 29.36
CA ARG Q 79 -53.07 45.25 29.56
C ARG Q 79 -52.51 44.24 28.59
N GLU Q 80 -51.46 43.54 29.00
CA GLU Q 80 -50.97 42.39 28.26
C GLU Q 80 -51.94 41.22 28.22
N GLY Q 81 -52.69 41.03 29.30
CA GLY Q 81 -53.38 39.79 29.51
C GLY Q 81 -54.81 39.76 29.02
N THR Q 82 -55.31 38.58 28.73
CA THR Q 82 -56.69 38.47 28.32
C THR Q 82 -57.49 38.80 29.55
N ARG Q 83 -58.71 39.27 29.34
CA ARG Q 83 -59.54 39.70 30.44
C ARG Q 83 -59.79 38.54 31.38
N GLU Q 84 -59.72 37.33 30.86
CA GLU Q 84 -59.87 36.13 31.69
C GLU Q 84 -58.60 35.73 32.41
N ALA Q 85 -57.44 35.97 31.82
CA ALA Q 85 -56.19 35.70 32.50
C ALA Q 85 -56.00 36.74 33.58
N ARG Q 86 -56.35 37.95 33.22
CA ARG Q 86 -56.16 39.13 34.05
C ARG Q 86 -57.08 39.09 35.27
N MET Q 87 -58.18 38.35 35.14
CA MET Q 87 -59.11 38.05 36.23
C MET Q 87 -60.14 37.00 35.85
N PRO Q 88 -59.94 35.78 36.32
CA PRO Q 88 -60.62 34.59 35.83
C PRO Q 88 -62.12 34.64 36.01
N SER Q 89 -62.83 34.10 35.03
CA SER Q 89 -64.27 33.99 35.10
C SER Q 89 -64.71 33.05 36.19
N LYS Q 90 -63.93 32.01 36.42
CA LYS Q 90 -64.27 31.05 37.46
C LYS Q 90 -64.06 31.66 38.82
N GLU Q 91 -63.18 32.64 38.91
CA GLU Q 91 -62.90 33.30 40.16
C GLU Q 91 -64.04 34.20 40.56
N LEU Q 92 -64.63 34.85 39.56
CA LEU Q 92 -65.74 35.74 39.77
C LEU Q 92 -66.99 34.96 40.07
N TRP Q 93 -67.18 33.86 39.35
CA TRP Q 93 -68.35 33.04 39.54
C TRP Q 93 -68.36 32.41 40.92
N MET Q 94 -67.20 32.05 41.44
CA MET Q 94 -67.15 31.44 42.75
C MET Q 94 -67.52 32.47 43.77
N ARG Q 95 -66.83 33.61 43.71
CA ARG Q 95 -67.07 34.69 44.62
C ARG Q 95 -68.52 35.13 44.53
N ARG Q 96 -69.05 35.18 43.32
CA ARG Q 96 -70.42 35.61 43.17
C ARG Q 96 -71.38 34.65 43.80
N LEU Q 97 -71.03 33.38 43.72
CA LEU Q 97 -71.97 32.34 44.03
C LEU Q 97 -71.82 31.89 45.46
N ARG Q 98 -70.60 32.00 45.98
CA ARG Q 98 -70.36 31.75 47.38
C ARG Q 98 -71.09 32.80 48.18
N ILE Q 99 -71.10 34.01 47.64
CA ILE Q 99 -71.80 35.14 48.25
C ILE Q 99 -73.30 35.01 48.20
N LEU Q 100 -73.83 34.47 47.12
CA LEU Q 100 -75.25 34.30 47.03
C LEU Q 100 -75.67 33.16 47.93
N ARG Q 101 -74.94 32.07 47.87
CA ARG Q 101 -75.30 30.89 48.64
C ARG Q 101 -75.19 31.19 50.13
N ARG Q 102 -74.39 32.19 50.48
CA ARG Q 102 -74.21 32.54 51.88
C ARG Q 102 -75.32 33.44 52.39
N LEU Q 103 -75.73 34.39 51.57
CA LEU Q 103 -76.81 35.28 51.92
C LEU Q 103 -78.15 34.57 51.95
N LEU Q 104 -78.35 33.62 51.06
CA LEU Q 104 -79.55 32.82 51.10
C LEU Q 104 -79.51 32.00 52.35
N ARG Q 105 -78.30 31.71 52.76
CA ARG Q 105 -78.07 30.86 53.90
C ARG Q 105 -78.17 31.66 55.18
N LYS Q 106 -77.90 32.95 55.09
CA LYS Q 106 -78.03 33.79 56.26
C LYS Q 106 -79.50 34.07 56.52
N TYR Q 107 -80.27 34.39 55.48
CA TYR Q 107 -81.69 34.58 55.68
C TYR Q 107 -82.41 33.32 56.14
N ARG Q 108 -82.00 32.17 55.63
CA ARG Q 108 -82.68 30.93 56.01
C ARG Q 108 -82.42 30.62 57.46
N GLU Q 109 -81.30 31.13 57.96
CA GLU Q 109 -80.87 30.85 59.33
C GLU Q 109 -81.61 31.74 60.31
N GLU Q 110 -81.83 32.98 59.91
CA GLU Q 110 -82.66 33.90 60.68
C GLU Q 110 -84.10 33.82 60.24
N LYS Q 111 -84.34 32.98 59.24
CA LYS Q 111 -85.65 32.80 58.62
C LYS Q 111 -86.30 34.14 58.30
N LYS Q 112 -85.51 35.02 57.69
CA LYS Q 112 -86.08 36.18 57.00
C LYS Q 112 -86.84 35.66 55.79
N ILE Q 113 -86.47 34.45 55.39
CA ILE Q 113 -87.01 33.86 54.18
C ILE Q 113 -87.28 32.38 54.37
N ASP Q 114 -88.31 31.89 53.69
CA ASP Q 114 -88.80 30.55 53.90
C ASP Q 114 -87.78 29.51 53.45
N ARG Q 115 -87.82 28.35 54.07
CA ARG Q 115 -86.96 27.24 53.69
C ARG Q 115 -87.42 26.75 52.34
N HIS Q 116 -88.61 27.17 51.95
CA HIS Q 116 -89.13 26.94 50.60
C HIS Q 116 -88.47 27.80 49.54
N ILE Q 117 -88.43 29.11 49.76
CA ILE Q 117 -87.92 30.03 48.74
C ILE Q 117 -86.42 29.87 48.60
N TYR Q 118 -85.79 29.33 49.63
CA TYR Q 118 -84.36 29.11 49.60
C TYR Q 118 -84.02 28.22 48.43
N ARG Q 119 -84.79 27.16 48.21
CA ARG Q 119 -84.59 26.37 47.00
C ARG Q 119 -84.97 27.19 45.80
N GLU Q 120 -85.95 28.07 46.00
CA GLU Q 120 -86.45 28.87 44.91
C GLU Q 120 -85.37 29.82 44.44
N LEU Q 121 -84.45 30.14 45.34
CA LEU Q 121 -83.41 31.11 45.03
C LEU Q 121 -82.04 30.47 45.05
N TYR Q 122 -81.87 29.38 45.79
CA TYR Q 122 -80.59 28.69 45.81
C TYR Q 122 -80.30 28.17 44.45
N VAL Q 123 -81.38 27.86 43.75
CA VAL Q 123 -81.29 27.21 42.46
C VAL Q 123 -81.34 28.24 41.36
N LYS Q 124 -81.79 29.45 41.66
CA LYS Q 124 -81.74 30.52 40.67
C LYS Q 124 -80.42 31.24 40.79
N ALA Q 125 -79.84 31.18 41.98
CA ALA Q 125 -78.54 31.78 42.20
C ALA Q 125 -77.50 31.07 41.38
N LYS Q 126 -77.73 29.78 41.16
CA LYS Q 126 -76.82 28.94 40.41
C LYS Q 126 -76.98 29.12 38.90
N GLY Q 127 -78.06 29.77 38.50
CA GLY Q 127 -78.29 30.07 37.09
C GLY Q 127 -78.06 31.52 36.77
N ASN Q 128 -77.14 32.13 37.51
CA ASN Q 128 -76.98 33.58 37.65
C ASN Q 128 -78.18 34.42 37.18
N VAL Q 129 -79.33 34.17 37.75
CA VAL Q 129 -80.46 35.04 37.52
C VAL Q 129 -80.31 36.23 38.46
N PHE Q 130 -79.26 36.18 39.27
CA PHE Q 130 -78.93 37.24 40.23
C PHE Q 130 -77.52 37.77 39.99
N ARG Q 131 -77.40 38.99 39.51
CA ARG Q 131 -76.10 39.55 39.17
C ARG Q 131 -75.18 39.79 40.36
N ASN Q 132 -75.75 40.13 41.51
CA ASN Q 132 -74.97 40.63 42.63
C ASN Q 132 -75.52 40.11 43.93
N LYS Q 133 -75.02 40.65 45.02
CA LYS Q 133 -75.66 40.39 46.30
C LYS Q 133 -76.91 41.22 46.40
N ARG Q 134 -76.82 42.49 46.04
CA ARG Q 134 -77.94 43.38 46.28
C ARG Q 134 -78.98 43.20 45.20
N ASN Q 135 -78.65 42.46 44.16
CA ASN Q 135 -79.66 42.08 43.20
C ASN Q 135 -80.50 40.99 43.82
N LEU Q 136 -79.84 39.98 44.36
CA LEU Q 136 -80.52 38.99 45.17
C LEU Q 136 -81.01 39.54 46.48
N MET Q 137 -80.33 40.56 46.98
CA MET Q 137 -80.71 41.20 48.23
C MET Q 137 -82.07 41.84 48.10
N GLU Q 138 -82.40 42.34 46.91
CA GLU Q 138 -83.70 42.96 46.72
C GLU Q 138 -84.72 41.99 46.18
N HIS Q 139 -84.24 40.92 45.54
CA HIS Q 139 -85.15 39.95 45.01
C HIS Q 139 -85.77 39.21 46.18
N ILE Q 140 -84.94 38.92 47.18
CA ILE Q 140 -85.40 38.33 48.42
C ILE Q 140 -86.41 39.25 49.09
N HIS Q 141 -86.25 40.54 48.83
CA HIS Q 141 -87.13 41.54 49.43
C HIS Q 141 -88.43 41.58 48.63
N LYS Q 142 -88.30 41.58 47.31
CA LYS Q 142 -89.45 41.63 46.41
C LYS Q 142 -90.02 40.25 46.07
N VAL Q 143 -89.31 39.17 46.38
CA VAL Q 143 -89.85 37.83 46.18
C VAL Q 143 -90.64 37.48 47.40
N LYS Q 144 -90.55 38.36 48.39
CA LYS Q 144 -91.08 38.14 49.72
C LYS Q 144 -92.25 39.04 50.02
N ASN Q 145 -92.18 40.30 49.58
CA ASN Q 145 -93.32 41.20 49.70
C ASN Q 145 -94.48 40.71 48.86
N GLU Q 146 -94.17 39.98 47.80
CA GLU Q 146 -95.19 39.38 46.96
C GLU Q 146 -95.99 38.42 47.83
N LYS Q 147 -95.32 37.90 48.84
CA LYS Q 147 -95.96 37.03 49.81
C LYS Q 147 -96.64 37.84 50.92
N LYS Q 148 -96.06 38.99 51.26
CA LYS Q 148 -96.56 39.83 52.35
C LYS Q 148 -97.96 40.34 52.07
N LYS Q 149 -98.25 40.55 50.79
CA LYS Q 149 -99.57 40.99 50.36
C LYS Q 149 -100.63 39.94 50.65
N GLU Q 150 -100.20 38.68 50.64
CA GLU Q 150 -101.08 37.57 50.98
C GLU Q 150 -100.47 36.71 52.08
N HIS R 1 -10.78 -18.57 -41.67
CA HIS R 1 -12.06 -18.88 -41.08
C HIS R 1 -12.66 -20.16 -41.69
N SER R 2 -11.94 -20.75 -42.65
CA SER R 2 -12.40 -21.93 -43.37
C SER R 2 -11.36 -22.51 -44.30
N HIS R 3 -10.30 -23.05 -43.70
CA HIS R 3 -9.22 -23.65 -44.46
C HIS R 3 -9.30 -25.16 -44.48
N GLY R 4 -10.13 -25.67 -45.39
CA GLY R 4 -10.23 -27.09 -45.63
C GLY R 4 -9.11 -27.45 -46.58
N TYR R 5 -9.03 -28.71 -46.96
CA TYR R 5 -7.85 -29.24 -47.61
C TYR R 5 -7.58 -28.56 -48.95
N LYS R 6 -8.61 -27.99 -49.56
CA LYS R 6 -8.39 -27.38 -50.86
C LYS R 6 -8.87 -25.93 -50.88
N CYS R 7 -8.57 -25.21 -49.80
CA CYS R 7 -8.85 -23.79 -49.71
C CYS R 7 -8.11 -23.06 -50.79
N GLY R 8 -8.77 -22.15 -51.49
CA GLY R 8 -8.08 -21.27 -52.41
C GLY R 8 -7.45 -21.97 -53.58
N THR R 9 -8.12 -23.00 -54.08
CA THR R 9 -7.64 -23.70 -55.25
C THR R 9 -8.48 -23.46 -56.50
N ARG R 10 -9.20 -22.35 -56.53
CA ARG R 10 -10.06 -21.99 -57.68
C ARG R 10 -9.26 -21.82 -58.95
N HIS R 11 -8.01 -21.41 -58.83
CA HIS R 11 -7.14 -21.21 -59.98
C HIS R 11 -6.04 -22.23 -60.03
N LEU R 12 -5.69 -22.75 -58.87
CA LEU R 12 -4.50 -23.57 -58.75
C LEU R 12 -4.67 -24.92 -59.40
N PHE R 13 -5.86 -25.49 -59.26
CA PHE R 13 -6.15 -26.80 -59.80
C PHE R 13 -7.00 -26.69 -61.05
N ALA R 14 -7.20 -25.49 -61.54
CA ALA R 14 -7.88 -25.32 -62.80
C ALA R 14 -7.06 -25.92 -63.94
N LYS R 15 -7.72 -26.55 -64.89
CA LYS R 15 -7.04 -26.97 -66.12
C LYS R 15 -6.78 -25.73 -66.95
N LYS R 16 -5.71 -25.71 -67.71
CA LYS R 16 -5.46 -24.58 -68.58
C LYS R 16 -6.52 -24.54 -69.65
N PHE R 17 -6.78 -23.35 -70.16
CA PHE R 17 -7.76 -23.17 -71.21
C PHE R 17 -7.47 -24.02 -72.43
N ARG R 18 -8.51 -24.70 -72.92
CA ARG R 18 -8.36 -25.62 -74.03
C ARG R 18 -7.25 -26.64 -73.83
N LYS R 19 -7.06 -27.03 -72.58
CA LYS R 19 -6.08 -28.06 -72.24
C LYS R 19 -6.64 -28.87 -71.08
N HIS R 20 -7.95 -29.00 -71.07
CA HIS R 20 -8.69 -29.86 -70.16
C HIS R 20 -8.54 -31.31 -70.54
N GLY R 21 -8.80 -32.19 -69.58
CA GLY R 21 -8.90 -33.61 -69.87
C GLY R 21 -7.92 -34.45 -69.09
N VAL R 22 -8.28 -35.71 -68.87
CA VAL R 22 -7.48 -36.63 -68.08
C VAL R 22 -6.17 -36.91 -68.77
N PRO R 23 -5.14 -37.25 -67.98
CA PRO R 23 -3.76 -37.43 -68.43
C PRO R 23 -3.65 -38.54 -69.44
N SER R 24 -2.73 -38.42 -70.39
CA SER R 24 -2.71 -39.33 -71.52
C SER R 24 -1.86 -40.56 -71.30
N VAL R 25 -1.41 -41.18 -72.38
CA VAL R 25 -0.65 -42.40 -72.24
C VAL R 25 0.81 -42.09 -71.97
N SER R 26 1.27 -40.95 -72.44
CA SER R 26 2.63 -40.53 -72.17
C SER R 26 2.82 -40.36 -70.68
N THR R 27 1.76 -39.94 -70.01
CA THR R 27 1.75 -39.86 -68.57
C THR R 27 1.85 -41.23 -67.96
N ILE R 28 0.94 -42.09 -68.39
CA ILE R 28 0.76 -43.41 -67.81
C ILE R 28 1.96 -44.30 -68.03
N LEU R 29 2.70 -44.06 -69.10
CA LEU R 29 3.87 -44.87 -69.38
C LEU R 29 5.15 -44.29 -68.83
N THR R 30 5.08 -43.14 -68.18
CA THR R 30 6.23 -42.67 -67.42
C THR R 30 6.44 -43.56 -66.22
N ASN R 31 7.69 -43.81 -65.87
CA ASN R 31 7.99 -44.68 -64.76
C ASN R 31 9.01 -44.08 -63.80
N PHE R 32 8.85 -44.40 -62.53
CA PHE R 32 9.56 -43.69 -61.48
C PHE R 32 10.36 -44.65 -60.64
N LYS R 33 11.64 -44.80 -60.89
CA LYS R 33 12.46 -45.52 -59.94
C LYS R 33 12.70 -44.58 -58.77
N VAL R 34 12.96 -45.13 -57.59
CA VAL R 34 13.20 -44.33 -56.39
C VAL R 34 14.44 -43.47 -56.50
N GLY R 35 14.36 -42.27 -55.94
CA GLY R 35 15.47 -41.34 -55.99
C GLY R 35 15.42 -40.51 -57.25
N ASP R 36 14.44 -40.76 -58.08
CA ASP R 36 14.18 -39.88 -59.22
C ASP R 36 13.62 -38.55 -58.76
N TYR R 37 14.06 -37.48 -59.40
CA TYR R 37 13.44 -36.19 -59.15
C TYR R 37 12.15 -36.10 -59.89
N VAL R 38 11.23 -35.32 -59.35
CA VAL R 38 9.90 -35.24 -59.91
C VAL R 38 9.30 -33.91 -59.56
N ASP R 39 8.21 -33.58 -60.22
CA ASP R 39 7.52 -32.33 -59.99
C ASP R 39 6.12 -32.66 -59.56
N VAL R 40 5.74 -32.26 -58.36
CA VAL R 40 4.40 -32.56 -57.92
C VAL R 40 3.45 -31.50 -58.43
N VAL R 41 3.26 -31.50 -59.73
CA VAL R 41 2.25 -30.65 -60.35
C VAL R 41 0.92 -31.38 -60.42
N ALA R 42 0.03 -31.04 -59.50
CA ALA R 42 -1.25 -31.73 -59.41
C ALA R 42 -2.12 -31.54 -60.64
N ASP R 43 -2.71 -32.64 -61.12
CA ASP R 43 -3.64 -32.57 -62.23
C ASP R 43 -5.07 -32.79 -61.75
N SER R 44 -5.92 -31.83 -62.02
CA SER R 44 -7.27 -31.84 -61.51
C SER R 44 -8.15 -32.92 -62.07
N ALA R 45 -7.87 -33.35 -63.29
CA ALA R 45 -8.68 -34.36 -63.93
C ALA R 45 -8.59 -35.66 -63.15
N VAL R 46 -7.45 -35.89 -62.51
CA VAL R 46 -7.29 -37.04 -61.63
C VAL R 46 -7.46 -36.58 -60.19
N ARG R 47 -8.41 -37.16 -59.48
CA ARG R 47 -8.71 -36.66 -58.15
C ARG R 47 -8.16 -37.51 -57.04
N ALA R 48 -8.14 -38.82 -57.23
CA ALA R 48 -7.48 -39.68 -56.28
C ALA R 48 -6.01 -39.34 -56.23
N GLY R 49 -5.45 -39.23 -55.04
CA GLY R 49 -4.02 -39.11 -54.91
C GLY R 49 -3.50 -37.73 -55.19
N MET R 50 -4.39 -36.76 -55.23
CA MET R 50 -3.97 -35.40 -55.50
C MET R 50 -3.17 -34.87 -54.33
N PRO R 51 -2.08 -34.16 -54.64
CA PRO R 51 -1.17 -33.49 -53.72
C PRO R 51 -1.90 -32.38 -53.01
N HIS R 52 -1.52 -32.01 -51.80
CA HIS R 52 -2.27 -31.00 -51.07
C HIS R 52 -2.50 -29.71 -51.81
N LYS R 53 -1.44 -28.96 -52.05
CA LYS R 53 -1.57 -27.61 -52.59
C LYS R 53 -0.27 -26.90 -52.45
N TYR R 54 0.31 -27.04 -51.27
CA TYR R 54 1.63 -26.54 -51.06
C TYR R 54 2.53 -27.31 -52.00
N TYR R 55 2.16 -28.54 -52.27
CA TYR R 55 3.06 -29.43 -52.97
C TYR R 55 2.92 -29.27 -54.44
N HIS R 56 2.01 -28.40 -54.83
CA HIS R 56 1.84 -28.16 -56.23
C HIS R 56 3.05 -27.43 -56.76
N GLY R 57 3.71 -28.04 -57.72
CA GLY R 57 4.83 -27.44 -58.38
C GLY R 57 6.14 -27.61 -57.66
N ARG R 58 6.11 -28.28 -56.52
CA ARG R 58 7.32 -28.52 -55.78
C ARG R 58 8.05 -29.65 -56.42
N THR R 59 9.37 -29.67 -56.30
CA THR R 59 10.15 -30.76 -56.82
C THR R 59 10.65 -31.58 -55.64
N GLY R 60 10.88 -32.86 -55.86
CA GLY R 60 11.38 -33.71 -54.82
C GLY R 60 11.77 -35.05 -55.39
N ILE R 61 12.46 -35.86 -54.62
CA ILE R 61 12.78 -37.20 -55.10
C ILE R 61 11.72 -38.21 -54.72
N VAL R 62 11.49 -39.18 -55.58
CA VAL R 62 10.67 -40.32 -55.28
C VAL R 62 11.37 -41.11 -54.19
N TRP R 63 10.65 -41.55 -53.18
CA TRP R 63 11.26 -42.39 -52.17
C TRP R 63 10.55 -43.72 -52.16
N ASN R 64 9.65 -43.91 -53.10
CA ASN R 64 8.65 -44.94 -52.97
C ASN R 64 7.74 -45.05 -54.15
N VAL R 65 7.67 -46.22 -54.77
CA VAL R 65 6.64 -46.44 -55.78
C VAL R 65 5.75 -47.63 -55.47
N THR R 66 4.51 -47.31 -55.17
CA THR R 66 3.42 -48.27 -55.06
C THR R 66 2.78 -48.40 -56.44
N PRO R 67 1.85 -49.34 -56.61
CA PRO R 67 1.38 -49.63 -57.97
C PRO R 67 0.77 -48.45 -58.70
N ARG R 68 0.06 -47.55 -58.02
CA ARG R 68 -0.56 -46.42 -58.69
C ARG R 68 -0.04 -45.12 -58.14
N GLY R 69 0.87 -45.20 -57.17
CA GLY R 69 1.31 -44.00 -56.49
C GLY R 69 2.81 -43.85 -56.43
N VAL R 70 3.24 -42.61 -56.41
CA VAL R 70 4.65 -42.26 -56.26
C VAL R 70 4.85 -41.47 -54.99
N GLY R 71 5.47 -42.10 -54.00
CA GLY R 71 5.89 -41.38 -52.80
C GLY R 71 6.98 -40.40 -53.16
N VAL R 72 6.88 -39.19 -52.67
CA VAL R 72 7.84 -38.14 -53.01
C VAL R 72 8.24 -37.39 -51.76
N ILE R 73 9.54 -37.21 -51.55
CA ILE R 73 10.04 -36.43 -50.43
C ILE R 73 10.17 -34.97 -50.83
N VAL R 74 9.33 -34.11 -50.26
CA VAL R 74 9.33 -32.71 -50.64
C VAL R 74 9.53 -31.78 -49.47
N ASN R 75 10.63 -31.04 -49.48
CA ASN R 75 10.95 -30.11 -48.39
C ASN R 75 9.90 -29.03 -48.20
N LYS R 76 9.52 -28.79 -46.96
CA LYS R 76 8.59 -27.72 -46.66
C LYS R 76 9.22 -26.79 -45.63
N PRO R 77 9.22 -25.49 -45.89
CA PRO R 77 9.71 -24.55 -44.89
C PRO R 77 8.66 -24.28 -43.84
N VAL R 78 8.85 -24.78 -42.64
CA VAL R 78 7.81 -24.65 -41.64
C VAL R 78 7.96 -23.39 -40.81
N ARG R 79 9.20 -22.99 -40.60
CA ARG R 79 9.48 -21.96 -39.61
C ARG R 79 10.96 -21.68 -39.73
N ASN R 80 11.75 -22.01 -38.73
CA ASN R 80 13.18 -21.84 -38.90
C ASN R 80 13.83 -23.06 -39.54
N ARG R 81 13.02 -24.04 -39.89
CA ARG R 81 13.53 -25.28 -40.43
C ARG R 81 12.75 -25.74 -41.65
N THR R 82 13.44 -26.39 -42.58
CA THR R 82 12.76 -27.12 -43.65
C THR R 82 12.47 -28.55 -43.23
N VAL R 83 11.29 -28.78 -42.69
CA VAL R 83 10.80 -30.12 -42.49
C VAL R 83 10.74 -30.83 -43.82
N ARG R 84 11.03 -32.12 -43.83
CA ARG R 84 11.17 -32.85 -45.08
C ARG R 84 9.99 -33.79 -45.27
N LYS R 85 9.01 -33.33 -46.04
CA LYS R 85 7.69 -33.97 -46.14
C LYS R 85 7.69 -35.20 -47.01
N ARG R 86 6.74 -36.10 -46.76
CA ARG R 86 6.57 -37.33 -47.53
C ARG R 86 5.18 -37.40 -48.14
N ILE R 87 4.87 -36.60 -49.14
CA ILE R 87 3.53 -36.68 -49.71
C ILE R 87 3.36 -37.97 -50.48
N CYS R 88 2.20 -38.58 -50.38
CA CYS R 88 1.85 -39.73 -51.20
C CYS R 88 1.04 -39.20 -52.36
N VAL R 89 1.22 -39.78 -53.52
CA VAL R 89 0.72 -39.18 -54.73
C VAL R 89 0.40 -40.19 -55.80
N ARG R 90 -0.71 -40.01 -56.47
CA ARG R 90 -1.02 -40.83 -57.62
C ARG R 90 -0.12 -40.38 -58.77
N PHE R 91 0.29 -41.28 -59.65
CA PHE R 91 1.38 -40.97 -60.56
C PHE R 91 1.03 -39.90 -61.59
N GLU R 92 -0.26 -39.64 -61.78
CA GLU R 92 -0.67 -38.57 -62.69
C GLU R 92 -0.20 -37.21 -62.22
N HIS R 93 -0.05 -37.06 -60.91
CA HIS R 93 0.24 -35.77 -60.31
C HIS R 93 1.73 -35.49 -60.29
N VAL R 94 2.49 -36.47 -60.75
CA VAL R 94 3.94 -36.36 -60.74
C VAL R 94 4.49 -36.26 -62.15
N ARG R 95 4.97 -35.08 -62.51
CA ARG R 95 5.61 -34.88 -63.79
C ARG R 95 7.10 -35.05 -63.56
N LYS R 96 7.74 -35.97 -64.24
CA LYS R 96 9.16 -36.22 -64.01
C LYS R 96 10.03 -35.00 -64.33
N SER R 97 10.97 -34.67 -63.46
CA SER R 97 11.76 -33.45 -63.61
C SER R 97 12.88 -33.48 -64.63
N ARG R 98 13.15 -32.30 -65.17
CA ARG R 98 14.29 -32.06 -66.01
C ARG R 98 15.22 -31.14 -65.25
N CYS R 99 15.01 -31.06 -63.95
CA CYS R 99 15.73 -30.13 -63.09
C CYS R 99 17.23 -30.39 -63.17
N GLN R 100 17.60 -31.63 -63.45
CA GLN R 100 19.00 -31.98 -63.62
C GLN R 100 19.44 -32.20 -65.05
N GLU R 101 18.59 -31.90 -66.02
CA GLU R 101 18.92 -32.24 -67.39
C GLU R 101 20.12 -31.50 -67.90
N ALA R 102 20.39 -30.32 -67.36
CA ALA R 102 21.57 -29.58 -67.77
C ALA R 102 22.80 -30.29 -67.24
N PHE R 103 22.77 -30.59 -65.96
CA PHE R 103 23.89 -31.20 -65.27
C PHE R 103 24.22 -32.56 -65.81
N LYS R 104 23.21 -33.31 -66.20
CA LYS R 104 23.45 -34.58 -66.87
C LYS R 104 24.05 -34.38 -68.25
N GLN R 105 23.72 -33.26 -68.89
CA GLN R 105 24.30 -32.93 -70.17
C GLN R 105 25.78 -32.60 -70.02
N LYS R 106 26.15 -32.10 -68.86
CA LYS R 106 27.52 -31.70 -68.57
C LYS R 106 28.46 -32.87 -68.41
N GLN R 107 28.03 -33.84 -67.64
CA GLN R 107 28.84 -35.03 -67.44
C GLN R 107 28.64 -35.93 -68.63
N LYS R 108 27.73 -35.55 -69.50
CA LYS R 108 27.68 -36.14 -70.82
C LYS R 108 28.85 -35.62 -71.65
N ASP R 109 28.97 -34.30 -71.73
CA ASP R 109 30.07 -33.65 -72.43
C ASP R 109 31.41 -33.77 -71.71
N PHE R 110 31.40 -33.96 -70.40
CA PHE R 110 32.64 -34.25 -69.70
C PHE R 110 33.19 -35.60 -70.17
N LEU R 111 32.28 -36.45 -70.61
CA LEU R 111 32.61 -37.69 -71.29
C LEU R 111 32.87 -37.45 -72.77
N ASN R 132 36.36 -10.22 -76.22
CA ASN R 132 36.86 -8.97 -75.67
C ASN R 132 36.14 -7.78 -76.31
N GLY R 133 36.68 -7.35 -77.46
CA GLY R 133 36.11 -6.28 -78.24
C GLY R 133 37.13 -5.81 -79.25
N GLY R 134 36.68 -5.42 -80.44
CA GLY R 134 37.59 -5.08 -81.51
C GLY R 134 37.00 -4.05 -82.44
N ILE R 135 37.69 -3.75 -83.53
CA ILE R 135 37.22 -2.75 -84.47
C ILE R 135 35.87 -3.18 -85.02
N VAL R 136 34.92 -2.25 -85.08
CA VAL R 136 33.63 -2.53 -85.70
C VAL R 136 33.49 -1.75 -87.01
N ARG R 137 33.56 -2.46 -88.11
CA ARG R 137 33.74 -1.87 -89.43
C ARG R 137 32.41 -1.45 -90.05
N ALA R 138 31.37 -1.40 -89.22
CA ALA R 138 30.00 -1.15 -89.68
C ALA R 138 29.81 0.22 -90.35
N LYS R 139 28.96 0.27 -91.38
CA LYS R 139 28.83 1.50 -92.15
C LYS R 139 27.44 2.16 -92.10
N ARG R 140 26.36 1.38 -92.03
CA ARG R 140 25.06 2.01 -91.76
C ARG R 140 25.11 2.59 -90.36
N VAL R 141 24.52 3.77 -90.17
CA VAL R 141 24.66 4.47 -88.91
C VAL R 141 23.79 5.73 -88.83
N GLU R 142 22.49 5.56 -88.59
CA GLU R 142 21.61 6.71 -88.49
C GLU R 142 21.88 7.51 -87.23
N VAL R 143 21.61 8.81 -87.32
CA VAL R 143 21.66 9.69 -86.16
C VAL R 143 20.51 9.37 -85.22
N LEU R 144 20.77 9.41 -83.91
CA LEU R 144 19.80 8.96 -82.93
C LEU R 144 18.85 10.05 -82.39
N ALA R 145 19.00 11.29 -82.85
CA ALA R 145 18.26 12.40 -82.26
C ALA R 145 16.74 12.29 -82.41
N ARG R 146 16.01 12.90 -81.48
CA ARG R 146 14.56 13.04 -81.60
C ARG R 146 14.17 14.06 -82.66
N LYS S 1 -46.84 60.39 75.68
CA LYS S 1 -45.60 59.63 75.77
C LYS S 1 -44.42 60.53 75.48
N VAL S 2 -43.51 60.67 76.44
CA VAL S 2 -42.36 61.55 76.24
C VAL S 2 -41.12 60.85 75.68
N PHE S 3 -40.82 61.14 74.43
CA PHE S 3 -39.57 60.70 73.82
C PHE S 3 -38.44 61.60 74.27
N LYS S 4 -37.22 61.09 74.25
CA LYS S 4 -36.09 61.81 74.80
C LYS S 4 -34.81 61.53 74.05
N ILE S 5 -33.82 62.38 74.24
CA ILE S 5 -32.51 62.15 73.62
C ILE S 5 -31.37 62.62 74.51
N ASP S 6 -30.72 61.68 75.19
CA ASP S 6 -29.67 62.03 76.13
C ASP S 6 -28.36 62.40 75.45
N CYS S 7 -28.18 63.70 75.22
CA CYS S 7 -26.99 64.23 74.57
C CYS S 7 -25.83 64.41 75.52
N THR S 8 -26.03 64.09 76.80
CA THR S 8 -25.09 64.48 77.83
C THR S 8 -23.69 63.93 77.63
N ILE S 9 -23.58 62.78 76.98
CA ILE S 9 -22.27 62.18 76.75
C ILE S 9 -21.34 63.08 75.97
N PRO S 10 -21.81 63.64 74.85
CA PRO S 10 -21.00 64.66 74.17
C PRO S 10 -21.41 66.07 74.57
N ASN S 23 -29.58 75.55 68.36
CA ASN S 23 -29.14 74.49 67.45
C ASN S 23 -30.06 73.29 67.47
N PHE S 24 -29.52 72.20 67.99
CA PHE S 24 -30.18 70.91 68.07
C PHE S 24 -31.42 71.04 68.92
N GLU S 25 -31.41 72.04 69.79
CA GLU S 25 -32.60 72.44 70.52
C GLU S 25 -33.58 72.97 69.49
N GLN S 26 -33.09 73.92 68.70
CA GLN S 26 -33.86 74.64 67.71
C GLN S 26 -34.23 73.80 66.50
N TYR S 27 -33.27 73.02 66.02
CA TYR S 27 -33.44 72.35 64.73
C TYR S 27 -34.63 71.42 64.73
N PHE S 28 -34.91 70.84 65.89
CA PHE S 28 -35.96 69.86 65.98
C PHE S 28 -37.33 70.48 65.77
N GLN S 29 -37.62 71.51 66.54
CA GLN S 29 -38.93 72.12 66.51
C GLN S 29 -39.23 72.79 65.18
N GLU S 30 -38.20 73.26 64.51
CA GLU S 30 -38.38 73.72 63.15
C GLU S 30 -38.60 72.54 62.22
N ASN S 31 -38.04 71.41 62.58
CA ASN S 31 -37.98 70.28 61.66
C ASN S 31 -38.65 69.05 62.21
N VAL S 32 -39.85 69.24 62.73
CA VAL S 32 -40.69 68.15 63.18
C VAL S 32 -42.11 68.49 62.75
N LYS S 33 -42.93 67.49 62.52
CA LYS S 33 -44.22 67.74 61.90
C LYS S 33 -45.34 66.92 62.51
N LEU S 34 -46.21 67.57 63.28
CA LEU S 34 -47.30 66.88 63.94
C LEU S 34 -48.29 66.31 62.92
N ASN S 35 -48.42 66.98 61.78
CA ASN S 35 -49.07 66.37 60.64
C ASN S 35 -48.24 66.64 59.41
N GLY S 36 -48.87 66.84 58.27
CA GLY S 36 -48.08 67.01 57.07
C GLY S 36 -47.19 68.23 57.16
N ARG S 37 -47.72 69.28 57.78
CA ARG S 37 -47.03 70.54 57.91
C ARG S 37 -45.83 70.45 58.87
N LYS S 38 -44.73 71.06 58.47
CA LYS S 38 -43.51 71.08 59.28
C LYS S 38 -43.39 72.38 60.08
N GLY S 39 -42.78 72.30 61.25
CA GLY S 39 -42.36 73.50 61.95
C GLY S 39 -43.50 74.27 62.58
N LYS S 40 -44.63 73.61 62.74
CA LYS S 40 -45.83 74.28 63.22
C LYS S 40 -46.32 73.62 64.51
N LEU S 41 -45.49 73.65 65.53
CA LEU S 41 -45.67 72.81 66.71
C LEU S 41 -46.79 73.22 67.64
N THR S 42 -47.88 72.47 67.57
CA THR S 42 -49.02 72.63 68.44
C THR S 42 -48.65 72.26 69.87
N GLU S 43 -49.38 72.83 70.83
CA GLU S 43 -49.13 72.62 72.25
C GLU S 43 -49.06 71.15 72.62
N LYS S 44 -49.53 70.31 71.70
CA LYS S 44 -49.63 68.88 71.93
C LYS S 44 -48.33 68.16 71.59
N VAL S 45 -47.32 68.94 71.20
CA VAL S 45 -46.01 68.39 70.86
C VAL S 45 -44.91 69.34 71.30
N ARG S 46 -44.81 69.59 72.61
CA ARG S 46 -43.80 70.51 73.12
C ARG S 46 -42.43 69.87 73.08
N VAL S 47 -41.39 70.68 73.02
CA VAL S 47 -40.03 70.15 72.90
C VAL S 47 -39.02 71.05 73.62
N GLY S 48 -37.86 70.49 73.92
CA GLY S 48 -36.83 71.24 74.61
C GLY S 48 -35.88 70.35 75.41
N LEU S 49 -35.10 70.97 76.29
CA LEU S 49 -34.09 70.25 77.07
C LEU S 49 -34.44 70.18 78.54
N ASN S 52 -29.60 68.76 78.69
CA ASN S 52 -28.93 68.04 77.62
C ASN S 52 -29.74 66.84 77.14
N VAL S 53 -31.05 67.03 77.06
CA VAL S 53 -31.95 66.00 76.57
C VAL S 53 -33.14 66.63 75.88
N LEU S 54 -33.30 66.39 74.58
CA LEU S 54 -34.47 66.90 73.88
C LEU S 54 -35.70 66.05 74.12
N THR S 55 -36.29 66.17 75.29
CA THR S 55 -37.51 65.44 75.55
C THR S 55 -38.59 65.99 74.63
N ILE S 56 -39.36 65.11 74.00
CA ILE S 56 -40.48 65.54 73.18
C ILE S 56 -41.78 65.02 73.74
N THR S 57 -42.43 65.81 74.58
CA THR S 57 -43.74 65.45 75.08
C THR S 57 -44.77 65.46 73.96
N THR S 58 -45.71 64.53 74.02
CA THR S 58 -46.77 64.50 73.02
C THR S 58 -47.95 63.63 73.38
N THR S 59 -49.14 64.08 73.01
CA THR S 59 -50.31 63.22 73.03
C THR S 59 -50.36 62.46 71.70
N MET S 60 -49.54 62.90 70.77
CA MET S 60 -49.58 62.41 69.40
C MET S 60 -48.87 61.06 69.29
N ALA S 61 -49.26 60.28 68.28
CA ALA S 61 -48.66 58.98 68.04
C ALA S 61 -47.49 59.01 67.07
N TYR S 62 -46.38 59.59 67.48
CA TYR S 62 -45.14 59.45 66.74
C TYR S 62 -44.52 58.08 66.86
N ARG S 63 -43.92 57.63 65.77
CA ARG S 63 -42.96 56.55 65.83
C ARG S 63 -41.69 57.04 66.53
N LYS S 64 -41.14 56.20 67.39
CA LYS S 64 -39.97 56.59 68.17
C LYS S 64 -38.73 56.84 67.33
N LYS S 65 -38.57 56.09 66.24
CA LYS S 65 -37.32 56.13 65.49
C LYS S 65 -37.28 57.34 64.60
N TYR S 66 -38.41 58.03 64.52
CA TYR S 66 -38.49 59.30 63.81
C TYR S 66 -37.58 60.31 64.44
N PHE S 67 -37.32 60.15 65.73
CA PHE S 67 -36.49 61.09 66.44
C PHE S 67 -35.05 60.68 66.38
N LYS S 68 -34.82 59.38 66.22
CA LYS S 68 -33.50 58.89 65.85
C LYS S 68 -33.18 59.38 64.46
N TYR S 69 -34.23 59.66 63.70
CA TYR S 69 -34.11 60.06 62.31
C TYR S 69 -33.82 61.53 62.11
N LEU S 70 -34.55 62.39 62.81
CA LEU S 70 -34.32 63.82 62.73
C LEU S 70 -32.96 64.15 63.28
N THR S 71 -32.49 63.30 64.18
CA THR S 71 -31.17 63.45 64.75
C THR S 71 -30.09 63.23 63.70
N LYS S 72 -30.18 62.11 63.00
CA LYS S 72 -29.20 61.78 61.98
C LYS S 72 -29.27 62.79 60.85
N LYS S 73 -30.49 63.25 60.59
CA LYS S 73 -30.73 64.25 59.56
C LYS S 73 -30.16 65.57 60.06
N PHE S 74 -30.06 65.68 61.37
CA PHE S 74 -29.41 66.83 62.00
C PHE S 74 -27.89 66.69 62.03
N LEU S 75 -27.40 65.52 62.39
CA LEU S 75 -25.96 65.32 62.48
C LEU S 75 -25.30 65.34 61.11
N LYS S 76 -26.04 64.96 60.08
CA LYS S 76 -25.51 65.00 58.74
C LYS S 76 -25.36 66.45 58.29
N LYS S 77 -26.14 67.35 58.87
CA LYS S 77 -25.94 68.77 58.61
C LYS S 77 -24.73 69.33 59.31
N LYS S 78 -24.57 69.00 60.58
CA LYS S 78 -23.47 69.55 61.35
C LYS S 78 -22.24 68.73 61.04
N ASP S 79 -22.44 67.66 60.30
CA ASP S 79 -21.38 66.76 59.90
C ASP S 79 -20.78 66.03 61.10
N LEU S 80 -21.65 65.71 62.05
CA LEU S 80 -21.26 64.96 63.24
C LEU S 80 -21.48 63.46 63.15
N ARG S 81 -22.20 63.00 62.15
CA ARG S 81 -22.73 61.65 62.20
C ARG S 81 -21.62 60.61 62.15
N ASP S 82 -20.49 60.98 61.57
CA ASP S 82 -19.30 60.14 61.67
C ASP S 82 -18.50 60.41 62.94
N TRP S 83 -18.93 61.40 63.74
CA TRP S 83 -18.42 61.56 65.10
C TRP S 83 -19.22 60.82 66.16
N ILE S 84 -20.55 60.83 66.04
CA ILE S 84 -21.40 60.33 67.11
C ILE S 84 -22.54 59.49 66.57
N ARG S 85 -23.12 58.65 67.43
CA ARG S 85 -24.03 57.61 66.97
C ARG S 85 -25.20 57.42 67.92
N ILE S 86 -26.42 57.49 67.39
CA ILE S 86 -27.62 57.34 68.20
C ILE S 86 -27.87 55.87 68.57
N LEU S 87 -28.49 55.66 69.73
CA LEU S 87 -28.86 54.32 70.18
C LEU S 87 -30.05 54.41 71.10
N ALA S 88 -30.85 53.37 71.15
CA ALA S 88 -31.94 53.34 72.11
C ALA S 88 -31.45 52.75 73.42
N ARG S 89 -31.03 53.60 74.34
CA ARG S 89 -30.53 53.11 75.62
C ARG S 89 -31.69 52.82 76.55
N GLY S 90 -32.89 53.20 76.12
CA GLY S 90 -34.09 52.83 76.84
C GLY S 90 -35.20 52.60 75.84
N LYS S 91 -36.35 52.14 76.33
CA LYS S 91 -37.49 51.93 75.46
C LYS S 91 -37.98 53.23 74.89
N ASP S 92 -37.69 54.32 75.58
CA ASP S 92 -38.09 55.65 75.12
C ASP S 92 -36.97 56.68 75.23
N THR S 93 -35.75 56.27 74.91
CA THR S 93 -34.61 57.20 74.97
C THR S 93 -33.58 56.93 73.88
N TYR S 94 -32.81 57.95 73.53
CA TYR S 94 -31.70 57.80 72.58
C TYR S 94 -30.44 58.50 73.05
N GLN S 95 -29.61 57.87 73.85
CA GLN S 95 -28.34 58.52 74.15
C GLN S 95 -27.48 58.57 72.91
N LEU S 96 -26.80 59.68 72.73
CA LEU S 96 -25.88 59.83 71.62
C LEU S 96 -24.48 59.42 72.07
N LYS S 97 -24.00 58.29 71.58
CA LYS S 97 -22.66 57.83 71.94
C LYS S 97 -21.58 58.27 70.98
N TYR S 98 -20.62 57.38 70.79
CA TYR S 98 -19.48 57.58 69.91
C TYR S 98 -19.20 56.30 69.12
N PHE S 99 -17.95 56.15 68.70
CA PHE S 99 -17.46 54.92 68.08
C PHE S 99 -17.92 53.67 68.82
N PHE T 1 -34.80 69.01 -18.41
CA PHE T 1 -33.44 68.55 -18.15
C PHE T 1 -33.40 67.19 -17.47
N ARG T 2 -32.34 66.99 -16.70
CA ARG T 2 -32.19 65.83 -15.84
C ARG T 2 -33.28 65.80 -14.79
N VAL T 3 -33.92 64.65 -14.66
CA VAL T 3 -34.92 64.42 -13.65
C VAL T 3 -34.61 63.06 -13.07
N SER T 4 -34.22 63.03 -11.80
CA SER T 4 -33.75 61.78 -11.23
C SER T 4 -34.82 60.73 -11.37
N LEU T 5 -34.43 59.56 -11.83
CA LEU T 5 -35.40 58.56 -12.25
C LEU T 5 -36.18 58.08 -11.06
N ALA T 6 -37.48 57.95 -11.24
CA ALA T 6 -38.35 57.77 -10.10
C ALA T 6 -39.16 56.51 -10.15
N LEU T 7 -39.59 56.12 -11.33
CA LEU T 7 -40.63 55.11 -11.48
C LEU T 7 -40.17 53.99 -12.37
N PRO T 8 -39.38 53.09 -11.82
CA PRO T 8 -38.82 51.96 -12.56
C PRO T 8 -39.92 51.04 -13.03
N VAL T 9 -39.66 50.28 -14.08
CA VAL T 9 -40.64 49.34 -14.55
C VAL T 9 -41.04 48.41 -13.43
N GLY T 10 -42.33 48.14 -13.34
CA GLY T 10 -42.89 47.47 -12.19
C GLY T 10 -43.59 48.41 -11.24
N ALA T 11 -43.41 49.70 -11.42
CA ALA T 11 -44.06 50.68 -10.56
C ALA T 11 -45.52 50.79 -10.89
N VAL T 12 -46.33 51.14 -9.90
CA VAL T 12 -47.73 51.44 -10.15
C VAL T 12 -48.03 52.87 -9.75
N VAL T 13 -47.80 53.79 -10.67
CA VAL T 13 -48.20 55.16 -10.48
C VAL T 13 -49.70 55.31 -10.69
N ASN T 14 -50.29 56.29 -10.03
CA ASN T 14 -51.72 56.56 -10.14
C ASN T 14 -52.07 57.19 -11.46
N CYS T 15 -53.30 57.03 -11.92
CA CYS T 15 -53.75 57.82 -13.07
C CYS T 15 -54.36 59.12 -12.61
N ALA T 16 -53.68 60.22 -12.89
CA ALA T 16 -54.20 61.52 -12.54
C ALA T 16 -55.33 61.85 -13.48
N ASP T 17 -55.43 61.07 -14.54
CA ASP T 17 -56.23 61.43 -15.70
C ASP T 17 -57.73 61.32 -15.47
N ASN T 18 -58.46 62.05 -16.32
CA ASN T 18 -59.91 62.11 -16.34
C ASN T 18 -60.53 60.74 -16.58
N THR T 19 -59.80 59.90 -17.29
CA THR T 19 -60.28 58.60 -17.76
C THR T 19 -60.60 57.67 -16.61
N GLY T 20 -61.17 56.52 -16.92
CA GLY T 20 -61.57 55.57 -15.90
C GLY T 20 -60.45 54.67 -15.41
N ALA T 21 -59.25 54.85 -15.93
CA ALA T 21 -58.10 54.18 -15.36
C ALA T 21 -57.92 54.68 -13.95
N LYS T 22 -57.66 53.78 -13.02
CA LYS T 22 -57.47 54.16 -11.63
C LYS T 22 -56.00 54.29 -11.30
N ASN T 23 -55.20 53.40 -11.85
CA ASN T 23 -53.76 53.50 -11.69
C ASN T 23 -53.02 52.80 -12.81
N LEU T 24 -51.82 53.27 -13.08
CA LEU T 24 -51.01 52.72 -14.15
C LEU T 24 -49.96 51.79 -13.59
N TYR T 25 -49.67 50.75 -14.33
CA TYR T 25 -48.56 49.87 -14.01
C TYR T 25 -47.49 50.01 -15.06
N ILE T 26 -46.41 50.71 -14.74
CA ILE T 26 -45.38 50.94 -15.73
C ILE T 26 -44.79 49.63 -16.22
N ILE T 27 -44.72 49.51 -17.53
CA ILE T 27 -44.26 48.30 -18.19
C ILE T 27 -42.91 48.53 -18.79
N SER T 28 -42.76 49.68 -19.39
CA SER T 28 -41.46 50.10 -19.85
C SER T 28 -41.47 51.57 -20.21
N VAL T 29 -40.29 52.14 -20.24
CA VAL T 29 -40.14 53.55 -20.47
C VAL T 29 -39.67 53.81 -21.87
N LYS T 30 -40.42 54.58 -22.62
CA LYS T 30 -40.07 54.87 -24.00
C LYS T 30 -38.76 55.63 -24.03
N GLY T 31 -37.94 55.35 -25.03
CA GLY T 31 -36.67 56.05 -25.12
C GLY T 31 -35.63 55.52 -24.17
N TYR T 32 -35.85 54.33 -23.63
CA TYR T 32 -34.90 53.76 -22.69
C TYR T 32 -33.82 52.95 -23.35
N HIS T 33 -32.67 53.57 -23.59
CA HIS T 33 -31.50 52.78 -23.87
C HIS T 33 -31.10 52.04 -22.60
N GLY T 34 -30.78 50.77 -22.72
CA GLY T 34 -30.58 49.96 -21.54
C GLY T 34 -29.15 49.57 -21.25
N ARG T 35 -28.71 49.78 -20.01
CA ARG T 35 -27.53 49.12 -19.51
C ARG T 35 -27.99 47.75 -19.06
N LEU T 36 -27.05 46.86 -18.73
CA LEU T 36 -27.36 45.47 -18.49
C LEU T 36 -28.42 45.25 -17.43
N ASN T 37 -28.07 45.20 -16.15
CA ASN T 37 -29.09 44.81 -15.19
C ASN T 37 -30.09 45.90 -14.91
N ARG T 38 -29.77 47.12 -15.30
CA ARG T 38 -30.58 48.27 -14.95
C ARG T 38 -32.02 48.10 -15.44
N LEU T 39 -32.97 48.38 -14.56
CA LEU T 39 -34.37 48.39 -14.91
C LEU T 39 -34.67 49.70 -15.57
N PRO T 40 -35.48 49.68 -16.62
CA PRO T 40 -35.90 50.96 -17.18
C PRO T 40 -36.67 51.75 -16.15
N ALA T 41 -36.53 53.07 -16.15
CA ALA T 41 -37.21 53.84 -15.13
C ALA T 41 -37.80 55.09 -15.71
N ALA T 42 -39.11 55.20 -15.59
CA ALA T 42 -39.80 56.40 -15.98
C ALA T 42 -39.50 57.48 -14.98
N ALA T 43 -39.40 58.70 -15.46
CA ALA T 43 -39.34 59.85 -14.59
C ALA T 43 -40.29 60.89 -15.14
N LEU T 44 -40.28 62.06 -14.55
CA LEU T 44 -41.25 63.07 -14.89
C LEU T 44 -41.16 63.47 -16.36
N GLY T 45 -42.30 63.54 -17.03
CA GLY T 45 -42.35 63.88 -18.44
C GLY T 45 -42.19 62.69 -19.37
N ASP T 46 -41.71 61.57 -18.84
CA ASP T 46 -41.44 60.40 -19.66
C ASP T 46 -42.70 59.75 -20.16
N ILE T 47 -42.70 59.32 -21.42
CA ILE T 47 -43.76 58.47 -21.90
C ILE T 47 -43.54 57.09 -21.32
N VAL T 48 -44.61 56.37 -21.07
CA VAL T 48 -44.46 55.07 -20.42
C VAL T 48 -45.48 54.11 -20.93
N MET T 49 -45.04 52.93 -21.33
CA MET T 49 -45.94 51.84 -21.64
C MET T 49 -46.51 51.33 -20.33
N ALA T 50 -47.81 51.45 -20.17
CA ALA T 50 -48.42 51.09 -18.91
C ALA T 50 -49.76 50.43 -19.12
N SER T 51 -50.02 49.39 -18.36
CA SER T 51 -51.33 48.77 -18.35
C SER T 51 -52.08 49.20 -17.13
N VAL T 52 -53.32 49.63 -17.30
CA VAL T 52 -54.17 49.92 -16.17
C VAL T 52 -54.38 48.64 -15.41
N LYS T 53 -54.19 48.70 -14.11
CA LYS T 53 -54.22 47.52 -13.27
C LYS T 53 -55.52 47.49 -12.52
N LYS T 54 -56.14 48.66 -12.48
CA LYS T 54 -57.40 48.83 -11.78
C LYS T 54 -58.13 50.01 -12.39
N GLY T 55 -59.44 49.85 -12.59
CA GLY T 55 -60.23 50.87 -13.27
C GLY T 55 -61.11 50.21 -14.30
N LYS T 56 -61.62 50.98 -15.24
CA LYS T 56 -62.57 50.45 -16.22
C LYS T 56 -61.95 49.31 -16.97
N PRO T 57 -62.69 48.21 -17.11
CA PRO T 57 -62.16 47.00 -17.75
C PRO T 57 -61.70 47.26 -19.17
N GLU T 58 -62.34 48.20 -19.87
CA GLU T 58 -61.99 48.48 -21.26
C GLU T 58 -60.53 48.88 -21.38
N LEU T 59 -60.00 49.51 -20.35
CA LEU T 59 -58.59 49.89 -20.34
C LEU T 59 -57.70 48.82 -19.73
N ARG T 60 -58.33 47.83 -19.12
CA ARG T 60 -57.66 47.00 -18.12
C ARG T 60 -56.54 46.09 -18.59
N ARG T 61 -56.59 45.57 -19.80
CA ARG T 61 -55.68 44.47 -20.11
C ARG T 61 -54.82 44.68 -21.34
N LYS T 62 -54.81 45.89 -21.86
CA LYS T 62 -53.89 46.25 -22.91
C LYS T 62 -52.81 47.20 -22.45
N VAL T 63 -51.65 47.12 -23.07
CA VAL T 63 -50.61 48.09 -22.84
C VAL T 63 -51.06 49.44 -23.38
N LEU T 64 -50.75 50.47 -22.62
CA LEU T 64 -51.17 51.84 -22.89
C LEU T 64 -49.97 52.70 -22.72
N ASN T 65 -50.04 53.93 -23.22
CA ASN T 65 -48.99 54.89 -22.95
C ASN T 65 -49.41 55.86 -21.87
N ALA T 66 -48.45 56.47 -21.21
CA ALA T 66 -48.74 57.40 -20.14
C ALA T 66 -47.53 58.24 -19.84
N VAL T 67 -47.67 59.56 -19.86
CA VAL T 67 -46.58 60.39 -19.42
C VAL T 67 -46.68 60.57 -17.92
N ILE T 68 -45.54 60.71 -17.26
CA ILE T 68 -45.55 60.91 -15.82
C ILE T 68 -45.63 62.40 -15.57
N ILE T 69 -46.58 62.82 -14.73
CA ILE T 69 -46.84 64.23 -14.57
C ILE T 69 -46.51 64.67 -13.15
N ARG T 70 -46.34 63.70 -12.27
CA ARG T 70 -45.81 64.00 -10.96
C ARG T 70 -45.14 62.80 -10.38
N GLN T 71 -44.37 63.04 -9.32
CA GLN T 71 -43.30 62.15 -8.91
C GLN T 71 -42.89 62.37 -7.47
N ARG T 72 -43.08 61.37 -6.63
CA ARG T 72 -42.52 61.42 -5.28
C ARG T 72 -41.01 61.47 -5.26
N LYS T 73 -40.38 60.85 -6.23
CA LYS T 73 -38.94 60.95 -6.27
C LYS T 73 -38.59 62.37 -6.62
N SER T 74 -37.94 63.05 -5.69
CA SER T 74 -37.64 64.45 -5.88
C SER T 74 -36.54 64.62 -6.90
N TRP T 75 -36.52 65.77 -7.55
CA TRP T 75 -35.49 66.01 -8.54
C TRP T 75 -35.02 67.43 -8.36
N ARG T 76 -33.91 67.77 -8.99
CA ARG T 76 -33.34 69.08 -8.83
C ARG T 76 -33.51 69.87 -10.11
N ARG T 77 -34.06 71.07 -10.00
CA ARG T 77 -34.13 71.97 -11.14
C ARG T 77 -32.75 72.45 -11.46
N LYS T 78 -32.53 72.88 -12.69
CA LYS T 78 -31.30 73.59 -12.98
C LYS T 78 -31.27 74.85 -12.14
N ASP T 79 -32.45 75.28 -11.73
CA ASP T 79 -32.63 76.43 -10.87
C ASP T 79 -32.09 76.12 -9.47
N GLY T 80 -31.75 74.86 -9.23
CA GLY T 80 -31.15 74.46 -7.97
C GLY T 80 -32.18 74.13 -6.95
N THR T 81 -33.44 74.21 -7.39
CA THR T 81 -34.58 73.93 -6.55
C THR T 81 -35.01 72.48 -6.61
N VAL T 82 -34.47 71.65 -5.73
CA VAL T 82 -34.99 70.31 -5.54
C VAL T 82 -36.43 70.40 -5.11
N ILE T 83 -37.25 69.48 -5.60
CA ILE T 83 -38.69 69.56 -5.48
C ILE T 83 -39.29 68.18 -5.60
N TYR T 84 -40.49 67.96 -5.08
CA TYR T 84 -41.15 66.66 -5.25
C TYR T 84 -42.65 66.68 -4.92
N PHE T 85 -43.32 65.56 -5.21
CA PHE T 85 -44.76 65.47 -5.03
C PHE T 85 -45.23 64.56 -3.92
N GLU T 86 -46.47 64.78 -3.50
CA GLU T 86 -47.22 63.94 -2.58
C GLU T 86 -47.39 62.55 -3.14
N ASP T 87 -47.52 62.48 -4.45
CA ASP T 87 -47.80 61.25 -5.18
C ASP T 87 -47.11 61.31 -6.52
N ASN T 88 -47.05 60.17 -7.20
CA ASN T 88 -46.55 60.16 -8.55
C ASN T 88 -47.52 59.47 -9.46
N ALA T 89 -48.27 60.29 -10.18
CA ALA T 89 -49.32 59.82 -11.04
C ALA T 89 -49.08 60.26 -12.46
N GLY T 90 -49.51 59.45 -13.41
CA GLY T 90 -49.41 59.80 -14.80
C GLY T 90 -50.76 59.93 -15.45
N VAL T 91 -50.76 60.20 -16.75
CA VAL T 91 -52.00 60.33 -17.49
C VAL T 91 -51.91 59.46 -18.73
N ILE T 92 -52.99 58.81 -19.11
CA ILE T 92 -52.96 58.00 -20.31
C ILE T 92 -52.86 58.89 -21.54
N VAL T 93 -52.22 58.37 -22.57
CA VAL T 93 -51.87 59.20 -23.70
C VAL T 93 -51.61 58.34 -24.92
N ASN T 94 -51.77 58.93 -26.11
CA ASN T 94 -51.46 58.28 -27.39
C ASN T 94 -49.97 58.20 -27.65
N PRO T 95 -49.56 57.32 -28.57
CA PRO T 95 -48.16 57.27 -28.98
C PRO T 95 -47.70 58.63 -29.48
N LYS T 96 -48.60 59.37 -30.11
CA LYS T 96 -48.30 60.75 -30.49
C LYS T 96 -48.04 61.60 -29.26
N GLY T 97 -48.68 61.26 -28.15
CA GLY T 97 -48.58 62.07 -26.95
C GLY T 97 -49.77 62.96 -26.66
N GLU T 98 -50.78 62.92 -27.50
CA GLU T 98 -52.05 63.56 -27.21
C GLU T 98 -52.66 62.81 -26.04
N MET T 99 -53.19 63.51 -25.04
CA MET T 99 -53.72 62.80 -23.89
C MET T 99 -55.17 62.42 -24.10
N LYS T 100 -55.54 61.24 -23.62
CA LYS T 100 -56.87 60.71 -23.87
C LYS T 100 -57.90 61.14 -22.82
N GLY T 101 -57.44 61.79 -21.77
CA GLY T 101 -58.35 62.28 -20.76
C GLY T 101 -58.88 63.62 -21.18
N SER T 102 -59.81 64.16 -20.40
CA SER T 102 -60.35 65.47 -20.73
C SER T 102 -59.91 66.52 -19.72
N GLY T 103 -59.28 66.07 -18.64
CA GLY T 103 -58.85 66.98 -17.59
C GLY T 103 -58.08 66.28 -16.48
N ILE T 104 -56.86 66.72 -16.26
CA ILE T 104 -55.99 66.12 -15.26
C ILE T 104 -56.39 66.48 -13.83
N ALA T 105 -56.16 65.56 -12.90
CA ALA T 105 -56.60 65.75 -11.54
C ALA T 105 -55.77 66.80 -10.82
N GLY T 106 -54.69 66.36 -10.18
CA GLY T 106 -53.88 67.25 -9.36
C GLY T 106 -52.89 68.05 -10.17
N PRO T 107 -51.90 68.63 -9.50
CA PRO T 107 -50.89 69.45 -10.16
C PRO T 107 -50.07 68.65 -11.17
N VAL T 108 -49.68 69.28 -12.27
CA VAL T 108 -48.78 68.65 -13.22
C VAL T 108 -47.43 69.31 -13.07
N ALA T 109 -46.37 68.56 -13.29
CA ALA T 109 -45.04 69.08 -13.10
C ALA T 109 -44.71 70.03 -14.23
N LYS T 110 -43.78 70.93 -13.99
CA LYS T 110 -43.38 71.89 -15.00
C LYS T 110 -42.79 71.23 -16.23
N GLU T 111 -41.97 70.20 -16.04
CA GLU T 111 -41.40 69.48 -17.16
C GLU T 111 -42.22 68.30 -17.62
N ALA T 112 -43.41 68.13 -17.04
CA ALA T 112 -44.43 67.36 -17.74
C ALA T 112 -45.11 68.31 -18.70
N ALA T 113 -45.42 69.50 -18.20
CA ALA T 113 -46.25 70.44 -18.93
C ALA T 113 -45.53 71.05 -20.10
N ASP T 114 -44.21 71.00 -20.10
CA ASP T 114 -43.46 71.66 -21.15
C ASP T 114 -43.18 70.71 -22.30
N LEU T 115 -43.04 69.43 -22.00
CA LEU T 115 -42.87 68.46 -23.05
C LEU T 115 -44.17 68.13 -23.74
N TRP T 116 -45.28 68.32 -23.05
CA TRP T 116 -46.54 67.85 -23.56
C TRP T 116 -47.51 69.01 -23.62
N PRO T 117 -47.65 69.60 -24.82
CA PRO T 117 -48.42 70.82 -25.05
C PRO T 117 -49.88 70.66 -24.64
N LYS T 118 -50.41 69.45 -24.80
CA LYS T 118 -51.80 69.21 -24.47
C LYS T 118 -51.97 68.94 -23.00
N ILE T 119 -50.99 68.28 -22.41
CA ILE T 119 -51.02 67.96 -20.99
C ILE T 119 -50.96 69.23 -20.18
N SER T 120 -50.23 70.22 -20.69
CA SER T 120 -50.02 71.47 -20.00
C SER T 120 -51.28 72.26 -19.88
N SER T 121 -52.15 72.09 -20.86
CA SER T 121 -53.36 72.89 -20.94
C SER T 121 -54.40 72.37 -19.99
N HIS T 122 -54.55 71.05 -19.94
CA HIS T 122 -55.53 70.43 -19.07
C HIS T 122 -55.06 70.41 -17.62
N ALA T 123 -53.78 70.70 -17.41
CA ALA T 123 -53.25 70.69 -16.07
C ALA T 123 -53.88 71.81 -15.26
N PRO T 124 -54.47 71.47 -14.11
CA PRO T 124 -55.00 72.47 -13.18
C PRO T 124 -53.93 73.43 -12.70
N ALA T 125 -52.70 72.93 -12.57
CA ALA T 125 -51.57 73.76 -12.19
C ALA T 125 -50.29 73.21 -12.77
N ILE T 126 -49.27 74.05 -12.87
CA ILE T 126 -47.96 73.59 -13.28
C ILE T 126 -46.97 73.80 -12.15
N VAL T 127 -46.08 72.84 -11.93
CA VAL T 127 -45.16 72.92 -10.80
C VAL T 127 -43.81 72.25 -11.06
N ALA U 1 -53.64 -43.77 57.97
CA ALA U 1 -53.88 -42.65 58.86
C ALA U 1 -53.27 -41.37 58.30
N TYR U 2 -52.85 -41.44 57.04
CA TYR U 2 -52.43 -40.26 56.30
C TYR U 2 -53.61 -39.32 56.06
N THR U 3 -53.43 -38.04 56.27
CA THR U 3 -54.50 -37.08 56.03
C THR U 3 -54.01 -35.88 55.25
N ARG U 4 -53.06 -36.10 54.36
CA ARG U 4 -52.69 -35.07 53.43
C ARG U 4 -52.74 -35.66 52.05
N PRO U 5 -53.08 -34.85 51.06
CA PRO U 5 -53.20 -35.30 49.68
C PRO U 5 -51.89 -35.87 49.22
N GLN U 6 -50.81 -35.34 49.76
CA GLN U 6 -49.48 -35.77 49.40
C GLN U 6 -48.70 -36.28 50.59
N PHE U 7 -47.89 -37.30 50.36
CA PHE U 7 -46.99 -37.88 51.35
C PHE U 7 -45.88 -36.89 51.75
N ARG U 8 -45.47 -36.92 53.01
CA ARG U 8 -44.33 -36.13 53.48
C ARG U 8 -43.40 -37.03 54.31
N ARG U 9 -42.09 -36.91 54.17
CA ARG U 9 -41.21 -37.89 54.82
C ARG U 9 -41.30 -37.77 56.34
N PRO U 10 -41.38 -38.91 57.02
CA PRO U 10 -41.60 -39.04 58.46
C PRO U 10 -40.45 -38.47 59.27
N HIS U 11 -40.66 -37.94 60.47
CA HIS U 11 -39.51 -37.77 61.35
C HIS U 11 -38.93 -39.15 61.59
N THR U 12 -37.60 -39.22 61.49
CA THR U 12 -36.84 -40.40 61.79
C THR U 12 -35.84 -39.90 62.81
N TYR U 13 -35.30 -40.77 63.64
CA TYR U 13 -34.31 -40.30 64.60
C TYR U 13 -33.08 -39.76 63.93
N ARG U 14 -32.51 -38.73 64.52
CA ARG U 14 -31.24 -38.19 64.08
C ARG U 14 -30.24 -38.06 65.22
N ARG U 15 -29.12 -38.76 65.15
CA ARG U 15 -28.08 -38.59 66.17
C ARG U 15 -27.56 -37.17 66.20
N PRO U 16 -27.24 -36.70 67.41
CA PRO U 16 -26.97 -35.31 67.75
C PRO U 16 -25.83 -34.67 66.94
N SER U 17 -24.83 -35.44 66.55
CA SER U 17 -23.72 -34.93 65.74
C SER U 17 -22.72 -34.11 66.54
N MET U 25 -5.18 -25.21 65.72
CA MET U 25 -4.00 -25.73 66.40
C MET U 25 -3.13 -24.64 66.97
N SER U 26 -3.42 -23.40 66.60
CA SER U 26 -2.70 -22.30 67.19
C SER U 26 -2.97 -22.34 68.67
N ALA U 27 -1.94 -22.11 69.47
CA ALA U 27 -2.11 -22.22 70.91
C ALA U 27 -3.07 -21.14 71.37
N ILE U 28 -3.06 -20.04 70.62
CA ILE U 28 -3.95 -18.93 70.86
C ILE U 28 -4.91 -18.81 69.72
N SER U 29 -6.04 -19.50 69.80
CA SER U 29 -6.94 -19.50 68.67
C SER U 29 -7.50 -18.10 68.38
N ASN U 30 -7.75 -17.32 69.42
CA ASN U 30 -8.36 -16.02 69.21
C ASN U 30 -7.29 -15.02 68.85
N LYS U 31 -7.09 -14.89 67.56
CA LYS U 31 -6.05 -14.04 67.03
C LYS U 31 -6.35 -12.57 67.26
N TRP U 32 -7.65 -12.25 67.32
CA TRP U 32 -8.05 -10.91 67.70
C TRP U 32 -7.76 -10.70 69.15
N ASP U 33 -7.58 -9.46 69.52
CA ASP U 33 -6.93 -9.18 70.78
C ASP U 33 -7.00 -7.70 71.04
N ALA U 34 -6.80 -7.29 72.27
CA ALA U 34 -6.82 -5.88 72.57
C ALA U 34 -5.70 -5.21 71.79
N PHE U 35 -4.61 -5.93 71.59
CA PHE U 35 -3.46 -5.37 70.94
C PHE U 35 -3.54 -5.42 69.42
N ARG U 36 -4.49 -6.16 68.88
CA ARG U 36 -4.67 -6.18 67.45
C ARG U 36 -5.72 -5.15 67.08
N VAL U 37 -6.67 -4.97 67.98
CA VAL U 37 -7.74 -4.03 67.78
C VAL U 37 -7.19 -2.64 67.73
N ILE U 38 -6.86 -2.09 68.89
CA ILE U 38 -6.19 -0.79 68.94
C ILE U 38 -4.78 -0.87 68.40
N ARG U 39 -4.39 0.11 67.61
CA ARG U 39 -3.06 0.10 67.04
C ARG U 39 -2.26 1.21 67.64
N TYR U 40 -2.27 2.36 67.00
CA TYR U 40 -1.51 3.48 67.51
C TYR U 40 -2.39 4.68 67.69
N PRO U 41 -2.15 5.46 68.74
CA PRO U 41 -2.90 6.69 68.95
C PRO U 41 -2.58 7.67 67.86
N LEU U 42 -3.54 8.48 67.46
CA LEU U 42 -3.26 9.42 66.40
C LEU U 42 -2.91 10.77 67.03
N THR U 43 -1.97 11.47 66.41
CA THR U 43 -1.32 12.62 67.03
C THR U 43 -1.45 13.87 66.15
N THR U 44 -2.46 13.86 65.29
CA THR U 44 -2.77 15.02 64.44
C THR U 44 -3.33 16.09 65.33
N ASP U 45 -3.50 17.31 64.81
CA ASP U 45 -4.06 18.37 65.64
C ASP U 45 -5.58 18.44 65.63
N LYS U 46 -6.27 17.63 64.84
CA LYS U 46 -7.70 17.44 65.09
C LYS U 46 -7.89 16.57 66.29
N ALA U 47 -6.94 15.68 66.52
CA ALA U 47 -7.05 14.73 67.60
C ALA U 47 -6.54 15.38 68.87
N MET U 48 -5.57 16.27 68.73
CA MET U 48 -5.11 17.00 69.90
C MET U 48 -6.16 18.00 70.35
N LYS U 49 -7.04 18.41 69.46
CA LYS U 49 -8.16 19.23 69.88
C LYS U 49 -9.12 18.42 70.74
N LYS U 50 -9.22 17.13 70.46
CA LYS U 50 -10.17 16.30 71.18
C LYS U 50 -9.70 15.81 72.54
N ILE U 51 -8.41 15.53 72.68
CA ILE U 51 -7.91 15.06 73.97
C ILE U 51 -8.11 16.07 75.06
N GLU U 52 -7.92 17.33 74.73
CA GLU U 52 -8.03 18.39 75.72
C GLU U 52 -9.42 18.99 75.78
N GLU U 53 -10.07 19.10 74.64
CA GLU U 53 -11.34 19.79 74.58
C GLU U 53 -12.51 18.85 74.71
N ASN U 54 -12.36 17.62 74.25
CA ASN U 54 -13.47 16.68 74.26
C ASN U 54 -13.24 15.44 75.11
N ASN U 55 -12.12 15.37 75.81
CA ASN U 55 -11.83 14.20 76.62
C ASN U 55 -11.85 12.95 75.76
N THR U 56 -11.24 13.03 74.59
CA THR U 56 -11.42 12.04 73.53
C THR U 56 -10.13 11.57 72.87
N LEU U 57 -9.68 10.37 73.21
CA LEU U 57 -8.53 9.79 72.55
C LEU U 57 -8.85 9.37 71.11
N THR U 58 -7.91 9.59 70.20
CA THR U 58 -8.06 9.13 68.82
C THR U 58 -7.10 8.00 68.50
N PHE U 59 -7.60 6.96 67.84
CA PHE U 59 -6.78 5.81 67.50
C PHE U 59 -7.05 5.31 66.11
N ILE U 60 -6.00 5.04 65.36
CA ILE U 60 -6.15 4.08 64.30
C ILE U 60 -6.30 2.75 64.99
N VAL U 61 -7.23 1.95 64.52
CA VAL U 61 -7.64 0.78 65.25
C VAL U 61 -7.87 -0.20 64.13
N ASP U 62 -7.87 -1.48 64.43
CA ASP U 62 -7.98 -2.43 63.35
C ASP U 62 -9.27 -2.19 62.60
N SER U 63 -9.18 -2.19 61.28
CA SER U 63 -10.29 -1.83 60.44
C SER U 63 -11.44 -2.80 60.54
N ASN U 64 -11.15 -4.05 60.87
CA ASN U 64 -12.22 -5.01 61.08
C ASN U 64 -12.81 -4.99 62.48
N ALA U 65 -12.18 -4.26 63.38
CA ALA U 65 -12.70 -4.18 64.73
C ALA U 65 -13.96 -3.37 64.73
N ASN U 66 -14.86 -3.64 65.65
CA ASN U 66 -16.04 -2.81 65.74
C ASN U 66 -15.94 -1.96 67.00
N LYS U 67 -16.96 -1.15 67.24
CA LYS U 67 -16.93 -0.23 68.36
C LYS U 67 -16.90 -0.90 69.71
N THR U 68 -17.69 -1.93 69.91
CA THR U 68 -17.77 -2.51 71.23
C THR U 68 -16.45 -3.14 71.59
N GLU U 69 -15.78 -3.69 70.58
CA GLU U 69 -14.46 -4.24 70.78
C GLU U 69 -13.40 -3.19 71.06
N ILE U 70 -13.59 -1.99 70.54
CA ILE U 70 -12.66 -0.91 70.81
C ILE U 70 -12.83 -0.38 72.23
N LYS U 71 -14.04 -0.43 72.76
CA LYS U 71 -14.25 -0.05 74.15
C LYS U 71 -13.53 -1.03 75.05
N LYS U 72 -13.75 -2.31 74.79
CA LYS U 72 -13.19 -3.37 75.60
C LYS U 72 -11.69 -3.38 75.51
N ALA U 73 -11.17 -2.87 74.41
CA ALA U 73 -9.74 -2.79 74.21
C ALA U 73 -9.12 -1.59 74.94
N MET U 74 -9.79 -0.44 74.95
CA MET U 74 -9.30 0.69 75.71
C MET U 74 -9.31 0.38 77.18
N ARG U 75 -10.31 -0.39 77.59
CA ARG U 75 -10.47 -0.77 78.97
C ARG U 75 -9.31 -1.62 79.41
N LYS U 76 -8.73 -2.34 78.46
CA LYS U 76 -7.70 -3.29 78.78
C LYS U 76 -6.29 -2.77 78.52
N LEU U 77 -6.15 -1.95 77.49
CA LEU U 77 -4.84 -1.44 77.13
C LEU U 77 -4.47 -0.25 77.97
N TYR U 78 -5.44 0.63 78.18
CA TYR U 78 -5.16 1.89 78.84
C TYR U 78 -5.95 2.00 80.12
N GLN U 79 -6.64 0.93 80.47
CA GLN U 79 -7.32 0.84 81.75
C GLN U 79 -8.41 1.87 81.99
N VAL U 80 -9.06 2.34 80.93
CA VAL U 80 -10.00 3.44 81.06
C VAL U 80 -11.29 3.22 80.31
N LYS U 81 -12.39 3.70 80.89
CA LYS U 81 -13.69 3.56 80.26
C LYS U 81 -13.89 4.49 79.10
N ALA U 82 -14.62 4.01 78.10
CA ALA U 82 -14.92 4.80 76.93
C ALA U 82 -16.42 5.01 76.85
N VAL U 83 -16.87 6.22 77.17
CA VAL U 83 -18.29 6.52 77.19
C VAL U 83 -18.87 6.32 75.82
N LYS U 84 -18.03 6.50 74.81
CA LYS U 84 -18.43 6.23 73.45
C LYS U 84 -17.25 6.11 72.53
N VAL U 85 -17.47 5.46 71.40
CA VAL U 85 -16.41 5.18 70.47
C VAL U 85 -16.99 5.24 69.09
N ASN U 86 -17.02 6.41 68.49
CA ASN U 86 -17.48 6.44 67.12
C ASN U 86 -16.34 6.44 66.14
N THR U 87 -16.14 5.27 65.55
CA THR U 87 -15.11 5.02 64.57
C THR U 87 -15.45 5.52 63.19
N LEU U 88 -14.43 5.78 62.41
CA LEU U 88 -14.59 5.93 60.98
C LEU U 88 -13.46 5.22 60.32
N ILE U 89 -13.69 4.73 59.12
CA ILE U 89 -12.60 4.21 58.35
C ILE U 89 -12.15 5.25 57.33
N ARG U 90 -10.85 5.50 57.36
CA ARG U 90 -10.23 6.63 56.70
C ARG U 90 -10.21 6.39 55.23
N PRO U 91 -10.12 7.45 54.43
CA PRO U 91 -10.17 7.29 52.98
C PRO U 91 -9.05 6.38 52.55
N ASP U 92 -7.97 6.44 53.32
CA ASP U 92 -6.81 5.61 53.14
C ASP U 92 -7.06 4.13 53.46
N GLY U 93 -8.10 3.84 54.22
CA GLY U 93 -8.44 2.48 54.57
C GLY U 93 -8.17 2.04 55.99
N LEU U 94 -7.45 2.85 56.74
CA LEU U 94 -7.32 2.63 58.17
C LEU U 94 -8.61 2.99 58.87
N LYS U 95 -8.95 2.26 59.92
CA LYS U 95 -10.10 2.68 60.69
C LYS U 95 -9.64 3.61 61.78
N LYS U 96 -10.47 4.58 62.09
CA LYS U 96 -10.09 5.59 63.06
C LYS U 96 -11.18 5.74 64.09
N ALA U 97 -10.85 5.43 65.33
CA ALA U 97 -11.78 5.61 66.43
C ALA U 97 -11.54 6.93 67.14
N TYR U 98 -12.57 7.72 67.30
CA TYR U 98 -12.55 8.76 68.31
C TYR U 98 -13.20 8.19 69.55
N ILE U 99 -12.42 7.79 70.54
CA ILE U 99 -13.06 7.27 71.73
C ILE U 99 -13.14 8.39 72.74
N ARG U 100 -14.32 8.65 73.26
CA ARG U 100 -14.46 9.62 74.32
C ARG U 100 -14.48 8.90 75.65
N LEU U 101 -13.63 9.36 76.57
CA LEU U 101 -13.51 8.78 77.89
C LEU U 101 -14.64 9.22 78.80
N SER U 102 -14.93 8.42 79.82
CA SER U 102 -15.87 8.84 80.85
C SER U 102 -15.26 10.01 81.57
N ALA U 103 -16.10 10.87 82.14
CA ALA U 103 -15.57 12.08 82.76
C ALA U 103 -14.68 11.69 83.92
N SER U 104 -14.94 10.53 84.51
CA SER U 104 -14.13 10.05 85.62
C SER U 104 -12.71 9.77 85.15
N TYR U 105 -12.54 9.53 83.87
CA TYR U 105 -11.22 9.37 83.27
C TYR U 105 -10.82 10.55 82.41
N ASP U 106 -9.75 11.23 82.78
CA ASP U 106 -9.23 12.28 81.92
C ASP U 106 -8.64 11.70 80.63
N ALA U 107 -8.89 12.36 79.51
CA ALA U 107 -8.30 11.95 78.25
C ALA U 107 -6.95 12.58 78.11
N LEU U 108 -6.60 13.42 79.06
CA LEU U 108 -5.37 14.17 78.96
C LEU U 108 -4.34 13.53 79.85
N GLU U 109 -4.75 13.21 81.07
CA GLU U 109 -3.87 12.53 82.00
C GLU U 109 -3.51 11.18 81.44
N THR U 110 -4.41 10.60 80.67
CA THR U 110 -4.19 9.28 80.11
C THR U 110 -3.34 9.28 78.86
N ALA U 111 -3.55 10.27 78.00
CA ALA U 111 -2.76 10.39 76.78
C ALA U 111 -1.30 10.69 77.04
N ASN U 112 -1.02 11.37 78.14
CA ASN U 112 0.35 11.77 78.47
C ASN U 112 1.06 10.64 79.18
N LYS U 113 0.25 9.82 79.83
CA LYS U 113 0.69 8.61 80.47
C LYS U 113 1.07 7.62 79.41
N MET U 114 0.55 7.87 78.22
CA MET U 114 0.67 6.99 77.07
C MET U 114 1.88 7.36 76.25
N GLY U 115 2.64 8.35 76.72
CA GLY U 115 3.82 8.79 76.01
C GLY U 115 3.55 9.87 74.98
N LEU U 116 2.31 10.33 74.90
CA LEU U 116 1.93 11.35 73.95
C LEU U 116 2.16 12.74 74.52
N THR V 1 -35.09 84.51 -2.02
CA THR V 1 -35.31 83.91 -0.70
C THR V 1 -36.79 83.70 -0.39
N ILE V 2 -37.33 82.57 -0.82
CA ILE V 2 -38.59 82.08 -0.31
C ILE V 2 -38.43 81.69 1.14
N ASP V 3 -39.44 81.93 1.97
CA ASP V 3 -39.35 81.51 3.36
C ASP V 3 -40.19 80.28 3.66
N CYS V 4 -39.71 79.46 4.58
CA CYS V 4 -40.20 78.11 4.79
C CYS V 4 -41.67 78.05 5.10
N GLU V 5 -42.33 77.01 4.60
CA GLU V 5 -43.76 76.82 4.75
C GLU V 5 -44.18 76.70 6.19
N PHE V 6 -43.25 76.30 7.03
CA PHE V 6 -43.58 75.97 8.40
C PHE V 6 -42.91 76.92 9.37
N SER V 7 -41.60 76.83 9.44
CA SER V 7 -40.82 77.63 10.38
C SER V 7 -40.68 79.05 9.91
N HIS V 8 -41.00 79.30 8.65
CA HIS V 8 -40.79 80.60 8.02
C HIS V 8 -39.35 81.06 8.05
N PHE V 9 -38.43 80.10 8.09
CA PHE V 9 -37.02 80.40 7.90
C PHE V 9 -36.78 80.94 6.51
N ALA V 10 -35.87 81.87 6.36
CA ALA V 10 -35.48 82.32 5.04
C ALA V 10 -34.87 81.14 4.31
N VAL V 11 -35.27 80.91 3.07
CA VAL V 11 -34.71 79.81 2.32
C VAL V 11 -34.10 80.32 1.04
N HIS V 12 -32.78 80.27 1.02
CA HIS V 12 -31.96 80.79 -0.05
C HIS V 12 -31.88 79.83 -1.21
N PRO V 13 -31.42 80.32 -2.36
CA PRO V 13 -31.56 79.64 -3.65
C PRO V 13 -31.01 78.21 -3.72
N GLY V 14 -29.94 77.89 -3.02
CA GLY V 14 -29.45 76.53 -3.07
C GLY V 14 -30.03 75.57 -2.08
N HIS V 15 -30.92 76.07 -1.23
CA HIS V 15 -31.28 75.36 0.00
C HIS V 15 -32.68 74.88 0.01
N GLY V 16 -32.92 73.82 0.78
CA GLY V 16 -34.27 73.39 1.07
C GLY V 16 -34.78 72.59 -0.09
N ARG V 17 -35.88 71.89 0.11
CA ARG V 17 -36.56 71.35 -1.03
C ARG V 17 -38.04 71.65 -1.00
N ARG V 18 -38.59 71.86 -2.18
CA ARG V 18 -39.98 72.19 -2.39
C ARG V 18 -40.78 70.94 -2.27
N TYR V 19 -42.08 71.06 -2.10
CA TYR V 19 -42.93 69.90 -2.04
C TYR V 19 -44.30 70.26 -2.55
N VAL V 20 -44.82 69.46 -3.46
CA VAL V 20 -46.12 69.74 -4.01
C VAL V 20 -47.09 68.67 -3.58
N PRO V 21 -47.90 68.97 -2.57
CA PRO V 21 -49.02 68.15 -2.16
C PRO V 21 -50.09 68.08 -3.24
N PHE V 22 -50.75 66.93 -3.33
CA PHE V 22 -51.89 66.80 -4.22
C PHE V 22 -52.99 67.78 -3.83
N ALA V 23 -53.09 68.05 -2.55
CA ALA V 23 -54.09 68.98 -2.06
C ALA V 23 -53.53 70.39 -2.12
N PHE V 24 -53.15 70.84 -3.30
CA PHE V 24 -52.54 72.16 -3.42
C PHE V 24 -53.48 73.31 -3.17
N LEU V 25 -52.87 74.43 -2.78
CA LEU V 25 -53.54 75.67 -2.47
C LEU V 25 -53.84 76.55 -3.69
N SER V 26 -53.37 76.14 -4.86
CA SER V 26 -53.60 76.96 -6.05
C SER V 26 -52.74 78.17 -5.89
N THR V 27 -52.98 78.88 -4.80
CA THR V 27 -52.21 80.06 -4.47
C THR V 27 -50.77 79.73 -4.15
N LYS V 28 -50.57 78.61 -3.46
CA LYS V 28 -49.24 78.13 -3.10
C LYS V 28 -49.18 76.68 -3.48
N PRO V 29 -49.02 76.39 -4.83
CA PRO V 29 -48.97 74.96 -5.13
C PRO V 29 -47.74 74.29 -4.51
N VAL V 30 -46.59 74.94 -4.59
CA VAL V 30 -45.36 74.37 -4.05
C VAL V 30 -45.06 74.96 -2.68
N LEU V 31 -44.80 74.08 -1.73
CA LEU V 31 -44.58 74.43 -0.34
C LEU V 31 -43.14 74.23 0.03
N THR V 32 -42.39 75.32 0.10
CA THR V 32 -40.99 75.26 0.48
C THR V 32 -40.74 74.88 1.92
N PHE V 33 -39.77 74.01 2.15
CA PHE V 33 -39.31 73.73 3.50
C PHE V 33 -37.82 73.94 3.56
N ALA V 34 -37.35 74.65 4.56
CA ALA V 34 -35.92 74.88 4.69
C ALA V 34 -35.18 73.60 5.04
N ARG V 35 -35.81 72.78 5.86
CA ARG V 35 -35.12 71.68 6.52
C ARG V 35 -36.00 70.46 6.67
N PRO V 36 -35.41 69.28 6.80
CA PRO V 36 -36.23 68.11 7.11
C PRO V 36 -37.01 68.26 8.40
N LYS V 37 -36.46 68.95 9.39
CA LYS V 37 -37.17 69.17 10.63
C LYS V 37 -38.45 69.95 10.38
N CYS V 38 -38.42 70.89 9.45
CA CYS V 38 -39.61 71.66 9.07
C CYS V 38 -40.64 70.83 8.34
N PHE V 39 -40.21 69.84 7.57
CA PHE V 39 -41.13 69.07 6.77
C PHE V 39 -41.80 68.01 7.59
N ALA V 40 -41.02 67.29 8.38
CA ALA V 40 -41.56 66.26 9.25
C ALA V 40 -42.51 66.91 10.22
N MET V 41 -42.21 68.16 10.56
CA MET V 41 -42.98 68.89 11.53
C MET V 41 -44.31 69.27 10.91
N TYR V 42 -44.34 69.21 9.59
CA TYR V 42 -45.51 69.49 8.77
C TYR V 42 -46.29 68.23 8.48
N MET V 43 -45.59 67.12 8.28
CA MET V 43 -46.25 65.83 8.08
C MET V 43 -46.97 65.36 9.34
N ARG V 44 -46.54 65.88 10.48
CA ARG V 44 -47.23 65.64 11.73
C ARG V 44 -48.44 66.56 11.77
N LYS V 45 -48.48 67.45 10.79
CA LYS V 45 -49.51 68.48 10.70
C LYS V 45 -49.49 69.34 11.93
N LYS V 46 -48.30 69.49 12.52
CA LYS V 46 -48.15 70.40 13.62
C LYS V 46 -48.40 71.76 13.07
N ASN V 47 -49.12 72.59 13.78
CA ASN V 47 -49.13 73.98 13.39
C ASN V 47 -47.86 74.61 13.91
N PRO V 48 -47.25 75.46 13.10
CA PRO V 48 -46.00 76.13 13.41
C PRO V 48 -46.16 77.03 14.60
N ARG V 49 -47.39 77.34 14.95
CA ARG V 49 -47.70 78.22 16.05
C ARG V 49 -47.21 77.74 17.40
N PHE V 50 -47.25 76.44 17.65
CA PHE V 50 -46.81 75.92 18.94
C PHE V 50 -45.36 75.48 19.04
N VAL V 51 -44.66 75.46 17.91
CA VAL V 51 -43.25 75.07 17.95
C VAL V 51 -42.43 76.34 18.03
N PRO V 52 -41.71 76.51 19.14
CA PRO V 52 -41.01 77.73 19.56
C PRO V 52 -39.96 78.33 18.64
N TRP V 53 -39.22 77.52 17.88
CA TRP V 53 -38.18 78.07 17.01
C TRP V 53 -38.72 78.63 15.72
N THR V 54 -39.97 78.33 15.40
CA THR V 54 -40.58 78.85 14.18
C THR V 54 -40.88 80.30 14.39
N ARG V 55 -40.99 81.06 13.31
CA ARG V 55 -41.26 82.47 13.46
C ARG V 55 -42.70 82.73 13.85
N THR V 56 -43.61 81.88 13.40
CA THR V 56 -45.02 82.11 13.69
C THR V 56 -45.25 81.97 15.16
N TYR V 57 -44.38 81.22 15.82
CA TYR V 57 -44.40 81.12 17.26
C TYR V 57 -43.88 82.39 17.89
N ARG V 58 -42.72 82.82 17.44
CA ARG V 58 -42.08 83.97 18.05
C ARG V 58 -42.90 85.22 17.81
N ARG V 59 -43.61 85.27 16.68
CA ARG V 59 -44.38 86.44 16.33
C ARG V 59 -45.54 86.68 17.28
N ILE V 60 -46.15 85.60 17.76
CA ILE V 60 -47.29 85.75 18.64
C ILE V 60 -46.81 86.03 20.05
N ASN V 61 -45.50 85.97 20.24
CA ASN V 61 -44.92 86.15 21.56
C ASN V 61 -43.79 87.18 21.55
N GLY W 1 31.84 -22.35 32.17
CA GLY W 1 31.46 -23.09 30.99
C GLY W 1 31.04 -22.17 29.86
N SER W 2 29.80 -21.72 29.89
CA SER W 2 29.34 -20.66 29.01
C SER W 2 29.49 -19.34 29.72
N ARG W 3 29.53 -18.26 28.95
CA ARG W 3 29.84 -16.98 29.54
C ARG W 3 28.67 -16.32 30.24
N ARG W 4 27.48 -16.42 29.66
CA ARG W 4 26.34 -15.81 30.33
C ARG W 4 26.10 -16.45 31.66
N LYS W 5 26.33 -17.76 31.73
CA LYS W 5 26.03 -18.50 32.93
C LYS W 5 27.08 -18.17 33.96
N ALA W 6 28.34 -18.23 33.56
CA ALA W 6 29.44 -17.99 34.48
C ALA W 6 29.46 -16.57 34.97
N ARG W 7 29.14 -15.65 34.08
CA ARG W 7 29.18 -14.23 34.36
C ARG W 7 27.94 -13.75 35.06
N ARG W 8 26.90 -14.57 35.05
CA ARG W 8 25.68 -14.23 35.78
C ARG W 8 25.75 -14.77 37.18
N ALA W 9 26.35 -15.94 37.31
CA ALA W 9 26.50 -16.58 38.59
C ALA W 9 27.34 -15.71 39.48
N HIS W 10 28.15 -14.87 38.86
CA HIS W 10 28.94 -13.91 39.61
C HIS W 10 28.19 -12.64 40.01
N PHE W 11 27.50 -12.01 39.09
CA PHE W 11 26.88 -10.73 39.39
C PHE W 11 25.54 -10.91 40.08
N GLN W 12 25.16 -12.16 40.26
CA GLN W 12 23.97 -12.50 41.02
C GLN W 12 24.32 -13.49 42.10
N ALA W 13 25.54 -13.39 42.60
CA ALA W 13 26.01 -14.23 43.68
C ALA W 13 25.36 -13.88 45.01
N PRO W 14 25.04 -14.89 45.81
CA PRO W 14 24.58 -14.66 47.18
C PRO W 14 25.71 -14.06 48.00
N SER W 15 25.40 -13.36 49.07
CA SER W 15 26.44 -12.83 49.94
C SER W 15 27.27 -13.97 50.49
N HIS W 16 26.65 -15.13 50.55
CA HIS W 16 27.31 -16.40 50.82
C HIS W 16 28.48 -16.62 49.87
N VAL W 17 28.22 -16.45 48.59
CA VAL W 17 29.18 -16.74 47.55
C VAL W 17 30.18 -15.62 47.39
N ARG W 18 29.74 -14.40 47.61
CA ARG W 18 30.58 -13.23 47.45
C ARG W 18 31.74 -13.20 48.42
N ARG W 19 31.60 -13.71 49.64
CA ARG W 19 32.74 -13.63 50.55
C ARG W 19 33.88 -14.51 50.12
N ILE W 20 33.58 -15.63 49.47
CA ILE W 20 34.62 -16.52 49.01
C ILE W 20 35.15 -16.07 47.68
N LEU W 21 34.22 -15.58 46.87
CA LEU W 21 34.50 -15.16 45.52
C LEU W 21 35.26 -13.85 45.57
N MET W 22 35.26 -13.23 46.73
CA MET W 22 35.93 -11.96 46.91
C MET W 22 36.96 -12.16 48.01
N SER W 23 37.92 -13.04 47.72
CA SER W 23 38.98 -13.44 48.65
C SER W 23 40.22 -12.68 48.32
N ALA W 24 41.21 -12.72 49.20
CA ALA W 24 42.50 -12.10 48.89
C ALA W 24 43.64 -13.07 49.09
N PRO W 25 44.70 -12.91 48.29
CA PRO W 25 45.92 -13.70 48.54
C PRO W 25 46.53 -13.32 49.85
N LEU W 26 47.12 -14.29 50.55
CA LEU W 26 47.88 -13.97 51.74
C LEU W 26 49.24 -13.45 51.34
N SER W 27 49.80 -12.57 52.16
CA SER W 27 51.15 -12.09 51.96
C SER W 27 52.10 -13.22 52.29
N LYS W 28 53.30 -13.21 51.72
CA LYS W 28 54.20 -14.36 51.80
C LYS W 28 54.53 -14.76 53.22
N GLU W 29 54.51 -13.80 54.13
CA GLU W 29 54.82 -14.09 55.51
C GLU W 29 53.75 -14.99 56.12
N LEU W 30 52.53 -14.88 55.61
CA LEU W 30 51.44 -15.76 56.02
C LEU W 30 51.36 -17.01 55.17
N ARG W 31 51.77 -16.89 53.92
CA ARG W 31 51.67 -18.01 53.01
C ARG W 31 52.80 -18.96 53.31
N ALA W 32 53.75 -18.49 54.11
CA ALA W 32 54.75 -19.36 54.71
C ALA W 32 54.25 -19.92 56.04
N LYS W 33 53.63 -19.05 56.85
CA LYS W 33 53.09 -19.48 58.13
C LYS W 33 51.95 -20.48 57.96
N TYR W 34 51.24 -20.33 56.86
CA TYR W 34 50.11 -21.17 56.54
C TYR W 34 50.30 -21.62 55.10
N ASN W 35 50.04 -22.87 54.77
CA ASN W 35 50.24 -23.29 53.39
C ASN W 35 49.12 -22.76 52.49
N VAL W 36 48.24 -21.96 53.08
CA VAL W 36 47.16 -21.34 52.34
C VAL W 36 47.66 -20.36 51.29
N ARG W 37 46.97 -20.29 50.16
CA ARG W 37 47.34 -19.39 49.09
C ARG W 37 46.66 -18.04 49.27
N ALA W 38 45.36 -18.03 49.10
CA ALA W 38 44.55 -16.84 49.30
C ALA W 38 43.44 -17.17 50.28
N MET W 39 42.98 -16.17 51.01
CA MET W 39 42.00 -16.38 52.05
C MET W 39 40.93 -15.32 51.93
N PRO W 40 39.67 -15.66 52.20
CA PRO W 40 38.64 -14.63 52.03
C PRO W 40 38.84 -13.48 53.00
N VAL W 41 38.52 -12.28 52.54
CA VAL W 41 38.78 -11.07 53.31
C VAL W 41 37.74 -10.89 54.40
N ARG W 42 38.11 -10.17 55.45
CA ARG W 42 37.23 -9.92 56.57
C ARG W 42 37.55 -8.56 57.15
N LYS W 43 36.70 -8.04 58.03
CA LYS W 43 37.03 -6.80 58.72
C LYS W 43 38.27 -6.99 59.57
N ASP W 44 39.04 -5.92 59.68
CA ASP W 44 40.08 -5.86 60.69
C ASP W 44 41.28 -6.75 60.40
N ASP W 45 41.34 -7.36 59.21
CA ASP W 45 42.60 -7.93 58.79
C ASP W 45 43.35 -6.86 58.02
N GLU W 46 44.60 -6.65 58.39
CA GLU W 46 45.39 -5.62 57.77
C GLU W 46 45.76 -6.10 56.39
N VAL W 47 45.89 -5.16 55.45
CA VAL W 47 46.08 -5.51 54.06
C VAL W 47 46.89 -4.41 53.40
N ARG W 48 47.53 -4.71 52.29
CA ARG W 48 48.12 -3.65 51.51
C ARG W 48 47.66 -3.81 50.08
N VAL W 49 47.19 -2.72 49.48
CA VAL W 49 46.79 -2.77 48.09
C VAL W 49 48.01 -2.99 47.25
N LYS W 50 47.88 -3.72 46.16
CA LYS W 50 49.02 -4.01 45.32
C LYS W 50 48.74 -3.82 43.85
N ARG W 51 47.73 -3.01 43.56
CA ARG W 51 47.34 -2.81 42.19
C ARG W 51 46.45 -1.59 42.20
N GLY W 52 46.49 -0.79 41.15
CA GLY W 52 45.78 0.48 41.15
C GLY W 52 46.56 1.63 41.75
N ALA W 53 45.90 2.78 41.88
CA ALA W 53 46.54 3.99 42.35
C ALA W 53 47.04 3.86 43.78
N TYR W 54 46.33 3.09 44.59
CA TYR W 54 46.71 2.93 45.98
C TYR W 54 47.64 1.75 46.15
N LYS W 55 48.43 1.48 45.12
CA LYS W 55 49.40 0.41 45.16
C LYS W 55 50.42 0.66 46.26
N GLY W 56 50.72 -0.39 47.01
CA GLY W 56 51.75 -0.31 48.03
C GLY W 56 51.27 0.26 49.35
N ARG W 57 49.99 0.63 49.41
CA ARG W 57 49.47 1.28 50.59
C ARG W 57 48.77 0.34 51.56
N GLU W 58 49.46 0.08 52.67
CA GLU W 58 48.95 -0.78 53.73
C GLU W 58 47.83 -0.13 54.51
N GLY W 59 46.94 -0.94 55.07
CA GLY W 59 45.89 -0.42 55.93
C GLY W 59 44.92 -1.50 56.34
N LYS W 60 44.24 -1.30 57.45
CA LYS W 60 43.30 -2.30 57.93
C LYS W 60 41.99 -2.25 57.18
N VAL W 61 41.30 -3.38 57.10
CA VAL W 61 40.06 -3.45 56.34
C VAL W 61 38.87 -2.96 57.12
N THR W 62 38.46 -1.73 56.83
CA THR W 62 37.34 -1.12 57.51
C THR W 62 36.03 -1.83 57.26
N ALA W 63 35.87 -2.37 56.06
CA ALA W 63 34.65 -3.07 55.73
C ALA W 63 34.74 -3.75 54.39
N CYS W 64 34.24 -4.98 54.36
CA CYS W 64 34.10 -5.76 53.15
C CYS W 64 32.71 -5.50 52.60
N TYR W 65 32.64 -4.67 51.57
CA TYR W 65 31.37 -4.17 51.10
C TYR W 65 30.87 -5.07 49.98
N ARG W 66 30.42 -6.27 50.29
CA ARG W 66 30.25 -7.30 49.27
C ARG W 66 29.26 -6.95 48.17
N LEU W 67 28.27 -6.13 48.49
CA LEU W 67 27.32 -5.68 47.51
C LEU W 67 27.98 -4.85 46.44
N ARG W 68 29.12 -4.26 46.78
CA ARG W 68 29.86 -3.45 45.83
C ARG W 68 31.14 -4.10 45.37
N TRP W 69 31.36 -5.33 45.79
CA TRP W 69 32.56 -6.08 45.44
C TRP W 69 33.85 -5.37 45.86
N VAL W 70 33.75 -4.49 46.84
CA VAL W 70 34.92 -3.74 47.27
C VAL W 70 35.30 -4.02 48.71
N ILE W 71 36.35 -3.36 49.15
CA ILE W 71 36.93 -3.66 50.44
C ILE W 71 37.56 -2.41 51.06
N HIS W 72 36.77 -1.58 51.72
CA HIS W 72 37.26 -0.29 52.20
C HIS W 72 38.40 -0.43 53.19
N ILE W 73 39.40 0.43 53.06
CA ILE W 73 40.54 0.40 53.96
C ILE W 73 40.66 1.69 54.78
N ASP W 74 41.23 1.57 55.97
CA ASP W 74 41.33 2.70 56.88
C ASP W 74 42.15 3.82 56.26
N LYS W 75 43.11 3.46 55.43
CA LYS W 75 44.00 4.43 54.85
C LYS W 75 43.68 4.72 53.39
N VAL W 76 42.83 3.89 52.81
CA VAL W 76 42.49 4.05 51.42
C VAL W 76 41.18 4.82 51.31
N ASN W 77 41.30 6.15 51.33
CA ASN W 77 40.14 7.02 51.30
C ASN W 77 40.45 8.28 50.52
N ARG W 78 39.44 9.05 50.17
CA ARG W 78 39.69 10.37 49.61
C ARG W 78 38.70 11.40 50.08
N GLU W 79 39.14 12.63 50.12
CA GLU W 79 38.28 13.72 50.51
C GLU W 79 37.21 13.92 49.45
N LYS W 80 36.00 14.19 49.90
CA LYS W 80 34.88 14.50 49.02
C LYS W 80 35.00 15.98 48.68
N ALA W 81 34.13 16.48 47.82
CA ALA W 81 34.18 17.91 47.51
C ALA W 81 33.96 18.75 48.75
N ASN W 82 33.12 18.27 49.66
CA ASN W 82 32.76 19.04 50.85
C ASN W 82 33.81 18.94 51.93
N GLY W 83 34.80 18.09 51.71
CA GLY W 83 35.87 17.91 52.66
C GLY W 83 35.68 16.71 53.54
N THR W 84 34.47 16.15 53.58
CA THR W 84 34.29 14.91 54.31
C THR W 84 35.11 13.85 53.61
N THR W 85 35.87 13.09 54.38
CA THR W 85 36.68 12.04 53.78
C THR W 85 35.86 10.79 53.75
N VAL W 86 35.98 10.07 52.64
CA VAL W 86 35.21 8.88 52.41
C VAL W 86 36.14 7.78 52.01
N PRO W 87 35.81 6.55 52.41
CA PRO W 87 36.59 5.40 51.96
C PRO W 87 36.50 5.27 50.46
N VAL W 88 37.58 4.88 49.79
CA VAL W 88 37.49 4.56 48.38
C VAL W 88 37.57 3.05 48.26
N GLY W 89 36.74 2.49 47.42
CA GLY W 89 36.66 1.05 47.32
C GLY W 89 37.86 0.49 46.62
N VAL W 90 38.10 -0.79 46.86
CA VAL W 90 39.19 -1.49 46.21
C VAL W 90 38.78 -2.96 46.13
N HIS W 91 39.28 -3.66 45.13
CA HIS W 91 38.88 -5.05 44.92
C HIS W 91 39.87 -5.96 45.61
N PRO W 92 39.39 -6.87 46.45
CA PRO W 92 40.31 -7.66 47.29
C PRO W 92 41.34 -8.47 46.52
N SER W 93 41.07 -8.88 45.29
CA SER W 93 42.08 -9.61 44.56
C SER W 93 43.24 -8.66 44.22
N ASN W 94 42.99 -7.36 44.30
CA ASN W 94 44.04 -6.37 44.06
C ASN W 94 44.95 -6.15 45.26
N VAL W 95 44.59 -6.71 46.40
CA VAL W 95 45.35 -6.46 47.61
C VAL W 95 46.10 -7.69 48.03
N GLU W 96 46.56 -7.68 49.26
CA GLU W 96 47.29 -8.79 49.82
C GLU W 96 47.10 -8.73 51.32
N ILE W 97 46.51 -9.76 51.90
CA ILE W 97 46.35 -9.79 53.34
C ILE W 97 47.71 -9.79 54.00
N THR W 98 47.98 -8.74 54.76
CA THR W 98 49.27 -8.59 55.43
C THR W 98 49.19 -9.16 56.83
N LYS W 99 47.98 -9.21 57.36
CA LYS W 99 47.76 -9.70 58.70
C LYS W 99 46.30 -10.04 58.95
N LEU W 100 45.94 -11.29 58.70
CA LEU W 100 44.54 -11.72 58.82
C LEU W 100 44.07 -11.82 60.27
N LYS W 101 42.79 -11.53 60.48
CA LYS W 101 42.17 -11.45 61.80
C LYS W 101 41.71 -12.80 62.34
N LEU W 102 42.56 -13.45 63.12
CA LEU W 102 42.29 -14.83 63.55
C LEU W 102 41.21 -15.01 64.61
N ASN W 103 40.61 -16.20 64.60
CA ASN W 103 39.70 -16.65 65.64
C ASN W 103 39.44 -18.15 65.53
N HIS W 104 38.42 -18.65 66.21
CA HIS W 104 38.17 -20.10 66.25
C HIS W 104 37.71 -20.68 64.92
N ASN W 105 36.73 -20.06 64.26
CA ASN W 105 36.30 -20.54 62.95
C ASN W 105 37.38 -20.33 61.92
N ARG W 106 37.93 -19.12 61.89
CA ARG W 106 38.96 -18.78 60.92
C ARG W 106 40.19 -19.64 61.05
N LYS W 107 40.49 -20.04 62.27
CA LYS W 107 41.63 -20.91 62.49
C LYS W 107 41.41 -22.23 61.78
N ALA W 108 40.17 -22.70 61.81
CA ALA W 108 39.82 -23.96 61.17
C ALA W 108 39.92 -23.84 59.65
N ILE W 109 39.63 -22.66 59.13
CA ILE W 109 39.68 -22.42 57.70
C ILE W 109 41.11 -22.59 57.24
N LEU W 110 42.03 -22.25 58.12
CA LEU W 110 43.44 -22.35 57.83
C LEU W 110 43.89 -23.78 57.95
N GLU W 111 43.41 -24.46 58.99
CA GLU W 111 43.77 -25.85 59.24
C GLU W 111 43.22 -26.77 58.16
N ARG W 112 42.10 -26.40 57.56
CA ARG W 112 41.54 -27.17 56.47
C ARG W 112 41.74 -26.45 55.14
N LYS W 113 42.97 -26.04 54.87
CA LYS W 113 43.28 -25.29 53.67
C LYS W 113 44.77 -24.97 53.65
N LYS X 1 -96.75 -4.83 70.02
CA LYS X 1 -97.37 -5.46 71.18
C LYS X 1 -96.73 -6.80 71.53
N PHE X 2 -95.43 -6.79 71.82
CA PHE X 2 -94.76 -8.03 72.18
C PHE X 2 -93.42 -7.82 72.86
N LEU X 3 -93.13 -6.59 73.28
CA LEU X 3 -91.94 -6.37 74.09
C LEU X 3 -92.31 -6.64 75.54
N LYS X 4 -93.08 -7.70 75.75
CA LYS X 4 -93.51 -8.12 77.08
C LYS X 4 -92.33 -8.61 77.89
N PRO X 5 -92.36 -8.39 79.21
CA PRO X 5 -91.27 -8.85 80.07
C PRO X 5 -91.10 -10.37 80.01
N GLY X 6 -89.85 -10.81 80.10
CA GLY X 6 -89.52 -12.23 80.03
C GLY X 6 -89.23 -12.66 78.60
N LYS X 7 -89.57 -11.78 77.66
CA LYS X 7 -89.24 -11.97 76.26
C LYS X 7 -87.74 -11.88 76.04
N VAL X 8 -87.17 -12.80 75.26
CA VAL X 8 -85.74 -12.77 75.05
C VAL X 8 -85.31 -12.05 73.78
N VAL X 9 -84.38 -11.11 73.96
CA VAL X 9 -83.88 -10.29 72.87
C VAL X 9 -82.40 -10.52 72.67
N ILE X 10 -81.99 -10.51 71.41
CA ILE X 10 -80.58 -10.59 71.06
C ILE X 10 -80.05 -9.21 70.77
N VAL X 11 -79.12 -8.74 71.59
CA VAL X 11 -78.65 -7.36 71.46
C VAL X 11 -77.92 -7.08 70.16
N THR X 12 -78.19 -5.93 69.57
CA THR X 12 -77.65 -5.63 68.25
C THR X 12 -76.69 -4.44 68.23
N SER X 13 -76.32 -3.93 69.40
CA SER X 13 -75.38 -2.81 69.47
C SER X 13 -74.55 -2.85 70.74
N GLY X 14 -73.53 -2.01 70.81
CA GLY X 14 -72.71 -1.88 71.99
C GLY X 14 -71.71 -3.00 72.15
N ARG X 15 -71.14 -3.14 73.35
CA ARG X 15 -70.20 -4.21 73.61
C ARG X 15 -70.91 -5.55 73.49
N TYR X 16 -72.22 -5.53 73.69
CA TYR X 16 -72.95 -6.77 73.86
C TYR X 16 -73.79 -7.20 72.70
N ALA X 17 -73.48 -6.73 71.51
CA ALA X 17 -74.19 -7.21 70.34
C ALA X 17 -73.98 -8.71 70.18
N GLY X 18 -75.02 -9.41 69.75
CA GLY X 18 -74.94 -10.83 69.56
C GLY X 18 -75.15 -11.60 70.85
N LYS X 19 -75.38 -10.87 71.93
CA LYS X 19 -75.68 -11.50 73.21
C LYS X 19 -77.20 -11.64 73.38
N LYS X 20 -77.64 -12.79 73.89
CA LYS X 20 -79.06 -13.03 74.13
C LYS X 20 -79.50 -12.21 75.32
N ALA X 21 -80.77 -11.84 75.39
CA ALA X 21 -81.25 -11.18 76.59
C ALA X 21 -82.77 -11.21 76.76
N VAL X 22 -83.24 -11.76 77.88
CA VAL X 22 -84.62 -11.58 78.28
C VAL X 22 -84.87 -10.14 78.64
N ILE X 23 -85.98 -9.57 78.18
CA ILE X 23 -86.41 -8.29 78.70
C ILE X 23 -86.90 -8.48 80.14
N VAL X 24 -86.48 -7.58 81.04
CA VAL X 24 -86.97 -7.64 82.41
C VAL X 24 -88.13 -6.66 82.53
N GLN X 25 -87.86 -5.45 83.02
CA GLN X 25 -88.88 -4.40 82.90
C GLN X 25 -88.95 -3.93 81.46
N ASN X 26 -90.12 -3.45 81.06
CA ASN X 26 -90.28 -2.82 79.77
C ASN X 26 -91.16 -1.58 79.85
N THR X 27 -90.66 -0.45 79.38
CA THR X 27 -91.46 0.77 79.39
C THR X 27 -91.58 1.39 78.00
N ASP X 28 -92.61 0.99 77.27
CA ASP X 28 -92.79 1.42 75.89
C ASP X 28 -93.01 2.93 75.74
N SER X 29 -93.57 3.57 76.76
CA SER X 29 -93.75 5.01 76.74
C SER X 29 -92.42 5.75 76.81
N LYS X 30 -92.29 6.82 76.03
CA LYS X 30 -91.07 7.62 76.03
C LYS X 30 -90.89 8.34 77.36
N SER X 31 -89.67 8.30 77.89
CA SER X 31 -89.37 8.96 79.15
C SER X 31 -88.94 10.40 78.92
N LYS X 32 -89.05 11.24 79.94
CA LYS X 32 -88.57 12.61 79.84
C LYS X 32 -87.05 12.61 79.75
N GLU X 33 -86.47 11.50 80.20
CA GLU X 33 -85.02 11.28 80.19
C GLU X 33 -84.61 10.14 79.25
N ARG X 34 -85.58 9.41 78.73
CA ARG X 34 -85.31 8.39 77.71
C ARG X 34 -86.30 8.46 76.57
N PRO X 35 -86.13 9.44 75.68
CA PRO X 35 -87.05 9.64 74.56
C PRO X 35 -87.20 8.42 73.67
N TYR X 36 -87.23 7.24 74.27
CA TYR X 36 -87.28 5.98 73.55
C TYR X 36 -87.76 4.87 74.47
N GLY X 37 -88.55 3.94 73.93
CA GLY X 37 -88.93 2.77 74.70
C GLY X 37 -87.68 2.00 75.10
N HIS X 38 -87.59 1.58 76.35
CA HIS X 38 -86.30 1.10 76.86
C HIS X 38 -86.42 -0.07 77.83
N SER X 39 -86.37 -1.28 77.29
CA SER X 39 -86.46 -2.48 78.11
C SER X 39 -85.26 -2.60 79.03
N LEU X 40 -85.49 -3.10 80.24
CA LEU X 40 -84.38 -3.56 81.05
C LEU X 40 -83.98 -4.88 80.45
N ILE X 41 -82.72 -5.24 80.56
CA ILE X 41 -82.23 -6.38 79.81
C ILE X 41 -81.08 -7.05 80.53
N ALA X 42 -81.36 -8.13 81.24
CA ALA X 42 -80.31 -9.01 81.69
C ALA X 42 -79.83 -9.77 80.48
N GLY X 43 -78.54 -10.06 80.42
CA GLY X 43 -77.99 -10.74 79.26
C GLY X 43 -76.81 -11.63 79.61
N MET X 44 -76.34 -12.36 78.60
CA MET X 44 -75.18 -13.20 78.73
C MET X 44 -73.91 -12.40 78.45
N LYS X 45 -73.26 -11.91 79.48
CA LYS X 45 -72.02 -11.19 79.25
C LYS X 45 -70.93 -12.23 79.11
N LYS X 46 -71.32 -13.47 79.32
CA LYS X 46 -70.47 -14.62 79.11
C LYS X 46 -71.33 -15.86 79.05
N TYR X 47 -71.40 -16.48 77.88
CA TYR X 47 -72.04 -17.77 77.75
C TYR X 47 -71.16 -18.85 78.35
N PRO X 48 -71.77 -19.90 78.92
CA PRO X 48 -71.00 -21.03 79.39
C PRO X 48 -70.24 -21.69 78.25
N LYS X 49 -69.03 -22.16 78.51
CA LYS X 49 -68.11 -22.56 77.45
C LYS X 49 -68.25 -24.03 77.05
N LYS X 57 -64.23 -32.41 88.51
CA LYS X 57 -65.50 -31.78 88.82
C LYS X 57 -65.42 -30.26 88.75
N ARG X 58 -64.65 -29.66 89.64
CA ARG X 58 -64.49 -28.21 89.66
C ARG X 58 -63.52 -27.84 88.55
N THR X 59 -62.95 -28.87 87.93
CA THR X 59 -62.13 -28.69 86.76
C THR X 59 -62.97 -28.01 85.68
N ILE X 60 -64.27 -28.30 85.70
CA ILE X 60 -65.16 -27.84 84.65
C ILE X 60 -66.08 -26.74 85.16
N GLN X 61 -66.09 -26.52 86.46
CA GLN X 61 -67.04 -25.58 87.06
C GLN X 61 -66.87 -24.12 86.69
N ARG X 62 -65.64 -23.67 86.49
CA ARG X 62 -65.43 -22.31 86.07
C ARG X 62 -66.08 -22.11 84.72
N ARG X 63 -66.03 -23.16 83.91
CA ARG X 63 -66.42 -23.09 82.52
C ARG X 63 -67.94 -22.89 82.39
N SER X 64 -68.67 -23.35 83.40
CA SER X 64 -70.12 -23.28 83.36
C SER X 64 -70.66 -21.98 83.93
N ARG X 65 -69.78 -21.14 84.46
CA ARG X 65 -70.21 -19.85 85.01
C ARG X 65 -70.79 -18.99 83.91
N VAL X 66 -71.94 -18.40 84.20
CA VAL X 66 -72.57 -17.48 83.26
C VAL X 66 -72.36 -16.05 83.73
N GLY X 67 -72.06 -15.16 82.79
CA GLY X 67 -72.07 -13.75 83.11
C GLY X 67 -73.47 -13.21 82.98
N VAL X 68 -73.68 -11.99 83.44
CA VAL X 68 -74.95 -11.31 83.29
C VAL X 68 -74.75 -9.79 83.26
N PHE X 69 -75.54 -9.10 82.44
CA PHE X 69 -75.55 -7.65 82.51
C PHE X 69 -76.98 -7.15 82.61
N LEU X 70 -77.26 -6.28 83.57
CA LEU X 70 -78.52 -5.55 83.56
C LEU X 70 -78.30 -4.21 82.90
N ARG X 71 -79.26 -3.82 82.05
CA ARG X 71 -79.12 -2.62 81.27
C ARG X 71 -80.46 -2.12 80.79
N VAL X 72 -80.61 -0.81 80.74
CA VAL X 72 -81.66 -0.24 79.92
C VAL X 72 -81.19 -0.30 78.49
N VAL X 73 -82.13 -0.42 77.56
CA VAL X 73 -81.77 -0.48 76.15
C VAL X 73 -82.90 0.04 75.30
N ASN X 74 -82.56 0.85 74.31
CA ASN X 74 -83.55 1.35 73.38
C ASN X 74 -84.10 0.15 72.63
N HIS X 75 -85.37 0.15 72.27
CA HIS X 75 -85.95 -1.04 71.67
C HIS X 75 -85.24 -1.36 70.37
N LYS X 76 -84.65 -0.35 69.76
CA LYS X 76 -84.07 -0.50 68.45
C LYS X 76 -82.67 -1.08 68.52
N HIS X 77 -82.18 -1.26 69.74
CA HIS X 77 -80.85 -1.81 69.93
C HIS X 77 -80.90 -3.20 70.55
N PHE X 78 -81.89 -3.96 70.14
CA PHE X 78 -81.90 -5.40 70.35
C PHE X 78 -82.93 -6.00 69.43
N LEU X 79 -82.84 -7.30 69.24
CA LEU X 79 -83.70 -7.99 68.32
C LEU X 79 -84.61 -8.96 69.07
N PRO X 80 -85.92 -8.72 69.02
CA PRO X 80 -86.94 -9.58 69.62
C PRO X 80 -86.92 -10.97 68.98
N THR X 81 -87.18 -12.02 69.74
CA THR X 81 -87.11 -13.37 69.18
C THR X 81 -88.45 -14.09 69.18
N ARG X 82 -88.47 -15.32 68.69
CA ARG X 82 -89.60 -16.20 68.93
C ARG X 82 -89.68 -16.55 70.41
N TYR X 83 -88.51 -16.55 71.04
CA TYR X 83 -88.32 -17.15 72.36
C TYR X 83 -88.77 -16.27 73.50
N ASN X 84 -88.97 -16.91 74.66
CA ASN X 84 -89.42 -16.24 75.85
C ASN X 84 -88.78 -16.86 77.09
N MET X 85 -88.72 -16.09 78.18
CA MET X 85 -88.23 -16.59 79.46
C MET X 85 -89.03 -15.99 80.61
N SER X 106 -78.90 -5.84 91.28
CA SER X 106 -79.48 -7.17 91.09
C SER X 106 -78.71 -7.99 90.05
N LYS X 107 -77.50 -7.55 89.72
CA LYS X 107 -76.68 -8.28 88.77
C LYS X 107 -76.31 -9.66 89.29
N GLN X 108 -76.23 -9.80 90.61
CA GLN X 108 -76.01 -11.12 91.19
C GLN X 108 -77.32 -11.88 91.26
N LEU X 109 -78.39 -11.16 91.58
CA LEU X 109 -79.71 -11.76 91.70
C LEU X 109 -80.23 -12.27 90.36
N VAL X 110 -80.00 -11.51 89.30
CA VAL X 110 -80.37 -11.97 87.96
C VAL X 110 -79.52 -13.12 87.50
N ARG X 111 -78.28 -13.15 87.98
CA ARG X 111 -77.32 -14.13 87.53
C ARG X 111 -77.69 -15.56 87.89
N LYS X 112 -78.35 -15.74 89.03
CA LYS X 112 -78.64 -17.08 89.45
C LYS X 112 -79.92 -17.58 88.82
N LEU X 113 -80.91 -16.69 88.66
CA LEU X 113 -82.20 -17.16 88.17
C LEU X 113 -82.10 -17.65 86.73
N PHE X 114 -81.10 -17.17 85.97
CA PHE X 114 -80.73 -17.95 84.80
C PHE X 114 -79.26 -18.37 84.83
N GLN X 115 -78.76 -18.62 86.04
CA GLN X 115 -77.71 -19.61 86.22
C GLN X 115 -78.37 -20.96 86.43
N ALA X 116 -79.23 -21.03 87.43
CA ALA X 116 -79.94 -22.27 87.73
C ALA X 116 -80.88 -22.64 86.59
N ARG X 117 -81.37 -21.63 85.89
CA ARG X 117 -82.27 -21.83 84.77
C ARG X 117 -81.49 -22.57 83.71
N TYR X 118 -80.18 -22.33 83.73
CA TYR X 118 -79.25 -22.97 82.83
C TYR X 118 -78.95 -24.40 83.26
N ASN X 119 -78.74 -24.59 84.55
CA ASN X 119 -78.35 -25.91 85.05
C ASN X 119 -79.45 -26.92 84.78
N ALA X 120 -80.69 -26.45 84.85
CA ALA X 120 -81.84 -27.26 84.46
C ALA X 120 -81.85 -27.54 82.96
N GLY X 121 -81.35 -26.59 82.17
CA GLY X 121 -81.46 -26.69 80.73
C GLY X 121 -82.83 -26.33 80.19
N SER X 122 -83.54 -25.45 80.90
CA SER X 122 -84.86 -25.04 80.44
C SER X 122 -84.78 -24.30 79.13
N ASN X 123 -83.71 -23.56 78.94
CA ASN X 123 -83.54 -22.75 77.73
C ASN X 123 -82.20 -23.00 77.09
N ARG X 124 -82.06 -24.15 76.44
CA ARG X 124 -80.77 -24.55 75.91
C ARG X 124 -80.26 -23.55 74.91
N TRP X 125 -81.17 -23.05 74.08
CA TRP X 125 -80.82 -22.11 73.04
C TRP X 125 -80.36 -20.78 73.60
N PHE X 126 -80.92 -20.38 74.73
CA PHE X 126 -80.62 -19.09 75.28
C PHE X 126 -79.17 -19.00 75.69
N PHE X 127 -78.62 -20.12 76.12
CA PHE X 127 -77.26 -20.14 76.63
C PHE X 127 -76.32 -20.62 75.54
N GLN X 128 -76.89 -20.86 74.37
CA GLN X 128 -76.11 -21.00 73.15
C GLN X 128 -75.97 -19.64 72.50
N ARG X 129 -74.73 -19.16 72.35
CA ARG X 129 -74.48 -17.88 71.74
C ARG X 129 -74.65 -17.92 70.22
N LEU X 130 -75.04 -16.79 69.64
CA LEU X 130 -75.11 -16.67 68.19
C LEU X 130 -73.72 -16.78 67.56
N ARG X 131 -73.67 -17.42 66.40
CA ARG X 131 -72.46 -17.49 65.62
C ARG X 131 -72.62 -16.59 64.40
N PHE X 132 -72.12 -15.37 64.50
CA PHE X 132 -72.40 -14.36 63.49
C PHE X 132 -72.01 -14.82 62.09
N PRO Y 1 24.57 -22.93 0.11
CA PRO Y 1 25.34 -21.71 0.24
C PRO Y 1 24.61 -20.53 -0.36
N THR Y 2 24.34 -19.54 0.47
CA THR Y 2 23.60 -18.38 0.04
C THR Y 2 24.45 -17.52 -0.89
N ARG Y 3 25.77 -17.69 -0.79
CA ARG Y 3 26.73 -16.87 -1.52
C ARG Y 3 26.54 -17.03 -3.02
N PHE Y 4 26.05 -18.20 -3.40
CA PHE Y 4 26.12 -18.65 -4.77
C PHE Y 4 24.83 -18.52 -5.54
N LYS Y 5 23.77 -18.21 -4.83
CA LYS Y 5 22.47 -18.05 -5.43
C LYS Y 5 22.53 -16.88 -6.34
N LYS Y 6 21.72 -16.88 -7.39
CA LYS Y 6 21.74 -15.73 -8.26
C LYS Y 6 20.80 -14.71 -7.68
N THR Y 7 20.29 -15.00 -6.51
CA THR Y 7 19.60 -14.01 -5.69
C THR Y 7 20.51 -12.87 -5.35
N ARG Y 8 21.78 -13.24 -5.31
CA ARG Y 8 22.83 -12.49 -4.68
C ARG Y 8 23.58 -11.73 -5.74
N HIS Y 9 23.50 -12.25 -6.95
CA HIS Y 9 23.99 -11.64 -8.17
C HIS Y 9 23.10 -10.50 -8.63
N GLN Y 10 21.81 -10.70 -8.51
CA GLN Y 10 20.84 -9.76 -9.02
C GLN Y 10 20.30 -8.86 -7.92
N ARG Y 11 21.05 -8.79 -6.84
CA ARG Y 11 20.80 -7.80 -5.84
C ARG Y 11 21.17 -6.49 -6.48
N GLY Y 12 20.19 -5.62 -6.66
CA GLY Y 12 20.39 -4.42 -7.43
C GLY Y 12 19.59 -4.37 -8.72
N SER Y 13 19.48 -5.49 -9.42
CA SER Y 13 18.62 -5.57 -10.60
C SER Y 13 17.23 -5.86 -10.12
N THR Y 14 16.35 -4.87 -10.25
CA THR Y 14 15.17 -4.75 -9.41
C THR Y 14 14.26 -5.95 -9.44
N PHE Y 15 14.04 -6.51 -10.60
CA PHE Y 15 13.11 -7.61 -10.77
C PHE Y 15 14.12 -8.65 -10.87
N CYS Y 16 14.02 -9.66 -10.03
CA CYS Y 16 15.05 -10.63 -9.98
C CYS Y 16 14.98 -11.65 -11.06
N GLY Y 17 15.09 -11.17 -12.28
CA GLY Y 17 15.06 -12.02 -13.43
C GLY Y 17 13.68 -12.41 -13.81
N TYR Y 18 12.67 -11.79 -13.20
CA TYR Y 18 11.30 -12.14 -13.52
C TYR Y 18 10.69 -11.21 -14.52
N GLY Y 19 11.35 -10.10 -14.81
CA GLY Y 19 10.88 -9.23 -15.85
C GLY Y 19 10.18 -8.01 -15.35
N ARG Y 20 10.37 -6.91 -16.06
CA ARG Y 20 9.78 -5.64 -15.70
C ARG Y 20 8.28 -5.70 -15.98
N VAL Y 21 7.95 -6.11 -17.20
CA VAL Y 21 6.60 -6.45 -17.62
C VAL Y 21 6.33 -7.85 -17.11
N GLY Y 22 5.12 -8.37 -17.27
CA GLY Y 22 4.90 -9.79 -17.04
C GLY Y 22 5.39 -10.24 -15.70
N LYS Y 23 5.01 -9.48 -14.69
CA LYS Y 23 5.67 -9.44 -13.40
C LYS Y 23 5.68 -10.79 -12.70
N HIS Y 24 6.68 -11.07 -11.87
CA HIS Y 24 6.69 -12.32 -11.10
C HIS Y 24 5.63 -12.33 -10.03
N ARG Y 25 4.61 -13.13 -10.25
CA ARG Y 25 3.47 -13.17 -9.35
C ARG Y 25 3.56 -14.28 -8.33
N LYS Y 26 2.58 -15.16 -8.41
CA LYS Y 26 2.39 -16.19 -7.44
C LYS Y 26 2.11 -17.50 -8.08
N HIS Y 27 0.88 -17.62 -8.54
CA HIS Y 27 0.45 -18.78 -9.25
C HIS Y 27 -0.30 -18.31 -10.47
N PRO Y 28 0.47 -17.87 -11.48
CA PRO Y 28 0.03 -17.38 -12.79
C PRO Y 28 -0.76 -18.45 -13.50
N SER Y 29 -0.43 -19.70 -13.22
CA SER Y 29 -1.34 -20.81 -13.40
C SER Y 29 -1.61 -21.44 -12.06
N GLY Y 30 -2.32 -22.55 -12.01
CA GLY Y 30 -2.79 -23.05 -10.73
C GLY Y 30 -1.71 -23.68 -9.89
N ARG Y 31 -2.08 -24.15 -8.71
CA ARG Y 31 -1.15 -24.87 -7.86
C ARG Y 31 -0.83 -26.21 -8.49
N GLY Y 32 0.44 -26.60 -8.42
CA GLY Y 32 0.85 -27.91 -8.87
C GLY Y 32 0.47 -28.21 -10.29
N ASN Y 33 -0.33 -29.25 -10.45
CA ASN Y 33 -0.63 -29.80 -11.74
C ASN Y 33 -1.97 -29.35 -12.28
N ALA Y 34 -2.45 -28.24 -11.77
CA ALA Y 34 -3.72 -27.69 -12.17
C ALA Y 34 -3.73 -27.45 -13.66
N GLY Y 35 -4.88 -27.65 -14.28
CA GLY Y 35 -5.03 -27.44 -15.70
C GLY Y 35 -4.20 -28.40 -16.50
N GLY Y 36 -4.08 -29.64 -16.05
CA GLY Y 36 -3.32 -30.62 -16.79
C GLY Y 36 -4.14 -31.01 -17.99
N GLN Y 37 -5.42 -30.77 -17.90
CA GLN Y 37 -6.35 -31.10 -18.97
C GLN Y 37 -6.90 -29.86 -19.62
N HIS Y 38 -6.34 -28.71 -19.26
CA HIS Y 38 -6.79 -27.45 -19.81
C HIS Y 38 -5.65 -26.65 -20.36
N HIS Y 39 -5.21 -25.67 -19.60
CA HIS Y 39 -4.24 -24.72 -20.08
C HIS Y 39 -2.82 -25.26 -20.03
N HIS Y 40 -2.64 -26.39 -19.37
CA HIS Y 40 -1.39 -27.12 -19.44
C HIS Y 40 -1.58 -28.40 -20.20
N ARG Y 41 -2.64 -28.50 -20.99
CA ARG Y 41 -2.86 -29.70 -21.78
C ARG Y 41 -1.76 -29.99 -22.78
N ILE Y 42 -1.22 -28.96 -23.43
CA ILE Y 42 -0.19 -29.18 -24.44
C ILE Y 42 1.03 -29.76 -23.77
N ASN Y 43 1.19 -29.44 -22.49
CA ASN Y 43 2.37 -29.85 -21.72
C ASN Y 43 2.33 -31.30 -21.28
N PHE Y 44 1.22 -31.76 -20.71
CA PHE Y 44 1.25 -33.14 -20.27
C PHE Y 44 1.19 -34.02 -21.48
N ASP Y 45 0.47 -33.62 -22.52
CA ASP Y 45 0.36 -34.48 -23.68
C ASP Y 45 1.66 -34.65 -24.44
N LYS Y 46 2.50 -33.64 -24.39
CA LYS Y 46 3.80 -33.70 -25.02
C LYS Y 46 4.73 -34.54 -24.22
N TYR Y 47 4.70 -34.38 -22.90
CA TYR Y 47 5.71 -34.95 -22.01
C TYR Y 47 5.23 -36.10 -21.16
N HIS Y 48 3.97 -36.06 -20.75
CA HIS Y 48 3.46 -37.08 -19.87
C HIS Y 48 2.19 -37.61 -20.46
N PRO Y 49 2.33 -38.26 -21.62
CA PRO Y 49 1.26 -38.73 -22.51
C PRO Y 49 0.29 -39.70 -21.88
N GLY Y 50 0.79 -40.55 -21.01
CA GLY Y 50 -0.05 -41.59 -20.46
C GLY Y 50 -0.65 -41.15 -19.15
N TYR Y 51 -0.45 -39.89 -18.80
CA TYR Y 51 -0.67 -39.46 -17.45
C TYR Y 51 -2.12 -39.57 -17.03
N PHE Y 52 -3.02 -39.30 -17.96
CA PHE Y 52 -4.45 -39.35 -17.64
C PHE Y 52 -5.09 -40.62 -18.09
N GLY Y 53 -5.85 -41.26 -17.21
CA GLY Y 53 -6.53 -42.46 -17.59
C GLY Y 53 -6.36 -43.62 -16.64
N LYS Y 54 -6.71 -44.80 -17.13
CA LYS Y 54 -6.62 -46.02 -16.37
C LYS Y 54 -6.21 -47.07 -17.36
N CYS Y 55 -5.45 -48.06 -16.96
CA CYS Y 55 -4.87 -48.93 -17.96
C CYS Y 55 -5.12 -50.40 -17.74
N GLY Y 56 -5.30 -50.85 -16.52
CA GLY Y 56 -5.29 -52.28 -16.33
C GLY Y 56 -6.05 -52.82 -15.16
N MET Y 57 -5.83 -54.09 -14.87
CA MET Y 57 -6.45 -54.71 -13.72
C MET Y 57 -5.84 -54.21 -12.43
N ASN Y 58 -6.69 -54.02 -11.43
CA ASN Y 58 -6.22 -53.68 -10.10
C ASN Y 58 -5.68 -54.88 -9.39
N HIS Y 59 -4.78 -54.65 -8.45
CA HIS Y 59 -4.28 -55.69 -7.60
C HIS Y 59 -4.39 -55.20 -6.19
N TYR Y 60 -5.54 -55.44 -5.57
CA TYR Y 60 -5.78 -54.95 -4.23
C TYR Y 60 -4.80 -55.61 -3.30
N HIS Y 61 -4.33 -54.85 -2.31
CA HIS Y 61 -3.33 -55.33 -1.38
C HIS Y 61 -2.20 -56.08 -2.05
N LEU Y 62 -1.41 -55.39 -2.84
CA LEU Y 62 -0.26 -56.03 -3.43
C LEU Y 62 0.77 -56.33 -2.38
N LYS Y 63 1.32 -57.52 -2.48
CA LYS Y 63 2.37 -57.96 -1.59
C LYS Y 63 3.57 -58.23 -2.45
N LYS Y 64 4.58 -57.39 -2.36
CA LYS Y 64 5.71 -57.55 -3.24
C LYS Y 64 6.68 -58.63 -2.80
N ASN Y 65 6.66 -59.04 -1.54
CA ASN Y 65 7.56 -60.09 -1.12
C ASN Y 65 7.37 -61.42 -1.86
N PRO Y 66 6.13 -61.88 -1.99
CA PRO Y 66 5.83 -63.05 -2.82
C PRO Y 66 6.24 -62.89 -4.27
N LEU Y 67 6.24 -61.66 -4.74
CA LEU Y 67 6.54 -61.34 -6.13
C LEU Y 67 8.02 -61.21 -6.39
N TRP Y 68 8.82 -61.34 -5.36
CA TRP Y 68 10.23 -61.02 -5.43
C TRP Y 68 11.02 -62.05 -6.20
N LYS Y 69 11.35 -61.72 -7.44
CA LYS Y 69 12.09 -62.62 -8.30
C LYS Y 69 13.16 -61.86 -9.06
N PRO Y 70 14.20 -61.39 -8.36
CA PRO Y 70 15.35 -60.72 -8.98
C PRO Y 70 16.17 -61.65 -9.84
N THR Y 71 16.75 -61.12 -10.91
CA THR Y 71 17.34 -61.95 -11.94
C THR Y 71 18.81 -61.70 -12.18
N ILE Y 72 19.55 -62.77 -12.47
CA ILE Y 72 20.94 -62.64 -12.85
C ILE Y 72 21.12 -63.39 -14.15
N ASN Y 73 21.79 -62.77 -15.10
CA ASN Y 73 22.04 -63.39 -16.39
C ASN Y 73 23.22 -64.32 -16.40
N LEU Y 74 23.25 -65.25 -17.34
CA LEU Y 74 24.37 -66.15 -17.49
C LEU Y 74 25.64 -65.36 -17.68
N ASN Y 75 25.47 -64.20 -18.27
CA ASN Y 75 26.59 -63.40 -18.71
C ASN Y 75 27.23 -62.73 -17.51
N ASN Y 76 26.52 -62.77 -16.39
CA ASN Y 76 26.95 -62.13 -15.17
C ASN Y 76 27.27 -63.06 -14.01
N LEU Y 77 27.39 -64.35 -14.27
CA LEU Y 77 27.63 -65.32 -13.20
C LEU Y 77 29.06 -65.30 -12.71
N ALA Y 78 29.94 -64.58 -13.40
CA ALA Y 78 31.27 -64.34 -12.88
C ALA Y 78 31.27 -63.42 -11.65
N LYS Y 79 30.22 -62.63 -11.48
CA LYS Y 79 30.07 -61.80 -10.31
C LYS Y 79 29.94 -62.60 -9.04
N LEU Y 80 29.49 -63.85 -9.18
CA LEU Y 80 29.20 -64.66 -8.02
C LEU Y 80 30.29 -65.68 -7.80
N ILE Y 81 30.72 -66.32 -8.88
CA ILE Y 81 31.79 -67.29 -8.79
C ILE Y 81 33.07 -66.60 -8.38
N ALA Y 82 33.82 -67.20 -7.46
CA ALA Y 82 35.12 -66.65 -7.09
C ALA Y 82 36.04 -66.71 -8.30
N LYS Y 83 36.81 -65.65 -8.53
CA LYS Y 83 37.72 -65.65 -9.66
C LYS Y 83 38.77 -66.74 -9.49
N ASP Y 84 39.13 -67.00 -8.24
CA ASP Y 84 40.11 -68.04 -7.96
C ASP Y 84 39.50 -69.42 -8.19
N GLU Y 85 38.29 -69.61 -7.67
CA GLU Y 85 37.55 -70.87 -7.83
C GLU Y 85 37.18 -71.12 -9.28
N ALA Y 86 36.97 -70.04 -10.02
CA ALA Y 86 36.46 -70.11 -11.39
C ALA Y 86 37.57 -70.38 -12.37
N LEU Y 87 38.80 -70.37 -11.86
CA LEU Y 87 40.02 -70.42 -12.65
C LEU Y 87 40.03 -71.54 -13.67
N LYS Y 88 39.81 -72.76 -13.19
CA LYS Y 88 39.77 -73.91 -14.07
C LYS Y 88 38.41 -74.59 -13.96
N ALA Y 89 37.58 -74.36 -14.97
CA ALA Y 89 36.26 -74.98 -15.02
C ALA Y 89 36.00 -75.57 -16.40
N LYS Y 90 36.63 -76.69 -16.68
CA LYS Y 90 36.32 -77.45 -17.88
C LYS Y 90 34.92 -78.00 -17.73
N LYS Y 91 34.17 -78.09 -18.83
CA LYS Y 91 32.81 -78.58 -18.74
C LYS Y 91 32.73 -80.02 -18.24
N GLY Y 92 33.73 -80.82 -18.58
CA GLY Y 92 33.76 -82.21 -18.18
C GLY Y 92 34.36 -82.44 -16.81
N GLU Y 93 34.76 -81.36 -16.16
CA GLU Y 93 35.39 -81.47 -14.85
C GLU Y 93 34.53 -80.97 -13.71
N THR Y 94 35.17 -80.62 -12.60
CA THR Y 94 34.47 -80.08 -11.45
C THR Y 94 34.08 -78.65 -11.74
N LEU Y 95 32.99 -78.18 -11.14
CA LEU Y 95 32.50 -76.84 -11.42
C LEU Y 95 32.23 -76.04 -10.17
N PRO Y 96 32.41 -74.72 -10.25
CA PRO Y 96 31.97 -73.90 -9.12
C PRO Y 96 30.46 -74.02 -8.97
N VAL Y 97 29.97 -74.02 -7.74
CA VAL Y 97 28.54 -74.08 -7.54
C VAL Y 97 28.07 -72.76 -7.00
N VAL Y 98 26.98 -72.26 -7.55
CA VAL Y 98 26.55 -70.92 -7.24
C VAL Y 98 25.10 -70.87 -6.84
N ASP Y 99 24.85 -71.00 -5.54
CA ASP Y 99 23.54 -70.75 -5.00
C ASP Y 99 23.21 -69.30 -5.30
N LEU Y 100 22.01 -69.04 -5.80
CA LEU Y 100 21.65 -67.68 -6.15
C LEU Y 100 20.79 -67.01 -5.10
N LEU Y 101 20.10 -67.78 -4.26
CA LEU Y 101 19.38 -67.16 -3.16
C LEU Y 101 20.35 -66.50 -2.21
N ALA Y 102 21.50 -67.14 -2.04
CA ALA Y 102 22.51 -66.61 -1.15
C ALA Y 102 22.96 -65.27 -1.65
N ASN Y 103 23.01 -65.15 -2.97
CA ASN Y 103 23.55 -63.98 -3.58
C ASN Y 103 22.47 -62.99 -3.93
N GLY Y 104 21.23 -63.39 -3.65
CA GLY Y 104 20.09 -62.51 -3.76
C GLY Y 104 19.35 -62.52 -5.08
N TYR Y 105 19.54 -63.58 -5.85
CA TYR Y 105 18.90 -63.65 -7.16
C TYR Y 105 17.96 -64.81 -7.22
N SER Y 106 16.91 -64.71 -8.02
CA SER Y 106 15.91 -65.75 -8.01
C SER Y 106 15.84 -66.46 -9.34
N LYS Y 107 15.41 -65.78 -10.39
CA LYS Y 107 15.42 -66.38 -11.72
C LYS Y 107 16.81 -66.25 -12.33
N LEU Y 108 17.05 -67.02 -13.38
CA LEU Y 108 18.29 -66.98 -14.12
C LEU Y 108 18.00 -66.78 -15.59
N LEU Y 109 18.02 -65.54 -16.04
CA LEU Y 109 17.81 -65.24 -17.44
C LEU Y 109 19.03 -65.64 -18.23
N GLY Y 110 18.83 -66.15 -19.44
CA GLY Y 110 19.95 -66.70 -20.20
C GLY Y 110 20.48 -65.77 -21.24
N ASN Y 111 21.04 -64.64 -20.80
CA ASN Y 111 21.47 -63.62 -21.74
C ASN Y 111 22.70 -64.05 -22.51
N GLY Y 112 23.83 -63.42 -22.25
CA GLY Y 112 24.92 -63.47 -23.20
C GLY Y 112 25.65 -64.79 -23.33
N HIS Y 113 26.87 -64.72 -23.85
CA HIS Y 113 27.64 -65.92 -24.10
C HIS Y 113 28.35 -66.36 -22.84
N LEU Y 114 27.68 -67.15 -22.04
CA LEU Y 114 28.36 -67.93 -21.02
C LEU Y 114 29.25 -68.92 -21.74
N GLN Y 115 30.39 -69.22 -21.15
CA GLN Y 115 31.31 -70.15 -21.77
C GLN Y 115 32.07 -70.92 -20.71
N THR Y 116 32.13 -70.33 -19.52
CA THR Y 116 32.67 -71.02 -18.38
C THR Y 116 31.52 -71.67 -17.62
N PRO Y 117 31.53 -73.00 -17.55
CA PRO Y 117 30.48 -73.79 -16.92
C PRO Y 117 30.35 -73.50 -15.44
N CYS Y 118 29.13 -73.59 -14.94
CA CYS Y 118 28.91 -73.49 -13.52
C CYS Y 118 27.64 -74.24 -13.21
N ILE Y 119 27.55 -74.80 -12.01
CA ILE Y 119 26.32 -75.40 -11.58
C ILE Y 119 25.53 -74.35 -10.86
N VAL Y 120 24.77 -73.56 -11.62
CA VAL Y 120 23.96 -72.53 -11.00
C VAL Y 120 22.83 -73.17 -10.24
N LYS Y 121 22.51 -72.62 -9.09
CA LYS Y 121 21.51 -73.21 -8.24
C LYS Y 121 20.47 -72.16 -7.91
N ALA Y 122 19.35 -72.17 -8.63
CA ALA Y 122 18.39 -71.07 -8.55
C ALA Y 122 16.94 -71.50 -8.67
N ARG Y 123 16.05 -70.67 -8.12
CA ARG Y 123 14.61 -70.95 -8.09
C ARG Y 123 13.95 -71.02 -9.45
N TRP Y 124 14.39 -70.22 -10.40
CA TRP Y 124 13.74 -70.16 -11.69
C TRP Y 124 14.82 -70.17 -12.74
N VAL Y 125 14.46 -70.48 -13.98
CA VAL Y 125 15.37 -70.35 -15.09
C VAL Y 125 14.64 -70.00 -16.34
N SER Y 126 15.33 -69.33 -17.24
CA SER Y 126 14.84 -69.02 -18.56
C SER Y 126 14.85 -70.27 -19.44
N LYS Y 127 14.06 -70.27 -20.51
CA LYS Y 127 14.16 -71.37 -21.47
C LYS Y 127 15.54 -71.43 -22.05
N LEU Y 128 16.18 -70.28 -22.16
CA LEU Y 128 17.42 -70.19 -22.89
C LEU Y 128 18.60 -70.30 -21.96
N ALA Y 129 18.37 -70.04 -20.69
CA ALA Y 129 19.43 -70.15 -19.71
C ALA Y 129 19.79 -71.60 -19.40
N ASP Y 130 18.79 -72.44 -19.17
CA ASP Y 130 19.10 -73.82 -18.82
C ASP Y 130 19.69 -74.51 -20.02
N LYS Y 131 19.29 -74.06 -21.20
CA LYS Y 131 19.83 -74.60 -22.42
C LYS Y 131 21.26 -74.18 -22.61
N LYS Y 132 21.54 -72.88 -22.48
CA LYS Y 132 22.88 -72.38 -22.61
C LYS Y 132 23.76 -72.97 -21.55
N ILE Y 133 23.22 -73.08 -20.34
CA ILE Y 133 24.00 -73.51 -19.20
C ILE Y 133 24.39 -74.97 -19.40
N ARG Y 134 23.54 -75.74 -20.07
CA ARG Y 134 23.87 -77.14 -20.35
C ARG Y 134 24.87 -77.24 -21.48
N LYS Y 135 24.68 -76.44 -22.51
CA LYS Y 135 25.54 -76.49 -23.68
C LYS Y 135 26.95 -76.09 -23.32
N ALA Y 136 27.09 -75.33 -22.24
CA ALA Y 136 28.41 -74.97 -21.73
C ALA Y 136 28.95 -76.09 -20.86
N GLY Y 137 28.14 -77.11 -20.64
CA GLY Y 137 28.54 -78.22 -19.80
C GLY Y 137 28.27 -78.02 -18.33
N GLY Y 138 27.61 -76.94 -17.98
CA GLY Y 138 27.19 -76.71 -16.61
C GLY Y 138 25.82 -77.27 -16.37
N ALA Y 139 25.20 -76.88 -15.26
CA ALA Y 139 23.85 -77.33 -14.97
C ALA Y 139 23.19 -76.48 -13.92
N VAL Y 140 22.02 -75.93 -14.24
CA VAL Y 140 21.15 -75.40 -13.22
C VAL Y 140 20.58 -76.54 -12.39
N VAL Y 141 20.53 -76.37 -11.08
CA VAL Y 141 19.81 -77.34 -10.26
C VAL Y 141 18.74 -76.54 -9.55
N LEU Y 142 17.49 -76.97 -9.69
CA LEU Y 142 16.42 -76.19 -9.14
C LEU Y 142 16.42 -76.20 -7.64
N GLN Y 143 16.20 -75.04 -7.04
CA GLN Y 143 16.04 -74.94 -5.61
C GLN Y 143 14.82 -74.09 -5.32
N ALA Y 144 14.60 -73.77 -4.06
CA ALA Y 144 13.51 -72.89 -3.69
C ALA Y 144 13.91 -71.97 -2.55
N SER Z 1 55.55 -34.70 -5.56
CA SER Z 1 56.55 -33.84 -6.20
C SER Z 1 56.24 -32.37 -6.01
N THR Z 2 57.21 -31.53 -6.33
CA THR Z 2 57.05 -30.10 -6.25
C THR Z 2 56.02 -29.53 -7.20
N ASP Z 3 55.83 -30.18 -8.33
CA ASP Z 3 54.82 -29.74 -9.27
C ASP Z 3 53.45 -29.84 -8.62
N LEU Z 4 53.31 -30.85 -7.76
CA LEU Z 4 52.05 -31.07 -7.09
C LEU Z 4 51.93 -30.18 -5.88
N GLN Z 5 53.00 -30.06 -5.13
CA GLN Z 5 52.96 -29.28 -3.90
C GLN Z 5 52.64 -27.84 -4.21
N TRP Z 6 53.33 -27.29 -5.19
CA TRP Z 6 53.13 -25.92 -5.55
C TRP Z 6 51.72 -25.68 -5.99
N LEU Z 7 51.09 -26.72 -6.52
CA LEU Z 7 49.75 -26.56 -6.99
C LEU Z 7 48.80 -26.68 -5.81
N LEU Z 8 49.36 -27.04 -4.66
CA LEU Z 8 48.60 -27.12 -3.41
C LEU Z 8 48.70 -25.86 -2.60
N VAL Z 9 49.92 -25.38 -2.42
CA VAL Z 9 50.16 -24.20 -1.63
C VAL Z 9 49.93 -22.93 -2.42
N ARG Z 10 49.71 -23.09 -3.72
CA ARG Z 10 49.61 -21.94 -4.60
C ARG Z 10 48.46 -21.01 -4.32
N GLN Z 11 47.32 -21.54 -3.89
CA GLN Z 11 46.17 -20.69 -3.68
C GLN Z 11 46.20 -20.09 -2.29
N ASN Z 12 46.75 -20.83 -1.33
CA ASN Z 12 47.04 -20.29 -0.02
C ASN Z 12 48.16 -20.99 0.72
N SER Z 13 48.94 -20.21 1.44
CA SER Z 13 49.94 -20.76 2.33
C SER Z 13 50.34 -19.67 3.27
N LYS Z 14 51.11 -20.03 4.28
CA LYS Z 14 51.58 -19.08 5.26
C LYS Z 14 52.35 -17.99 4.55
N PHE Z 15 53.00 -18.38 3.46
CA PHE Z 15 53.97 -17.53 2.81
C PHE Z 15 53.39 -16.59 1.79
N LEU Z 16 52.33 -17.01 1.11
CA LEU Z 16 51.69 -16.13 0.18
C LEU Z 16 51.18 -14.93 0.94
N GLN Z 17 51.47 -13.75 0.40
CA GLN Z 17 51.08 -12.50 1.00
C GLN Z 17 50.34 -11.71 -0.04
N LYS Z 18 49.07 -12.07 -0.24
CA LYS Z 18 48.26 -11.42 -1.23
C LYS Z 18 47.61 -10.19 -0.64
N ARG Z 19 48.36 -9.09 -0.62
CA ARG Z 19 47.90 -7.85 0.00
C ARG Z 19 47.65 -6.79 -1.04
N ASN Z 20 46.51 -6.11 -0.98
CA ASN Z 20 46.08 -5.19 -2.04
C ASN Z 20 45.99 -5.83 -3.40
N GLY Z 21 45.90 -7.14 -3.46
CA GLY Z 21 45.84 -7.82 -4.73
C GLY Z 21 47.24 -8.08 -5.24
N ILE Z 22 48.23 -7.42 -4.65
CA ILE Z 22 49.62 -7.74 -4.91
C ILE Z 22 49.97 -9.02 -4.18
N ARG Z 23 50.87 -9.81 -4.75
CA ARG Z 23 51.18 -11.12 -4.22
C ARG Z 23 52.66 -11.33 -4.00
N LEU Z 24 53.11 -11.19 -2.76
CA LEU Z 24 54.50 -11.38 -2.47
C LEU Z 24 54.65 -12.51 -1.48
N SER Z 25 55.83 -13.11 -1.43
CA SER Z 25 56.03 -14.24 -0.54
C SER Z 25 56.74 -13.82 0.73
N SER Z 26 56.22 -14.26 1.87
CA SER Z 26 56.84 -14.00 3.15
C SER Z 26 57.93 -15.01 3.35
N ASP Z 27 58.08 -15.87 2.36
CA ASP Z 27 58.98 -17.00 2.39
C ASP Z 27 60.39 -16.53 2.64
N PRO Z 28 61.04 -17.12 3.65
CA PRO Z 28 62.41 -16.82 4.04
C PRO Z 28 63.36 -17.08 2.90
N PHE Z 29 63.02 -18.05 2.07
CA PHE Z 29 63.94 -18.67 1.13
C PHE Z 29 63.74 -18.22 -0.29
N ASN Z 30 62.71 -17.42 -0.50
CA ASN Z 30 62.50 -16.81 -1.77
C ASN Z 30 63.47 -15.65 -1.91
N ASN Z 31 63.97 -15.39 -3.11
CA ASN Z 31 64.92 -14.31 -3.27
C ASN Z 31 64.32 -12.96 -3.55
N ASN Z 32 63.27 -12.90 -4.37
CA ASN Z 32 62.67 -11.60 -4.64
C ASN Z 32 61.23 -11.51 -4.19
N ALA Z 33 60.83 -12.43 -3.33
CA ALA Z 33 59.52 -12.38 -2.70
C ALA Z 33 58.40 -12.36 -3.72
N ASN Z 34 58.66 -12.97 -4.86
CA ASN Z 34 57.67 -13.06 -5.91
C ASN Z 34 57.01 -14.42 -5.82
N TRP Z 35 55.69 -14.48 -5.70
CA TRP Z 35 55.04 -15.74 -5.40
C TRP Z 35 54.93 -16.54 -6.68
N THR Z 36 55.97 -17.32 -6.93
CA THR Z 36 56.21 -17.98 -8.20
C THR Z 36 56.78 -19.34 -7.86
N LYS Z 37 56.59 -20.32 -8.72
CA LYS Z 37 57.15 -21.63 -8.45
C LYS Z 37 58.67 -21.67 -8.53
N ARG Z 38 59.23 -20.80 -9.37
CA ARG Z 38 60.67 -20.79 -9.59
C ARG Z 38 61.33 -20.45 -8.28
N HIS Z 39 60.65 -19.60 -7.52
CA HIS Z 39 61.22 -18.97 -6.35
C HIS Z 39 60.83 -19.59 -5.03
N ALA Z 40 59.65 -20.20 -4.98
CA ALA Z 40 59.11 -20.71 -3.74
C ALA Z 40 60.01 -21.80 -3.24
N GLY Z 41 61.12 -21.43 -2.63
CA GLY Z 41 62.17 -22.37 -2.34
C GLY Z 41 61.88 -23.23 -1.14
N PHE Z 42 60.86 -22.87 -0.37
CA PHE Z 42 60.49 -23.65 0.79
C PHE Z 42 59.89 -24.95 0.30
N LEU Z 43 59.56 -24.93 -0.99
CA LEU Z 43 58.74 -25.93 -1.61
C LEU Z 43 59.59 -26.80 -2.50
N ASN Z 44 60.56 -26.17 -3.13
CA ASN Z 44 61.46 -26.79 -4.08
C ASN Z 44 62.37 -27.84 -3.46
N THR Z 45 62.67 -28.87 -4.23
CA THR Z 45 63.58 -29.91 -3.80
C THR Z 45 64.95 -29.33 -3.54
N LYS Z 46 65.28 -28.27 -4.27
CA LYS Z 46 66.55 -27.60 -4.11
C LYS Z 46 66.27 -26.12 -4.03
N ALA Z 47 67.08 -25.38 -3.30
CA ALA Z 47 66.77 -23.99 -3.08
C ALA Z 47 68.01 -23.22 -2.70
N ALA Z 48 67.98 -21.91 -2.91
CA ALA Z 48 69.11 -21.08 -2.53
C ALA Z 48 68.65 -19.68 -2.15
N VAL Z 49 69.29 -19.12 -1.14
CA VAL Z 49 68.93 -17.80 -0.65
C VAL Z 49 70.20 -17.06 -0.32
N VAL Z 50 70.17 -15.74 -0.42
CA VAL Z 50 71.39 -14.96 -0.20
C VAL Z 50 71.10 -13.78 0.73
N LYS Z 51 70.63 -14.13 1.93
CA LYS Z 51 70.29 -13.17 2.97
C LYS Z 51 71.54 -12.64 3.67
N THR Z 52 71.42 -11.47 4.29
CA THR Z 52 72.50 -10.94 5.12
C THR Z 52 72.64 -11.66 6.46
N LYS Z 53 73.84 -11.62 7.04
CA LYS Z 53 74.06 -12.17 8.36
C LYS Z 53 75.00 -11.30 9.19
N GLY Z 54 74.48 -10.20 9.72
CA GLY Z 54 75.27 -9.27 10.48
C GLY Z 54 76.45 -8.78 9.66
N ASP Z 55 76.19 -7.80 8.80
CA ASP Z 55 77.23 -7.25 7.94
C ASP Z 55 77.64 -8.23 6.83
N ARG Z 56 77.89 -9.49 7.20
CA ARG Z 56 78.18 -10.52 6.20
C ARG Z 56 76.98 -10.92 5.36
N ILE Z 57 77.23 -11.17 4.08
CA ILE Z 57 76.26 -11.88 3.27
C ILE Z 57 76.22 -13.35 3.69
N LEU Z 58 75.02 -13.89 3.71
CA LEU Z 58 74.81 -15.28 4.05
C LEU Z 58 74.18 -15.94 2.85
N VAL Z 59 74.54 -17.19 2.57
CA VAL Z 59 73.97 -17.84 1.42
C VAL Z 59 73.48 -19.21 1.80
N THR Z 60 72.28 -19.24 2.37
CA THR Z 60 71.66 -20.47 2.77
C THR Z 60 71.40 -21.29 1.53
N THR Z 61 71.57 -22.59 1.63
CA THR Z 61 71.44 -23.46 0.47
C THR Z 61 70.62 -24.67 0.85
N LYS Z 62 69.98 -25.27 -0.14
CA LYS Z 62 69.23 -26.47 0.12
C LYS Z 62 69.33 -27.45 -1.04
N ASP Z 63 70.41 -28.19 -1.10
CA ASP Z 63 70.49 -29.32 -2.01
C ASP Z 63 69.46 -30.33 -1.52
N GLY Z 64 68.95 -31.17 -2.41
CA GLY Z 64 67.84 -32.02 -2.04
C GLY Z 64 68.26 -33.17 -1.15
N LYS Z 65 69.57 -33.37 -1.03
CA LYS Z 65 70.12 -34.58 -0.46
C LYS Z 65 69.63 -34.79 0.97
N ALA Z 66 69.41 -33.69 1.67
CA ALA Z 66 68.91 -33.75 3.03
C ALA Z 66 67.51 -34.32 3.03
N GLY Z 67 66.80 -34.14 1.92
CA GLY Z 67 65.41 -34.54 1.83
C GLY Z 67 64.60 -33.80 2.87
N ASN Z 68 63.69 -34.51 3.52
CA ASN Z 68 62.80 -33.94 4.52
C ASN Z 68 63.24 -34.04 5.97
N LYS Z 69 64.32 -33.36 6.31
CA LYS Z 69 64.78 -33.29 7.69
C LYS Z 69 65.06 -31.84 8.06
N PRO Z 70 64.00 -31.11 8.39
CA PRO Z 70 63.98 -29.64 8.41
C PRO Z 70 65.03 -29.07 9.32
N LYS Z 71 65.36 -29.80 10.37
CA LYS Z 71 66.38 -29.36 11.30
C LYS Z 71 67.70 -29.18 10.59
N SER Z 72 67.96 -29.99 9.57
CA SER Z 72 69.23 -29.93 8.87
C SER Z 72 69.07 -29.92 7.36
N MET Z 73 67.87 -29.68 6.89
CA MET Z 73 67.62 -29.60 5.47
C MET Z 73 68.30 -28.39 4.85
N TYR Z 74 68.44 -27.31 5.62
CA TYR Z 74 69.12 -26.11 5.12
C TYR Z 74 70.54 -25.94 5.67
N LYS Z 75 71.48 -25.60 4.80
CA LYS Z 75 72.88 -25.44 5.16
C LYS Z 75 73.42 -24.06 4.82
N LYS Z 76 73.69 -23.26 5.85
CA LYS Z 76 74.19 -21.90 5.67
C LYS Z 76 75.64 -21.88 5.23
N ALA Z 77 76.03 -20.80 4.58
CA ALA Z 77 77.45 -20.54 4.35
C ALA Z 77 77.71 -19.05 4.16
N VAL Z 78 78.41 -18.45 5.12
CA VAL Z 78 78.72 -17.04 5.08
C VAL Z 78 79.75 -16.71 4.00
N MET Z 79 79.73 -15.46 3.53
CA MET Z 79 80.72 -15.01 2.56
C MET Z 79 81.20 -13.60 2.89
N ALA Z 85 81.85 -10.80 -6.27
CA ALA Z 85 80.47 -10.87 -5.82
C ALA Z 85 79.63 -11.85 -6.67
N SER Z 86 80.23 -12.33 -7.76
CA SER Z 86 79.63 -13.38 -8.55
C SER Z 86 79.95 -14.72 -7.92
N VAL Z 87 80.80 -14.69 -6.91
CA VAL Z 87 81.17 -15.88 -6.17
C VAL Z 87 80.01 -16.46 -5.39
N VAL Z 88 79.20 -15.59 -4.81
CA VAL Z 88 78.01 -16.02 -4.11
C VAL Z 88 77.05 -16.64 -5.08
N SER Z 89 76.97 -16.06 -6.28
CA SER Z 89 76.19 -16.65 -7.35
C SER Z 89 76.78 -17.97 -7.81
N LYS Z 90 78.08 -18.10 -7.68
CA LYS Z 90 78.76 -19.33 -8.01
C LYS Z 90 78.38 -20.43 -7.04
N ALA Z 91 78.04 -20.04 -5.82
CA ALA Z 91 77.62 -20.99 -4.81
C ALA Z 91 76.17 -21.37 -5.00
N VAL Z 92 75.33 -20.38 -5.25
CA VAL Z 92 73.92 -20.61 -5.46
C VAL Z 92 73.60 -21.42 -6.71
N ALA Z 93 74.41 -21.27 -7.76
CA ALA Z 93 74.20 -22.04 -8.98
C ALA Z 93 74.67 -23.47 -8.77
N ALA Z 94 75.46 -23.65 -7.72
CA ALA Z 94 75.99 -24.96 -7.37
C ALA Z 94 74.84 -25.87 -6.98
N VAL Z 95 73.75 -25.27 -6.52
CA VAL Z 95 72.56 -26.01 -6.16
C VAL Z 95 71.43 -25.75 -7.15
N ARG Z 96 71.09 -24.48 -7.36
CA ARG Z 96 70.07 -24.12 -8.34
C ARG Z 96 70.63 -23.19 -9.41
N PRO Z 97 70.95 -23.75 -10.57
CA PRO Z 97 71.54 -23.01 -11.69
C PRO Z 97 70.71 -21.84 -12.19
N ASP Z 98 69.39 -21.97 -12.17
CA ASP Z 98 68.54 -20.93 -12.74
C ASP Z 98 68.31 -19.79 -11.75
N LEU Z 99 68.57 -20.08 -10.49
CA LEU Z 99 68.31 -19.12 -9.43
C LEU Z 99 69.48 -18.16 -9.37
N ALA Z 100 70.56 -18.55 -10.03
CA ALA Z 100 71.85 -17.89 -9.88
C ALA Z 100 71.85 -16.45 -10.37
N SER Z 101 71.15 -16.21 -11.47
CA SER Z 101 71.15 -14.89 -12.09
C SER Z 101 70.51 -13.89 -11.16
N ILE Z 102 69.50 -14.36 -10.42
CA ILE Z 102 68.84 -13.55 -9.42
C ILE Z 102 69.64 -13.59 -8.13
N ALA Z 103 70.20 -14.75 -7.84
CA ALA Z 103 70.96 -14.95 -6.62
C ALA Z 103 72.19 -14.08 -6.60
N SER Z 104 72.64 -13.68 -7.79
CA SER Z 104 73.75 -12.76 -7.91
C SER Z 104 73.29 -11.35 -7.59
N ARG Z 105 72.18 -11.00 -8.24
CA ARG Z 105 71.58 -9.67 -8.13
C ARG Z 105 70.97 -9.38 -6.78
N ARG Z 106 70.52 -10.41 -6.08
CA ARG Z 106 70.15 -10.22 -4.69
C ARG Z 106 71.42 -10.10 -3.89
N ALA Z 107 72.40 -10.92 -4.23
CA ALA Z 107 73.66 -10.94 -3.49
C ALA Z 107 74.37 -9.61 -3.60
N ARG Z 108 74.15 -8.89 -4.70
CA ARG Z 108 74.62 -7.52 -4.81
C ARG Z 108 73.81 -6.60 -3.92
N LYS Z 109 72.51 -6.69 -4.07
CA LYS Z 109 71.60 -5.76 -3.43
C LYS Z 109 71.65 -5.96 -1.94
N MET Z 110 72.05 -7.16 -1.54
CA MET Z 110 72.35 -7.41 -0.15
C MET Z 110 73.59 -6.62 0.27
N ALA Z 111 74.50 -6.38 -0.67
CA ALA Z 111 75.72 -5.66 -0.37
C ALA Z 111 75.48 -4.16 -0.30
N SER Z 112 74.72 -3.64 -1.24
CA SER Z 112 74.41 -2.22 -1.24
C SER Z 112 73.53 -1.89 -0.04
N THR Z 113 72.69 -2.84 0.39
CA THR Z 113 71.92 -2.63 1.60
C THR Z 113 72.84 -2.54 2.80
N LEU Z 114 73.79 -3.47 2.85
CA LEU Z 114 74.74 -3.51 3.95
C LEU Z 114 75.63 -2.29 3.96
N GLU Z 115 75.94 -1.75 2.78
CA GLU Z 115 76.73 -0.54 2.72
C GLU Z 115 75.85 0.64 3.05
N HIS Z 116 74.64 0.62 2.53
CA HIS Z 116 73.68 1.71 2.74
C HIS Z 116 73.30 1.87 4.20
N MET Z 117 73.20 0.77 4.94
CA MET Z 117 72.75 0.87 6.31
C MET Z 117 73.89 1.28 7.23
N LYS Z 118 75.11 0.89 6.90
CA LYS Z 118 76.26 1.33 7.68
C LYS Z 118 76.35 2.84 7.59
N LYS Z 119 76.00 3.37 6.43
CA LYS Z 119 75.88 4.80 6.24
C LYS Z 119 74.70 5.37 7.03
N VAL Z 120 73.65 4.59 7.18
CA VAL Z 120 72.45 5.05 7.87
C VAL Z 120 72.55 4.82 9.36
N ARG Z 121 73.07 3.66 9.75
CA ARG Z 121 73.24 3.35 11.15
C ARG Z 121 74.26 4.28 11.79
N ALA Z 122 75.30 4.63 11.02
CA ALA Z 122 76.31 5.56 11.49
C ALA Z 122 75.79 6.99 11.54
N ALA Z 123 74.84 7.29 10.66
CA ALA Z 123 74.25 8.61 10.58
C ALA Z 123 73.16 8.77 11.62
N ARG Z 124 72.76 7.67 12.24
CA ARG Z 124 71.73 7.70 13.26
C ARG Z 124 72.37 8.14 14.57
N LYS Z 125 73.68 8.37 14.50
CA LYS Z 125 74.41 9.05 15.57
C LYS Z 125 74.58 10.53 15.25
N ASN AA 1 -5.46 -10.60 -32.44
CA ASN AA 1 -4.68 -10.04 -33.54
C ASN AA 1 -3.72 -11.03 -34.14
N HIS AA 2 -3.61 -11.02 -35.44
CA HIS AA 2 -2.77 -11.97 -36.15
C HIS AA 2 -1.64 -11.48 -37.08
N THR AA 3 -0.94 -10.40 -36.76
CA THR AA 3 0.16 -9.95 -37.64
C THR AA 3 1.32 -10.94 -37.76
N ASN AA 4 1.85 -11.14 -38.95
CA ASN AA 4 2.97 -12.05 -39.13
C ASN AA 4 4.27 -11.29 -39.19
N HIS AA 5 4.25 -10.09 -38.66
CA HIS AA 5 5.41 -9.22 -38.62
C HIS AA 5 6.51 -9.71 -37.71
N ASN AA 6 7.76 -9.51 -38.14
CA ASN AA 6 8.93 -9.93 -37.38
C ASN AA 6 9.07 -11.43 -37.34
N GLN AA 7 8.33 -12.12 -38.18
CA GLN AA 7 8.37 -13.57 -38.14
C GLN AA 7 9.43 -14.14 -39.02
N SER AA 8 9.59 -13.62 -40.23
CA SER AA 8 10.65 -14.10 -41.09
C SER AA 8 11.98 -13.61 -40.61
N ARG AA 9 11.98 -12.50 -39.88
CA ARG AA 9 13.19 -12.05 -39.21
C ARG AA 9 13.54 -12.97 -38.09
N LYS AA 10 12.55 -13.27 -37.28
CA LYS AA 10 12.72 -14.12 -36.14
C LYS AA 10 13.04 -15.52 -36.62
N ASN AA 11 12.51 -15.89 -37.77
CA ASN AA 11 12.83 -17.17 -38.38
C ASN AA 11 14.21 -17.28 -39.02
N HIS AA 12 14.74 -16.21 -39.58
CA HIS AA 12 16.05 -16.29 -40.22
C HIS AA 12 17.18 -15.98 -39.25
N ARG AA 13 16.86 -15.82 -37.99
CA ARG AA 13 17.88 -15.62 -36.98
C ARG AA 13 18.79 -16.82 -36.94
N ASN AA 14 18.19 -17.99 -36.84
CA ASN AA 14 18.94 -19.23 -36.81
C ASN AA 14 18.78 -19.87 -38.16
N GLY AA 15 18.46 -19.02 -39.12
CA GLY AA 15 18.43 -19.37 -40.52
C GLY AA 15 17.16 -20.11 -40.71
N ILE AA 16 16.81 -20.39 -41.95
CA ILE AA 16 15.91 -21.49 -42.17
C ILE AA 16 16.87 -22.65 -42.22
N LYS AA 17 16.77 -23.56 -41.27
CA LYS AA 17 17.68 -24.67 -41.24
C LYS AA 17 17.36 -25.45 -42.48
N ARG AA 18 18.35 -25.89 -43.23
CA ARG AA 18 17.99 -26.59 -44.44
C ARG AA 18 17.68 -28.02 -44.07
N ALA AA 19 16.89 -28.67 -44.92
CA ALA AA 19 16.35 -29.97 -44.64
C ALA AA 19 17.43 -31.03 -44.54
N LEU AA 20 17.14 -32.09 -43.82
CA LEU AA 20 18.08 -33.17 -43.61
C LEU AA 20 18.48 -33.78 -44.94
N PRO AA 21 19.75 -34.18 -45.05
CA PRO AA 21 20.38 -34.81 -46.21
C PRO AA 21 19.72 -36.14 -46.50
N MET AA 22 19.65 -36.54 -47.76
CA MET AA 22 18.93 -37.75 -48.11
C MET AA 22 19.53 -39.03 -47.53
N TYR AA 23 20.82 -38.98 -47.20
CA TYR AA 23 21.50 -40.15 -46.68
C TYR AA 23 21.23 -40.44 -45.22
N LEU AA 24 20.51 -39.56 -44.54
CA LEU AA 24 20.21 -39.81 -43.13
C LEU AA 24 18.91 -40.57 -42.93
N HIS AA 25 17.89 -39.92 -42.37
CA HIS AA 25 16.70 -40.65 -41.94
C HIS AA 25 15.98 -41.27 -43.10
N ASN AA 26 16.71 -42.08 -43.87
CA ASN AA 26 16.16 -42.73 -45.03
C ASN AA 26 15.51 -44.08 -44.70
N SER AA 27 14.65 -44.06 -43.70
CA SER AA 27 13.85 -45.22 -43.38
C SER AA 27 12.90 -45.50 -44.53
N LYS AA 28 12.64 -46.77 -44.80
CA LYS AA 28 11.58 -47.12 -45.72
C LYS AA 28 10.28 -47.06 -44.97
N ARG AA 29 9.74 -48.18 -44.54
CA ARG AA 29 8.71 -48.12 -43.53
C ARG AA 29 7.46 -47.39 -44.02
N GLY AA 30 6.48 -48.12 -44.51
CA GLY AA 30 5.36 -47.51 -45.17
C GLY AA 30 5.68 -47.40 -46.64
N SER AA 31 6.88 -47.86 -47.00
CA SER AA 31 7.22 -48.08 -48.38
C SER AA 31 6.33 -49.19 -48.86
N TRP AA 32 6.08 -49.23 -50.16
CA TRP AA 32 5.31 -50.32 -50.70
C TRP AA 32 5.96 -51.60 -50.25
N LEU AA 33 5.19 -52.37 -49.47
CA LEU AA 33 5.74 -53.44 -48.67
C LEU AA 33 6.43 -54.54 -49.45
N PRO AA 34 5.82 -55.05 -50.53
CA PRO AA 34 6.42 -56.18 -51.22
C PRO AA 34 7.85 -55.94 -51.69
N ALA AA 35 8.17 -54.73 -52.10
CA ALA AA 35 9.54 -54.40 -52.44
C ALA AA 35 10.40 -54.41 -51.20
N LEU AA 36 9.83 -53.85 -50.13
CA LEU AA 36 10.51 -53.65 -48.88
C LEU AA 36 10.93 -54.95 -48.23
N ILE AA 37 10.14 -55.98 -48.47
CA ILE AA 37 10.39 -57.28 -47.88
C ILE AA 37 11.46 -58.03 -48.65
N ASN AA 38 11.45 -57.89 -49.96
CA ASN AA 38 12.51 -58.46 -50.76
C ASN AA 38 13.83 -57.77 -50.49
N ALA AA 39 13.77 -56.50 -50.12
CA ALA AA 39 14.98 -55.77 -49.79
C ALA AA 39 15.64 -56.32 -48.54
N ARG AA 40 14.82 -56.79 -47.60
CA ARG AA 40 15.36 -57.39 -46.39
C ARG AA 40 16.10 -58.66 -46.71
N ARG AA 41 15.59 -59.41 -47.67
CA ARG AA 41 16.15 -60.69 -48.01
C ARG AA 41 17.51 -60.52 -48.64
N VAL AA 42 17.69 -59.39 -49.32
CA VAL AA 42 18.97 -59.12 -49.93
C VAL AA 42 19.94 -58.54 -48.93
N ARG AA 43 19.46 -57.59 -48.13
CA ARG AA 43 20.31 -56.97 -47.12
C ARG AA 43 20.80 -57.97 -46.10
N LYS AA 44 19.98 -58.95 -45.80
CA LYS AA 44 20.39 -59.97 -44.85
C LYS AA 44 21.46 -60.85 -45.47
N ASN AA 45 21.35 -61.07 -46.77
CA ASN AA 45 22.37 -61.80 -47.49
C ASN AA 45 23.62 -60.97 -47.73
N ASN AA 46 23.49 -59.65 -47.75
CA ASN AA 46 24.68 -58.83 -47.82
C ASN AA 46 25.47 -58.96 -46.54
N GLN AA 47 24.75 -59.11 -45.44
CA GLN AA 47 25.38 -59.26 -44.14
C GLN AA 47 26.10 -60.57 -43.95
N LYS AA 48 25.57 -61.63 -44.55
CA LYS AA 48 26.19 -62.91 -44.36
C LYS AA 48 27.42 -63.02 -45.22
N ALA AA 49 27.47 -62.24 -46.29
CA ALA AA 49 28.63 -62.27 -47.16
C ALA AA 49 29.60 -61.18 -46.76
N ALA AA 50 29.14 -60.18 -46.02
CA ALA AA 50 30.05 -59.20 -45.47
C ALA AA 50 30.85 -59.85 -44.37
N VAL AA 51 30.16 -60.56 -43.48
CA VAL AA 51 30.84 -61.25 -42.40
C VAL AA 51 31.69 -62.38 -42.95
N LYS AA 52 31.15 -63.06 -43.95
CA LYS AA 52 31.88 -64.16 -44.57
C LYS AA 52 33.09 -63.63 -45.30
N ALA AA 53 33.01 -62.39 -45.76
CA ALA AA 53 34.12 -61.74 -46.42
C ALA AA 53 35.23 -61.40 -45.43
N ARG AA 54 34.87 -60.83 -44.29
CA ARG AA 54 35.85 -60.55 -43.26
C ARG AA 54 36.50 -61.80 -42.69
N ARG AA 55 35.75 -62.90 -42.62
CA ARG AA 55 36.34 -64.14 -42.18
C ARG AA 55 37.38 -64.58 -43.17
N GLU AA 56 37.17 -64.22 -44.44
CA GLU AA 56 38.12 -64.55 -45.48
C GLU AA 56 39.38 -63.72 -45.34
N ARG AA 57 39.20 -62.42 -45.13
CA ARG AA 57 40.33 -61.52 -45.05
C ARG AA 57 41.27 -61.85 -43.90
N LEU AA 58 40.73 -62.37 -42.80
CA LEU AA 58 41.59 -62.76 -41.69
C LEU AA 58 42.36 -64.00 -41.99
N ALA AA 59 41.67 -64.98 -42.55
CA ALA AA 59 42.33 -66.22 -42.89
C ALA AA 59 43.39 -65.93 -43.93
N ALA AA 60 43.10 -64.98 -44.81
CA ALA AA 60 44.07 -64.56 -45.79
C ALA AA 60 45.23 -63.81 -45.13
N HIS AA 61 44.94 -63.20 -43.97
CA HIS AA 61 45.93 -62.40 -43.28
C HIS AA 61 46.77 -63.25 -42.33
N LYS AA 62 46.43 -64.51 -42.21
CA LYS AA 62 47.32 -65.44 -41.52
C LYS AA 62 48.33 -65.96 -42.52
N ALA AA 63 49.01 -65.03 -43.18
CA ALA AA 63 50.03 -65.36 -44.17
C ALA AA 63 50.79 -64.11 -44.59
N GLY BA 1 -31.96 -14.52 4.13
CA GLY BA 1 -32.89 -13.47 4.51
C GLY BA 1 -32.61 -13.01 5.91
N LYS BA 2 -33.65 -12.96 6.73
CA LYS BA 2 -33.50 -12.59 8.13
C LYS BA 2 -34.81 -12.84 8.85
N THR BA 3 -34.77 -13.14 10.13
CA THR BA 3 -35.90 -13.78 10.79
C THR BA 3 -37.16 -12.96 10.74
N VAL BA 4 -38.25 -13.59 10.33
CA VAL BA 4 -39.51 -12.91 10.14
C VAL BA 4 -40.10 -12.62 11.50
N LEU BA 5 -40.86 -11.56 11.61
CA LEU BA 5 -41.44 -11.18 12.89
C LEU BA 5 -42.44 -12.19 13.42
N THR BA 6 -43.07 -12.94 12.53
CA THR BA 6 -43.98 -13.98 12.97
C THR BA 6 -43.22 -15.05 13.70
N CYS BA 7 -41.99 -15.29 13.28
CA CYS BA 7 -41.13 -16.26 13.92
C CYS BA 7 -40.55 -15.77 15.21
N ARG BA 8 -40.27 -14.48 15.28
CA ARG BA 8 -39.71 -13.88 16.49
C ARG BA 8 -40.69 -13.79 17.63
N LYS BA 9 -41.97 -13.78 17.35
CA LYS BA 9 -42.94 -13.70 18.42
C LYS BA 9 -42.93 -15.00 19.18
N GLY BA 10 -42.37 -16.02 18.56
CA GLY BA 10 -42.26 -17.33 19.17
C GLY BA 10 -41.14 -17.43 20.17
N ASN BA 11 -40.17 -16.54 20.08
CA ASN BA 11 -39.18 -16.42 21.13
C ASN BA 11 -39.85 -15.93 22.39
N GLY BA 12 -40.89 -15.13 22.22
CA GLY BA 12 -41.71 -14.72 23.33
C GLY BA 12 -40.85 -13.95 24.28
N SER BA 13 -40.10 -13.00 23.76
CA SER BA 13 -39.24 -12.20 24.58
C SER BA 13 -39.95 -10.92 24.90
N ILE BA 14 -39.84 -10.01 23.95
CA ILE BA 14 -40.51 -8.73 23.99
C ILE BA 14 -41.99 -8.97 23.78
N TYR BA 15 -42.27 -10.13 23.26
CA TYR BA 15 -43.56 -10.48 22.70
C TYR BA 15 -44.44 -11.24 23.65
N GLN BA 16 -44.00 -11.37 24.89
CA GLN BA 16 -44.79 -12.00 25.92
C GLN BA 16 -45.91 -11.15 26.41
N VAL BA 17 -46.94 -11.83 26.89
CA VAL BA 17 -48.02 -11.17 27.59
C VAL BA 17 -47.51 -10.42 28.78
N HIS BA 18 -48.14 -9.30 29.00
CA HIS BA 18 -47.81 -8.40 30.07
C HIS BA 18 -48.20 -9.01 31.38
N GLY BA 19 -49.35 -8.62 31.90
CA GLY BA 19 -49.94 -9.40 32.95
C GLY BA 19 -49.36 -9.21 34.32
N HIS BA 20 -48.58 -8.18 34.54
CA HIS BA 20 -48.18 -7.92 35.90
C HIS BA 20 -49.42 -7.62 36.71
N LYS BA 21 -50.33 -6.87 36.12
CA LYS BA 21 -51.52 -6.43 36.84
C LYS BA 21 -52.68 -7.38 36.65
N ARG BA 22 -52.47 -8.43 35.86
CA ARG BA 22 -53.44 -9.50 35.74
C ARG BA 22 -53.61 -10.23 37.07
N LEU BA 23 -54.85 -10.63 37.33
CA LEU BA 23 -55.25 -11.19 38.61
C LEU BA 23 -54.93 -12.66 38.77
N GLY BA 24 -54.51 -13.28 37.67
CA GLY BA 24 -54.23 -14.70 37.68
C GLY BA 24 -55.18 -15.35 36.72
N PRO BA 25 -55.08 -16.68 36.58
CA PRO BA 25 -56.01 -17.40 35.72
C PRO BA 25 -57.44 -17.25 36.18
N ALA BA 26 -58.35 -17.11 35.24
CA ALA BA 26 -59.76 -16.98 35.54
C ALA BA 26 -60.45 -18.29 35.24
N LYS BA 27 -60.53 -19.16 36.24
CA LYS BA 27 -60.99 -20.53 36.01
C LYS BA 27 -62.21 -20.87 36.86
N LEU BA 28 -62.75 -22.07 36.66
CA LEU BA 28 -63.83 -22.57 37.50
C LEU BA 28 -63.21 -23.25 38.70
N ARG BA 29 -64.00 -23.56 39.70
CA ARG BA 29 -63.48 -24.18 40.91
C ARG BA 29 -62.97 -25.59 40.61
N ILE BA 30 -62.01 -26.06 41.39
CA ILE BA 30 -61.42 -27.38 41.17
C ILE BA 30 -62.54 -28.38 41.28
N LEU BA 31 -62.55 -29.37 40.41
CA LEU BA 31 -63.70 -30.26 40.33
C LEU BA 31 -63.73 -31.16 41.56
N ASP BA 32 -64.14 -30.60 42.68
CA ASP BA 32 -64.14 -31.32 43.94
C ASP BA 32 -65.15 -32.44 43.94
N TYR BA 33 -65.10 -33.25 44.99
CA TYR BA 33 -66.16 -34.21 45.25
C TYR BA 33 -67.48 -33.49 45.41
N ALA BA 34 -67.43 -32.29 45.99
CA ALA BA 34 -68.64 -31.52 46.22
C ALA BA 34 -69.30 -31.09 44.93
N GLU BA 35 -68.50 -30.78 43.92
CA GLU BA 35 -69.01 -30.49 42.60
C GLU BA 35 -69.66 -31.71 42.00
N ARG BA 36 -69.12 -32.87 42.30
CA ARG BA 36 -69.54 -34.11 41.68
C ARG BA 36 -70.70 -34.78 42.40
N HIS BA 37 -71.01 -34.32 43.61
CA HIS BA 37 -72.04 -34.94 44.42
C HIS BA 37 -72.83 -33.94 45.27
N GLY BA 38 -73.12 -32.78 44.72
CA GLY BA 38 -73.81 -31.75 45.49
C GLY BA 38 -73.58 -30.38 44.91
N PHE BA 39 -73.39 -29.38 45.76
CA PHE BA 39 -72.97 -28.09 45.27
C PHE BA 39 -72.23 -27.31 46.34
N MET BA 40 -71.44 -26.35 45.88
CA MET BA 40 -70.72 -25.45 46.75
C MET BA 40 -71.29 -24.07 46.59
N ARG BA 41 -71.78 -23.46 47.66
CA ARG BA 41 -72.19 -22.08 47.55
C ARG BA 41 -71.01 -21.14 47.78
N GLY BA 42 -70.73 -20.29 46.81
CA GLY BA 42 -69.75 -19.25 46.99
C GLY BA 42 -70.45 -17.95 46.74
N VAL BA 43 -70.21 -16.94 47.55
CA VAL BA 43 -70.77 -15.65 47.25
C VAL BA 43 -69.78 -14.90 46.40
N VAL BA 44 -70.28 -14.22 45.38
CA VAL BA 44 -69.43 -13.34 44.60
C VAL BA 44 -69.03 -12.21 45.50
N LYS BA 45 -67.76 -11.86 45.48
CA LYS BA 45 -67.26 -10.86 46.40
C LYS BA 45 -67.03 -9.56 45.69
N THR BA 46 -66.35 -9.59 44.56
CA THR BA 46 -66.19 -8.39 43.78
C THR BA 46 -65.83 -8.69 42.33
N ILE BA 47 -66.43 -7.92 41.44
CA ILE BA 47 -66.25 -8.06 40.01
C ILE BA 47 -65.11 -7.19 39.58
N GLU BA 48 -64.00 -7.79 39.18
CA GLU BA 48 -62.87 -6.99 38.75
C GLU BA 48 -62.68 -6.88 37.26
N HIS BA 49 -62.00 -5.80 36.89
CA HIS BA 49 -61.42 -5.66 35.59
C HIS BA 49 -60.03 -6.27 35.63
N GLU BA 50 -59.77 -7.23 34.76
CA GLU BA 50 -58.41 -7.73 34.58
C GLU BA 50 -57.83 -6.95 33.43
N PRO BA 51 -56.77 -6.19 33.65
CA PRO BA 51 -56.33 -5.42 32.50
C PRO BA 51 -55.91 -6.28 31.34
N GLY BA 52 -56.22 -5.84 30.14
CA GLY BA 52 -55.92 -6.59 28.94
C GLY BA 52 -57.01 -7.56 28.58
N ARG BA 53 -58.03 -7.63 29.42
CA ARG BA 53 -59.15 -8.53 29.18
C ARG BA 53 -60.45 -7.76 29.11
N GLY BA 54 -61.35 -8.20 28.23
CA GLY BA 54 -62.64 -7.55 28.11
C GLY BA 54 -63.63 -7.91 29.19
N ALA BA 55 -63.79 -9.20 29.44
CA ALA BA 55 -64.75 -9.65 30.41
C ALA BA 55 -64.30 -9.30 31.82
N PRO BA 56 -65.22 -8.80 32.66
CA PRO BA 56 -64.92 -8.75 34.07
C PRO BA 56 -64.77 -10.12 34.66
N LEU BA 57 -63.90 -10.23 35.65
CA LEU BA 57 -63.70 -11.44 36.40
C LEU BA 57 -64.41 -11.28 37.73
N ALA BA 58 -65.03 -12.35 38.21
CA ALA BA 58 -65.70 -12.33 39.50
C ALA BA 58 -64.80 -12.94 40.56
N ARG BA 59 -65.04 -12.58 41.81
CA ARG BA 59 -64.32 -13.13 42.94
C ARG BA 59 -65.18 -13.94 43.86
N VAL BA 60 -65.74 -15.03 43.37
CA VAL BA 60 -66.50 -15.92 44.20
C VAL BA 60 -65.66 -16.52 45.31
N GLU BA 61 -66.19 -16.51 46.52
CA GLU BA 61 -65.51 -16.99 47.71
C GLU BA 61 -66.17 -18.25 48.24
N PHE BA 62 -65.80 -19.40 47.70
CA PHE BA 62 -66.27 -20.66 48.22
C PHE BA 62 -65.59 -21.02 49.51
N ARG BA 63 -66.33 -21.63 50.41
CA ARG BA 63 -65.72 -22.15 51.61
C ARG BA 63 -64.99 -23.43 51.25
N HIS BA 64 -63.84 -23.68 51.86
CA HIS BA 64 -63.01 -24.81 51.48
C HIS BA 64 -63.68 -26.08 51.93
N PRO BA 65 -63.80 -27.05 51.02
CA PRO BA 65 -64.48 -28.33 51.28
C PRO BA 65 -63.93 -29.15 52.43
N TYR BA 66 -62.62 -29.13 52.64
CA TYR BA 66 -61.99 -30.08 53.53
C TYR BA 66 -61.32 -29.46 54.73
N LYS BA 67 -61.28 -28.14 54.79
CA LYS BA 67 -60.61 -27.50 55.89
C LYS BA 67 -61.22 -26.18 56.25
N TYR BA 68 -60.93 -25.75 57.48
CA TYR BA 68 -61.41 -24.47 57.95
C TYR BA 68 -60.56 -23.38 57.37
N ARG BA 69 -61.02 -22.86 56.24
CA ARG BA 69 -60.41 -21.73 55.62
C ARG BA 69 -61.35 -21.41 54.51
N ARG BA 70 -61.34 -20.19 54.02
CA ARG BA 70 -62.26 -19.89 52.95
C ARG BA 70 -61.47 -19.64 51.69
N VAL BA 71 -61.96 -20.19 50.58
CA VAL BA 71 -61.21 -20.25 49.34
C VAL BA 71 -61.72 -19.30 48.27
N LYS BA 72 -61.23 -18.06 48.26
CA LYS BA 72 -61.59 -17.14 47.19
C LYS BA 72 -61.02 -17.63 45.87
N GLU BA 73 -61.78 -17.45 44.80
CA GLU BA 73 -61.51 -18.13 43.56
C GLU BA 73 -62.01 -17.26 42.41
N LEU BA 74 -61.29 -17.24 41.29
CA LEU BA 74 -61.55 -16.22 40.28
C LEU BA 74 -61.91 -16.75 38.90
N MET BA 75 -63.06 -16.30 38.41
CA MET BA 75 -63.61 -16.77 37.14
C MET BA 75 -64.24 -15.64 36.36
N VAL BA 76 -64.15 -15.69 35.04
CA VAL BA 76 -64.74 -14.65 34.23
C VAL BA 76 -66.24 -14.65 34.44
N ALA BA 77 -66.79 -13.46 34.66
CA ALA BA 77 -68.15 -13.28 35.07
C ALA BA 77 -69.14 -13.35 33.92
N PRO BA 78 -70.22 -14.11 34.11
CA PRO BA 78 -71.47 -14.06 33.36
C PRO BA 78 -72.11 -12.73 33.61
N GLU BA 79 -72.80 -12.19 32.63
CA GLU BA 79 -73.46 -10.93 32.81
C GLU BA 79 -74.61 -11.03 33.81
N GLY BA 80 -74.73 -10.02 34.67
CA GLY BA 80 -75.70 -10.06 35.73
C GLY BA 80 -75.19 -10.71 36.98
N MET BA 81 -73.88 -10.90 37.07
CA MET BA 81 -73.26 -11.47 38.25
C MET BA 81 -72.85 -10.37 39.21
N PHE BA 82 -73.78 -9.94 40.04
CA PHE BA 82 -73.55 -8.87 41.00
C PHE BA 82 -72.80 -9.34 42.23
N THR BA 83 -72.09 -8.46 42.92
CA THR BA 83 -71.44 -8.84 44.15
C THR BA 83 -72.46 -9.20 45.21
N GLY BA 84 -72.13 -10.16 46.05
CA GLY BA 84 -73.02 -10.61 47.09
C GLY BA 84 -73.92 -11.70 46.61
N GLN BA 85 -73.89 -11.93 45.30
CA GLN BA 85 -74.62 -13.02 44.68
C GLN BA 85 -74.08 -14.31 45.21
N SER BA 86 -74.94 -15.28 45.45
CA SER BA 86 -74.47 -16.57 45.89
C SER BA 86 -74.49 -17.52 44.72
N VAL BA 87 -73.30 -17.80 44.19
CA VAL BA 87 -73.09 -18.77 43.13
C VAL BA 87 -73.24 -20.18 43.67
N LEU BA 88 -73.73 -21.09 42.83
CA LEU BA 88 -73.86 -22.47 43.26
C LEU BA 88 -73.25 -23.43 42.26
N CYS BA 89 -72.03 -23.86 42.51
CA CYS BA 89 -71.37 -24.81 41.65
C CYS BA 89 -71.56 -26.22 42.19
N GLY BA 90 -71.82 -27.16 41.29
CA GLY BA 90 -72.03 -28.53 41.68
C GLY BA 90 -73.09 -29.20 40.86
N VAL BA 91 -73.13 -30.52 40.92
CA VAL BA 91 -73.98 -31.32 40.05
C VAL BA 91 -75.45 -31.06 40.24
N LYS BA 92 -75.85 -30.78 41.46
CA LYS BA 92 -77.24 -30.50 41.74
C LYS BA 92 -77.33 -29.07 42.18
N ALA BA 93 -76.59 -28.23 41.50
CA ALA BA 93 -76.79 -26.80 41.57
C ALA BA 93 -78.08 -26.49 40.86
N PRO BA 94 -78.84 -25.50 41.37
CA PRO BA 94 -80.03 -24.97 40.71
C PRO BA 94 -79.66 -24.26 39.43
N LEU BA 95 -80.52 -24.31 38.42
CA LEU BA 95 -80.21 -23.75 37.12
C LEU BA 95 -80.45 -22.25 37.05
N ALA BA 96 -79.42 -21.45 37.30
CA ALA BA 96 -79.58 -19.99 37.33
C ALA BA 96 -78.35 -19.31 36.78
N ILE BA 97 -78.41 -18.00 36.58
CA ILE BA 97 -77.23 -17.29 36.08
C ILE BA 97 -76.11 -17.36 37.08
N GLY BA 98 -74.92 -17.69 36.61
CA GLY BA 98 -73.75 -17.69 37.45
C GLY BA 98 -73.48 -19.04 38.07
N ASN BA 99 -74.51 -19.87 38.14
CA ASN BA 99 -74.34 -21.20 38.68
C ASN BA 99 -73.54 -22.06 37.73
N VAL BA 100 -72.73 -22.95 38.27
CA VAL BA 100 -71.90 -23.82 37.46
C VAL BA 100 -72.27 -25.26 37.69
N LEU BA 101 -72.99 -25.81 36.74
CA LEU BA 101 -73.62 -27.10 36.92
C LEU BA 101 -73.33 -27.96 35.71
N PRO BA 102 -73.39 -29.29 35.85
CA PRO BA 102 -72.90 -30.19 34.82
C PRO BA 102 -73.63 -29.97 33.53
N LEU BA 103 -72.88 -30.07 32.45
CA LEU BA 103 -73.36 -29.58 31.17
C LEU BA 103 -74.53 -30.41 30.69
N GLY BA 104 -74.57 -31.66 31.11
CA GLY BA 104 -75.61 -32.56 30.67
C GLY BA 104 -76.86 -32.39 31.48
N GLN BA 105 -76.77 -31.56 32.49
CA GLN BA 105 -77.91 -31.28 33.34
C GLN BA 105 -78.51 -29.93 32.99
N ILE BA 106 -77.74 -29.12 32.28
CA ILE BA 106 -78.27 -27.90 31.70
C ILE BA 106 -79.25 -28.23 30.59
N THR BA 107 -80.37 -27.52 30.55
CA THR BA 107 -81.43 -27.81 29.60
C THR BA 107 -80.97 -27.56 28.18
N GLU BA 108 -81.47 -28.35 27.24
CA GLU BA 108 -81.09 -28.15 25.85
C GLU BA 108 -81.64 -26.84 25.38
N GLY BA 109 -80.82 -26.08 24.67
CA GLY BA 109 -81.21 -24.78 24.15
C GLY BA 109 -80.81 -23.61 25.00
N CYS BA 110 -80.53 -23.84 26.27
CA CYS BA 110 -80.09 -22.77 27.15
C CYS BA 110 -78.64 -22.42 26.86
N ILE BA 111 -78.27 -21.18 27.09
CA ILE BA 111 -76.95 -20.73 26.69
C ILE BA 111 -76.04 -20.64 27.89
N VAL BA 112 -74.79 -21.05 27.70
CA VAL BA 112 -73.87 -21.23 28.79
C VAL BA 112 -72.55 -20.61 28.42
N CYS BA 113 -71.69 -20.39 29.39
CA CYS BA 113 -70.46 -19.69 29.17
C CYS BA 113 -69.41 -20.33 30.00
N ASN BA 114 -68.16 -20.07 29.64
CA ASN BA 114 -67.06 -20.55 30.41
C ASN BA 114 -67.15 -22.06 30.49
N VAL BA 115 -67.60 -22.66 29.40
CA VAL BA 115 -67.77 -24.10 29.29
C VAL BA 115 -66.45 -24.82 29.31
N GLU BA 116 -66.40 -26.00 29.92
CA GLU BA 116 -65.15 -26.72 29.88
C GLU BA 116 -65.26 -27.89 28.91
N ALA BA 117 -64.28 -28.00 28.02
CA ALA BA 117 -64.30 -29.03 26.99
C ALA BA 117 -63.96 -30.38 27.59
N LYS BA 118 -62.74 -30.52 28.08
CA LYS BA 118 -62.41 -31.69 28.86
C LYS BA 118 -63.06 -31.57 30.22
N VAL BA 119 -63.53 -32.67 30.76
CA VAL BA 119 -64.07 -32.64 32.11
C VAL BA 119 -62.99 -32.28 33.08
N GLY BA 120 -63.32 -31.38 33.98
CA GLY BA 120 -62.45 -31.06 35.08
C GLY BA 120 -61.35 -30.07 34.77
N ASP BA 121 -61.30 -29.58 33.53
CA ASP BA 121 -60.20 -28.71 33.12
C ASP BA 121 -60.40 -27.27 33.57
N ARG BA 122 -61.58 -26.98 34.11
CA ARG BA 122 -61.83 -25.72 34.78
C ARG BA 122 -62.13 -24.57 33.82
N GLY BA 123 -62.91 -24.87 32.79
CA GLY BA 123 -63.55 -23.85 31.97
C GLY BA 123 -62.74 -23.18 30.88
N THR BA 124 -62.82 -23.69 29.65
CA THR BA 124 -62.01 -23.14 28.58
C THR BA 124 -62.78 -22.56 27.41
N ILE BA 125 -63.94 -23.11 27.08
CA ILE BA 125 -64.76 -22.56 26.00
C ILE BA 125 -65.63 -21.40 26.45
N ALA BA 126 -65.90 -20.49 25.52
CA ALA BA 126 -66.82 -19.35 25.70
C ALA BA 126 -66.47 -18.39 26.81
N ARG BA 127 -65.21 -17.97 26.88
CA ARG BA 127 -64.79 -17.15 27.99
C ARG BA 127 -64.64 -15.67 27.68
N ALA BA 128 -64.56 -15.32 26.41
CA ALA BA 128 -64.39 -13.92 26.00
C ALA BA 128 -65.68 -13.16 26.16
N SER BA 129 -65.59 -11.84 26.29
CA SER BA 129 -66.76 -11.05 26.60
C SER BA 129 -67.86 -11.16 25.57
N GLY BA 130 -69.08 -11.36 26.05
CA GLY BA 130 -70.26 -11.40 25.22
C GLY BA 130 -70.53 -12.78 24.72
N ASP BA 131 -69.51 -13.61 24.83
CA ASP BA 131 -69.52 -14.94 24.28
C ASP BA 131 -70.28 -15.93 25.12
N TYR BA 132 -70.81 -16.93 24.44
CA TYR BA 132 -71.59 -17.97 25.05
C TYR BA 132 -71.70 -19.10 24.06
N CYS BA 133 -72.25 -20.21 24.50
CA CYS BA 133 -72.49 -21.33 23.61
C CYS BA 133 -73.81 -21.99 23.98
N ILE BA 134 -74.76 -22.01 23.07
CA ILE BA 134 -76.00 -22.72 23.30
C ILE BA 134 -75.77 -24.23 23.32
N ILE BA 135 -76.42 -24.91 24.25
CA ILE BA 135 -76.45 -26.37 24.22
C ILE BA 135 -77.45 -26.77 23.18
N ILE BA 136 -77.04 -27.59 22.22
CA ILE BA 136 -77.93 -27.90 21.11
C ILE BA 136 -78.40 -29.33 21.14
N SER BA 137 -77.85 -30.13 22.05
CA SER BA 137 -78.33 -31.49 22.21
C SER BA 137 -77.72 -32.19 23.39
N HIS BA 138 -78.47 -33.10 23.97
CA HIS BA 138 -77.95 -34.07 24.92
C HIS BA 138 -78.05 -35.45 24.31
N ASN BA 139 -77.28 -36.38 24.86
CA ASN BA 139 -77.35 -37.75 24.40
C ASN BA 139 -77.13 -38.65 25.59
N HIS BA 140 -78.15 -38.73 26.43
CA HIS BA 140 -78.02 -39.27 27.77
C HIS BA 140 -77.56 -40.71 27.72
N GLU BA 141 -77.89 -41.38 26.62
CA GLU BA 141 -77.48 -42.76 26.43
C GLU BA 141 -75.96 -42.89 26.33
N THR BA 142 -75.32 -41.88 25.76
CA THR BA 142 -73.86 -41.89 25.69
C THR BA 142 -73.22 -40.75 26.47
N GLY BA 143 -74.05 -39.96 27.13
CA GLY BA 143 -73.57 -38.98 28.08
C GLY BA 143 -72.74 -37.86 27.47
N ARG BA 144 -73.01 -37.53 26.22
CA ARG BA 144 -72.28 -36.45 25.56
C ARG BA 144 -73.22 -35.47 24.92
N THR BA 145 -73.33 -34.29 25.53
CA THR BA 145 -74.06 -33.18 24.96
C THR BA 145 -73.28 -32.50 23.85
N ARG BA 146 -74.00 -31.98 22.84
CA ARG BA 146 -73.43 -31.07 21.87
C ARG BA 146 -73.66 -29.65 22.33
N LEU BA 147 -72.96 -28.71 21.72
CA LEU BA 147 -73.14 -27.30 22.01
C LEU BA 147 -72.59 -26.49 20.86
N LYS BA 148 -73.08 -25.27 20.71
CA LYS BA 148 -72.63 -24.43 19.61
C LYS BA 148 -71.63 -23.43 20.13
N LEU BA 149 -70.40 -23.53 19.65
CA LEU BA 149 -69.31 -22.73 20.15
C LEU BA 149 -69.58 -21.29 19.78
N PRO BA 150 -68.94 -20.34 20.46
CA PRO BA 150 -69.27 -18.96 20.14
C PRO BA 150 -69.06 -18.66 18.66
N SER BA 151 -68.07 -19.28 18.04
CA SER BA 151 -68.03 -19.35 16.58
C SER BA 151 -69.09 -20.30 16.09
N GLY BA 152 -69.71 -20.01 14.95
CA GLY BA 152 -70.67 -20.95 14.43
C GLY BA 152 -69.98 -22.29 14.24
N GLN BA 153 -70.02 -23.10 15.29
CA GLN BA 153 -69.22 -24.32 15.32
C GLN BA 153 -69.79 -25.30 16.32
N LYS BA 154 -70.35 -26.42 15.88
CA LYS BA 154 -70.87 -27.40 16.82
C LYS BA 154 -69.74 -28.24 17.44
N LYS BA 155 -69.94 -28.70 18.67
CA LYS BA 155 -68.94 -29.52 19.33
C LYS BA 155 -69.56 -30.45 20.37
N THR BA 156 -69.14 -31.71 20.42
CA THR BA 156 -69.65 -32.62 21.44
C THR BA 156 -68.72 -32.71 22.62
N VAL BA 157 -69.28 -32.56 23.82
CA VAL BA 157 -68.52 -32.72 25.04
C VAL BA 157 -69.27 -33.54 26.05
N PRO BA 158 -68.56 -34.19 26.96
CA PRO BA 158 -69.26 -35.01 27.95
C PRO BA 158 -70.17 -34.18 28.83
N SER BA 159 -71.27 -34.75 29.26
CA SER BA 159 -72.20 -34.02 30.09
C SER BA 159 -71.63 -33.81 31.48
N ASN BA 160 -70.59 -34.55 31.83
CA ASN BA 160 -69.97 -34.38 33.12
C ASN BA 160 -69.20 -33.07 33.15
N CYS BA 161 -68.97 -32.52 31.97
CA CYS BA 161 -68.32 -31.23 31.79
C CYS BA 161 -69.15 -30.12 32.42
N ARG BA 162 -68.49 -29.26 33.18
CA ARG BA 162 -69.16 -28.11 33.75
C ARG BA 162 -69.34 -26.99 32.77
N ALA BA 163 -70.34 -26.17 33.03
CA ALA BA 163 -70.51 -24.93 32.31
C ALA BA 163 -71.18 -23.95 33.23
N MET BA 164 -70.96 -22.67 32.99
CA MET BA 164 -71.65 -21.63 33.70
C MET BA 164 -72.85 -21.19 32.89
N ILE BA 165 -73.87 -20.68 33.57
CA ILE BA 165 -75.06 -20.24 32.88
C ILE BA 165 -75.03 -18.80 32.49
N GLY BA 166 -75.38 -18.52 31.25
CA GLY BA 166 -75.48 -17.16 30.77
C GLY BA 166 -74.33 -16.69 29.91
N ILE BA 167 -74.57 -15.58 29.23
CA ILE BA 167 -73.58 -14.84 28.47
C ILE BA 167 -72.44 -14.33 29.34
N ILE BA 168 -71.20 -14.32 28.83
CA ILE BA 168 -70.10 -13.67 29.53
C ILE BA 168 -70.29 -12.17 29.49
N ALA BA 169 -69.92 -11.50 30.57
CA ALA BA 169 -70.19 -10.08 30.73
C ALA BA 169 -69.35 -9.25 29.81
N GLY BA 170 -69.64 -7.97 29.72
CA GLY BA 170 -68.77 -7.06 29.02
C GLY BA 170 -68.92 -7.18 27.53
N GLY BA 171 -70.05 -7.71 27.10
CA GLY BA 171 -70.30 -7.92 25.71
C GLY BA 171 -70.53 -6.62 24.99
N GLY BA 172 -70.26 -6.64 23.70
CA GLY BA 172 -70.32 -5.43 22.90
C GLY BA 172 -69.09 -4.56 22.93
N ARG BA 173 -67.96 -5.01 23.47
CA ARG BA 173 -66.76 -4.17 23.41
C ARG BA 173 -66.54 -3.75 22.01
N ILE BA 174 -66.50 -4.71 21.11
CA ILE BA 174 -65.96 -4.45 19.80
C ILE BA 174 -66.80 -3.49 18.98
N GLU BA 175 -68.05 -3.30 19.38
CA GLU BA 175 -68.95 -2.44 18.63
C GLU BA 175 -68.51 -0.98 18.57
N LYS BA 176 -67.81 -0.53 19.59
CA LYS BA 176 -67.40 0.86 19.69
C LYS BA 176 -66.16 1.11 18.86
N PRO BA 177 -66.22 2.05 17.90
CA PRO BA 177 -64.99 2.33 17.16
C PRO BA 177 -63.91 2.87 18.07
N VAL BA 178 -62.68 2.50 17.75
CA VAL BA 178 -61.53 2.91 18.53
C VAL BA 178 -61.09 4.33 18.18
N LEU BA 179 -61.25 4.69 16.92
CA LEU BA 179 -60.99 6.05 16.45
C LEU BA 179 -59.54 6.46 16.49
N LYS BA 180 -58.97 6.48 17.69
CA LYS BA 180 -57.61 6.95 17.86
C LYS BA 180 -56.59 5.85 17.78
N ALA BA 181 -55.46 6.14 17.16
CA ALA BA 181 -54.35 5.23 17.19
C ALA BA 181 -53.92 5.07 18.62
N GLY BA 182 -54.15 6.10 19.42
CA GLY BA 182 -53.79 6.05 20.81
C GLY BA 182 -54.74 5.21 21.62
N ASN BA 183 -56.00 5.14 21.23
CA ASN BA 183 -56.96 4.27 21.93
C ASN BA 183 -56.63 2.81 21.85
N SER BA 184 -56.11 2.40 20.71
CA SER BA 184 -55.71 1.03 20.52
C SER BA 184 -54.34 0.81 21.09
N PHE BA 185 -53.68 1.90 21.45
CA PHE BA 185 -52.43 1.83 22.14
C PHE BA 185 -52.59 1.26 23.51
N TYR BA 186 -53.75 1.51 24.11
CA TYR BA 186 -53.94 1.10 25.49
C TYR BA 186 -54.60 -0.24 25.60
N ARG BA 187 -55.40 -0.62 24.62
CA ARG BA 187 -55.99 -1.93 24.71
C ARG BA 187 -54.91 -2.97 24.58
N PHE BA 188 -53.85 -2.62 23.86
CA PHE BA 188 -52.74 -3.54 23.76
C PHE BA 188 -51.66 -3.26 24.78
N ARG BA 189 -51.83 -2.23 25.58
CA ARG BA 189 -50.89 -1.99 26.66
C ARG BA 189 -50.95 -3.10 27.67
N GLY BA 190 -52.16 -3.62 27.88
CA GLY BA 190 -52.36 -4.63 28.89
C GLY BA 190 -52.34 -6.00 28.29
N LYS BA 191 -52.12 -6.07 26.99
CA LYS BA 191 -52.12 -7.34 26.29
C LYS BA 191 -50.72 -7.80 26.01
N ARG BA 192 -50.13 -7.26 24.95
CA ARG BA 192 -48.84 -7.73 24.51
C ARG BA 192 -48.29 -6.75 23.53
N ASN BA 193 -47.05 -6.96 23.15
CA ASN BA 193 -46.41 -6.13 22.17
C ASN BA 193 -46.87 -6.55 20.78
N CYS BA 194 -48.18 -6.62 20.59
CA CYS BA 194 -48.79 -6.99 19.32
C CYS BA 194 -48.80 -5.87 18.29
N TRP BA 195 -48.69 -4.65 18.75
CA TRP BA 195 -49.15 -3.48 18.02
C TRP BA 195 -48.12 -2.37 18.05
N PRO BA 196 -48.08 -1.49 17.05
CA PRO BA 196 -48.74 -1.36 15.75
C PRO BA 196 -48.34 -2.43 14.78
N LYS BA 197 -49.21 -2.72 13.83
CA LYS BA 197 -48.91 -3.73 12.84
C LYS BA 197 -48.41 -3.15 11.55
N VAL BA 198 -47.10 -3.13 11.41
CA VAL BA 198 -46.53 -2.80 10.13
C VAL BA 198 -46.87 -3.84 9.09
N ARG BA 199 -47.26 -3.37 7.91
CA ARG BA 199 -47.54 -4.23 6.79
C ARG BA 199 -46.26 -4.79 6.25
N GLY BA 200 -46.30 -6.04 5.80
CA GLY BA 200 -45.11 -6.71 5.33
C GLY BA 200 -44.61 -6.18 4.03
N VAL BA 201 -45.48 -5.59 3.23
CA VAL BA 201 -45.05 -5.02 1.97
C VAL BA 201 -44.29 -3.73 2.24
N ALA BA 202 -44.53 -3.15 3.40
CA ALA BA 202 -43.85 -1.94 3.81
C ALA BA 202 -42.49 -2.27 4.39
N ARG BA 203 -42.28 -3.55 4.66
CA ARG BA 203 -41.03 -4.08 5.17
C ARG BA 203 -40.06 -4.34 4.04
N ASN BA 204 -38.85 -4.72 4.39
CA ASN BA 204 -37.84 -5.06 3.40
C ASN BA 204 -37.85 -6.52 3.03
N PRO BA 205 -37.22 -6.85 1.91
CA PRO BA 205 -37.11 -8.21 1.39
C PRO BA 205 -36.43 -9.15 2.37
N VAL BA 206 -35.49 -8.67 3.18
CA VAL BA 206 -34.97 -9.47 4.27
C VAL BA 206 -35.98 -9.79 5.35
N GLU BA 207 -36.87 -8.85 5.59
CA GLU BA 207 -37.65 -8.90 6.80
C GLU BA 207 -38.82 -9.84 6.66
N HIS BA 208 -39.42 -9.85 5.49
CA HIS BA 208 -40.69 -10.50 5.26
C HIS BA 208 -40.71 -11.09 3.86
N PRO BA 209 -41.46 -12.17 3.64
CA PRO BA 209 -41.63 -12.66 2.27
C PRO BA 209 -42.27 -11.63 1.33
N HIS BA 210 -43.16 -10.79 1.84
CA HIS BA 210 -43.85 -9.79 1.04
C HIS BA 210 -43.03 -8.54 0.82
N GLY BA 211 -41.94 -8.40 1.55
CA GLY BA 211 -41.26 -7.13 1.61
C GLY BA 211 -40.47 -6.84 0.36
N GLY BA 212 -40.12 -5.59 0.17
CA GLY BA 212 -39.22 -5.22 -0.88
C GLY BA 212 -39.89 -4.88 -2.19
N GLY BA 213 -39.07 -4.53 -3.17
CA GLY BA 213 -39.58 -4.14 -4.46
C GLY BA 213 -39.85 -2.67 -4.53
N ASN BA 214 -40.07 -2.14 -5.73
CA ASN BA 214 -40.20 -0.70 -5.92
C ASN BA 214 -41.59 -0.21 -5.63
N HIS BA 215 -42.58 -0.65 -6.40
CA HIS BA 215 -43.95 -0.51 -5.95
C HIS BA 215 -44.08 -1.52 -4.83
N GLN BA 216 -44.75 -1.19 -3.73
CA GLN BA 216 -44.82 -2.17 -2.68
C GLN BA 216 -46.02 -3.04 -2.90
N HIS BA 217 -45.74 -4.29 -3.24
CA HIS BA 217 -46.70 -5.24 -3.72
C HIS BA 217 -46.19 -6.60 -3.31
N ILE BA 218 -47.08 -7.53 -3.05
CA ILE BA 218 -46.69 -8.91 -2.89
C ILE BA 218 -46.36 -9.42 -4.29
N GLY BA 219 -45.36 -10.27 -4.46
CA GLY BA 219 -45.05 -10.69 -5.80
C GLY BA 219 -45.64 -12.01 -6.22
N HIS BA 220 -46.13 -12.76 -5.24
CA HIS BA 220 -46.60 -14.12 -5.42
C HIS BA 220 -47.86 -14.23 -4.60
N PRO BA 221 -48.64 -15.31 -4.76
CA PRO BA 221 -49.89 -15.28 -4.02
C PRO BA 221 -49.72 -15.17 -2.51
N SER BA 222 -50.62 -14.43 -1.89
CA SER BA 222 -50.55 -14.18 -0.47
C SER BA 222 -51.11 -15.35 0.28
N THR BA 223 -51.76 -16.25 -0.44
CA THR BA 223 -52.31 -17.47 0.15
C THR BA 223 -51.28 -18.57 0.20
N VAL BA 224 -50.61 -18.66 1.34
CA VAL BA 224 -49.57 -19.64 1.58
C VAL BA 224 -50.10 -21.02 1.93
N SER BA 225 -49.30 -22.04 1.60
CA SER BA 225 -49.59 -23.43 1.90
C SER BA 225 -49.54 -23.73 3.39
N ARG BA 226 -50.25 -24.76 3.81
CA ARG BA 226 -50.20 -25.17 5.21
C ARG BA 226 -48.85 -25.72 5.58
N HIS BA 227 -48.14 -26.23 4.59
CA HIS BA 227 -46.89 -26.90 4.84
C HIS BA 227 -45.73 -25.98 4.67
N ALA BA 228 -46.01 -24.72 4.36
CA ALA BA 228 -44.95 -23.77 4.19
C ALA BA 228 -44.19 -23.67 5.49
N PRO BA 229 -42.86 -23.71 5.42
CA PRO BA 229 -42.01 -23.61 6.59
C PRO BA 229 -42.18 -22.26 7.25
N PRO BA 230 -41.98 -22.18 8.57
CA PRO BA 230 -42.13 -20.89 9.25
C PRO BA 230 -41.16 -19.87 8.68
N GLY BA 231 -41.59 -18.62 8.63
CA GLY BA 231 -40.84 -17.59 7.95
C GLY BA 231 -41.32 -17.45 6.53
N GLN BA 232 -42.18 -18.37 6.14
CA GLN BA 232 -42.78 -18.39 4.81
C GLN BA 232 -44.26 -18.35 4.95
N LYS BA 233 -44.75 -18.86 6.06
CA LYS BA 233 -46.18 -18.97 6.27
C LYS BA 233 -46.70 -17.64 6.77
N VAL BA 234 -46.72 -16.69 5.85
CA VAL BA 234 -47.21 -15.36 6.11
C VAL BA 234 -48.27 -15.18 5.07
N GLY BA 235 -48.89 -14.01 5.02
CA GLY BA 235 -49.98 -13.83 4.10
C GLY BA 235 -51.13 -14.67 4.56
N LEU BA 236 -52.03 -15.02 3.64
CA LEU BA 236 -53.19 -15.84 3.94
C LEU BA 236 -52.87 -17.32 4.05
N ILE BA 237 -53.04 -17.90 5.23
CA ILE BA 237 -52.52 -19.23 5.48
C ILE BA 237 -53.51 -20.37 5.29
N ALA BA 238 -53.17 -21.29 4.40
CA ALA BA 238 -54.01 -22.42 4.07
C ALA BA 238 -55.41 -21.98 3.73
N ALA BA 239 -55.53 -20.78 3.18
CA ALA BA 239 -56.83 -20.19 2.89
C ALA BA 239 -57.60 -21.02 1.87
N ARG BA 240 -58.87 -21.27 2.16
CA ARG BA 240 -59.69 -22.08 1.29
C ARG BA 240 -60.29 -21.25 0.20
N ARG BA 241 -60.50 -19.99 0.52
CA ARG BA 241 -60.96 -19.03 -0.44
C ARG BA 241 -60.46 -17.70 0.04
N THR BA 242 -60.41 -16.73 -0.85
CA THR BA 242 -60.00 -15.39 -0.51
C THR BA 242 -61.19 -14.53 -0.83
N GLY BA 243 -61.01 -13.24 -1.04
CA GLY BA 243 -62.07 -12.41 -1.56
C GLY BA 243 -63.06 -12.03 -0.50
N ARG BA 244 -63.76 -10.92 -0.69
CA ARG BA 244 -64.87 -10.59 0.18
C ARG BA 244 -66.03 -11.49 -0.15
N ILE BA 245 -66.78 -11.85 0.88
CA ILE BA 245 -67.62 -13.03 0.84
C ILE BA 245 -69.02 -12.73 0.32
N GLU CA 1 -23.51 40.56 -21.80
CA GLU CA 1 -22.32 41.45 -21.92
C GLU CA 1 -22.72 42.91 -21.72
N HIS CA 2 -21.88 43.66 -20.94
CA HIS CA 2 -22.09 45.06 -20.61
C HIS CA 2 -20.73 45.71 -20.73
N PRO CA 3 -20.68 47.10 -20.73
CA PRO CA 3 -19.33 47.67 -20.84
C PRO CA 3 -18.43 47.32 -19.68
N ARG CA 4 -17.15 47.62 -19.84
CA ARG CA 4 -16.17 47.37 -18.81
C ARG CA 4 -16.37 48.31 -17.61
N HIS CA 5 -16.06 47.81 -16.43
CA HIS CA 5 -16.11 48.61 -15.21
C HIS CA 5 -14.82 49.32 -14.93
N GLY CA 6 -14.70 50.57 -15.35
CA GLY CA 6 -13.53 51.37 -15.07
C GLY CA 6 -12.67 51.72 -16.27
N HIS CA 7 -11.96 52.83 -16.16
CA HIS CA 7 -11.13 53.34 -17.23
C HIS CA 7 -9.73 52.79 -17.05
N LEU CA 8 -9.20 52.09 -18.04
CA LEU CA 8 -7.90 51.44 -17.92
C LEU CA 8 -6.71 52.35 -18.18
N GLY CA 9 -6.99 53.58 -18.58
CA GLY CA 9 -5.95 54.57 -18.74
C GLY CA 9 -5.66 55.29 -17.46
N PHE CA 10 -6.45 55.03 -16.42
CA PHE CA 10 -6.17 55.55 -15.10
C PHE CA 10 -5.62 54.45 -14.25
N LEU CA 11 -4.44 53.99 -14.58
CA LEU CA 11 -3.99 52.73 -14.04
C LEU CA 11 -2.50 52.63 -14.20
N PRO CA 12 -1.80 52.09 -13.21
CA PRO CA 12 -2.29 51.52 -11.95
C PRO CA 12 -2.98 52.55 -11.09
N ARG CA 13 -4.01 52.14 -10.37
CA ARG CA 13 -4.59 53.00 -9.37
C ARG CA 13 -3.75 52.92 -8.13
N LYS CA 14 -2.66 53.64 -8.15
CA LYS CA 14 -1.74 53.67 -7.04
C LYS CA 14 -1.69 55.04 -6.43
N ARG CA 15 -1.15 55.10 -5.22
CA ARG CA 15 -0.96 56.36 -4.55
C ARG CA 15 -0.09 57.23 -5.43
N SER CA 16 -0.41 58.50 -5.50
CA SER CA 16 0.40 59.40 -6.28
C SER CA 16 1.77 59.49 -5.61
N ARG CA 17 2.82 59.71 -6.38
CA ARG CA 17 4.14 59.84 -5.76
C ARG CA 17 4.36 61.24 -5.24
N GLN CA 18 3.39 62.12 -5.48
CA GLN CA 18 3.39 63.43 -4.89
C GLN CA 18 2.03 63.82 -4.36
N ILE CA 19 1.92 65.04 -3.88
CA ILE CA 19 0.68 65.54 -3.37
C ILE CA 19 0.38 66.93 -3.92
N ARG CA 20 1.39 67.56 -4.50
CA ARG CA 20 1.25 68.93 -4.93
C ARG CA 20 0.54 69.05 -6.27
N GLY CA 21 0.24 67.92 -6.89
CA GLY CA 21 -0.53 67.94 -8.12
C GLY CA 21 0.19 68.63 -9.26
N ARG CA 22 1.45 68.27 -9.51
CA ARG CA 22 2.22 68.94 -10.55
C ARG CA 22 1.65 68.71 -11.92
N VAL CA 23 1.73 69.75 -12.74
CA VAL CA 23 1.26 69.69 -14.10
C VAL CA 23 2.05 68.68 -14.90
N ARG CA 24 1.33 67.84 -15.64
CA ARG CA 24 1.98 66.79 -16.39
C ARG CA 24 2.48 67.31 -17.70
N SER CA 25 1.64 68.07 -18.38
CA SER CA 25 2.02 68.69 -19.62
C SER CA 25 1.44 70.07 -19.66
N PHE CA 26 2.28 71.06 -19.92
CA PHE CA 26 1.79 72.42 -20.15
C PHE CA 26 1.20 72.55 -21.50
N PRO CA 27 0.25 73.48 -21.66
CA PRO CA 27 -0.38 73.72 -22.96
C PRO CA 27 0.67 74.20 -23.94
N LYS CA 28 0.53 73.82 -25.21
CA LYS CA 28 1.56 74.07 -26.20
C LYS CA 28 1.88 75.54 -26.39
N ASP CA 29 3.17 75.86 -26.45
CA ASP CA 29 3.64 77.22 -26.57
C ASP CA 29 3.19 77.88 -27.85
N ASP CA 30 2.68 79.10 -27.74
CA ASP CA 30 2.28 79.84 -28.91
C ASP CA 30 2.98 81.19 -29.01
N PRO CA 31 3.94 81.31 -29.93
CA PRO CA 31 4.82 82.45 -30.09
C PRO CA 31 4.04 83.72 -30.33
N SER CA 32 2.90 83.58 -31.01
CA SER CA 32 2.07 84.73 -31.33
C SER CA 32 1.59 85.44 -30.07
N GLN CA 33 1.39 84.66 -29.01
CA GLN CA 33 0.98 85.17 -27.71
C GLN CA 33 2.11 86.01 -27.11
N LYS CA 34 1.79 86.96 -26.25
CA LYS CA 34 2.80 87.50 -25.36
C LYS CA 34 3.05 86.53 -24.23
N PRO CA 35 4.24 86.58 -23.64
CA PRO CA 35 4.65 85.63 -22.59
C PRO CA 35 3.76 85.67 -21.37
N HIS CA 36 3.53 84.50 -20.80
CA HIS CA 36 2.73 84.40 -19.61
C HIS CA 36 3.06 83.13 -18.87
N LEU CA 37 2.66 83.08 -17.60
CA LEU CA 37 2.79 81.88 -16.80
C LEU CA 37 1.62 80.97 -17.08
N THR CA 38 1.82 79.67 -16.93
CA THR CA 38 0.86 78.72 -17.43
C THR CA 38 0.11 77.99 -16.33
N SER CA 39 0.47 78.24 -15.08
CA SER CA 39 -0.16 77.54 -13.99
C SER CA 39 0.01 78.30 -12.70
N PHE CA 40 -0.68 77.83 -11.67
CA PHE CA 40 -0.63 78.48 -10.38
C PHE CA 40 -1.11 77.54 -9.27
N MET CA 41 -0.24 77.26 -8.30
CA MET CA 41 -0.60 76.44 -7.15
C MET CA 41 -1.66 77.14 -6.29
N VAL CA 42 -2.70 76.42 -5.88
CA VAL CA 42 -3.75 76.99 -5.04
C VAL CA 42 -4.25 75.96 -4.05
N PHE CA 43 -4.81 76.43 -2.95
CA PHE CA 43 -5.28 75.57 -1.89
C PHE CA 43 -6.78 75.48 -1.91
N LYS CA 44 -7.30 74.27 -2.05
CA LYS CA 44 -8.73 74.04 -1.98
C LYS CA 44 -9.24 74.40 -0.61
N ALA CA 45 -10.34 75.15 -0.58
CA ALA CA 45 -10.92 75.63 0.66
C ALA CA 45 -12.14 74.82 1.01
N GLY CA 46 -13.12 74.91 0.14
CA GLY CA 46 -14.40 74.26 0.34
C GLY CA 46 -15.24 74.63 -0.82
N MET CA 47 -16.48 74.17 -0.81
CA MET CA 47 -17.41 74.49 -1.85
C MET CA 47 -18.53 75.37 -1.38
N THR CA 48 -19.14 76.08 -2.31
CA THR CA 48 -20.43 76.70 -2.07
C THR CA 48 -21.24 76.50 -3.31
N HIS CA 49 -22.26 77.31 -3.49
CA HIS CA 49 -22.93 77.40 -4.76
C HIS CA 49 -23.16 78.86 -5.06
N ILE CA 50 -23.51 79.14 -6.30
CA ILE CA 50 -23.81 80.49 -6.69
C ILE CA 50 -25.04 80.46 -7.56
N VAL CA 51 -25.79 81.55 -7.57
CA VAL CA 51 -26.81 81.73 -8.57
C VAL CA 51 -26.18 82.43 -9.74
N ARG CA 52 -26.70 82.19 -10.94
CA ARG CA 52 -26.17 82.79 -12.13
C ARG CA 52 -27.28 82.85 -13.16
N ASP CA 53 -27.25 83.84 -14.03
CA ASP CA 53 -28.17 83.86 -15.16
C ASP CA 53 -27.52 83.27 -16.38
N VAL CA 54 -27.87 82.04 -16.71
CA VAL CA 54 -27.38 81.47 -17.94
C VAL CA 54 -27.99 82.29 -19.07
N ASP CA 55 -27.18 82.63 -20.06
CA ASP CA 55 -27.65 83.39 -21.21
C ASP CA 55 -27.13 82.74 -22.48
N ARG CA 56 -27.59 81.51 -22.67
CA ARG CA 56 -27.05 80.57 -23.64
C ARG CA 56 -28.13 80.20 -24.65
N PRO CA 57 -28.08 80.74 -25.86
CA PRO CA 57 -29.15 80.45 -26.82
C PRO CA 57 -29.28 78.94 -26.93
N GLY CA 58 -30.52 78.49 -26.82
CA GLY CA 58 -30.86 77.08 -26.79
C GLY CA 58 -30.98 76.74 -25.30
N SER CA 59 -31.63 75.61 -25.00
CA SER CA 59 -31.86 75.15 -23.64
C SER CA 59 -33.10 75.81 -23.06
N LYS CA 60 -33.55 75.25 -21.94
CA LYS CA 60 -34.71 75.73 -21.25
C LYS CA 60 -34.31 76.71 -20.18
N VAL CA 61 -33.00 76.91 -20.01
CA VAL CA 61 -32.52 77.83 -18.98
C VAL CA 61 -31.93 79.16 -19.42
N ASN CA 62 -31.97 79.47 -20.71
CA ASN CA 62 -31.41 80.73 -21.14
C ASN CA 62 -32.21 81.87 -20.50
N LYS CA 63 -31.51 82.86 -19.94
CA LYS CA 63 -32.13 83.98 -19.27
C LYS CA 63 -32.66 83.56 -17.89
N LYS CA 64 -32.31 82.36 -17.44
CA LYS CA 64 -32.79 81.85 -16.15
C LYS CA 64 -31.71 81.53 -15.12
N GLU CA 65 -31.84 82.05 -13.90
CA GLU CA 65 -30.84 81.77 -12.87
C GLU CA 65 -30.78 80.29 -12.49
N VAL CA 66 -29.56 79.81 -12.42
CA VAL CA 66 -29.13 78.43 -12.18
C VAL CA 66 -28.15 78.37 -11.05
N VAL CA 67 -28.33 77.44 -10.14
CA VAL CA 67 -27.41 77.34 -9.01
C VAL CA 67 -26.25 76.38 -9.27
N GLU CA 68 -25.10 76.93 -9.65
CA GLU CA 68 -23.88 76.15 -9.82
C GLU CA 68 -23.15 75.97 -8.48
N PRO CA 69 -22.71 74.75 -8.14
CA PRO CA 69 -21.74 74.63 -7.06
C PRO CA 69 -20.42 75.28 -7.43
N VAL CA 70 -19.70 75.87 -6.49
CA VAL CA 70 -18.37 76.31 -6.82
C VAL CA 70 -17.38 75.86 -5.77
N THR CA 71 -16.16 75.57 -6.19
CA THR CA 71 -15.08 75.33 -5.24
C THR CA 71 -14.37 76.63 -5.04
N ILE CA 72 -14.03 76.94 -3.80
CA ILE CA 72 -13.22 78.10 -3.52
C ILE CA 72 -11.81 77.64 -3.26
N LEU CA 73 -10.85 78.32 -3.86
CA LEU CA 73 -9.49 77.87 -3.80
C LEU CA 73 -8.68 79.06 -3.39
N GLU CA 74 -8.26 79.09 -2.15
CA GLU CA 74 -7.47 80.21 -1.69
C GLU CA 74 -6.19 80.21 -2.46
N ALA CA 75 -5.76 81.39 -2.90
CA ALA CA 75 -4.61 81.46 -3.77
C ALA CA 75 -3.66 82.58 -3.40
N PRO CA 76 -2.88 82.40 -2.34
CA PRO CA 76 -1.87 83.39 -2.00
C PRO CA 76 -0.86 83.46 -3.13
N PRO CA 77 -0.28 84.64 -3.37
CA PRO CA 77 0.55 84.75 -4.56
C PRO CA 77 1.71 83.79 -4.48
N MET CA 78 2.07 83.17 -5.58
CA MET CA 78 3.28 82.38 -5.61
C MET CA 78 4.46 83.30 -5.80
N VAL CA 79 5.61 82.91 -5.29
CA VAL CA 79 6.84 83.63 -5.57
C VAL CA 79 7.75 82.90 -6.53
N VAL CA 80 8.15 83.57 -7.59
CA VAL CA 80 9.19 83.03 -8.45
C VAL CA 80 10.53 83.10 -7.74
N VAL CA 81 11.32 82.03 -7.86
CA VAL CA 81 12.58 81.98 -7.14
C VAL CA 81 13.69 81.48 -8.02
N GLY CA 82 13.33 81.10 -9.24
CA GLY CA 82 14.34 80.65 -10.16
C GLY CA 82 13.78 80.36 -11.50
N ILE CA 83 14.62 80.51 -12.51
CA ILE CA 83 14.26 80.19 -13.87
C ILE CA 83 14.82 78.82 -14.22
N VAL CA 84 14.20 78.15 -15.17
CA VAL CA 84 14.74 76.88 -15.64
C VAL CA 84 14.55 76.80 -17.14
N GLY CA 85 15.58 76.34 -17.83
CA GLY CA 85 15.50 76.23 -19.27
C GLY CA 85 15.59 74.78 -19.65
N TYR CA 86 14.88 74.39 -20.69
CA TYR CA 86 15.02 73.05 -21.20
C TYR CA 86 15.50 73.08 -22.61
N ARG CA 87 16.40 72.17 -22.95
CA ARG CA 87 16.85 72.10 -24.32
C ARG CA 87 16.31 70.82 -24.87
N GLN CA 88 15.76 70.86 -26.07
CA GLN CA 88 15.32 69.64 -26.70
C GLN CA 88 16.49 68.78 -27.13
N THR CA 89 16.35 67.48 -26.90
CA THR CA 89 17.35 66.50 -27.27
C THR CA 89 16.65 65.34 -27.94
N PRO CA 90 17.36 64.58 -28.76
CA PRO CA 90 16.81 63.41 -29.43
C PRO CA 90 16.31 62.42 -28.41
N VAL CA 91 16.86 62.44 -27.22
CA VAL CA 91 16.33 61.65 -26.12
C VAL CA 91 15.26 62.35 -25.26
N GLY CA 92 15.08 63.65 -25.43
CA GLY CA 92 14.04 64.36 -24.73
C GLY CA 92 14.56 65.46 -23.86
N HIS CA 93 13.69 66.36 -23.38
CA HIS CA 93 14.14 67.61 -22.79
C HIS CA 93 15.07 67.43 -21.63
N LYS CA 94 16.13 68.22 -21.64
CA LYS CA 94 17.12 68.22 -20.59
C LYS CA 94 17.12 69.59 -19.98
N THR CA 95 17.22 69.69 -18.67
CA THR CA 95 17.37 70.99 -18.07
C THR CA 95 18.69 71.56 -18.53
N ILE CA 96 18.73 72.81 -18.97
CA ILE CA 96 20.01 73.43 -19.25
C ILE CA 96 20.65 73.79 -17.94
N GLY CA 97 19.84 74.22 -17.01
CA GLY CA 97 20.33 74.74 -15.75
C GLY CA 97 19.27 75.65 -15.23
N THR CA 98 19.46 76.16 -14.03
CA THR CA 98 18.49 77.02 -13.41
C THR CA 98 19.21 78.20 -12.83
N VAL CA 99 18.59 79.37 -12.86
CA VAL CA 99 19.14 80.52 -12.14
C VAL CA 99 18.28 80.84 -10.94
N TRP CA 100 18.82 80.61 -9.75
CA TRP CA 100 18.05 80.92 -8.55
C TRP CA 100 18.02 82.39 -8.24
N ALA CA 101 16.95 82.82 -7.58
CA ALA CA 101 16.78 84.21 -7.18
C ALA CA 101 17.85 84.56 -6.18
N HIS CA 102 18.21 85.84 -6.13
CA HIS CA 102 19.28 86.28 -5.25
C HIS CA 102 18.92 85.99 -3.81
N HIS CA 103 17.62 85.94 -3.53
CA HIS CA 103 17.13 85.74 -2.18
C HIS CA 103 16.05 84.68 -2.22
N THR CA 104 15.88 83.95 -1.14
CA THR CA 104 14.83 82.95 -1.07
C THR CA 104 14.12 83.05 0.25
N SER CA 105 12.80 83.11 0.20
CA SER CA 105 12.01 83.15 1.42
C SER CA 105 12.24 81.87 2.18
N VAL CA 106 12.25 81.95 3.50
CA VAL CA 106 12.52 80.77 4.31
C VAL CA 106 11.54 79.66 4.04
N GLU CA 107 10.30 80.01 3.73
CA GLU CA 107 9.25 79.03 3.50
C GLU CA 107 9.67 78.14 2.36
N PHE CA 108 10.40 78.71 1.41
CA PHE CA 108 10.97 77.95 0.32
C PHE CA 108 12.10 77.08 0.79
N ARG CA 109 13.03 77.64 1.56
CA ARG CA 109 14.17 76.85 1.99
C ARG CA 109 13.74 75.80 3.02
N ARG CA 110 12.57 75.98 3.60
CA ARG CA 110 12.01 74.97 4.49
C ARG CA 110 11.81 73.70 3.68
N ARG CA 111 11.58 73.87 2.39
CA ARG CA 111 11.22 72.76 1.53
C ARG CA 111 12.34 71.76 1.33
N PHE CA 112 13.56 72.17 1.60
CA PHE CA 112 14.71 71.31 1.40
C PHE CA 112 15.08 70.56 2.64
N TYR CA 113 14.16 70.54 3.60
CA TYR CA 113 14.43 69.99 4.91
C TYR CA 113 13.29 69.17 5.43
N LYS CA 114 13.60 68.20 6.28
CA LYS CA 114 12.58 67.50 7.05
C LYS CA 114 12.42 68.08 8.43
N ASN CA 115 13.45 68.78 8.87
CA ASN CA 115 13.47 69.41 10.17
C ASN CA 115 14.30 70.64 10.04
N TRP CA 116 13.68 71.68 9.52
CA TRP CA 116 14.35 72.94 9.27
C TRP CA 116 14.89 73.58 10.50
N LYS CA 117 14.16 73.47 11.60
CA LYS CA 117 14.46 74.27 12.76
C LYS CA 117 15.49 73.60 13.65
N GLN CA 118 15.85 72.37 13.31
CA GLN CA 118 16.89 71.68 14.03
C GLN CA 118 18.03 71.43 13.06
N SER CA 119 17.91 72.03 11.88
CA SER CA 119 18.94 71.97 10.87
C SER CA 119 19.89 73.14 11.03
N ALA CA 120 21.01 73.07 10.32
CA ALA CA 120 21.96 74.18 10.30
C ALA CA 120 21.43 75.27 9.39
N GLN CA 121 20.41 74.93 8.61
CA GLN CA 121 19.73 75.85 7.71
C GLN CA 121 20.68 76.48 6.72
N LEU CA 122 21.48 75.65 6.07
CA LEU CA 122 22.48 76.11 5.14
C LEU CA 122 22.01 76.14 3.69
N ALA CA 123 20.74 75.86 3.43
CA ALA CA 123 20.28 75.76 2.04
C ALA CA 123 20.40 77.08 1.29
N PHE CA 124 20.91 77.00 0.07
CA PHE CA 124 21.14 78.17 -0.76
C PHE CA 124 21.99 79.19 -0.04
N THR CA 125 22.89 78.71 0.81
CA THR CA 125 23.82 79.61 1.46
C THR CA 125 25.03 79.90 0.60
N LYS CA 126 25.56 78.90 -0.08
CA LYS CA 126 26.63 79.15 -1.02
C LYS CA 126 26.16 79.93 -2.23
N ARG CA 127 24.94 79.67 -2.70
CA ARG CA 127 24.39 80.44 -3.81
C ARG CA 127 24.23 81.89 -3.46
N LYS CA 128 23.85 82.14 -2.22
CA LYS CA 128 23.58 83.50 -1.77
C LYS CA 128 24.87 84.29 -1.77
N GLN CA 129 25.95 83.65 -1.35
CA GLN CA 129 27.25 84.32 -1.31
C GLN CA 129 27.99 84.27 -2.62
N PHE CA 130 27.51 83.47 -3.56
CA PHE CA 130 28.21 83.30 -4.82
C PHE CA 130 27.52 84.06 -5.93
N ALA CA 131 26.20 84.14 -5.86
CA ALA CA 131 25.46 84.90 -6.85
C ALA CA 131 25.77 86.37 -6.68
N ARG CA 132 26.24 86.70 -5.48
CA ARG CA 132 26.66 88.05 -5.15
C ARG CA 132 27.97 88.40 -5.84
N THR CA 133 28.93 87.49 -5.77
CA THR CA 133 30.24 87.71 -6.37
C THR CA 133 30.17 87.82 -7.87
N THR CA 134 31.03 88.63 -8.46
CA THR CA 134 31.04 88.79 -9.91
C THR CA 134 31.35 87.48 -10.59
N GLU CA 135 32.10 86.62 -9.92
CA GLU CA 135 32.39 85.31 -10.48
C GLU CA 135 31.10 84.53 -10.68
N GLY CA 136 30.22 84.62 -9.70
CA GLY CA 136 28.96 83.91 -9.77
C GLY CA 136 27.89 84.69 -10.49
N ARG CA 137 28.19 85.94 -10.79
CA ARG CA 137 27.27 86.76 -11.55
C ARG CA 137 27.47 86.50 -13.02
N LEU CA 138 28.73 86.34 -13.41
CA LEU CA 138 29.08 85.94 -14.75
C LEU CA 138 28.62 84.52 -15.05
N ALA CA 139 28.57 83.69 -14.02
CA ALA CA 139 28.14 82.31 -14.20
C ALA CA 139 26.64 82.26 -14.40
N GLU CA 140 25.94 83.07 -13.64
CA GLU CA 140 24.51 83.24 -13.82
C GLU CA 140 24.24 83.88 -15.15
N ALA CA 141 25.15 84.74 -15.59
CA ALA CA 141 25.01 85.39 -16.88
C ALA CA 141 25.14 84.40 -18.02
N ARG CA 142 26.05 83.45 -17.85
CA ARG CA 142 26.22 82.41 -18.84
C ARG CA 142 25.06 81.45 -18.93
N THR CA 143 24.37 81.21 -17.82
CA THR CA 143 23.23 80.32 -17.88
C THR CA 143 22.13 80.91 -18.72
N LEU CA 144 21.93 82.22 -18.61
CA LEU CA 144 20.93 82.89 -19.42
C LEU CA 144 21.32 82.94 -20.88
N LYS CA 145 22.62 82.95 -21.16
CA LYS CA 145 23.05 82.88 -22.55
C LYS CA 145 22.68 81.54 -23.10
N ALA CA 146 22.83 80.52 -22.27
CA ALA CA 146 22.47 79.17 -22.63
C ALA CA 146 20.97 79.00 -22.83
N PHE CA 147 20.17 79.73 -22.06
CA PHE CA 147 18.74 79.69 -22.25
C PHE CA 147 18.36 80.33 -23.56
N ALA CA 148 18.89 81.53 -23.78
CA ALA CA 148 18.52 82.31 -24.94
C ALA CA 148 18.97 81.61 -26.20
N LYS CA 149 19.97 80.75 -26.03
CA LYS CA 149 20.54 79.96 -27.09
C LYS CA 149 19.88 78.59 -27.19
N LYS CA 150 20.20 77.71 -26.24
CA LYS CA 150 19.82 76.31 -26.36
C LYS CA 150 18.42 75.93 -25.88
N ALA CA 151 17.73 76.85 -25.24
CA ALA CA 151 16.43 76.52 -24.65
C ALA CA 151 15.28 76.44 -25.65
N ASP CA 152 14.31 75.60 -25.33
CA ASP CA 152 13.03 75.60 -26.02
C ASP CA 152 11.94 75.92 -25.03
N ILE CA 153 12.24 75.73 -23.75
CA ILE CA 153 11.27 75.87 -22.67
C ILE CA 153 11.86 76.69 -21.54
N ILE CA 154 11.23 77.80 -21.20
CA ILE CA 154 11.62 78.51 -20.01
C ILE CA 154 10.59 78.21 -18.96
N ARG CA 155 11.03 77.96 -17.74
CA ARG CA 155 10.11 77.71 -16.67
C ARG CA 155 10.53 78.41 -15.43
N VAL CA 156 9.63 79.17 -14.86
CA VAL CA 156 9.82 79.67 -13.53
C VAL CA 156 9.73 78.56 -12.52
N VAL CA 157 10.58 78.61 -11.51
CA VAL CA 157 10.39 77.76 -10.34
C VAL CA 157 9.71 78.60 -9.29
N ALA CA 158 8.40 78.49 -9.20
CA ALA CA 158 7.66 79.26 -8.23
C ALA CA 158 7.37 78.42 -7.02
N HIS CA 159 6.94 79.06 -5.94
CA HIS CA 159 6.45 78.31 -4.79
C HIS CA 159 5.28 79.01 -4.12
N THR CA 160 4.54 78.26 -3.32
CA THR CA 160 3.49 78.82 -2.50
C THR CA 160 4.06 79.54 -1.29
N GLN CA 161 3.36 80.56 -0.85
CA GLN CA 161 3.71 81.29 0.35
C GLN CA 161 2.76 80.89 1.44
N LEU CA 162 3.11 79.86 2.18
CA LEU CA 162 2.25 79.34 3.21
C LEU CA 162 2.18 80.29 4.39
N ARG CA 163 3.20 81.12 4.50
CA ARG CA 163 3.27 82.10 5.55
C ARG CA 163 2.16 83.05 5.37
N LYS CA 164 1.90 83.35 4.11
CA LYS CA 164 0.85 84.29 3.72
C LYS CA 164 -0.52 83.67 3.67
N LEU CA 165 -0.56 82.35 3.58
CA LEU CA 165 -1.80 81.61 3.57
C LEU CA 165 -2.51 81.72 4.91
N ARG CA 166 -1.71 81.87 5.95
CA ARG CA 166 -2.16 81.89 7.33
C ARG CA 166 -3.25 80.91 7.68
N ASN CA 167 -3.38 79.83 6.93
CA ASN CA 167 -4.38 78.84 7.27
C ASN CA 167 -3.96 78.11 8.53
N ASN CA 168 -4.88 77.81 9.42
CA ASN CA 168 -4.53 77.12 10.66
C ASN CA 168 -4.51 75.62 10.52
N ARG CA 169 -4.90 75.12 9.36
CA ARG CA 169 -5.11 73.71 9.19
C ARG CA 169 -4.17 73.11 8.19
N VAL CA 170 -3.77 73.90 7.21
CA VAL CA 170 -2.77 73.46 6.26
C VAL CA 170 -1.47 73.56 7.01
N GLY CA 171 -1.03 72.45 7.56
CA GLY CA 171 0.02 72.51 8.57
C GLY CA 171 1.39 72.77 8.01
N VAL CA 172 1.54 72.62 6.71
CA VAL CA 172 2.83 72.76 6.06
C VAL CA 172 3.39 74.15 6.23
N LYS CA 173 4.69 74.22 6.45
CA LYS CA 173 5.40 75.46 6.39
C LYS CA 173 6.53 75.36 5.38
N LYS CA 174 6.77 74.15 4.87
CA LYS CA 174 7.64 73.99 3.72
C LYS CA 174 6.91 74.60 2.57
N ALA CA 175 7.56 75.36 1.71
CA ALA CA 175 6.86 75.93 0.57
C ALA CA 175 6.61 74.87 -0.48
N HIS CA 176 5.51 75.02 -1.20
CA HIS CA 176 5.17 74.12 -2.30
C HIS CA 176 5.83 74.60 -3.57
N VAL CA 177 7.07 74.21 -3.80
CA VAL CA 177 7.78 74.63 -4.98
C VAL CA 177 7.33 73.87 -6.22
N SER CA 178 7.44 74.53 -7.37
CA SER CA 178 7.02 73.94 -8.63
C SER CA 178 7.37 74.82 -9.80
N GLU CA 179 7.92 74.21 -10.83
CA GLU CA 179 8.17 74.90 -12.07
C GLU CA 179 6.87 75.23 -12.75
N ILE CA 180 6.75 76.45 -13.25
CA ILE CA 180 5.55 76.92 -13.91
C ILE CA 180 5.98 77.40 -15.26
N GLN CA 181 5.57 76.72 -16.31
CA GLN CA 181 6.07 77.07 -17.63
C GLN CA 181 5.63 78.42 -18.14
N ILE CA 182 6.55 79.08 -18.83
CA ILE CA 182 6.26 80.31 -19.53
C ILE CA 182 6.00 80.06 -20.99
N ASN CA 183 4.76 79.83 -21.38
CA ASN CA 183 4.40 79.91 -22.78
C ASN CA 183 4.27 81.36 -23.15
N GLY CA 184 4.56 81.70 -24.39
CA GLY CA 184 4.59 83.09 -24.79
C GLY CA 184 5.28 83.31 -26.10
N GLY CA 185 6.22 84.24 -26.14
CA GLY CA 185 6.91 84.57 -27.37
C GLY CA 185 8.27 83.92 -27.50
N THR CA 186 9.19 84.64 -28.12
CA THR CA 186 10.52 84.14 -28.37
C THR CA 186 11.24 83.92 -27.06
N ILE CA 187 12.20 82.99 -27.04
CA ILE CA 187 12.85 82.60 -25.80
C ILE CA 187 13.46 83.77 -25.05
N ALA CA 188 13.95 84.77 -25.75
CA ALA CA 188 14.41 85.97 -25.07
C ALA CA 188 13.26 86.68 -24.39
N GLU CA 189 12.08 86.63 -25.00
CA GLU CA 189 10.91 87.22 -24.38
C GLU CA 189 10.52 86.47 -23.13
N LYS CA 190 10.75 85.16 -23.14
CA LYS CA 190 10.35 84.34 -22.04
C LYS CA 190 11.36 84.46 -20.92
N ILE CA 191 12.62 84.59 -21.30
CA ILE CA 191 13.67 84.87 -20.35
C ILE CA 191 13.43 86.20 -19.67
N GLU CA 192 12.90 87.14 -20.43
CA GLU CA 192 12.78 88.48 -19.90
C GLU CA 192 11.62 88.53 -18.92
N LEU CA 193 10.52 87.89 -19.28
CA LEU CA 193 9.42 87.75 -18.36
C LEU CA 193 9.91 87.01 -17.15
N ALA CA 194 10.76 86.02 -17.42
CA ALA CA 194 11.24 85.13 -16.39
C ALA CA 194 12.13 85.80 -15.37
N LYS CA 195 12.93 86.77 -15.80
CA LYS CA 195 13.93 87.34 -14.91
C LYS CA 195 13.44 88.63 -14.26
N SER CA 196 12.55 89.36 -14.94
CA SER CA 196 11.91 90.51 -14.33
C SER CA 196 11.01 90.04 -13.21
N LEU CA 197 10.54 88.82 -13.40
CA LEU CA 197 9.60 88.16 -12.52
C LEU CA 197 10.32 87.17 -11.64
N LEU CA 198 11.63 87.36 -11.49
CA LEU CA 198 12.46 86.33 -10.89
C LEU CA 198 12.53 86.39 -9.38
N GLU CA 199 11.87 87.36 -8.76
CA GLU CA 199 11.79 87.30 -7.30
C GLU CA 199 10.51 87.93 -6.79
N LYS CA 200 9.69 88.36 -7.74
CA LYS CA 200 8.39 88.98 -7.51
C LYS CA 200 7.30 87.97 -7.16
N GLU CA 201 6.25 88.43 -6.49
CA GLU CA 201 5.04 87.63 -6.33
C GLU CA 201 4.26 87.52 -7.63
N VAL CA 202 3.44 86.49 -7.74
CA VAL CA 202 2.63 86.28 -8.93
C VAL CA 202 1.23 85.87 -8.54
N ARG CA 203 0.32 86.82 -8.58
CA ARG CA 203 -1.07 86.67 -8.24
C ARG CA 203 -1.77 85.82 -9.26
N ILE CA 204 -2.85 85.13 -8.93
CA ILE CA 204 -3.53 84.35 -9.97
C ILE CA 204 -4.12 85.22 -11.05
N ASP CA 205 -4.56 86.39 -10.64
CA ASP CA 205 -5.32 87.27 -11.49
C ASP CA 205 -4.52 87.68 -12.71
N SER CA 206 -3.21 87.55 -12.60
CA SER CA 206 -2.36 87.80 -13.75
C SER CA 206 -2.33 86.58 -14.67
N ILE CA 207 -2.25 85.40 -14.07
CA ILE CA 207 -2.16 84.15 -14.81
C ILE CA 207 -3.50 83.80 -15.40
N PHE CA 208 -4.55 83.95 -14.58
CA PHE CA 208 -5.89 83.65 -15.01
C PHE CA 208 -6.76 84.88 -15.11
N GLN CA 209 -7.99 84.67 -15.52
CA GLN CA 209 -8.96 85.72 -15.47
C GLN CA 209 -10.30 85.03 -15.49
N GLN CA 210 -11.32 85.76 -15.10
CA GLN CA 210 -12.64 85.17 -14.94
C GLN CA 210 -13.22 84.58 -16.21
N SER CA 211 -14.06 83.56 -16.05
CA SER CA 211 -14.83 82.97 -17.13
C SER CA 211 -13.97 82.13 -18.04
N GLU CA 212 -12.68 82.40 -18.05
CA GLU CA 212 -11.73 81.48 -18.63
C GLU CA 212 -11.74 80.22 -17.83
N THR CA 213 -11.40 79.11 -18.46
CA THR CA 213 -11.30 77.85 -17.78
C THR CA 213 -9.88 77.56 -17.30
N CYS CA 214 -9.74 76.57 -16.44
CA CYS CA 214 -8.43 76.09 -16.03
C CYS CA 214 -8.48 74.58 -15.94
N ASP CA 215 -7.44 73.91 -16.41
CA ASP CA 215 -7.30 72.52 -16.06
C ASP CA 215 -6.84 72.46 -14.62
N VAL CA 216 -7.36 71.51 -13.87
CA VAL CA 216 -6.90 71.30 -12.53
C VAL CA 216 -6.11 70.04 -12.45
N CYS CA 217 -5.10 70.03 -11.61
CA CYS CA 217 -4.44 68.79 -11.27
C CYS CA 217 -4.10 68.78 -9.81
N ALA CA 218 -4.64 67.79 -9.13
CA ALA CA 218 -4.41 67.59 -7.72
C ALA CA 218 -4.59 66.12 -7.45
N VAL CA 219 -3.91 65.59 -6.47
CA VAL CA 219 -4.19 64.22 -6.12
C VAL CA 219 -5.57 64.13 -5.52
N THR CA 220 -6.31 63.12 -5.91
CA THR CA 220 -7.67 63.01 -5.45
C THR CA 220 -7.68 62.49 -4.03
N LYS CA 221 -8.80 62.63 -3.36
CA LYS CA 221 -8.91 62.27 -1.96
C LYS CA 221 -8.67 60.79 -1.70
N GLY CA 222 -7.85 60.47 -0.70
CA GLY CA 222 -7.43 59.12 -0.45
C GLY CA 222 -8.42 58.23 0.27
N HIS CA 223 -8.54 57.00 -0.18
CA HIS CA 223 -9.50 56.06 0.42
C HIS CA 223 -8.86 54.78 0.89
N GLY CA 224 -7.54 54.69 0.82
CA GLY CA 224 -6.87 53.52 1.34
C GLY CA 224 -7.09 52.30 0.49
N PHE CA 225 -6.92 51.15 1.10
CA PHE CA 225 -7.02 49.93 0.36
C PHE CA 225 -8.48 49.69 0.14
N THR CA 226 -9.03 50.39 -0.84
CA THR CA 226 -10.44 50.25 -1.16
C THR CA 226 -10.70 48.88 -1.75
N GLY CA 227 -11.93 48.42 -1.57
CA GLY CA 227 -12.39 47.17 -2.14
C GLY CA 227 -12.81 47.33 -3.58
N VAL CA 228 -13.06 46.22 -4.26
CA VAL CA 228 -13.32 46.25 -5.68
C VAL CA 228 -14.65 46.89 -6.06
N VAL CA 229 -15.61 46.84 -5.17
CA VAL CA 229 -16.93 47.43 -5.43
C VAL CA 229 -16.90 48.95 -5.43
N LYS CA 230 -16.06 49.52 -4.57
CA LYS CA 230 -15.90 50.95 -4.50
C LYS CA 230 -14.82 51.44 -5.44
N ARG CA 231 -13.92 50.54 -5.83
CA ARG CA 231 -12.78 50.95 -6.58
C ARG CA 231 -13.07 50.95 -8.07
N TRP CA 232 -13.93 50.03 -8.49
CA TRP CA 232 -14.15 49.82 -9.90
C TRP CA 232 -15.60 49.97 -10.25
N GLY CA 233 -16.46 49.78 -9.26
CA GLY CA 233 -17.88 49.90 -9.47
C GLY CA 233 -18.57 48.62 -9.86
N VAL CA 234 -17.89 47.50 -9.66
CA VAL CA 234 -18.47 46.22 -9.99
C VAL CA 234 -19.68 45.91 -9.12
N ALA CA 235 -20.62 45.18 -9.69
CA ALA CA 235 -21.81 44.78 -8.96
C ALA CA 235 -21.46 43.84 -7.84
N CYS CA 236 -21.99 44.08 -6.64
CA CYS CA 236 -21.81 43.11 -5.58
C CYS CA 236 -22.78 41.97 -5.79
N LEU CA 237 -22.36 40.80 -5.32
CA LEU CA 237 -23.03 39.55 -5.57
C LEU CA 237 -24.29 39.42 -4.73
N PRO CA 238 -25.19 38.52 -5.13
CA PRO CA 238 -26.44 38.28 -4.42
C PRO CA 238 -26.25 37.80 -2.99
N ARG CA 239 -27.16 38.19 -2.11
CA ARG CA 239 -27.07 37.87 -0.70
C ARG CA 239 -26.67 36.44 -0.41
N LYS CA 240 -27.15 35.53 -1.23
CA LYS CA 240 -27.02 34.12 -0.97
C LYS CA 240 -25.57 33.71 -1.18
N THR CA 241 -24.80 34.59 -1.81
CA THR CA 241 -23.40 34.29 -2.10
C THR CA 241 -22.63 33.98 -0.85
N HIS CA 242 -21.75 33.01 -0.96
CA HIS CA 242 -21.10 32.45 0.19
C HIS CA 242 -19.88 33.23 0.65
N ARG CA 243 -18.79 33.13 -0.09
CA ARG CA 243 -17.50 33.56 0.42
C ARG CA 243 -17.57 35.02 0.82
N GLY CA 244 -18.44 35.76 0.15
CA GLY CA 244 -18.64 37.16 0.36
C GLY CA 244 -19.26 37.80 -0.87
N LEU CA 245 -19.99 38.88 -0.66
CA LEU CA 245 -20.65 39.61 -1.73
C LEU CA 245 -19.79 40.54 -2.54
N ARG CA 246 -18.94 41.27 -1.85
CA ARG CA 246 -18.24 42.39 -2.44
C ARG CA 246 -16.97 41.93 -3.12
N LYS CA 247 -17.14 41.27 -4.25
CA LYS CA 247 -16.03 40.64 -4.97
C LYS CA 247 -16.35 40.55 -6.43
N VAL CA 248 -15.35 40.50 -7.27
CA VAL CA 248 -15.56 40.04 -8.63
C VAL CA 248 -15.57 38.54 -8.57
N ALA CA 249 -16.67 37.93 -8.99
CA ALA CA 249 -16.82 36.51 -8.83
C ALA CA 249 -15.83 35.75 -9.69
N CYS CA 250 -15.49 36.33 -10.83
CA CYS CA 250 -14.65 35.64 -11.78
C CYS CA 250 -13.49 36.51 -12.21
N ILE CA 251 -12.32 36.31 -11.63
CA ILE CA 251 -11.20 37.18 -11.92
C ILE CA 251 -10.37 36.63 -13.04
N GLY CA 252 -10.86 35.59 -13.69
CA GLY CA 252 -10.15 35.06 -14.84
C GLY CA 252 -10.76 33.81 -15.38
N ALA CA 253 -10.10 33.23 -16.37
CA ALA CA 253 -10.57 32.01 -17.00
C ALA CA 253 -9.47 30.98 -17.00
N TRP CA 254 -9.70 29.87 -17.67
CA TRP CA 254 -8.61 28.95 -17.90
C TRP CA 254 -7.48 29.59 -18.66
N HIS CA 255 -7.78 30.25 -19.77
CA HIS CA 255 -6.73 30.96 -20.47
C HIS CA 255 -7.20 32.33 -20.93
N PRO CA 256 -6.30 33.32 -20.87
CA PRO CA 256 -4.94 33.11 -20.37
C PRO CA 256 -4.93 32.65 -18.93
N ALA CA 257 -4.01 31.76 -18.58
CA ALA CA 257 -4.08 31.06 -17.30
C ALA CA 257 -3.51 31.89 -16.18
N ARG CA 258 -4.02 33.09 -16.05
CA ARG CA 258 -3.57 33.99 -15.01
C ARG CA 258 -4.46 35.20 -15.01
N VAL CA 259 -4.54 35.90 -13.89
CA VAL CA 259 -5.35 37.09 -13.83
C VAL CA 259 -4.78 38.12 -14.77
N MET CA 260 -5.62 38.77 -15.55
CA MET CA 260 -5.14 39.76 -16.49
C MET CA 260 -5.10 41.11 -15.81
N TYR CA 261 -4.45 42.07 -16.44
CA TYR CA 261 -4.24 43.34 -15.78
C TYR CA 261 -5.55 44.09 -15.79
N THR CA 262 -6.54 43.53 -16.47
CA THR CA 262 -7.78 44.21 -16.74
C THR CA 262 -8.88 43.87 -15.75
N VAL CA 263 -8.83 42.69 -15.16
CA VAL CA 263 -9.75 42.38 -14.07
C VAL CA 263 -9.52 43.23 -12.83
N ALA CA 264 -10.62 43.70 -12.24
CA ALA CA 264 -10.60 44.57 -11.07
C ALA CA 264 -10.21 43.89 -9.78
N ARG CA 265 -9.42 44.58 -8.95
CA ARG CA 265 -8.90 44.00 -7.74
C ARG CA 265 -8.91 45.04 -6.62
N ALA CA 266 -9.05 44.59 -5.38
CA ALA CA 266 -9.02 45.50 -4.24
C ALA CA 266 -7.66 46.13 -4.09
N GLY CA 267 -7.63 47.40 -3.71
CA GLY CA 267 -6.38 48.09 -3.49
C GLY CA 267 -6.63 49.55 -3.38
N GLN CA 268 -5.58 50.35 -3.50
CA GLN CA 268 -5.65 51.79 -3.35
C GLN CA 268 -6.67 52.40 -4.26
N HIS CA 269 -7.60 53.11 -3.67
CA HIS CA 269 -8.46 53.99 -4.41
C HIS CA 269 -8.35 55.36 -3.81
N GLY CA 270 -8.30 56.35 -4.67
CA GLY CA 270 -8.19 57.70 -4.21
C GLY CA 270 -6.75 58.04 -4.01
N TYR CA 271 -6.47 59.32 -3.95
CA TYR CA 271 -5.12 59.81 -3.81
C TYR CA 271 -4.33 59.44 -5.05
N HIS CA 272 -5.01 59.62 -6.18
CA HIS CA 272 -4.44 59.44 -7.50
C HIS CA 272 -4.30 60.79 -8.12
N HIS CA 273 -3.34 60.97 -8.99
CA HIS CA 273 -3.23 62.25 -9.66
C HIS CA 273 -4.27 62.32 -10.74
N ARG CA 274 -4.80 63.52 -10.97
CA ARG CA 274 -5.81 63.72 -11.98
C ARG CA 274 -5.63 65.05 -12.64
N THR CA 275 -5.82 65.10 -13.93
CA THR CA 275 -5.94 66.38 -14.59
C THR CA 275 -7.36 66.52 -15.07
N HIS CA 276 -8.17 67.32 -14.38
CA HIS CA 276 -9.52 67.56 -14.87
C HIS CA 276 -9.59 68.87 -15.62
N LEU CA 277 -10.35 68.86 -16.70
CA LEU CA 277 -10.40 69.93 -17.68
C LEU CA 277 -11.53 70.92 -17.55
N ASN CA 278 -11.31 72.11 -18.12
CA ASN CA 278 -12.37 73.06 -18.42
C ASN CA 278 -13.24 73.47 -17.27
N LYS CA 279 -12.59 73.90 -16.19
CA LYS CA 279 -13.28 74.38 -15.01
C LYS CA 279 -13.46 75.89 -15.06
N LYS CA 280 -14.66 76.39 -15.36
CA LYS CA 280 -14.78 77.83 -15.54
C LYS CA 280 -14.53 78.63 -14.27
N ILE CA 281 -13.85 79.75 -14.44
CA ILE CA 281 -13.45 80.57 -13.32
C ILE CA 281 -14.50 81.61 -13.02
N TYR CA 282 -15.40 81.31 -12.08
CA TYR CA 282 -16.48 82.22 -11.78
C TYR CA 282 -16.07 83.51 -11.10
N GLN CA 283 -15.00 83.50 -10.34
CA GLN CA 283 -14.37 84.76 -10.00
C GLN CA 283 -13.01 84.55 -9.39
N LEU CA 284 -12.07 85.36 -9.84
CA LEU CA 284 -10.88 85.63 -9.08
C LEU CA 284 -11.29 86.51 -7.92
N GLY CA 285 -10.65 86.35 -6.79
CA GLY CA 285 -11.05 87.09 -5.62
C GLY CA 285 -9.85 87.64 -4.89
N ARG CA 286 -9.87 88.94 -4.64
CA ARG CA 286 -8.78 89.60 -3.95
C ARG CA 286 -8.87 89.38 -2.44
N ALA CA 287 -7.74 89.51 -1.75
CA ALA CA 287 -7.64 89.20 -0.32
C ALA CA 287 -8.63 89.99 0.51
N VAL CA 288 -9.13 89.36 1.56
CA VAL CA 288 -10.26 89.90 2.29
C VAL CA 288 -9.97 91.27 2.84
N SER CA 289 -8.72 91.49 3.25
CA SER CA 289 -8.32 92.79 3.78
C SER CA 289 -8.34 93.86 2.72
N MET CA 290 -8.02 93.48 1.48
CA MET CA 290 -7.94 94.44 0.40
C MET CA 290 -9.31 94.74 -0.17
N GLU CA 291 -10.11 93.70 -0.32
CA GLU CA 291 -11.40 93.81 -0.97
C GLU CA 291 -12.41 93.05 -0.13
N PRO CA 292 -12.80 93.63 1.01
CA PRO CA 292 -13.61 92.96 2.03
C PRO CA 292 -14.97 92.46 1.57
N ASN CA 293 -15.60 93.18 0.66
CA ASN CA 293 -16.92 92.79 0.17
C ASN CA 293 -16.83 91.79 -0.98
N GLN CA 294 -16.20 90.66 -0.69
CA GLN CA 294 -16.21 89.51 -1.57
C GLN CA 294 -17.63 89.01 -1.58
N ALA CA 295 -18.05 88.30 -2.62
CA ALA CA 295 -19.33 87.63 -2.56
C ALA CA 295 -20.47 88.63 -2.53
N THR CA 296 -20.14 89.90 -2.65
CA THR CA 296 -21.13 90.92 -2.83
C THR CA 296 -21.24 91.15 -4.31
N THR CA 297 -22.25 90.57 -4.93
CA THR CA 297 -22.46 90.73 -6.36
C THR CA 297 -23.28 91.98 -6.63
N THR CA 298 -23.39 92.33 -7.91
CA THR CA 298 -24.18 93.48 -8.32
C THR CA 298 -25.62 93.34 -7.90
N TYR CA 299 -26.09 92.10 -7.78
CA TYR CA 299 -27.49 91.84 -7.49
C TYR CA 299 -27.71 91.43 -6.05
N ASP CA 300 -26.62 91.32 -5.30
CA ASP CA 300 -26.69 91.00 -3.88
C ASP CA 300 -25.72 91.88 -3.11
N LEU CA 301 -26.18 93.06 -2.72
CA LEU CA 301 -25.28 94.11 -2.31
C LEU CA 301 -24.72 94.03 -0.90
N THR CA 302 -25.23 93.15 -0.06
CA THR CA 302 -24.75 93.11 1.32
C THR CA 302 -23.28 92.82 1.35
N ALA CA 303 -22.52 93.59 2.13
CA ALA CA 303 -21.10 93.38 2.26
C ALA CA 303 -20.91 92.01 2.86
N LYS CA 304 -19.93 91.27 2.36
CA LYS CA 304 -19.95 89.85 2.60
C LYS CA 304 -18.58 89.26 2.31
N SER CA 305 -18.38 87.99 2.62
CA SER CA 305 -17.08 87.36 2.47
C SER CA 305 -17.24 86.00 1.85
N ILE CA 306 -16.23 85.56 1.11
CA ILE CA 306 -16.40 84.32 0.40
C ILE CA 306 -16.50 83.15 1.36
N THR CA 307 -15.95 83.31 2.55
CA THR CA 307 -15.99 82.27 3.55
C THR CA 307 -17.34 82.22 4.25
N PRO CA 308 -17.90 81.01 4.40
CA PRO CA 308 -19.17 80.78 5.09
C PRO CA 308 -19.12 81.20 6.54
N MET CA 309 -20.26 81.14 7.22
CA MET CA 309 -20.37 81.63 8.56
C MET CA 309 -19.53 80.86 9.58
N GLY CA 310 -19.40 79.57 9.38
CA GLY CA 310 -18.64 78.76 10.31
C GLY CA 310 -17.20 78.69 9.85
N GLY CA 311 -16.90 79.44 8.80
CA GLY CA 311 -15.63 79.32 8.11
C GLY CA 311 -15.84 78.13 7.23
N PHE CA 312 -14.91 77.83 6.34
CA PHE CA 312 -14.99 76.55 5.67
C PHE CA 312 -14.69 75.47 6.67
N VAL CA 313 -15.46 74.40 6.64
CA VAL CA 313 -15.25 73.33 7.57
C VAL CA 313 -13.88 72.77 7.29
N GLY CA 314 -13.08 72.58 8.33
CA GLY CA 314 -11.79 71.94 8.18
C GLY CA 314 -10.75 72.83 7.56
N TYR CA 315 -11.13 74.05 7.20
CA TYR CA 315 -10.20 74.92 6.53
C TYR CA 315 -10.21 76.30 7.18
N GLY CA 316 -11.38 76.89 7.31
CA GLY CA 316 -11.49 78.18 7.96
C GLY CA 316 -11.59 79.31 6.98
N THR CA 317 -11.27 80.52 7.40
CA THR CA 317 -11.42 81.65 6.50
C THR CA 317 -10.43 81.62 5.35
N VAL CA 318 -10.90 82.09 4.20
CA VAL CA 318 -10.04 82.39 3.08
C VAL CA 318 -9.52 83.80 3.22
N ARG CA 319 -8.30 83.92 3.74
CA ARG CA 319 -7.73 85.19 4.11
C ARG CA 319 -7.07 85.86 2.93
N ASN CA 320 -7.04 85.16 1.82
CA ASN CA 320 -6.22 85.57 0.68
C ASN CA 320 -7.00 85.72 -0.60
N ASP CA 321 -6.27 85.86 -1.69
CA ASP CA 321 -6.84 85.77 -3.01
C ASP CA 321 -7.44 84.41 -3.19
N TYR CA 322 -8.56 84.33 -3.87
CA TYR CA 322 -9.16 83.05 -4.06
C TYR CA 322 -9.61 82.93 -5.50
N ILE CA 323 -9.39 81.76 -6.08
CA ILE CA 323 -10.01 81.43 -7.33
C ILE CA 323 -11.31 80.72 -7.00
N MET CA 324 -12.39 81.12 -7.64
CA MET CA 324 -13.66 80.45 -7.45
C MET CA 324 -14.07 79.83 -8.75
N LEU CA 325 -13.99 78.52 -8.86
CA LEU CA 325 -14.27 77.90 -10.15
C LEU CA 325 -15.36 76.86 -10.10
N LYS CA 326 -16.12 76.75 -11.18
CA LYS CA 326 -17.31 75.94 -11.22
C LYS CA 326 -17.09 74.47 -10.95
N GLY CA 327 -17.95 73.92 -10.11
CA GLY CA 327 -17.97 72.51 -9.84
C GLY CA 327 -16.92 72.04 -8.86
N SER CA 328 -16.82 70.72 -8.78
CA SER CA 328 -15.88 70.06 -7.91
C SER CA 328 -14.45 70.25 -8.36
N VAL CA 329 -13.53 70.15 -7.42
CA VAL CA 329 -12.12 70.12 -7.68
C VAL CA 329 -11.57 68.91 -6.96
N ALA CA 330 -10.72 68.13 -7.62
CA ALA CA 330 -10.22 66.90 -7.02
C ALA CA 330 -9.36 67.22 -5.84
N GLY CA 331 -9.42 66.37 -4.83
CA GLY CA 331 -8.65 66.57 -3.64
C GLY CA 331 -9.52 67.04 -2.51
N PRO CA 332 -9.11 66.73 -1.29
CA PRO CA 332 -9.75 67.08 -0.04
C PRO CA 332 -9.61 68.55 0.20
N ARG CA 333 -10.32 69.06 1.18
CA ARG CA 333 -10.18 70.46 1.54
C ARG CA 333 -8.74 70.68 1.97
N ARG CA 334 -8.25 71.87 1.72
CA ARG CA 334 -6.89 72.31 2.03
C ARG CA 334 -5.76 71.56 1.37
N ARG CA 335 -6.03 70.74 0.36
CA ARG CA 335 -4.96 70.23 -0.46
C ARG CA 335 -4.50 71.30 -1.41
N VAL CA 336 -3.24 71.26 -1.81
CA VAL CA 336 -2.71 72.18 -2.79
C VAL CA 336 -2.96 71.64 -4.18
N ILE CA 337 -3.65 72.41 -5.00
CA ILE CA 337 -3.99 71.94 -6.33
C ILE CA 337 -3.40 72.86 -7.38
N THR CA 338 -2.48 72.34 -8.18
CA THR CA 338 -1.98 73.11 -9.30
C THR CA 338 -3.10 73.27 -10.29
N LEU CA 339 -3.25 74.43 -10.87
CA LEU CA 339 -4.23 74.59 -11.93
C LEU CA 339 -3.67 75.40 -13.08
N ARG CA 340 -3.56 74.74 -14.22
CA ARG CA 340 -2.90 75.30 -15.39
C ARG CA 340 -3.86 76.02 -16.31
N ARG CA 341 -3.30 76.73 -17.28
CA ARG CA 341 -4.06 77.26 -18.39
C ARG CA 341 -4.65 76.11 -19.16
N PRO CA 342 -5.81 76.31 -19.77
CA PRO CA 342 -6.49 75.19 -20.44
C PRO CA 342 -5.67 74.64 -21.58
N MET CA 343 -5.74 73.33 -21.80
CA MET CA 343 -5.03 72.71 -22.90
C MET CA 343 -6.00 72.32 -23.99
N ALA CA 344 -7.28 72.37 -23.63
CA ALA CA 344 -8.37 72.19 -24.58
C ALA CA 344 -8.50 73.44 -25.43
N PRO CA 345 -9.14 73.31 -26.60
CA PRO CA 345 -9.33 74.36 -27.59
C PRO CA 345 -10.04 75.62 -27.07
N GLN CA 346 -10.97 75.44 -26.13
CA GLN CA 346 -11.58 76.57 -25.44
C GLN CA 346 -12.29 77.54 -26.36
N THR CA 347 -12.76 77.02 -27.50
CA THR CA 347 -13.51 77.84 -28.43
C THR CA 347 -14.98 77.43 -28.38
N SER CA 348 -15.30 76.55 -27.44
CA SER CA 348 -16.65 76.07 -27.22
C SER CA 348 -17.57 77.22 -26.86
N ARG CA 349 -18.85 77.10 -27.21
CA ARG CA 349 -19.80 78.16 -26.94
C ARG CA 349 -19.98 78.36 -25.44
N LYS CA 350 -19.80 77.26 -24.71
CA LYS CA 350 -19.97 77.24 -23.27
C LYS CA 350 -18.78 77.82 -22.54
N LEU CA 351 -17.61 77.40 -22.99
CA LEU CA 351 -16.36 77.72 -22.32
C LEU CA 351 -16.06 79.21 -22.42
N THR CA 352 -16.50 79.81 -23.51
CA THR CA 352 -16.21 81.21 -23.73
C THR CA 352 -17.15 82.11 -22.96
N GLU CA 353 -18.20 81.53 -22.40
CA GLU CA 353 -19.26 82.30 -21.75
C GLU CA 353 -18.74 83.16 -20.62
N GLN CA 354 -19.16 84.42 -20.60
CA GLN CA 354 -18.88 85.31 -19.49
C GLN CA 354 -19.79 84.91 -18.34
N ILE CA 355 -19.28 84.96 -17.13
CA ILE CA 355 -20.05 84.49 -16.00
C ILE CA 355 -20.26 85.62 -15.02
N THR CA 356 -21.45 86.22 -15.07
CA THR CA 356 -21.79 87.22 -14.09
C THR CA 356 -22.62 86.61 -12.98
N LEU CA 357 -21.97 86.42 -11.84
CA LEU CA 357 -22.60 85.91 -10.64
C LEU CA 357 -23.67 86.82 -10.10
N LYS CA 358 -24.76 86.21 -9.65
CA LYS CA 358 -25.89 86.95 -9.15
C LYS CA 358 -26.02 86.82 -7.65
N PHE CA 359 -25.27 85.90 -7.06
CA PHE CA 359 -25.40 85.55 -5.65
C PHE CA 359 -24.42 84.48 -5.23
N ILE CA 360 -23.28 84.87 -4.66
CA ILE CA 360 -22.42 83.90 -3.98
C ILE CA 360 -23.11 83.48 -2.71
N ASP CA 361 -23.01 82.21 -2.37
CA ASP CA 361 -23.65 81.70 -1.17
C ASP CA 361 -22.67 81.73 0.00
N THR CA 362 -23.15 81.97 1.20
CA THR CA 362 -22.28 82.24 2.34
C THR CA 362 -22.90 81.70 3.61
N SER CA 363 -23.95 80.91 3.42
CA SER CA 363 -24.57 80.21 4.53
C SER CA 363 -23.59 79.24 5.12
N SER CA 364 -23.81 78.91 6.37
CA SER CA 364 -22.98 77.95 7.03
C SER CA 364 -22.94 76.63 6.32
N LYS CA 365 -21.75 76.10 6.19
CA LYS CA 365 -21.59 74.71 5.88
C LYS CA 365 -21.30 74.19 7.25
N ILE CA 366 -22.01 73.18 7.71
CA ILE CA 366 -22.27 72.92 9.13
C ILE CA 366 -23.73 73.17 9.38
N GLY CA 367 -24.50 72.12 9.55
CA GLY CA 367 -25.93 72.28 9.71
C GLY CA 367 -26.43 72.70 8.36
N HIS CA 368 -27.62 73.27 8.31
CA HIS CA 368 -28.12 73.73 7.04
C HIS CA 368 -27.74 75.17 6.80
N GLY CA 369 -27.71 75.97 7.84
CA GLY CA 369 -27.24 77.33 7.70
C GLY CA 369 -28.21 78.11 6.85
N ARG CA 370 -29.13 78.78 7.52
CA ARG CA 370 -30.18 79.48 6.82
C ARG CA 370 -29.90 80.95 6.79
N PHE CA 371 -28.72 81.33 7.25
CA PHE CA 371 -28.35 82.73 7.23
C PHE CA 371 -27.17 82.93 6.32
N GLN CA 372 -27.20 84.01 5.55
CA GLN CA 372 -26.08 84.29 4.68
C GLN CA 372 -25.04 85.08 5.40
N THR CA 373 -25.40 85.59 6.57
CA THR CA 373 -24.60 86.59 7.22
C THR CA 373 -24.72 86.50 8.74
N LYS CA 374 -23.60 86.74 9.41
CA LYS CA 374 -23.56 86.71 10.85
C LYS CA 374 -24.40 87.87 11.39
N LYS CA 375 -24.54 88.92 10.58
CA LYS CA 375 -25.35 90.06 10.93
C LYS CA 375 -26.81 89.71 10.81
N GLU CA 376 -27.14 89.04 9.72
CA GLU CA 376 -28.47 88.52 9.42
C GLU CA 376 -28.99 87.46 10.38
N LYS CA 377 -28.10 86.67 10.97
CA LYS CA 377 -28.51 85.73 11.99
C LYS CA 377 -28.94 86.44 13.24
N SER CA 378 -28.17 87.44 13.62
CA SER CA 378 -28.49 88.29 14.74
C SER CA 378 -29.74 89.08 14.44
N GLN CA 379 -29.98 89.33 13.17
CA GLN CA 379 -31.13 90.11 12.77
C GLN CA 379 -32.38 89.25 12.82
N TRP CA 380 -32.19 87.95 12.95
CA TRP CA 380 -33.29 87.01 13.12
C TRP CA 380 -33.60 86.85 14.60
N PHE CA 381 -32.65 86.25 15.31
CA PHE CA 381 -32.81 86.01 16.73
C PHE CA 381 -32.91 87.31 17.52
N GLY CA 382 -32.27 88.35 17.02
CA GLY CA 382 -32.22 89.59 17.76
C GLY CA 382 -31.31 89.38 18.94
N PRO CA 383 -31.44 90.21 19.98
CA PRO CA 383 -30.73 89.92 21.22
C PRO CA 383 -31.21 88.62 21.83
N LEU CA 384 -30.32 87.88 22.47
CA LEU CA 384 -30.70 86.76 23.30
C LEU CA 384 -29.75 86.61 24.49
N LYS CA 385 -29.97 85.59 25.32
CA LYS CA 385 -29.47 85.59 26.70
C LYS CA 385 -27.97 85.73 26.83
N LYS CA 386 -27.23 85.30 25.83
CA LYS CA 386 -25.78 85.50 25.83
C LYS CA 386 -25.44 86.98 25.87
N ASP CA 387 -26.33 87.80 25.31
CA ASP CA 387 -26.08 89.24 25.25
C ASP CA 387 -26.55 89.94 26.52
N ARG CA 388 -27.78 89.50 26.92
CA ARG CA 388 -28.28 90.07 28.18
C ARG CA 388 -27.33 89.75 29.36
N ILE CA 389 -26.74 88.56 29.36
CA ILE CA 389 -25.72 88.20 30.34
C ILE CA 389 -24.36 88.87 29.99
N ARG CA 390 -24.25 89.46 28.79
CA ARG CA 390 -23.10 90.28 28.34
C ARG CA 390 -23.36 91.79 28.55
N ARG CA 391 -24.51 92.28 28.07
CA ARG CA 391 -24.91 93.69 28.16
C ARG CA 391 -24.92 94.18 29.60
N GLU CA 392 -25.52 93.37 30.47
CA GLU CA 392 -25.57 93.63 31.91
C GLU CA 392 -24.18 93.81 32.53
N GLU CA 393 -23.23 92.95 32.13
CA GLU CA 393 -21.85 93.03 32.61
C GLU CA 393 -21.17 94.35 32.22
N ARG CA 394 -21.41 94.79 30.99
CA ARG CA 394 -20.86 96.06 30.47
C ARG CA 394 -21.37 97.28 31.25
N LEU CA 395 -22.65 97.27 31.59
CA LEU CA 395 -23.25 98.34 32.38
C LEU CA 395 -22.64 98.43 33.78
N ARG CA 396 -22.35 97.28 34.39
CA ARG CA 396 -21.71 97.23 35.72
C ARG CA 396 -20.28 97.79 35.72
N LYS CA 397 -19.55 97.59 34.62
CA LYS CA 397 -18.20 98.13 34.46
C LYS CA 397 -18.21 99.64 34.30
N THR DA 1 -102.99 0.01 45.27
CA THR DA 1 -104.31 -0.62 45.16
C THR DA 1 -105.31 0.07 46.10
N LYS DA 2 -105.98 -0.70 46.95
CA LYS DA 2 -106.89 -0.14 47.94
C LYS DA 2 -106.14 0.63 49.01
N ILE DA 3 -104.83 0.37 49.07
CA ILE DA 3 -103.97 1.02 50.06
C ILE DA 3 -103.74 2.48 49.73
N GLN DA 4 -104.10 2.88 48.51
CA GLN DA 4 -103.95 4.28 48.13
C GLN DA 4 -104.99 5.13 48.83
N LEU DA 5 -106.21 4.62 48.93
CA LEU DA 5 -107.28 5.31 49.65
C LEU DA 5 -106.91 5.32 51.13
N VAL DA 6 -106.05 4.37 51.52
CA VAL DA 6 -105.51 4.32 52.87
C VAL DA 6 -104.72 5.58 53.18
N MET DA 7 -104.12 6.18 52.15
CA MET DA 7 -103.29 7.36 52.32
C MET DA 7 -104.08 8.58 52.81
N LYS DA 8 -105.34 8.65 52.42
CA LYS DA 8 -106.20 9.75 52.83
C LYS DA 8 -107.09 9.35 54.00
N SER DA 9 -107.43 8.07 54.06
CA SER DA 9 -108.32 7.57 55.11
C SER DA 9 -107.68 7.65 56.49
N GLY DA 10 -106.37 7.48 56.55
CA GLY DA 10 -105.71 7.35 57.83
C GLY DA 10 -104.20 7.45 57.82
N LYS DA 11 -103.61 7.20 58.98
CA LYS DA 11 -102.17 7.34 59.17
C LYS DA 11 -101.39 6.28 58.40
N TYR DA 12 -100.15 6.63 58.04
CA TYR DA 12 -99.23 5.68 57.44
C TYR DA 12 -97.81 6.13 57.69
N VAL DA 13 -97.01 5.26 58.28
CA VAL DA 13 -95.58 5.49 58.39
C VAL DA 13 -94.94 4.99 57.11
N LEU DA 14 -93.73 5.44 56.80
CA LEU DA 14 -93.10 5.00 55.57
C LEU DA 14 -91.61 4.75 55.81
N GLY DA 15 -91.09 3.64 55.28
CA GLY DA 15 -89.68 3.33 55.40
C GLY DA 15 -89.30 2.55 56.64
N THR DA 16 -88.39 1.60 56.46
CA THR DA 16 -88.05 0.62 57.49
C THR DA 16 -87.49 1.26 58.75
N LYS DA 17 -86.90 2.44 58.62
CA LYS DA 17 -86.24 3.08 59.74
C LYS DA 17 -87.28 3.46 60.79
N GLN DA 18 -88.54 3.50 60.39
CA GLN DA 18 -89.60 3.71 61.36
C GLN DA 18 -90.82 2.83 61.14
N THR DA 19 -90.93 2.17 60.00
CA THR DA 19 -92.01 1.21 59.85
C THR DA 19 -91.80 0.04 60.80
N LEU DA 20 -90.54 -0.25 61.12
CA LEU DA 20 -90.22 -1.24 62.13
C LEU DA 20 -90.66 -0.79 63.52
N LYS DA 21 -90.62 0.52 63.76
CA LYS DA 21 -90.92 1.01 65.09
C LYS DA 21 -92.40 1.11 65.34
N THR DA 22 -93.19 1.23 64.28
CA THR DA 22 -94.63 1.17 64.44
C THR DA 22 -95.00 -0.27 64.73
N LEU DA 23 -94.09 -1.17 64.37
CA LEU DA 23 -94.36 -2.59 64.42
C LEU DA 23 -94.01 -3.17 65.79
N ARG DA 24 -93.04 -2.57 66.46
CA ARG DA 24 -92.74 -2.92 67.84
C ARG DA 24 -93.89 -2.50 68.74
N GLN DA 25 -94.32 -1.26 68.57
CA GLN DA 25 -95.42 -0.70 69.33
C GLN DA 25 -96.70 -1.43 68.95
N GLY DA 26 -96.70 -2.02 67.77
CA GLY DA 26 -97.83 -2.77 67.29
C GLY DA 26 -98.87 -1.79 66.84
N ARG DA 27 -98.45 -0.54 66.71
CA ARG DA 27 -99.31 0.50 66.20
C ARG DA 27 -99.63 0.14 64.76
N SER DA 28 -98.73 -0.59 64.13
CA SER DA 28 -98.90 -0.96 62.73
C SER DA 28 -100.16 -1.80 62.55
N LYS DA 29 -100.95 -1.38 61.56
CA LYS DA 29 -102.20 -1.98 61.13
C LYS DA 29 -102.04 -2.67 59.78
N LEU DA 30 -100.82 -2.70 59.28
CA LEU DA 30 -100.47 -3.38 58.03
C LEU DA 30 -99.07 -2.98 57.56
N VAL DA 31 -98.46 -3.81 56.72
CA VAL DA 31 -97.10 -3.54 56.27
C VAL DA 31 -96.85 -3.98 54.85
N VAL DA 32 -96.84 -3.02 53.92
CA VAL DA 32 -96.50 -3.32 52.54
C VAL DA 32 -94.98 -3.44 52.39
N ILE DA 33 -94.55 -4.28 51.45
CA ILE DA 33 -93.14 -4.45 51.17
C ILE DA 33 -92.90 -4.62 49.69
N SER DA 34 -92.23 -3.65 49.07
CA SER DA 34 -91.91 -3.77 47.66
C SER DA 34 -90.95 -4.92 47.43
N SER DA 35 -91.02 -5.48 46.23
CA SER DA 35 -90.19 -6.62 45.85
C SER DA 35 -88.71 -6.26 45.91
N ASN DA 36 -88.44 -4.97 45.80
CA ASN DA 36 -87.09 -4.46 45.67
C ASN DA 36 -86.27 -4.66 46.94
N CYS DA 37 -86.97 -4.95 48.04
CA CYS DA 37 -86.30 -5.09 49.32
C CYS DA 37 -85.29 -6.22 49.30
N PRO DA 38 -84.07 -5.94 49.77
CA PRO DA 38 -83.08 -7.01 49.91
C PRO DA 38 -83.56 -8.02 50.93
N PRO DA 39 -83.26 -9.31 50.71
CA PRO DA 39 -83.82 -10.39 51.51
C PRO DA 39 -83.54 -10.29 53.02
N ILE DA 40 -82.39 -9.78 53.45
CA ILE DA 40 -82.13 -9.70 54.88
C ILE DA 40 -82.80 -8.48 55.50
N ARG DA 41 -82.97 -7.42 54.71
CA ARG DA 41 -83.75 -6.30 55.19
C ARG DA 41 -85.20 -6.71 55.25
N LYS DA 42 -85.68 -7.25 54.14
CA LYS DA 42 -87.07 -7.67 54.02
C LYS DA 42 -87.43 -8.77 55.00
N ALA DA 43 -86.49 -9.65 55.30
CA ALA DA 43 -86.77 -10.69 56.27
C ALA DA 43 -86.97 -10.10 57.65
N GLU DA 44 -86.29 -8.99 57.90
CA GLU DA 44 -86.32 -8.39 59.22
C GLU DA 44 -87.66 -7.78 59.56
N ILE DA 45 -88.23 -7.04 58.61
CA ILE DA 45 -89.61 -6.63 58.73
C ILE DA 45 -90.53 -7.83 58.70
N GLU DA 46 -90.14 -8.84 57.94
CA GLU DA 46 -90.91 -10.07 57.83
C GLU DA 46 -90.96 -10.78 59.17
N TYR DA 47 -89.99 -10.46 60.03
CA TYR DA 47 -89.86 -11.17 61.29
C TYR DA 47 -90.53 -10.43 62.43
N TYR DA 48 -90.39 -9.11 62.45
CA TYR DA 48 -91.20 -8.29 63.32
C TYR DA 48 -92.66 -8.48 62.96
N CYS DA 49 -92.93 -8.58 61.66
CA CYS DA 49 -94.30 -8.60 61.17
C CYS DA 49 -95.01 -9.86 61.66
N THR DA 50 -94.23 -10.88 62.00
CA THR DA 50 -94.78 -12.07 62.60
C THR DA 50 -94.96 -11.92 64.10
N LEU DA 51 -94.01 -11.28 64.76
CA LEU DA 51 -94.10 -11.06 66.20
C LEU DA 51 -95.20 -10.09 66.59
N SER DA 52 -95.51 -9.15 65.70
CA SER DA 52 -96.57 -8.19 65.96
C SER DA 52 -97.93 -8.75 65.56
N LYS DA 53 -97.92 -9.91 64.92
CA LYS DA 53 -99.13 -10.48 64.39
C LYS DA 53 -99.77 -9.49 63.43
N THR DA 54 -98.93 -8.64 62.84
CA THR DA 54 -99.38 -7.66 61.86
C THR DA 54 -99.63 -8.31 60.51
N PRO DA 55 -100.63 -7.81 59.79
CA PRO DA 55 -100.89 -8.22 58.42
C PRO DA 55 -99.68 -7.89 57.56
N MET DA 56 -99.37 -8.75 56.61
CA MET DA 56 -98.19 -8.56 55.77
C MET DA 56 -98.57 -8.66 54.30
N HIS DA 57 -98.17 -7.66 53.52
CA HIS DA 57 -98.47 -7.70 52.10
C HIS DA 57 -97.25 -7.37 51.27
N HIS DA 58 -96.60 -8.41 50.75
CA HIS DA 58 -95.56 -8.21 49.77
C HIS DA 58 -96.19 -7.54 48.56
N TYR DA 59 -95.48 -6.58 47.98
CA TYR DA 59 -96.04 -5.76 46.92
C TYR DA 59 -95.28 -5.95 45.62
N VAL DA 60 -90.74 -0.08 51.61
CA VAL DA 60 -91.54 -0.47 52.78
C VAL DA 60 -92.56 0.60 53.16
N LEU DA 61 -93.77 0.15 53.48
CA LEU DA 61 -94.80 1.06 53.92
C LEU DA 61 -95.61 0.44 55.04
N SER DA 62 -95.92 1.22 56.06
CA SER DA 62 -96.74 0.75 57.16
C SER DA 62 -97.90 1.68 57.41
N ILE DA 63 -99.08 1.12 57.61
CA ILE DA 63 -100.27 1.93 57.85
C ILE DA 63 -100.70 1.78 59.31
N THR DA 64 -100.28 2.74 60.14
CA THR DA 64 -100.62 2.67 61.54
C THR DA 64 -102.11 2.76 61.78
N ASP DA 65 -102.75 3.70 61.09
CA ASP DA 65 -104.18 3.92 61.28
C ASP DA 65 -104.92 4.07 59.96
N VAL DA 66 -106.14 3.55 59.92
CA VAL DA 66 -106.96 3.63 58.72
C VAL DA 66 -108.16 2.69 58.82
N ALA EA 1 26.99 72.97 26.60
CA ALA EA 1 26.06 74.16 26.61
C ALA EA 1 26.16 75.08 25.37
N LEU EA 2 26.67 74.56 24.25
CA LEU EA 2 26.81 75.35 23.02
C LEU EA 2 25.45 75.59 22.38
N LEU EA 3 24.56 74.59 22.50
CA LEU EA 3 23.19 74.70 22.00
C LEU EA 3 22.36 75.78 22.70
N ASP EA 4 22.52 75.91 24.02
CA ASP EA 4 21.84 76.97 24.79
C ASP EA 4 22.33 78.34 24.38
N ALA EA 5 23.64 78.46 24.18
CA ALA EA 5 24.25 79.67 23.63
C ALA EA 5 23.84 79.90 22.17
N ARG EA 6 23.82 78.83 21.38
CA ARG EA 6 23.40 78.87 19.97
C ARG EA 6 21.93 79.25 19.80
N LYS EA 7 21.08 78.77 20.72
CA LYS EA 7 19.65 79.11 20.75
C LYS EA 7 19.41 80.58 21.08
N LYS EA 8 20.30 81.17 21.87
CA LYS EA 8 20.26 82.60 22.21
C LYS EA 8 20.57 83.49 20.99
N ALA EA 9 21.55 83.06 20.20
CA ALA EA 9 21.82 83.67 18.88
C ALA EA 9 20.61 83.46 17.95
N ILE EA 10 20.00 82.28 18.03
CA ILE EA 10 18.77 81.97 17.29
C ILE EA 10 17.56 82.81 17.73
N ALA EA 11 17.50 83.18 19.00
CA ALA EA 11 16.49 84.14 19.48
C ALA EA 11 16.74 85.54 18.89
N SER EA 12 18.02 85.91 18.80
CA SER EA 12 18.45 87.15 18.12
C SER EA 12 18.17 87.13 16.62
N ARG EA 13 18.27 85.96 15.99
CA ARG EA 13 17.90 85.76 14.57
C ARG EA 13 16.53 86.36 14.23
N LYS EA 14 15.58 86.20 15.16
CA LYS EA 14 14.29 86.86 15.08
C LYS EA 14 14.39 88.30 15.58
N ALA EA 15 14.96 88.51 16.77
CA ALA EA 15 15.08 89.86 17.36
C ALA EA 15 15.86 90.87 16.50
N ARG EA 16 16.76 90.38 15.66
CA ARG EA 16 17.49 91.22 14.70
C ARG EA 16 16.56 91.70 13.59
N ASP EA 17 15.90 90.74 12.94
CA ASP EA 17 14.90 91.02 11.91
C ASP EA 17 13.62 91.66 12.48
N ASP EA 18 13.22 91.20 13.67
CA ASP EA 18 12.00 91.69 14.34
C ASP EA 18 12.14 93.15 14.77
N ARG EA 19 13.30 93.51 15.33
CA ARG EA 19 13.54 94.88 15.79
C ARG EA 19 13.53 95.88 14.63
N ARG EA 20 14.17 95.50 13.53
CA ARG EA 20 14.21 96.33 12.31
C ARG EA 20 12.84 96.52 11.68
N TRP EA 21 12.05 95.45 11.67
CA TRP EA 21 10.72 95.46 11.07
C TRP EA 21 9.70 96.33 11.83
N LYS EA 22 9.80 96.35 13.16
CA LYS EA 22 8.88 97.14 14.00
C LYS EA 22 8.97 98.64 13.74
N ARG EA 23 10.20 99.12 13.53
CA ARG EA 23 10.45 100.54 13.22
C ARG EA 23 9.87 100.95 11.86
N VAL EA 24 10.02 100.09 10.86
CA VAL EA 24 9.49 100.35 9.51
C VAL EA 24 7.95 100.38 9.48
N LEU EA 25 7.33 99.48 10.24
CA LEU EA 25 5.87 99.46 10.39
C LEU EA 25 5.34 100.69 11.14
N ALA EA 26 6.11 101.19 12.10
CA ALA EA 26 5.79 102.43 12.79
C ALA EA 26 5.85 103.64 11.85
N LYS EA 27 6.82 103.63 10.93
CA LYS EA 27 6.92 104.65 9.89
C LYS EA 27 5.70 104.64 8.97
N MET EA 28 5.25 103.44 8.59
CA MET EA 28 4.09 103.26 7.73
C MET EA 28 2.93 102.63 8.50
N ASN EA 41 -7.24 99.48 6.71
CA ASN EA 41 -7.53 99.95 8.06
C ASN EA 41 -7.45 98.85 9.12
N THR EA 42 -7.76 97.61 8.72
CA THR EA 42 -7.64 96.43 9.59
C THR EA 42 -6.32 95.68 9.43
N ALA EA 43 -5.38 96.26 8.68
CA ALA EA 43 -4.08 95.65 8.41
C ALA EA 43 -3.31 95.37 9.70
N GLU EA 44 -2.55 94.28 9.71
CA GLU EA 44 -1.78 93.86 10.87
C GLU EA 44 -0.59 94.79 11.13
N HIS EA 45 -0.42 95.17 12.39
CA HIS EA 45 0.65 96.05 12.86
C HIS EA 45 1.11 95.56 14.23
N SER EA 46 2.26 96.03 14.70
CA SER EA 46 2.79 95.61 16.01
C SER EA 46 1.87 95.98 17.18
N ARG EA 47 1.23 97.15 17.08
CA ARG EA 47 0.30 97.64 18.11
C ARG EA 47 -1.19 97.38 17.80
N VAL EA 48 -1.48 96.71 16.67
CA VAL EA 48 -2.86 96.48 16.21
C VAL EA 48 -3.66 95.57 17.15
N ARG EA 49 -3.06 94.45 17.57
CA ARG EA 49 -3.73 93.49 18.44
C ARG EA 49 -2.75 92.63 19.24
N GLY EA 50 -0.81 88.29 19.34
CA GLY EA 50 -0.75 89.64 19.88
C GLY EA 50 0.31 90.50 19.15
N ILE EA 51 1.57 90.42 19.58
CA ILE EA 51 2.68 91.10 18.91
C ILE EA 51 2.97 90.37 17.60
N THR EA 52 2.93 91.10 16.49
CA THR EA 52 3.00 90.49 15.15
C THR EA 52 4.33 89.78 14.86
N ARG EA 53 5.44 90.39 15.28
CA ARG EA 53 6.79 89.87 14.98
C ARG EA 53 7.15 88.61 15.76
N ALA EA 54 6.90 88.64 17.06
CA ALA EA 54 7.30 87.56 17.96
C ALA EA 54 6.61 86.25 17.61
N ALA EA 55 7.32 85.15 17.83
CA ALA EA 55 6.74 83.81 17.68
C ALA EA 55 5.70 83.57 18.77
N LEU EA 56 4.86 82.55 18.58
CA LEU EA 56 3.85 82.18 19.57
C LEU EA 56 4.43 81.87 20.95
N ARG EA 57 5.57 81.17 20.95
CA ARG EA 57 6.27 80.76 22.18
C ARG EA 57 7.33 81.76 22.70
N LYS EA 58 7.44 82.93 22.09
CA LYS EA 58 8.33 84.00 22.56
C LYS EA 58 7.93 84.58 23.94
N ARG EA 59 6.64 84.48 24.28
CA ARG EA 59 6.10 84.98 25.55
C ARG EA 59 6.66 84.30 26.80
N THR EA 60 6.91 82.98 26.71
CA THR EA 60 7.47 82.22 27.84
C THR EA 60 8.81 82.81 28.27
N GLY EA 61 13.08 75.49 32.26
CA GLY EA 61 12.08 76.07 33.16
C GLY EA 61 12.19 75.55 34.58
N ARG EA 62 12.14 74.22 34.70
CA ARG EA 62 12.24 73.52 35.99
C ARG EA 62 11.32 74.16 37.04
N LYS EA 63 10.02 74.01 36.79
CA LYS EA 63 8.99 74.35 37.79
C LYS EA 63 9.20 73.44 38.99
N PRO EA 64 8.81 73.89 40.19
CA PRO EA 64 9.12 73.05 41.34
C PRO EA 64 8.60 71.63 41.12
N ASP EA 65 9.49 70.64 41.23
CA ASP EA 65 9.14 69.27 40.90
C ASP EA 65 8.21 68.69 41.97
N ASN EA 66 7.24 69.66 42.24
CA ASN EA 66 6.20 69.36 43.20
C ASN EA 66 5.07 70.37 43.03
N ILE EA 67 4.12 70.07 42.17
CA ILE EA 67 3.02 71.00 41.89
C ILE EA 67 1.64 70.35 41.94
N THR EA 68 0.60 71.16 41.81
CA THR EA 68 -0.78 70.70 41.85
C THR EA 68 -1.61 71.37 40.77
N MET EA 69 -1.44 70.96 39.53
CA MET EA 69 -2.27 71.52 38.47
C MET EA 69 -3.72 71.11 38.64
N GLU EA 70 -4.61 71.95 38.14
CA GLU EA 70 -6.03 71.64 38.10
C GLU EA 70 -6.59 72.06 36.76
N ALA EA 71 -6.86 71.10 35.89
CA ALA EA 71 -7.29 71.42 34.55
C ALA EA 71 -8.44 70.55 34.08
N THR EA 72 -9.37 71.13 33.35
CA THR EA 72 -10.46 70.38 32.76
C THR EA 72 -9.94 69.43 31.68
N ILE EA 73 -10.44 68.21 31.67
CA ILE EA 73 -10.16 67.31 30.57
C ILE EA 73 -11.42 67.01 29.81
N HIS EA 74 -11.49 67.49 28.59
CA HIS EA 74 -12.68 67.32 27.77
C HIS EA 74 -12.72 65.92 27.20
N LEU EA 75 -13.28 64.99 27.96
CA LEU EA 75 -13.26 63.59 27.58
C LEU EA 75 -14.03 63.27 26.32
N SER EA 76 -15.14 63.97 26.10
CA SER EA 76 -16.07 63.53 25.08
C SER EA 76 -15.46 63.57 23.70
N LYS EA 77 -14.57 64.53 23.47
CA LYS EA 77 -13.79 64.56 22.24
C LYS EA 77 -12.84 63.40 22.22
N LEU EA 78 -12.45 62.99 23.41
CA LEU EA 78 -11.44 61.98 23.60
C LEU EA 78 -12.02 60.57 23.60
N LEU EA 79 -13.35 60.47 23.56
CA LEU EA 79 -14.04 59.18 23.54
C LEU EA 79 -15.06 59.04 22.46
N LYS EA 80 -15.14 59.99 21.55
CA LYS EA 80 -16.20 59.97 20.55
C LYS EA 80 -16.09 58.70 19.74
N ARG EA 81 -17.23 58.06 19.52
CA ARG EA 81 -17.31 56.83 18.74
C ARG EA 81 -16.39 55.74 19.22
N LYS EA 82 -16.08 55.72 20.51
CA LYS EA 82 -15.40 54.57 21.08
C LYS EA 82 -16.42 53.49 21.38
N THR EA 83 -15.97 52.25 21.40
CA THR EA 83 -16.86 51.15 21.73
C THR EA 83 -17.39 51.41 23.09
N PHE EA 84 -18.69 51.26 23.27
CA PHE EA 84 -19.34 51.73 24.47
C PHE EA 84 -18.83 51.12 25.74
N HIS EA 85 -18.72 49.80 25.77
CA HIS EA 85 -18.27 49.12 26.96
C HIS EA 85 -16.77 49.13 27.09
N LYS EA 86 -16.11 49.98 26.32
CA LYS EA 86 -14.70 50.24 26.55
C LYS EA 86 -14.46 51.68 26.93
N ARG EA 87 -15.52 52.47 27.07
CA ARG EA 87 -15.34 53.90 27.26
C ARG EA 87 -14.64 54.22 28.55
N ALA EA 88 -15.14 53.68 29.66
CA ALA EA 88 -14.61 53.98 30.98
C ALA EA 88 -13.16 53.60 31.15
N PRO EA 89 -12.78 52.38 30.78
CA PRO EA 89 -11.39 51.96 30.87
C PRO EA 89 -10.44 52.82 30.07
N ILE EA 90 -10.90 53.35 28.94
CA ILE EA 90 -10.04 54.19 28.13
C ILE EA 90 -10.23 55.64 28.49
N ALA EA 91 -11.32 55.99 29.14
CA ALA EA 91 -11.44 57.31 29.71
C ALA EA 91 -10.37 57.44 30.74
N ILE EA 92 -10.01 56.32 31.33
CA ILE EA 92 -9.03 56.28 32.37
C ILE EA 92 -7.62 56.17 31.86
N LYS EA 93 -7.45 55.45 30.75
CA LYS EA 93 -6.15 55.42 30.07
C LYS EA 93 -5.80 56.77 29.47
N ARG EA 94 -6.81 57.53 29.09
CA ARG EA 94 -6.59 58.81 28.43
C ARG EA 94 -6.38 59.91 29.43
N ILE EA 95 -7.06 59.83 30.56
CA ILE EA 95 -6.84 60.80 31.61
C ILE EA 95 -5.44 60.67 32.13
N LYS EA 96 -4.87 59.48 32.04
CA LYS EA 96 -3.45 59.33 32.36
C LYS EA 96 -2.56 59.85 31.25
N ALA EA 97 -2.89 59.57 30.00
CA ALA EA 97 -2.10 60.09 28.90
C ALA EA 97 -2.18 61.60 28.84
N PHE EA 98 -3.33 62.13 29.21
CA PHE EA 98 -3.53 63.56 29.25
C PHE EA 98 -2.63 64.21 30.25
N VAL EA 99 -2.42 63.53 31.36
CA VAL EA 99 -1.77 64.13 32.52
C VAL EA 99 -0.29 63.82 32.50
N ALA EA 100 0.07 62.78 31.78
CA ALA EA 100 1.48 62.44 31.62
C ALA EA 100 2.19 63.50 30.81
N ARG EA 101 1.45 64.14 29.91
CA ARG EA 101 2.00 65.24 29.13
C ARG EA 101 2.35 66.45 29.97
N LEU EA 102 1.62 66.64 31.06
CA LEU EA 102 1.83 67.84 31.83
C LEU EA 102 2.92 67.57 32.83
N MET EA 103 2.70 66.55 33.63
CA MET EA 103 3.61 66.24 34.71
C MET EA 103 4.84 65.51 34.22
N LYS EA 104 4.85 65.11 32.96
CA LYS EA 104 5.99 64.43 32.38
C LYS EA 104 6.36 63.20 33.20
N THR EA 105 5.34 62.55 33.74
CA THR EA 105 5.50 61.45 34.67
C THR EA 105 5.11 60.13 34.04
N LYS EA 106 5.94 59.12 34.21
CA LYS EA 106 5.58 57.78 33.74
C LYS EA 106 4.71 57.09 34.78
N ASP EA 107 4.60 57.70 35.95
CA ASP EA 107 3.86 57.12 37.06
C ASP EA 107 2.74 58.02 37.56
N ASN EA 108 1.67 58.12 36.80
CA ASN EA 108 0.44 58.76 37.25
C ASN EA 108 -0.37 57.84 38.15
N ARG EA 109 -1.20 58.39 39.02
CA ARG EA 109 -2.05 57.57 39.86
C ARG EA 109 -3.46 58.12 39.95
N ILE EA 110 -4.43 57.33 39.53
CA ILE EA 110 -5.82 57.77 39.56
C ILE EA 110 -6.51 57.37 40.85
N ASP EA 111 -6.72 58.34 41.73
CA ASP EA 111 -7.30 58.09 43.04
C ASP EA 111 -8.76 57.67 42.93
N ALA EA 112 -9.32 57.19 44.03
CA ALA EA 112 -10.69 56.69 44.01
C ALA EA 112 -11.67 57.76 43.60
N SER EA 113 -11.33 59.01 43.87
CA SER EA 113 -12.20 60.12 43.53
C SER EA 113 -12.40 60.21 42.04
N LEU EA 114 -11.37 59.89 41.28
CA LEU EA 114 -11.43 60.06 39.85
C LEU EA 114 -11.78 58.77 39.14
N ASN EA 115 -11.47 57.64 39.74
CA ASN EA 115 -11.89 56.42 39.11
C ASN EA 115 -13.40 56.27 39.19
N THR EA 116 -13.99 56.64 40.32
CA THR EA 116 -15.42 56.53 40.48
C THR EA 116 -16.16 57.48 39.59
N TYR EA 117 -15.58 58.65 39.34
CA TYR EA 117 -16.25 59.63 38.52
C TYR EA 117 -16.25 59.22 37.06
N VAL EA 118 -15.13 58.69 36.60
CA VAL EA 118 -15.04 58.23 35.23
C VAL EA 118 -16.02 57.10 35.07
N TRP EA 119 -16.27 56.39 36.16
CA TRP EA 119 -17.09 55.20 36.15
C TRP EA 119 -18.51 55.34 36.67
N HIS EA 120 -18.87 56.48 37.26
CA HIS EA 120 -20.10 56.49 38.04
C HIS EA 120 -21.33 56.41 37.16
N LYS EA 121 -21.19 56.65 35.87
CA LYS EA 121 -22.28 56.46 34.95
C LYS EA 121 -22.08 55.16 34.19
N GLY EA 122 -21.26 54.29 34.75
CA GLY EA 122 -20.95 53.01 34.15
C GLY EA 122 -19.91 53.11 33.06
N VAL EA 123 -19.65 52.01 32.36
CA VAL EA 123 -18.61 52.01 31.36
C VAL EA 123 -18.82 53.03 30.29
N LYS EA 124 -20.00 53.04 29.69
CA LYS EA 124 -20.21 53.86 28.52
C LYS EA 124 -20.74 55.24 28.85
N GLY EA 125 -21.04 55.47 30.11
CA GLY EA 125 -21.72 56.68 30.52
C GLY EA 125 -20.75 57.74 30.92
N VAL EA 126 -19.51 57.62 30.46
CA VAL EA 126 -18.43 58.43 30.95
C VAL EA 126 -18.76 59.89 30.76
N PRO EA 127 -18.52 60.69 31.80
CA PRO EA 127 -18.89 62.10 31.76
C PRO EA 127 -18.13 62.84 30.69
N GLY EA 128 -18.78 63.86 30.13
CA GLY EA 128 -18.24 64.57 28.99
C GLY EA 128 -16.92 65.23 29.30
N ARG EA 129 -16.76 65.66 30.54
CA ARG EA 129 -15.57 66.40 30.91
C ARG EA 129 -15.19 66.00 32.32
N VAL EA 130 -13.99 66.37 32.75
CA VAL EA 130 -13.61 66.15 34.13
C VAL EA 130 -12.60 67.18 34.54
N ARG EA 131 -12.74 67.65 35.76
CA ARG EA 131 -11.83 68.64 36.30
C ARG EA 131 -10.88 67.90 37.22
N VAL EA 132 -9.80 67.38 36.67
CA VAL EA 132 -8.83 66.66 37.50
C VAL EA 132 -8.01 67.61 38.33
N HIS EA 133 -7.58 67.12 39.48
CA HIS EA 133 -6.71 67.85 40.37
C HIS EA 133 -5.40 67.11 40.52
N VAL EA 134 -4.64 67.06 39.45
CA VAL EA 134 -3.37 66.36 39.42
C VAL EA 134 -2.31 66.96 40.33
N GLU EA 135 -1.42 66.13 40.87
CA GLU EA 135 -0.36 66.59 41.76
C GLU EA 135 0.92 65.74 41.67
N ARG EA 136 1.98 66.25 41.06
CA ARG EA 136 3.27 65.57 41.15
C ARG EA 136 3.92 65.62 42.52
N LYS EA 137 4.55 64.51 42.87
CA LYS EA 137 5.21 64.37 44.15
C LYS EA 137 6.59 63.77 43.95
N SER EA 138 7.52 64.24 44.76
CA SER EA 138 8.89 63.75 44.76
C SER EA 138 9.04 62.47 45.56
N GLU EA 139 10.06 61.70 45.22
CA GLU EA 139 10.55 60.63 46.08
C GLU EA 139 11.65 59.84 45.40
N LYS EA 147 9.40 56.10 38.42
CA LYS EA 147 8.41 56.28 39.48
C LYS EA 147 8.93 57.22 40.56
N HIS EA 148 10.10 57.81 40.30
CA HIS EA 148 10.72 58.76 41.22
C HIS EA 148 9.82 59.95 41.49
N PHE EA 149 9.39 60.62 40.42
CA PHE EA 149 8.28 61.54 40.49
C PHE EA 149 7.02 60.79 40.13
N TYR EA 150 5.97 60.99 40.91
CA TYR EA 150 4.69 60.35 40.63
C TYR EA 150 3.58 61.35 40.76
N THR EA 151 2.54 61.15 39.97
CA THR EA 151 1.39 62.01 39.97
C THR EA 151 0.18 61.33 40.58
N VAL EA 152 -0.59 62.05 41.38
CA VAL EA 152 -1.86 61.52 41.85
C VAL EA 152 -2.99 62.36 41.26
N ILE EA 153 -3.83 61.72 40.46
CA ILE EA 153 -4.85 62.43 39.71
C ILE EA 153 -6.20 62.46 40.39
N SER EA 154 -6.48 63.48 41.18
CA SER EA 154 -7.77 63.57 41.87
C SER EA 154 -8.89 64.16 41.02
N ASN EA 155 -10.13 63.87 41.36
CA ASN EA 155 -11.27 64.60 40.84
C ASN EA 155 -11.49 65.95 41.51
N VAL EA 156 -12.06 66.88 40.77
CA VAL EA 156 -12.42 68.18 41.30
C VAL EA 156 -13.86 68.47 40.96
N PRO EA 157 -14.80 67.94 41.75
CA PRO EA 157 -16.21 68.00 41.41
C PRO EA 157 -16.67 69.43 41.30
N VAL EA 158 -17.56 69.68 40.35
CA VAL EA 158 -17.90 71.04 40.01
C VAL EA 158 -19.29 71.09 39.39
N ALA EA 159 -20.03 72.15 39.68
CA ALA EA 159 -21.37 72.31 39.15
C ALA EA 159 -21.38 72.57 37.65
N SER EA 160 -20.32 73.19 37.15
CA SER EA 160 -20.23 73.45 35.72
C SER EA 160 -18.80 73.73 35.27
N PHE EA 161 -18.46 73.25 34.08
CA PHE EA 161 -17.09 73.38 33.57
C PHE EA 161 -16.87 74.66 32.84
N LYS EA 162 -17.93 75.43 32.65
CA LYS EA 162 -17.83 76.64 31.87
C LYS EA 162 -16.86 77.61 32.47
N ASN EA 163 -16.09 78.24 31.60
CA ASN EA 163 -15.29 79.36 31.99
C ASN EA 163 -14.22 78.94 32.98
N LEU EA 164 -14.09 77.64 33.20
CA LEU EA 164 -12.95 77.09 33.92
C LEU EA 164 -11.72 77.02 33.03
N THR EA 165 -10.54 77.09 33.61
CA THR EA 165 -9.32 76.95 32.81
C THR EA 165 -8.26 76.29 33.66
N THR EA 166 -7.26 75.70 33.02
CA THR EA 166 -6.19 75.05 33.76
C THR EA 166 -5.44 76.03 34.66
N LYS EA 167 -5.20 75.60 35.89
CA LYS EA 167 -4.67 76.46 36.95
C LYS EA 167 -3.49 75.83 37.65
N VAL EA 168 -2.32 75.84 37.03
CA VAL EA 168 -1.16 75.22 37.64
C VAL EA 168 -0.76 75.94 38.92
N THR EA 169 -0.32 75.21 39.92
CA THR EA 169 0.04 75.83 41.19
C THR EA 169 1.30 75.19 41.77
N VAL FA 1 49.22 8.86 -16.99
CA VAL FA 1 48.22 9.81 -17.47
C VAL FA 1 46.85 9.16 -17.64
N LYS FA 2 45.99 9.38 -16.65
CA LYS FA 2 44.72 8.68 -16.50
C LYS FA 2 43.71 9.03 -17.57
N LYS FA 3 42.89 8.06 -17.94
CA LYS FA 3 41.72 8.31 -18.78
C LYS FA 3 40.87 9.37 -18.12
N ARG FA 4 40.18 8.96 -17.08
CA ARG FA 4 39.28 9.83 -16.34
C ARG FA 4 39.78 10.05 -14.94
N THR FA 5 39.86 11.29 -14.51
CA THR FA 5 40.25 11.57 -13.15
C THR FA 5 39.08 11.75 -12.23
N LYS FA 6 37.90 12.03 -12.77
CA LYS FA 6 36.71 12.19 -11.95
C LYS FA 6 36.15 10.86 -11.46
N ARG FA 7 35.49 10.88 -10.30
CA ARG FA 7 34.72 9.74 -9.88
C ARG FA 7 33.53 9.54 -10.80
N PHE FA 8 33.11 8.30 -10.98
CA PHE FA 8 31.83 8.03 -11.61
C PHE FA 8 30.81 8.00 -10.52
N THR FA 9 30.20 9.15 -10.26
CA THR FA 9 29.27 9.30 -9.18
C THR FA 9 27.90 8.77 -9.54
N ARG FA 10 27.14 8.40 -8.52
CA ARG FA 10 25.77 7.95 -8.74
C ARG FA 10 24.95 9.11 -9.25
N HIS FA 11 23.98 8.81 -10.09
CA HIS FA 11 23.12 9.86 -10.60
C HIS FA 11 22.30 10.46 -9.48
N LYS FA 12 22.25 11.79 -9.48
CA LYS FA 12 21.53 12.58 -8.48
C LYS FA 12 21.96 12.31 -7.05
N CYS FA 13 23.24 12.05 -6.82
CA CYS FA 13 23.73 11.97 -5.46
C CYS FA 13 23.69 13.36 -4.83
N GLU FA 14 23.81 14.36 -5.68
CA GLU FA 14 23.94 15.75 -5.23
C GLU FA 14 22.66 16.31 -4.64
N LEU FA 15 21.52 15.74 -5.01
CA LEU FA 15 20.25 16.23 -4.50
C LEU FA 15 19.85 15.54 -3.19
N PHE FA 16 20.32 14.32 -3.02
CA PHE FA 16 19.88 13.49 -1.90
C PHE FA 16 21.03 13.17 -0.98
N PRO FA 17 21.04 13.80 0.20
CA PRO FA 17 22.15 13.72 1.14
C PRO FA 17 22.45 12.30 1.53
N GLN FA 18 21.41 11.48 1.61
CA GLN FA 18 21.59 10.10 1.98
C GLN FA 18 22.34 9.26 0.98
N LEU FA 19 22.13 9.54 -0.29
CA LEU FA 19 22.82 8.78 -1.32
C LEU FA 19 24.30 8.98 -1.19
N SER FA 20 25.05 7.89 -1.23
CA SER FA 20 26.49 7.99 -1.26
C SER FA 20 26.87 8.37 -2.66
N SER FA 21 28.04 8.96 -2.83
CA SER FA 21 28.51 9.33 -4.14
C SER FA 21 28.89 8.09 -4.93
N SER FA 22 29.03 6.97 -4.24
CA SER FA 22 29.49 5.75 -4.88
C SER FA 22 28.53 5.27 -5.93
N TRP FA 23 29.11 4.80 -7.02
CA TRP FA 23 28.40 4.40 -8.21
C TRP FA 23 27.41 3.25 -8.06
N ARG FA 24 26.22 3.46 -8.60
CA ARG FA 24 25.24 2.41 -8.85
C ARG FA 24 24.86 2.51 -10.31
N LYS FA 25 24.80 1.40 -11.03
CA LYS FA 25 24.35 1.48 -12.41
C LYS FA 25 22.90 1.86 -12.45
N PRO FA 26 22.59 2.90 -13.21
CA PRO FA 26 21.24 3.41 -13.38
C PRO FA 26 20.35 2.38 -14.04
N ARG FA 27 19.09 2.36 -13.65
CA ARG FA 27 18.16 1.45 -14.27
C ARG FA 27 16.84 2.20 -14.35
N GLY FA 28 15.95 1.70 -15.17
CA GLY FA 28 14.70 2.38 -15.40
C GLY FA 28 14.79 2.79 -16.82
N GLU FA 29 13.74 2.57 -17.61
CA GLU FA 29 13.87 2.81 -19.03
C GLU FA 29 14.27 4.23 -19.21
N ASP FA 30 13.68 5.07 -18.40
CA ASP FA 30 13.68 6.48 -18.65
C ASP FA 30 14.86 7.15 -18.03
N SER FA 31 15.82 6.38 -17.54
CA SER FA 31 16.98 6.98 -16.91
C SER FA 31 17.75 7.70 -18.00
N PRO FA 32 17.94 9.02 -17.82
CA PRO FA 32 18.73 9.81 -18.76
C PRO FA 32 20.16 9.32 -18.85
N VAL FA 33 20.67 8.78 -17.76
CA VAL FA 33 22.04 8.34 -17.67
C VAL FA 33 22.31 6.98 -18.29
N ARG FA 34 21.39 6.02 -18.16
CA ARG FA 34 21.63 4.75 -18.82
C ARG FA 34 21.22 4.76 -20.27
N ARG FA 35 20.37 5.71 -20.64
CA ARG FA 35 19.97 5.91 -22.02
C ARG FA 35 21.05 6.75 -22.64
N ARG FA 36 21.96 7.19 -21.78
CA ARG FA 36 23.19 7.86 -22.16
C ARG FA 36 23.03 9.04 -23.10
N TYR FA 37 22.08 9.91 -22.75
CA TYR FA 37 21.93 11.21 -23.39
C TYR FA 37 23.19 11.99 -23.16
N LYS FA 38 23.57 12.87 -24.09
CA LYS FA 38 24.90 13.43 -24.05
C LYS FA 38 25.20 14.39 -22.89
N GLY FA 39 24.21 15.09 -22.38
CA GLY FA 39 24.46 16.06 -21.33
C GLY FA 39 24.54 15.47 -19.94
N GLN FA 40 24.33 14.16 -19.85
CA GLN FA 40 24.23 13.47 -18.58
C GLN FA 40 25.56 12.95 -18.07
N LYS FA 41 25.55 12.44 -16.85
CA LYS FA 41 26.70 11.78 -16.29
C LYS FA 41 27.06 10.54 -17.07
N ALA FA 42 28.34 10.20 -17.05
CA ALA FA 42 28.84 9.00 -17.69
C ALA FA 42 28.68 7.78 -16.83
N MET FA 43 28.71 6.62 -17.45
CA MET FA 43 28.80 5.37 -16.73
C MET FA 43 30.17 4.76 -16.94
N PRO FA 44 30.68 4.06 -15.92
CA PRO FA 44 31.93 3.33 -16.01
C PRO FA 44 31.85 2.25 -17.04
N ASN FA 45 32.93 2.03 -17.74
CA ASN FA 45 32.99 0.88 -18.59
C ASN FA 45 34.41 0.54 -18.89
N LYS FA 46 34.57 -0.65 -19.45
CA LYS FA 46 35.84 -1.22 -19.77
C LYS FA 46 36.76 -0.24 -20.48
N GLY FA 47 36.18 0.73 -21.16
CA GLY FA 47 36.95 1.67 -21.94
C GLY FA 47 37.66 2.69 -21.10
N TYR FA 48 37.27 2.83 -19.84
CA TYR FA 48 37.98 3.73 -18.96
C TYR FA 48 39.06 3.01 -18.20
N GLY FA 49 39.38 1.78 -18.57
CA GLY FA 49 40.40 1.04 -17.87
C GLY FA 49 41.69 1.78 -18.04
N SER FA 50 42.50 1.82 -17.00
CA SER FA 50 43.73 2.55 -17.07
C SER FA 50 44.72 1.76 -17.89
N ASP FA 51 45.69 2.45 -18.45
CA ASP FA 51 46.76 1.81 -19.17
C ASP FA 51 47.41 0.81 -18.26
N ARG FA 52 47.74 -0.34 -18.80
CA ARG FA 52 47.92 -1.51 -17.96
C ARG FA 52 49.31 -1.69 -17.39
N LYS FA 53 50.27 -0.87 -17.81
CA LYS FA 53 51.60 -0.97 -17.23
C LYS FA 53 51.88 0.23 -16.35
N THR FA 54 50.95 1.17 -16.37
CA THR FA 54 51.01 2.31 -15.48
C THR FA 54 49.94 2.15 -14.43
N LYS FA 55 49.21 1.03 -14.52
CA LYS FA 55 48.10 0.79 -13.62
C LYS FA 55 48.59 0.46 -12.24
N TYR FA 56 47.88 0.92 -11.23
CA TYR FA 56 48.19 0.64 -9.84
C TYR FA 56 49.42 1.39 -9.36
N ILE FA 57 50.00 2.16 -10.25
CA ILE FA 57 51.21 2.90 -9.92
C ILE FA 57 50.92 4.29 -9.39
N THR FA 58 51.30 4.50 -8.14
CA THR FA 58 51.11 5.74 -7.42
C THR FA 58 52.08 6.78 -7.98
N PRO FA 59 51.77 8.08 -7.85
CA PRO FA 59 52.57 9.13 -8.49
C PRO FA 59 54.03 9.09 -8.08
N SER FA 60 54.30 8.54 -6.91
CA SER FA 60 55.67 8.23 -6.52
C SER FA 60 56.30 7.26 -7.51
N GLY FA 61 55.49 6.51 -8.23
CA GLY FA 61 56.00 5.55 -9.19
C GLY FA 61 56.06 4.16 -8.62
N PHE FA 62 55.72 4.06 -7.35
CA PHE FA 62 55.65 2.79 -6.68
C PHE FA 62 54.25 2.23 -6.65
N LYS FA 63 54.16 0.91 -6.71
CA LYS FA 63 52.94 0.23 -6.35
C LYS FA 63 52.95 0.08 -4.85
N ASN FA 64 51.87 0.48 -4.20
CA ASN FA 64 51.80 0.35 -2.76
C ASN FA 64 51.68 -1.08 -2.35
N PHE FA 65 52.36 -1.44 -1.28
CA PHE FA 65 52.17 -2.75 -0.72
C PHE FA 65 52.00 -2.60 0.77
N PRO FA 66 50.94 -3.19 1.32
CA PRO FA 66 50.63 -3.06 2.74
C PRO FA 66 51.74 -3.63 3.60
N ILE FA 67 52.00 -2.99 4.72
CA ILE FA 67 53.01 -3.44 5.66
C ILE FA 67 52.48 -3.32 7.08
N HIS FA 68 52.82 -4.29 7.91
CA HIS FA 68 52.24 -4.34 9.24
C HIS FA 68 53.30 -4.39 10.30
N ASN FA 69 54.45 -4.94 9.95
CA ASN FA 69 55.52 -5.11 10.92
C ASN FA 69 56.86 -5.08 10.24
N VAL FA 70 57.93 -5.12 11.03
CA VAL FA 70 59.27 -4.99 10.47
C VAL FA 70 59.65 -6.14 9.56
N GLN FA 71 59.09 -7.32 9.77
CA GLN FA 71 59.39 -8.45 8.89
C GLN FA 71 58.87 -8.26 7.46
N ASP FA 72 57.78 -7.51 7.31
CA ASP FA 72 57.20 -7.31 5.99
C ASP FA 72 58.14 -6.56 5.09
N LEU FA 73 59.04 -5.79 5.68
CA LEU FA 73 59.93 -4.93 4.93
C LEU FA 73 60.85 -5.71 4.05
N TYR FA 74 61.09 -6.96 4.41
CA TYR FA 74 61.99 -7.79 3.65
C TYR FA 74 61.29 -8.46 2.50
N MET FA 75 59.98 -8.30 2.47
CA MET FA 75 59.20 -8.79 1.36
C MET FA 75 59.43 -7.79 0.24
N LEU FA 76 59.97 -6.63 0.60
CA LEU FA 76 60.22 -5.55 -0.32
C LEU FA 76 61.69 -5.24 -0.46
N LEU FA 77 62.52 -6.08 0.14
CA LEU FA 77 63.95 -5.81 0.13
C LEU FA 77 64.50 -5.86 -1.28
N MET FA 78 64.14 -6.90 -2.03
CA MET FA 78 64.69 -7.08 -3.37
C MET FA 78 63.90 -6.39 -4.47
N GLN FA 79 62.70 -5.93 -4.18
CA GLN FA 79 61.91 -5.23 -5.18
C GLN FA 79 61.53 -3.87 -4.64
N ASN FA 80 62.51 -3.17 -4.10
CA ASN FA 80 62.28 -1.92 -3.44
C ASN FA 80 62.11 -0.76 -4.39
N ARG FA 81 62.47 -0.96 -5.65
CA ARG FA 81 62.17 0.03 -6.69
C ARG FA 81 60.85 -0.21 -7.35
N LYS FA 82 60.18 -1.30 -7.01
CA LYS FA 82 58.87 -1.54 -7.59
C LYS FA 82 57.76 -1.36 -6.58
N TYR FA 83 57.96 -1.83 -5.37
CA TYR FA 83 56.94 -1.72 -4.35
C TYR FA 83 57.33 -0.72 -3.30
N ALA FA 84 56.34 -0.03 -2.77
CA ALA FA 84 56.58 0.88 -1.66
C ALA FA 84 55.68 0.48 -0.54
N GLY FA 85 56.25 0.19 0.61
CA GLY FA 85 55.44 -0.19 1.73
C GLY FA 85 54.59 0.95 2.23
N VAL FA 86 53.31 0.69 2.38
CA VAL FA 86 52.45 1.61 3.06
C VAL FA 86 52.09 0.96 4.38
N ILE FA 87 52.54 1.55 5.48
CA ILE FA 87 52.34 0.93 6.78
C ILE FA 87 50.86 1.03 7.10
N SER FA 88 50.32 -0.03 7.66
CA SER FA 88 48.90 -0.08 7.96
C SER FA 88 48.54 0.99 8.96
N HIS FA 89 47.32 1.49 8.87
CA HIS FA 89 46.91 2.60 9.69
C HIS FA 89 46.92 2.28 11.16
N THR FA 90 46.80 1.01 11.50
CA THR FA 90 46.61 0.65 12.87
C THR FA 90 47.85 0.13 13.57
N VAL FA 91 48.99 0.06 12.88
CA VAL FA 91 50.21 -0.25 13.60
C VAL FA 91 50.47 0.90 14.53
N GLY FA 92 51.00 0.60 15.69
CA GLY FA 92 51.20 1.61 16.71
C GLY FA 92 52.26 2.57 16.25
N ALA FA 93 52.26 3.76 16.80
CA ALA FA 93 53.34 4.70 16.58
C ALA FA 93 54.55 4.09 17.20
N LYS FA 94 54.32 3.16 18.13
CA LYS FA 94 55.40 2.40 18.71
C LYS FA 94 56.12 1.62 17.65
N SER FA 95 55.38 0.69 17.07
CA SER FA 95 55.92 -0.21 16.08
C SER FA 95 56.39 0.54 14.83
N ARG FA 96 55.72 1.62 14.49
CA ARG FA 96 56.10 2.36 13.31
C ARG FA 96 57.47 2.97 13.46
N LYS FA 97 57.89 3.23 14.68
CA LYS FA 97 59.24 3.71 14.91
C LYS FA 97 60.20 2.65 14.43
N ALA FA 98 59.80 1.40 14.60
CA ALA FA 98 60.65 0.27 14.29
C ALA FA 98 60.63 -0.09 12.83
N ILE FA 99 59.46 0.01 12.22
CA ILE FA 99 59.33 -0.19 10.79
C ILE FA 99 60.08 0.90 10.06
N VAL FA 100 60.08 2.09 10.62
CA VAL FA 100 60.58 3.24 9.89
C VAL FA 100 62.08 3.37 9.93
N ARG FA 101 62.71 3.06 11.05
CA ARG FA 101 64.16 3.18 11.10
C ARG FA 101 64.76 1.95 10.48
N LYS FA 102 63.92 0.98 10.17
CA LYS FA 102 64.39 -0.19 9.46
C LYS FA 102 64.07 -0.12 7.97
N ALA FA 103 62.98 0.57 7.63
CA ALA FA 103 62.65 0.78 6.24
C ALA FA 103 63.61 1.80 5.67
N HIS FA 104 64.34 2.46 6.56
CA HIS FA 104 65.33 3.42 6.15
C HIS FA 104 66.65 2.71 5.87
N GLU FA 105 66.96 1.76 6.72
CA GLU FA 105 68.21 1.02 6.65
C GLU FA 105 68.21 0.13 5.43
N LEU FA 106 67.15 -0.64 5.25
CA LEU FA 106 66.86 -1.24 3.97
C LEU FA 106 66.46 -0.06 3.11
N ASP FA 107 66.70 -0.11 1.81
CA ASP FA 107 66.44 1.10 1.04
C ASP FA 107 65.00 1.10 0.54
N VAL FA 108 64.14 0.31 1.17
CA VAL FA 108 62.73 0.26 0.74
C VAL FA 108 61.95 1.54 1.03
N ARG FA 109 61.13 1.97 0.07
CA ARG FA 109 60.31 3.17 0.21
C ARG FA 109 59.12 2.95 1.12
N LEU FA 110 58.68 3.99 1.81
CA LEU FA 110 57.44 3.93 2.55
C LEU FA 110 56.56 5.11 2.24
N ILE FA 111 55.32 4.85 1.87
CA ILE FA 111 54.36 5.88 1.58
C ILE FA 111 54.04 6.78 2.76
N ASN FA 112 54.02 6.22 3.95
CA ASN FA 112 53.63 7.00 5.12
C ASN FA 112 54.62 6.93 6.26
N GLY FA 113 55.90 7.08 5.94
CA GLY FA 113 56.94 7.09 6.94
C GLY FA 113 57.23 8.48 7.45
N PRO GA 1 -34.04 32.35 51.47
CA PRO GA 1 -34.18 31.00 52.00
C PRO GA 1 -34.48 29.98 50.92
N ARG GA 2 -33.47 29.21 50.52
CA ARG GA 2 -33.70 28.04 49.69
C ARG GA 2 -33.24 26.85 50.46
N VAL GA 3 -33.97 25.77 50.32
CA VAL GA 3 -33.75 24.63 51.18
C VAL GA 3 -33.21 23.45 50.38
N GLN GA 4 -32.60 22.51 51.07
CA GLN GA 4 -32.12 21.31 50.43
C GLN GA 4 -32.37 20.12 51.32
N TYR GA 5 -32.32 18.92 50.75
CA TYR GA 5 -32.61 17.72 51.51
C TYR GA 5 -31.54 17.40 52.52
N ARG GA 6 -31.97 16.68 53.55
CA ARG GA 6 -31.16 16.45 54.72
C ARG GA 6 -30.99 14.98 54.94
N ARG GA 7 -32.05 14.22 54.71
CA ARG GA 7 -31.95 12.79 54.62
C ARG GA 7 -31.26 12.44 53.31
N ARG GA 8 -30.58 11.32 53.30
CA ARG GA 8 -29.70 11.01 52.19
C ARG GA 8 -30.46 10.88 50.88
N MET GA 9 -31.76 10.63 50.94
CA MET GA 9 -32.60 10.61 49.75
C MET GA 9 -33.00 12.00 49.25
N HIS GA 10 -33.17 12.12 47.94
CA HIS GA 10 -33.37 13.41 47.28
C HIS GA 10 -34.36 13.37 46.16
N TYR GA 11 -35.42 12.58 46.28
CA TYR GA 11 -36.42 12.57 45.23
C TYR GA 11 -37.77 12.92 45.76
N ALA GA 12 -38.56 13.58 44.92
CA ALA GA 12 -39.84 14.08 45.36
C ALA GA 12 -40.91 13.03 45.18
N THR GA 13 -40.62 11.83 45.66
CA THR GA 13 -41.57 10.74 45.67
C THR GA 13 -42.57 10.91 46.79
N ARG GA 14 -43.63 10.11 46.78
CA ARG GA 14 -44.67 10.27 47.78
C ARG GA 14 -44.23 9.94 49.19
N GLY GA 15 -43.27 9.05 49.33
CA GLY GA 15 -42.83 8.62 50.63
C GLY GA 15 -41.76 9.51 51.21
N ASN GA 16 -41.39 10.54 50.46
CA ASN GA 16 -40.32 11.42 50.84
C ASN GA 16 -40.81 12.85 50.88
N ARG GA 17 -42.06 13.05 51.30
CA ARG GA 17 -42.59 14.40 51.38
C ARG GA 17 -41.84 15.13 52.45
N MET GA 18 -41.68 16.44 52.28
CA MET GA 18 -40.93 17.23 53.24
C MET GA 18 -41.67 18.46 53.68
N LYS GA 19 -41.34 18.93 54.87
CA LYS GA 19 -41.96 20.10 55.43
C LYS GA 19 -40.94 21.19 55.66
N LEU GA 20 -41.11 22.33 55.03
CA LEU GA 20 -40.26 23.49 55.29
C LEU GA 20 -40.51 24.01 56.68
N VAL GA 21 -39.46 24.35 57.41
CA VAL GA 21 -39.60 24.66 58.83
C VAL GA 21 -38.63 25.73 59.30
N ARG GA 22 -39.14 26.90 59.65
CA ARG GA 22 -38.32 27.89 60.28
C ARG GA 22 -37.95 27.35 61.65
N THR GA 23 -36.69 27.45 62.03
CA THR GA 23 -36.23 26.88 63.29
C THR GA 23 -36.06 27.95 64.34
N PRO GA 24 -35.83 27.53 65.58
CA PRO GA 24 -35.49 28.45 66.65
C PRO GA 24 -34.23 29.22 66.31
N GLY GA 25 -33.35 28.63 65.53
CA GLY GA 25 -32.13 29.29 65.13
C GLY GA 25 -32.34 30.16 63.90
N ASN GA 26 -33.57 30.21 63.45
CA ASN GA 26 -33.97 30.99 62.29
C ASN GA 26 -33.39 30.46 60.99
N ARG GA 27 -33.05 29.18 60.99
CA ARG GA 27 -32.81 28.43 59.77
C ARG GA 27 -34.15 28.04 59.17
N LEU GA 28 -34.21 27.86 57.86
CA LEU GA 28 -35.39 27.28 57.22
C LEU GA 28 -35.06 25.89 56.71
N VAL GA 29 -35.66 24.89 57.34
CA VAL GA 29 -35.15 23.54 57.27
C VAL GA 29 -36.19 22.50 56.90
N MET GA 30 -35.96 21.77 55.81
CA MET GA 30 -36.85 20.69 55.43
C MET GA 30 -36.84 19.58 56.45
N GLN GA 31 -38.03 19.11 56.79
CA GLN GA 31 -38.15 17.98 57.69
C GLN GA 31 -39.02 16.94 57.06
N LYS GA 32 -38.71 15.69 57.35
CA LYS GA 32 -39.45 14.61 56.77
C LYS GA 32 -40.89 14.75 57.21
N ARG GA 33 -41.79 14.69 56.25
CA ARG GA 33 -43.19 14.75 56.56
C ARG GA 33 -43.64 13.33 56.62
N VAL GA 34 -44.34 12.96 57.68
CA VAL GA 34 -44.60 11.55 57.93
C VAL GA 34 -45.47 11.00 56.82
N LYS GA 35 -45.23 9.75 56.50
CA LYS GA 35 -45.98 9.04 55.47
C LYS GA 35 -47.30 8.62 56.05
N ARG GA 36 -48.26 9.53 56.14
CA ARG GA 36 -49.51 9.16 56.80
C ARG GA 36 -50.25 8.10 56.02
N SER GA 37 -50.74 7.10 56.73
CA SER GA 37 -51.58 6.09 56.15
C SER GA 37 -53.03 6.34 56.50
N GLN GA 38 -53.96 5.97 55.64
CA GLN GA 38 -55.32 5.95 56.11
C GLN GA 38 -55.40 4.75 57.04
N GLY GA 39 -56.35 4.76 57.95
CA GLY GA 39 -56.35 3.82 59.04
C GLY GA 39 -57.09 2.55 58.68
N PRO GA 40 -57.57 1.85 59.70
CA PRO GA 40 -58.36 0.64 59.50
C PRO GA 40 -59.66 0.90 58.79
N HIS GA 41 -60.06 -0.04 57.98
CA HIS GA 41 -61.25 0.07 57.16
C HIS GA 41 -62.04 -1.18 57.28
N THR GA 42 -63.34 -1.07 57.08
CA THR GA 42 -64.13 -2.26 56.91
C THR GA 42 -63.74 -2.87 55.58
N PRO GA 43 -63.90 -4.18 55.44
CA PRO GA 43 -63.33 -4.85 54.27
C PRO GA 43 -63.88 -4.36 52.95
N TRP GA 44 -63.02 -4.43 51.95
CA TRP GA 44 -63.23 -3.83 50.66
C TRP GA 44 -64.52 -4.30 50.01
N VAL GA 45 -64.92 -5.52 50.32
CA VAL GA 45 -66.12 -6.10 49.75
C VAL GA 45 -67.36 -5.60 50.47
N LEU GA 46 -67.15 -4.97 51.62
CA LEU GA 46 -68.24 -4.38 52.38
C LEU GA 46 -68.17 -2.87 52.21
N GLY GA 47 -67.76 -2.46 51.03
CA GLY GA 47 -67.79 -1.06 50.65
C GLY GA 47 -66.60 -0.26 51.10
N HIS GA 48 -65.70 -0.89 51.85
CA HIS GA 48 -64.42 -0.30 52.23
C HIS GA 48 -64.53 1.06 52.88
N LYS GA 49 -65.06 1.10 54.09
CA LYS GA 49 -65.20 2.34 54.80
C LYS GA 49 -64.29 2.44 56.00
N ARG GA 50 -63.89 3.67 56.31
CA ARG GA 50 -63.06 3.94 57.47
C ARG GA 50 -63.83 3.57 58.73
N LEU GA 51 -63.19 2.88 59.67
CA LEU GA 51 -63.84 2.52 60.93
C LEU GA 51 -63.87 3.68 61.92
N ALA GA 52 -64.86 3.71 62.80
CA ALA GA 52 -65.08 4.88 63.64
C ALA GA 52 -64.20 4.96 64.88
N GLY GA 53 -64.01 3.86 65.57
CA GLY GA 53 -63.30 3.92 66.83
C GLY GA 53 -61.81 3.82 66.69
N THR GA 54 -61.36 3.78 65.45
CA THR GA 54 -59.99 3.41 65.18
C THR GA 54 -59.18 4.56 64.63
N LYS GA 55 -57.91 4.63 65.03
CA LYS GA 55 -57.03 5.68 64.56
C LYS GA 55 -56.20 5.24 63.38
N ALA GA 56 -55.81 6.20 62.56
CA ALA GA 56 -54.98 5.94 61.40
C ALA GA 56 -53.53 5.91 61.80
N LEU GA 57 -53.19 5.05 62.75
CA LEU GA 57 -51.82 4.90 63.22
C LEU GA 57 -50.94 4.27 62.16
N ARG GA 58 -49.74 4.79 61.98
CA ARG GA 58 -48.80 4.10 61.12
C ARG GA 58 -48.31 2.88 61.89
N HIS GA 59 -48.04 1.78 61.21
CA HIS GA 59 -47.76 0.53 61.93
C HIS GA 59 -46.45 0.67 62.69
N THR GA 60 -45.70 1.68 62.29
CA THR GA 60 -44.48 2.05 63.00
C THR GA 60 -44.77 2.47 64.43
N GLU GA 61 -45.98 2.96 64.68
CA GLU GA 61 -46.39 3.37 66.01
C GLU GA 61 -47.59 2.58 66.50
N ALA GA 62 -48.19 1.79 65.62
CA ALA GA 62 -49.33 0.94 65.96
C ALA GA 62 -48.97 -0.11 66.99
N ARG GA 63 -47.72 -0.55 67.00
CA ARG GA 63 -47.28 -1.53 67.99
C ARG GA 63 -47.31 -0.95 69.38
N LEU GA 64 -47.08 0.35 69.47
CA LEU GA 64 -46.94 1.03 70.75
C LEU GA 64 -48.24 1.63 71.23
N ALA GA 65 -49.24 1.64 70.36
CA ALA GA 65 -50.54 2.18 70.69
C ALA GA 65 -51.31 1.25 71.61
N SER GA 66 -52.24 1.80 72.38
CA SER GA 66 -53.12 0.98 73.20
C SER GA 66 -54.01 0.17 72.29
N ARG GA 67 -54.45 -1.00 72.73
CA ARG GA 67 -55.24 -1.86 71.86
C ARG GA 67 -56.53 -1.22 71.41
N HIS GA 68 -57.15 -0.42 72.27
CA HIS GA 68 -58.46 0.10 71.94
C HIS GA 68 -58.38 1.36 71.08
N GLU GA 69 -57.15 1.77 70.80
CA GLU GA 69 -56.94 2.89 69.90
C GLU GA 69 -57.18 2.50 68.47
N LYS GA 70 -57.27 1.20 68.24
CA LYS GA 70 -57.34 0.65 66.90
C LYS GA 70 -58.61 -0.15 66.74
N SER GA 71 -59.54 0.09 67.64
CA SER GA 71 -60.77 -0.66 67.66
C SER GA 71 -61.84 -0.03 68.52
N THR GA 72 -63.04 -0.58 68.41
CA THR GA 72 -64.09 -0.33 69.37
C THR GA 72 -64.30 -1.60 70.17
N SER GA 73 -64.86 -1.47 71.37
CA SER GA 73 -65.06 -2.62 72.22
C SER GA 73 -66.37 -3.32 71.90
N ARG GA 74 -66.53 -3.70 70.65
CA ARG GA 74 -67.71 -4.36 70.15
C ARG GA 74 -67.23 -5.57 69.39
N PRO GA 75 -68.09 -6.57 69.19
CA PRO GA 75 -67.61 -7.71 68.40
C PRO GA 75 -67.23 -7.27 67.00
N TYR GA 76 -66.17 -7.85 66.45
CA TYR GA 76 -65.66 -7.38 65.18
C TYR GA 76 -65.29 -5.91 65.26
N GLY GA 77 -64.83 -5.48 66.43
CA GLY GA 77 -64.72 -4.07 66.70
C GLY GA 77 -63.68 -3.32 65.88
N GLY GA 78 -62.55 -3.95 65.64
CA GLY GA 78 -61.56 -3.34 64.80
C GLY GA 78 -61.71 -3.74 63.34
N VAL GA 79 -62.76 -4.47 63.02
CA VAL GA 79 -62.89 -5.04 61.68
C VAL GA 79 -64.09 -4.50 60.91
N LEU GA 80 -65.24 -4.45 61.56
CA LEU GA 80 -66.50 -4.15 60.89
C LEU GA 80 -67.15 -2.88 61.39
N SER GA 81 -67.91 -2.22 60.52
CA SER GA 81 -68.76 -1.10 60.90
C SER GA 81 -69.85 -1.67 61.77
N HIS GA 82 -70.43 -0.84 62.62
CA HIS GA 82 -71.43 -1.34 63.55
C HIS GA 82 -72.62 -1.91 62.80
N GLU GA 83 -72.96 -1.30 61.67
CA GLU GA 83 -74.03 -1.81 60.85
C GLU GA 83 -73.71 -3.17 60.29
N GLN GA 84 -72.43 -3.37 59.98
CA GLN GA 84 -71.95 -4.62 59.42
C GLN GA 84 -71.98 -5.76 60.39
N VAL GA 85 -71.81 -5.44 61.66
CA VAL GA 85 -71.94 -6.41 62.73
C VAL GA 85 -73.39 -6.73 62.90
N ARG GA 86 -74.21 -5.69 62.95
CA ARG GA 86 -75.64 -5.85 63.11
C ARG GA 86 -76.30 -6.55 61.92
N ASP GA 87 -75.71 -6.40 60.74
CA ASP GA 87 -76.13 -7.15 59.57
C ASP GA 87 -75.98 -8.64 59.76
N ARG GA 88 -74.96 -9.01 60.52
CA ARG GA 88 -74.64 -10.39 60.77
C ARG GA 88 -75.45 -10.95 61.91
N ILE GA 89 -75.57 -10.16 62.96
CA ILE GA 89 -76.29 -10.56 64.16
C ILE GA 89 -77.72 -10.81 63.81
N VAL GA 90 -78.24 -10.04 62.87
CA VAL GA 90 -79.54 -10.32 62.30
C VAL GA 90 -79.46 -11.53 61.41
N ARG GA 91 -78.52 -11.50 60.47
CA ARG GA 91 -78.43 -12.55 59.47
C ARG GA 91 -78.10 -13.89 60.10
N ALA GA 92 -77.38 -13.88 61.22
CA ALA GA 92 -77.15 -15.13 61.94
C ALA GA 92 -78.45 -15.61 62.52
N PHE GA 93 -79.12 -14.71 63.22
CA PHE GA 93 -80.34 -15.10 63.91
C PHE GA 93 -81.45 -15.48 62.96
N LEU GA 94 -81.75 -14.59 62.01
CA LEU GA 94 -82.87 -14.84 61.12
C LEU GA 94 -82.69 -16.03 60.22
N ILE GA 95 -81.47 -16.28 59.78
CA ILE GA 95 -81.22 -17.41 58.90
C ILE GA 95 -81.35 -18.73 59.63
N GLU GA 96 -80.87 -18.77 60.86
CA GLU GA 96 -81.03 -19.96 61.67
C GLU GA 96 -82.50 -20.20 62.03
N GLU GA 97 -83.25 -19.14 62.19
CA GLU GA 97 -84.66 -19.28 62.53
C GLU GA 97 -85.49 -19.82 61.38
N GLN GA 98 -85.02 -19.62 60.15
CA GLN GA 98 -85.72 -20.19 59.02
C GLN GA 98 -85.34 -21.67 58.91
N ARG GA 99 -84.08 -21.98 59.15
CA ARG GA 99 -83.63 -23.37 59.11
C ARG GA 99 -84.28 -24.18 60.20
N ILE GA 100 -84.52 -23.55 61.35
CA ILE GA 100 -85.16 -24.25 62.46
C ILE GA 100 -86.62 -24.52 62.10
N VAL GA 101 -87.14 -23.69 61.20
CA VAL GA 101 -88.50 -23.86 60.68
C VAL GA 101 -88.60 -24.84 59.52
N LYS GA 102 -87.47 -25.08 58.85
CA LYS GA 102 -87.48 -25.98 57.70
C LYS GA 102 -87.40 -27.42 58.16
N ARG GA 103 -87.32 -27.62 59.46
CA ARG GA 103 -87.48 -28.95 60.02
C ARG GA 103 -88.96 -29.22 60.26
N ALA GA 104 -89.79 -28.24 59.94
CA ALA GA 104 -91.22 -28.35 60.17
C ALA GA 104 -92.00 -27.82 58.97
N ILE HA 1 16.89 -18.17 73.31
CA ILE HA 1 15.61 -18.58 72.73
C ILE HA 1 15.32 -20.02 73.13
N ARG HA 2 16.38 -20.74 73.48
CA ARG HA 2 16.24 -22.04 74.10
C ARG HA 2 15.53 -21.82 75.44
N ASP HA 3 15.79 -20.66 76.04
CA ASP HA 3 15.12 -20.26 77.27
C ASP HA 3 13.64 -20.02 77.04
N LEU HA 4 13.29 -19.70 75.80
CA LEU HA 4 11.91 -19.42 75.43
C LEU HA 4 11.12 -20.71 75.38
N ARG HA 5 11.82 -21.83 75.35
CA ARG HA 5 11.19 -23.13 75.17
C ARG HA 5 11.06 -23.85 76.50
N ASP HA 6 11.94 -23.51 77.44
CA ASP HA 6 11.83 -24.02 78.80
C ASP HA 6 10.58 -23.51 79.49
N LYS HA 7 10.12 -22.33 79.10
CA LYS HA 7 8.90 -21.75 79.66
C LYS HA 7 7.70 -22.64 79.42
N SER HA 8 6.86 -22.76 80.43
CA SER HA 8 5.58 -23.45 80.29
C SER HA 8 4.52 -22.54 79.65
N LYS HA 9 3.54 -23.18 79.03
CA LYS HA 9 2.37 -22.55 78.41
C LYS HA 9 2.09 -21.13 78.88
N ASP HA 10 1.58 -20.98 80.09
CA ASP HA 10 1.24 -19.66 80.61
C ASP HA 10 2.46 -18.79 80.83
N GLU HA 11 3.59 -19.41 81.13
CA GLU HA 11 4.81 -18.64 81.33
C GLU HA 11 5.22 -17.99 80.04
N LEU HA 12 4.88 -18.64 78.93
CA LEU HA 12 5.04 -18.08 77.60
C LEU HA 12 4.01 -17.00 77.37
N LEU HA 13 2.77 -17.32 77.70
CA LEU HA 13 1.62 -16.44 77.49
C LEU HA 13 1.78 -15.14 78.25
N LYS HA 14 2.38 -15.21 79.42
CA LYS HA 14 2.65 -14.03 80.21
C LYS HA 14 3.85 -13.30 79.66
N GLN HA 15 4.81 -14.07 79.18
CA GLN HA 15 5.97 -13.52 78.51
C GLN HA 15 5.57 -12.89 77.18
N LEU HA 16 4.52 -13.39 76.57
CA LEU HA 16 4.04 -12.88 75.29
C LEU HA 16 3.30 -11.56 75.39
N MET HA 17 2.40 -11.43 76.36
CA MET HA 17 1.58 -10.23 76.47
C MET HA 17 2.43 -9.01 76.81
N GLU HA 18 3.52 -9.24 77.53
CA GLU HA 18 4.42 -8.13 77.83
C GLU HA 18 5.18 -7.67 76.62
N PHE HA 19 5.30 -8.52 75.61
CA PHE HA 19 5.86 -8.09 74.35
C PHE HA 19 4.86 -7.28 73.55
N LYS HA 20 3.62 -7.75 73.49
CA LYS HA 20 2.61 -7.03 72.74
C LYS HA 20 2.34 -5.69 73.35
N LYS HA 21 2.33 -5.64 74.67
CA LYS HA 21 2.09 -4.41 75.40
C LYS HA 21 3.25 -3.46 75.21
N GLU HA 22 4.40 -4.02 74.92
CA GLU HA 22 5.58 -3.22 74.66
C GLU HA 22 5.77 -3.01 73.18
N LEU HA 23 5.30 -3.92 72.35
CA LEU HA 23 5.32 -3.65 70.92
C LEU HA 23 4.36 -2.52 70.58
N SER HA 24 3.29 -2.41 71.36
CA SER HA 24 2.31 -1.38 71.08
C SER HA 24 2.90 -0.03 71.38
N GLN HA 25 3.62 0.04 72.49
CA GLN HA 25 4.17 1.30 72.95
C GLN HA 25 5.24 1.83 72.03
N LEU HA 26 5.95 0.94 71.34
CA LEU HA 26 6.86 1.40 70.30
C LEU HA 26 6.10 1.98 69.14
N ARG HA 27 4.91 1.47 68.90
CA ARG HA 27 4.03 2.00 67.87
C ARG HA 27 3.54 3.40 68.25
N VAL HA 28 3.44 3.66 69.54
CA VAL HA 28 3.06 4.99 69.96
C VAL HA 28 4.22 5.92 69.72
N ALA HA 29 5.41 5.45 70.09
CA ALA HA 29 6.62 6.23 69.89
C ALA HA 29 6.84 6.50 68.42
N GLN HA 30 6.47 5.54 67.59
CA GLN HA 30 6.68 5.63 66.15
C GLN HA 30 5.90 6.76 65.51
N GLN HA 31 4.80 7.16 66.14
CA GLN HA 31 3.92 8.14 65.55
C GLN HA 31 4.42 9.55 65.77
N LEU HA 32 5.44 9.69 66.59
CA LEU HA 32 5.87 10.99 67.06
C LEU HA 32 7.20 11.41 66.43
N GLY HA 40 12.89 1.21 66.33
CA GLY HA 40 14.20 0.59 66.23
C GLY HA 40 14.26 -0.75 66.93
N ARG HA 41 13.53 -0.85 68.03
CA ARG HA 41 13.41 -2.09 68.76
C ARG HA 41 12.16 -2.82 68.33
N ILE HA 42 11.35 -2.13 67.54
CA ILE HA 42 10.05 -2.62 67.15
C ILE HA 42 10.15 -3.86 66.31
N ARG HA 43 11.18 -3.95 65.49
CA ARG HA 43 11.46 -5.16 64.75
C ARG HA 43 11.92 -6.27 65.67
N LEU HA 44 12.76 -5.90 66.62
CA LEU HA 44 13.32 -6.89 67.54
C LEU HA 44 12.26 -7.43 68.47
N ILE HA 45 11.28 -6.59 68.79
CA ILE HA 45 10.15 -7.04 69.57
C ILE HA 45 9.22 -7.89 68.75
N ARG HA 46 8.99 -7.47 67.52
CA ARG HA 46 7.98 -8.12 66.72
C ARG HA 46 8.37 -9.55 66.42
N LYS HA 47 9.67 -9.79 66.36
CA LYS HA 47 10.19 -11.12 66.05
C LYS HA 47 10.38 -11.97 67.28
N SER HA 48 10.24 -11.37 68.45
CA SER HA 48 10.29 -12.11 69.69
C SER HA 48 8.91 -12.62 70.02
N ILE HA 49 7.90 -11.85 69.61
CA ILE HA 49 6.52 -12.25 69.69
C ILE HA 49 6.27 -13.42 68.78
N ALA HA 50 6.98 -13.43 67.65
CA ALA HA 50 6.87 -14.49 66.68
C ALA HA 50 7.53 -15.76 67.15
N ARG HA 51 8.57 -15.60 67.95
CA ARG HA 51 9.24 -16.73 68.57
C ARG HA 51 8.37 -17.42 69.60
N ILE HA 52 7.55 -16.65 70.29
CA ILE HA 52 6.78 -17.21 71.37
C ILE HA 52 5.59 -17.91 70.79
N LEU HA 53 5.02 -17.36 69.72
CA LEU HA 53 3.97 -18.06 69.02
C LEU HA 53 4.51 -19.30 68.31
N THR HA 54 5.77 -19.27 67.92
CA THR HA 54 6.37 -20.45 67.31
C THR HA 54 6.55 -21.55 68.33
N VAL HA 55 7.12 -21.21 69.47
CA VAL HA 55 7.29 -22.15 70.57
C VAL HA 55 5.96 -22.54 71.16
N LEU HA 56 5.01 -21.64 71.10
CA LEU HA 56 3.75 -21.83 71.79
C LEU HA 56 2.80 -22.65 70.91
N ASN HA 57 2.89 -22.46 69.60
CA ASN HA 57 2.10 -23.24 68.65
C ASN HA 57 2.70 -24.58 68.38
N ARG HA 58 3.91 -24.79 68.88
CA ARG HA 58 4.59 -26.06 68.67
C ARG HA 58 4.23 -27.04 69.76
N ASN HA 59 4.10 -26.53 70.97
CA ASN HA 59 3.76 -27.36 72.11
C ASN HA 59 2.38 -27.93 71.96
N GLN HA 60 1.51 -27.24 71.24
CA GLN HA 60 0.19 -27.77 71.06
C GLN HA 60 0.14 -28.83 69.98
N ARG HA 61 0.85 -28.62 68.88
CA ARG HA 61 0.92 -29.62 67.84
C ARG HA 61 1.74 -30.80 68.31
N GLU HA 62 2.65 -30.55 69.25
CA GLU HA 62 3.50 -31.59 69.79
C GLU HA 62 2.77 -32.32 70.89
N SER HA 63 1.65 -31.76 71.32
CA SER HA 63 0.85 -32.38 72.36
C SER HA 63 -0.51 -32.84 71.84
N LEU HA 64 -0.77 -32.61 70.56
CA LEU HA 64 -1.89 -33.26 69.91
C LEU HA 64 -1.42 -34.45 69.09
N ARG HA 65 -0.17 -34.40 68.64
CA ARG HA 65 0.41 -35.61 68.06
C ARG HA 65 0.55 -36.61 69.18
N LYS HA 66 0.57 -36.11 70.40
CA LYS HA 66 0.70 -36.97 71.56
C LYS HA 66 -0.66 -37.54 71.95
N VAL HA 67 -1.71 -36.71 71.85
CA VAL HA 67 -3.06 -37.16 72.13
C VAL HA 67 -3.54 -38.21 71.13
N TYR HA 68 -3.11 -38.08 69.89
CA TYR HA 68 -3.59 -38.94 68.82
C TYR HA 68 -2.54 -39.92 68.35
N ALA HA 69 -1.48 -40.08 69.14
CA ALA HA 69 -0.51 -41.10 68.84
C ALA HA 69 -1.12 -42.47 69.08
N GLY HA 70 -0.73 -43.44 68.26
CA GLY HA 70 -1.25 -44.79 68.38
C GLY HA 70 -2.27 -45.09 67.30
N ARG HA 71 -2.25 -46.32 66.79
CA ARG HA 71 -3.01 -46.65 65.60
C ARG HA 71 -4.50 -46.42 65.80
N ARG HA 72 -4.95 -46.63 67.02
CA ARG HA 72 -6.37 -46.64 67.30
C ARG HA 72 -7.03 -45.30 67.03
N LEU HA 73 -6.28 -44.22 67.21
CA LEU HA 73 -6.85 -42.88 67.07
C LEU HA 73 -6.31 -42.15 65.85
N ARG HA 74 -5.33 -42.75 65.18
CA ARG HA 74 -4.64 -42.08 64.08
C ARG HA 74 -5.58 -41.78 62.92
N LEU HA 75 -6.62 -42.57 62.77
CA LEU HA 75 -7.65 -42.23 61.81
C LEU HA 75 -8.51 -41.08 62.30
N ALA HA 76 -8.51 -40.83 63.61
CA ALA HA 76 -9.34 -39.77 64.17
C ALA HA 76 -8.56 -38.47 64.28
N MET HA 77 -7.33 -38.46 63.77
CA MET HA 77 -6.46 -37.32 63.93
C MET HA 77 -6.96 -36.11 63.18
N PRO HA 78 -6.77 -34.92 63.76
CA PRO HA 78 -7.08 -33.73 62.97
C PRO HA 78 -6.20 -33.72 61.75
N LYS HA 79 -6.73 -33.35 60.60
CA LYS HA 79 -5.99 -33.55 59.37
C LYS HA 79 -4.98 -32.46 59.09
N ALA HA 80 -5.02 -31.40 59.89
CA ALA HA 80 -3.92 -30.46 59.89
C ALA HA 80 -2.67 -31.15 60.41
N LEU HA 81 -2.87 -32.13 61.30
CA LEU HA 81 -1.77 -32.92 61.83
C LEU HA 81 -1.48 -34.17 61.03
N ARG HA 82 -2.38 -34.55 60.14
CA ARG HA 82 -2.21 -35.78 59.40
C ARG HA 82 -1.17 -35.51 58.31
N PRO HA 83 -0.32 -36.49 58.02
CA PRO HA 83 0.83 -36.18 57.17
C PRO HA 83 0.45 -35.83 55.74
N LYS HA 84 0.33 -34.54 55.48
CA LYS HA 84 0.07 -34.04 54.14
C LYS HA 84 1.21 -34.38 53.23
N LEU HA 85 0.91 -34.87 52.05
CA LEU HA 85 1.93 -35.02 51.04
C LEU HA 85 1.50 -34.22 49.87
N THR HA 86 1.03 -34.93 48.86
CA THR HA 86 0.27 -34.32 47.79
C THR HA 86 -1.03 -35.09 47.77
N ARG HA 87 -2.03 -34.54 47.10
CA ARG HA 87 -3.36 -35.12 47.08
C ARG HA 87 -3.27 -36.49 46.47
N ARG HA 88 -2.27 -36.68 45.65
CA ARG HA 88 -2.07 -37.90 44.89
C ARG HA 88 -1.31 -38.96 45.65
N ARG HA 89 -0.30 -38.55 46.41
CA ARG HA 89 0.47 -39.48 47.22
C ARG HA 89 -0.43 -40.11 48.27
N ARG HA 90 -1.46 -39.38 48.69
CA ARG HA 90 -2.39 -39.86 49.70
C ARG HA 90 -3.46 -40.77 49.11
N LEU HA 91 -3.92 -40.45 47.91
CA LEU HA 91 -4.98 -41.21 47.28
C LEU HA 91 -4.46 -42.39 46.49
N ALA HA 92 -3.17 -42.39 46.20
CA ALA HA 92 -2.49 -43.48 45.50
C ALA HA 92 -2.53 -44.74 46.31
N LEU HA 93 -2.48 -45.90 45.68
CA LEU HA 93 -2.28 -47.12 46.44
C LEU HA 93 -0.96 -47.10 47.14
N LYS HA 94 -1.00 -47.46 48.42
CA LYS HA 94 0.19 -47.62 49.23
C LYS HA 94 0.84 -48.92 48.87
N ASP HA 95 2.12 -49.06 49.13
CA ASP HA 95 2.83 -50.30 48.85
C ASP HA 95 2.15 -51.46 49.58
N ASN HA 96 1.54 -51.12 50.71
CA ASN HA 96 0.86 -52.08 51.55
C ASN HA 96 -0.26 -52.77 50.79
N GLU HA 97 -0.76 -52.10 49.77
CA GLU HA 97 -1.86 -52.61 48.98
C GLU HA 97 -1.48 -52.60 47.51
N LYS HA 98 -0.40 -51.90 47.20
CA LYS HA 98 0.12 -51.82 45.84
C LYS HA 98 0.78 -53.11 45.41
N ASN HA 99 1.62 -53.65 46.28
CA ASN HA 99 2.41 -54.82 45.96
C ASN HA 99 1.63 -56.10 46.15
N ARG HA 100 0.36 -55.97 46.52
CA ARG HA 100 -0.51 -57.12 46.67
C ARG HA 100 -0.49 -57.89 45.38
N LYS HA 101 -0.48 -59.21 45.49
CA LYS HA 101 -0.64 -60.05 44.34
C LYS HA 101 -1.52 -61.21 44.70
N THR HA 102 -2.26 -61.71 43.73
CA THR HA 102 -3.26 -62.71 43.96
C THR HA 102 -2.55 -63.96 44.44
N ARG HA 103 -3.21 -64.81 45.21
CA ARG HA 103 -2.51 -65.91 45.84
C ARG HA 103 -1.83 -66.83 44.85
N ARG HA 104 -2.39 -66.94 43.65
CA ARG HA 104 -1.80 -67.78 42.63
C ARG HA 104 -0.47 -67.22 42.21
N GLN HA 105 -0.44 -65.91 42.01
CA GLN HA 105 0.75 -65.21 41.57
C GLN HA 105 1.84 -65.29 42.61
N LEU HA 106 1.42 -65.29 43.85
CA LEU HA 106 2.30 -65.34 45.00
C LEU HA 106 3.07 -66.64 45.03
N ARG HA 107 2.38 -67.69 44.59
CA ARG HA 107 2.89 -69.05 44.59
C ARG HA 107 3.72 -69.34 43.38
N MET HA 108 3.34 -68.72 42.26
CA MET HA 108 3.98 -68.94 40.99
C MET HA 108 5.18 -68.03 40.87
N ALA HA 109 5.40 -67.23 41.88
CA ALA HA 109 6.61 -66.42 41.98
C ALA HA 109 7.59 -67.06 42.96
N ARG HA 110 7.07 -67.92 43.83
CA ARG HA 110 7.92 -68.63 44.76
C ARG HA 110 8.45 -69.85 44.07
N LYS HA 111 7.60 -70.43 43.25
CA LYS HA 111 7.93 -71.63 42.52
C LYS HA 111 8.95 -71.35 41.42
N PHE HA 112 8.95 -70.13 40.89
CA PHE HA 112 9.96 -69.75 39.91
C PHE HA 112 10.58 -68.41 40.23
N PRO HA 113 11.41 -68.35 41.26
CA PRO HA 113 12.12 -67.14 41.68
C PRO HA 113 13.11 -66.69 40.62
N ARG HA 114 13.39 -65.41 40.54
CA ARG HA 114 14.24 -64.89 39.49
C ARG HA 114 15.66 -65.34 39.71
N ARG HA 115 15.92 -66.63 39.52
CA ARG HA 115 17.18 -67.19 39.94
C ARG HA 115 18.30 -66.56 39.12
N VAL HA 116 19.40 -66.23 39.78
CA VAL HA 116 20.50 -65.54 39.13
C VAL HA 116 21.34 -66.49 38.29
N TYR HA 117 21.95 -65.99 37.23
CA TYR HA 117 22.64 -66.87 36.30
C TYR HA 117 23.66 -66.11 35.48
N ALA HA 118 24.57 -66.85 34.87
CA ALA HA 118 25.58 -66.30 33.99
C ALA HA 118 25.80 -67.29 32.89
N VAL HA 119 26.43 -66.88 31.81
CA VAL HA 119 26.62 -67.77 30.69
C VAL HA 119 28.05 -67.74 30.22
N LYS HA 120 28.80 -68.79 30.58
CA LYS HA 120 30.19 -68.93 30.15
C LYS HA 120 30.28 -69.39 28.72
N ASN IA 1 49.27 83.80 -16.02
CA ASN IA 1 49.82 82.46 -16.48
C ASN IA 1 49.63 82.16 -17.97
N ARG IA 2 48.65 82.80 -18.61
CA ARG IA 2 48.60 82.90 -20.09
C ARG IA 2 49.87 83.52 -20.68
N SER IA 3 50.63 84.25 -19.84
CA SER IA 3 52.03 84.59 -20.11
C SER IA 3 52.86 83.42 -20.65
N LYS IA 4 52.71 82.24 -20.03
CA LYS IA 4 53.36 81.01 -20.48
C LYS IA 4 52.78 80.47 -21.80
N LYS IA 5 51.47 80.62 -21.99
CA LYS IA 5 50.79 80.19 -23.24
C LYS IA 5 51.28 80.91 -24.50
N ILE IA 6 51.59 82.20 -24.37
CA ILE IA 6 52.18 82.99 -25.44
C ILE IA 6 53.60 82.53 -25.76
N GLN IA 7 54.38 82.25 -24.71
CA GLN IA 7 55.73 81.70 -24.84
C GLN IA 7 55.76 80.35 -25.53
N GLN IA 8 54.76 79.51 -25.22
CA GLN IA 8 54.63 78.17 -25.83
C GLN IA 8 54.37 78.21 -27.34
N LEU IA 9 53.68 79.24 -27.81
CA LEU IA 9 53.32 79.38 -29.22
C LEU IA 9 54.52 79.62 -30.15
N THR IA 10 55.47 80.43 -29.71
CA THR IA 10 56.69 80.71 -30.48
C THR IA 10 57.60 79.49 -30.64
N LYS IA 11 57.78 78.72 -29.56
CA LYS IA 11 58.76 77.63 -29.52
C LYS IA 11 58.36 76.40 -30.33
N LYS IA 12 57.07 76.05 -30.32
CA LYS IA 12 56.56 74.91 -31.11
C LYS IA 12 56.67 75.23 -32.60
N THR IA 13 57.45 74.41 -33.31
CA THR IA 13 57.76 74.62 -34.72
C THR IA 13 56.94 73.63 -35.57
N SER IA 14 56.25 72.78 -34.89
CA SER IA 14 55.39 71.78 -35.55
C SER IA 14 55.94 70.36 -35.81
N THR IA 15 55.86 69.49 -34.80
CA THR IA 15 56.32 68.11 -34.95
C THR IA 15 55.18 67.14 -35.24
N VAL IA 16 55.48 65.87 -35.01
CA VAL IA 16 54.54 64.78 -35.22
C VAL IA 16 54.82 63.70 -34.19
N LYS IA 17 53.82 62.90 -33.86
CA LYS IA 17 54.09 61.73 -33.03
C LYS IA 17 54.90 60.73 -33.82
N ARG IA 18 55.77 60.00 -33.13
CA ARG IA 18 56.52 58.93 -33.76
C ARG IA 18 56.61 57.72 -32.85
N ASN IA 19 56.31 56.55 -33.41
CA ASN IA 19 56.39 55.31 -32.65
C ASN IA 19 57.80 54.74 -32.63
N ARG IA 20 58.56 55.08 -31.59
CA ARG IA 20 59.96 54.69 -31.53
C ARG IA 20 60.30 53.71 -30.43
N LYS IA 21 59.31 53.14 -29.77
CA LYS IA 21 59.59 52.28 -28.63
C LYS IA 21 59.61 50.81 -29.01
N SER IA 22 59.01 49.95 -28.19
CA SER IA 22 58.91 48.54 -28.48
C SER IA 22 57.89 48.28 -29.57
N PRO IA 23 58.31 47.65 -30.67
CA PRO IA 23 57.47 47.16 -31.76
C PRO IA 23 56.59 46.01 -31.32
N ARG IA 24 55.44 45.80 -31.94
CA ARG IA 24 54.80 44.50 -31.78
C ARG IA 24 55.08 43.68 -33.01
N LEU IA 25 55.57 42.46 -32.81
CA LEU IA 25 55.85 41.57 -33.91
C LEU IA 25 54.85 40.45 -33.91
N TYR IA 26 53.74 40.68 -33.24
CA TYR IA 26 52.61 39.77 -33.28
C TYR IA 26 51.42 40.41 -33.95
N MET IA 27 50.66 39.61 -34.68
CA MET IA 27 49.41 40.07 -35.23
C MET IA 27 48.36 40.08 -34.17
N LYS IA 28 47.39 40.97 -34.30
CA LYS IA 28 46.31 41.04 -33.35
C LYS IA 28 45.13 40.24 -33.83
N ALA IA 29 44.86 39.12 -33.17
CA ALA IA 29 43.74 38.28 -33.51
C ALA IA 29 42.60 38.51 -32.56
N VAL IA 30 41.62 37.62 -32.62
CA VAL IA 30 40.53 37.59 -31.68
C VAL IA 30 40.21 36.13 -31.49
N LEU IA 31 39.88 35.72 -30.28
CA LEU IA 31 39.47 34.36 -30.09
C LEU IA 31 38.00 34.25 -30.43
N ALA IA 32 37.71 33.99 -31.70
CA ALA IA 32 36.36 34.06 -32.22
C ALA IA 32 35.47 33.06 -31.51
N GLY IA 33 36.06 31.98 -31.06
CA GLY IA 33 35.32 30.98 -30.33
C GLY IA 33 35.92 29.61 -30.51
N TYR IA 34 35.38 28.67 -29.77
CA TYR IA 34 35.76 27.29 -29.89
C TYR IA 34 35.23 26.71 -31.18
N THR IA 35 35.89 25.68 -31.71
CA THR IA 35 35.35 24.99 -32.86
C THR IA 35 34.06 24.31 -32.43
N ARG IA 36 33.02 24.37 -33.26
CA ARG IA 36 31.71 23.94 -32.80
C ARG IA 36 30.73 23.65 -33.92
N GLY IA 37 29.74 22.83 -33.63
CA GLY IA 37 28.63 22.66 -34.54
C GLY IA 37 27.37 23.23 -33.92
N LEU IA 38 26.21 22.82 -34.42
CA LEU IA 38 24.94 23.15 -33.80
C LEU IA 38 24.79 22.52 -32.43
N HIS IA 39 25.44 21.38 -32.25
CA HIS IA 39 25.33 20.61 -31.03
C HIS IA 39 26.24 21.07 -29.91
N GLY IA 40 27.20 21.93 -30.21
CA GLY IA 40 28.12 22.34 -29.19
C GLY IA 40 29.53 22.55 -29.67
N GLN IA 41 30.39 22.95 -28.74
CA GLN IA 41 31.73 23.39 -29.08
C GLN IA 41 32.79 22.41 -28.61
N ASN IA 42 33.87 22.32 -29.38
CA ASN IA 42 35.06 21.62 -28.94
C ASN IA 42 36.00 22.60 -28.29
N LYS IA 43 36.09 22.53 -26.99
CA LYS IA 43 36.73 23.59 -26.26
C LYS IA 43 38.23 23.43 -26.41
N ASN IA 44 38.64 22.30 -26.98
CA ASN IA 44 40.07 22.02 -27.14
C ASN IA 44 40.62 22.43 -28.49
N THR IA 45 39.83 23.16 -29.26
CA THR IA 45 40.34 23.72 -30.50
C THR IA 45 39.68 25.06 -30.76
N ALA IA 46 40.44 26.10 -30.47
CA ALA IA 46 39.96 27.47 -30.63
C ALA IA 46 40.03 27.96 -32.06
N ILE IA 47 39.18 28.92 -32.37
CA ILE IA 47 39.24 29.61 -33.64
C ILE IA 47 39.77 31.00 -33.38
N VAL IA 48 40.57 31.51 -34.30
CA VAL IA 48 41.28 32.74 -34.12
C VAL IA 48 41.19 33.60 -35.37
N ARG IA 49 40.42 34.67 -35.29
CA ARG IA 49 40.28 35.59 -36.40
C ARG IA 49 41.37 36.65 -36.44
N ILE IA 50 42.45 36.38 -37.14
CA ILE IA 50 43.56 37.32 -37.22
C ILE IA 50 43.16 38.54 -38.03
N GLU IA 51 43.58 39.72 -37.61
CA GLU IA 51 43.22 40.92 -38.35
C GLU IA 51 43.96 41.00 -39.68
N ASN IA 52 43.27 41.46 -40.71
CA ASN IA 52 43.78 41.46 -42.07
C ASN IA 52 44.21 40.12 -42.63
N VAL IA 53 43.57 39.04 -42.22
CA VAL IA 53 43.88 37.77 -42.85
C VAL IA 53 42.81 37.35 -43.86
N ASN IA 54 41.62 37.92 -43.74
CA ASN IA 54 40.47 37.63 -44.63
C ASN IA 54 40.48 36.37 -45.51
N THR IA 55 41.62 35.96 -46.05
CA THR IA 55 41.66 34.83 -46.98
C THR IA 55 42.24 33.53 -46.43
N LYS IA 56 41.76 32.41 -46.95
CA LYS IA 56 42.22 31.07 -46.59
C LYS IA 56 43.65 30.79 -46.93
N GLU IA 57 44.16 31.42 -47.98
CA GLU IA 57 45.55 31.25 -48.35
C GLU IA 57 46.49 32.18 -47.58
N ASP IA 58 45.92 33.14 -46.88
CA ASP IA 58 46.69 33.87 -45.88
C ASP IA 58 46.71 33.10 -44.60
N ALA IA 59 45.58 32.50 -44.28
CA ALA IA 59 45.41 31.74 -43.07
C ALA IA 59 46.40 30.60 -43.05
N ALA IA 60 46.70 30.10 -44.24
CA ALA IA 60 47.67 29.02 -44.40
C ALA IA 60 49.06 29.49 -44.08
N TRP IA 61 49.30 30.78 -44.25
CA TRP IA 61 50.58 31.39 -43.98
C TRP IA 61 50.87 31.33 -42.51
N TYR IA 62 49.81 31.34 -41.71
CA TYR IA 62 49.95 31.39 -40.26
C TYR IA 62 49.99 30.07 -39.57
N VAL IA 63 49.87 28.98 -40.31
CA VAL IA 63 49.93 27.70 -39.65
C VAL IA 63 51.28 27.52 -39.01
N GLY IA 64 51.26 27.05 -37.78
CA GLY IA 64 52.47 26.80 -37.04
C GLY IA 64 52.89 27.98 -36.23
N LYS IA 65 52.38 29.16 -36.54
CA LYS IA 65 52.80 30.33 -35.81
C LYS IA 65 52.30 30.21 -34.40
N ARG IA 66 53.16 30.55 -33.45
CA ARG IA 66 52.79 30.46 -32.06
C ARG IA 66 51.83 31.57 -31.73
N VAL IA 67 50.92 31.31 -30.82
CA VAL IA 67 49.86 32.26 -30.57
C VAL IA 67 49.67 32.40 -29.07
N CYS IA 68 49.27 33.57 -28.62
CA CYS IA 68 49.29 33.87 -27.20
C CYS IA 68 47.98 34.46 -26.76
N TYR IA 69 47.41 33.92 -25.71
CA TYR IA 69 46.33 34.62 -25.06
C TYR IA 69 46.82 35.22 -23.78
N VAL IA 70 47.21 36.48 -23.86
CA VAL IA 70 47.75 37.16 -22.72
C VAL IA 70 46.65 37.87 -21.95
N TYR IA 71 46.69 37.72 -20.64
CA TYR IA 71 45.67 38.22 -19.76
C TYR IA 71 46.35 38.44 -18.43
N HIS IA 72 45.59 38.47 -17.34
CA HIS IA 72 46.23 38.54 -16.05
C HIS IA 72 45.41 37.93 -14.93
N GLY IA 73 46.13 37.42 -13.94
CA GLY IA 73 45.53 36.97 -12.71
C GLY IA 73 45.54 38.11 -11.74
N TYR IA 74 45.33 37.83 -10.48
CA TYR IA 74 45.15 38.92 -9.54
C TYR IA 74 46.29 38.93 -8.54
N LYS IA 75 47.20 38.00 -8.73
CA LYS IA 75 48.41 37.92 -7.94
C LYS IA 75 49.52 37.57 -8.90
N MET IA 76 50.75 37.91 -8.54
CA MET IA 76 51.89 37.49 -9.34
C MET IA 76 52.11 36.00 -9.20
N LYS IA 77 52.66 35.40 -10.24
CA LYS IA 77 53.02 33.99 -10.20
C LYS IA 77 54.26 33.78 -11.03
N ARG IA 78 54.88 32.62 -10.92
CA ARG IA 78 56.15 32.43 -11.58
C ARG IA 78 56.03 32.59 -13.09
N CYS IA 79 56.94 33.36 -13.64
CA CYS IA 79 56.95 33.63 -15.05
C CYS IA 79 58.26 33.09 -15.60
N VAL IA 80 58.47 33.26 -16.90
CA VAL IA 80 59.59 32.62 -17.54
C VAL IA 80 60.94 33.13 -17.08
N ARG IA 81 61.02 34.31 -16.50
CA ARG IA 81 62.30 34.72 -15.97
C ARG IA 81 62.07 35.46 -14.67
N TRP IA 82 61.36 34.81 -13.77
CA TRP IA 82 60.97 35.37 -12.50
C TRP IA 82 62.15 35.80 -11.68
N SER IA 83 63.24 35.05 -11.80
CA SER IA 83 64.43 35.36 -11.05
C SER IA 83 65.41 36.15 -11.88
N LYS IA 84 65.61 35.73 -13.13
CA LYS IA 84 66.52 36.46 -14.01
C LYS IA 84 65.99 37.84 -14.35
N ALA IA 85 64.67 37.97 -14.43
CA ALA IA 85 64.05 39.23 -14.83
C ALA IA 85 62.90 39.63 -13.92
N PRO IA 86 63.22 40.23 -12.77
CA PRO IA 86 62.29 40.76 -11.79
C PRO IA 86 61.37 41.80 -12.41
N ALA IA 87 61.90 42.50 -13.41
CA ALA IA 87 61.17 43.54 -14.11
C ALA IA 87 59.93 42.96 -14.76
N ARG IA 88 59.96 41.65 -14.94
CA ARG IA 88 58.96 40.97 -15.72
C ARG IA 88 57.86 40.29 -14.89
N ARG IA 89 57.87 40.52 -13.58
CA ARG IA 89 56.90 39.88 -12.69
C ARG IA 89 55.57 40.58 -12.62
N SER IA 90 54.71 40.43 -13.61
CA SER IA 90 53.38 40.98 -13.54
C SER IA 90 52.44 39.97 -12.94
N ASN IA 91 51.21 40.37 -12.67
CA ASN IA 91 50.20 39.39 -12.43
C ASN IA 91 49.57 39.14 -13.78
N THR IA 92 50.24 39.67 -14.80
CA THR IA 92 50.00 39.29 -16.18
C THR IA 92 50.46 37.87 -16.45
N ARG IA 93 49.62 37.15 -17.17
CA ARG IA 93 49.80 35.73 -17.44
C ARG IA 93 49.61 35.54 -18.93
N ALA IA 94 50.12 34.46 -19.49
CA ALA IA 94 49.87 34.22 -20.91
C ALA IA 94 49.66 32.76 -21.22
N ILE IA 95 48.74 32.47 -22.13
CA ILE IA 95 48.49 31.11 -22.58
C ILE IA 95 48.85 30.96 -24.05
N TRP IA 96 49.79 30.07 -24.32
CA TRP IA 96 50.33 29.86 -25.65
C TRP IA 96 49.65 28.76 -26.41
N GLY IA 97 49.70 28.87 -27.73
CA GLY IA 97 49.15 27.88 -28.62
C GLY IA 97 49.92 27.85 -29.91
N ARG IA 98 49.40 27.11 -30.88
CA ARG IA 98 49.92 27.14 -32.23
C ARG IA 98 48.74 27.33 -33.11
N VAL IA 99 48.86 28.13 -34.16
CA VAL IA 99 47.88 28.05 -35.21
C VAL IA 99 48.02 26.67 -35.81
N THR IA 100 46.90 26.00 -36.01
CA THR IA 100 46.97 24.59 -36.34
C THR IA 100 46.63 24.34 -37.78
N ARG IA 101 45.59 25.02 -38.24
CA ARG IA 101 45.24 24.99 -39.63
C ARG IA 101 44.28 26.11 -39.92
N PRO IA 102 44.15 26.50 -41.19
CA PRO IA 102 43.13 27.49 -41.51
C PRO IA 102 41.72 26.98 -41.24
N HIS IA 103 40.84 27.86 -40.80
CA HIS IA 103 39.47 27.47 -40.54
C HIS IA 103 38.48 28.22 -41.39
N GLY IA 104 37.84 27.52 -42.30
CA GLY IA 104 36.92 28.18 -43.19
C GLY IA 104 37.71 28.83 -44.30
N GLY IA 105 37.00 29.41 -45.26
CA GLY IA 105 37.64 30.03 -46.40
C GLY IA 105 38.02 31.45 -46.15
N SER IA 106 37.70 31.93 -44.97
CA SER IA 106 38.10 33.25 -44.56
C SER IA 106 39.44 33.18 -43.85
N GLY IA 107 39.81 34.25 -43.18
CA GLY IA 107 41.14 34.33 -42.62
C GLY IA 107 41.33 33.60 -41.31
N ALA IA 108 40.25 33.02 -40.77
CA ALA IA 108 40.31 32.37 -39.46
C ALA IA 108 41.21 31.16 -39.49
N VAL IA 109 41.86 30.88 -38.37
CA VAL IA 109 42.69 29.68 -38.26
C VAL IA 109 42.37 28.96 -36.98
N ARG IA 110 42.73 27.70 -36.89
CA ARG IA 110 42.49 26.97 -35.68
C ARG IA 110 43.73 26.95 -34.82
N ALA IA 111 43.56 27.35 -33.58
CA ALA IA 111 44.66 27.35 -32.65
C ALA IA 111 44.33 26.38 -31.55
N LYS IA 112 45.18 25.39 -31.36
CA LYS IA 112 45.14 24.61 -30.15
C LYS IA 112 46.09 25.24 -29.20
N PHE IA 113 45.64 25.57 -27.99
CA PHE IA 113 46.61 26.14 -27.07
C PHE IA 113 47.14 25.04 -26.21
N ASN IA 114 48.31 24.50 -26.56
CA ASN IA 114 48.93 23.42 -25.82
C ASN IA 114 48.01 22.22 -25.72
N GLY IA 115 48.14 21.47 -24.63
CA GLY IA 115 47.22 20.36 -24.41
C GLY IA 115 45.89 20.84 -23.87
N SER IA 116 45.92 21.93 -23.13
CA SER IA 116 44.73 22.50 -22.50
C SER IA 116 43.85 23.26 -23.46
N ALA IA 117 42.61 23.47 -23.07
CA ALA IA 117 41.79 24.48 -23.72
C ALA IA 117 42.25 25.84 -23.27
N VAL IA 118 42.04 26.85 -24.11
CA VAL IA 118 42.06 28.23 -23.67
C VAL IA 118 40.72 28.54 -23.02
N PRO IA 119 40.71 29.36 -21.96
CA PRO IA 119 39.50 29.68 -21.20
C PRO IA 119 38.46 30.43 -22.03
N ALA IA 120 37.20 30.21 -21.70
CA ALA IA 120 36.10 30.79 -22.46
C ALA IA 120 36.01 32.28 -22.26
N SER IA 121 36.69 32.78 -21.23
CA SER IA 121 36.78 34.22 -21.02
C SER IA 121 37.62 34.87 -22.09
N ALA IA 122 38.49 34.09 -22.69
CA ALA IA 122 39.38 34.56 -23.74
C ALA IA 122 38.63 35.00 -24.95
N ILE IA 123 37.39 34.53 -25.08
CA ILE IA 123 36.60 34.78 -26.26
C ILE IA 123 36.25 36.25 -26.46
N GLY IA 124 36.38 36.72 -27.69
CA GLY IA 124 36.09 38.10 -28.01
C GLY IA 124 37.30 38.93 -27.70
N LYS IA 125 38.33 38.28 -27.19
CA LYS IA 125 39.44 39.01 -26.62
C LYS IA 125 40.67 38.89 -27.47
N ARG IA 126 41.62 39.79 -27.23
CA ARG IA 126 42.87 39.84 -27.95
C ARG IA 126 43.70 38.60 -27.78
N VAL IA 127 43.65 37.71 -28.76
CA VAL IA 127 44.73 36.77 -28.92
C VAL IA 127 45.84 37.51 -29.64
N ARG IA 128 47.09 37.16 -29.38
CA ARG IA 128 48.18 37.73 -30.15
C ARG IA 128 48.94 36.65 -30.86
N VAL IA 129 48.76 36.59 -32.17
CA VAL IA 129 49.39 35.55 -32.98
C VAL IA 129 50.73 36.03 -33.51
N TYR IA 130 51.80 35.43 -33.01
CA TYR IA 130 53.16 35.85 -33.34
C TYR IA 130 53.65 35.35 -34.69
N LEU IA 131 54.65 36.02 -35.25
CA LEU IA 131 55.17 35.68 -36.59
C LEU IA 131 56.12 34.51 -36.59
N TYR IA 132 56.29 33.88 -35.44
CA TYR IA 132 57.19 32.75 -35.32
C TYR IA 132 56.51 31.53 -34.73
N PRO IA 133 57.05 30.34 -35.00
CA PRO IA 133 58.27 30.14 -35.78
C PRO IA 133 58.17 30.63 -37.21
N SER IA 134 59.23 31.28 -37.68
CA SER IA 134 59.19 31.88 -39.00
C SER IA 134 59.41 30.80 -40.02
N ARG IA 135 58.93 31.09 -41.21
CA ARG IA 135 59.12 30.28 -42.39
C ARG IA 135 59.63 31.33 -43.36
N ILE IA 136 58.79 31.78 -44.28
CA ILE IA 136 59.17 32.84 -45.23
C ILE IA 136 60.57 32.64 -45.81
N PRO JA 1 2.40 -85.08 7.05
CA PRO JA 1 2.22 -84.05 6.04
C PRO JA 1 3.05 -84.34 4.80
N ALA JA 2 2.54 -83.95 3.64
CA ALA JA 2 3.22 -84.23 2.39
C ALA JA 2 4.55 -83.50 2.32
N PRO JA 3 5.61 -84.23 2.01
CA PRO JA 3 6.93 -83.64 1.89
C PRO JA 3 6.89 -82.61 0.80
N ARG JA 4 7.59 -81.50 0.94
CA ARG JA 4 7.57 -80.52 -0.12
C ARG JA 4 8.89 -80.51 -0.85
N THR JA 5 8.82 -80.87 -2.12
CA THR JA 5 10.00 -81.04 -2.95
C THR JA 5 10.76 -79.75 -3.17
N GLY JA 6 12.06 -79.86 -3.41
CA GLY JA 6 12.94 -78.71 -3.37
C GLY JA 6 12.71 -77.71 -4.47
N ILE JA 7 12.04 -78.16 -5.52
CA ILE JA 7 11.62 -77.27 -6.59
C ILE JA 7 10.77 -76.14 -6.03
N ILE JA 8 10.91 -74.95 -6.61
CA ILE JA 8 10.15 -73.75 -6.23
C ILE JA 8 8.67 -73.77 -6.62
N ALA JA 9 8.33 -74.50 -7.65
CA ALA JA 9 6.97 -74.48 -8.16
C ALA JA 9 6.47 -75.90 -8.27
N GLY JA 10 5.16 -76.09 -8.21
CA GLY JA 10 4.60 -77.42 -8.20
C GLY JA 10 3.60 -77.61 -7.08
N PHE JA 11 3.19 -78.85 -6.85
CA PHE JA 11 2.21 -79.13 -5.82
C PHE JA 11 2.78 -79.31 -4.42
N ASN JA 12 4.10 -79.36 -4.29
CA ASN JA 12 4.72 -79.19 -3.00
C ASN JA 12 5.98 -78.38 -3.19
N LYS JA 13 5.82 -77.06 -3.13
CA LYS JA 13 6.77 -76.12 -3.69
C LYS JA 13 7.99 -75.77 -2.86
N GLY JA 14 8.08 -76.26 -1.64
CA GLY JA 14 9.03 -75.66 -0.73
C GLY JA 14 10.46 -76.14 -0.67
N HIS JA 15 11.18 -75.56 0.26
CA HIS JA 15 12.45 -76.09 0.70
C HIS JA 15 12.17 -77.45 1.32
N LYS JA 16 13.00 -78.45 1.04
CA LYS JA 16 12.75 -79.79 1.56
C LYS JA 16 12.98 -79.95 3.04
N THR JA 17 12.29 -79.18 3.85
CA THR JA 17 12.32 -79.40 5.29
C THR JA 17 11.45 -80.61 5.66
N THR JA 18 11.76 -81.27 6.77
CA THR JA 18 10.95 -82.39 7.22
C THR JA 18 9.76 -81.90 8.04
N ARG JA 19 8.63 -81.70 7.37
CA ARG JA 19 7.46 -81.12 8.03
C ARG JA 19 6.94 -81.94 9.18
N ARG JA 20 6.51 -81.24 10.20
CA ARG JA 20 5.95 -81.81 11.40
C ARG JA 20 4.45 -81.61 11.45
N ALA JA 21 3.67 -82.67 11.27
CA ALA JA 21 2.23 -82.56 11.53
C ALA JA 21 2.01 -82.40 13.01
N ARG JA 22 1.24 -81.38 13.37
CA ARG JA 22 0.85 -81.14 14.78
C ARG JA 22 -0.33 -80.19 14.77
N ALA JA 23 -0.92 -79.99 15.94
CA ALA JA 23 -2.11 -79.15 16.07
C ALA JA 23 -2.64 -79.03 17.50
N PRO JA 24 -2.58 -80.12 18.28
CA PRO JA 24 -3.29 -80.04 19.57
C PRO JA 24 -2.77 -78.94 20.46
N SER JA 25 -3.68 -78.26 21.14
CA SER JA 25 -3.34 -77.14 21.98
C SER JA 25 -4.51 -76.88 22.89
N SER JA 26 -5.56 -76.31 22.32
CA SER JA 26 -6.81 -76.14 23.04
C SER JA 26 -7.87 -75.56 22.13
N ASN JA 27 -7.44 -74.70 21.20
CA ASN JA 27 -8.36 -74.05 20.28
C ASN JA 27 -9.00 -75.03 19.32
N ASP JA 28 -8.38 -76.19 19.14
CA ASP JA 28 -8.93 -77.18 18.25
C ASP JA 28 -10.12 -77.86 18.89
N ARG JA 29 -10.33 -77.58 20.17
CA ARG JA 29 -11.44 -78.17 20.89
C ARG JA 29 -12.71 -77.35 20.64
N TYR JA 30 -12.57 -76.18 20.02
CA TYR JA 30 -13.76 -75.44 19.56
C TYR JA 30 -14.48 -76.21 18.47
N ALA JA 31 -13.72 -76.92 17.66
CA ALA JA 31 -14.29 -77.74 16.61
C ALA JA 31 -15.11 -78.85 17.21
N LEU JA 32 -14.75 -79.28 18.41
CA LEU JA 32 -15.49 -80.32 19.10
C LEU JA 32 -16.83 -79.85 19.58
N PRO JA 33 -17.79 -80.77 19.64
CA PRO JA 33 -19.12 -80.54 20.17
C PRO JA 33 -19.11 -80.17 21.64
N HIS JA 34 -20.00 -79.26 22.02
CA HIS JA 34 -20.18 -78.95 23.41
C HIS JA 34 -21.46 -79.60 23.84
N LYS JA 35 -21.38 -80.87 24.23
CA LYS JA 35 -22.57 -81.64 24.52
C LYS JA 35 -23.30 -81.03 25.69
N LYS JA 36 -22.54 -80.40 26.57
CA LYS JA 36 -23.12 -79.82 27.77
C LYS JA 36 -23.71 -78.46 27.49
N LEU JA 37 -23.10 -77.74 26.57
CA LEU JA 37 -23.63 -76.46 26.20
C LEU JA 37 -24.95 -76.62 25.47
N ARG JA 38 -25.19 -77.78 24.87
CA ARG JA 38 -26.47 -78.04 24.22
C ARG JA 38 -27.50 -78.51 25.19
N ALA JA 39 -27.06 -79.24 26.21
CA ALA JA 39 -27.97 -79.70 27.21
C ALA JA 39 -28.60 -78.50 27.87
N VAL JA 40 -27.80 -77.45 27.99
CA VAL JA 40 -28.25 -76.21 28.59
C VAL JA 40 -29.18 -75.47 27.67
N LYS JA 41 -28.79 -75.37 26.41
CA LYS JA 41 -29.57 -74.63 25.45
C LYS JA 41 -30.88 -75.34 25.15
N ALA JA 42 -30.86 -76.67 25.25
CA ALA JA 42 -32.08 -77.45 25.08
C ALA JA 42 -33.03 -77.24 26.24
N ILE JA 43 -32.48 -77.08 27.43
CA ILE JA 43 -33.24 -76.74 28.61
C ILE JA 43 -33.81 -75.34 28.52
N ILE JA 44 -33.20 -74.45 27.77
CA ILE JA 44 -33.73 -73.11 27.68
C ILE JA 44 -34.79 -73.02 26.60
N THR JA 45 -34.68 -73.82 25.55
CA THR JA 45 -35.70 -73.82 24.51
C THR JA 45 -37.03 -74.34 24.99
N ASP JA 46 -37.01 -75.32 25.88
CA ASP JA 46 -38.25 -75.91 26.36
C ASP JA 46 -38.76 -75.12 27.56
N LEU JA 47 -38.00 -74.10 27.93
CA LEU JA 47 -38.42 -73.12 28.91
C LEU JA 47 -39.07 -71.92 28.24
N VAL JA 48 -38.36 -71.34 27.29
CA VAL JA 48 -38.74 -70.05 26.75
C VAL JA 48 -39.72 -70.14 25.59
N GLY JA 49 -39.88 -71.33 25.04
CA GLY JA 49 -40.65 -71.47 23.81
C GLY JA 49 -39.88 -70.99 22.60
N LEU JA 50 -40.60 -70.67 21.52
CA LEU JA 50 -39.98 -70.23 20.28
C LEU JA 50 -39.94 -68.72 20.09
N SER JA 51 -39.03 -68.28 19.22
CA SER JA 51 -38.92 -66.89 18.83
C SER JA 51 -40.04 -66.50 17.86
N PRO JA 52 -40.39 -65.20 17.82
CA PRO JA 52 -41.35 -64.75 16.81
C PRO JA 52 -40.87 -65.04 15.39
N MET JA 53 -39.56 -65.00 15.16
CA MET JA 53 -38.99 -65.45 13.90
C MET JA 53 -39.11 -66.95 13.73
N GLU JA 54 -38.72 -67.67 14.77
CA GLU JA 54 -38.67 -69.12 14.69
C GLU JA 54 -40.06 -69.71 14.55
N ARG JA 55 -41.07 -69.04 15.10
CA ARG JA 55 -42.42 -69.53 14.93
C ARG JA 55 -42.88 -69.22 13.53
N ARG JA 56 -42.57 -68.01 13.09
CA ARG JA 56 -42.95 -67.52 11.78
C ARG JA 56 -42.34 -68.32 10.66
N VAL JA 57 -41.22 -68.96 10.95
CA VAL JA 57 -40.61 -69.84 9.98
C VAL JA 57 -41.29 -71.18 9.94
N GLN JA 58 -41.66 -71.73 11.09
CA GLN JA 58 -42.40 -72.99 11.09
C GLN JA 58 -43.78 -72.86 10.46
N GLU JA 59 -44.37 -71.68 10.50
CA GLU JA 59 -45.67 -71.54 9.88
C GLU JA 59 -45.50 -71.73 8.38
N LEU JA 60 -44.41 -71.19 7.86
CA LEU JA 60 -44.06 -71.40 6.46
C LEU JA 60 -43.66 -72.83 6.19
N LEU JA 61 -43.09 -73.48 7.19
CA LEU JA 61 -42.52 -74.78 6.96
C LEU JA 61 -43.60 -75.85 7.09
N ARG JA 62 -44.76 -75.45 7.61
CA ARG JA 62 -45.96 -76.26 7.53
C ARG JA 62 -46.34 -76.40 6.07
N VAL JA 63 -46.49 -75.26 5.43
CA VAL JA 63 -46.78 -75.19 4.02
C VAL JA 63 -45.52 -75.56 3.27
N GLY JA 64 -45.64 -75.93 2.00
CA GLY JA 64 -44.47 -76.28 1.23
C GLY JA 64 -43.60 -75.07 0.95
N LYS JA 65 -43.70 -74.06 1.81
CA LYS JA 65 -42.92 -72.84 1.66
C LYS JA 65 -41.57 -73.00 2.32
N ASP JA 66 -40.81 -73.96 1.82
CA ASP JA 66 -39.50 -74.25 2.38
C ASP JA 66 -38.53 -73.13 2.04
N LYS JA 67 -38.55 -72.75 0.78
CA LYS JA 67 -37.61 -71.77 0.24
C LYS JA 67 -37.90 -70.38 0.76
N ARG JA 68 -39.13 -70.15 1.16
CA ARG JA 68 -39.50 -68.88 1.72
C ARG JA 68 -39.14 -68.84 3.20
N ALA JA 69 -38.68 -69.98 3.72
CA ALA JA 69 -38.17 -70.03 5.08
C ALA JA 69 -36.71 -69.59 5.14
N LEU JA 70 -35.81 -70.30 4.48
CA LEU JA 70 -34.41 -69.92 4.58
C LEU JA 70 -34.24 -68.58 3.94
N LYS JA 71 -35.14 -68.27 3.02
CA LYS JA 71 -35.09 -66.99 2.35
C LYS JA 71 -35.75 -65.93 3.20
N PHE JA 72 -36.46 -66.36 4.23
CA PHE JA 72 -36.91 -65.45 5.28
C PHE JA 72 -35.89 -65.34 6.39
N CYS JA 73 -35.23 -66.45 6.72
CA CYS JA 73 -34.18 -66.44 7.70
C CYS JA 73 -32.93 -65.67 7.30
N LYS JA 74 -32.53 -65.70 6.03
CA LYS JA 74 -31.30 -65.02 5.68
C LYS JA 74 -31.48 -63.53 5.85
N LYS JA 75 -32.70 -63.07 5.67
CA LYS JA 75 -33.02 -61.68 5.90
C LYS JA 75 -32.97 -61.38 7.37
N ARG JA 76 -33.14 -62.41 8.19
CA ARG JA 76 -33.23 -62.22 9.61
C ARG JA 76 -31.95 -62.67 10.29
N LEU JA 77 -31.01 -63.22 9.53
CA LEU JA 77 -29.74 -63.65 10.09
C LEU JA 77 -28.54 -63.16 9.34
N GLY JA 78 -28.71 -62.85 8.06
CA GLY JA 78 -27.62 -62.29 7.29
C GLY JA 78 -26.83 -63.40 6.63
N ASN JA 79 -26.29 -64.31 7.42
CA ASN JA 79 -25.66 -65.50 6.90
C ASN JA 79 -26.66 -66.32 6.17
N PHE JA 80 -26.22 -66.99 5.12
CA PHE JA 80 -27.07 -67.92 4.43
C PHE JA 80 -26.80 -69.30 5.00
N LYS JA 81 -25.57 -69.53 5.43
CA LYS JA 81 -25.27 -70.74 6.19
C LYS JA 81 -26.02 -70.78 7.50
N ALA JA 82 -26.08 -69.66 8.18
CA ALA JA 82 -26.83 -69.59 9.43
C ALA JA 82 -28.30 -69.74 9.18
N ALA JA 83 -28.75 -69.25 8.02
CA ALA JA 83 -30.15 -69.36 7.66
C ALA JA 83 -30.54 -70.81 7.41
N LYS JA 84 -29.58 -71.59 6.93
CA LYS JA 84 -29.85 -73.00 6.65
C LYS JA 84 -29.83 -73.86 7.89
N LYS JA 85 -28.87 -73.63 8.76
CA LYS JA 85 -28.79 -74.41 9.99
C LYS JA 85 -29.99 -74.16 10.88
N ARG JA 86 -30.47 -72.93 10.90
CA ARG JA 86 -31.63 -72.64 11.70
C ARG JA 86 -32.87 -73.28 11.12
N ARG JA 87 -33.07 -73.13 9.81
CA ARG JA 87 -34.16 -73.84 9.18
C ARG JA 87 -33.93 -75.32 9.30
N ALA JA 88 -32.67 -75.71 9.35
CA ALA JA 88 -32.35 -77.12 9.45
C ALA JA 88 -32.77 -77.67 10.78
N LYS JA 89 -32.32 -77.03 11.86
CA LYS JA 89 -32.66 -77.52 13.19
C LYS JA 89 -34.14 -77.38 13.46
N MET JA 90 -34.74 -76.34 12.91
CA MET JA 90 -36.17 -76.16 13.05
C MET JA 90 -36.94 -77.29 12.39
N GLU JA 91 -36.36 -77.84 11.33
CA GLU JA 91 -37.02 -78.89 10.59
C GLU JA 91 -37.21 -80.10 11.49
N GLU JA 92 -36.25 -80.32 12.39
CA GLU JA 92 -36.39 -81.36 13.41
C GLU JA 92 -37.34 -81.00 14.55
N ALA JA 93 -37.25 -79.79 15.08
CA ALA JA 93 -38.13 -79.43 16.18
C ALA JA 93 -39.58 -79.57 15.72
N LEU JA 94 -39.77 -79.42 14.42
CA LEU JA 94 -41.04 -79.66 13.78
C LEU JA 94 -41.22 -81.16 13.49
N ARG JA 95 -40.17 -81.92 13.75
CA ARG JA 95 -40.19 -83.37 13.51
C ARG JA 95 -39.87 -84.15 14.78
N THR KA 1 -26.34 12.12 16.13
CA THR KA 1 -25.57 12.51 17.30
C THR KA 1 -24.88 11.28 17.86
N LYS KA 2 -24.42 10.41 16.98
CA LYS KA 2 -23.87 9.14 17.36
C LYS KA 2 -22.45 9.26 17.90
N GLY KA 3 -21.85 10.45 17.85
CA GLY KA 3 -20.49 10.64 18.31
C GLY KA 3 -20.25 11.16 19.70
N THR KA 4 -19.66 12.34 19.82
CA THR KA 4 -19.28 12.90 21.12
C THR KA 4 -20.47 13.28 21.98
N THR KA 5 -21.59 13.55 21.34
CA THR KA 5 -22.77 13.94 22.06
C THR KA 5 -23.56 12.77 22.59
N SER KA 6 -23.23 11.56 22.14
CA SER KA 6 -23.90 10.37 22.63
C SER KA 6 -23.02 9.63 23.58
N MET KA 7 -21.80 10.11 23.71
CA MET KA 7 -20.87 9.65 24.71
C MET KA 7 -21.29 10.16 26.06
N GLY KA 8 -22.11 11.20 26.06
CA GLY KA 8 -22.62 11.75 27.29
C GLY KA 8 -23.86 11.02 27.73
N GLN KA 9 -24.39 10.18 26.84
CA GLN KA 9 -25.62 9.46 27.12
C GLN KA 9 -25.36 8.22 27.90
N ARG KA 10 -24.09 7.86 28.01
CA ARG KA 10 -23.69 6.60 28.56
C ARG KA 10 -23.13 6.77 29.96
N HIS KA 11 -23.83 6.16 30.91
CA HIS KA 11 -23.86 6.58 32.30
C HIS KA 11 -23.68 5.48 33.31
N GLY KA 12 -23.89 4.25 32.88
CA GLY KA 12 -23.92 3.16 33.81
C GLY KA 12 -22.59 2.50 33.94
N ARG KA 13 -22.65 1.24 34.35
CA ARG KA 13 -21.56 0.32 34.18
C ARG KA 13 -22.16 -0.98 33.73
N THR KA 14 -21.53 -1.60 32.75
CA THR KA 14 -21.88 -2.96 32.39
C THR KA 14 -21.16 -3.92 33.31
N HIS KA 15 -19.93 -3.56 33.65
CA HIS KA 15 -19.05 -4.45 34.36
C HIS KA 15 -18.54 -3.77 35.59
N ILE KA 16 -18.59 -4.49 36.70
CA ILE KA 16 -17.88 -4.11 37.90
C ILE KA 16 -16.79 -5.13 38.11
N LEU KA 17 -15.94 -4.93 39.10
CA LEU KA 17 -14.84 -5.86 39.33
C LEU KA 17 -15.33 -7.22 39.70
N CYS KA 18 -14.68 -8.26 39.20
CA CYS KA 18 -15.05 -9.59 39.63
C CYS KA 18 -14.47 -9.98 40.97
N ARG KA 19 -15.26 -10.74 41.71
CA ARG KA 19 -14.87 -11.32 42.97
C ARG KA 19 -13.74 -12.36 42.81
N ARG KA 20 -13.70 -13.05 41.67
CA ARG KA 20 -12.55 -13.92 41.36
C ARG KA 20 -11.37 -13.23 40.69
N CYS KA 21 -11.51 -12.96 39.39
CA CYS KA 21 -10.42 -12.43 38.59
C CYS KA 21 -10.00 -11.02 38.94
N GLY KA 22 -10.91 -10.23 39.45
CA GLY KA 22 -10.56 -8.89 39.90
C GLY KA 22 -10.57 -7.98 38.70
N ARG KA 23 -10.90 -8.57 37.57
CA ARG KA 23 -11.10 -7.83 36.35
C ARG KA 23 -12.36 -7.05 36.49
N ASN KA 24 -12.42 -5.91 35.84
CA ASN KA 24 -13.63 -5.15 35.71
C ASN KA 24 -14.51 -5.78 34.66
N ALA KA 25 -14.79 -7.05 34.80
CA ALA KA 25 -15.48 -7.77 33.77
C ALA KA 25 -16.69 -8.48 34.31
N TYR KA 26 -17.14 -8.08 35.49
CA TYR KA 26 -18.29 -8.72 36.04
C TYR KA 26 -19.56 -8.04 35.57
N HIS KA 27 -20.24 -8.61 34.59
CA HIS KA 27 -21.45 -8.03 34.05
C HIS KA 27 -22.50 -7.97 35.14
N VAL KA 28 -22.72 -6.79 35.70
CA VAL KA 28 -23.56 -6.64 36.88
C VAL KA 28 -25.00 -7.05 36.65
N GLN KA 29 -25.47 -6.99 35.41
CA GLN KA 29 -26.86 -7.27 35.12
C GLN KA 29 -27.09 -8.75 34.87
N TRP KA 30 -26.13 -9.40 34.22
CA TRP KA 30 -26.05 -10.84 34.11
C TRP KA 30 -25.01 -11.26 35.10
N GLU KA 31 -25.31 -11.42 36.37
CA GLU KA 31 -24.22 -11.48 37.31
C GLU KA 31 -23.21 -12.56 36.95
N ARG KA 32 -22.38 -12.30 35.96
CA ARG KA 32 -21.28 -13.20 35.61
C ARG KA 32 -20.06 -12.40 35.16
N CYS KA 33 -18.91 -13.05 35.08
CA CYS KA 33 -17.73 -12.36 34.59
C CYS KA 33 -17.46 -12.73 33.13
N ALA KA 34 -17.16 -11.73 32.32
CA ALA KA 34 -16.80 -11.95 30.94
C ALA KA 34 -15.43 -12.59 30.83
N ALA KA 35 -14.62 -12.41 31.86
CA ALA KA 35 -13.25 -12.89 31.86
C ALA KA 35 -13.11 -14.26 32.44
N CYS KA 36 -13.46 -14.41 33.71
CA CYS KA 36 -13.31 -15.69 34.38
C CYS KA 36 -14.54 -16.55 34.24
N ALA KA 37 -15.62 -15.98 33.74
CA ALA KA 37 -16.89 -16.68 33.56
C ALA KA 37 -17.60 -16.90 34.87
N TYR KA 38 -17.12 -16.23 35.90
CA TYR KA 38 -17.62 -16.36 37.24
C TYR KA 38 -19.08 -15.97 37.29
N PRO KA 39 -19.91 -16.62 38.11
CA PRO KA 39 -19.80 -17.61 39.18
C PRO KA 39 -19.63 -19.04 38.77
N ARG KA 40 -19.55 -19.33 37.48
CA ARG KA 40 -19.35 -20.69 37.05
C ARG KA 40 -18.08 -21.22 37.68
N ALA KA 41 -18.07 -22.46 38.13
CA ALA KA 41 -16.90 -22.99 38.81
C ALA KA 41 -15.69 -23.06 37.91
N SER KA 42 -15.85 -23.62 36.73
CA SER KA 42 -14.71 -23.73 35.85
C SER KA 42 -14.46 -22.39 35.20
N ARG KA 43 -13.24 -21.89 35.32
CA ARG KA 43 -12.90 -20.59 34.80
C ARG KA 43 -12.76 -20.61 33.30
N ARG KA 44 -13.14 -19.48 32.70
CA ARG KA 44 -13.17 -19.30 31.27
C ARG KA 44 -11.78 -19.40 30.66
N ARG KA 45 -11.65 -20.15 29.58
CA ARG KA 45 -10.35 -20.50 29.03
C ARG KA 45 -10.46 -20.97 27.61
N TYR KA 46 -10.01 -20.17 26.66
CA TYR KA 46 -10.17 -20.54 25.28
C TYR KA 46 -8.86 -20.67 24.53
N ASN KA 47 -8.77 -21.64 23.66
CA ASN KA 47 -7.55 -21.96 22.93
C ASN KA 47 -7.37 -21.08 21.74
N TRP KA 48 -8.38 -20.32 21.41
CA TRP KA 48 -8.25 -19.35 20.34
C TRP KA 48 -7.60 -18.09 20.85
N SER KA 49 -7.38 -18.05 22.15
CA SER KA 49 -6.68 -16.91 22.73
C SER KA 49 -5.73 -17.42 23.77
N VAL KA 50 -4.55 -17.83 23.33
CA VAL KA 50 -3.56 -18.34 24.24
C VAL KA 50 -2.78 -17.18 24.82
N LYS KA 51 -2.87 -16.02 24.19
CA LYS KA 51 -2.23 -14.85 24.72
C LYS KA 51 -2.92 -14.51 26.03
N ALA KA 52 -4.17 -14.94 26.14
CA ALA KA 52 -4.95 -14.75 27.35
C ALA KA 52 -4.87 -15.95 28.26
N ILE KA 53 -4.70 -17.14 27.72
CA ILE KA 53 -4.48 -18.30 28.57
C ILE KA 53 -3.17 -18.10 29.30
N LYS KA 54 -2.16 -17.67 28.55
CA LYS KA 54 -0.85 -17.41 29.11
C LYS KA 54 -0.89 -16.30 30.12
N ARG KA 55 -1.82 -15.39 29.92
CA ARG KA 55 -1.87 -14.15 30.65
C ARG KA 55 -2.32 -14.36 32.10
N ARG KA 56 -3.05 -15.44 32.33
CA ARG KA 56 -3.67 -15.70 33.62
C ARG KA 56 -3.52 -17.13 34.15
N ARG KA 57 -2.61 -17.87 33.55
CA ARG KA 57 -2.32 -19.24 33.92
C ARG KA 57 -1.56 -19.29 35.23
N THR KA 58 -1.32 -20.49 35.73
CA THR KA 58 -0.50 -20.64 36.92
C THR KA 58 0.89 -20.08 36.71
N GLY KA 59 1.44 -19.49 37.77
CA GLY KA 59 2.76 -18.92 37.74
C GLY KA 59 2.65 -17.46 37.44
N THR KA 60 1.46 -17.07 37.06
CA THR KA 60 1.10 -15.69 36.86
C THR KA 60 0.96 -14.97 38.19
N GLY KA 61 0.74 -15.74 39.24
CA GLY KA 61 0.58 -15.19 40.56
C GLY KA 61 1.65 -15.61 41.55
N ARG KA 62 1.28 -15.65 42.81
CA ARG KA 62 2.24 -16.01 43.85
C ARG KA 62 2.67 -17.46 43.80
N MET KA 63 1.74 -18.33 43.37
CA MET KA 63 1.86 -19.80 43.35
C MET KA 63 2.20 -20.12 44.77
N ARG KA 64 1.40 -19.54 45.66
CA ARG KA 64 1.70 -19.41 47.06
C ARG KA 64 1.96 -20.72 47.78
N TYR KA 65 1.18 -21.73 47.45
CA TYR KA 65 1.36 -23.05 48.02
C TYR KA 65 2.16 -23.91 47.11
N LEU KA 66 2.03 -23.65 45.83
CA LEU KA 66 2.54 -24.55 44.83
C LEU KA 66 4.06 -24.55 44.92
N LYS KA 67 4.62 -23.42 45.36
CA LYS KA 67 6.03 -23.31 45.70
C LYS KA 67 6.42 -24.20 46.87
N GLU KA 68 5.51 -24.36 47.81
CA GLU KA 68 5.78 -25.18 48.98
C GLU KA 68 5.74 -26.64 48.58
N VAL KA 69 4.70 -27.03 47.85
CA VAL KA 69 4.57 -28.43 47.47
C VAL KA 69 5.57 -28.81 46.42
N ASN KA 70 6.05 -27.85 45.62
CA ASN KA 70 7.11 -28.18 44.69
C ASN KA 70 8.41 -28.47 45.40
N ARG KA 71 8.71 -27.70 46.43
CA ARG KA 71 9.91 -27.88 47.23
C ARG KA 71 9.87 -29.20 47.93
N ARG KA 72 8.67 -29.63 48.28
CA ARG KA 72 8.53 -30.86 49.04
C ARG KA 72 8.74 -32.06 48.17
N ILE KA 73 8.19 -32.05 46.96
CA ILE KA 73 8.36 -33.17 46.04
C ILE KA 73 9.82 -33.31 45.66
N LYS KA 74 10.54 -32.20 45.63
CA LYS KA 74 11.96 -32.21 45.34
C LYS KA 74 12.75 -32.77 46.49
N ASN KA 75 12.19 -32.73 47.69
CA ASN KA 75 12.89 -33.19 48.87
C ASN KA 75 12.27 -34.44 49.42
N HIS KA 76 11.47 -35.07 48.60
CA HIS KA 76 10.97 -36.40 48.87
C HIS KA 76 10.07 -36.29 50.09
N PHE KA 77 9.56 -35.09 50.33
CA PHE KA 77 8.77 -34.82 51.51
C PHE KA 77 9.47 -35.24 52.76
N LYS KA 78 10.75 -34.87 52.84
CA LYS KA 78 11.56 -35.17 54.02
C LYS KA 78 10.92 -34.50 55.19
N THR KA 79 10.97 -35.14 56.34
CA THR KA 79 10.19 -34.69 57.46
C THR KA 79 10.91 -34.94 58.76
N SER KA 80 10.75 -33.99 59.69
CA SER KA 80 11.13 -34.18 61.06
C SER KA 80 10.06 -35.03 61.73
N LEU KA 81 10.42 -35.80 62.74
CA LEU KA 81 9.42 -36.65 63.39
C LEU KA 81 8.43 -35.84 64.20
N LYS LA 1 -73.24 26.55 24.55
CA LYS LA 1 -72.66 25.25 24.85
C LYS LA 1 -73.03 24.16 23.87
N ARG LA 2 -74.28 23.78 23.87
CA ARG LA 2 -74.69 22.55 23.23
C ARG LA 2 -74.31 22.50 21.76
N THR LA 3 -73.82 21.33 21.37
CA THR LA 3 -73.58 21.01 19.99
C THR LA 3 -74.90 20.74 19.28
N VAL LA 4 -74.97 21.09 18.01
CA VAL LA 4 -76.15 20.81 17.21
C VAL LA 4 -76.42 19.33 17.12
N LYS LA 5 -75.39 18.51 17.24
CA LYS LA 5 -75.52 17.16 16.79
C LYS LA 5 -74.68 16.16 17.56
N MET LA 6 -73.48 16.52 17.95
CA MET LA 6 -72.55 15.48 18.35
C MET LA 6 -72.16 15.35 19.82
N GLY LA 7 -72.60 16.26 20.68
CA GLY LA 7 -72.56 16.00 22.10
C GLY LA 7 -71.22 15.59 22.64
N VAL LA 8 -71.19 14.41 23.27
CA VAL LA 8 -69.98 13.91 23.88
C VAL LA 8 -68.87 13.85 22.86
N MET LA 9 -69.24 13.69 21.61
CA MET LA 9 -68.28 13.60 20.53
C MET LA 9 -67.67 14.94 20.19
N GLY LA 10 -68.13 15.99 20.83
CA GLY LA 10 -67.74 17.32 20.43
C GLY LA 10 -66.28 17.51 20.74
N ARG LA 11 -65.80 16.72 21.68
CA ARG LA 11 -64.41 16.77 22.10
C ARG LA 11 -63.43 16.34 21.02
N TYR LA 12 -63.90 15.56 20.07
CA TYR LA 12 -63.06 15.09 19.00
C TYR LA 12 -62.83 16.08 17.88
N GLY LA 13 -63.54 17.19 17.88
CA GLY LA 13 -63.25 18.20 16.88
C GLY LA 13 -63.61 17.66 15.54
N ALA LA 14 -62.98 18.18 14.50
CA ALA LA 14 -63.29 17.79 13.14
C ALA LA 14 -62.45 16.62 12.71
N ARG LA 15 -62.48 15.55 13.48
CA ARG LA 15 -61.67 14.41 13.12
C ARG LA 15 -62.24 13.09 13.57
N TYR LA 16 -61.78 12.05 12.89
CA TYR LA 16 -62.18 10.65 13.06
C TYR LA 16 -63.34 10.34 12.13
N GLY LA 17 -63.91 11.36 11.53
CA GLY LA 17 -64.94 11.16 10.53
C GLY LA 17 -66.29 11.12 11.17
N ALA LA 18 -67.33 11.42 10.40
CA ALA LA 18 -68.62 11.67 10.98
C ALA LA 18 -69.31 10.42 11.45
N ASN LA 19 -69.34 9.39 10.63
CA ASN LA 19 -70.00 8.17 11.02
C ASN LA 19 -69.44 7.52 12.27
N PRO LA 20 -68.12 7.32 12.34
CA PRO LA 20 -67.48 6.66 13.47
C PRO LA 20 -67.74 7.37 14.76
N ARG LA 21 -67.85 8.69 14.72
CA ARG LA 21 -68.29 9.43 15.87
C ARG LA 21 -69.74 9.13 16.20
N LYS LA 22 -70.55 9.03 15.15
CA LYS LA 22 -71.97 8.78 15.27
C LYS LA 22 -72.19 7.46 15.96
N ARG LA 23 -71.29 6.52 15.69
CA ARG LA 23 -71.38 5.17 16.19
C ARG LA 23 -70.69 5.03 17.53
N ALA LA 24 -69.64 5.82 17.75
CA ALA LA 24 -69.00 5.92 19.05
C ALA LA 24 -69.89 6.66 20.04
N LYS LA 25 -70.73 7.54 19.53
CA LYS LA 25 -71.57 8.37 20.39
C LYS LA 25 -72.63 7.61 21.13
N LYS LA 26 -73.18 6.56 20.52
CA LYS LA 26 -74.20 5.77 21.19
C LYS LA 26 -73.63 5.00 22.34
N LEU LA 27 -72.56 4.30 22.06
CA LEU LA 27 -71.85 3.53 23.05
C LEU LA 27 -71.25 4.42 24.10
N GLU LA 28 -70.85 5.62 23.69
CA GLU LA 28 -70.21 6.57 24.57
C GLU LA 28 -71.14 7.08 25.65
N VAL LA 29 -72.42 7.21 25.33
CA VAL LA 29 -73.36 7.79 26.28
C VAL LA 29 -73.96 6.75 27.20
N SER LA 30 -74.30 5.58 26.65
CA SER LA 30 -74.85 4.54 27.49
C SER LA 30 -73.76 4.15 28.45
N GLN LA 31 -72.53 4.28 27.99
CA GLN LA 31 -71.36 4.02 28.79
C GLN LA 31 -71.22 4.92 30.00
N HIS LA 32 -71.63 6.17 29.87
CA HIS LA 32 -71.50 7.11 30.97
C HIS LA 32 -72.86 7.47 31.54
N ALA LA 33 -73.90 6.93 30.92
CA ALA LA 33 -75.23 7.10 31.43
C ALA LA 33 -75.35 6.33 32.71
N ARG LA 34 -76.27 6.74 33.56
CA ARG LA 34 -76.61 5.99 34.75
C ARG LA 34 -77.73 5.02 34.45
N HIS LA 35 -77.44 3.73 34.54
CA HIS LA 35 -78.39 2.71 34.15
C HIS LA 35 -79.18 2.19 35.33
N PHE LA 36 -80.43 1.81 35.07
CA PHE LA 36 -81.37 1.51 36.14
C PHE LA 36 -81.02 0.27 36.94
N CYS LA 37 -81.13 0.40 38.25
CA CYS LA 37 -80.83 -0.66 39.19
C CYS LA 37 -82.10 -1.36 39.65
N SER LA 38 -82.21 -2.64 39.36
CA SER LA 38 -83.33 -3.43 39.85
C SER LA 38 -83.24 -3.57 41.36
N PHE LA 39 -82.03 -3.50 41.88
CA PHE LA 39 -81.81 -3.66 43.30
C PHE LA 39 -82.35 -2.46 44.06
N CYS LA 40 -81.97 -1.28 43.61
CA CYS LA 40 -82.38 -0.07 44.29
C CYS LA 40 -83.66 0.51 43.73
N GLY LA 41 -83.98 0.19 42.48
CA GLY LA 41 -85.11 0.78 41.81
C GLY LA 41 -84.69 2.18 41.38
N LYS LA 42 -83.39 2.39 41.48
CA LYS LA 42 -82.78 3.70 41.35
C LYS LA 42 -81.92 3.74 40.11
N PHE LA 43 -81.95 4.82 39.33
CA PHE LA 43 -80.85 4.98 38.38
C PHE LA 43 -79.64 5.14 39.26
N ALA LA 44 -78.58 4.42 38.96
CA ALA LA 44 -77.53 4.28 39.95
C ALA LA 44 -76.33 3.58 39.40
N PHE LA 45 -76.54 2.68 38.47
CA PHE LA 45 -75.41 2.02 37.86
C PHE LA 45 -74.62 2.97 37.01
N ARG LA 46 -73.32 2.87 37.14
CA ARG LA 46 -72.38 3.62 36.35
C ARG LA 46 -71.18 2.73 36.15
N ARG LA 47 -70.66 2.69 34.94
CA ARG LA 47 -69.57 1.79 34.66
C ARG LA 47 -68.23 2.25 35.19
N LYS LA 48 -67.40 1.29 35.56
CA LYS LA 48 -66.14 1.56 36.21
C LYS LA 48 -65.02 0.73 35.61
N ALA LA 49 -65.12 0.45 34.30
CA ALA LA 49 -64.24 -0.48 33.59
C ALA LA 49 -65.14 -1.28 32.72
N VAL LA 50 -64.68 -1.68 31.55
CA VAL LA 50 -65.62 -2.25 30.61
C VAL LA 50 -66.23 -3.49 31.22
N GLY LA 51 -67.55 -3.60 31.12
CA GLY LA 51 -68.26 -4.73 31.65
C GLY LA 51 -68.37 -4.71 33.16
N ILE LA 52 -68.13 -3.57 33.80
CA ILE LA 52 -68.27 -3.47 35.25
C ILE LA 52 -69.05 -2.24 35.65
N TRP LA 53 -70.12 -2.45 36.39
CA TRP LA 53 -71.09 -1.41 36.71
C TRP LA 53 -71.27 -1.33 38.19
N ARG LA 54 -70.67 -0.33 38.81
CA ARG LA 54 -70.86 -0.12 40.23
C ARG LA 54 -72.19 0.54 40.48
N CYS LA 55 -72.83 0.22 41.61
CA CYS LA 55 -74.07 0.88 41.98
C CYS LA 55 -73.78 1.95 42.99
N ASP LA 56 -74.12 3.19 42.65
CA ASP LA 56 -73.81 4.35 43.47
C ASP LA 56 -74.56 4.28 44.78
N GLY LA 57 -75.74 3.66 44.73
CA GLY LA 57 -76.57 3.52 45.91
C GLY LA 57 -75.96 2.46 46.79
N CYS LA 58 -76.64 1.32 46.90
CA CYS LA 58 -76.10 0.22 47.65
C CYS LA 58 -74.79 -0.16 47.01
N SER LA 59 -73.74 -0.38 47.80
CA SER LA 59 -72.49 -0.78 47.18
C SER LA 59 -72.77 -2.11 46.54
N LYS LA 60 -72.34 -2.26 45.30
CA LYS LA 60 -72.67 -3.43 44.53
C LYS LA 60 -72.01 -3.32 43.18
N THR LA 61 -71.95 -4.42 42.45
CA THR LA 61 -71.36 -4.39 41.13
C THR LA 61 -71.94 -5.48 40.27
N MET LA 62 -72.78 -5.07 39.35
CA MET LA 62 -73.29 -5.94 38.32
C MET LA 62 -72.16 -6.15 37.33
N ALA LA 63 -72.18 -7.25 36.59
CA ALA LA 63 -71.22 -7.45 35.54
C ALA LA 63 -71.66 -6.67 34.31
N GLY LA 64 -72.64 -7.15 33.55
CA GLY LA 64 -73.18 -6.32 32.50
C GLY LA 64 -72.36 -6.20 31.23
N GLY LA 65 -72.85 -5.41 30.29
CA GLY LA 65 -72.20 -5.26 29.01
C GLY LA 65 -71.17 -4.17 29.03
N ALA LA 66 -70.56 -3.89 27.90
CA ALA LA 66 -69.46 -2.94 27.88
C ALA LA 66 -69.90 -1.51 27.96
N TYR LA 67 -70.85 -1.14 27.13
CA TYR LA 67 -71.19 0.24 26.96
C TYR LA 67 -72.57 0.40 27.48
N THR LA 68 -73.07 -0.70 28.00
CA THR LA 68 -74.45 -0.80 28.42
C THR LA 68 -74.59 -1.84 29.51
N LEU LA 69 -75.45 -1.57 30.47
CA LEU LA 69 -75.56 -2.44 31.63
C LEU LA 69 -76.07 -3.82 31.25
N SER LA 70 -76.92 -3.89 30.25
CA SER LA 70 -77.45 -5.17 29.81
C SER LA 70 -77.32 -5.32 28.31
N THR LA 71 -76.78 -6.47 27.92
CA THR LA 71 -76.79 -6.88 26.53
C THR LA 71 -78.18 -7.34 26.13
N PRO LA 72 -78.56 -7.12 24.87
CA PRO LA 72 -79.77 -7.73 24.32
C PRO LA 72 -79.75 -9.24 24.38
N ASN LA 73 -78.57 -9.82 24.24
CA ASN LA 73 -78.42 -11.26 24.38
C ASN LA 73 -78.79 -11.73 25.78
N ASN LA 74 -78.48 -10.90 26.76
CA ASN LA 74 -78.74 -11.24 28.15
C ASN LA 74 -80.22 -11.23 28.50
N SER LA 75 -81.00 -10.45 27.76
CA SER LA 75 -82.42 -10.32 28.04
C SER LA 75 -83.07 -11.67 27.89
N THR LA 76 -82.53 -12.45 26.97
CA THR LA 76 -83.04 -13.78 26.70
C THR LA 76 -82.71 -14.74 27.81
N VAL LA 77 -81.45 -14.74 28.24
CA VAL LA 77 -80.96 -15.74 29.16
C VAL LA 77 -81.66 -15.65 30.52
N ARG LA 78 -81.98 -14.44 30.94
CA ARG LA 78 -82.54 -14.27 32.27
C ARG LA 78 -83.96 -14.80 32.38
N SER LA 79 -84.80 -14.47 31.42
CA SER LA 79 -86.14 -15.03 31.39
C SER LA 79 -86.07 -16.52 31.12
N THR LA 80 -85.16 -16.90 30.23
CA THR LA 80 -85.05 -18.28 29.82
C THR LA 80 -84.69 -19.13 31.01
N VAL LA 81 -83.92 -18.56 31.94
CA VAL LA 81 -83.70 -19.19 33.23
C VAL LA 81 -84.96 -19.10 34.10
N ARG LA 82 -85.74 -18.03 33.92
CA ARG LA 82 -86.94 -17.85 34.73
C ARG LA 82 -88.00 -18.89 34.35
N ARG LA 83 -88.09 -19.16 33.05
CA ARG LA 83 -89.03 -20.13 32.54
C ARG LA 83 -88.65 -21.56 32.94
N LEU LA 84 -87.35 -21.80 33.12
CA LEU LA 84 -86.88 -23.12 33.54
C LEU LA 84 -87.13 -23.33 35.01
N ARG LA 85 -87.53 -22.26 35.66
CA ARG LA 85 -87.85 -22.29 37.08
C ARG LA 85 -89.27 -22.80 37.31
N PRO MA 1 -40.27 15.93 77.36
CA PRO MA 1 -40.41 17.01 78.33
C PRO MA 1 -41.81 17.09 78.90
N ARG MA 2 -42.22 16.10 79.68
CA ARG MA 2 -43.53 16.22 80.29
C ARG MA 2 -43.46 17.17 81.46
N GLU MA 3 -44.61 17.74 81.81
CA GLU MA 3 -44.66 18.72 82.87
C GLU MA 3 -45.55 18.27 84.01
N ILE MA 4 -44.92 17.88 85.11
CA ILE MA 4 -45.61 17.65 86.37
C ILE MA 4 -46.24 18.95 86.85
N LYS MA 5 -47.49 18.90 87.28
CA LYS MA 5 -48.21 20.14 87.55
C LYS MA 5 -48.41 20.41 89.05
N ASN MA 6 -48.92 19.42 89.77
CA ASN MA 6 -49.12 19.54 91.21
C ASN MA 6 -47.83 19.36 91.99
N LEU MA 7 -47.73 20.01 93.15
CA LEU MA 7 -46.55 19.86 94.00
C LEU MA 7 -46.35 18.48 94.60
N LYS MA 8 -47.44 17.77 94.91
CA LYS MA 8 -47.33 16.53 95.68
C LYS MA 8 -46.49 15.51 94.93
N GLU MA 9 -46.61 15.54 93.62
CA GLU MA 9 -45.88 14.62 92.76
C GLU MA 9 -44.40 15.00 92.73
N PHE MA 10 -44.18 16.30 92.60
CA PHE MA 10 -42.85 16.86 92.41
C PHE MA 10 -41.94 16.68 93.61
N LEU MA 11 -42.51 16.72 94.80
CA LEU MA 11 -41.75 16.51 96.02
C LEU MA 11 -41.34 15.04 96.10
N ALA MA 12 -42.09 14.17 95.43
CA ALA MA 12 -41.75 12.77 95.35
C ALA MA 12 -40.49 12.52 94.52
N ILE MA 13 -40.25 13.40 93.55
CA ILE MA 13 -39.26 13.13 92.52
C ILE MA 13 -37.93 13.83 92.78
N ARG MA 20 -32.50 12.97 89.67
CA ARG MA 20 -31.15 13.53 89.71
C ARG MA 20 -31.18 15.05 89.79
N CYS MA 21 -30.09 15.71 89.42
CA CYS MA 21 -29.93 17.14 89.66
C CYS MA 21 -31.02 18.00 89.01
N VAL MA 22 -31.56 18.97 89.74
CA VAL MA 22 -32.68 19.74 89.23
C VAL MA 22 -32.32 21.20 88.92
N LYS MA 23 -32.79 21.65 87.77
CA LYS MA 23 -32.55 23.00 87.30
C LYS MA 23 -33.68 23.94 87.69
N VAL MA 24 -33.49 24.74 88.74
CA VAL MA 24 -34.40 25.84 88.98
C VAL MA 24 -34.18 26.92 87.94
N LYS MA 25 -35.26 27.54 87.48
CA LYS MA 25 -35.11 28.70 86.60
C LYS MA 25 -36.06 29.80 86.93
N HIS MA 26 -35.55 30.89 87.47
CA HIS MA 26 -36.39 32.05 87.69
C HIS MA 26 -36.73 32.71 86.37
N ASN MA 27 -37.98 33.16 86.25
CA ASN MA 27 -38.43 33.93 85.12
C ASN MA 27 -39.09 35.17 85.67
N PRO MA 28 -39.15 36.24 84.88
CA PRO MA 28 -40.10 37.25 85.33
C PRO MA 28 -41.48 36.61 85.38
N ALA MA 29 -42.23 36.89 86.45
CA ALA MA 29 -43.57 36.34 86.58
C ALA MA 29 -43.61 34.81 86.52
N GLN MA 30 -42.51 34.15 86.89
CA GLN MA 30 -42.46 32.69 86.97
C GLN MA 30 -41.34 32.21 87.86
N THR MA 31 -41.29 30.89 88.07
CA THR MA 31 -40.09 30.24 88.60
C THR MA 31 -40.19 28.73 88.44
N LYS MA 32 -39.70 28.23 87.32
CA LYS MA 32 -39.74 26.81 86.99
C LYS MA 32 -38.74 25.97 87.78
N PHE MA 33 -39.08 24.69 87.97
CA PHE MA 33 -38.17 23.73 88.58
C PHE MA 33 -38.02 22.53 87.69
N LYS MA 34 -36.99 22.57 86.85
CA LYS MA 34 -36.81 21.58 85.82
C LYS MA 34 -36.08 20.36 86.35
N VAL MA 35 -36.83 19.43 86.93
CA VAL MA 35 -36.25 18.19 87.41
C VAL MA 35 -35.86 17.27 86.27
N ARG MA 36 -34.55 17.07 86.12
CA ARG MA 36 -34.05 16.11 85.18
C ARG MA 36 -34.18 14.71 85.76
N CYS MA 37 -34.34 13.73 84.90
CA CYS MA 37 -34.38 12.33 85.31
C CYS MA 37 -33.89 11.45 84.17
N SER MA 38 -33.97 10.14 84.36
CA SER MA 38 -33.39 9.20 83.41
C SER MA 38 -34.03 9.33 82.04
N ARG MA 39 -35.28 9.74 82.00
CA ARG MA 39 -35.98 9.81 80.75
C ARG MA 39 -36.44 11.21 80.49
N TYR MA 40 -37.38 11.69 81.30
CA TYR MA 40 -37.96 12.99 81.06
C TYR MA 40 -37.36 14.09 81.92
N LEU MA 41 -37.43 15.31 81.39
CA LEU MA 41 -37.16 16.51 82.16
C LEU MA 41 -38.47 17.03 82.68
N TYR MA 42 -38.85 16.61 83.87
CA TYR MA 42 -40.10 17.04 84.48
C TYR MA 42 -39.95 18.49 84.86
N THR MA 43 -40.99 19.30 84.68
CA THR MA 43 -40.90 20.67 85.13
C THR MA 43 -42.10 20.96 85.99
N LEU MA 44 -41.90 21.80 86.99
CA LEU MA 44 -42.98 22.24 87.86
C LEU MA 44 -43.03 23.75 87.82
N VAL MA 45 -44.03 24.30 87.15
CA VAL MA 45 -44.17 25.75 87.14
C VAL MA 45 -44.62 26.21 88.51
N VAL MA 46 -44.17 27.38 88.93
CA VAL MA 46 -44.59 27.91 90.22
C VAL MA 46 -44.76 29.41 90.14
N ALA MA 47 -46.01 29.86 90.10
CA ALA MA 47 -46.32 31.27 89.85
C ALA MA 47 -45.76 32.19 90.93
N ASP MA 48 -46.54 32.43 91.99
CA ASP MA 48 -46.08 33.34 93.04
C ASP MA 48 -44.85 32.81 93.77
N LYS MA 49 -43.92 33.71 94.04
CA LYS MA 49 -42.60 33.36 94.54
C LYS MA 49 -42.60 32.87 95.96
N LYS MA 50 -43.65 33.19 96.71
CA LYS MA 50 -43.69 32.91 98.13
C LYS MA 50 -43.60 31.41 98.39
N LYS MA 51 -44.07 30.64 97.42
CA LYS MA 51 -44.00 29.18 97.49
C LYS MA 51 -42.95 28.61 96.54
N ALA MA 52 -42.26 29.47 95.80
CA ALA MA 52 -41.24 28.99 94.88
C ALA MA 52 -39.98 28.62 95.64
N ASP MA 53 -39.54 29.51 96.52
CA ASP MA 53 -38.40 29.23 97.37
C ASP MA 53 -38.90 28.40 98.56
N LYS MA 54 -40.21 28.22 98.60
CA LYS MA 54 -40.84 27.32 99.56
C LYS MA 54 -40.45 25.88 99.27
N ILE MA 55 -40.06 25.61 98.03
CA ILE MA 55 -39.56 24.29 97.68
C ILE MA 55 -38.11 24.39 97.24
N GLU MA 56 -37.69 25.60 96.86
CA GLU MA 56 -36.31 25.82 96.48
C GLU MA 56 -35.39 25.60 97.65
N ARG MA 57 -35.86 25.97 98.84
CA ARG MA 57 -35.04 25.85 100.05
C ARG MA 57 -35.18 24.45 100.61
N SER MA 58 -36.03 23.65 99.96
CA SER MA 58 -36.11 22.23 100.24
C SER MA 58 -34.88 21.54 99.67
N GLY NA 1 -20.29 9.72 44.39
CA GLY NA 1 -21.20 10.10 45.45
C GLY NA 1 -20.81 9.39 46.71
N ARG NA 2 -21.69 9.34 47.70
CA ARG NA 2 -21.36 8.62 48.91
C ARG NA 2 -21.14 7.15 48.73
N PHE NA 3 -21.98 6.53 47.91
CA PHE NA 3 -21.99 5.08 47.86
C PHE NA 3 -20.69 4.50 47.36
N LYS NA 4 -20.28 3.51 48.12
CA LYS NA 4 -19.10 2.71 47.91
C LYS NA 4 -19.31 1.46 48.70
N PRO NA 5 -19.17 0.31 48.06
CA PRO NA 5 -18.90 -0.83 48.92
C PRO NA 5 -17.56 -0.60 49.57
N LEU NA 6 -17.35 -1.09 50.78
CA LEU NA 6 -16.08 -0.90 51.43
C LEU NA 6 -14.96 -1.57 50.62
N ALA NA 7 -15.32 -2.59 49.86
CA ALA NA 7 -14.35 -3.25 49.01
C ALA NA 7 -13.80 -2.31 47.96
N ILE NA 8 -14.62 -1.39 47.49
CA ILE NA 8 -14.18 -0.38 46.55
C ILE NA 8 -13.42 0.72 47.24
N LYS NA 9 -13.86 1.08 48.44
CA LYS NA 9 -13.15 2.05 49.26
C LYS NA 9 -11.77 1.53 49.64
N LYS NA 10 -11.63 0.23 49.87
CA LYS NA 10 -10.34 -0.37 50.18
C LYS NA 10 -9.42 -0.35 48.99
N LYS NA 11 -10.00 -0.40 47.81
CA LYS NA 11 -9.23 -0.37 46.58
C LYS NA 11 -8.82 1.02 46.20
N TYR NA 12 -9.72 1.98 46.29
CA TYR NA 12 -9.30 3.34 46.08
C TYR NA 12 -8.36 3.79 47.18
N ALA NA 13 -8.54 3.22 48.35
CA ALA NA 13 -7.63 3.46 49.46
C ALA NA 13 -6.26 2.93 49.15
N LYS NA 14 -6.23 1.81 48.45
CA LYS NA 14 -5.05 1.08 48.05
C LYS NA 14 -4.27 1.86 47.02
N LYS NA 15 -4.98 2.32 46.01
CA LYS NA 15 -4.40 3.09 44.93
C LYS NA 15 -4.02 4.48 45.38
N LEU NA 16 -4.65 4.93 46.47
CA LEU NA 16 -4.43 6.27 46.97
C LEU NA 16 -3.11 6.39 47.68
N LYS NA 17 -2.81 5.42 48.54
CA LYS NA 17 -1.56 5.40 49.26
C LYS NA 17 -0.46 4.80 48.43
N GLN NA 18 -0.84 4.25 47.29
CA GLN NA 18 0.10 3.78 46.31
C GLN NA 18 0.52 4.88 45.36
N ASN NA 19 -0.11 6.04 45.48
CA ASN NA 19 0.05 7.11 44.52
C ASN NA 19 1.05 8.10 45.06
N ARG NA 20 2.24 7.62 45.37
CA ARG NA 20 3.17 8.45 46.10
C ARG NA 20 4.50 8.49 45.36
N PRO NA 21 5.22 9.61 45.47
CA PRO NA 21 6.54 9.72 44.87
C PRO NA 21 7.47 8.72 45.50
N VAL NA 22 8.45 8.23 44.76
CA VAL NA 22 9.40 7.27 45.29
C VAL NA 22 10.15 7.92 46.43
N PRO NA 23 10.50 7.14 47.45
CA PRO NA 23 11.25 7.69 48.57
C PRO NA 23 12.58 8.23 48.08
N TYR NA 24 13.07 9.31 48.67
CA TYR NA 24 14.31 9.88 48.21
C TYR NA 24 15.47 8.92 48.39
N TRP NA 25 15.42 8.17 49.48
CA TRP NA 25 16.55 7.36 49.89
C TRP NA 25 16.68 6.11 49.08
N ILE NA 26 15.62 5.75 48.36
CA ILE NA 26 15.68 4.57 47.53
C ILE NA 26 16.58 4.80 46.33
N ARG NA 27 16.70 6.05 45.90
CA ARG NA 27 17.48 6.36 44.71
C ARG NA 27 18.97 6.33 44.98
N LEU NA 28 19.31 6.30 46.25
CA LEU NA 28 20.70 6.42 46.66
C LEU NA 28 21.34 5.08 46.92
N ARG NA 29 20.57 4.02 46.76
CA ARG NA 29 21.08 2.67 46.90
C ARG NA 29 21.99 2.30 45.76
N THR NA 30 22.89 1.36 46.00
CA THR NA 30 23.73 0.86 44.94
C THR NA 30 22.90 0.16 43.89
N GLY NA 31 23.25 0.39 42.62
CA GLY NA 31 22.66 -0.34 41.53
C GLY NA 31 21.22 0.06 41.29
N ASN NA 32 20.81 1.15 41.90
CA ASN NA 32 19.44 1.62 41.76
C ASN NA 32 19.15 2.09 40.36
N ARG NA 33 17.92 1.84 39.95
CA ARG NA 33 17.46 2.02 38.59
C ARG NA 33 16.34 3.02 38.54
N ILE NA 34 15.49 2.94 39.55
CA ILE NA 34 14.33 3.77 39.75
C ILE NA 34 14.68 5.24 39.93
N LYS NA 35 13.89 6.11 39.31
CA LYS NA 35 13.99 7.52 39.61
C LYS NA 35 12.62 8.03 39.98
N TRP NA 36 11.85 8.40 38.98
CA TRP NA 36 10.44 8.73 39.14
C TRP NA 36 9.60 7.49 39.33
N ASN NA 37 8.47 7.62 40.00
CA ASN NA 37 7.51 6.53 40.05
C ASN NA 37 6.84 6.43 38.68
N GLU NA 38 6.92 5.25 38.06
CA GLU NA 38 6.32 5.03 36.74
C GLU NA 38 4.85 4.67 36.84
N LYS NA 39 4.33 4.62 38.06
CA LYS NA 39 2.95 4.28 38.25
C LYS NA 39 2.20 5.34 39.04
N ARG NA 40 2.65 6.59 38.92
CA ARG NA 40 1.88 7.69 39.44
C ARG NA 40 0.59 7.79 38.68
N ARG NA 41 -0.48 8.03 39.41
CA ARG NA 41 -1.79 8.11 38.81
C ARG NA 41 -2.38 9.47 39.08
N HIS NA 42 -3.20 9.97 38.17
CA HIS NA 42 -3.89 11.21 38.46
C HIS NA 42 -5.33 11.08 38.10
N TRP NA 43 -6.20 11.53 38.99
CA TRP NA 43 -7.62 11.30 38.85
C TRP NA 43 -8.17 11.91 37.59
N ARG NA 44 -7.52 12.97 37.13
CA ARG NA 44 -7.99 13.69 35.97
C ARG NA 44 -7.51 13.02 34.68
N ARG NA 45 -6.64 12.02 34.82
CA ARG NA 45 -6.12 11.33 33.66
C ARG NA 45 -6.51 9.88 33.64
N THR NA 46 -5.64 9.02 34.16
CA THR NA 46 -6.00 7.61 34.24
C THR NA 46 -7.15 7.42 35.23
N LYS NA 47 -8.10 6.59 34.85
CA LYS NA 47 -9.24 6.31 35.71
C LYS NA 47 -9.23 4.92 36.28
N LEU NA 48 -9.34 4.83 37.59
CA LEU NA 48 -9.44 3.57 38.30
C LEU NA 48 -10.86 3.07 38.40
N HIS NA 49 -11.59 3.07 37.30
CA HIS NA 49 -13.02 2.90 37.35
C HIS NA 49 -13.48 1.77 38.24
N TYR NA 50 -13.81 2.09 39.50
CA TYR NA 50 -14.33 1.09 40.40
C TYR NA 50 -15.76 1.40 40.80
N SER OA 1 62.30 -44.77 4.44
CA SER OA 1 62.30 -45.08 5.87
C SER OA 1 62.33 -43.85 6.75
N VAL OA 2 62.09 -44.05 8.04
CA VAL OA 2 62.03 -42.94 8.99
C VAL OA 2 62.64 -43.30 10.32
N SER OA 3 63.57 -42.46 10.77
CA SER OA 3 64.17 -42.66 12.08
C SER OA 3 63.21 -42.30 13.20
N VAL OA 4 63.28 -43.03 14.30
CA VAL OA 4 62.43 -42.76 15.44
C VAL OA 4 63.20 -42.03 16.54
N TYR OA 5 63.10 -40.71 16.56
CA TYR OA 5 63.82 -39.92 17.54
C TYR OA 5 63.30 -40.18 18.94
N SER OA 6 64.21 -40.34 19.89
CA SER OA 6 63.83 -40.61 21.27
C SER OA 6 63.25 -39.37 21.91
N ALA OA 7 62.31 -39.56 22.83
CA ALA OA 7 61.77 -38.44 23.56
C ALA OA 7 62.82 -37.81 24.46
N SER OA 8 63.71 -38.65 25.00
CA SER OA 8 64.68 -38.22 25.98
C SER OA 8 65.72 -37.26 25.42
N GLU OA 9 66.01 -37.40 24.13
CA GLU OA 9 67.19 -36.75 23.56
C GLU OA 9 67.14 -36.68 22.04
N ASP OA 10 68.19 -36.13 21.46
CA ASP OA 10 68.31 -36.06 20.01
C ASP OA 10 68.45 -37.41 19.32
N LYS OA 11 69.08 -38.38 19.96
CA LYS OA 11 69.47 -39.59 19.23
C LYS OA 11 68.27 -40.41 18.78
N VAL OA 12 68.29 -40.87 17.53
CA VAL OA 12 67.27 -41.77 17.03
C VAL OA 12 67.35 -43.10 17.74
N VAL OA 13 66.21 -43.75 17.95
CA VAL OA 13 66.19 -45.06 18.55
C VAL OA 13 66.07 -46.17 17.51
N GLY OA 14 66.04 -45.78 16.25
CA GLY OA 14 65.90 -46.76 15.18
C GLY OA 14 65.10 -46.20 14.02
N THR OA 15 64.96 -46.98 12.97
CA THR OA 15 64.26 -46.52 11.79
C THR OA 15 63.03 -47.37 11.56
N CYS OA 16 61.99 -46.77 10.98
CA CYS OA 16 60.86 -47.55 10.47
C CYS OA 16 60.58 -47.07 9.07
N PRO OA 17 60.09 -47.98 8.21
CA PRO OA 17 59.69 -47.67 6.84
C PRO OA 17 58.51 -46.73 6.83
N LEU OA 18 58.37 -45.86 5.84
CA LEU OA 18 57.11 -45.15 5.74
C LEU OA 18 56.00 -46.11 5.46
N PRO OA 19 54.91 -45.98 6.22
CA PRO OA 19 53.66 -46.62 5.86
C PRO OA 19 53.18 -46.05 4.55
N ALA OA 20 52.51 -46.87 3.76
CA ALA OA 20 52.17 -46.50 2.41
C ALA OA 20 51.25 -45.28 2.37
N VAL OA 21 50.63 -44.97 3.49
CA VAL OA 21 49.67 -43.88 3.56
C VAL OA 21 50.29 -42.54 3.20
N PHE OA 22 51.55 -42.38 3.53
CA PHE OA 22 52.27 -41.15 3.28
C PHE OA 22 52.64 -41.01 1.82
N THR OA 23 52.62 -42.12 1.10
CA THR OA 23 52.85 -42.13 -0.32
C THR OA 23 51.57 -41.89 -1.08
N ALA OA 24 50.47 -41.82 -0.33
CA ALA OA 24 49.14 -41.77 -0.90
C ALA OA 24 48.91 -40.44 -1.57
N PRO OA 25 47.94 -40.38 -2.49
CA PRO OA 25 47.71 -39.13 -3.19
C PRO OA 25 47.33 -38.01 -2.24
N ILE OA 26 47.80 -36.81 -2.51
CA ILE OA 26 47.35 -35.66 -1.77
C ILE OA 26 46.29 -34.99 -2.60
N ARG OA 27 45.05 -35.04 -2.16
CA ARG OA 27 44.03 -34.34 -2.90
C ARG OA 27 43.33 -33.32 -2.03
N HIS OA 28 43.81 -32.09 -2.14
CA HIS OA 28 43.40 -31.00 -1.30
C HIS OA 28 41.95 -30.67 -1.47
N ASP OA 29 41.45 -30.89 -2.67
CA ASP OA 29 40.06 -30.60 -2.98
C ASP OA 29 39.11 -31.51 -2.24
N ILE OA 30 39.54 -32.73 -1.96
CA ILE OA 30 38.70 -33.65 -1.23
C ILE OA 30 38.82 -33.44 0.24
N VAL OA 31 40.01 -33.11 0.69
CA VAL OA 31 40.19 -32.75 2.07
C VAL OA 31 39.37 -31.53 2.34
N GLN OA 32 39.24 -30.66 1.35
CA GLN OA 32 38.41 -29.49 1.46
C GLN OA 32 36.95 -29.81 1.34
N PHE OA 33 36.58 -30.66 0.40
CA PHE OA 33 35.20 -31.05 0.30
C PHE OA 33 34.74 -31.84 1.50
N VAL OA 34 35.60 -32.71 2.01
CA VAL OA 34 35.20 -33.52 3.15
C VAL OA 34 35.22 -32.68 4.39
N HIS OA 35 36.21 -31.80 4.51
CA HIS OA 35 36.28 -30.91 5.66
C HIS OA 35 35.11 -29.96 5.71
N THR OA 36 34.69 -29.48 4.55
CA THR OA 36 33.62 -28.51 4.49
C THR OA 36 32.33 -29.08 4.98
N ASN OA 37 32.00 -30.25 4.46
CA ASN OA 37 30.80 -30.95 4.84
C ASN OA 37 30.90 -31.59 6.19
N MET OA 38 32.08 -32.07 6.54
CA MET OA 38 32.27 -32.67 7.85
C MET OA 38 32.19 -31.67 8.99
N ALA OA 39 32.51 -30.42 8.72
CA ALA OA 39 32.51 -29.41 9.77
C ALA OA 39 31.10 -28.99 10.09
N LYS OA 40 30.16 -29.36 9.24
CA LYS OA 40 28.77 -29.02 9.44
C LYS OA 40 28.06 -29.97 10.38
N ASN OA 41 28.71 -31.06 10.75
CA ASN OA 41 28.06 -32.02 11.60
C ASN OA 41 28.23 -31.67 13.07
N SER OA 42 29.23 -30.87 13.37
CA SER OA 42 29.48 -30.36 14.69
C SER OA 42 28.39 -29.36 15.00
N ARG OA 43 27.74 -28.96 13.93
CA ARG OA 43 26.95 -27.74 13.88
C ARG OA 43 25.58 -27.93 14.48
N GLN OA 44 24.97 -26.86 14.97
CA GLN OA 44 23.83 -26.99 15.87
C GLN OA 44 22.64 -26.10 15.50
N ALA OA 45 21.44 -26.59 15.72
CA ALA OA 45 20.26 -25.92 15.20
C ALA OA 45 20.04 -24.57 15.84
N TYR OA 46 19.73 -23.58 15.01
CA TYR OA 46 19.21 -22.33 15.51
C TYR OA 46 17.97 -22.01 14.74
N ALA OA 47 17.13 -21.21 15.32
CA ALA OA 47 15.91 -20.82 14.68
C ALA OA 47 15.26 -19.77 15.51
N VAL OA 48 14.47 -18.93 14.88
CA VAL OA 48 13.64 -18.01 15.63
C VAL OA 48 12.44 -18.75 16.18
N ASN OA 49 11.80 -18.16 17.18
CA ASN OA 49 10.59 -18.72 17.70
C ASN OA 49 9.56 -18.83 16.62
N ARG OA 50 8.73 -19.86 16.71
CA ARG OA 50 7.74 -20.17 15.70
C ARG OA 50 6.82 -19.01 15.42
N LEU OA 51 6.60 -18.18 16.42
CA LEU OA 51 5.57 -17.17 16.35
C LEU OA 51 6.03 -15.86 16.91
N SER OA 52 7.17 -15.41 16.41
CA SER OA 52 7.69 -14.10 16.71
C SER OA 52 7.35 -13.10 15.63
N GLY OA 53 6.90 -11.93 16.05
CA GLY OA 53 6.62 -10.86 15.13
C GLY OA 53 5.18 -10.95 14.75
N MET OA 54 4.63 -12.14 14.94
CA MET OA 54 3.29 -12.46 14.53
C MET OA 54 2.36 -12.58 15.73
N ASN OA 55 2.85 -12.18 16.89
CA ASN OA 55 2.20 -12.45 18.16
C ASN OA 55 1.21 -11.34 18.48
N HIS OA 56 0.86 -10.59 17.46
CA HIS OA 56 -0.04 -9.47 17.59
C HIS OA 56 -1.36 -9.69 16.92
N SER OA 57 -2.34 -8.91 17.35
CA SER OA 57 -3.53 -8.73 16.58
C SER OA 57 -3.28 -7.55 15.67
N ALA OA 58 -3.46 -7.77 14.38
CA ALA OA 58 -3.13 -6.76 13.41
C ALA OA 58 -4.01 -6.92 12.19
N GLU OA 59 -4.42 -5.80 11.63
CA GLU OA 59 -5.18 -5.78 10.41
C GLU OA 59 -4.80 -4.55 9.61
N SER OA 60 -4.79 -4.65 8.30
CA SER OA 60 -4.49 -3.45 7.54
C SER OA 60 -5.69 -2.56 7.69
N TRP OA 61 -5.47 -1.25 7.72
CA TRP OA 61 -6.55 -0.29 7.82
C TRP OA 61 -7.23 -0.16 6.48
N GLY OA 62 -6.85 -1.01 5.54
CA GLY OA 62 -7.43 -0.99 4.22
C GLY OA 62 -6.80 0.13 3.44
N THR OA 63 -7.35 0.41 2.26
CA THR OA 63 -6.97 1.58 1.51
C THR OA 63 -7.96 2.67 1.82
N GLY OA 64 -7.68 3.88 1.36
CA GLY OA 64 -8.55 5.00 1.63
C GLY OA 64 -8.27 5.61 2.97
N ARG OA 65 -7.04 5.48 3.45
CA ARG OA 65 -6.69 6.07 4.73
C ARG OA 65 -5.30 6.70 4.73
N ALA OA 66 -4.76 6.91 3.54
CA ALA OA 66 -3.50 7.61 3.39
C ALA OA 66 -2.37 6.93 4.12
N VAL OA 67 -2.38 5.60 4.10
CA VAL OA 67 -1.38 4.80 4.77
C VAL OA 67 -1.13 3.55 3.98
N ALA OA 68 0.08 3.02 4.07
CA ALA OA 68 0.40 1.77 3.41
C ALA OA 68 -0.46 0.68 4.01
N ARG OA 69 -0.71 -0.35 3.22
CA ARG OA 69 -1.68 -1.36 3.58
C ARG OA 69 -1.06 -2.47 4.40
N ILE OA 70 0.10 -2.20 4.97
CA ILE OA 70 0.71 -3.13 5.87
C ILE OA 70 -0.26 -3.27 7.02
N PRO OA 71 -0.32 -4.47 7.63
CA PRO OA 71 -1.19 -4.67 8.79
C PRO OA 71 -0.75 -3.74 9.89
N ARG OA 72 -1.69 -3.25 10.67
CA ARG OA 72 -1.35 -2.30 11.71
C ARG OA 72 -1.83 -2.85 13.02
N ILE OA 73 -1.01 -2.72 14.04
CA ILE OA 73 -1.39 -3.16 15.34
C ILE OA 73 -2.52 -2.29 15.80
N GLY OA 74 -3.55 -2.91 16.36
CA GLY OA 74 -4.76 -2.21 16.73
C GLY OA 74 -4.76 -1.69 18.15
N GLY OA 75 -5.96 -1.45 18.67
CA GLY OA 75 -6.10 -0.99 20.02
C GLY OA 75 -5.66 0.44 20.15
N GLY OA 76 -5.33 0.85 21.35
CA GLY OA 76 -4.92 2.22 21.55
C GLY OA 76 -4.25 2.36 22.88
N GLY OA 77 -3.85 3.57 23.20
CA GLY OA 77 -3.27 3.81 24.50
C GLY OA 77 -1.82 3.41 24.55
N THR OA 78 -1.30 2.93 23.43
CA THR OA 78 0.08 2.47 23.39
C THR OA 78 0.80 3.06 22.20
N SER OA 79 2.12 3.03 22.28
CA SER OA 79 2.99 3.44 21.19
C SER OA 79 2.84 2.57 19.96
N THR OA 80 2.50 1.29 20.17
CA THR OA 80 2.45 0.37 19.06
C THR OA 80 1.13 0.33 18.34
N SER OA 81 0.15 1.05 18.86
CA SER OA 81 -1.14 1.04 18.22
C SER OA 81 -1.06 1.75 16.89
N GLY OA 82 -1.69 1.17 15.88
CA GLY OA 82 -1.63 1.70 14.53
C GLY OA 82 -0.29 1.42 13.89
N ALA OA 83 0.63 0.86 14.65
CA ALA OA 83 1.95 0.57 14.13
C ALA OA 83 1.86 -0.58 13.19
N GLY OA 84 2.71 -0.57 12.17
CA GLY OA 84 2.70 -1.62 11.19
C GLY OA 84 3.16 -2.89 11.86
N ALA OA 85 2.76 -4.02 11.32
CA ALA OA 85 3.00 -5.29 11.97
C ALA OA 85 3.15 -6.44 10.99
N PHE OA 86 3.79 -7.49 11.48
CA PHE OA 86 3.90 -8.78 10.81
C PHE OA 86 4.87 -8.79 9.65
N GLY OA 87 4.80 -7.81 8.77
CA GLY OA 87 5.63 -7.85 7.58
C GLY OA 87 7.08 -7.80 7.97
N ASN OA 88 7.95 -8.30 7.11
CA ASN OA 88 9.36 -8.33 7.42
C ASN OA 88 9.96 -6.95 7.60
N MET OA 89 9.37 -5.98 6.92
CA MET OA 89 9.80 -4.60 6.92
C MET OA 89 9.54 -3.80 8.21
N CYS OA 90 8.54 -4.22 8.97
CA CYS OA 90 8.06 -3.50 10.15
C CYS OA 90 8.88 -3.76 11.41
N ARG OA 91 8.85 -2.84 12.38
CA ARG OA 91 9.41 -3.15 13.69
C ARG OA 91 8.61 -4.24 14.34
N GLY OA 92 9.29 -5.10 15.07
CA GLY OA 92 8.63 -5.98 15.98
C GLY OA 92 7.95 -7.06 15.21
N GLY OA 93 8.03 -6.92 13.89
CA GLY OA 93 7.39 -7.82 12.97
C GLY OA 93 8.24 -9.01 12.63
N ARG OA 94 7.70 -9.83 11.76
CA ARG OA 94 8.33 -11.08 11.40
C ARG OA 94 9.55 -10.89 10.53
N MET OA 95 10.56 -11.70 10.75
CA MET OA 95 11.67 -11.87 9.84
C MET OA 95 11.20 -12.40 8.51
N PHE OA 96 11.89 -12.08 7.42
CA PHE OA 96 11.49 -12.57 6.12
C PHE OA 96 11.18 -14.05 6.11
N ALA OA 97 12.18 -14.90 6.10
CA ALA OA 97 11.88 -16.30 6.06
C ALA OA 97 12.34 -16.81 7.35
N PRO OA 98 11.42 -17.02 8.28
CA PRO OA 98 11.86 -17.31 9.62
C PRO OA 98 12.68 -18.57 9.64
N THR OA 99 13.71 -18.58 10.45
CA THR OA 99 14.65 -19.67 10.49
C THR OA 99 14.03 -20.91 11.08
N LYS OA 100 14.37 -22.06 10.51
CA LYS OA 100 13.76 -23.29 10.94
C LYS OA 100 14.72 -24.27 11.58
N ILE OA 101 14.17 -25.13 12.41
CA ILE OA 101 14.96 -26.07 13.15
C ILE OA 101 15.29 -27.20 12.22
N PHE OA 102 14.63 -27.21 11.06
CA PHE OA 102 14.83 -28.31 10.15
C PHE OA 102 15.52 -27.89 8.87
N ARG OA 103 16.48 -26.98 9.01
CA ARG OA 103 17.45 -26.69 8.00
C ARG OA 103 18.27 -27.95 7.85
N ARG OA 104 18.89 -28.21 6.70
CA ARG OA 104 19.83 -29.30 6.67
C ARG OA 104 21.05 -28.86 7.41
N TRP OA 105 21.17 -29.28 8.65
CA TRP OA 105 22.28 -28.85 9.46
C TRP OA 105 23.50 -29.73 9.24
N HIS OA 106 23.28 -31.01 9.00
CA HIS OA 106 24.37 -31.97 9.00
C HIS OA 106 24.53 -32.52 7.62
N ARG OA 107 25.63 -33.18 7.35
CA ARG OA 107 25.90 -33.70 6.02
C ARG OA 107 26.23 -35.17 5.99
N LYS OA 108 25.91 -35.80 4.86
CA LYS OA 108 26.49 -37.07 4.52
C LYS OA 108 27.75 -36.85 3.71
N ILE OA 109 28.78 -37.62 4.04
CA ILE OA 109 29.92 -37.73 3.18
C ILE OA 109 30.07 -39.21 2.97
N ASN OA 110 30.46 -39.61 1.77
CA ASN OA 110 30.63 -41.02 1.50
C ASN OA 110 31.71 -41.53 2.41
N LEU OA 111 31.54 -42.73 2.89
CA LEU OA 111 32.49 -43.30 3.80
C LEU OA 111 33.83 -43.36 3.11
N HIS OA 112 33.84 -43.49 1.80
CA HIS OA 112 35.10 -43.58 1.09
C HIS OA 112 35.81 -42.25 0.92
N GLN OA 113 35.07 -41.21 0.58
CA GLN OA 113 35.66 -39.89 0.51
C GLN OA 113 36.13 -39.39 1.85
N LYS OA 114 35.40 -39.74 2.91
CA LYS OA 114 35.85 -39.39 4.24
C LYS OA 114 37.18 -40.05 4.50
N ARG OA 115 37.36 -41.25 3.96
CA ARG OA 115 38.62 -41.95 4.05
C ARG OA 115 39.66 -41.49 3.05
N PHE OA 116 39.23 -41.10 1.87
CA PHE OA 116 40.14 -40.63 0.85
C PHE OA 116 40.85 -39.44 1.44
N ALA OA 117 40.11 -38.72 2.27
CA ALA OA 117 40.54 -37.44 2.83
C ALA OA 117 41.49 -37.60 3.99
N VAL OA 118 41.20 -38.52 4.89
CA VAL OA 118 42.10 -38.76 6.00
C VAL OA 118 43.41 -39.29 5.48
N VAL OA 119 43.34 -40.02 4.38
CA VAL OA 119 44.54 -40.49 3.70
C VAL OA 119 45.34 -39.35 3.13
N SER OA 120 44.65 -38.48 2.42
CA SER OA 120 45.30 -37.40 1.71
C SER OA 120 45.84 -36.34 2.65
N ALA OA 121 45.23 -36.18 3.82
CA ALA OA 121 45.71 -35.22 4.80
C ALA OA 121 46.81 -35.79 5.68
N LEU OA 122 46.94 -37.10 5.75
CA LEU OA 122 48.11 -37.66 6.40
C LEU OA 122 49.27 -37.64 5.46
N ALA OA 123 48.99 -37.95 4.21
CA ALA OA 123 50.03 -37.91 3.21
C ALA OA 123 50.49 -36.50 3.05
N ALA OA 124 49.62 -35.54 3.35
CA ALA OA 124 49.94 -34.13 3.25
C ALA OA 124 50.72 -33.64 4.44
N SER OA 125 50.75 -34.42 5.50
CA SER OA 125 51.52 -34.06 6.67
C SER OA 125 52.90 -34.69 6.62
N SER OA 126 53.11 -35.59 5.68
CA SER OA 126 54.41 -36.22 5.53
C SER OA 126 55.35 -35.31 4.77
N VAL OA 127 54.78 -34.25 4.21
CA VAL OA 127 55.52 -33.39 3.31
C VAL OA 127 55.80 -32.06 3.99
N PRO OA 128 57.06 -31.84 4.35
CA PRO OA 128 57.48 -30.71 5.17
C PRO OA 128 57.15 -29.35 4.56
N ALA OA 129 57.17 -29.25 3.24
CA ALA OA 129 56.81 -28.00 2.59
C ALA OA 129 55.36 -27.64 2.82
N LEU OA 130 54.46 -28.61 2.69
CA LEU OA 130 53.06 -28.40 2.98
C LEU OA 130 52.81 -28.15 4.43
N VAL OA 131 53.62 -28.75 5.28
CA VAL OA 131 53.34 -28.68 6.69
C VAL OA 131 53.84 -27.40 7.28
N MET OA 132 54.96 -26.91 6.78
CA MET OA 132 55.43 -25.60 7.20
C MET OA 132 54.67 -24.54 6.42
N SER OA 133 54.09 -24.95 5.30
CA SER OA 133 53.30 -24.05 4.51
C SER OA 133 52.04 -23.64 5.22
N ARG OA 134 51.48 -24.53 6.04
CA ARG OA 134 50.19 -24.20 6.62
C ARG OA 134 50.33 -23.38 7.89
N GLY OA 135 51.53 -23.28 8.43
CA GLY OA 135 51.74 -22.40 9.56
C GLY OA 135 52.74 -22.89 10.57
N HIS OA 136 52.97 -24.19 10.62
CA HIS OA 136 53.77 -24.76 11.68
C HIS OA 136 55.23 -24.35 11.61
N LYS OA 137 55.82 -24.10 12.77
CA LYS OA 137 57.24 -23.79 12.87
C LYS OA 137 58.02 -25.09 13.04
N ILE OA 138 58.46 -25.66 11.93
CA ILE OA 138 59.00 -27.00 11.90
C ILE OA 138 60.52 -26.98 11.77
N GLU OA 139 61.11 -25.80 11.88
CA GLU OA 139 62.52 -25.64 11.61
C GLU OA 139 63.44 -26.38 12.56
N ASN OA 140 63.00 -26.61 13.79
CA ASN OA 140 63.79 -27.41 14.72
C ASN OA 140 63.51 -28.91 14.64
N VAL OA 141 62.45 -29.27 13.91
CA VAL OA 141 62.00 -30.65 13.88
C VAL OA 141 63.03 -31.57 13.23
N ALA OA 142 63.29 -32.70 13.86
CA ALA OA 142 64.38 -33.55 13.45
C ALA OA 142 64.14 -34.12 12.07
N GLU OA 143 62.88 -34.37 11.77
CA GLU OA 143 62.50 -35.00 10.52
C GLU OA 143 60.99 -34.99 10.39
N VAL OA 144 60.52 -35.08 9.16
CA VAL OA 144 59.10 -35.25 8.88
C VAL OA 144 58.87 -36.43 7.95
N PRO OA 145 57.92 -37.31 8.30
CA PRO OA 145 57.10 -37.31 9.50
C PRO OA 145 57.93 -37.48 10.77
N LEU OA 146 57.49 -36.85 11.85
CA LEU OA 146 58.21 -36.97 13.10
C LEU OA 146 57.68 -38.09 13.96
N VAL OA 147 58.13 -39.30 13.70
CA VAL OA 147 57.80 -40.40 14.60
C VAL OA 147 58.74 -40.39 15.79
N VAL OA 148 58.27 -40.88 16.93
CA VAL OA 148 58.93 -40.65 18.20
C VAL OA 148 58.74 -41.83 19.13
N GLU OA 149 59.65 -41.98 20.08
CA GLU OA 149 59.68 -43.15 20.93
C GLU OA 149 58.36 -43.38 21.63
N ASP OA 150 58.00 -44.65 21.76
CA ASP OA 150 56.71 -45.05 22.28
C ASP OA 150 56.44 -44.67 23.74
N ALA OA 151 57.50 -44.49 24.52
CA ALA OA 151 57.35 -44.24 25.95
C ALA OA 151 57.05 -42.78 26.20
N VAL OA 152 56.88 -42.02 25.13
CA VAL OA 152 56.52 -40.62 25.24
C VAL OA 152 55.13 -40.50 25.82
N GLN OA 153 54.36 -41.59 25.75
CA GLN OA 153 53.06 -41.63 26.41
C GLN OA 153 53.12 -42.17 27.82
N GLY OA 154 54.30 -42.52 28.29
CA GLY OA 154 54.46 -42.95 29.66
C GLY OA 154 54.58 -41.79 30.63
N TYR OA 155 54.69 -40.58 30.10
CA TYR OA 155 54.87 -39.41 30.94
C TYR OA 155 53.65 -39.18 31.82
N GLU OA 156 53.91 -38.79 33.06
CA GLU OA 156 52.83 -38.51 33.99
C GLU OA 156 52.70 -37.02 34.23
N LYS OA 157 53.81 -36.40 34.62
CA LYS OA 157 53.85 -34.97 34.84
C LYS OA 157 53.80 -34.21 33.53
N THR OA 158 53.14 -33.05 33.53
CA THR OA 158 53.06 -32.26 32.31
C THR OA 158 54.41 -31.74 31.87
N LYS OA 159 55.29 -31.44 32.81
CA LYS OA 159 56.57 -30.90 32.42
C LYS OA 159 57.57 -31.98 32.05
N GLU OA 160 57.21 -33.24 32.29
CA GLU OA 160 57.93 -34.34 31.67
C GLU OA 160 57.71 -34.24 30.17
N ALA OA 161 56.51 -33.79 29.83
CA ALA OA 161 56.06 -33.72 28.45
C ALA OA 161 56.59 -32.47 27.81
N MET OA 162 56.62 -31.41 28.58
CA MET OA 162 57.19 -30.17 28.11
C MET OA 162 58.67 -30.32 27.82
N ALA OA 163 59.33 -31.18 28.58
CA ALA OA 163 60.71 -31.50 28.28
C ALA OA 163 60.80 -32.26 26.98
N PHE OA 164 59.81 -33.10 26.74
CA PHE OA 164 59.76 -33.89 25.52
C PHE OA 164 59.55 -33.06 24.28
N LEU OA 165 58.73 -32.03 24.38
CA LEU OA 165 58.43 -31.19 23.24
C LEU OA 165 59.61 -30.35 22.82
N LYS OA 166 60.42 -29.90 23.77
CA LYS OA 166 61.63 -29.19 23.41
C LYS OA 166 62.63 -30.12 22.78
N ALA OA 167 62.60 -31.39 23.16
CA ALA OA 167 63.57 -32.34 22.66
C ALA OA 167 63.37 -32.56 21.18
N ILE OA 168 62.12 -32.73 20.78
CA ILE OA 168 61.82 -33.03 19.39
C ILE OA 168 61.74 -31.75 18.58
N GLY OA 169 61.91 -30.63 19.26
CA GLY OA 169 61.92 -29.34 18.60
C GLY OA 169 60.53 -28.81 18.39
N ALA OA 170 59.53 -29.50 18.91
CA ALA OA 170 58.14 -29.11 18.72
C ALA OA 170 57.75 -27.81 19.41
N VAL OA 171 58.51 -27.43 20.43
CA VAL OA 171 58.12 -26.30 21.28
C VAL OA 171 58.03 -24.97 20.54
N ASP OA 172 58.76 -24.81 19.45
CA ASP OA 172 58.64 -23.59 18.68
C ASP OA 172 57.29 -23.47 17.99
N ASP OA 173 56.65 -24.59 17.70
CA ASP OA 173 55.31 -24.52 17.14
C ASP OA 173 54.27 -24.57 18.25
N VAL OA 174 54.70 -24.85 19.48
CA VAL OA 174 53.78 -24.72 20.59
C VAL OA 174 53.85 -23.32 21.15
N ASN OA 175 55.01 -22.69 21.06
CA ASN OA 175 55.09 -21.27 21.35
C ASN OA 175 54.29 -20.49 20.33
N ARG OA 176 54.16 -21.03 19.14
CA ARG OA 176 53.42 -20.38 18.07
C ARG OA 176 51.98 -20.23 18.48
N VAL OA 177 51.53 -21.18 19.28
CA VAL OA 177 50.13 -21.23 19.67
C VAL OA 177 49.85 -20.39 20.88
N ASN OA 178 50.70 -20.50 21.90
CA ASN OA 178 50.47 -19.78 23.14
C ASN OA 178 50.46 -18.31 22.86
N ASP OA 179 51.25 -17.92 21.88
CA ASP OA 179 51.35 -16.53 21.48
C ASP OA 179 50.24 -16.13 20.56
N SER OA 180 49.57 -17.10 19.95
CA SER OA 180 48.56 -16.83 18.94
C SER OA 180 47.24 -16.60 19.59
N ARG OA 181 47.22 -16.79 20.90
CA ARG OA 181 45.99 -16.73 21.65
C ARG OA 181 45.56 -15.33 22.01
N GLU OA 182 44.37 -14.95 21.58
CA GLU OA 182 43.82 -13.65 21.93
C GLU OA 182 42.32 -13.67 21.87
N ILE OA 183 41.70 -12.60 22.35
CA ILE OA 183 40.27 -12.48 22.29
C ILE OA 183 39.84 -12.48 20.86
N ARG OA 184 38.80 -13.23 20.56
CA ARG OA 184 38.31 -13.37 19.21
C ARG OA 184 37.82 -12.02 18.69
N ALA OA 185 38.05 -11.75 17.42
CA ALA OA 185 37.42 -10.59 16.82
C ALA OA 185 35.94 -10.85 16.62
N GLY OA 186 35.14 -9.82 16.79
CA GLY OA 186 33.73 -9.90 16.47
C GLY OA 186 32.88 -10.56 17.51
N ARG OA 187 31.64 -10.83 17.13
CA ARG OA 187 30.61 -11.35 18.02
C ARG OA 187 30.94 -12.67 18.68
N GLY OA 188 31.82 -13.45 18.09
CA GLY OA 188 31.95 -14.81 18.54
C GLY OA 188 32.42 -14.88 19.96
N LYS OA 189 32.98 -13.77 20.41
CA LYS OA 189 33.50 -13.69 21.76
C LYS OA 189 32.41 -13.69 22.83
N MET OA 190 31.21 -13.22 22.52
CA MET OA 190 30.13 -13.31 23.49
C MET OA 190 29.29 -14.55 23.27
N ARG OA 191 29.87 -15.49 22.55
CA ARG OA 191 29.25 -16.76 22.25
C ARG OA 191 30.19 -17.88 22.52
N ASN OA 192 30.87 -17.80 23.64
CA ASN OA 192 31.65 -18.91 24.14
C ASN OA 192 32.67 -19.35 23.14
N ARG OA 193 33.31 -18.36 22.54
CA ARG OA 193 34.32 -18.56 21.54
C ARG OA 193 35.29 -17.47 21.75
N ARG OA 194 35.33 -17.00 22.98
CA ARG OA 194 35.98 -15.75 23.29
C ARG OA 194 37.45 -15.79 22.96
N TYR OA 195 38.03 -16.96 23.03
CA TYR OA 195 39.44 -17.13 22.74
C TYR OA 195 39.68 -18.01 21.57
N VAL OA 196 40.34 -17.46 20.57
CA VAL OA 196 40.80 -18.24 19.47
C VAL OA 196 42.31 -18.34 19.54
N ALA OA 197 42.83 -19.49 19.13
CA ALA OA 197 44.27 -19.66 19.07
C ALA OA 197 44.60 -20.62 17.97
N ARG OA 198 45.84 -20.56 17.48
CA ARG OA 198 46.21 -21.35 16.33
C ARG OA 198 46.39 -22.80 16.66
N ARG OA 199 46.15 -23.67 15.67
CA ARG OA 199 46.45 -25.08 15.80
C ARG OA 199 47.93 -25.31 15.88
N GLY OA 200 48.33 -26.19 16.78
CA GLY OA 200 49.73 -26.53 16.95
C GLY OA 200 49.96 -27.96 16.55
N PRO OA 201 51.08 -28.52 16.99
CA PRO OA 201 51.37 -29.92 16.70
C PRO OA 201 50.33 -30.85 17.27
N MET OA 202 50.06 -31.93 16.53
CA MET OA 202 49.08 -32.91 16.91
C MET OA 202 49.80 -34.17 17.28
N LEU OA 203 49.98 -34.44 18.55
CA LEU OA 203 50.65 -35.68 18.92
C LEU OA 203 49.73 -36.83 18.65
N VAL OA 204 50.24 -37.93 18.11
CA VAL OA 204 49.34 -39.03 17.76
C VAL OA 204 49.70 -40.29 18.53
N MET OA 205 48.92 -40.59 19.56
CA MET OA 205 49.19 -41.73 20.41
C MET OA 205 48.76 -43.07 19.83
N PRO OA 206 49.51 -44.12 20.14
CA PRO OA 206 49.23 -45.48 19.64
C PRO OA 206 47.86 -45.95 20.04
N ASP OA 207 47.42 -45.51 21.21
CA ASP OA 207 46.15 -45.93 21.79
C ASP OA 207 45.76 -44.96 22.91
N ASN OA 208 44.61 -45.18 23.50
CA ASN OA 208 44.05 -44.24 24.47
C ASN OA 208 44.84 -44.05 25.76
N LYS OA 209 45.75 -44.97 26.07
CA LYS OA 209 46.42 -44.93 27.38
C LYS OA 209 47.48 -43.86 27.53
N GLY OA 210 47.89 -43.25 26.43
CA GLY OA 210 49.01 -42.31 26.52
C GLY OA 210 48.77 -40.97 27.17
N THR OA 211 47.57 -40.42 27.00
CA THR OA 211 47.31 -39.06 27.46
C THR OA 211 47.36 -38.91 28.96
N ARG OA 212 47.96 -37.82 29.40
CA ARG OA 212 47.79 -37.27 30.74
C ARG OA 212 48.62 -36.03 30.84
N ALA OA 213 49.93 -36.20 30.72
CA ALA OA 213 50.85 -35.10 30.75
C ALA OA 213 50.60 -34.16 29.57
N PHE OA 214 50.11 -34.72 28.47
CA PHE OA 214 49.91 -33.93 27.26
C PHE OA 214 48.55 -33.30 27.20
N ARG OA 215 47.72 -33.62 28.16
CA ARG OA 215 46.52 -32.87 28.36
C ARG OA 215 46.95 -31.59 29.05
N ASN OA 216 46.23 -30.50 28.84
CA ASN OA 216 46.54 -29.22 29.50
C ASN OA 216 47.70 -28.47 28.86
N ILE OA 217 48.60 -29.20 28.24
CA ILE OA 217 49.79 -28.60 27.66
C ILE OA 217 49.41 -27.88 26.36
N PHE OA 218 48.96 -26.65 26.55
CA PHE OA 218 48.18 -25.91 25.55
C PHE OA 218 48.87 -25.76 24.23
N GLY OA 219 48.10 -25.87 23.16
CA GLY OA 219 48.63 -25.76 21.83
C GLY OA 219 49.22 -27.06 21.37
N LEU OA 220 48.93 -28.11 22.11
CA LEU OA 220 49.29 -29.46 21.72
C LEU OA 220 48.05 -30.32 21.70
N ASP OA 221 47.44 -30.44 20.54
CA ASP OA 221 46.31 -31.34 20.37
C ASP OA 221 46.78 -32.79 20.38
N LEU OA 222 45.97 -33.69 20.91
CA LEU OA 222 46.30 -35.10 20.94
C LEU OA 222 45.44 -35.81 19.94
N ALA OA 223 45.95 -36.91 19.40
CA ALA OA 223 45.21 -37.64 18.39
C ALA OA 223 45.41 -39.11 18.62
N ASN OA 224 44.42 -39.89 18.24
CA ASN OA 224 44.48 -41.33 18.37
C ASN OA 224 44.48 -41.97 17.00
N VAL OA 225 45.45 -42.83 16.72
CA VAL OA 225 45.58 -43.39 15.40
C VAL OA 225 44.35 -44.14 14.99
N ASN OA 226 43.61 -44.61 15.97
CA ASN OA 226 42.46 -45.45 15.74
C ASN OA 226 41.21 -44.64 15.55
N ALA OA 227 41.38 -43.33 15.48
CA ALA OA 227 40.25 -42.43 15.24
C ALA OA 227 40.76 -41.08 14.77
N LEU OA 228 41.61 -41.07 13.76
CA LEU OA 228 42.13 -39.81 13.24
C LEU OA 228 41.04 -38.96 12.62
N ASN OA 229 41.07 -37.69 12.96
CA ASN OA 229 40.00 -36.81 12.59
C ASN OA 229 40.48 -35.82 11.54
N LEU OA 230 39.79 -35.80 10.40
CA LEU OA 230 40.16 -34.91 9.33
C LEU OA 230 39.95 -33.45 9.73
N LEU OA 231 39.11 -33.23 10.73
CA LEU OA 231 38.94 -31.88 11.26
C LEU OA 231 40.20 -31.45 11.99
N HIS OA 232 40.99 -32.41 12.44
CA HIS OA 232 42.26 -32.09 13.06
C HIS OA 232 43.42 -32.29 12.11
N LEU OA 233 43.30 -33.23 11.18
CA LEU OA 233 44.38 -33.44 10.24
C LEU OA 233 44.55 -32.30 9.26
N ALA OA 234 43.47 -31.58 8.98
CA ALA OA 234 43.53 -30.46 8.06
C ALA OA 234 42.81 -29.26 8.61
N PRO OA 235 43.35 -28.63 9.65
CA PRO OA 235 42.58 -27.53 10.21
C PRO OA 235 42.39 -26.44 9.19
N GLY OA 236 41.20 -25.87 9.14
CA GLY OA 236 40.87 -24.88 8.14
C GLY OA 236 40.47 -25.56 6.86
N GLY OA 237 40.63 -26.88 6.83
CA GLY OA 237 40.41 -27.62 5.61
C GLY OA 237 41.60 -27.56 4.71
N HIS OA 238 42.72 -27.14 5.28
CA HIS OA 238 43.95 -27.09 4.53
C HIS OA 238 44.85 -28.20 5.00
N VAL OA 239 45.35 -29.00 4.06
CA VAL OA 239 46.18 -30.12 4.43
C VAL OA 239 47.53 -29.63 4.88
N GLY OA 240 48.17 -30.39 5.76
CA GLY OA 240 49.57 -30.15 6.05
C GLY OA 240 49.86 -29.92 7.52
N ARG OA 241 49.09 -30.53 8.40
CA ARG OA 241 49.29 -30.26 9.81
C ARG OA 241 50.56 -30.90 10.32
N PHE OA 242 51.13 -30.34 11.37
CA PHE OA 242 52.28 -30.94 11.99
C PHE OA 242 51.85 -32.04 12.95
N VAL OA 243 52.37 -33.24 12.71
CA VAL OA 243 51.99 -34.40 13.50
C VAL OA 243 53.19 -35.12 14.08
N VAL OA 244 53.19 -35.25 15.40
CA VAL OA 244 54.22 -36.01 16.08
C VAL OA 244 53.72 -37.41 16.27
N TRP OA 245 54.02 -38.30 15.35
CA TRP OA 245 53.62 -39.68 15.50
C TRP OA 245 54.39 -40.32 16.63
N THR OA 246 53.70 -41.09 17.47
CA THR OA 246 54.41 -41.97 18.36
C THR OA 246 54.83 -43.19 17.57
N LYS OA 247 55.90 -43.84 17.97
CA LYS OA 247 56.38 -45.00 17.24
C LYS OA 247 55.34 -46.09 17.16
N GLY OA 248 54.55 -46.24 18.22
CA GLY OA 248 53.54 -47.27 18.23
C GLY OA 248 52.36 -46.92 17.37
N ALA OA 249 52.03 -45.64 17.33
CA ALA OA 249 50.91 -45.16 16.55
C ALA OA 249 51.22 -45.17 15.08
N PHE OA 250 52.51 -45.17 14.78
CA PHE OA 250 53.00 -44.98 13.43
C PHE OA 250 53.17 -46.30 12.74
N GLU OA 251 53.60 -47.31 13.50
CA GLU OA 251 53.91 -48.59 12.89
C GLU OA 251 52.63 -49.29 12.49
N LYS OA 252 51.55 -48.92 13.12
CA LYS OA 252 50.26 -49.54 12.86
C LYS OA 252 49.43 -48.66 11.99
N LEU OA 253 50.08 -47.76 11.27
CA LEU OA 253 49.38 -46.81 10.44
C LEU OA 253 49.09 -47.38 9.07
N ASP OA 254 49.66 -48.54 8.76
CA ASP OA 254 49.25 -49.26 7.55
C ASP OA 254 48.37 -50.43 7.91
N SER OA 255 48.39 -50.80 9.18
CA SER OA 255 47.42 -51.74 9.67
C SER OA 255 46.06 -51.10 9.63
N ILE OA 256 46.03 -49.78 9.75
CA ILE OA 256 44.79 -49.02 9.76
C ILE OA 256 44.31 -48.68 8.37
N PHE OA 257 45.13 -47.95 7.62
CA PHE OA 257 44.73 -47.48 6.31
C PHE OA 257 45.08 -48.39 5.15
N GLY OA 258 45.94 -49.37 5.38
CA GLY OA 258 46.21 -50.34 4.34
C GLY OA 258 47.16 -49.79 3.29
N THR OA 259 47.56 -50.63 2.36
CA THR OA 259 48.52 -50.30 1.32
C THR OA 259 47.77 -49.93 0.05
N PHE OA 260 48.50 -49.59 -1.01
CA PHE OA 260 47.89 -49.56 -2.33
C PHE OA 260 47.56 -50.96 -2.77
N THR OA 261 48.25 -51.92 -2.18
CA THR OA 261 48.20 -53.31 -2.60
C THR OA 261 47.62 -54.26 -1.54
N LYS OA 262 47.28 -53.72 -0.39
CA LYS OA 262 46.85 -54.53 0.73
C LYS OA 262 45.78 -53.79 1.50
N ALA OA 263 44.70 -54.48 1.83
CA ALA OA 263 43.57 -53.83 2.46
C ALA OA 263 43.85 -53.45 3.90
N SER OA 264 43.17 -52.42 4.34
CA SER OA 264 43.21 -52.06 5.75
C SER OA 264 42.63 -53.20 6.56
N ALA OA 265 43.21 -53.43 7.73
CA ALA OA 265 42.73 -54.50 8.58
C ALA OA 265 41.56 -54.06 9.42
N VAL OA 266 41.27 -52.77 9.41
CA VAL OA 266 40.26 -52.24 10.30
C VAL OA 266 39.16 -51.59 9.50
N LYS OA 267 39.50 -51.11 8.31
CA LYS OA 267 38.58 -50.39 7.45
C LYS OA 267 38.08 -51.27 6.32
N LYS OA 268 37.84 -52.53 6.61
CA LYS OA 268 37.26 -53.42 5.63
C LYS OA 268 38.07 -53.54 4.37
N GLY OA 269 37.39 -53.36 3.24
CA GLY OA 269 38.01 -53.52 1.95
C GLY OA 269 38.63 -52.24 1.47
N PHE OA 270 38.77 -51.28 2.37
CA PHE OA 270 39.47 -50.05 2.03
C PHE OA 270 40.90 -50.33 1.72
N MET OA 271 41.44 -49.58 0.78
CA MET OA 271 42.77 -49.82 0.27
C MET OA 271 43.16 -48.47 -0.28
N LEU OA 272 44.41 -48.07 -0.15
CA LEU OA 272 44.79 -46.74 -0.57
C LEU OA 272 44.54 -46.53 -2.05
N PRO OA 273 43.89 -45.40 -2.37
CA PRO OA 273 43.59 -45.07 -3.76
C PRO OA 273 44.83 -44.93 -4.61
N ALA OA 274 44.75 -45.40 -5.85
CA ALA OA 274 45.90 -45.41 -6.75
C ALA OA 274 46.16 -44.01 -7.25
N PRO OA 275 47.43 -43.63 -7.33
CA PRO OA 275 47.70 -42.31 -7.88
C PRO OA 275 47.20 -42.21 -9.29
N MET OA 276 46.66 -41.06 -9.69
CA MET OA 276 46.31 -40.88 -11.08
C MET OA 276 47.57 -40.75 -11.90
N LEU OA 277 48.63 -40.31 -11.25
CA LEU OA 277 49.90 -40.14 -11.92
C LEU OA 277 50.96 -40.97 -11.22
N THR OA 278 51.56 -41.89 -11.96
CA THR OA 278 52.65 -42.70 -11.43
C THR OA 278 53.90 -41.86 -11.21
N ASN OA 279 53.98 -40.77 -11.96
CA ASN OA 279 55.14 -39.88 -11.92
C ASN OA 279 54.66 -38.47 -11.74
N THR OA 280 54.43 -38.08 -10.50
CA THR OA 280 53.59 -36.92 -10.23
C THR OA 280 54.24 -35.57 -10.52
N ASP OA 281 55.52 -35.56 -10.85
CA ASP OA 281 56.15 -34.32 -11.30
C ASP OA 281 56.19 -34.19 -12.82
N VAL OA 282 55.17 -33.52 -13.35
CA VAL OA 282 55.05 -33.35 -14.78
C VAL OA 282 56.21 -32.55 -15.38
N THR OA 283 56.76 -31.61 -14.63
CA THR OA 283 57.81 -30.76 -15.17
C THR OA 283 59.08 -31.56 -15.45
N ARG OA 284 59.33 -32.61 -14.67
CA ARG OA 284 60.49 -33.45 -14.91
C ARG OA 284 60.35 -34.29 -16.18
N ILE OA 285 59.11 -34.61 -16.53
CA ILE OA 285 58.84 -35.34 -17.77
C ILE OA 285 59.07 -34.44 -18.95
N MET OA 286 58.54 -33.23 -18.86
CA MET OA 286 58.61 -32.27 -19.96
C MET OA 286 60.06 -31.97 -20.28
N GLN OA 287 60.91 -31.98 -19.27
CA GLN OA 287 62.32 -31.70 -19.43
C GLN OA 287 63.12 -32.96 -19.70
N SER OA 288 62.43 -34.10 -19.75
CA SER OA 288 63.10 -35.37 -19.96
C SER OA 288 63.58 -35.49 -21.38
N GLU OA 289 64.67 -36.23 -21.57
CA GLU OA 289 65.26 -36.39 -22.89
C GLU OA 289 64.40 -37.24 -23.80
N GLU OA 290 63.58 -38.10 -23.23
CA GLU OA 290 62.68 -38.90 -24.05
C GLU OA 290 61.62 -38.02 -24.67
N VAL OA 291 61.29 -36.94 -23.98
CA VAL OA 291 60.23 -36.05 -24.42
C VAL OA 291 60.79 -34.90 -25.24
N ARG OA 292 62.01 -34.53 -24.95
CA ARG OA 292 62.64 -33.44 -25.67
C ARG OA 292 62.86 -33.81 -27.12
N ARG OA 293 63.02 -35.11 -27.37
CA ARG OA 293 63.28 -35.58 -28.71
C ARG OA 293 62.12 -35.34 -29.66
N VAL OA 294 60.90 -35.39 -29.13
CA VAL OA 294 59.73 -35.32 -29.99
C VAL OA 294 59.19 -33.90 -30.15
N LEU OA 295 59.75 -32.96 -29.41
CA LEU OA 295 59.33 -31.58 -29.49
C LEU OA 295 59.54 -31.03 -30.88
N LYS OA 296 58.65 -30.16 -31.31
CA LYS OA 296 58.87 -29.40 -32.52
C LYS OA 296 60.09 -28.56 -32.25
N PRO OA 297 61.06 -28.58 -33.16
CA PRO OA 297 62.31 -27.85 -32.91
C PRO OA 297 62.10 -26.35 -32.93
N GLN OA 310 58.75 2.04 -39.41
CA GLN OA 310 58.35 1.13 -40.48
C GLN OA 310 57.15 1.68 -41.21
N PRO OA 311 57.27 1.80 -42.53
CA PRO OA 311 56.38 2.51 -43.44
C PRO OA 311 54.98 1.93 -43.48
N THR OA 312 54.00 2.81 -43.65
CA THR OA 312 52.60 2.42 -43.69
C THR OA 312 52.07 2.55 -45.09
N ASN OA 313 52.31 3.72 -45.67
CA ASN OA 313 51.79 4.10 -46.96
C ASN OA 313 52.66 3.57 -48.06
N GLY OA 314 52.26 2.44 -48.63
CA GLY OA 314 53.12 1.73 -49.54
C GLY OA 314 53.13 2.32 -50.92
N PHE OA 315 52.22 3.24 -51.16
CA PHE OA 315 52.13 3.82 -52.47
C PHE OA 315 52.98 5.06 -52.56
N ARG OA 316 52.98 5.84 -51.50
CA ARG OA 316 53.72 7.09 -51.51
C ARG OA 316 55.04 6.99 -50.79
N ASN OA 317 55.16 6.09 -49.83
CA ASN OA 317 56.47 5.93 -49.24
C ASN OA 317 57.41 5.33 -50.26
N ARG OA 318 58.62 5.85 -50.33
CA ARG OA 318 59.56 5.45 -51.36
C ARG OA 318 60.18 4.10 -51.11
N ARG OA 319 60.66 3.90 -49.88
CA ARG OA 319 61.29 2.64 -49.55
C ARG OA 319 60.28 1.52 -49.45
N LEU OA 320 59.04 1.83 -49.10
CA LEU OA 320 58.09 0.77 -48.93
C LEU OA 320 57.73 0.23 -50.30
N ARG OA 321 57.47 1.15 -51.22
CA ARG OA 321 57.10 0.80 -52.57
C ARG OA 321 58.22 0.10 -53.28
N LEU OA 322 59.44 0.51 -52.99
CA LEU OA 322 60.61 -0.08 -53.64
C LEU OA 322 60.83 -1.49 -53.15
N ARG OA 323 60.24 -1.78 -51.99
CA ARG OA 323 60.33 -3.10 -51.42
C ARG OA 323 59.24 -4.02 -51.94
N LEU OA 324 58.02 -3.50 -51.99
CA LEU OA 324 56.90 -4.26 -52.54
C LEU OA 324 57.07 -4.48 -54.02
N ASN OA 325 57.64 -3.48 -54.66
CA ASN OA 325 57.80 -3.47 -56.10
C ASN OA 325 59.20 -3.11 -56.46
N PRO OA 326 60.09 -4.10 -56.43
CA PRO OA 326 61.53 -3.93 -56.59
C PRO OA 326 61.86 -3.20 -57.88
N PHE OA 327 61.04 -3.43 -58.89
CA PHE OA 327 61.26 -2.87 -60.21
C PHE OA 327 60.89 -1.39 -60.24
N GLN OA 328 60.31 -0.90 -59.15
CA GLN OA 328 59.78 0.46 -59.17
C GLN OA 328 60.82 1.53 -59.47
N LYS OA 329 62.01 1.40 -58.92
CA LYS OA 329 63.08 2.34 -59.24
C LYS OA 329 63.54 2.24 -60.68
N LYS OA 330 63.50 1.03 -61.24
CA LYS OA 330 63.80 0.85 -62.66
C LYS OA 330 62.68 1.46 -63.47
N GLU OA 331 61.54 1.60 -62.81
CA GLU OA 331 60.35 2.16 -63.43
C GLU OA 331 60.33 3.66 -63.28
N SER OA 332 60.76 4.14 -62.12
CA SER OA 332 60.87 5.57 -61.89
C SER OA 332 61.92 6.21 -62.79
N ALA OA 333 62.98 5.45 -63.09
CA ALA OA 333 64.00 5.92 -64.00
C ALA OA 333 63.40 6.08 -65.37
N MET OA 334 62.45 5.22 -65.67
CA MET OA 334 61.69 5.28 -66.90
C MET OA 334 60.82 6.53 -66.93
N VAL OA 335 60.40 6.97 -65.76
CA VAL OA 335 59.53 8.14 -65.65
C VAL OA 335 60.21 9.46 -66.02
N LYS OA 336 61.52 9.55 -65.81
CA LYS OA 336 62.21 10.78 -66.15
C LYS OA 336 62.17 11.03 -67.65
N GLY OA 337 61.88 12.27 -68.02
CA GLY OA 337 61.65 12.64 -69.40
C GLY OA 337 60.26 13.21 -69.61
N VAL PA 1 -32.41 -43.47 -43.44
CA VAL PA 1 -31.65 -44.21 -44.43
C VAL PA 1 -32.06 -45.68 -44.38
N ASN PA 2 -32.72 -46.16 -45.42
CA ASN PA 2 -33.07 -47.57 -45.48
C ASN PA 2 -31.83 -48.42 -45.60
N TYR PA 3 -31.82 -49.55 -44.92
CA TYR PA 3 -30.64 -50.39 -44.91
C TYR PA 3 -31.09 -51.81 -45.15
N PRO PA 4 -30.31 -52.61 -45.88
CA PRO PA 4 -30.78 -53.96 -46.14
C PRO PA 4 -30.92 -54.78 -44.86
N LYS PA 5 -31.92 -55.64 -44.81
CA LYS PA 5 -32.20 -56.42 -43.62
C LYS PA 5 -31.20 -57.54 -43.51
N LYS PA 6 -30.45 -57.74 -44.57
CA LYS PA 6 -29.40 -58.73 -44.58
C LYS PA 6 -28.28 -58.31 -45.53
N LYS PA 7 -27.05 -58.65 -45.17
CA LYS PA 7 -25.92 -58.31 -46.01
C LYS PA 7 -24.86 -59.38 -46.07
N THR PA 8 -24.32 -59.60 -47.26
CA THR PA 8 -23.15 -60.45 -47.38
C THR PA 8 -21.90 -59.63 -47.16
N MET PA 9 -21.61 -59.40 -45.88
CA MET PA 9 -20.38 -58.78 -45.45
C MET PA 9 -19.35 -59.88 -45.18
N TYR PA 10 -18.06 -59.54 -45.17
CA TYR PA 10 -17.01 -60.53 -44.94
C TYR PA 10 -16.91 -61.00 -43.50
N CYS PA 11 -16.58 -62.28 -43.32
CA CYS PA 11 -16.54 -62.89 -41.98
C CYS PA 11 -15.16 -63.40 -41.53
N PRO PA 12 -14.64 -62.80 -40.45
CA PRO PA 12 -13.40 -63.11 -39.72
C PRO PA 12 -13.33 -64.52 -39.08
N ASP PA 13 -14.47 -65.15 -38.77
CA ASP PA 13 -14.48 -66.46 -38.16
C ASP PA 13 -13.73 -67.47 -39.01
N ALA PA 14 -13.04 -68.42 -38.36
CA ALA PA 14 -12.36 -69.48 -39.07
C ALA PA 14 -13.34 -70.32 -39.86
N ARG PA 15 -14.53 -70.49 -39.31
CA ARG PA 15 -15.57 -71.26 -39.95
C ARG PA 15 -15.90 -70.60 -41.28
N CYS PA 16 -15.66 -69.29 -41.32
CA CYS PA 16 -15.97 -68.51 -42.51
C CYS PA 16 -14.71 -68.11 -43.29
N LYS PA 17 -14.13 -66.97 -42.97
CA LYS PA 17 -13.09 -66.39 -43.81
C LYS PA 17 -13.69 -66.13 -45.17
N ALA PA 18 -14.94 -65.72 -45.18
CA ALA PA 18 -15.69 -65.61 -46.40
C ALA PA 18 -16.83 -64.64 -46.26
N HIS PA 19 -17.30 -64.12 -47.38
CA HIS PA 19 -18.55 -63.38 -47.37
C HIS PA 19 -19.72 -64.29 -47.06
N LYS PA 20 -20.59 -63.77 -46.21
CA LYS PA 20 -21.77 -64.48 -45.74
C LYS PA 20 -22.86 -63.45 -45.56
N SER PA 21 -24.10 -63.82 -45.83
CA SER PA 21 -25.20 -62.94 -45.49
C SER PA 21 -25.23 -62.83 -43.99
N PHE PA 22 -25.39 -61.63 -43.47
CA PHE PA 22 -25.42 -61.41 -42.04
C PHE PA 22 -26.78 -60.93 -41.61
N LYS PA 23 -27.35 -61.58 -40.61
CA LYS PA 23 -28.58 -61.08 -40.02
C LYS PA 23 -28.34 -59.76 -39.30
N VAL PA 24 -28.74 -58.66 -39.92
CA VAL PA 24 -28.54 -57.36 -39.30
C VAL PA 24 -29.51 -57.09 -38.17
N VAL PA 25 -28.95 -56.73 -37.02
CA VAL PA 25 -29.72 -56.18 -35.92
C VAL PA 25 -29.10 -54.86 -35.51
N GLN PA 26 -29.94 -53.87 -35.26
CA GLN PA 26 -29.46 -52.59 -34.76
C GLN PA 26 -28.95 -52.70 -33.34
N TYR PA 27 -27.82 -52.05 -33.05
CA TYR PA 27 -27.31 -52.03 -31.68
C TYR PA 27 -27.99 -50.99 -30.83
N LYS PA 28 -28.71 -51.46 -29.83
CA LYS PA 28 -29.26 -50.59 -28.81
C LYS PA 28 -28.47 -50.84 -27.55
N ALA PA 29 -28.03 -49.77 -26.89
CA ALA PA 29 -27.13 -49.93 -25.76
C ALA PA 29 -27.82 -50.72 -24.69
N GLY PA 30 -27.06 -51.57 -24.00
CA GLY PA 30 -27.62 -52.46 -23.03
C GLY PA 30 -28.03 -51.69 -21.81
N LYS PA 31 -28.75 -52.35 -20.91
CA LYS PA 31 -29.19 -51.71 -19.70
C LYS PA 31 -27.99 -51.33 -18.86
N ALA PA 32 -28.07 -50.20 -18.17
CA ALA PA 32 -27.00 -49.82 -17.26
C ALA PA 32 -27.21 -50.58 -15.97
N ARG PA 33 -26.39 -51.61 -15.77
CA ARG PA 33 -26.54 -52.53 -14.67
C ARG PA 33 -25.99 -51.95 -13.37
N LEU PA 34 -26.56 -52.36 -12.24
CA LEU PA 34 -26.22 -51.78 -10.95
C LEU PA 34 -24.82 -52.05 -10.46
N TYR PA 35 -24.28 -53.21 -10.79
CA TYR PA 35 -23.02 -53.59 -10.20
C TYR PA 35 -21.89 -53.50 -11.18
N ALA PA 36 -22.02 -52.56 -12.10
CA ALA PA 36 -20.92 -52.14 -12.92
C ALA PA 36 -19.92 -51.51 -11.99
N ARG PA 37 -18.65 -51.64 -12.32
CA ARG PA 37 -17.58 -51.17 -11.47
C ARG PA 37 -17.73 -49.71 -11.11
N GLY PA 38 -18.24 -48.94 -12.04
CA GLY PA 38 -18.30 -47.50 -11.90
C GLY PA 38 -19.63 -46.98 -11.46
N LYS PA 39 -20.63 -47.84 -11.42
CA LYS PA 39 -21.91 -47.48 -10.84
C LYS PA 39 -21.82 -47.63 -9.34
N ARG PA 40 -21.05 -48.60 -8.90
CA ARG PA 40 -20.83 -48.82 -7.49
C ARG PA 40 -20.08 -47.63 -6.87
N ARG PA 41 -19.17 -47.04 -7.62
CA ARG PA 41 -18.49 -45.84 -7.15
C ARG PA 41 -19.45 -44.70 -7.04
N TYR PA 42 -20.21 -44.49 -8.10
CA TYR PA 42 -21.09 -43.35 -8.17
C TYR PA 42 -22.13 -43.44 -7.09
N ASP PA 43 -22.56 -44.66 -6.79
CA ASP PA 43 -23.53 -44.87 -5.73
C ASP PA 43 -22.92 -44.63 -4.38
N ARG PA 44 -21.71 -45.13 -4.18
CA ARG PA 44 -21.04 -44.90 -2.92
C ARG PA 44 -20.75 -43.43 -2.73
N LYS PA 45 -20.49 -42.76 -3.83
CA LYS PA 45 -20.16 -41.35 -3.79
C LYS PA 45 -21.39 -40.47 -3.64
N GLN PA 46 -22.55 -40.99 -4.01
CA GLN PA 46 -23.80 -40.27 -3.82
C GLN PA 46 -24.44 -40.54 -2.46
N SER PA 47 -23.89 -41.49 -1.73
CA SER PA 47 -24.27 -41.64 -0.34
C SER PA 47 -23.74 -40.45 0.45
N GLY PA 48 -24.55 -39.90 1.34
CA GLY PA 48 -24.08 -38.80 2.16
C GLY PA 48 -24.63 -37.43 1.82
N TYR PA 49 -23.99 -36.38 2.33
CA TYR PA 49 -24.57 -35.06 2.25
C TYR PA 49 -24.09 -34.07 1.21
N GLY PA 50 -23.03 -34.38 0.48
CA GLY PA 50 -22.78 -33.62 -0.73
C GLY PA 50 -23.98 -33.95 -1.59
N GLY PA 51 -24.48 -32.99 -2.34
CA GLY PA 51 -25.63 -33.27 -3.19
C GLY PA 51 -25.23 -34.14 -4.35
N GLN PA 52 -25.40 -33.63 -5.57
CA GLN PA 52 -24.82 -34.28 -6.72
C GLN PA 52 -23.31 -34.12 -6.61
N THR PA 53 -22.57 -35.16 -6.97
CA THR PA 53 -21.13 -35.20 -6.71
C THR PA 53 -20.35 -35.33 -8.00
N LYS PA 54 -21.04 -35.67 -9.06
CA LYS PA 54 -20.42 -35.72 -10.37
C LYS PA 54 -21.30 -34.92 -11.30
N PRO PA 55 -20.71 -34.37 -12.35
CA PRO PA 55 -21.54 -33.62 -13.29
C PRO PA 55 -22.59 -34.48 -13.97
N ILE PA 56 -23.74 -33.87 -14.22
CA ILE PA 56 -24.75 -34.45 -15.08
C ILE PA 56 -24.78 -33.69 -16.39
N PHE PA 57 -24.39 -34.33 -17.48
CA PHE PA 57 -24.43 -33.65 -18.76
C PHE PA 57 -25.85 -33.29 -19.09
N HIS PA 58 -26.10 -32.05 -19.50
CA HIS PA 58 -27.46 -31.60 -19.77
C HIS PA 58 -27.64 -31.23 -21.21
N LYS PA 59 -26.77 -30.35 -21.69
CA LYS PA 59 -26.97 -29.76 -22.99
C LYS PA 59 -26.41 -30.57 -24.13
N LYS PA 60 -27.26 -31.45 -24.65
CA LYS PA 60 -26.97 -32.19 -25.86
C LYS PA 60 -26.90 -31.22 -27.03
N ALA PA 61 -26.05 -31.54 -27.99
CA ALA PA 61 -26.02 -30.79 -29.23
C ALA PA 61 -26.24 -31.74 -30.39
N LYS PA 62 -25.77 -32.97 -30.27
CA LYS PA 62 -26.04 -33.98 -31.29
C LYS PA 62 -27.54 -34.26 -31.37
N THR PA 63 -28.07 -34.34 -32.58
CA THR PA 63 -29.45 -34.75 -32.75
C THR PA 63 -29.53 -36.19 -33.19
N THR PA 64 -28.41 -36.69 -33.71
CA THR PA 64 -28.35 -38.03 -34.25
C THR PA 64 -27.17 -38.70 -33.65
N LYS PA 65 -27.06 -40.00 -33.82
CA LYS PA 65 -25.86 -40.68 -33.38
C LYS PA 65 -25.57 -41.88 -34.24
N LYS PA 66 -24.34 -42.37 -34.16
CA LYS PA 66 -23.87 -43.39 -35.07
C LYS PA 66 -24.71 -44.62 -34.86
N ILE PA 67 -25.02 -45.32 -35.94
CA ILE PA 67 -25.88 -46.48 -35.82
C ILE PA 67 -25.08 -47.76 -35.94
N VAL PA 68 -24.65 -48.26 -34.80
CA VAL PA 68 -23.94 -49.52 -34.75
C VAL PA 68 -24.84 -50.64 -35.19
N LEU PA 69 -24.32 -51.52 -36.04
CA LEU PA 69 -25.08 -52.64 -36.54
C LEU PA 69 -24.47 -53.96 -36.17
N LYS PA 70 -25.07 -54.63 -35.20
CA LYS PA 70 -24.64 -55.97 -34.85
C LYS PA 70 -25.04 -56.94 -35.95
N LEU PA 71 -24.15 -57.85 -36.27
CA LEU PA 71 -24.33 -58.77 -37.38
C LEU PA 71 -24.01 -60.14 -36.87
N GLN PA 72 -24.46 -61.17 -37.56
CA GLN PA 72 -24.07 -62.51 -37.18
C GLN PA 72 -24.37 -63.45 -38.32
N CYS PA 73 -23.35 -64.18 -38.74
CA CYS PA 73 -23.49 -65.07 -39.86
C CYS PA 73 -24.36 -66.23 -39.44
N SER PA 74 -24.98 -66.86 -40.42
CA SER PA 74 -25.84 -68.00 -40.15
C SER PA 74 -25.02 -69.11 -39.51
N ASN PA 75 -23.75 -69.13 -39.85
CA ASN PA 75 -22.86 -70.22 -39.49
C ASN PA 75 -22.68 -70.37 -37.99
N CYS PA 76 -22.68 -69.24 -37.29
CA CYS PA 76 -22.28 -69.22 -35.89
C CYS PA 76 -22.78 -68.00 -35.15
N LYS PA 77 -22.59 -68.02 -33.83
CA LYS PA 77 -23.05 -66.96 -32.96
C LYS PA 77 -22.30 -65.64 -33.12
N SER PA 78 -21.04 -65.67 -33.54
CA SER PA 78 -20.18 -64.50 -33.34
C SER PA 78 -20.76 -63.27 -34.01
N ILE PA 79 -20.78 -62.17 -33.27
CA ILE PA 79 -21.42 -60.96 -33.72
C ILE PA 79 -20.42 -59.90 -34.09
N ILE PA 80 -20.07 -59.85 -35.37
CA ILE PA 80 -19.31 -58.73 -35.87
C ILE PA 80 -20.24 -57.55 -35.80
N GLN PA 81 -19.69 -56.37 -35.53
CA GLN PA 81 -20.52 -55.17 -35.43
C GLN PA 81 -19.81 -54.02 -36.09
N ASN PA 82 -20.54 -53.21 -36.86
CA ASN PA 82 -19.90 -52.10 -37.55
C ASN PA 82 -20.74 -50.85 -37.61
N VAL PA 83 -20.06 -49.71 -37.54
CA VAL PA 83 -20.70 -48.40 -37.53
C VAL PA 83 -21.12 -47.90 -38.90
N LEU PA 84 -22.11 -47.02 -38.90
CA LEU PA 84 -22.50 -46.30 -40.11
C LEU PA 84 -22.39 -44.78 -39.90
N LYS PA 85 -22.77 -44.01 -40.91
CA LYS PA 85 -22.88 -42.57 -40.75
C LYS PA 85 -24.03 -42.22 -39.84
N ARG PA 86 -23.99 -41.04 -39.25
CA ARG PA 86 -25.13 -40.55 -38.50
C ARG PA 86 -26.34 -40.33 -39.38
N THR PA 87 -27.49 -40.68 -38.84
CA THR PA 87 -28.76 -40.61 -39.53
C THR PA 87 -29.84 -40.24 -38.54
N LYS PA 88 -30.87 -39.53 -38.99
CA LYS PA 88 -31.98 -39.21 -38.10
C LYS PA 88 -33.03 -40.29 -38.09
N HIS PA 89 -32.88 -41.30 -38.94
CA HIS PA 89 -33.94 -42.29 -39.12
C HIS PA 89 -33.47 -43.56 -39.79
N PHE PA 90 -32.52 -44.25 -39.18
CA PHE PA 90 -32.12 -45.58 -39.64
C PHE PA 90 -33.29 -46.54 -39.52
N GLU PA 91 -33.42 -47.43 -40.48
CA GLU PA 91 -34.60 -48.27 -40.55
C GLU PA 91 -34.43 -49.33 -41.62
N LEU PA 92 -33.92 -50.48 -41.22
CA LEU PA 92 -33.60 -51.54 -42.17
C LEU PA 92 -34.79 -52.28 -42.72
N ASN PA 93 -34.65 -52.70 -43.98
CA ASN PA 93 -35.73 -53.27 -44.75
C ASN PA 93 -35.30 -53.70 -46.15
N VAL QA 1 -26.88 -19.26 -84.27
CA VAL QA 1 -25.76 -20.03 -84.78
C VAL QA 1 -24.89 -20.60 -83.65
N VAL QA 2 -24.94 -21.91 -83.46
CA VAL QA 2 -24.14 -22.53 -82.41
C VAL QA 2 -22.64 -22.42 -82.64
N LYS QA 3 -22.21 -22.51 -83.89
CA LYS QA 3 -20.79 -22.62 -84.18
C LYS QA 3 -20.26 -21.32 -84.78
N ASN QA 4 -20.31 -20.28 -83.96
CA ASN QA 4 -19.71 -19.00 -84.29
C ASN QA 4 -18.24 -18.93 -83.89
N LYS QA 5 -17.65 -17.75 -84.05
CA LYS QA 5 -16.24 -17.57 -83.80
C LYS QA 5 -15.90 -17.82 -82.33
N ALA QA 6 -16.82 -17.48 -81.45
CA ALA QA 6 -16.63 -17.71 -80.02
C ALA QA 6 -16.57 -19.19 -79.74
N TYR QA 7 -17.30 -19.96 -80.53
CA TYR QA 7 -17.34 -21.40 -80.39
C TYR QA 7 -16.03 -22.06 -80.70
N PHE QA 8 -15.33 -21.56 -81.72
CA PHE QA 8 -14.07 -22.14 -82.14
C PHE QA 8 -12.91 -21.60 -81.34
N LYS QA 9 -13.20 -20.61 -80.50
CA LYS QA 9 -12.23 -20.13 -79.55
C LYS QA 9 -12.19 -21.09 -78.39
N ARG QA 10 -13.34 -21.25 -77.75
CA ARG QA 10 -13.42 -21.99 -76.52
C ARG QA 10 -13.44 -23.47 -76.82
N PHE QA 11 -13.57 -23.81 -78.10
CA PHE QA 11 -13.66 -25.21 -78.49
C PHE QA 11 -12.33 -25.87 -78.26
N GLN QA 12 -12.37 -27.08 -77.71
CA GLN QA 12 -11.17 -27.86 -77.52
C GLN QA 12 -11.29 -29.11 -78.36
N VAL QA 13 -10.46 -29.23 -79.37
CA VAL QA 13 -10.54 -30.39 -80.24
C VAL QA 13 -10.24 -31.62 -79.38
N LYS QA 14 -11.05 -32.66 -79.50
CA LYS QA 14 -10.77 -33.90 -78.80
C LYS QA 14 -9.60 -34.56 -79.46
N TYR QA 15 -9.08 -35.61 -78.86
CA TYR QA 15 -7.90 -36.24 -79.42
C TYR QA 15 -8.18 -36.70 -80.82
N ARG QA 16 -7.16 -36.66 -81.66
CA ARG QA 16 -7.32 -36.94 -83.06
C ARG QA 16 -7.91 -38.28 -83.30
N ARG QA 17 -7.58 -39.21 -82.43
CA ARG QA 17 -7.91 -40.59 -82.70
C ARG QA 17 -9.26 -40.94 -82.09
N ARG QA 18 -9.75 -40.06 -81.21
CA ARG QA 18 -11.14 -40.10 -80.77
C ARG QA 18 -12.01 -39.32 -81.71
N ARG QA 19 -11.49 -38.20 -82.15
CA ARG QA 19 -12.14 -37.35 -83.12
C ARG QA 19 -12.30 -38.10 -84.41
N GLU QA 20 -11.32 -38.94 -84.70
CA GLU QA 20 -11.37 -39.82 -85.84
C GLU QA 20 -12.36 -40.93 -85.57
N GLY QA 21 -12.67 -41.14 -84.29
CA GLY QA 21 -13.60 -42.17 -83.88
C GLY QA 21 -13.01 -43.54 -83.75
N LYS QA 22 -11.70 -43.65 -83.89
CA LYS QA 22 -11.03 -44.94 -83.99
C LYS QA 22 -10.56 -45.57 -82.68
N THR QA 23 -10.77 -44.91 -81.55
CA THR QA 23 -10.25 -45.44 -80.31
C THR QA 23 -11.00 -44.98 -79.08
N ASP QA 24 -11.23 -45.90 -78.14
CA ASP QA 24 -11.72 -45.57 -76.81
C ASP QA 24 -10.49 -45.27 -75.98
N TYR QA 25 -10.45 -44.16 -75.27
CA TYR QA 25 -9.28 -43.91 -74.45
C TYR QA 25 -9.45 -44.20 -72.96
N GLN QA 26 -10.67 -44.30 -72.45
CA GLN QA 26 -10.77 -44.73 -71.07
C GLN QA 26 -10.25 -46.14 -71.01
N ALA QA 27 -10.43 -46.86 -72.11
CA ALA QA 27 -9.94 -48.21 -72.18
C ALA QA 27 -8.49 -48.20 -72.55
N ARG QA 28 -8.08 -47.28 -73.40
CA ARG QA 28 -6.69 -47.30 -73.79
C ARG QA 28 -5.81 -46.96 -72.63
N ARG QA 29 -6.36 -46.18 -71.71
CA ARG QA 29 -5.59 -45.67 -70.58
C ARG QA 29 -5.61 -46.64 -69.43
N GLN QA 30 -6.37 -47.71 -69.56
CA GLN QA 30 -6.44 -48.75 -68.55
C GLN QA 30 -5.77 -49.99 -69.07
N MET QA 31 -5.97 -50.26 -70.35
CA MET QA 31 -5.31 -51.36 -71.01
C MET QA 31 -3.82 -51.17 -70.94
N VAL QA 32 -3.40 -49.92 -70.98
CA VAL QA 32 -2.00 -49.58 -71.06
C VAL QA 32 -1.40 -49.47 -69.67
N LEU QA 33 -2.23 -49.07 -68.72
CA LEU QA 33 -1.79 -48.87 -67.34
C LEU QA 33 -1.34 -50.15 -66.70
N GLN QA 34 -0.23 -50.06 -65.97
CA GLN QA 34 0.25 -51.17 -65.16
C GLN QA 34 0.91 -50.57 -63.94
N ASP QA 35 1.15 -51.39 -62.92
CA ASP QA 35 1.64 -50.88 -61.66
C ASP QA 35 2.93 -50.15 -61.87
N LYS QA 36 3.05 -48.98 -61.25
CA LYS QA 36 4.25 -48.18 -61.43
C LYS QA 36 5.40 -48.89 -60.78
N THR QA 37 5.05 -49.77 -59.85
CA THR QA 37 6.07 -50.49 -59.12
C THR QA 37 6.83 -51.35 -60.09
N LYS QA 38 6.16 -51.74 -61.15
CA LYS QA 38 6.78 -52.38 -62.29
C LYS QA 38 7.49 -51.27 -63.03
N PHE QA 39 8.80 -51.31 -63.10
CA PHE QA 39 9.51 -50.12 -63.52
C PHE QA 39 9.19 -49.78 -64.97
N GLY QA 40 8.65 -50.74 -65.70
CA GLY QA 40 8.15 -50.46 -67.04
C GLY QA 40 8.28 -51.68 -67.90
N THR QA 41 8.29 -52.84 -67.24
CA THR QA 41 8.46 -54.10 -67.90
C THR QA 41 7.28 -54.32 -68.84
N PRO QA 42 7.50 -55.02 -69.95
CA PRO QA 42 6.51 -55.00 -71.02
C PRO QA 42 5.13 -55.47 -70.63
N LYS QA 43 4.13 -54.81 -71.20
CA LYS QA 43 2.74 -55.19 -71.05
C LYS QA 43 2.15 -55.24 -72.43
N TYR QA 44 2.17 -56.41 -73.03
CA TYR QA 44 1.64 -56.58 -74.36
C TYR QA 44 0.15 -56.60 -74.34
N ARG QA 45 -0.42 -56.24 -75.48
CA ARG QA 45 -1.84 -56.12 -75.63
C ARG QA 45 -2.25 -56.70 -76.96
N LEU QA 46 -3.12 -57.70 -76.93
CA LEU QA 46 -3.60 -58.32 -78.16
C LEU QA 46 -4.73 -57.51 -78.76
N VAL QA 47 -4.39 -56.41 -79.43
CA VAL QA 47 -5.41 -55.63 -80.10
C VAL QA 47 -5.95 -56.41 -81.28
N VAL QA 48 -7.27 -56.39 -81.46
CA VAL QA 48 -7.91 -57.20 -82.47
C VAL QA 48 -9.08 -56.48 -83.13
N ARG QA 49 -9.08 -56.43 -84.45
CA ARG QA 49 -10.01 -55.58 -85.17
C ARG QA 49 -10.67 -56.30 -86.33
N ILE QA 50 -11.95 -56.02 -86.53
CA ILE QA 50 -12.69 -56.68 -87.58
C ILE QA 50 -13.09 -55.69 -88.67
N THR QA 51 -12.12 -55.29 -89.50
CA THR QA 51 -12.40 -54.47 -90.66
C THR QA 51 -13.33 -55.27 -91.54
N ASN QA 52 -14.32 -54.61 -92.12
CA ASN QA 52 -15.54 -55.29 -92.54
C ASN QA 52 -15.32 -56.39 -93.57
N ARG QA 53 -14.21 -56.29 -94.29
CA ARG QA 53 -13.80 -57.34 -95.19
C ARG QA 53 -12.92 -58.39 -94.50
N ASP QA 54 -12.06 -57.97 -93.59
CA ASP QA 54 -10.99 -58.84 -93.07
C ASP QA 54 -10.65 -58.61 -91.60
N ILE QA 55 -10.38 -59.67 -90.85
CA ILE QA 55 -9.92 -59.57 -89.45
C ILE QA 55 -8.48 -59.15 -89.29
N ILE QA 56 -8.18 -58.42 -88.21
CA ILE QA 56 -6.81 -58.06 -87.89
C ILE QA 56 -6.47 -58.36 -86.43
N ALA QA 57 -5.56 -59.29 -86.20
CA ALA QA 57 -5.03 -59.55 -84.86
C ALA QA 57 -3.60 -59.05 -84.78
N GLN QA 58 -3.27 -58.39 -83.68
CA GLN QA 58 -2.04 -57.63 -83.63
C GLN QA 58 -1.53 -57.54 -82.20
N VAL QA 59 -0.55 -58.37 -81.84
CA VAL QA 59 0.07 -58.24 -80.52
C VAL QA 59 0.81 -56.92 -80.46
N VAL QA 60 0.65 -56.18 -79.38
CA VAL QA 60 1.13 -54.80 -79.34
C VAL QA 60 1.49 -54.36 -77.94
N GLN QA 61 2.47 -53.47 -77.81
CA GLN QA 61 2.70 -52.81 -76.53
C GLN QA 61 2.83 -51.32 -76.70
N ALA QA 62 2.25 -50.58 -75.75
CA ALA QA 62 2.25 -49.12 -75.78
C ALA QA 62 3.64 -48.55 -75.59
N LYS QA 63 3.94 -47.48 -76.32
CA LYS QA 63 5.17 -46.72 -76.14
C LYS QA 63 4.84 -45.26 -76.25
N VAL QA 64 5.67 -44.41 -75.66
CA VAL QA 64 5.45 -42.98 -75.73
C VAL QA 64 5.63 -42.45 -77.14
N VAL QA 65 6.55 -43.06 -77.89
CA VAL QA 65 6.75 -42.67 -79.26
C VAL QA 65 5.52 -43.03 -80.05
N GLY QA 66 4.83 -44.06 -79.60
CA GLY QA 66 3.74 -44.67 -80.33
C GLY QA 66 3.95 -46.15 -80.23
N ASP QA 67 2.90 -46.89 -79.89
CA ASP QA 67 3.08 -48.27 -79.44
C ASP QA 67 3.63 -49.21 -80.51
N GLU QA 68 4.58 -50.06 -80.09
CA GLU QA 68 5.18 -51.06 -80.95
C GLU QA 68 4.18 -52.16 -81.29
N VAL QA 69 4.16 -52.58 -82.54
CA VAL QA 69 3.31 -53.69 -82.92
C VAL QA 69 4.16 -54.93 -83.09
N VAL QA 70 4.38 -55.63 -82.00
CA VAL QA 70 5.39 -56.69 -81.97
C VAL QA 70 5.10 -57.78 -82.99
N MET QA 71 3.84 -58.13 -83.15
CA MET QA 71 3.44 -59.17 -84.06
C MET QA 71 2.01 -58.96 -84.52
N ALA QA 72 1.66 -59.50 -85.67
CA ALA QA 72 0.35 -59.31 -86.23
C ALA QA 72 -0.03 -60.50 -87.09
N ALA QA 73 -1.32 -60.74 -87.23
CA ALA QA 73 -1.80 -61.86 -88.02
C ALA QA 73 -3.09 -61.51 -88.73
N TYR QA 74 -2.94 -60.88 -89.88
CA TYR QA 74 -4.08 -60.49 -90.71
C TYR QA 74 -4.76 -61.73 -91.27
N SER QA 75 -6.07 -61.68 -91.45
CA SER QA 75 -6.79 -62.82 -91.99
C SER QA 75 -6.44 -63.04 -93.46
N HIS QA 76 -5.82 -62.04 -94.07
CA HIS QA 76 -5.44 -62.11 -95.46
C HIS QA 76 -4.51 -63.27 -95.70
N GLU QA 77 -3.76 -63.63 -94.67
CA GLU QA 77 -2.75 -64.64 -94.80
C GLU QA 77 -3.28 -66.04 -94.50
N LEU QA 78 -4.56 -66.12 -94.13
CA LEU QA 78 -5.23 -67.40 -93.94
C LEU QA 78 -5.18 -68.28 -95.19
N PRO QA 79 -5.54 -67.70 -96.35
CA PRO QA 79 -5.59 -68.39 -97.65
C PRO QA 79 -4.24 -68.97 -98.02
N GLN QA 80 -3.19 -68.34 -97.50
CA GLN QA 80 -1.86 -68.90 -97.58
C GLN QA 80 -1.86 -70.26 -96.89
N PHE QA 81 -2.78 -70.47 -95.95
CA PHE QA 81 -2.85 -71.74 -95.23
C PHE QA 81 -4.12 -72.50 -95.52
N GLY QA 82 -4.65 -72.36 -96.73
CA GLY QA 82 -5.76 -73.16 -97.18
C GLY QA 82 -7.15 -72.66 -96.86
N ILE QA 83 -7.26 -71.56 -96.12
CA ILE QA 83 -8.57 -70.98 -95.90
C ILE QA 83 -8.87 -69.96 -96.99
N GLN QA 84 -9.47 -70.44 -98.09
CA GLN QA 84 -9.72 -69.59 -99.23
C GLN QA 84 -10.99 -68.77 -99.12
N HIS QA 85 -11.80 -69.03 -98.11
CA HIS QA 85 -13.09 -68.35 -98.02
C HIS QA 85 -13.52 -68.09 -96.59
N GLY QA 86 -14.38 -67.10 -96.41
CA GLY QA 86 -14.83 -66.72 -95.08
C GLY QA 86 -13.67 -66.23 -94.26
N LEU QA 87 -13.05 -65.15 -94.72
CA LEU QA 87 -11.84 -64.65 -94.07
C LEU QA 87 -12.15 -63.55 -93.09
N THR QA 88 -13.41 -63.47 -92.67
CA THR QA 88 -13.78 -62.50 -91.67
C THR QA 88 -14.79 -63.10 -90.71
N ASN QA 89 -15.04 -64.41 -90.85
CA ASN QA 89 -16.02 -65.08 -90.01
C ASN QA 89 -15.41 -65.66 -88.75
N TYR QA 90 -16.26 -66.10 -87.82
CA TYR QA 90 -15.80 -66.52 -86.52
C TYR QA 90 -14.86 -67.69 -86.67
N ALA QA 91 -15.11 -68.49 -87.68
CA ALA QA 91 -14.28 -69.66 -87.94
C ALA QA 91 -12.90 -69.24 -88.36
N ALA QA 92 -12.78 -68.04 -88.92
CA ALA QA 92 -11.50 -67.54 -89.39
C ALA QA 92 -10.77 -66.79 -88.29
N ALA QA 93 -11.51 -66.11 -87.43
CA ALA QA 93 -10.91 -65.33 -86.36
C ALA QA 93 -10.13 -66.24 -85.46
N TYR QA 94 -10.63 -67.45 -85.27
CA TYR QA 94 -9.98 -68.39 -84.39
C TYR QA 94 -8.61 -68.74 -84.93
N ALA QA 95 -8.48 -68.79 -86.25
CA ALA QA 95 -7.24 -69.20 -86.87
C ALA QA 95 -6.33 -68.00 -87.08
N THR QA 96 -6.92 -66.82 -87.17
CA THR QA 96 -6.14 -65.60 -87.27
C THR QA 96 -5.40 -65.38 -85.97
N GLY QA 97 -6.14 -65.45 -84.86
CA GLY QA 97 -5.56 -65.25 -83.56
C GLY QA 97 -4.68 -66.40 -83.17
N LEU QA 98 -5.07 -67.62 -83.54
CA LEU QA 98 -4.25 -68.78 -83.28
C LEU QA 98 -2.99 -68.66 -84.09
N LEU QA 99 -3.05 -67.88 -85.15
CA LEU QA 99 -1.90 -67.67 -86.00
C LEU QA 99 -0.91 -66.70 -85.37
N VAL QA 100 -1.40 -65.56 -84.88
CA VAL QA 100 -0.53 -64.58 -84.26
C VAL QA 100 0.02 -65.13 -82.96
N ALA QA 101 -0.79 -65.92 -82.28
CA ALA QA 101 -0.38 -66.56 -81.04
C ALA QA 101 0.74 -67.53 -81.32
N ARG QA 102 0.75 -68.07 -82.54
CA ARG QA 102 1.72 -69.08 -82.90
C ARG QA 102 2.89 -68.49 -83.67
N ARG QA 103 2.68 -67.35 -84.30
CA ARG QA 103 3.75 -66.61 -84.97
C ARG QA 103 4.51 -65.75 -83.97
N MET QA 104 3.88 -65.50 -82.81
CA MET QA 104 4.50 -64.72 -81.75
C MET QA 104 5.36 -65.59 -80.85
N LEU QA 105 4.85 -66.78 -80.53
CA LEU QA 105 5.65 -67.74 -79.80
C LEU QA 105 6.79 -68.22 -80.67
N THR QA 106 6.65 -68.08 -81.97
CA THR QA 106 7.71 -68.54 -82.87
C THR QA 106 8.98 -67.73 -82.66
N LYS QA 107 8.84 -66.49 -82.22
CA LYS QA 107 10.00 -65.74 -81.76
C LYS QA 107 10.56 -66.27 -80.45
N LEU QA 108 9.71 -66.88 -79.64
CA LEU QA 108 10.00 -66.99 -78.22
C LEU QA 108 10.09 -68.44 -77.75
N PHE QA 141 3.85 -67.59 -66.51
CA PHE QA 141 4.96 -68.14 -67.29
C PHE QA 141 4.72 -68.17 -68.80
N PRO QA 142 3.48 -68.45 -69.23
CA PRO QA 142 3.09 -68.24 -70.63
C PRO QA 142 3.11 -66.77 -71.05
N PHE QA 143 3.40 -66.49 -72.32
CA PHE QA 143 3.36 -65.12 -72.81
C PHE QA 143 1.97 -64.57 -72.55
N LYS QA 144 1.88 -63.35 -72.04
CA LYS QA 144 0.58 -62.88 -71.56
C LYS QA 144 0.18 -61.55 -72.10
N ALA QA 145 -0.25 -61.51 -73.35
CA ALA QA 145 -0.92 -60.33 -73.88
C ALA QA 145 -2.31 -60.28 -73.27
N ILE QA 146 -2.90 -59.09 -73.19
CA ILE QA 146 -4.28 -58.97 -72.80
C ILE QA 146 -5.10 -58.44 -73.97
N LEU QA 147 -6.35 -58.85 -74.06
CA LEU QA 147 -7.17 -58.52 -75.22
C LEU QA 147 -7.54 -57.05 -75.32
N ASP QA 148 -7.44 -56.50 -76.52
CA ASP QA 148 -7.78 -55.10 -76.76
C ASP QA 148 -8.89 -55.03 -77.79
N VAL QA 149 -10.11 -55.11 -77.30
CA VAL QA 149 -11.29 -55.13 -78.13
C VAL QA 149 -11.49 -53.83 -78.89
N GLY QA 150 -10.95 -52.74 -78.36
CA GLY QA 150 -11.18 -51.44 -78.95
C GLY QA 150 -12.60 -51.03 -78.68
N LEU QA 151 -13.36 -50.79 -79.74
CA LEU QA 151 -14.73 -50.33 -79.60
C LEU QA 151 -15.76 -51.43 -79.83
N ALA QA 152 -15.33 -52.61 -80.21
CA ALA QA 152 -16.28 -53.67 -80.54
C ALA QA 152 -17.06 -54.09 -79.33
N ARG QA 153 -18.37 -54.23 -79.49
CA ARG QA 153 -19.18 -54.65 -78.37
C ARG QA 153 -18.85 -56.08 -77.98
N THR QA 154 -18.72 -56.31 -76.68
CA THR QA 154 -18.36 -57.63 -76.20
C THR QA 154 -19.62 -58.39 -75.81
N THR QA 155 -20.47 -58.60 -76.81
CA THR QA 155 -21.58 -59.54 -76.74
C THR QA 155 -21.02 -60.93 -76.85
N THR QA 156 -21.76 -61.91 -76.34
CA THR QA 156 -21.27 -63.28 -76.34
C THR QA 156 -21.02 -63.77 -77.74
N GLY QA 157 -19.87 -64.38 -77.96
CA GLY QA 157 -19.62 -65.06 -79.22
C GLY QA 157 -19.26 -64.11 -80.33
N ALA QA 158 -18.99 -62.86 -79.96
CA ALA QA 158 -18.53 -61.87 -80.91
C ALA QA 158 -17.22 -62.34 -81.49
N ARG QA 159 -16.94 -61.99 -82.74
CA ARG QA 159 -15.80 -62.54 -83.45
C ARG QA 159 -14.51 -62.20 -82.75
N VAL QA 160 -14.51 -61.09 -82.03
CA VAL QA 160 -13.32 -60.62 -81.34
C VAL QA 160 -12.87 -61.63 -80.30
N PHE QA 161 -13.81 -62.36 -79.75
CA PHE QA 161 -13.48 -63.36 -78.75
C PHE QA 161 -13.04 -64.65 -79.40
N GLY QA 162 -13.24 -64.73 -80.70
CA GLY QA 162 -12.73 -65.85 -81.46
C GLY QA 162 -11.25 -65.66 -81.74
N VAL QA 163 -10.81 -64.43 -81.85
CA VAL QA 163 -9.41 -64.15 -82.04
C VAL QA 163 -8.68 -64.51 -80.76
N MET QA 164 -9.28 -64.13 -79.64
CA MET QA 164 -8.75 -64.50 -78.35
C MET QA 164 -8.69 -65.99 -78.20
N LYS QA 165 -9.83 -66.65 -78.41
CA LYS QA 165 -9.89 -68.07 -78.14
C LYS QA 165 -8.98 -68.83 -79.09
N GLY QA 166 -8.76 -68.25 -80.26
CA GLY QA 166 -7.83 -68.84 -81.19
C GLY QA 166 -6.43 -68.60 -80.67
N ALA QA 167 -6.10 -67.34 -80.44
CA ALA QA 167 -4.79 -66.97 -79.94
C ALA QA 167 -4.55 -67.53 -78.56
N VAL QA 168 -5.57 -67.57 -77.74
CA VAL QA 168 -5.39 -68.05 -76.38
C VAL QA 168 -5.09 -69.52 -76.42
N ASP QA 169 -5.74 -70.22 -77.34
CA ASP QA 169 -5.59 -71.65 -77.50
C ASP QA 169 -4.29 -71.90 -78.27
N GLY QA 170 -3.81 -70.86 -78.93
CA GLY QA 170 -2.60 -70.97 -79.72
C GLY QA 170 -1.31 -70.84 -78.94
N GLY QA 171 -1.41 -70.47 -77.67
CA GLY QA 171 -0.23 -70.32 -76.83
C GLY QA 171 -0.29 -69.19 -75.83
N LEU QA 172 -0.70 -68.00 -76.29
CA LEU QA 172 -0.63 -66.81 -75.46
C LEU QA 172 -1.52 -66.95 -74.23
N ALA QA 173 -1.06 -66.43 -73.10
CA ALA QA 173 -1.82 -66.55 -71.87
C ALA QA 173 -2.78 -65.39 -71.70
N VAL QA 174 -3.61 -65.16 -72.71
CA VAL QA 174 -4.53 -64.04 -72.63
C VAL QA 174 -5.51 -64.30 -71.51
N PRO QA 175 -5.56 -63.41 -70.53
CA PRO QA 175 -6.53 -63.61 -69.46
C PRO QA 175 -7.93 -63.53 -70.01
N HIS QA 176 -8.85 -64.35 -69.52
CA HIS QA 176 -10.23 -64.31 -70.01
C HIS QA 176 -11.12 -65.25 -69.23
N ARG QA 177 -12.43 -65.06 -69.35
CA ARG QA 177 -13.40 -66.01 -68.86
C ARG QA 177 -14.34 -66.36 -69.98
N PRO QA 178 -14.93 -67.57 -69.93
CA PRO QA 178 -15.66 -68.14 -71.05
C PRO QA 178 -16.97 -67.42 -71.32
N ASN QA 179 -17.24 -66.35 -70.58
CA ASN QA 179 -18.57 -65.74 -70.62
C ASN QA 179 -18.98 -65.26 -72.00
N ARG QA 180 -18.01 -64.90 -72.83
CA ARG QA 180 -18.34 -64.35 -74.14
C ARG QA 180 -17.92 -65.25 -75.28
N PHE QA 181 -17.53 -66.48 -74.97
CA PHE QA 181 -17.40 -67.49 -75.99
C PHE QA 181 -18.78 -67.86 -76.49
N PRO QA 182 -18.93 -68.10 -77.78
CA PRO QA 182 -20.23 -68.62 -78.23
C PRO QA 182 -20.46 -69.97 -77.60
N GLY QA 183 -21.71 -70.28 -77.27
CA GLY QA 183 -22.01 -71.52 -76.58
C GLY QA 183 -21.89 -71.39 -75.09
N TYR QA 184 -21.66 -70.18 -74.60
CA TYR QA 184 -21.69 -69.96 -73.18
C TYR QA 184 -23.03 -69.39 -72.77
N ASP QA 185 -23.87 -70.21 -72.15
CA ASP QA 185 -25.16 -69.78 -71.65
C ASP QA 185 -25.01 -68.78 -70.52
N LYS QA 186 -25.78 -67.70 -70.53
CA LYS QA 186 -25.80 -66.84 -69.35
C LYS QA 186 -26.42 -67.63 -68.21
N GLU QA 187 -27.72 -67.88 -68.29
CA GLU QA 187 -28.37 -68.76 -67.34
C GLU QA 187 -27.77 -70.14 -67.50
N LYS QA 188 -27.52 -70.82 -66.38
CA LYS QA 188 -26.57 -71.92 -66.35
C LYS QA 188 -25.18 -71.36 -66.64
N ASP QA 189 -24.41 -71.12 -65.59
CA ASP QA 189 -23.12 -70.48 -65.75
C ASP QA 189 -22.10 -71.51 -66.21
N SER QA 190 -22.16 -71.88 -67.49
CA SER QA 190 -21.23 -72.84 -68.02
C SER QA 190 -21.17 -72.81 -69.53
N LEU QA 191 -19.96 -72.96 -70.07
CA LEU QA 191 -19.77 -72.93 -71.50
C LEU QA 191 -20.19 -74.26 -72.11
N ASN QA 192 -20.65 -74.25 -73.35
CA ASN QA 192 -20.97 -75.46 -74.07
C ASN QA 192 -19.89 -75.74 -75.10
N ALA QA 193 -18.76 -76.25 -74.65
CA ALA QA 193 -17.58 -76.37 -75.50
C ALA QA 193 -17.83 -77.28 -76.70
N LYS QA 194 -18.79 -78.19 -76.58
CA LYS QA 194 -19.17 -79.00 -77.73
C LYS QA 194 -19.89 -78.14 -78.75
N ALA QA 195 -20.41 -77.00 -78.30
CA ALA QA 195 -21.00 -76.02 -79.19
C ALA QA 195 -19.97 -74.96 -79.59
N HIS QA 196 -19.13 -74.57 -78.64
CA HIS QA 196 -18.10 -73.57 -78.90
C HIS QA 196 -17.11 -74.12 -79.92
N ARG QA 197 -16.88 -75.42 -79.85
CA ARG QA 197 -15.99 -76.10 -80.78
C ARG QA 197 -16.52 -76.06 -82.19
N ASP QA 198 -17.84 -76.09 -82.31
CA ASP QA 198 -18.48 -76.16 -83.62
C ASP QA 198 -18.21 -74.92 -84.43
N ARG QA 199 -18.52 -73.77 -83.83
CA ARG QA 199 -18.40 -72.50 -84.53
C ARG QA 199 -16.95 -72.18 -84.83
N ILE QA 200 -16.05 -72.68 -83.99
CA ILE QA 200 -14.62 -72.56 -84.24
C ILE QA 200 -14.21 -73.30 -85.49
N LEU QA 201 -14.85 -74.44 -85.71
CA LEU QA 201 -14.51 -75.33 -86.80
C LEU QA 201 -15.24 -75.00 -88.08
N GLY QA 202 -16.08 -73.98 -88.03
CA GLY QA 202 -16.80 -73.57 -89.22
C GLY QA 202 -18.08 -74.33 -89.46
N LEU QA 203 -18.47 -75.21 -88.53
CA LEU QA 203 -19.79 -75.82 -88.62
C LEU QA 203 -20.80 -74.70 -88.58
N HIS QA 204 -20.40 -73.61 -87.94
CA HIS QA 204 -21.21 -72.43 -87.80
C HIS QA 204 -21.84 -72.04 -89.12
N VAL QA 205 -21.04 -72.07 -90.18
CA VAL QA 205 -21.49 -71.65 -91.49
C VAL QA 205 -22.00 -72.82 -92.31
N ALA QA 206 -21.82 -74.02 -91.80
CA ALA QA 206 -22.30 -75.21 -92.49
C ALA QA 206 -23.80 -75.16 -92.64
N GLU QA 207 -24.50 -74.94 -91.53
CA GLU QA 207 -25.96 -74.91 -91.56
C GLU QA 207 -26.54 -73.73 -92.30
N TYR QA 208 -25.76 -72.65 -92.42
CA TYR QA 208 -26.21 -71.54 -93.24
C TYR QA 208 -25.85 -71.83 -94.69
N LEU QA 209 -25.03 -72.85 -94.90
CA LEU QA 209 -24.58 -73.18 -96.24
C LEU QA 209 -25.07 -74.58 -96.60
N GLU QA 239 -18.33 -80.30 -94.61
CA GLU QA 239 -17.10 -80.66 -95.29
C GLU QA 239 -16.00 -79.65 -94.98
N LEU QA 240 -16.40 -78.44 -94.61
CA LEU QA 240 -15.45 -77.40 -94.19
C LEU QA 240 -14.74 -77.73 -92.87
N GLU QA 241 -15.42 -78.45 -91.98
CA GLU QA 241 -14.90 -78.65 -90.64
C GLU QA 241 -13.53 -79.29 -90.65
N GLY QA 242 -13.28 -80.08 -91.68
CA GLY QA 242 -12.00 -80.74 -91.83
C GLY QA 242 -10.96 -79.86 -92.46
N MET QA 243 -11.39 -78.78 -93.10
CA MET QA 243 -10.39 -77.91 -93.72
C MET QA 243 -9.89 -76.89 -92.72
N TYR QA 244 -10.53 -76.81 -91.57
CA TYR QA 244 -9.99 -75.99 -90.50
C TYR QA 244 -9.04 -76.77 -89.60
N LYS QA 245 -9.39 -78.00 -89.25
CA LYS QA 245 -8.46 -78.83 -88.48
C LYS QA 245 -7.22 -79.01 -89.32
N LYS QA 246 -7.43 -79.14 -90.62
CA LYS QA 246 -6.36 -79.12 -91.60
C LYS QA 246 -5.80 -77.72 -91.73
N ALA QA 247 -6.63 -76.73 -91.46
CA ALA QA 247 -6.18 -75.34 -91.47
C ALA QA 247 -5.22 -75.06 -90.31
N HIS QA 248 -5.45 -75.73 -89.19
CA HIS QA 248 -4.72 -75.43 -87.96
C HIS QA 248 -3.35 -76.08 -87.96
N ALA QA 249 -3.29 -77.31 -88.45
CA ALA QA 249 -2.02 -77.99 -88.58
C ALA QA 249 -1.16 -77.24 -89.58
N ALA QA 250 -1.82 -76.57 -90.51
CA ALA QA 250 -1.12 -75.86 -91.56
C ALA QA 250 -0.66 -74.46 -91.12
N ILE QA 251 -1.10 -74.02 -89.94
CA ILE QA 251 -0.59 -72.75 -89.43
C ILE QA 251 0.43 -73.04 -88.35
N ARG QA 252 0.33 -74.21 -87.71
CA ARG QA 252 1.39 -74.66 -86.84
C ARG QA 252 2.61 -75.06 -87.68
N ALA QA 253 2.36 -75.47 -88.92
CA ALA QA 253 3.44 -75.67 -89.87
C ALA QA 253 4.05 -74.32 -90.18
N ASP QA 254 3.21 -73.30 -90.10
CA ASP QA 254 3.58 -71.89 -90.10
C ASP QA 254 4.77 -71.55 -91.00
N GLU RA 1 80.21 18.68 -39.82
CA GLU RA 1 79.13 19.60 -40.15
C GLU RA 1 77.92 18.90 -40.73
N TYR RA 2 76.75 19.42 -40.38
CA TYR RA 2 75.52 19.14 -41.10
C TYR RA 2 74.60 20.33 -40.92
N THR RA 3 73.80 20.63 -41.93
CA THR RA 3 72.94 21.80 -41.88
C THR RA 3 71.67 21.65 -42.71
N THR RA 4 70.53 21.70 -42.04
CA THR RA 4 69.26 21.79 -42.73
C THR RA 4 68.76 23.22 -42.73
N LEU RA 5 69.62 24.15 -42.31
CA LEU RA 5 69.21 25.54 -42.21
C LEU RA 5 68.82 25.98 -43.61
N ARG RA 6 67.67 26.62 -43.73
CA ARG RA 6 67.00 26.76 -45.02
C ARG RA 6 67.68 27.74 -45.97
N LYS RA 7 67.44 27.55 -47.26
CA LYS RA 7 68.10 28.31 -48.33
C LYS RA 7 67.88 29.81 -48.21
N SER RA 8 66.74 30.20 -47.64
CA SER RA 8 66.43 31.60 -47.46
C SER RA 8 67.38 32.24 -46.44
N CYS RA 9 67.90 31.45 -45.51
CA CYS RA 9 68.84 31.96 -44.51
C CYS RA 9 70.28 31.61 -44.83
N LYS RA 10 71.03 32.58 -45.35
CA LYS RA 10 72.40 32.35 -45.78
C LYS RA 10 73.29 33.39 -45.16
N PRO RA 11 74.58 33.07 -44.99
CA PRO RA 11 75.42 34.02 -44.27
C PRO RA 11 75.49 35.36 -44.98
N GLY RA 12 75.48 36.45 -44.22
CA GLY RA 12 75.52 37.77 -44.79
C GLY RA 12 74.18 38.33 -45.21
N THR RA 13 73.12 37.54 -45.05
CA THR RA 13 71.77 38.03 -45.31
C THR RA 13 71.27 38.90 -44.17
N ILE RA 14 70.50 39.92 -44.52
CA ILE RA 14 69.80 40.70 -43.52
C ILE RA 14 68.62 39.88 -43.02
N ALA RA 15 68.27 40.03 -41.76
CA ALA RA 15 67.30 39.14 -41.15
C ALA RA 15 66.63 39.73 -39.95
N ILE RA 16 65.32 39.91 -40.05
CA ILE RA 16 64.51 40.46 -38.97
C ILE RA 16 64.51 39.54 -37.76
N ILE RA 17 64.67 40.09 -36.56
CA ILE RA 17 64.52 39.30 -35.35
C ILE RA 17 63.07 39.32 -34.96
N LEU RA 18 62.41 38.15 -34.92
CA LEU RA 18 61.00 38.11 -34.59
C LEU RA 18 60.68 38.01 -33.11
N ALA RA 19 61.68 37.69 -32.31
CA ALA RA 19 61.44 37.35 -30.91
C ALA RA 19 62.66 37.62 -30.10
N GLY RA 20 62.52 37.60 -28.78
CA GLY RA 20 63.63 37.89 -27.91
C GLY RA 20 63.80 39.37 -27.72
N ARG RA 21 64.90 39.74 -27.07
CA ARG RA 21 65.13 41.12 -26.70
C ARG RA 21 65.20 42.09 -27.87
N PHE RA 22 65.54 41.59 -29.05
CA PHE RA 22 65.81 42.45 -30.17
C PHE RA 22 64.78 42.31 -31.28
N ARG RA 23 63.52 42.46 -30.93
CA ARG RA 23 62.43 42.40 -31.88
C ARG RA 23 62.52 43.48 -32.93
N GLY RA 24 62.31 43.11 -34.18
CA GLY RA 24 62.14 44.06 -35.24
C GLY RA 24 63.44 44.59 -35.76
N ARG RA 25 64.54 44.13 -35.17
CA ARG RA 25 65.86 44.58 -35.56
C ARG RA 25 66.36 43.87 -36.81
N ARG RA 26 66.63 44.60 -37.88
CA ARG RA 26 67.29 43.99 -39.03
C ARG RA 26 68.68 43.59 -38.56
N VAL RA 27 69.11 42.39 -38.90
CA VAL RA 27 70.38 41.91 -38.40
C VAL RA 27 71.04 40.98 -39.39
N VAL RA 28 72.27 41.28 -39.78
CA VAL RA 28 72.98 40.41 -40.70
C VAL RA 28 73.24 39.07 -40.05
N ILE RA 29 73.02 38.01 -40.81
CA ILE RA 29 73.31 36.66 -40.36
C ILE RA 29 74.76 36.35 -40.65
N LEU RA 30 75.60 36.50 -39.64
CA LEU RA 30 77.04 36.30 -39.81
C LEU RA 30 77.45 34.89 -40.15
N LYS RA 31 76.76 33.90 -39.62
CA LYS RA 31 77.22 32.53 -39.73
C LYS RA 31 76.27 31.55 -39.08
N GLN RA 32 76.25 30.32 -39.58
CA GLN RA 32 75.59 29.27 -38.83
C GLN RA 32 76.61 28.45 -38.07
N LEU RA 33 76.23 28.04 -36.87
CA LEU RA 33 77.14 27.38 -35.94
C LEU RA 33 77.47 25.98 -36.44
N PRO RA 34 78.56 25.38 -35.94
CA PRO RA 34 79.23 24.25 -36.59
C PRO RA 34 78.34 23.04 -36.87
N ARG RA 35 77.42 22.73 -35.99
CA ARG RA 35 76.41 21.73 -36.30
C ARG RA 35 75.16 22.47 -36.73
N ASN RA 36 74.16 21.75 -37.25
CA ASN RA 36 72.89 22.40 -37.50
C ASN RA 36 72.45 23.13 -36.24
N GLY RA 37 73.16 24.21 -35.96
CA GLY RA 37 72.96 24.99 -34.75
C GLY RA 37 72.38 26.33 -35.08
N PRO RA 38 72.02 27.08 -34.05
CA PRO RA 38 71.38 28.38 -34.22
C PRO RA 38 72.30 29.34 -34.93
N LEU RA 39 71.73 30.24 -35.71
CA LEU RA 39 72.51 31.25 -36.40
C LEU RA 39 73.18 32.18 -35.43
N VAL RA 40 74.33 32.72 -35.80
CA VAL RA 40 74.85 33.84 -35.05
C VAL RA 40 74.70 35.13 -35.83
N ILE RA 41 73.52 35.71 -35.74
CA ILE RA 41 73.29 37.03 -36.27
C ILE RA 41 74.11 38.06 -35.50
N SER RA 42 74.56 39.11 -36.18
CA SER RA 42 75.12 40.25 -35.50
C SER RA 42 74.49 41.52 -36.03
N GLY RA 43 74.35 42.51 -35.16
CA GLY RA 43 73.66 43.75 -35.47
C GLY RA 43 73.92 44.28 -36.86
N PRO RA 44 75.09 44.90 -37.08
CA PRO RA 44 76.17 45.16 -36.14
C PRO RA 44 75.75 46.11 -35.04
N MET RA 45 76.32 45.95 -33.86
CA MET RA 45 75.90 46.73 -32.71
C MET RA 45 76.23 48.20 -32.96
N LYS RA 46 77.15 48.44 -33.90
CA LYS RA 46 77.50 49.77 -34.35
C LYS RA 46 76.30 50.48 -34.94
N TYR RA 47 75.37 49.69 -35.44
CA TYR RA 47 74.13 50.23 -35.97
C TYR RA 47 73.01 50.09 -34.98
N ASN RA 48 72.30 48.98 -35.07
CA ASN RA 48 71.07 48.76 -34.32
C ASN RA 48 71.26 48.28 -32.88
N GLY RA 49 72.51 48.12 -32.46
CA GLY RA 49 72.79 47.81 -31.07
C GLY RA 49 72.64 46.35 -30.75
N VAL RA 50 72.50 45.52 -31.78
CA VAL RA 50 72.43 44.09 -31.56
C VAL RA 50 73.83 43.53 -31.49
N PRO RA 51 74.16 42.91 -30.36
CA PRO RA 51 75.44 42.28 -30.10
C PRO RA 51 75.60 41.06 -30.98
N ILE RA 52 76.82 40.59 -31.17
CA ILE RA 52 76.94 39.25 -31.70
C ILE RA 52 76.23 38.36 -30.71
N ARG RA 53 75.39 37.46 -31.20
CA ARG RA 53 74.68 36.52 -30.35
C ARG RA 53 73.93 35.52 -31.19
N ARG RA 54 73.58 34.41 -30.57
CA ARG RA 54 72.89 33.34 -31.27
C ARG RA 54 71.40 33.63 -31.43
N ILE RA 55 70.83 33.13 -32.53
CA ILE RA 55 69.39 33.14 -32.73
C ILE RA 55 69.00 31.92 -33.53
N ASP RA 56 67.90 31.29 -33.15
CA ASP RA 56 67.38 30.17 -33.90
C ASP RA 56 66.76 30.66 -35.19
N SER RA 57 66.89 29.87 -36.25
CA SER RA 57 66.43 30.26 -37.58
C SER RA 57 64.93 30.48 -37.61
N ARG RA 58 64.25 29.81 -36.70
CA ARG RA 58 62.80 29.94 -36.58
C ARG RA 58 62.38 31.29 -36.04
N TYR RA 59 63.31 32.01 -35.45
CA TYR RA 59 62.98 33.26 -34.81
C TYR RA 59 63.57 34.46 -35.51
N ILE RA 60 63.70 34.35 -36.82
CA ILE RA 60 64.07 35.49 -37.65
C ILE RA 60 63.38 35.37 -38.99
N ILE RA 61 63.22 36.49 -39.69
CA ILE RA 61 62.66 36.46 -41.03
C ILE RA 61 63.73 36.84 -42.04
N ALA RA 62 64.34 35.85 -42.66
CA ALA RA 62 65.43 36.08 -43.60
C ALA RA 62 64.98 36.86 -44.81
N THR RA 63 65.29 38.15 -44.82
CA THR RA 63 65.00 39.02 -45.94
C THR RA 63 65.78 38.59 -47.16
N SER RA 64 65.27 38.89 -48.34
CA SER RA 64 65.98 38.60 -49.57
C SER RA 64 67.26 39.43 -49.67
N THR RA 65 67.28 40.59 -49.03
CA THR RA 65 68.46 41.45 -49.02
C THR RA 65 69.61 40.82 -48.26
N LYS RA 66 70.81 40.99 -48.78
CA LYS RA 66 71.99 40.49 -48.08
C LYS RA 66 73.22 41.34 -48.29
N VAL RA 67 74.37 40.78 -47.92
CA VAL RA 67 75.66 41.41 -48.16
C VAL RA 67 76.67 40.33 -48.48
N ASP RA 68 77.57 40.58 -49.42
CA ASP RA 68 78.55 39.59 -49.82
C ASP RA 68 79.67 39.53 -48.79
N ILE RA 69 79.34 39.03 -47.60
CA ILE RA 69 80.25 39.07 -46.49
C ILE RA 69 81.09 37.79 -46.37
N LYS RA 70 81.32 37.12 -47.50
CA LYS RA 70 82.27 36.02 -47.54
C LYS RA 70 83.63 36.56 -47.18
N ASN RA 71 83.86 37.83 -47.51
CA ASN RA 71 85.12 38.47 -47.19
C ASN RA 71 85.37 38.57 -45.68
N VAL RA 72 84.32 38.78 -44.90
CA VAL RA 72 84.47 38.87 -43.45
C VAL RA 72 84.83 37.55 -42.80
N ASP RA 73 85.74 37.59 -41.84
CA ASP RA 73 86.13 36.38 -41.11
C ASP RA 73 85.38 36.24 -39.80
N VAL RA 74 84.32 35.44 -39.83
CA VAL RA 74 83.48 35.22 -38.67
C VAL RA 74 83.93 33.99 -37.93
N SER RA 75 85.14 33.52 -38.23
CA SER RA 75 85.64 32.26 -37.70
C SER RA 75 85.74 32.29 -36.18
N GLY RA 76 85.87 33.49 -35.63
CA GLY RA 76 85.97 33.66 -34.19
C GLY RA 76 84.63 33.41 -33.55
N ILE RA 77 83.59 33.32 -34.36
CA ILE RA 77 82.32 32.84 -33.87
C ILE RA 77 82.28 31.32 -33.88
N THR RA 78 82.57 30.73 -32.72
CA THR RA 78 82.43 29.28 -32.55
C THR RA 78 81.64 29.00 -31.27
N PRO RA 79 81.03 27.83 -31.19
CA PRO RA 79 80.04 27.51 -30.15
C PRO RA 79 80.62 27.67 -28.77
N ASP RA 80 81.91 27.39 -28.67
CA ASP RA 80 82.63 27.46 -27.41
C ASP RA 80 82.61 28.87 -26.82
N ILE RA 81 82.43 29.87 -27.67
CA ILE RA 81 82.27 31.25 -27.24
C ILE RA 81 81.04 31.47 -26.38
N PHE RA 82 80.04 30.61 -26.57
CA PHE RA 82 78.74 30.85 -25.96
C PHE RA 82 78.51 29.95 -24.75
N VAL RA 122 80.07 42.89 -19.80
CA VAL RA 122 80.55 42.17 -20.98
C VAL RA 122 82.07 42.06 -20.98
N SER RA 123 82.58 40.84 -21.09
CA SER RA 123 84.00 40.55 -20.93
C SER RA 123 84.85 41.03 -22.11
N ASP RA 124 86.12 41.33 -21.83
CA ASP RA 124 87.02 41.92 -22.81
C ASP RA 124 87.24 41.04 -24.03
N ALA RA 125 87.27 39.73 -23.82
CA ALA RA 125 87.55 38.82 -24.91
C ALA RA 125 86.45 38.85 -25.96
N ARG RA 126 85.21 39.08 -25.50
CA ARG RA 126 84.06 39.14 -26.38
C ARG RA 126 83.81 40.53 -26.91
N ALA RA 127 84.03 41.53 -26.06
CA ALA RA 127 83.86 42.90 -26.50
C ALA RA 127 84.83 43.13 -27.63
N GLN RA 128 86.00 42.54 -27.47
CA GLN RA 128 87.05 42.59 -28.47
C GLN RA 128 86.67 41.86 -29.75
N LEU RA 129 85.91 40.77 -29.60
CA LEU RA 129 85.59 39.94 -30.73
C LEU RA 129 84.69 40.64 -31.72
N GLN RA 130 83.61 41.24 -31.22
CA GLN RA 130 82.69 41.93 -32.12
C GLN RA 130 83.32 43.18 -32.72
N LYS RA 131 84.14 43.88 -31.94
CA LYS RA 131 84.79 45.07 -32.43
C LYS RA 131 85.64 44.71 -33.63
N LYS RA 132 86.30 43.57 -33.53
CA LYS RA 132 87.08 43.03 -34.63
C LYS RA 132 86.21 42.60 -35.79
N VAL RA 133 84.96 42.25 -35.49
CA VAL RA 133 84.05 41.71 -36.50
C VAL RA 133 83.13 42.75 -37.10
N ASP RA 134 82.52 43.56 -36.25
CA ASP RA 134 81.55 44.52 -36.73
C ASP RA 134 82.21 45.49 -37.68
N ALA RA 135 83.47 45.82 -37.43
CA ALA RA 135 84.23 46.68 -38.31
C ALA RA 135 84.51 46.01 -39.65
N ALA RA 136 84.66 44.70 -39.63
CA ALA RA 136 84.81 43.97 -40.87
C ALA RA 136 83.45 43.85 -41.53
N LEU RA 137 82.46 43.48 -40.73
CA LEU RA 137 81.11 43.29 -41.23
C LEU RA 137 80.54 44.58 -41.74
N ILE RA 138 80.92 45.67 -41.12
CA ILE RA 138 80.34 46.96 -41.43
C ILE RA 138 80.91 47.50 -42.74
N GLU RA 139 82.19 47.28 -42.97
CA GLU RA 139 82.80 47.60 -44.25
C GLU RA 139 82.35 46.70 -45.37
N ALA RA 140 81.98 45.46 -45.06
CA ALA RA 140 81.51 44.57 -46.10
C ALA RA 140 80.22 45.14 -46.67
N ILE RA 141 79.45 45.75 -45.79
CA ILE RA 141 78.24 46.45 -46.17
C ILE RA 141 78.54 47.67 -47.04
N ARG RA 142 79.65 48.33 -46.76
CA ARG RA 142 80.06 49.51 -47.51
C ARG RA 142 80.43 49.23 -48.98
N LYS RA 143 81.01 48.07 -49.23
CA LYS RA 143 81.52 47.75 -50.57
C LYS RA 143 80.43 47.70 -51.62
N ASP RA 144 79.24 47.31 -51.20
CA ASP RA 144 78.12 47.13 -52.09
C ASP RA 144 77.66 48.45 -52.68
N PRO RA 145 77.32 48.48 -53.97
CA PRO RA 145 76.51 49.61 -54.42
C PRO RA 145 75.18 49.57 -53.69
N LEU RA 146 74.63 50.73 -53.37
CA LEU RA 146 73.45 50.78 -52.51
C LEU RA 146 73.82 50.24 -51.14
N GLY RA 147 75.07 50.45 -50.76
CA GLY RA 147 75.55 50.08 -49.43
C GLY RA 147 75.26 51.13 -48.39
N LYS RA 148 74.78 52.29 -48.83
CA LYS RA 148 74.46 53.36 -47.90
C LYS RA 148 73.10 53.11 -47.28
N GLU RA 149 72.16 52.60 -48.08
CA GLU RA 149 70.85 52.25 -47.57
C GLU RA 149 70.90 51.09 -46.61
N LYS RA 150 71.74 50.11 -46.90
CA LYS RA 150 71.77 48.92 -46.09
C LYS RA 150 72.33 49.21 -44.70
N ALA RA 151 73.13 50.26 -44.61
CA ALA RA 151 73.54 50.73 -43.31
C ALA RA 151 72.32 51.31 -42.63
N GLY RA 152 71.57 52.11 -43.37
CA GLY RA 152 70.35 52.69 -42.86
C GLY RA 152 69.24 51.66 -42.77
N TYR RA 153 69.29 50.69 -43.65
CA TYR RA 153 68.29 49.64 -43.63
C TYR RA 153 68.43 48.79 -42.39
N LEU RA 154 69.64 48.68 -41.88
CA LEU RA 154 69.88 47.95 -40.64
C LEU RA 154 69.64 48.81 -39.41
N HIS RA 155 69.48 50.12 -39.58
CA HIS RA 155 69.09 50.94 -38.46
C HIS RA 155 67.59 50.83 -38.29
N SER RA 156 66.94 50.26 -39.29
CA SER RA 156 65.51 50.09 -39.29
C SER RA 156 65.06 49.11 -38.24
N VAL RA 157 63.85 49.33 -37.74
CA VAL RA 157 63.24 48.42 -36.81
C VAL RA 157 61.92 48.01 -37.38
N PHE RA 158 61.70 46.70 -37.49
CA PHE RA 158 60.43 46.21 -37.99
C PHE RA 158 59.33 46.32 -36.94
N THR RA 159 58.11 46.56 -37.40
CA THR RA 159 56.97 46.66 -36.53
C THR RA 159 55.73 46.30 -37.30
N ILE RA 160 54.92 45.42 -36.74
CA ILE RA 160 53.64 45.14 -37.35
C ILE RA 160 52.72 46.25 -36.96
N LYS RA 161 52.68 47.27 -37.79
CA LYS RA 161 51.78 48.39 -37.60
C LYS RA 161 50.37 47.97 -37.98
N PRO RA 162 49.36 48.67 -37.47
CA PRO RA 162 47.98 48.28 -37.75
C PRO RA 162 47.65 48.33 -39.23
N GLY RA 163 46.84 47.38 -39.67
CA GLY RA 163 46.47 47.31 -41.08
C GLY RA 163 47.54 46.64 -41.90
N ASP RA 164 48.59 46.19 -41.24
CA ASP RA 164 49.76 45.67 -41.94
C ASP RA 164 49.66 44.15 -42.06
N ALA RA 165 50.02 43.62 -43.22
CA ALA RA 165 49.75 42.23 -43.55
C ALA RA 165 50.98 41.51 -44.04
N PRO RA 166 51.81 41.04 -43.10
CA PRO RA 166 53.06 40.36 -43.42
C PRO RA 166 52.87 39.13 -44.30
N HIS RA 167 51.76 38.44 -44.09
CA HIS RA 167 51.49 37.24 -44.85
C HIS RA 167 51.32 37.55 -46.32
N ARG RA 168 50.83 38.75 -46.58
CA ARG RA 168 50.80 39.29 -47.93
C ARG RA 168 52.14 39.89 -48.35
N MET RA 169 53.05 40.04 -47.39
CA MET RA 169 54.39 40.57 -47.64
C MET RA 169 55.33 39.56 -48.27
N ARG RA 170 56.36 40.05 -48.94
CA ARG RA 170 57.32 39.15 -49.56
C ARG RA 170 58.68 39.12 -48.86
N TRP RA 171 59.26 40.29 -48.61
CA TRP RA 171 60.60 40.39 -48.02
C TRP RA 171 61.67 40.13 -49.06
N LYS SA 1 72.28 -22.00 -40.56
CA LYS SA 1 71.98 -22.73 -41.77
C LYS SA 1 70.67 -22.31 -42.39
N ALA SA 2 69.59 -22.47 -41.64
CA ALA SA 2 68.30 -21.95 -42.05
C ALA SA 2 68.36 -20.44 -42.02
N ILE SA 3 69.20 -19.91 -41.13
CA ILE SA 3 69.27 -18.47 -40.90
C ILE SA 3 69.66 -17.73 -42.15
N ALA SA 4 70.44 -18.40 -42.98
CA ALA SA 4 70.93 -17.81 -44.21
C ALA SA 4 70.06 -18.25 -45.38
N ALA SA 5 69.45 -19.43 -45.25
CA ALA SA 5 68.53 -19.92 -46.27
C ALA SA 5 67.30 -19.01 -46.35
N ASN SA 6 67.02 -18.33 -45.26
CA ASN SA 6 66.03 -17.27 -45.24
C ASN SA 6 66.47 -16.10 -46.08
N LYS SA 7 67.79 -15.95 -46.25
CA LYS SA 7 68.34 -14.93 -47.14
C LYS SA 7 68.27 -15.36 -48.59
N ALA SA 8 68.55 -16.62 -48.84
CA ALA SA 8 68.56 -17.14 -50.20
C ALA SA 8 67.18 -17.00 -50.77
N ALA SA 9 66.20 -17.05 -49.88
CA ALA SA 9 64.82 -16.92 -50.27
C ALA SA 9 64.41 -15.47 -50.44
N ARG SA 10 64.76 -14.63 -49.47
CA ARG SA 10 64.38 -13.22 -49.51
C ARG SA 10 65.07 -12.50 -50.63
N VAL SA 11 66.25 -12.98 -51.02
CA VAL SA 11 66.94 -12.42 -52.17
C VAL SA 11 66.31 -12.92 -53.45
N ALA SA 12 65.97 -14.21 -53.47
CA ALA SA 12 65.38 -14.82 -54.64
C ALA SA 12 63.97 -14.31 -54.93
N LEU SA 13 63.31 -13.79 -53.90
CA LEU SA 13 61.95 -13.33 -54.08
C LEU SA 13 61.93 -11.95 -54.75
N LYS SA 14 62.82 -11.04 -54.37
CA LYS SA 14 62.84 -9.76 -55.06
C LYS SA 14 63.45 -9.92 -56.43
N LYS SA 15 64.30 -10.95 -56.61
CA LYS SA 15 64.80 -11.22 -57.94
C LYS SA 15 63.60 -11.58 -58.78
N ALA SA 16 62.65 -12.25 -58.13
CA ALA SA 16 61.41 -12.65 -58.77
C ALA SA 16 60.47 -11.47 -58.91
N ALA SA 17 60.33 -10.68 -57.86
CA ALA SA 17 59.45 -9.52 -57.87
C ALA SA 17 59.96 -8.49 -58.85
N TYR SA 18 61.27 -8.49 -59.06
CA TYR SA 18 61.83 -7.59 -60.04
C TYR SA 18 61.43 -8.11 -61.40
N ALA SA 19 61.63 -9.41 -61.59
CA ALA SA 19 61.33 -10.05 -62.84
C ALA SA 19 59.85 -10.02 -63.14
N ARG SA 20 59.03 -10.12 -62.10
CA ARG SA 20 57.59 -10.12 -62.29
C ARG SA 20 57.13 -8.77 -62.74
N GLY SA 21 57.46 -7.76 -61.97
CA GLY SA 21 56.93 -6.43 -62.20
C GLY SA 21 57.57 -5.76 -63.39
N LEU SA 22 58.72 -6.27 -63.81
CA LEU SA 22 59.27 -5.88 -65.11
C LEU SA 22 58.40 -6.38 -66.22
N ARG SA 23 57.72 -7.50 -66.00
CA ARG SA 23 56.88 -8.07 -67.02
C ARG SA 23 55.54 -7.37 -67.02
N TYR SA 24 55.06 -7.11 -65.82
CA TYR SA 24 53.80 -6.43 -65.67
C TYR SA 24 53.87 -5.03 -66.18
N SER SA 25 55.01 -4.37 -66.02
CA SER SA 25 55.16 -3.02 -66.53
C SER SA 25 55.12 -3.05 -68.04
N ARG SA 26 55.81 -4.01 -68.62
CA ARG SA 26 55.77 -4.26 -70.04
C ARG SA 26 54.43 -4.76 -70.52
N GLU SA 27 53.74 -5.51 -69.69
CA GLU SA 27 52.45 -6.05 -70.08
C GLU SA 27 51.40 -4.96 -69.99
N TYR SA 28 51.75 -3.85 -69.34
CA TYR SA 28 50.83 -2.73 -69.32
C TYR SA 28 51.13 -1.80 -70.46
N ARG SA 29 52.40 -1.43 -70.57
CA ARG SA 29 52.81 -0.49 -71.60
C ARG SA 29 52.52 -1.05 -72.97
N SER SA 30 52.66 -2.36 -73.10
CA SER SA 30 52.43 -3.01 -74.38
C SER SA 30 50.96 -3.16 -74.64
N ALA SA 31 50.21 -3.57 -73.62
CA ALA SA 31 48.81 -3.86 -73.82
C ALA SA 31 48.06 -2.60 -74.18
N GLU SA 32 48.53 -1.47 -73.66
CA GLU SA 32 47.84 -0.20 -73.89
C GLU SA 32 48.30 0.46 -75.18
N LYS SA 33 49.57 0.33 -75.52
CA LYS SA 33 50.00 0.79 -76.83
C LYS SA 33 49.29 0.02 -77.92
N LYS SA 34 49.07 -1.26 -77.68
CA LYS SA 34 48.33 -2.07 -78.63
C LYS SA 34 46.87 -1.65 -78.67
N LEU SA 35 46.37 -1.16 -77.55
CA LEU SA 35 44.97 -0.76 -77.49
C LEU SA 35 44.80 0.68 -77.97
N VAL SA 36 45.91 1.36 -78.20
CA VAL SA 36 45.87 2.68 -78.79
C VAL SA 36 45.97 2.59 -80.29
N HIS SA 37 46.71 1.58 -80.77
CA HIS SA 37 46.87 1.40 -82.20
C HIS SA 37 45.55 1.09 -82.84
N LEU SA 38 44.70 0.36 -82.13
CA LEU SA 38 43.50 -0.13 -82.76
C LEU SA 38 42.47 0.98 -82.85
N ARG SA 39 42.33 1.73 -81.77
CA ARG SA 39 41.38 2.81 -81.76
C ARG SA 39 41.89 3.94 -82.64
N ARG SA 40 43.20 3.96 -82.84
CA ARG SA 40 43.83 4.89 -83.74
C ARG SA 40 43.81 4.38 -85.16
N GLN SA 41 43.96 3.07 -85.34
CA GLN SA 41 43.75 2.45 -86.63
C GLN SA 41 42.37 2.80 -87.13
N ALA SA 42 41.39 2.58 -86.27
CA ALA SA 42 40.01 2.69 -86.68
C ALA SA 42 39.65 4.12 -87.06
N LYS SA 43 40.21 5.10 -86.38
CA LYS SA 43 39.87 6.48 -86.72
C LYS SA 43 40.41 6.81 -88.11
N SER SA 44 41.54 6.20 -88.46
CA SER SA 44 42.04 6.32 -89.81
C SER SA 44 41.13 5.58 -90.78
N CYS SA 45 40.50 4.52 -90.30
CA CYS SA 45 39.68 3.68 -91.16
C CYS SA 45 38.26 4.19 -91.18
N GLY SA 46 38.02 5.33 -90.54
CA GLY SA 46 36.70 5.93 -90.56
C GLY SA 46 35.78 4.99 -89.83
N ASN SA 47 36.32 4.40 -88.78
CA ASN SA 47 35.81 3.15 -88.26
C ASN SA 47 35.90 3.15 -86.74
N TYR SA 48 34.89 2.63 -86.07
CA TYR SA 48 34.85 2.64 -84.62
C TYR SA 48 35.59 1.46 -83.98
N TYR SA 49 36.04 1.63 -82.75
CA TYR SA 49 36.66 0.53 -82.02
C TYR SA 49 35.92 0.22 -80.73
N LEU SA 50 35.27 -0.93 -80.69
CA LEU SA 50 34.57 -1.40 -79.52
C LEU SA 50 35.55 -1.85 -78.47
N GLU SA 51 35.85 -0.96 -77.53
CA GLU SA 51 36.84 -1.26 -76.51
C GLU SA 51 36.38 -2.43 -75.67
N ALA SA 52 37.31 -3.29 -75.28
CA ALA SA 52 36.97 -4.48 -74.52
C ALA SA 52 36.33 -4.05 -73.21
N LYS SA 53 35.28 -4.76 -72.82
CA LYS SA 53 34.51 -4.34 -71.65
C LYS SA 53 35.31 -4.53 -70.38
N PRO SA 54 34.96 -3.74 -69.36
CA PRO SA 54 35.60 -3.88 -68.08
C PRO SA 54 35.37 -5.27 -67.53
N LYS SA 55 36.40 -5.81 -66.90
CA LYS SA 55 36.36 -7.17 -66.41
C LYS SA 55 36.64 -7.13 -64.94
N VAL SA 56 36.53 -5.94 -64.37
CA VAL SA 56 36.76 -5.73 -62.96
C VAL SA 56 36.22 -4.38 -62.54
N ALA SA 57 35.35 -4.38 -61.56
CA ALA SA 57 34.83 -3.16 -60.95
C ALA SA 57 35.33 -3.03 -59.52
N VAL SA 58 35.66 -1.82 -59.12
CA VAL SA 58 36.03 -1.55 -57.75
C VAL SA 58 34.81 -1.05 -56.97
N VAL SA 59 33.97 -1.98 -56.53
CA VAL SA 59 32.76 -1.65 -55.80
C VAL SA 59 33.04 -1.07 -54.42
N THR SA 60 32.29 -0.05 -54.03
CA THR SA 60 32.53 0.63 -52.76
C THR SA 60 31.26 0.90 -51.99
N ARG SA 61 31.12 0.32 -50.79
CA ARG SA 61 29.92 0.59 -50.03
C ARG SA 61 29.92 2.03 -49.59
N ILE SA 62 28.78 2.69 -49.73
CA ILE SA 62 28.79 4.14 -49.74
C ILE SA 62 27.71 4.67 -48.82
N ARG SA 63 26.71 3.84 -48.53
CA ARG SA 63 25.76 4.11 -47.46
C ARG SA 63 26.14 3.24 -46.28
N GLY SA 64 25.72 3.65 -45.09
CA GLY SA 64 26.02 2.95 -43.86
C GLY SA 64 25.11 1.78 -43.62
N ILE SA 65 25.35 1.06 -42.52
CA ILE SA 65 24.77 -0.26 -42.31
C ILE SA 65 23.36 -0.28 -41.75
N ALA SA 66 22.83 0.88 -41.39
CA ALA SA 66 21.48 0.99 -40.88
C ALA SA 66 20.40 0.91 -41.94
N LYS SA 67 19.24 0.41 -41.52
CA LYS SA 67 18.02 0.31 -42.34
C LYS SA 67 18.14 -0.40 -43.68
N VAL SA 68 18.95 -1.43 -43.78
CA VAL SA 68 19.13 -2.11 -45.05
C VAL SA 68 18.37 -3.43 -45.12
N ALA SA 69 17.73 -3.69 -46.26
CA ALA SA 69 16.82 -4.81 -46.43
C ALA SA 69 17.53 -6.15 -46.53
N PRO SA 70 16.84 -7.25 -46.20
CA PRO SA 70 17.44 -8.57 -46.11
C PRO SA 70 18.12 -9.04 -47.38
N LYS SA 71 17.64 -8.63 -48.55
CA LYS SA 71 18.28 -9.00 -49.81
C LYS SA 71 19.51 -8.17 -50.08
N GLN SA 72 19.41 -6.86 -49.94
CA GLN SA 72 20.57 -6.02 -50.05
C GLN SA 72 21.60 -6.33 -48.98
N ARG SA 73 21.09 -6.68 -47.81
CA ARG SA 73 21.92 -6.93 -46.65
C ARG SA 73 22.73 -8.19 -46.80
N LYS SA 74 22.26 -9.11 -47.62
CA LYS SA 74 22.98 -10.35 -47.85
C LYS SA 74 23.99 -10.14 -48.96
N ILE SA 75 23.57 -9.43 -50.00
CA ILE SA 75 24.45 -9.19 -51.13
C ILE SA 75 25.64 -8.40 -50.71
N LEU SA 76 25.46 -7.48 -49.77
CA LEU SA 76 26.56 -6.71 -49.25
C LEU SA 76 27.53 -7.53 -48.43
N GLN SA 77 27.02 -8.58 -47.80
CA GLN SA 77 27.85 -9.45 -47.00
C GLN SA 77 28.66 -10.37 -47.89
N LEU SA 78 28.05 -10.78 -48.99
CA LEU SA 78 28.73 -11.61 -49.98
C LEU SA 78 29.68 -10.84 -50.82
N LEU SA 79 29.48 -9.52 -50.89
CA LEU SA 79 30.46 -8.63 -51.50
C LEU SA 79 31.51 -8.29 -50.49
N ARG SA 80 31.27 -8.67 -49.24
CA ARG SA 80 32.10 -8.31 -48.12
C ARG SA 80 32.12 -6.82 -47.88
N LEU SA 81 31.04 -6.15 -48.26
CA LEU SA 81 30.87 -4.75 -47.98
C LEU SA 81 30.10 -4.57 -46.70
N ARG SA 82 30.74 -4.78 -45.57
CA ARG SA 82 30.02 -4.81 -44.33
C ARG SA 82 30.03 -3.48 -43.59
N GLN SA 83 30.92 -2.57 -43.97
CA GLN SA 83 30.90 -1.24 -43.38
C GLN SA 83 30.61 -0.17 -44.38
N ILE SA 84 30.88 1.07 -44.00
CA ILE SA 84 30.66 2.16 -44.91
C ILE SA 84 31.71 2.04 -45.97
N PHE SA 85 32.74 2.86 -45.93
CA PHE SA 85 33.57 2.97 -47.10
C PHE SA 85 34.49 1.77 -47.28
N ASN SA 86 33.94 0.57 -47.11
CA ASN SA 86 34.65 -0.62 -47.52
C ASN SA 86 34.72 -0.66 -49.01
N THR SA 87 35.69 -1.39 -49.52
CA THR SA 87 35.86 -1.51 -50.94
C THR SA 87 36.27 -2.92 -51.24
N VAL SA 88 35.84 -3.42 -52.39
CA VAL SA 88 36.32 -4.69 -52.87
C VAL SA 88 36.43 -4.60 -54.36
N PHE SA 89 37.28 -5.41 -54.95
CA PHE SA 89 37.29 -5.57 -56.39
C PHE SA 89 36.50 -6.80 -56.71
N VAL SA 90 35.46 -6.65 -57.52
CA VAL SA 90 34.66 -7.79 -57.94
C VAL SA 90 34.65 -7.77 -59.45
N ARG SA 91 34.92 -8.89 -60.09
CA ARG SA 91 34.95 -8.89 -61.54
C ARG SA 91 33.54 -8.98 -62.10
N LEU SA 92 33.31 -8.39 -63.26
CA LEU SA 92 31.95 -8.17 -63.74
C LEU SA 92 31.32 -9.32 -64.53
N ASN SA 93 31.10 -10.43 -63.87
CA ASN SA 93 30.28 -11.51 -64.37
C ASN SA 93 28.86 -11.02 -64.51
N LYS SA 94 28.07 -11.63 -65.38
CA LYS SA 94 26.65 -11.35 -65.36
C LYS SA 94 26.05 -11.58 -63.97
N PRO SA 95 26.38 -12.72 -63.34
CA PRO SA 95 25.89 -12.99 -61.99
C PRO SA 95 26.29 -11.94 -60.98
N MET SA 96 27.45 -11.33 -61.16
CA MET SA 96 27.84 -10.22 -60.30
C MET SA 96 27.14 -8.94 -60.70
N GLU SA 97 27.04 -8.69 -62.00
CA GLU SA 97 26.41 -7.49 -62.48
C GLU SA 97 24.96 -7.46 -62.02
N ASN SA 98 24.41 -8.64 -61.76
CA ASN SA 98 23.07 -8.74 -61.17
C ASN SA 98 23.03 -8.68 -59.66
N MET SA 99 24.20 -8.80 -59.03
CA MET SA 99 24.29 -8.57 -57.59
C MET SA 99 24.48 -7.10 -57.36
N LEU SA 100 25.36 -6.50 -58.15
CA LEU SA 100 25.65 -5.09 -58.06
C LEU SA 100 24.44 -4.26 -58.39
N ARG SA 101 23.57 -4.81 -59.23
CA ARG SA 101 22.41 -4.09 -59.65
C ARG SA 101 21.37 -4.10 -58.55
N ALA SA 102 21.56 -5.01 -57.60
CA ALA SA 102 20.62 -5.19 -56.50
C ALA SA 102 20.90 -4.29 -55.31
N VAL SA 103 22.06 -3.66 -55.30
CA VAL SA 103 22.48 -2.89 -54.15
C VAL SA 103 23.19 -1.61 -54.52
N GLU SA 104 22.98 -1.15 -55.74
CA GLU SA 104 23.64 0.03 -56.24
C GLU SA 104 23.43 1.27 -55.38
N PRO SA 105 22.22 1.51 -54.88
CA PRO SA 105 22.10 2.64 -53.98
C PRO SA 105 23.04 2.57 -52.78
N TYR SA 106 23.45 1.36 -52.40
CA TYR SA 106 24.42 1.20 -51.32
C TYR SA 106 25.87 1.24 -51.74
N ILE SA 107 26.15 1.37 -53.03
CA ILE SA 107 27.52 1.33 -53.47
C ILE SA 107 27.80 2.29 -54.60
N ALA SA 108 29.03 2.74 -54.67
CA ALA SA 108 29.56 3.41 -55.84
C ALA SA 108 30.53 2.47 -56.49
N TYR SA 109 30.54 2.39 -57.81
CA TYR SA 109 31.55 1.55 -58.42
C TYR SA 109 31.87 1.97 -59.83
N GLY SA 110 32.90 1.37 -60.37
CA GLY SA 110 33.32 1.67 -61.70
C GLY SA 110 34.49 0.78 -61.99
N TYR SA 111 35.31 1.20 -62.93
CA TYR SA 111 36.30 0.32 -63.51
C TYR SA 111 37.64 0.89 -63.15
N PRO SA 112 38.30 0.29 -62.16
CA PRO SA 112 39.49 0.93 -61.62
C PRO SA 112 40.59 1.06 -62.64
N SER SA 113 41.31 2.18 -62.57
CA SER SA 113 42.50 2.38 -63.35
C SER SA 113 43.59 1.60 -62.69
N LEU SA 114 44.62 1.24 -63.44
CA LEU SA 114 45.74 0.51 -62.91
C LEU SA 114 46.33 1.24 -61.73
N ARG SA 115 46.32 2.57 -61.78
CA ARG SA 115 46.79 3.38 -60.68
C ARG SA 115 45.93 3.25 -59.45
N THR SA 116 44.61 3.17 -59.65
CA THR SA 116 43.71 3.01 -58.54
C THR SA 116 43.96 1.69 -57.87
N VAL SA 117 44.32 0.70 -58.66
CA VAL SA 117 44.60 -0.62 -58.13
C VAL SA 117 45.90 -0.62 -57.34
N ARG SA 118 46.88 0.12 -57.81
CA ARG SA 118 48.15 0.19 -57.11
C ARG SA 118 47.94 0.82 -55.75
N MET SA 119 47.23 1.94 -55.71
CA MET SA 119 47.12 2.69 -54.48
C MET SA 119 46.39 1.90 -53.42
N MET SA 120 45.38 1.16 -53.82
CA MET SA 120 44.64 0.40 -52.84
C MET SA 120 45.46 -0.75 -52.33
N VAL SA 121 46.06 -1.50 -53.24
CA VAL SA 121 46.86 -2.66 -52.82
C VAL SA 121 48.11 -2.26 -52.05
N TYR SA 122 48.75 -1.16 -52.42
CA TYR SA 122 49.96 -0.77 -51.73
C TYR SA 122 49.67 -0.01 -50.45
N LYS SA 123 48.74 0.93 -50.52
CA LYS SA 123 48.42 1.73 -49.35
C LYS SA 123 47.44 1.02 -48.44
N ARG SA 124 46.27 0.75 -48.95
CA ARG SA 124 45.19 0.19 -48.14
C ARG SA 124 45.15 -1.33 -48.12
N GLY SA 125 46.06 -1.98 -48.82
CA GLY SA 125 46.05 -3.43 -48.92
C GLY SA 125 46.34 -4.22 -47.66
N HIS SA 126 45.46 -5.14 -47.32
CA HIS SA 126 45.56 -5.96 -46.13
C HIS SA 126 45.23 -7.40 -46.46
N LEU SA 127 46.17 -8.31 -46.24
CA LEU SA 127 45.89 -9.73 -46.38
C LEU SA 127 45.13 -10.31 -45.21
N LYS SA 128 44.32 -11.33 -45.48
CA LYS SA 128 43.77 -12.15 -44.42
C LYS SA 128 44.84 -13.15 -44.06
N ILE SA 129 45.28 -13.20 -42.82
CA ILE SA 129 46.27 -14.21 -42.48
C ILE SA 129 46.01 -14.85 -41.13
N ASN SA 130 45.62 -16.12 -41.15
CA ASN SA 130 45.15 -16.78 -39.95
C ASN SA 130 43.97 -16.02 -39.40
N GLY SA 131 43.24 -15.37 -40.31
CA GLY SA 131 42.04 -14.65 -39.97
C GLY SA 131 42.40 -13.27 -39.51
N GLN SA 132 43.69 -13.04 -39.31
CA GLN SA 132 44.17 -11.73 -38.95
C GLN SA 132 44.08 -10.82 -40.15
N ARG SA 133 43.75 -9.57 -39.92
CA ARG SA 133 43.82 -8.57 -40.96
C ARG SA 133 45.20 -7.96 -40.98
N VAL SA 134 46.03 -8.38 -41.94
CA VAL SA 134 47.45 -8.07 -41.92
C VAL SA 134 47.91 -7.09 -43.01
N LYS SA 135 48.42 -5.93 -42.60
CA LYS SA 135 48.87 -4.91 -43.53
C LYS SA 135 49.97 -5.41 -44.41
N ILE SA 136 49.85 -5.21 -45.72
CA ILE SA 136 50.89 -5.67 -46.62
C ILE SA 136 52.13 -4.84 -46.41
N VAL SA 137 53.28 -5.48 -46.38
CA VAL SA 137 54.51 -4.84 -45.95
C VAL SA 137 55.70 -5.54 -46.56
N ASN SA 138 55.53 -6.82 -46.83
CA ASN SA 138 56.57 -7.63 -47.43
C ASN SA 138 55.99 -8.43 -48.55
N ASN SA 139 56.80 -8.75 -49.55
CA ASN SA 139 56.37 -9.70 -50.54
C ASN SA 139 56.45 -11.09 -49.94
N GLN SA 140 57.18 -11.19 -48.84
CA GLN SA 140 57.27 -12.43 -48.09
C GLN SA 140 55.92 -12.74 -47.53
N MET SA 141 55.24 -11.67 -47.13
CA MET SA 141 53.93 -11.72 -46.52
C MET SA 141 52.93 -12.24 -47.49
N ILE SA 142 53.17 -11.98 -48.76
CA ILE SA 142 52.21 -12.29 -49.79
C ILE SA 142 52.40 -13.70 -50.30
N GLU SA 143 53.65 -14.11 -50.46
CA GLU SA 143 53.92 -15.47 -50.89
C GLU SA 143 53.52 -16.50 -49.86
N SER SA 144 53.61 -16.16 -48.58
CA SER SA 144 53.15 -17.04 -47.54
C SER SA 144 51.65 -17.19 -47.54
N LYS SA 145 50.94 -16.09 -47.71
CA LYS SA 145 49.49 -16.13 -47.77
C LYS SA 145 49.01 -16.95 -48.96
N TYR SA 146 49.50 -16.57 -50.12
CA TYR SA 146 49.16 -17.21 -51.37
C TYR SA 146 50.20 -18.25 -51.70
N ASN SA 147 49.91 -19.51 -51.38
CA ASN SA 147 50.89 -20.54 -51.65
C ASN SA 147 50.79 -20.88 -53.12
N ASN SA 148 51.29 -19.98 -53.93
CA ASN SA 148 50.99 -20.01 -55.33
C ASN SA 148 52.11 -19.40 -56.13
N GLU SA 149 52.78 -20.23 -56.92
CA GLU SA 149 53.98 -19.85 -57.65
C GLU SA 149 53.68 -18.69 -58.57
N ASN SA 150 52.41 -18.54 -58.92
CA ASN SA 150 51.91 -17.38 -59.63
C ASN SA 150 51.91 -16.09 -58.82
N ILE SA 151 51.47 -16.17 -57.56
CA ILE SA 151 51.22 -14.98 -56.76
C ILE SA 151 52.27 -14.75 -55.69
N VAL SA 152 53.27 -13.94 -55.99
CA VAL SA 152 54.39 -13.72 -55.09
C VAL SA 152 54.57 -12.24 -54.79
N CYS SA 153 54.58 -11.44 -55.83
CA CYS SA 153 54.72 -9.99 -55.70
C CYS SA 153 53.46 -9.37 -55.19
N ALA SA 154 53.57 -8.18 -54.64
CA ALA SA 154 52.43 -7.29 -54.53
C ALA SA 154 52.04 -6.82 -55.92
N GLU SA 155 52.97 -6.87 -56.85
CA GLU SA 155 52.67 -6.70 -58.27
C GLU SA 155 51.90 -7.86 -58.87
N ASP SA 156 52.01 -9.03 -58.27
CA ASP SA 156 51.20 -10.13 -58.74
C ASP SA 156 49.77 -9.81 -58.40
N ILE SA 157 49.57 -9.26 -57.21
CA ILE SA 157 48.24 -8.94 -56.76
C ILE SA 157 47.60 -7.86 -57.61
N VAL SA 158 48.33 -6.81 -57.91
CA VAL SA 158 47.76 -5.71 -58.67
C VAL SA 158 47.41 -6.12 -60.08
N ASN SA 159 48.15 -7.07 -60.65
CA ASN SA 159 47.81 -7.57 -61.97
C ASN SA 159 46.56 -8.41 -61.91
N GLN SA 160 46.41 -9.20 -60.88
CA GLN SA 160 45.26 -10.07 -60.78
C GLN SA 160 44.00 -9.26 -60.61
N ILE SA 161 44.06 -8.24 -59.76
CA ILE SA 161 42.87 -7.47 -59.46
C ILE SA 161 42.71 -6.33 -60.45
N TYR SA 162 43.44 -6.40 -61.55
CA TYR SA 162 43.29 -5.40 -62.60
C TYR SA 162 43.13 -6.01 -63.97
N THR SA 163 43.93 -7.02 -64.28
CA THR SA 163 43.86 -7.64 -65.60
C THR SA 163 42.66 -8.54 -65.66
N GLY SA 164 42.08 -8.78 -64.50
CA GLY SA 164 40.92 -9.63 -64.39
C GLY SA 164 41.31 -11.01 -63.92
N GLY SA 165 42.58 -11.36 -64.10
CA GLY SA 165 43.18 -12.52 -63.47
C GLY SA 165 42.56 -13.87 -63.71
N LYS SA 166 43.38 -14.91 -63.59
CA LYS SA 166 42.83 -16.24 -63.49
C LYS SA 166 42.69 -16.54 -62.02
N HIS SA 167 43.40 -15.77 -61.20
CA HIS SA 167 43.31 -15.90 -59.76
C HIS SA 167 42.65 -14.68 -59.18
N PHE SA 168 41.76 -14.05 -59.93
CA PHE SA 168 41.15 -12.84 -59.43
C PHE SA 168 40.39 -13.12 -58.15
N ARG SA 169 39.85 -14.32 -58.01
CA ARG SA 169 39.21 -14.67 -56.77
C ARG SA 169 40.21 -15.13 -55.74
N GLU SA 170 41.19 -15.88 -56.19
CA GLU SA 170 42.23 -16.37 -55.30
C GLU SA 170 42.96 -15.23 -54.67
N VAL SA 171 43.10 -14.13 -55.42
CA VAL SA 171 43.77 -12.96 -54.90
C VAL SA 171 42.87 -12.08 -54.07
N THR SA 172 41.79 -11.61 -54.66
CA THR SA 172 40.93 -10.65 -53.99
C THR SA 172 40.30 -11.24 -52.75
N ASN SA 173 40.12 -12.55 -52.71
CA ASN SA 173 39.57 -13.15 -51.51
C ASN SA 173 40.55 -13.20 -50.36
N GLY SA 174 41.83 -13.27 -50.68
CA GLY SA 174 42.84 -13.33 -49.63
C GLY SA 174 43.15 -11.94 -49.14
N LEU SA 175 42.53 -10.95 -49.75
CA LEU SA 175 42.65 -9.59 -49.25
C LEU SA 175 41.48 -9.28 -48.35
N TRP SA 176 41.72 -8.59 -47.24
CA TRP SA 176 40.63 -8.18 -46.39
C TRP SA 176 39.91 -7.13 -47.21
N PRO SA 177 38.58 -7.03 -47.11
CA PRO SA 177 38.03 -5.94 -47.92
C PRO SA 177 38.55 -4.59 -47.50
N PHE SA 178 38.77 -3.71 -48.47
CA PHE SA 178 39.50 -2.47 -48.22
C PHE SA 178 38.73 -1.53 -47.36
N LYS SA 179 39.41 -0.92 -46.41
CA LYS SA 179 38.76 0.02 -45.52
C LYS SA 179 39.20 1.43 -45.85
N LEU SA 180 38.54 2.01 -46.84
CA LEU SA 180 38.79 3.36 -47.29
C LEU SA 180 38.24 4.42 -46.37
N SER SA 181 38.92 5.56 -46.31
CA SER SA 181 38.39 6.75 -45.65
C SER SA 181 37.36 7.45 -46.52
N PRO SA 182 36.50 8.25 -45.92
CA PRO SA 182 35.46 8.96 -46.65
C PRO SA 182 36.08 9.89 -47.66
N PRO SA 183 35.44 10.06 -48.82
CA PRO SA 183 36.12 10.81 -49.87
C PRO SA 183 36.43 12.24 -49.45
N ALA SA 184 37.67 12.65 -49.63
CA ALA SA 184 38.07 13.98 -49.23
C ALA SA 184 37.38 14.95 -50.14
N GLY SA 185 36.86 16.03 -49.60
CA GLY SA 185 36.08 16.92 -50.42
C GLY SA 185 34.66 16.43 -50.56
N GLY SA 186 34.36 15.32 -49.89
CA GLY SA 186 33.00 14.88 -49.72
C GLY SA 186 32.41 14.10 -50.88
N MET SA 187 31.24 13.54 -50.67
CA MET SA 187 30.50 12.93 -51.77
C MET SA 187 29.68 13.99 -52.48
N ARG SA 188 28.54 13.60 -53.02
CA ARG SA 188 27.63 14.52 -53.68
C ARG SA 188 26.25 14.37 -53.10
N GLN SA 189 25.76 13.14 -53.08
CA GLN SA 189 24.51 12.75 -52.41
C GLN SA 189 24.50 11.25 -52.35
N LYS SA 190 24.67 10.65 -51.18
CA LYS SA 190 24.75 9.21 -51.17
C LYS SA 190 23.40 8.59 -51.53
N ARG SA 191 22.39 9.44 -51.75
CA ARG SA 191 21.04 8.99 -52.05
C ARG SA 191 20.70 8.91 -53.53
N ARG SA 192 21.29 9.76 -54.36
CA ARG SA 192 20.94 9.76 -55.77
C ARG SA 192 21.92 8.92 -56.53
N HIS SA 193 21.53 8.47 -57.71
CA HIS SA 193 22.45 7.75 -58.59
C HIS SA 193 23.42 8.75 -59.16
N PHE SA 194 24.57 8.28 -59.59
CA PHE SA 194 25.62 9.19 -60.03
C PHE SA 194 25.18 10.06 -61.18
N VAL SA 195 24.34 9.53 -62.07
CA VAL SA 195 23.95 10.28 -63.24
C VAL SA 195 22.81 11.23 -62.91
N GLU SA 196 22.24 11.05 -61.73
CA GLU SA 196 21.23 11.95 -61.21
C GLU SA 196 21.88 13.14 -60.57
N GLY SA 197 23.20 13.15 -60.56
CA GLY SA 197 23.95 14.12 -59.80
C GLY SA 197 24.21 13.67 -58.39
N GLY SA 198 24.10 12.37 -58.15
CA GLY SA 198 24.32 11.82 -56.82
C GLY SA 198 25.62 11.08 -56.68
N ASP SA 199 25.57 9.95 -56.00
CA ASP SA 199 26.77 9.20 -55.72
C ASP SA 199 26.65 7.73 -56.04
N TYR SA 200 25.54 7.10 -55.69
CA TYR SA 200 25.53 5.68 -55.76
C TYR SA 200 25.54 5.20 -57.19
N GLY SA 201 25.78 3.91 -57.36
CA GLY SA 201 25.66 3.29 -58.65
C GLY SA 201 26.92 3.35 -59.48
N ASN SA 202 26.89 2.68 -60.62
CA ASN SA 202 28.02 2.65 -61.51
C ASN SA 202 28.35 4.01 -62.03
N ARG SA 203 29.63 4.36 -61.99
CA ARG SA 203 30.02 5.65 -62.48
C ARG SA 203 31.20 5.45 -63.39
N ASP SA 204 31.32 4.23 -63.90
CA ASP SA 204 32.25 3.93 -64.97
C ASP SA 204 33.67 4.24 -64.52
N ALA SA 205 34.45 4.85 -65.39
CA ALA SA 205 35.85 5.09 -65.11
C ALA SA 205 36.04 6.18 -64.08
N LEU SA 206 35.00 6.97 -63.84
CA LEU SA 206 35.07 8.08 -62.91
C LEU SA 206 35.31 7.65 -61.47
N ILE SA 207 35.11 6.38 -61.17
CA ILE SA 207 35.27 5.87 -59.83
C ILE SA 207 36.69 6.11 -59.36
N ASN SA 208 37.61 6.21 -60.30
CA ASN SA 208 39.02 6.37 -59.95
C ASN SA 208 39.28 7.67 -59.23
N ARG SA 209 38.55 8.71 -59.62
CA ARG SA 209 38.65 10.00 -58.97
C ARG SA 209 38.07 9.95 -57.59
N PHE SA 210 36.87 9.42 -57.52
CA PHE SA 210 36.13 9.33 -56.30
C PHE SA 210 36.86 8.46 -55.32
N LEU SA 211 37.44 7.41 -55.84
CA LEU SA 211 38.07 6.40 -55.03
C LEU SA 211 39.48 6.81 -54.71
N ALA SA 212 39.95 7.86 -55.37
CA ALA SA 212 41.30 8.36 -55.17
C ALA SA 212 41.35 9.26 -53.97
N ARG SA 213 40.28 10.01 -53.78
CA ARG SA 213 40.16 10.90 -52.64
C ARG SA 213 40.03 10.09 -51.36
N MET SA 214 39.56 8.86 -51.50
CA MET SA 214 39.34 7.98 -50.37
C MET SA 214 40.57 7.24 -49.89
N ILE SA 215 41.41 6.83 -50.83
CA ILE SA 215 42.45 5.86 -50.54
C ILE SA 215 43.54 6.44 -49.66
N ARG TA 1 -72.65 -32.62 71.09
CA ARG TA 1 -72.39 -31.63 70.06
C ARG TA 1 -72.15 -32.30 68.69
N PRO TA 2 -73.19 -32.95 68.15
CA PRO TA 2 -73.14 -33.66 66.87
C PRO TA 2 -72.86 -32.73 65.70
N LYS TA 3 -72.16 -33.22 64.68
CA LYS TA 3 -71.86 -32.38 63.52
C LYS TA 3 -72.43 -32.91 62.23
N ASN TA 4 -73.13 -32.06 61.49
CA ASN TA 4 -73.53 -32.41 60.14
C ASN TA 4 -72.29 -32.51 59.27
N PHE TA 5 -72.22 -33.55 58.47
CA PHE TA 5 -71.13 -33.69 57.52
C PHE TA 5 -71.71 -33.83 56.11
N GLY TA 6 -72.77 -33.09 55.87
CA GLY TA 6 -73.27 -32.96 54.52
C GLY TA 6 -72.30 -32.05 53.80
N ILE TA 7 -72.34 -32.05 52.48
CA ILE TA 7 -71.51 -31.16 51.71
C ILE TA 7 -71.91 -29.72 51.99
N GLY TA 8 -70.92 -28.86 52.20
CA GLY TA 8 -71.21 -27.47 52.49
C GLY TA 8 -71.81 -27.23 53.86
N HIS TA 9 -71.40 -28.04 54.82
CA HIS TA 9 -71.76 -27.81 56.21
C HIS TA 9 -70.53 -27.79 57.10
N ASP TA 10 -70.51 -28.63 58.14
CA ASP TA 10 -69.33 -28.73 58.97
C ASP TA 10 -68.18 -29.29 58.16
N VAL TA 11 -66.96 -28.83 58.44
CA VAL TA 11 -65.82 -29.42 57.77
C VAL TA 11 -65.64 -30.80 58.32
N PRO TA 12 -65.29 -31.74 57.44
CA PRO TA 12 -65.09 -33.15 57.77
C PRO TA 12 -63.96 -33.30 58.75
N TYR TA 13 -64.03 -34.29 59.63
CA TYR TA 13 -62.84 -34.61 60.39
C TYR TA 13 -61.94 -35.33 59.41
N ALA TA 14 -60.62 -35.22 59.60
CA ALA TA 14 -59.67 -35.62 58.57
C ALA TA 14 -59.74 -37.10 58.29
N ARG TA 15 -60.45 -37.44 57.22
CA ARG TA 15 -60.59 -38.81 56.78
C ARG TA 15 -59.36 -39.29 56.05
N ASP TA 16 -59.12 -40.60 56.10
CA ASP TA 16 -57.96 -41.20 55.48
C ASP TA 16 -57.89 -40.93 54.00
N LEU TA 17 -56.70 -40.57 53.53
CA LEU TA 17 -56.50 -40.28 52.13
C LEU TA 17 -55.46 -41.19 51.49
N SER TA 18 -55.17 -42.32 52.13
CA SER TA 18 -54.11 -43.17 51.64
C SER TA 18 -54.39 -43.58 50.22
N ARG TA 19 -55.67 -43.72 49.92
CA ARG TA 19 -56.12 -44.21 48.64
C ARG TA 19 -55.94 -43.20 47.52
N PHE TA 20 -55.83 -41.93 47.85
CA PHE TA 20 -55.83 -40.90 46.84
C PHE TA 20 -54.67 -39.97 47.07
N MET TA 21 -53.86 -40.34 48.03
CA MET TA 21 -52.70 -39.56 48.39
C MET TA 21 -51.70 -39.65 47.27
N ARG TA 22 -50.83 -38.66 47.14
CA ARG TA 22 -49.71 -38.83 46.24
C ARG TA 22 -48.50 -39.38 46.96
N TRP TA 23 -48.22 -40.65 46.70
CA TRP TA 23 -47.17 -41.40 47.33
C TRP TA 23 -45.81 -41.09 46.79
N PRO TA 24 -44.78 -41.48 47.53
CA PRO TA 24 -43.42 -41.41 47.04
C PRO TA 24 -43.37 -42.28 45.81
N THR TA 25 -42.55 -41.93 44.84
CA THR TA 25 -42.56 -42.66 43.59
C THR TA 25 -42.27 -44.13 43.75
N PHE TA 26 -41.48 -44.52 44.72
CA PHE TA 26 -41.07 -45.91 44.76
C PHE TA 26 -42.27 -46.70 45.22
N VAL TA 27 -43.21 -46.01 45.86
CA VAL TA 27 -44.40 -46.65 46.38
C VAL TA 27 -45.39 -46.86 45.29
N THR TA 28 -45.59 -45.83 44.48
CA THR TA 28 -46.51 -45.90 43.38
C THR TA 28 -46.06 -46.95 42.40
N MET TA 29 -44.75 -47.11 42.28
CA MET TA 29 -44.20 -47.98 41.27
C MET TA 29 -44.15 -49.44 41.68
N GLN TA 30 -43.91 -49.72 42.95
CA GLN TA 30 -43.99 -51.10 43.40
C GLN TA 30 -45.44 -51.55 43.47
N ARG TA 31 -46.36 -50.60 43.55
CA ARG TA 31 -47.78 -50.93 43.52
C ARG TA 31 -48.16 -51.23 42.09
N LYS TA 32 -47.77 -50.35 41.17
CA LYS TA 32 -48.04 -50.52 39.75
C LYS TA 32 -47.28 -51.65 39.10
N LYS TA 33 -46.10 -51.98 39.61
CA LYS TA 33 -45.33 -53.08 39.06
C LYS TA 33 -46.02 -54.37 39.37
N ARG TA 34 -46.86 -54.35 40.39
CA ARG TA 34 -47.51 -55.54 40.85
C ARG TA 34 -48.83 -55.66 40.11
N VAL TA 35 -49.48 -54.51 39.89
CA VAL TA 35 -50.68 -54.43 39.08
C VAL TA 35 -50.42 -54.83 37.66
N LEU TA 36 -49.27 -54.38 37.16
CA LEU TA 36 -48.93 -54.50 35.77
C LEU TA 36 -48.77 -55.93 35.35
N GLN TA 37 -48.29 -56.75 36.27
CA GLN TA 37 -47.92 -58.10 35.92
C GLN TA 37 -48.98 -59.13 36.31
N ARG TA 38 -50.10 -58.65 36.85
CA ARG TA 38 -51.27 -59.48 37.00
C ARG TA 38 -52.07 -59.39 35.73
N ARG TA 39 -52.15 -58.17 35.21
CA ARG TA 39 -53.05 -57.85 34.12
C ARG TA 39 -52.47 -58.00 32.73
N LEU TA 40 -51.17 -58.22 32.64
CA LEU TA 40 -50.57 -58.69 31.40
C LEU TA 40 -50.67 -60.19 31.36
N LYS TA 41 -50.59 -60.75 30.16
CA LYS TA 41 -50.64 -62.19 29.98
C LYS TA 41 -49.27 -62.81 30.17
N VAL TA 42 -48.98 -63.25 31.38
CA VAL TA 42 -47.67 -63.80 31.68
C VAL TA 42 -47.46 -65.14 30.97
N PRO TA 43 -46.23 -65.41 30.53
CA PRO TA 43 -45.79 -66.70 29.97
C PRO TA 43 -45.82 -67.84 30.99
N PRO TA 44 -46.07 -69.06 30.50
CA PRO TA 44 -46.11 -70.28 31.29
C PRO TA 44 -44.82 -70.54 32.04
N ALA TA 45 -43.68 -70.13 31.47
CA ALA TA 45 -42.40 -70.31 32.13
C ALA TA 45 -42.29 -69.46 33.38
N LEU TA 46 -42.93 -68.30 33.34
CA LEU TA 46 -42.83 -67.30 34.39
C LEU TA 46 -44.03 -67.31 35.30
N HIS TA 47 -45.15 -67.79 34.77
CA HIS TA 47 -46.37 -67.92 35.55
C HIS TA 47 -46.27 -68.98 36.63
N GLN TA 48 -45.44 -69.98 36.37
CA GLN TA 48 -45.31 -71.11 37.26
C GLN TA 48 -44.80 -70.70 38.62
N PHE TA 49 -44.12 -69.57 38.69
CA PHE TA 49 -43.70 -69.04 39.97
C PHE TA 49 -44.86 -68.41 40.71
N THR TA 50 -45.90 -68.07 39.98
CA THR TA 50 -47.12 -67.58 40.62
C THR TA 50 -47.86 -68.73 41.28
N LYS TA 51 -47.85 -69.88 40.63
CA LYS TA 51 -48.34 -71.10 41.25
C LYS TA 51 -47.29 -71.58 42.21
N VAL TA 52 -47.68 -72.21 43.29
CA VAL TA 52 -46.71 -72.39 44.36
C VAL TA 52 -47.15 -73.45 45.36
N LEU TA 53 -46.19 -74.00 46.10
CA LEU TA 53 -46.47 -75.09 47.01
C LEU TA 53 -47.47 -74.68 48.08
N ASP TA 54 -48.43 -75.56 48.38
CA ASP TA 54 -49.47 -75.27 49.35
C ASP TA 54 -48.79 -75.02 50.68
N ARG TA 55 -49.21 -74.00 51.43
CA ARG TA 55 -48.41 -73.57 52.56
C ARG TA 55 -48.32 -74.61 53.66
N SER TA 56 -49.36 -75.40 53.84
CA SER TA 56 -49.33 -76.40 54.89
C SER TA 56 -48.26 -77.40 54.54
N SER TA 57 -48.03 -77.53 53.24
CA SER TA 57 -46.94 -78.34 52.71
C SER TA 57 -45.64 -77.58 52.81
N ARG TA 58 -45.69 -76.27 52.58
CA ARG TA 58 -44.50 -75.43 52.68
C ARG TA 58 -43.92 -75.41 54.07
N ASN TA 59 -44.81 -75.15 55.02
CA ASN TA 59 -44.43 -74.95 56.40
C ASN TA 59 -43.77 -76.21 56.88
N GLU TA 60 -44.22 -77.34 56.36
CA GLU TA 60 -43.60 -78.61 56.67
C GLU TA 60 -42.18 -78.77 56.17
N LEU TA 61 -41.92 -78.19 55.00
CA LEU TA 61 -40.64 -78.35 54.32
C LEU TA 61 -39.57 -77.43 54.88
N LEU TA 62 -39.94 -76.19 55.17
CA LEU TA 62 -39.02 -75.22 55.75
C LEU TA 62 -38.63 -75.58 57.17
N LYS TA 63 -39.49 -76.33 57.84
CA LYS TA 63 -39.13 -76.88 59.14
C LYS TA 63 -38.14 -78.01 58.97
N LEU TA 64 -38.10 -78.59 57.78
CA LEU TA 64 -37.16 -79.66 57.49
C LEU TA 64 -35.81 -79.08 57.19
N VAL TA 65 -35.81 -78.00 56.43
CA VAL TA 65 -34.58 -77.29 56.14
C VAL TA 65 -33.95 -76.77 57.40
N LYS TA 66 -34.78 -76.33 58.33
CA LYS TA 66 -34.29 -75.79 59.56
C LYS TA 66 -33.67 -76.91 60.40
N LYS TA 67 -34.07 -78.14 60.12
CA LYS TA 67 -33.51 -79.30 60.83
C LYS TA 67 -32.12 -79.65 60.35
N TYR TA 68 -31.72 -79.12 59.21
CA TYR TA 68 -30.38 -79.38 58.69
C TYR TA 68 -29.69 -78.10 58.31
N PRO TA 69 -29.38 -77.28 59.31
CA PRO TA 69 -28.66 -76.02 59.18
C PRO TA 69 -27.25 -76.22 58.70
N SER TA 70 -26.76 -75.29 57.90
CA SER TA 70 -25.34 -75.22 57.62
C SER TA 70 -24.63 -74.84 58.89
N GLU TA 71 -23.45 -75.38 59.12
CA GLU TA 71 -22.71 -75.05 60.32
C GLU TA 71 -22.25 -73.60 60.35
N THR TA 72 -22.41 -72.97 61.51
CA THR TA 72 -22.06 -71.58 61.71
C THR TA 72 -20.55 -71.39 61.69
N ARG TA 73 -20.12 -70.17 61.37
CA ARG TA 73 -18.71 -69.86 61.24
C ARG TA 73 -17.95 -70.18 62.52
N ARG TA 74 -18.62 -70.02 63.65
CA ARG TA 74 -18.01 -70.34 64.94
C ARG TA 74 -17.68 -71.81 65.07
N ALA TA 75 -18.52 -72.65 64.49
CA ALA TA 75 -18.40 -74.09 64.63
C ALA TA 75 -17.60 -74.72 63.50
N ARG TA 76 -17.69 -74.13 62.31
CA ARG TA 76 -17.00 -74.67 61.17
C ARG TA 76 -15.51 -74.62 61.36
N ARG TA 77 -15.05 -73.57 62.03
CA ARG TA 77 -13.65 -73.42 62.36
C ARG TA 77 -13.30 -74.50 63.37
N GLN TA 78 -14.19 -74.65 64.32
CA GLN TA 78 -14.03 -75.59 65.42
C GLN TA 78 -14.05 -77.04 64.96
N ARG TA 79 -14.80 -77.33 63.91
CA ARG TA 79 -14.78 -78.66 63.31
C ARG TA 79 -13.46 -78.98 62.61
N LEU TA 80 -12.82 -77.94 62.09
CA LEU TA 80 -11.71 -78.12 61.15
C LEU TA 80 -10.37 -78.36 61.81
N PHE TA 81 -10.33 -78.33 63.14
CA PHE TA 81 -9.08 -78.62 63.84
C PHE TA 81 -8.65 -80.04 63.55
N ASP TA 82 -9.61 -80.88 63.20
CA ASP TA 82 -9.32 -82.25 62.82
C ASP TA 82 -8.83 -82.33 61.38
N ALA TA 98 -18.31 -83.06 57.36
CA ALA TA 98 -19.20 -82.05 57.93
C ALA TA 98 -20.56 -82.63 58.31
N PRO TA 99 -21.27 -81.95 59.21
CA PRO TA 99 -22.63 -82.33 59.58
C PRO TA 99 -23.52 -82.23 58.37
N LEU TA 100 -24.51 -83.09 58.25
CA LEU TA 100 -25.42 -83.04 57.12
C LEU TA 100 -26.17 -81.71 57.15
N SER TA 101 -26.29 -81.05 56.00
CA SER TA 101 -27.06 -79.81 55.91
C SER TA 101 -27.58 -79.60 54.51
N VAL TA 102 -28.60 -78.76 54.40
CA VAL TA 102 -29.18 -78.43 53.13
C VAL TA 102 -28.19 -77.69 52.24
N VAL TA 103 -28.11 -78.09 50.97
CA VAL TA 103 -27.31 -77.34 50.03
C VAL TA 103 -27.99 -76.01 49.83
N THR TA 104 -27.23 -74.93 49.84
CA THR TA 104 -27.83 -73.63 49.60
C THR TA 104 -26.90 -72.82 48.73
N GLY TA 105 -27.48 -72.00 47.89
CA GLY TA 105 -26.70 -71.26 46.92
C GLY TA 105 -27.02 -71.71 45.53
N LEU TA 106 -27.14 -70.77 44.62
CA LEU TA 106 -27.56 -71.09 43.29
C LEU TA 106 -26.54 -71.96 42.58
N GLN TA 107 -25.27 -71.79 42.92
CA GLN TA 107 -24.21 -72.52 42.24
C GLN TA 107 -24.08 -73.91 42.78
N GLU TA 108 -24.24 -74.07 44.07
CA GLU TA 108 -24.14 -75.39 44.66
C GLU TA 108 -25.38 -76.18 44.36
N VAL TA 109 -26.52 -75.51 44.48
CA VAL TA 109 -27.80 -76.14 44.21
C VAL TA 109 -27.95 -76.51 42.75
N THR TA 110 -27.30 -75.76 41.87
CA THR TA 110 -27.37 -76.12 40.48
C THR TA 110 -26.65 -77.42 40.20
N ARG TA 111 -25.55 -77.67 40.91
CA ARG TA 111 -24.84 -78.93 40.73
C ARG TA 111 -25.62 -80.10 41.21
N THR TA 112 -26.21 -79.93 42.37
CA THR TA 112 -26.89 -80.99 43.05
C THR TA 112 -28.05 -81.45 42.19
N ILE TA 113 -28.59 -80.53 41.39
CA ILE TA 113 -29.61 -80.87 40.41
C ILE TA 113 -29.03 -81.65 39.26
N GLU TA 114 -27.96 -81.14 38.68
CA GLU TA 114 -27.34 -81.77 37.52
C GLU TA 114 -26.75 -83.11 37.88
N LYS TA 115 -26.15 -83.18 39.05
CA LYS TA 115 -25.56 -84.43 39.50
C LYS TA 115 -26.67 -85.28 40.05
N LYS TA 116 -27.84 -84.67 40.19
CA LYS TA 116 -29.03 -85.35 40.65
C LYS TA 116 -28.83 -85.99 42.01
N THR TA 117 -27.86 -85.49 42.76
CA THR TA 117 -27.69 -85.90 44.13
C THR TA 117 -28.80 -85.30 44.96
N ALA TA 118 -29.35 -84.19 44.49
CA ALA TA 118 -30.45 -83.54 45.18
C ALA TA 118 -31.66 -84.43 45.12
N ARG TA 119 -32.37 -84.56 46.23
CA ARG TA 119 -33.55 -85.38 46.22
C ARG TA 119 -34.81 -84.58 46.52
N LEU TA 120 -34.63 -83.29 46.76
CA LEU TA 120 -35.71 -82.31 46.72
C LEU TA 120 -35.09 -80.95 46.63
N VAL TA 121 -35.75 -80.03 45.94
CA VAL TA 121 -35.22 -78.70 45.77
C VAL TA 121 -36.35 -77.70 45.98
N MET TA 122 -36.00 -76.51 46.44
CA MET TA 122 -36.99 -75.55 46.87
C MET TA 122 -36.72 -74.22 46.25
N ILE TA 123 -37.14 -74.02 45.01
CA ILE TA 123 -36.99 -72.73 44.40
C ILE TA 123 -37.81 -71.71 45.17
N ALA TA 124 -37.26 -70.52 45.37
CA ALA TA 124 -38.01 -69.43 45.96
C ALA TA 124 -38.92 -68.81 44.93
N ASN TA 125 -40.05 -68.30 45.37
CA ASN TA 125 -41.03 -67.69 44.48
C ASN TA 125 -40.54 -66.40 43.86
N ASN TA 126 -40.12 -65.47 44.71
CA ASN TA 126 -39.65 -64.16 44.31
C ASN TA 126 -38.14 -64.07 44.21
N VAL TA 127 -37.63 -63.40 43.18
CA VAL TA 127 -36.18 -63.25 42.99
C VAL TA 127 -35.90 -61.96 42.22
N ASP TA 128 -34.81 -61.26 42.51
CA ASP TA 128 -34.66 -59.93 41.94
C ASP TA 128 -34.68 -59.96 40.43
N PRO TA 129 -33.79 -60.76 39.83
CA PRO TA 129 -34.10 -61.14 38.47
C PRO TA 129 -34.57 -62.56 38.50
N ILE TA 130 -35.79 -62.82 38.05
CA ILE TA 130 -36.33 -64.15 38.18
C ILE TA 130 -35.50 -65.06 37.30
N GLU TA 131 -34.75 -64.41 36.42
CA GLU TA 131 -33.90 -65.08 35.46
C GLU TA 131 -32.91 -65.98 36.17
N LEU TA 132 -32.54 -65.61 37.38
CA LEU TA 132 -31.59 -66.38 38.17
C LEU TA 132 -32.07 -67.78 38.42
N VAL TA 133 -33.38 -67.95 38.41
CA VAL TA 133 -33.98 -69.18 38.85
C VAL TA 133 -35.08 -69.59 37.89
N LEU TA 134 -35.35 -68.72 36.92
CA LEU TA 134 -36.46 -68.89 36.01
C LEU TA 134 -36.35 -70.20 35.26
N TRP TA 135 -35.10 -70.56 34.96
CA TRP TA 135 -34.74 -71.80 34.30
C TRP TA 135 -34.79 -73.02 35.20
N MET TA 136 -34.66 -72.79 36.49
CA MET TA 136 -34.46 -73.88 37.44
C MET TA 136 -35.57 -74.91 37.49
N PRO TA 137 -36.84 -74.48 37.47
CA PRO TA 137 -37.89 -75.49 37.42
C PRO TA 137 -37.82 -76.41 36.21
N THR TA 138 -37.41 -75.90 35.06
CA THR TA 138 -37.26 -76.73 33.87
C THR TA 138 -36.07 -77.67 34.02
N LEU TA 139 -35.12 -77.27 34.87
CA LEU TA 139 -33.91 -78.04 35.02
C LEU TA 139 -34.09 -79.20 35.98
N CYS TA 140 -34.94 -79.03 36.98
CA CYS TA 140 -35.31 -80.11 37.87
C CYS TA 140 -36.25 -81.07 37.17
N ARG TA 141 -37.11 -80.52 36.33
CA ARG TA 141 -38.06 -81.33 35.56
C ARG TA 141 -37.34 -82.22 34.59
N ALA TA 142 -36.18 -81.77 34.14
CA ALA TA 142 -35.35 -82.52 33.21
C ALA TA 142 -34.51 -83.59 33.90
N ASN TA 143 -33.97 -83.27 35.07
CA ASN TA 143 -33.21 -84.25 35.84
C ASN TA 143 -34.13 -85.07 36.71
N LYS TA 144 -35.41 -84.74 36.64
CA LYS TA 144 -36.44 -85.46 37.37
C LYS TA 144 -36.22 -85.41 38.86
N VAL TA 145 -35.56 -84.35 39.30
CA VAL TA 145 -35.45 -84.01 40.71
C VAL TA 145 -36.73 -83.39 41.21
N PRO TA 146 -37.27 -83.88 42.32
CA PRO TA 146 -38.46 -83.21 42.85
C PRO TA 146 -38.12 -81.78 43.21
N TYR TA 147 -39.03 -80.86 42.98
CA TYR TA 147 -38.75 -79.47 43.28
C TYR TA 147 -40.04 -78.85 43.69
N ALA TA 148 -39.95 -77.76 44.44
CA ALA TA 148 -41.13 -77.01 44.76
C ALA TA 148 -40.78 -75.55 44.74
N ILE TA 149 -41.66 -74.74 44.18
CA ILE TA 149 -41.56 -73.31 44.38
C ILE TA 149 -42.20 -72.97 45.73
N VAL TA 150 -41.69 -71.94 46.40
CA VAL TA 150 -42.18 -71.58 47.72
C VAL TA 150 -42.18 -70.06 47.90
N LYS TA 151 -42.99 -69.55 48.81
CA LYS TA 151 -43.41 -68.14 48.73
C LYS TA 151 -42.36 -67.06 48.76
N ASP TA 152 -41.28 -67.25 49.49
CA ASP TA 152 -40.41 -66.13 49.62
C ASP TA 152 -39.00 -66.59 49.85
N LYS TA 153 -38.09 -65.90 49.18
CA LYS TA 153 -36.68 -66.08 49.38
C LYS TA 153 -36.29 -65.66 50.79
N ALA TA 154 -37.11 -64.81 51.41
CA ALA TA 154 -36.91 -64.49 52.81
C ALA TA 154 -37.16 -65.67 53.75
N ARG TA 155 -38.08 -66.55 53.41
CA ARG TA 155 -38.36 -67.70 54.28
C ARG TA 155 -37.37 -68.82 54.08
N LEU TA 156 -36.95 -69.05 52.83
CA LEU TA 156 -35.79 -69.88 52.59
C LEU TA 156 -34.60 -69.19 53.21
N GLY TA 157 -34.70 -67.88 53.34
CA GLY TA 157 -33.67 -67.12 54.02
C GLY TA 157 -33.53 -67.61 55.43
N ASP TA 158 -34.49 -67.29 56.28
CA ASP TA 158 -34.38 -67.61 57.69
C ASP TA 158 -34.24 -69.09 57.91
N ALA TA 159 -34.81 -69.90 57.02
CA ALA TA 159 -34.73 -71.34 57.16
C ALA TA 159 -33.28 -71.78 57.07
N VAL TA 160 -32.48 -71.02 56.34
CA VAL TA 160 -31.07 -71.32 56.21
C VAL TA 160 -30.21 -70.34 57.04
N GLY TA 161 -30.86 -69.37 57.67
CA GLY TA 161 -30.14 -68.43 58.50
C GLY TA 161 -29.55 -67.30 57.69
N ARG TA 162 -29.79 -67.35 56.39
CA ARG TA 162 -29.40 -66.28 55.51
C ARG TA 162 -30.56 -65.31 55.44
N LYS TA 163 -30.35 -64.08 55.00
CA LYS TA 163 -31.51 -63.19 54.97
C LYS TA 163 -32.31 -63.40 53.69
N THR TA 164 -31.76 -64.17 52.77
CA THR TA 164 -32.48 -64.62 51.57
C THR TA 164 -31.81 -65.82 50.93
N ALA TA 165 -32.62 -66.73 50.41
CA ALA TA 165 -32.09 -67.89 49.72
C ALA TA 165 -32.85 -68.10 48.45
N THR TA 166 -32.15 -68.07 47.32
CA THR TA 166 -32.80 -68.18 46.04
C THR TA 166 -33.29 -69.60 45.88
N CYS TA 167 -32.65 -70.52 46.60
CA CYS TA 167 -32.87 -71.96 46.45
C CYS TA 167 -32.45 -72.70 47.70
N VAL TA 168 -32.89 -73.93 47.84
CA VAL TA 168 -32.39 -74.83 48.87
C VAL TA 168 -32.44 -76.23 48.33
N ALA TA 169 -31.49 -77.07 48.74
CA ALA TA 169 -31.47 -78.43 48.25
C ALA TA 169 -31.38 -79.39 49.40
N ILE TA 170 -32.37 -80.25 49.53
CA ILE TA 170 -32.28 -81.37 50.46
C ILE TA 170 -31.62 -82.52 49.76
N THR TA 171 -30.30 -82.50 49.69
CA THR TA 171 -29.58 -83.58 49.04
C THR TA 171 -29.63 -84.89 49.82
N ASP TA 172 -29.82 -84.80 51.13
CA ASP TA 172 -29.81 -86.02 51.92
C ASP TA 172 -30.23 -85.74 53.35
N VAL TA 173 -30.64 -86.78 54.06
CA VAL TA 173 -31.23 -86.64 55.38
C VAL TA 173 -30.95 -87.83 56.30
N ASN TA 174 -30.96 -87.61 57.61
CA ASN TA 174 -30.80 -88.72 58.55
C ASN TA 174 -32.05 -89.59 58.55
N ALA TA 175 -31.89 -90.83 58.97
CA ALA TA 175 -32.91 -91.86 58.81
C ALA TA 175 -34.21 -91.52 59.52
N GLU TA 176 -34.13 -90.70 60.55
CA GLU TA 176 -35.29 -90.28 61.31
C GLU TA 176 -36.27 -89.46 60.48
N ASP TA 177 -35.75 -88.81 59.44
CA ASP TA 177 -36.54 -87.88 58.67
C ASP TA 177 -36.71 -88.32 57.24
N GLU TA 178 -36.34 -89.57 56.97
CA GLU TA 178 -36.46 -90.15 55.65
C GLU TA 178 -37.86 -90.08 55.09
N ALA TA 179 -38.83 -90.61 55.84
CA ALA TA 179 -40.21 -90.62 55.38
C ALA TA 179 -40.82 -89.24 55.42
N ALA TA 180 -40.37 -88.42 56.36
CA ALA TA 180 -40.89 -87.06 56.49
C ALA TA 180 -40.54 -86.26 55.26
N LEU TA 181 -39.42 -86.64 54.64
CA LEU TA 181 -39.02 -86.07 53.37
C LEU TA 181 -39.78 -86.71 52.22
N LYS TA 182 -39.95 -88.03 52.27
CA LYS TA 182 -40.57 -88.74 51.15
C LYS TA 182 -42.00 -88.31 50.89
N ASN TA 183 -42.80 -88.17 51.95
CA ASN TA 183 -44.18 -87.74 51.77
C ASN TA 183 -44.21 -86.33 51.25
N LEU TA 184 -43.23 -85.54 51.66
CA LEU TA 184 -43.14 -84.16 51.22
C LEU TA 184 -42.70 -84.11 49.77
N ILE TA 185 -41.77 -84.98 49.39
CA ILE TA 185 -41.33 -85.10 48.00
C ILE TA 185 -42.47 -85.48 47.08
N ARG TA 186 -43.40 -86.28 47.57
CA ARG TA 186 -44.59 -86.62 46.79
C ARG TA 186 -45.77 -85.70 47.06
N SER TA 187 -45.68 -84.87 48.10
CA SER TA 187 -46.66 -83.82 48.26
C SER TA 187 -46.16 -82.59 47.53
N VAL TA 188 -44.90 -82.66 47.11
CA VAL TA 188 -44.27 -81.56 46.38
C VAL TA 188 -44.31 -81.78 44.90
N ASN TA 189 -43.87 -82.94 44.44
CA ASN TA 189 -43.88 -83.14 43.00
C ASN TA 189 -45.26 -83.57 42.57
N ALA TA 190 -46.13 -83.77 43.55
CA ALA TA 190 -47.55 -83.89 43.26
C ALA TA 190 -48.08 -82.62 42.65
N ARG TA 191 -47.55 -81.48 43.10
CA ARG TA 191 -48.04 -80.20 42.62
C ARG TA 191 -47.24 -79.60 41.48
N PHE TA 192 -45.97 -79.95 41.39
CA PHE TA 192 -45.16 -79.39 40.33
C PHE TA 192 -44.76 -80.44 39.33
N LEU TA 193 -43.88 -81.33 39.77
CA LEU TA 193 -43.24 -82.24 38.84
C LEU TA 193 -44.24 -83.17 38.18
N ALA TA 194 -45.27 -83.55 38.92
CA ALA TA 194 -46.38 -84.33 38.34
C ALA TA 194 -47.19 -83.49 37.38
N ARG TA 195 -47.29 -82.20 37.67
CA ARG TA 195 -48.10 -81.34 36.83
C ARG TA 195 -47.29 -80.70 35.74
N SER TA 196 -46.10 -81.23 35.53
CA SER TA 196 -45.14 -80.56 34.67
C SER TA 196 -45.69 -80.39 33.28
N ASP TA 197 -46.56 -81.29 32.88
CA ASP TA 197 -47.29 -81.10 31.62
C ASP TA 197 -48.28 -79.95 31.69
N VAL TA 198 -48.88 -79.75 32.86
CA VAL TA 198 -49.85 -78.69 33.05
C VAL TA 198 -49.15 -77.35 33.19
N ILE TA 199 -48.07 -77.34 33.94
CA ILE TA 199 -47.29 -76.15 34.21
C ILE TA 199 -46.65 -75.55 32.98
N ARG TA 200 -46.27 -76.39 32.02
CA ARG TA 200 -45.60 -75.91 30.83
C ARG TA 200 -46.63 -75.39 29.86
N ARG TA 201 -47.85 -75.24 30.35
CA ARG TA 201 -48.97 -74.88 29.50
C ARG TA 201 -49.67 -73.62 29.96
N GLN TA 202 -49.86 -73.46 31.26
CA GLN TA 202 -50.67 -72.36 31.76
C GLN TA 202 -50.03 -71.00 31.59
N TRP TA 203 -50.45 -70.31 30.55
CA TRP TA 203 -50.27 -68.89 30.48
C TRP TA 203 -51.05 -68.26 31.62
N GLY TA 204 -50.41 -67.34 32.34
CA GLY TA 204 -51.03 -66.75 33.50
C GLY TA 204 -51.52 -65.36 33.20
N GLY TA 205 -51.66 -64.56 34.27
CA GLY TA 205 -51.98 -63.16 34.12
C GLY TA 205 -53.37 -62.91 33.61
N LEU TA 206 -53.56 -61.75 32.98
CA LEU TA 206 -54.83 -61.36 32.40
C LEU TA 206 -55.95 -61.21 33.41
N GLN TA 207 -55.62 -61.15 34.69
CA GLN TA 207 -56.61 -60.84 35.69
C GLN TA 207 -57.10 -59.43 35.47
N LEU TA 208 -58.40 -59.23 35.52
CA LEU TA 208 -58.95 -57.90 35.52
C LEU TA 208 -58.80 -57.28 36.90
N SER TA 209 -58.77 -55.96 36.95
CA SER TA 209 -58.93 -55.28 38.21
C SER TA 209 -60.33 -55.56 38.70
N LEU TA 210 -60.49 -55.64 40.01
CA LEU TA 210 -61.82 -55.89 40.54
C LEU TA 210 -62.59 -54.59 40.53
N ARG TA 211 -61.95 -53.54 40.04
CA ARG TA 211 -62.64 -52.32 39.68
C ARG TA 211 -63.15 -52.40 38.26
N SER TA 212 -62.80 -53.47 37.57
CA SER TA 212 -63.14 -53.61 36.16
C SER TA 212 -63.78 -54.97 35.94
N ARG TA 213 -63.57 -55.86 36.89
CA ARG TA 213 -64.30 -57.10 36.94
C ARG TA 213 -65.72 -56.82 37.37
N ALA TA 214 -65.88 -56.02 38.40
CA ALA TA 214 -67.20 -55.62 38.87
C ALA TA 214 -67.92 -54.74 37.86
N GLU TA 215 -67.17 -53.92 37.13
CA GLU TA 215 -67.77 -53.11 36.09
C GLU TA 215 -68.34 -53.97 34.98
N LEU TA 216 -67.71 -55.12 34.78
CA LEU TA 216 -68.11 -56.08 33.77
C LEU TA 216 -69.15 -57.03 34.33
N ARG TA 217 -69.12 -57.22 35.65
CA ARG TA 217 -70.12 -57.98 36.35
C ARG TA 217 -71.45 -57.29 36.27
N LYS TA 218 -71.39 -55.98 36.11
CA LYS TA 218 -72.61 -55.18 36.06
C LYS TA 218 -73.04 -54.82 34.66
N LYS TA 219 -72.11 -54.77 33.72
CA LYS TA 219 -72.49 -54.53 32.35
C LYS TA 219 -73.22 -55.75 31.81
N ARG TA 220 -72.82 -56.92 32.26
CA ARG TA 220 -73.48 -58.13 31.87
C ARG TA 220 -74.74 -58.30 32.71
N ALA TA 221 -74.73 -57.65 33.87
CA ALA TA 221 -75.90 -57.58 34.73
C ALA TA 221 -77.02 -56.78 34.07
N ARG TA 222 -76.62 -55.79 33.28
CA ARG TA 222 -77.58 -54.91 32.63
C ARG TA 222 -77.99 -55.37 31.24
N ASN TA 223 -77.44 -56.47 30.75
CA ASN TA 223 -77.72 -56.88 29.39
C ASN TA 223 -78.24 -58.31 29.28
#